data_4GK7
#
_entry.id   4GK7
#
_cell.length_a   135.850
_cell.length_b   298.450
_cell.length_c   145.250
_cell.angle_alpha   90.00
_cell.angle_beta   112.63
_cell.angle_gamma   90.00
#
_symmetry.space_group_name_H-M   'P 1 21 1'
#
loop_
_entity.id
_entity.type
_entity.pdbx_description
1 polymer 'Proteasome component Y7'
2 polymer 'Proteasome component Y13'
3 polymer 'Proteasome component PRE6'
4 polymer 'Proteasome component PUP2'
5 polymer 'Proteasome component PRE5'
6 polymer 'Proteasome component C1'
7 polymer 'Proteasome component C7-alpha'
8 polymer 'Proteasome component PUP1'
9 polymer 'Proteasome component PUP3'
10 polymer 'Proteasome component C11'
11 polymer 'Proteasome component PRE2'
12 polymer 'Proteasome component C5'
13 polymer 'Proteasome component PRE4'
14 polymer 'Proteasome component PRE3'
15 polymer 'SYRINGOLIN-GLIDOBACTIN CHIMERA'
16 water water
#
loop_
_entity_poly.entity_id
_entity_poly.type
_entity_poly.pdbx_seq_one_letter_code
_entity_poly.pdbx_strand_id
1 'polypeptide(L)'
;MTDRYSFSLTTFSPSGKLGQIDYALTAVKQGVTSLGIKATNGVVIATEKKSSSPLAMSETLSKVSLLTPDIGAVYSGMGP
DYRVLVDKSRKVAHTSYKRIYGEYPPTKLLVSEVAKIMQEATQSGGVRPFGVSLLIAGHDEFNGFSLYQVDPSGSYFPWK
ATAIGKGSVAAKTFLEKRWNDELELEDAIHIALLTLKESVEGEFNGDTIELAIIGDENPDLLGYTGIPTDKGPRFRKLTS
QEINDRLEAL
;
A,O
2 'polypeptide(L)'
;GSRRYDSRTTIFSPEGRLYQVEYALESISHAGTAIGIMASDGIVLAAERKVTSTLLEQDTSTEKLYKLNDKIAVAVAGLT
ADAEILINTARIHAQNYLKTYNEDIPVEILVRRLSDIKQGYTQHGGLRPFGVSFIYAGYDDRYGYQLYTSNPSGNYTGWK
AISVGANTSAAQTLLQMDYKDDMKVDDAIELALKTLSKTTDSSALTYDRLEFATIRKGANDGEVYQKIFKPQEIKDILVK
TGIT
;
B,P
3 'polypeptide(L)'
;GYDRALSIFSPDGHIFQVEYALEAVKRGTCAVGVKGKNCVVLGCERRSTLKLQDTRITPSKVSKIDSHVVLSFSGLNADS
RILIEKARVEAQSHRLTLEDPVTVEYLTRYVAGVQQRYTQSGGVRPFGVSTLIAGFDPRDDEPKLYQTEPSGIYSSWSAQ
TIGRNSKTVREFLEKNYDRKEPPATVEECVKLTVRSLLEVVQTGAKNIEITVVKPDSDIVALSSEEINQYVTQIEQEKQE
Q
;
C,Q
4 'polypeptide(L)'
;DRGVSTFSPEGRLFQVEYSLEAIKLGSTAIGIATKEGVVLGVEKRATSPLLESDSIEKIVEIDRHIGCAMSGLTADARSM
IEHARTAAVTHNLYYDEDINVESLTQSVCDLALRFGEGASGEERLMSRPFGVALLIAGHDADDGYQLFHAEPSGTFYRYN
AKAIGSGSEGAQAELLNEWHSSLTLKEAELLVLKILKQVMEEKLDENNAQLSCITKQDGFKIYDNEKTAELIKELKEKEA
AE
;
D,R
5 'polypeptide(L)'
;FRNNYDGDTVTFSPTGRLFQVEYALEAIKQGSVTVGLRSNTHAVLVALKRNADELSSYQKKIIKCDEHMGLSLAGLAPDA
RVLSNYLRQQCNYSSLVFNRKLAVERAGHLLCDKAQKNTQSYGGRPYGVGLLIIGYDKSGAHLLEFQPSGNVTELYGTAI
GARSQGAKTYLERTLDTFIKIDGNPDELIKAGVEAISQSLRDESLTVDNLSIAIVGKDTPFTIYDGEAVAKYI
;
E,S
6 'polypeptide(L)'
;GTGYDLSNSVFSPDGRNFQVEYAVKAVENGTTSIGIKCNDGVVFAVEKLITSKLLVPQKNVKIQVVDRHIGCVYSGLIPD
GRHLVNRGREEAASFKKLYKTPIPIPAFADRLGQYVQAHTLYNSVRPFGVSTIFGGVDKNGAHLYMLEPSGSYWGYKGAA
TGKGRQSAKAELEKLVDHHPEGLSAREAVKQAAKIIYLAHEDNKEKDFELEISWCSLSETNGLHKFVKGDLLQEAIDFAQ
KEIN
;
F,T
7 'polypeptide(L)'
;AGYDRHITIFSPEGRLYQVEYAFKATNQTNINSLAVRGKDCTVVISQKKVPDKLLDPTTVSYIFCISRTIGMVVNGPIPD
ARNAALRAKAEAAEFRYKYGYDMPCDVLAKRMANLSQIYTQRAYMRPLGVILTFVSVDEELGPSIYKTDPAGYYVGYKAT
ATGPKQQEITTNLENHFKKSKIDHINEESWEKVVEFAITHMIDALGTEFSKNDLEVGVATKDKFFTLSAENIEERLVAIA
EQD
;
G,U
8 'polypeptide(L)'
;TTIVGVKFNNGVVIAADTRSTQGPIVADKNCAKLHRISPKIWCAGAGTAADTEAVTQLIGSNIELHSLYTSREPRVVSAL
QMLKQHLFKYQGHIGAYLIVAGVDPTGSHLFSIHAHGSTDVGYYLSLGSGSLAAMAVLESHWKQDLTKEEAIKLASDAIQ
AGIWNDLGSGSNVDVCVMEIGKDAEYLRNYLTPNVREEKQKSYKFPRGTTAVLKESIVNICD
;
H,V
9 'polypeptide(L)'
;SDPSSINGGIVVAMTGKDCVAIACDLRLGSQSLGVSNKFEKIFHYGHVFLGITGLATDVTTLNEMFRYKTNLYKLKEERA
IEPETFTQLVSSSLYERRFGPYFVGPVVAGINSKSGKPFIAGFDLIGCIDEAKDFIVSGTASDQLFGMCESLYEPNLEPE
DLFETISQALLNAADRDALSGWGAVVYIIKKDEVVKRYLKMRQD
;
I,W
10 'polypeptide(L)'
;MDIILGIRVQDSVILASSKAVTRGISVLKDSDDKTRQLSPHTLMSFAGEAGDTVQFAEYIQANIQLYSIREDYELSPQAV
SSFVRQELAKSIRSRRPYQVNVLIGGYDKKKNKPELYQIDYLGTKVELPYGAHGYSGFYTFSLLDHHYRPDMTTEEGLDL
LKLCVQELEKRMPMDFKGVIVKIVDKDGIRQVDDFQAQ
;
J,X
11 'polypeptide(L)'
;TTTLAFRFQGGIIVAVDSRATAGNWVASQTVKKVIEINPFLLGTMAGGAADCQFWETWLGSQCRLHELREKERISVAAAS
KILSNLVYQYKGAGLSMGTMICGYTRKEGPTIYYVDSDGTRLKGDIFCVGSGQTFAYGVLDSNYKWDLSVEDALYLGKRS
ILAAAHRDAYSGGSVNLYHVTEDGWIYHGNHDVGELFWKVKEEEGSFNNVIG
;
K,Y
12 'polypeptide(L)'
;QFNPYGDNGGTILGIAGEDFAVLAGDTRNITDYSINSRYEPKVFDCGDNIVMSANGFAADGDALVKRFKNSVKWYHFDHN
DKKLSINSAARNIQHLLYGKRFFPYYVHTIIAGLDEDGKGAVYSFDPVGSYEREQCRAGGAAASLIMPFLDNQVNFKNQY
EPGTNGKVKKPLKYLSVEEVIKLVRDSFTSATERHIQVGDGLEILIVTKDGVRKEFYELKRD
;
L,Z
13 'polypeptide(L)'
;TQQPIVTGTSVISMKYDNGVIIAADNLGSYGSLLRFNGVERLIPVGDNTVVGISGDISDMQHIERLLKDLVTENAYDNPL
ADAEEALEPSYIFEYLATVMYQRRSKMNPLWNAIIVAGVQSNGDQFLRYVNLLGVTYSSPTLATGFGAHMANPLLRKVVD
RESDIPKTTVQVAEEAIVNAMRVLYYRDARSSRNFSLAIIDKNTGLTFKKNLQVENMKWDFAKDIKGYGTQKI
;
M,a
14 'polypeptide(L)'
;TSIMAVTFKDGVILGADSRTTTGAYIANRVTDKLTRVHDKIWCCRSGSAADTQAIADIVQYHLELYTSQYGTPSTETAAS
VFKELCYENKDNLTAGIIVAGYDDKNKGEVYTIPLGGSVHKLPYAIAGSGSTFIYGYCDKNFRENMSKEETVDFIKHSLS
QAIKWDGSSGGVIRMVVLTAAGVERLIFYPDEYEQL
;
N,b
15 'polypeptide(L)' (MH9)T(LYH)(0JT) 1,2,3,4,5,6
#
# COMPACT_ATOMS: atom_id res chain seq x y z
N MET A 1 -32.38 -42.02 -16.77
CA MET A 1 -31.16 -42.58 -16.12
C MET A 1 -31.28 -42.42 -14.61
N THR A 2 -30.13 -42.30 -13.96
CA THR A 2 -30.05 -42.13 -12.51
C THR A 2 -30.75 -43.27 -11.76
N ASP A 3 -30.01 -43.84 -10.83
CA ASP A 3 -30.49 -44.92 -10.02
C ASP A 3 -31.79 -44.50 -9.32
N ARG A 4 -32.91 -44.98 -9.85
CA ARG A 4 -34.22 -44.64 -9.29
C ARG A 4 -34.61 -45.68 -8.22
N TYR A 5 -33.65 -46.54 -7.88
CA TYR A 5 -33.86 -47.57 -6.87
C TYR A 5 -33.33 -47.02 -5.54
N SER A 6 -34.08 -46.10 -4.95
CA SER A 6 -33.69 -45.49 -3.70
C SER A 6 -34.27 -46.19 -2.47
N PHE A 7 -35.07 -47.22 -2.73
CA PHE A 7 -35.72 -48.00 -1.67
C PHE A 7 -35.05 -49.33 -1.39
N SER A 8 -35.41 -49.95 -0.28
CA SER A 8 -34.83 -51.23 0.11
C SER A 8 -35.27 -52.41 -0.76
N LEU A 9 -34.35 -53.34 -0.97
CA LEU A 9 -34.66 -54.52 -1.74
C LEU A 9 -34.70 -55.70 -0.76
N THR A 10 -34.24 -55.46 0.46
CA THR A 10 -34.27 -56.46 1.51
C THR A 10 -35.24 -55.94 2.55
N THR A 11 -36.37 -56.63 2.73
CA THR A 11 -37.37 -56.19 3.71
C THR A 11 -37.92 -57.33 4.55
N PHE A 12 -38.74 -57.00 5.55
CA PHE A 12 -39.33 -58.01 6.43
C PHE A 12 -40.56 -58.67 5.85
N SER A 13 -40.63 -59.98 5.98
CA SER A 13 -41.79 -60.73 5.50
C SER A 13 -42.69 -60.92 6.71
N PRO A 14 -43.98 -61.17 6.48
CA PRO A 14 -44.93 -61.36 7.59
C PRO A 14 -44.41 -62.25 8.71
N SER A 15 -43.68 -63.31 8.36
CA SER A 15 -43.15 -64.21 9.36
C SER A 15 -42.04 -63.56 10.18
N GLY A 16 -41.41 -62.51 9.63
CA GLY A 16 -40.34 -61.81 10.31
C GLY A 16 -38.98 -62.06 9.69
N LYS A 17 -38.95 -62.88 8.65
CA LYS A 17 -37.71 -63.21 7.95
C LYS A 17 -37.31 -62.08 7.00
N LEU A 18 -36.02 -61.99 6.72
CA LEU A 18 -35.51 -61.01 5.76
C LEU A 18 -35.05 -61.89 4.60
N GLY A 19 -35.96 -62.10 3.66
CA GLY A 19 -35.71 -62.94 2.50
C GLY A 19 -34.33 -62.95 1.86
N GLN A 20 -33.90 -61.79 1.36
CA GLN A 20 -32.61 -61.67 0.71
C GLN A 20 -31.42 -62.12 1.54
N ILE A 21 -31.49 -61.91 2.86
CA ILE A 21 -30.41 -62.35 3.74
C ILE A 21 -30.41 -63.88 3.71
N ASP A 22 -31.58 -64.47 3.85
CA ASP A 22 -31.73 -65.92 3.83
C ASP A 22 -31.14 -66.48 2.55
N TYR A 23 -31.61 -65.97 1.43
CA TYR A 23 -31.15 -66.43 0.13
C TYR A 23 -29.63 -66.29 0.00
N ALA A 24 -29.09 -65.17 0.47
CA ALA A 24 -27.66 -64.97 0.39
C ALA A 24 -26.97 -66.11 1.14
N LEU A 25 -27.51 -66.47 2.31
CA LEU A 25 -26.94 -67.56 3.10
C LEU A 25 -27.06 -68.87 2.34
N THR A 26 -28.11 -68.99 1.53
CA THR A 26 -28.30 -70.20 0.73
C THR A 26 -27.17 -70.22 -0.29
N ALA A 27 -26.78 -69.05 -0.77
CA ALA A 27 -25.71 -68.95 -1.75
C ALA A 27 -24.40 -69.39 -1.09
N VAL A 28 -24.24 -69.06 0.18
CA VAL A 28 -23.02 -69.43 0.90
C VAL A 28 -22.93 -70.93 1.04
N LYS A 29 -24.07 -71.57 1.28
CA LYS A 29 -24.15 -73.02 1.45
C LYS A 29 -23.69 -73.78 0.22
N GLN A 30 -24.01 -73.25 -0.96
CA GLN A 30 -23.61 -73.89 -2.20
C GLN A 30 -22.11 -73.72 -2.41
N GLY A 31 -21.54 -72.71 -1.77
CA GLY A 31 -20.11 -72.44 -1.90
C GLY A 31 -19.16 -73.48 -1.36
N VAL A 32 -17.95 -73.50 -1.93
CA VAL A 32 -16.92 -74.45 -1.52
C VAL A 32 -16.60 -74.29 -0.04
N THR A 33 -16.25 -75.39 0.62
CA THR A 33 -15.93 -75.34 2.04
C THR A 33 -14.61 -74.61 2.36
N SER A 34 -14.62 -73.90 3.48
CA SER A 34 -13.44 -73.18 3.98
C SER A 34 -13.55 -73.18 5.50
N LEU A 35 -12.41 -73.16 6.19
CA LEU A 35 -12.43 -73.21 7.65
C LEU A 35 -11.34 -72.38 8.32
N GLY A 36 -11.41 -72.32 9.64
CA GLY A 36 -10.45 -71.58 10.43
C GLY A 36 -10.31 -72.18 11.80
N ILE A 37 -9.06 -72.38 12.23
CA ILE A 37 -8.79 -72.96 13.54
C ILE A 37 -7.85 -72.04 14.29
N LYS A 38 -8.10 -71.90 15.58
CA LYS A 38 -7.27 -71.05 16.43
C LYS A 38 -6.45 -71.90 17.40
N ALA A 39 -5.14 -71.68 17.41
CA ALA A 39 -4.23 -72.39 18.30
C ALA A 39 -3.79 -71.37 19.35
N THR A 40 -2.83 -71.76 20.20
CA THR A 40 -2.37 -70.83 21.24
C THR A 40 -1.34 -69.85 20.74
N ASN A 41 -0.71 -70.17 19.61
CA ASN A 41 0.30 -69.27 19.07
C ASN A 41 0.09 -69.06 17.58
N GLY A 42 -1.17 -68.87 17.19
CA GLY A 42 -1.48 -68.65 15.80
C GLY A 42 -2.87 -69.11 15.39
N VAL A 43 -3.25 -68.76 14.17
CA VAL A 43 -4.54 -69.15 13.63
C VAL A 43 -4.26 -69.65 12.23
N VAL A 44 -5.11 -70.52 11.73
CA VAL A 44 -4.96 -71.05 10.38
C VAL A 44 -6.30 -70.98 9.68
N ILE A 45 -6.29 -70.49 8.44
CA ILE A 45 -7.50 -70.44 7.64
C ILE A 45 -7.19 -71.21 6.38
N ALA A 46 -8.16 -71.95 5.88
CA ALA A 46 -7.96 -72.75 4.69
C ALA A 46 -9.22 -72.95 3.87
N THR A 47 -9.05 -73.30 2.60
CA THR A 47 -10.16 -73.54 1.72
C THR A 47 -9.70 -74.34 0.50
N GLU A 48 -10.65 -74.74 -0.32
CA GLU A 48 -10.35 -75.55 -1.51
C GLU A 48 -10.34 -74.68 -2.76
N LYS A 49 -9.28 -74.84 -3.57
CA LYS A 49 -9.17 -74.09 -4.82
C LYS A 49 -9.85 -74.86 -5.94
N LYS A 50 -11.17 -74.70 -6.01
CA LYS A 50 -11.97 -75.37 -7.04
C LYS A 50 -11.70 -74.76 -8.41
N SER A 51 -10.79 -75.37 -9.17
CA SER A 51 -10.47 -74.87 -10.50
C SER A 51 -11.65 -75.07 -11.44
N SER A 52 -12.02 -74.02 -12.17
CA SER A 52 -13.15 -74.06 -13.09
C SER A 52 -12.78 -74.42 -14.52
N SER A 53 -11.58 -74.96 -14.69
CA SER A 53 -11.05 -75.38 -15.99
C SER A 53 -9.58 -75.69 -15.81
N PRO A 54 -9.12 -76.81 -16.40
CA PRO A 54 -7.70 -77.17 -16.27
C PRO A 54 -6.80 -76.16 -16.97
N LEU A 55 -7.36 -75.42 -17.92
CA LEU A 55 -6.58 -74.42 -18.65
C LEU A 55 -6.31 -73.19 -17.80
N ALA A 56 -7.18 -72.95 -16.82
CA ALA A 56 -7.03 -71.80 -15.93
C ALA A 56 -5.85 -72.03 -15.02
N MET A 57 -5.25 -70.95 -14.52
CA MET A 57 -4.12 -71.05 -13.62
C MET A 57 -4.64 -70.66 -12.24
N SER A 58 -4.79 -71.64 -11.37
CA SER A 58 -5.35 -71.42 -10.04
C SER A 58 -4.53 -70.56 -9.07
N GLU A 59 -3.30 -70.19 -9.43
CA GLU A 59 -2.51 -69.36 -8.55
C GLU A 59 -3.01 -67.92 -8.74
N THR A 60 -3.34 -67.58 -9.98
CA THR A 60 -3.83 -66.25 -10.30
C THR A 60 -5.14 -65.95 -9.58
N LEU A 61 -5.64 -66.92 -8.83
CA LEU A 61 -6.90 -66.74 -8.12
C LEU A 61 -6.76 -67.10 -6.65
N SER A 62 -6.62 -66.09 -5.80
CA SER A 62 -6.49 -66.33 -4.37
C SER A 62 -7.81 -66.19 -3.63
N LYS A 63 -8.08 -67.15 -2.74
CA LYS A 63 -9.29 -67.13 -1.95
C LYS A 63 -8.88 -66.63 -0.56
N VAL A 64 -7.60 -66.79 -0.28
CA VAL A 64 -7.03 -66.35 0.98
C VAL A 64 -6.34 -65.02 0.72
N SER A 65 -6.83 -63.97 1.36
CA SER A 65 -6.26 -62.65 1.17
C SER A 65 -5.75 -61.97 2.43
N LEU A 66 -4.71 -61.17 2.26
CA LEU A 66 -4.13 -60.43 3.37
C LEU A 66 -4.89 -59.10 3.43
N LEU A 67 -5.37 -58.73 4.62
CA LEU A 67 -6.07 -57.46 4.79
C LEU A 67 -5.04 -56.48 5.34
N THR A 68 -4.34 -56.88 6.39
CA THR A 68 -3.28 -56.06 6.97
C THR A 68 -2.17 -57.07 7.24
N PRO A 69 -0.96 -56.60 7.53
CA PRO A 69 0.11 -57.59 7.79
C PRO A 69 -0.14 -58.60 8.92
N ASP A 70 -1.20 -58.40 9.70
CA ASP A 70 -1.51 -59.32 10.81
C ASP A 70 -2.94 -59.85 10.71
N ILE A 71 -3.60 -59.61 9.58
CA ILE A 71 -4.97 -60.09 9.39
C ILE A 71 -5.17 -60.67 7.99
N GLY A 72 -5.83 -61.82 7.92
CA GLY A 72 -6.10 -62.45 6.65
C GLY A 72 -7.55 -62.86 6.60
N ALA A 73 -8.06 -63.09 5.39
CA ALA A 73 -9.46 -63.49 5.24
C ALA A 73 -9.67 -64.63 4.24
N VAL A 74 -10.79 -65.32 4.42
CA VAL A 74 -11.15 -66.42 3.54
C VAL A 74 -12.67 -66.42 3.52
N TYR A 75 -13.26 -67.00 2.47
CA TYR A 75 -14.72 -67.01 2.36
C TYR A 75 -15.32 -68.27 1.75
N SER A 76 -16.64 -68.20 1.60
CA SER A 76 -17.48 -69.24 1.00
C SER A 76 -18.69 -68.52 0.45
N GLY A 77 -18.97 -68.72 -0.83
CA GLY A 77 -20.09 -68.06 -1.45
C GLY A 77 -19.71 -67.55 -2.82
N MET A 78 -20.07 -66.31 -3.10
CA MET A 78 -19.77 -65.70 -4.39
C MET A 78 -18.44 -64.97 -4.45
N GLY A 79 -17.47 -65.61 -5.10
CA GLY A 79 -16.13 -65.08 -5.26
C GLY A 79 -16.02 -63.60 -5.64
N PRO A 80 -16.76 -63.13 -6.66
CA PRO A 80 -16.64 -61.71 -7.01
C PRO A 80 -17.00 -60.78 -5.83
N ASP A 81 -18.09 -61.10 -5.13
CA ASP A 81 -18.49 -60.28 -3.97
C ASP A 81 -17.33 -60.21 -2.97
N TYR A 82 -16.70 -61.36 -2.71
CA TYR A 82 -15.56 -61.42 -1.80
C TYR A 82 -14.47 -60.47 -2.29
N ARG A 83 -14.08 -60.64 -3.55
CA ARG A 83 -13.02 -59.80 -4.11
C ARG A 83 -13.21 -58.31 -3.80
N VAL A 84 -14.36 -57.75 -4.18
CA VAL A 84 -14.59 -56.34 -3.91
C VAL A 84 -14.64 -56.09 -2.41
N LEU A 85 -15.11 -57.06 -1.62
CA LEU A 85 -15.16 -56.86 -0.18
C LEU A 85 -13.77 -56.71 0.37
N VAL A 86 -12.83 -57.48 -0.18
CA VAL A 86 -11.45 -57.43 0.25
C VAL A 86 -10.81 -56.07 -0.07
N ASP A 87 -11.09 -55.53 -1.25
CA ASP A 87 -10.53 -54.23 -1.61
C ASP A 87 -11.03 -53.21 -0.59
N LYS A 88 -12.34 -53.15 -0.40
CA LYS A 88 -12.95 -52.21 0.52
C LYS A 88 -12.41 -52.41 1.92
N SER A 89 -12.20 -53.67 2.30
CA SER A 89 -11.73 -53.95 3.64
C SER A 89 -10.32 -53.43 3.86
N ARG A 90 -9.46 -53.67 2.88
CA ARG A 90 -8.09 -53.21 2.98
C ARG A 90 -8.08 -51.69 3.08
N LYS A 91 -8.88 -51.04 2.24
CA LYS A 91 -8.93 -49.59 2.26
C LYS A 91 -9.47 -48.99 3.55
N VAL A 92 -10.57 -49.52 4.08
CA VAL A 92 -11.16 -48.99 5.31
C VAL A 92 -10.19 -49.13 6.48
N ALA A 93 -9.28 -50.11 6.38
CA ALA A 93 -8.29 -50.34 7.42
C ALA A 93 -7.39 -49.12 7.54
N HIS A 94 -7.09 -48.52 6.38
CA HIS A 94 -6.23 -47.34 6.34
C HIS A 94 -7.02 -46.09 6.73
N THR A 95 -8.00 -45.75 5.90
CA THR A 95 -8.83 -44.55 6.10
C THR A 95 -9.50 -44.41 7.47
N SER A 96 -9.89 -45.53 8.08
CA SER A 96 -10.56 -45.46 9.37
C SER A 96 -9.70 -45.79 10.55
N TYR A 97 -8.42 -46.10 10.30
CA TYR A 97 -7.53 -46.45 11.38
C TYR A 97 -6.07 -46.06 11.20
N LYS A 98 -5.36 -46.72 10.31
CA LYS A 98 -3.94 -46.40 10.13
C LYS A 98 -3.69 -44.90 9.91
N ARG A 99 -4.46 -44.27 9.02
CA ARG A 99 -4.31 -42.84 8.78
C ARG A 99 -4.63 -41.96 9.99
N ILE A 100 -5.16 -42.57 11.04
CA ILE A 100 -5.49 -41.80 12.22
C ILE A 100 -4.64 -42.11 13.43
N TYR A 101 -4.39 -43.38 13.69
CA TYR A 101 -3.60 -43.76 14.85
C TYR A 101 -2.18 -44.21 14.50
N GLY A 102 -1.85 -44.21 13.23
CA GLY A 102 -0.51 -44.61 12.81
C GLY A 102 -0.16 -46.06 13.05
N GLU A 103 -1.18 -46.93 13.12
CA GLU A 103 -0.97 -48.36 13.32
C GLU A 103 -2.19 -49.10 12.78
N TYR A 104 -2.01 -50.36 12.39
CA TYR A 104 -3.12 -51.13 11.86
C TYR A 104 -4.17 -51.44 12.92
N PRO A 105 -5.44 -51.52 12.51
CA PRO A 105 -6.53 -51.78 13.45
C PRO A 105 -6.47 -53.17 14.03
N PRO A 106 -7.01 -53.35 15.24
CA PRO A 106 -7.00 -54.67 15.86
C PRO A 106 -8.05 -55.50 15.11
N THR A 107 -7.86 -56.82 15.08
CA THR A 107 -8.78 -57.71 14.37
C THR A 107 -10.27 -57.44 14.54
N LYS A 108 -10.75 -57.41 15.78
CA LYS A 108 -12.18 -57.20 16.02
C LYS A 108 -12.69 -55.95 15.33
N LEU A 109 -11.93 -54.86 15.41
CA LEU A 109 -12.33 -53.60 14.81
C LEU A 109 -12.45 -53.61 13.29
N LEU A 110 -11.49 -54.21 12.59
CA LEU A 110 -11.57 -54.28 11.15
C LEU A 110 -12.77 -55.15 10.79
N VAL A 111 -13.00 -56.20 11.57
CA VAL A 111 -14.12 -57.10 11.33
C VAL A 111 -15.40 -56.27 11.42
N SER A 112 -15.45 -55.42 12.45
CA SER A 112 -16.59 -54.55 12.70
C SER A 112 -16.84 -53.62 11.50
N GLU A 113 -15.77 -53.13 10.88
CA GLU A 113 -15.90 -52.26 9.72
C GLU A 113 -16.47 -53.08 8.56
N VAL A 114 -15.89 -54.25 8.32
CA VAL A 114 -16.35 -55.14 7.24
C VAL A 114 -17.83 -55.47 7.43
N ALA A 115 -18.17 -55.86 8.66
CA ALA A 115 -19.55 -56.18 9.00
C ALA A 115 -20.47 -54.98 8.71
N LYS A 116 -19.96 -53.78 8.95
CA LYS A 116 -20.75 -52.58 8.68
C LYS A 116 -21.06 -52.48 7.18
N ILE A 117 -20.03 -52.66 6.35
CA ILE A 117 -20.16 -52.61 4.89
C ILE A 117 -21.26 -53.56 4.44
N MET A 118 -21.26 -54.77 4.99
CA MET A 118 -22.25 -55.76 4.64
C MET A 118 -23.63 -55.43 5.19
N GLN A 119 -23.69 -54.87 6.40
CA GLN A 119 -24.98 -54.52 7.01
C GLN A 119 -25.69 -53.52 6.11
N GLU A 120 -24.93 -52.55 5.64
CA GLU A 120 -25.47 -51.52 4.78
C GLU A 120 -26.07 -52.10 3.50
N ALA A 121 -25.45 -53.15 2.97
CA ALA A 121 -25.94 -53.79 1.75
C ALA A 121 -27.23 -54.55 2.03
N THR A 122 -27.67 -54.48 3.27
CA THR A 122 -28.87 -55.16 3.75
C THR A 122 -30.03 -54.18 3.88
N GLN A 123 -29.69 -52.88 3.93
CA GLN A 123 -30.70 -51.86 4.13
C GLN A 123 -30.70 -50.66 3.18
N SER A 124 -29.53 -50.29 2.65
CA SER A 124 -29.44 -49.16 1.71
C SER A 124 -30.36 -49.41 0.53
N GLY A 125 -30.64 -48.36 -0.23
CA GLY A 125 -31.51 -48.54 -1.38
C GLY A 125 -30.87 -49.18 -2.60
N GLY A 126 -31.71 -49.88 -3.36
CA GLY A 126 -31.28 -50.53 -4.59
C GLY A 126 -30.11 -51.48 -4.67
N VAL A 127 -29.90 -52.29 -3.63
CA VAL A 127 -28.81 -53.26 -3.65
C VAL A 127 -29.26 -54.58 -3.02
N ARG A 128 -28.44 -55.62 -3.19
CA ARG A 128 -28.72 -56.93 -2.62
C ARG A 128 -27.62 -57.18 -1.61
N PRO A 129 -27.87 -58.04 -0.62
CA PRO A 129 -26.82 -58.31 0.36
C PRO A 129 -25.64 -59.02 -0.33
N PHE A 130 -24.49 -59.09 0.31
CA PHE A 130 -23.36 -59.80 -0.28
C PHE A 130 -23.62 -61.30 -0.14
N GLY A 131 -23.31 -62.06 -1.18
CA GLY A 131 -23.53 -63.50 -1.15
C GLY A 131 -22.35 -64.27 -0.62
N VAL A 132 -21.75 -63.77 0.46
CA VAL A 132 -20.60 -64.47 1.04
C VAL A 132 -20.61 -64.45 2.56
N SER A 133 -19.79 -65.33 3.13
CA SER A 133 -19.61 -65.43 4.57
C SER A 133 -18.10 -65.45 4.66
N LEU A 134 -17.54 -64.62 5.53
CA LEU A 134 -16.09 -64.56 5.67
C LEU A 134 -15.60 -65.15 6.97
N LEU A 135 -14.32 -65.49 7.00
CA LEU A 135 -13.65 -65.99 8.18
C LEU A 135 -12.38 -65.16 8.23
N ILE A 136 -12.26 -64.32 9.25
CA ILE A 136 -11.10 -63.46 9.36
C ILE A 136 -10.26 -63.84 10.56
N ALA A 137 -8.98 -64.05 10.30
CA ALA A 137 -8.03 -64.42 11.34
C ALA A 137 -6.93 -63.37 11.45
N GLY A 138 -6.68 -62.93 12.67
CA GLY A 138 -5.65 -61.92 12.86
C GLY A 138 -5.09 -61.89 14.26
N HIS A 139 -4.16 -60.97 14.49
CA HIS A 139 -3.54 -60.83 15.78
C HIS A 139 -3.16 -59.39 16.07
N ASP A 140 -3.33 -58.99 17.33
CA ASP A 140 -2.95 -57.66 17.75
C ASP A 140 -2.39 -57.71 19.16
N GLU A 141 -1.51 -56.76 19.48
CA GLU A 141 -0.84 -56.70 20.77
C GLU A 141 -1.68 -56.86 22.05
N PHE A 142 -2.88 -56.30 22.09
CA PHE A 142 -3.68 -56.40 23.30
C PHE A 142 -4.79 -57.44 23.28
N ASN A 143 -4.99 -58.11 22.15
CA ASN A 143 -6.05 -59.10 22.06
C ASN A 143 -5.51 -60.48 21.67
N GLY A 144 -4.28 -60.51 21.17
CA GLY A 144 -3.66 -61.76 20.77
C GLY A 144 -4.22 -62.28 19.46
N PHE A 145 -4.32 -63.60 19.34
CA PHE A 145 -4.86 -64.19 18.12
C PHE A 145 -6.36 -64.32 18.24
N SER A 146 -7.05 -64.13 17.13
CA SER A 146 -8.49 -64.25 17.12
C SER A 146 -9.00 -64.71 15.76
N LEU A 147 -10.21 -65.26 15.77
CA LEU A 147 -10.86 -65.76 14.57
C LEU A 147 -12.33 -65.30 14.59
N TYR A 148 -12.78 -64.77 13.47
CA TYR A 148 -14.13 -64.26 13.35
C TYR A 148 -14.81 -64.74 12.10
N GLN A 149 -16.14 -64.70 12.12
CA GLN A 149 -16.94 -65.10 10.98
C GLN A 149 -17.94 -63.98 10.77
N VAL A 150 -18.10 -63.54 9.52
CA VAL A 150 -19.05 -62.47 9.21
C VAL A 150 -20.07 -63.00 8.22
N ASP A 151 -21.35 -62.85 8.57
CA ASP A 151 -22.42 -63.32 7.69
C ASP A 151 -23.03 -62.21 6.84
N PRO A 152 -23.77 -62.59 5.79
CA PRO A 152 -24.41 -61.62 4.89
C PRO A 152 -25.28 -60.60 5.62
N SER A 153 -25.75 -60.94 6.81
CA SER A 153 -26.60 -60.03 7.56
C SER A 153 -25.74 -58.92 8.16
N GLY A 154 -24.44 -59.19 8.27
CA GLY A 154 -23.53 -58.22 8.83
C GLY A 154 -23.14 -58.60 10.25
N SER A 155 -23.65 -59.73 10.69
CA SER A 155 -23.36 -60.23 12.03
C SER A 155 -22.02 -60.94 12.02
N TYR A 156 -21.34 -60.90 13.16
CA TYR A 156 -20.04 -61.56 13.26
C TYR A 156 -19.85 -62.13 14.65
N PHE A 157 -19.22 -63.29 14.71
CA PHE A 157 -18.98 -63.94 15.99
C PHE A 157 -17.57 -64.49 16.05
N PRO A 158 -17.01 -64.58 17.26
CA PRO A 158 -15.66 -65.08 17.48
C PRO A 158 -15.67 -66.59 17.64
N TRP A 159 -14.74 -67.27 16.98
CA TRP A 159 -14.66 -68.73 17.05
C TRP A 159 -13.32 -69.27 17.55
N LYS A 160 -13.35 -70.52 18.00
CA LYS A 160 -12.14 -71.21 18.44
C LYS A 160 -11.78 -71.97 17.17
N ALA A 161 -12.82 -72.37 16.45
CA ALA A 161 -12.68 -73.09 15.19
C ALA A 161 -14.05 -73.25 14.57
N THR A 162 -14.14 -73.12 13.26
CA THR A 162 -15.41 -73.28 12.57
C THR A 162 -15.23 -73.46 11.07
N ALA A 163 -16.29 -73.86 10.39
CA ALA A 163 -16.24 -74.05 8.95
C ALA A 163 -17.51 -73.51 8.32
N ILE A 164 -17.39 -73.05 7.08
CA ILE A 164 -18.53 -72.49 6.37
C ILE A 164 -18.60 -73.10 4.98
N GLY A 165 -19.79 -73.09 4.39
CA GLY A 165 -19.97 -73.65 3.06
C GLY A 165 -20.48 -75.08 3.01
N LYS A 166 -20.48 -75.67 1.82
CA LYS A 166 -20.92 -77.04 1.56
C LYS A 166 -20.97 -77.98 2.78
N GLY A 167 -19.82 -78.58 3.10
CA GLY A 167 -19.78 -79.52 4.20
C GLY A 167 -19.43 -78.89 5.52
N SER A 168 -20.02 -77.74 5.81
CA SER A 168 -19.73 -77.04 7.06
C SER A 168 -20.17 -77.84 8.27
N VAL A 169 -21.38 -78.40 8.21
CA VAL A 169 -21.91 -79.18 9.33
C VAL A 169 -21.05 -80.39 9.67
N ALA A 170 -20.64 -81.11 8.64
CA ALA A 170 -19.79 -82.29 8.81
C ALA A 170 -18.44 -81.91 9.44
N ALA A 171 -17.85 -80.82 8.95
CA ALA A 171 -16.56 -80.36 9.43
C ALA A 171 -16.63 -79.66 10.78
N LYS A 172 -17.72 -78.97 11.06
CA LYS A 172 -17.85 -78.30 12.35
C LYS A 172 -17.84 -79.39 13.42
N THR A 173 -18.38 -80.55 13.07
CA THR A 173 -18.43 -81.68 13.99
C THR A 173 -17.00 -82.22 14.18
N PHE A 174 -16.36 -82.57 13.07
CA PHE A 174 -15.00 -83.11 13.15
C PHE A 174 -14.07 -82.23 13.96
N LEU A 175 -14.23 -80.92 13.85
CA LEU A 175 -13.39 -79.99 14.58
C LEU A 175 -13.65 -80.05 16.08
N GLU A 176 -14.89 -80.32 16.48
CA GLU A 176 -15.22 -80.39 17.89
C GLU A 176 -14.61 -81.59 18.60
N LYS A 177 -14.25 -82.61 17.83
CA LYS A 177 -13.64 -83.81 18.40
C LYS A 177 -12.13 -83.66 18.49
N ARG A 178 -11.56 -82.77 17.67
CA ARG A 178 -10.11 -82.60 17.66
C ARG A 178 -9.59 -81.29 18.24
N TRP A 179 -10.46 -80.44 18.78
CA TRP A 179 -10.00 -79.16 19.32
C TRP A 179 -9.92 -79.09 20.84
N ASN A 180 -8.84 -78.47 21.31
CA ASN A 180 -8.60 -78.29 22.74
C ASN A 180 -7.83 -76.97 22.85
N ASP A 181 -7.93 -76.32 24.01
CA ASP A 181 -7.25 -75.04 24.22
C ASP A 181 -5.74 -75.11 24.40
N GLU A 182 -5.10 -76.16 23.90
CA GLU A 182 -3.66 -76.31 24.03
C GLU A 182 -2.95 -76.57 22.71
N LEU A 183 -3.72 -76.66 21.64
CA LEU A 183 -3.16 -76.91 20.32
C LEU A 183 -2.09 -75.90 19.96
N GLU A 184 -0.97 -76.38 19.45
CA GLU A 184 0.12 -75.53 19.03
C GLU A 184 -0.28 -75.21 17.57
N LEU A 185 0.33 -74.22 16.95
CA LEU A 185 -0.01 -73.87 15.58
C LEU A 185 0.07 -75.03 14.59
N GLU A 186 1.18 -75.76 14.61
CA GLU A 186 1.38 -76.89 13.71
C GLU A 186 0.26 -77.93 13.84
N ASP A 187 -0.23 -78.08 15.07
CA ASP A 187 -1.30 -79.03 15.34
C ASP A 187 -2.56 -78.63 14.57
N ALA A 188 -2.91 -77.36 14.66
CA ALA A 188 -4.10 -76.85 13.97
C ALA A 188 -3.91 -76.95 12.45
N ILE A 189 -2.68 -76.79 11.97
CA ILE A 189 -2.44 -76.88 10.54
C ILE A 189 -2.77 -78.32 10.12
N HIS A 190 -2.46 -79.25 11.00
CA HIS A 190 -2.75 -80.66 10.76
C HIS A 190 -4.27 -80.88 10.79
N ILE A 191 -4.89 -80.56 11.92
CA ILE A 191 -6.34 -80.70 12.09
C ILE A 191 -7.04 -80.11 10.87
N ALA A 192 -6.53 -78.97 10.40
CA ALA A 192 -7.07 -78.27 9.25
C ALA A 192 -7.01 -79.14 8.00
N LEU A 193 -5.80 -79.60 7.67
CA LEU A 193 -5.62 -80.43 6.49
C LEU A 193 -6.55 -81.64 6.48
N LEU A 194 -6.76 -82.23 7.66
CA LEU A 194 -7.64 -83.39 7.79
C LEU A 194 -9.09 -83.00 7.55
N THR A 195 -9.53 -81.95 8.24
CA THR A 195 -10.90 -81.48 8.12
C THR A 195 -11.23 -81.12 6.68
N LEU A 196 -10.22 -80.65 5.96
CA LEU A 196 -10.43 -80.25 4.59
C LEU A 196 -10.47 -81.45 3.65
N LYS A 197 -9.82 -82.55 4.03
CA LYS A 197 -9.80 -83.73 3.17
C LYS A 197 -11.18 -84.34 2.96
N GLU A 198 -12.00 -84.32 4.01
CA GLU A 198 -13.34 -84.87 3.94
C GLU A 198 -14.23 -84.07 2.99
N SER A 199 -13.90 -82.79 2.81
CA SER A 199 -14.66 -81.90 1.94
C SER A 199 -14.24 -81.96 0.47
N VAL A 200 -12.96 -82.26 0.22
CA VAL A 200 -12.43 -82.35 -1.13
C VAL A 200 -12.62 -83.76 -1.69
N GLU A 201 -13.16 -83.83 -2.91
CA GLU A 201 -13.43 -85.12 -3.56
C GLU A 201 -12.24 -85.63 -4.36
N GLY A 202 -11.69 -84.77 -5.21
CA GLY A 202 -10.58 -85.15 -6.06
C GLY A 202 -9.18 -84.89 -5.53
N GLU A 203 -8.33 -84.34 -6.39
CA GLU A 203 -6.95 -84.04 -6.02
C GLU A 203 -6.90 -83.22 -4.74
N PHE A 204 -6.14 -83.73 -3.77
CA PHE A 204 -5.99 -83.06 -2.49
C PHE A 204 -4.50 -82.84 -2.26
N ASN A 205 -3.98 -81.72 -2.73
CA ASN A 205 -2.56 -81.43 -2.58
C ASN A 205 -2.30 -79.93 -2.44
N GLY A 206 -1.02 -79.55 -2.53
CA GLY A 206 -0.64 -78.16 -2.39
C GLY A 206 -1.07 -77.23 -3.51
N ASP A 207 -1.64 -77.76 -4.58
CA ASP A 207 -2.09 -76.94 -5.71
C ASP A 207 -3.61 -76.83 -5.80
N THR A 208 -4.29 -77.67 -5.02
CA THR A 208 -5.74 -77.70 -4.97
C THR A 208 -6.20 -77.17 -3.61
N ILE A 209 -5.23 -76.85 -2.76
CA ILE A 209 -5.52 -76.33 -1.44
C ILE A 209 -4.82 -74.99 -1.21
N GLU A 210 -5.56 -74.04 -0.66
CA GLU A 210 -5.02 -72.73 -0.35
C GLU A 210 -5.09 -72.62 1.16
N LEU A 211 -3.95 -72.38 1.79
CA LEU A 211 -3.91 -72.29 3.24
C LEU A 211 -2.92 -71.25 3.72
N ALA A 212 -3.34 -70.43 4.68
CA ALA A 212 -2.49 -69.39 5.26
C ALA A 212 -2.67 -69.33 6.78
N ILE A 213 -1.69 -68.75 7.45
CA ILE A 213 -1.74 -68.65 8.90
C ILE A 213 -1.38 -67.27 9.41
N ILE A 214 -1.76 -67.03 10.66
CA ILE A 214 -1.43 -65.80 11.37
C ILE A 214 -0.55 -66.38 12.48
N GLY A 215 0.76 -66.13 12.42
CA GLY A 215 1.62 -66.68 13.44
C GLY A 215 2.63 -65.70 13.99
N ASP A 216 3.89 -66.13 13.98
CA ASP A 216 4.97 -65.28 14.46
C ASP A 216 5.27 -64.26 13.38
N GLU A 217 6.05 -63.25 13.75
CA GLU A 217 6.44 -62.21 12.81
C GLU A 217 7.44 -62.76 11.79
N ASN A 218 7.32 -62.31 10.54
CA ASN A 218 8.21 -62.77 9.47
C ASN A 218 9.15 -61.65 9.01
N PRO A 219 10.24 -61.41 9.76
CA PRO A 219 11.22 -60.36 9.43
C PRO A 219 11.80 -60.50 8.03
N ASP A 220 11.80 -61.73 7.52
CA ASP A 220 12.33 -61.98 6.19
C ASP A 220 11.32 -61.54 5.14
N LEU A 221 10.08 -61.29 5.57
CA LEU A 221 9.03 -60.87 4.66
C LEU A 221 8.73 -59.36 4.76
N LEU A 222 9.48 -58.67 5.61
CA LEU A 222 9.29 -57.23 5.81
C LEU A 222 9.79 -56.40 4.65
N GLY A 223 10.87 -56.83 4.02
CA GLY A 223 11.41 -56.10 2.88
C GLY A 223 12.47 -55.05 3.18
N TYR A 224 12.63 -54.70 4.45
CA TYR A 224 13.62 -53.70 4.84
C TYR A 224 14.07 -53.94 6.28
N THR A 225 15.16 -53.30 6.67
CA THR A 225 15.65 -53.44 8.04
C THR A 225 16.18 -52.11 8.50
N GLY A 226 16.05 -51.84 9.79
CA GLY A 226 16.54 -50.60 10.33
C GLY A 226 15.63 -50.04 11.42
N ILE A 227 14.38 -50.50 11.44
CA ILE A 227 13.46 -50.04 12.46
C ILE A 227 13.16 -51.18 13.41
N PRO A 228 13.82 -51.19 14.58
CA PRO A 228 13.66 -52.20 15.61
C PRO A 228 12.21 -52.62 15.85
N THR A 229 11.32 -51.64 16.02
CA THR A 229 9.92 -51.94 16.30
C THR A 229 9.12 -52.55 15.15
N ASP A 230 9.67 -52.55 13.93
CA ASP A 230 9.01 -53.13 12.78
C ASP A 230 9.63 -54.51 12.56
N LYS A 231 8.98 -55.55 13.07
CA LYS A 231 9.51 -56.90 12.97
C LYS A 231 8.96 -57.82 11.87
N GLY A 232 8.02 -57.33 11.06
CA GLY A 232 7.49 -58.14 9.98
C GLY A 232 6.04 -58.57 10.14
N PRO A 233 5.40 -59.02 9.04
CA PRO A 233 4.00 -59.46 9.06
C PRO A 233 3.79 -60.83 9.73
N ARG A 234 2.69 -60.98 10.46
CA ARG A 234 2.39 -62.26 11.11
C ARG A 234 1.58 -63.16 10.21
N PHE A 235 1.10 -62.59 9.10
CA PHE A 235 0.31 -63.32 8.14
C PHE A 235 1.21 -63.98 7.12
N ARG A 236 1.05 -65.27 6.92
CA ARG A 236 1.85 -65.96 5.94
C ARG A 236 1.04 -66.98 5.18
N LYS A 237 1.25 -67.00 3.87
CA LYS A 237 0.56 -67.92 3.00
C LYS A 237 1.53 -69.09 2.80
N LEU A 238 1.05 -70.31 3.04
CA LEU A 238 1.92 -71.46 2.87
C LEU A 238 2.10 -71.71 1.39
N THR A 239 3.31 -72.10 1.02
CA THR A 239 3.62 -72.38 -0.38
C THR A 239 3.12 -73.77 -0.75
N SER A 240 2.87 -73.96 -2.04
CA SER A 240 2.40 -75.24 -2.56
C SER A 240 3.21 -76.38 -1.95
N GLN A 241 4.53 -76.15 -1.86
CA GLN A 241 5.46 -77.12 -1.31
C GLN A 241 5.27 -77.32 0.20
N GLU A 242 5.27 -76.22 0.95
CA GLU A 242 5.10 -76.29 2.41
C GLU A 242 3.92 -77.16 2.77
N ILE A 243 2.89 -77.14 1.92
CA ILE A 243 1.69 -77.93 2.14
C ILE A 243 1.96 -79.42 1.91
N ASN A 244 2.48 -79.76 0.73
CA ASN A 244 2.77 -81.16 0.40
C ASN A 244 3.63 -81.85 1.45
N ASP A 245 4.62 -81.13 1.99
CA ASP A 245 5.48 -81.69 3.02
C ASP A 245 4.64 -82.13 4.21
N ARG A 246 3.62 -81.34 4.53
CA ARG A 246 2.76 -81.68 5.66
C ARG A 246 1.74 -82.75 5.31
N LEU A 247 1.38 -82.84 4.03
CA LEU A 247 0.41 -83.82 3.57
C LEU A 247 0.93 -85.24 3.68
N GLU A 248 2.25 -85.39 3.69
CA GLU A 248 2.87 -86.71 3.81
C GLU A 248 2.66 -87.26 5.22
N ALA A 249 2.69 -86.37 6.21
CA ALA A 249 2.50 -86.75 7.59
C ALA A 249 1.00 -86.65 7.95
N LEU A 250 0.15 -86.74 6.93
CA LEU A 250 -1.30 -86.67 7.10
C LEU A 250 -1.88 -88.03 7.48
N GLY B 1 -40.56 -48.15 -15.30
CA GLY B 1 -39.68 -47.58 -14.23
C GLY B 1 -39.28 -48.58 -13.15
N SER B 2 -39.01 -48.09 -11.95
CA SER B 2 -38.62 -48.93 -10.82
C SER B 2 -39.78 -49.20 -9.87
N ARG B 3 -40.73 -48.26 -9.82
CA ARG B 3 -41.93 -48.34 -9.00
C ARG B 3 -42.47 -49.77 -8.85
N ARG B 4 -42.22 -50.57 -9.87
CA ARG B 4 -42.65 -51.95 -9.94
C ARG B 4 -42.12 -52.80 -8.78
N TYR B 5 -40.92 -52.46 -8.30
CA TYR B 5 -40.27 -53.23 -7.23
C TYR B 5 -40.29 -52.59 -5.84
N ASP B 6 -40.86 -51.39 -5.73
CA ASP B 6 -40.93 -50.67 -4.46
C ASP B 6 -41.92 -51.33 -3.49
N SER B 7 -41.40 -51.90 -2.40
CA SER B 7 -42.23 -52.56 -1.39
C SER B 7 -43.05 -51.56 -0.59
N ARG B 8 -42.64 -50.30 -0.60
CA ARG B 8 -43.34 -49.23 0.12
C ARG B 8 -43.35 -49.50 1.61
N THR B 9 -42.15 -49.60 2.17
CA THR B 9 -41.93 -49.89 3.58
C THR B 9 -42.57 -48.94 4.59
N THR B 10 -42.90 -47.71 4.18
CA THR B 10 -43.48 -46.77 5.10
C THR B 10 -44.92 -46.37 4.84
N ILE B 11 -45.82 -47.34 4.73
CA ILE B 11 -47.21 -47.01 4.51
C ILE B 11 -48.09 -47.67 5.55
N PHE B 12 -49.31 -47.16 5.69
CA PHE B 12 -50.25 -47.70 6.63
C PHE B 12 -51.02 -48.86 6.03
N SER B 13 -51.62 -49.66 6.90
CA SER B 13 -52.44 -50.80 6.48
C SER B 13 -53.84 -50.23 6.61
N PRO B 14 -54.83 -50.87 5.96
CA PRO B 14 -56.18 -50.33 6.09
C PRO B 14 -56.61 -50.17 7.55
N GLU B 15 -55.93 -50.90 8.44
CA GLU B 15 -56.20 -50.86 9.86
C GLU B 15 -55.45 -49.75 10.59
N GLY B 16 -54.50 -49.13 9.91
CA GLY B 16 -53.74 -48.05 10.52
C GLY B 16 -52.48 -48.54 11.23
N ARG B 17 -51.92 -49.62 10.72
CA ARG B 17 -50.71 -50.20 11.29
C ARG B 17 -49.59 -50.10 10.28
N LEU B 18 -48.35 -50.18 10.75
CA LEU B 18 -47.20 -50.09 9.87
C LEU B 18 -46.68 -51.50 9.61
N TYR B 19 -47.02 -52.04 8.45
CA TYR B 19 -46.60 -53.38 8.07
C TYR B 19 -45.19 -53.74 8.51
N GLN B 20 -44.19 -53.06 7.95
CA GLN B 20 -42.81 -53.35 8.27
C GLN B 20 -42.48 -53.34 9.77
N VAL B 21 -43.05 -52.40 10.51
CA VAL B 21 -42.79 -52.32 11.96
C VAL B 21 -43.31 -53.60 12.62
N GLU B 22 -44.52 -53.99 12.25
CA GLU B 22 -45.16 -55.18 12.78
C GLU B 22 -44.33 -56.41 12.47
N TYR B 23 -43.95 -56.56 11.21
CA TYR B 23 -43.14 -57.70 10.79
C TYR B 23 -41.78 -57.68 11.48
N ALA B 24 -41.24 -56.47 11.68
CA ALA B 24 -39.95 -56.34 12.35
C ALA B 24 -40.08 -56.81 13.80
N LEU B 25 -41.22 -56.50 14.43
CA LEU B 25 -41.46 -56.92 15.80
C LEU B 25 -41.53 -58.45 15.84
N GLU B 26 -42.25 -59.03 14.89
CA GLU B 26 -42.37 -60.47 14.79
C GLU B 26 -40.98 -61.11 14.76
N SER B 27 -40.06 -60.46 14.06
CA SER B 27 -38.68 -60.91 13.95
C SER B 27 -38.02 -60.89 15.33
N ILE B 28 -38.15 -59.77 16.02
CA ILE B 28 -37.57 -59.59 17.37
C ILE B 28 -38.02 -60.72 18.30
N SER B 29 -39.30 -61.04 18.25
CA SER B 29 -39.87 -62.07 19.11
C SER B 29 -39.23 -63.44 19.01
N HIS B 30 -38.20 -63.59 18.19
CA HIS B 30 -37.53 -64.88 18.05
C HIS B 30 -36.09 -64.78 18.53
N ALA B 31 -35.70 -63.57 18.94
CA ALA B 31 -34.35 -63.34 19.40
C ALA B 31 -34.19 -63.68 20.87
N GLY B 32 -32.96 -64.00 21.27
CA GLY B 32 -32.69 -64.32 22.67
C GLY B 32 -33.34 -63.31 23.61
N THR B 33 -34.04 -63.80 24.61
CA THR B 33 -34.74 -62.91 25.55
C THR B 33 -33.76 -62.07 26.37
N ALA B 34 -34.17 -60.85 26.68
CA ALA B 34 -33.35 -59.94 27.50
C ALA B 34 -34.22 -59.30 28.58
N ILE B 35 -33.73 -59.30 29.81
CA ILE B 35 -34.45 -58.75 30.95
C ILE B 35 -33.77 -57.53 31.55
N GLY B 36 -34.58 -56.60 32.06
CA GLY B 36 -34.07 -55.41 32.70
C GLY B 36 -34.81 -55.21 34.00
N ILE B 37 -34.08 -55.25 35.11
CA ILE B 37 -34.70 -55.06 36.42
C ILE B 37 -34.02 -53.91 37.16
N MET B 38 -34.82 -52.89 37.48
CA MET B 38 -34.33 -51.71 38.17
C MET B 38 -34.57 -51.79 39.68
N ALA B 39 -33.48 -51.77 40.45
CA ALA B 39 -33.55 -51.84 41.91
C ALA B 39 -33.37 -50.46 42.54
N SER B 40 -33.38 -50.40 43.86
CA SER B 40 -33.23 -49.13 44.57
C SER B 40 -31.76 -48.65 44.57
N ASP B 41 -30.84 -49.59 44.44
CA ASP B 41 -29.42 -49.28 44.45
C ASP B 41 -28.66 -49.72 43.18
N GLY B 42 -29.38 -49.98 42.09
CA GLY B 42 -28.73 -50.40 40.86
C GLY B 42 -29.63 -50.97 39.78
N ILE B 43 -29.05 -51.44 38.69
CA ILE B 43 -29.85 -51.99 37.61
C ILE B 43 -29.20 -53.25 37.14
N VAL B 44 -30.01 -54.18 36.66
CA VAL B 44 -29.52 -55.45 36.15
C VAL B 44 -29.93 -55.65 34.71
N LEU B 45 -29.01 -56.20 33.93
CA LEU B 45 -29.27 -56.51 32.53
C LEU B 45 -28.89 -57.95 32.33
N ALA B 46 -29.85 -58.74 31.88
CA ALA B 46 -29.62 -60.15 31.63
C ALA B 46 -30.13 -60.48 30.24
N ALA B 47 -29.37 -61.28 29.50
CA ALA B 47 -29.79 -61.67 28.17
C ALA B 47 -29.33 -63.09 27.89
N GLU B 48 -30.13 -63.78 27.08
CA GLU B 48 -29.87 -65.17 26.71
C GLU B 48 -29.32 -65.22 25.28
N ARG B 49 -28.10 -65.71 25.13
CA ARG B 49 -27.49 -65.82 23.80
C ARG B 49 -28.26 -66.84 22.98
N LYS B 50 -28.83 -66.39 21.87
CA LYS B 50 -29.59 -67.28 21.00
C LYS B 50 -28.57 -68.09 20.19
N VAL B 51 -28.77 -69.40 20.13
CA VAL B 51 -27.88 -70.30 19.37
C VAL B 51 -26.40 -70.24 19.81
N THR B 52 -25.83 -71.41 20.06
CA THR B 52 -24.43 -71.50 20.47
C THR B 52 -23.84 -72.85 20.09
N SER B 53 -22.52 -72.95 20.17
CA SER B 53 -21.78 -74.17 19.85
C SER B 53 -20.61 -74.31 20.81
N THR B 54 -20.06 -75.52 20.91
CA THR B 54 -18.93 -75.76 21.80
C THR B 54 -17.77 -74.86 21.38
N LEU B 55 -17.57 -74.76 20.08
CA LEU B 55 -16.50 -73.97 19.49
C LEU B 55 -16.69 -72.46 19.55
N LEU B 56 -17.92 -72.02 19.81
CA LEU B 56 -18.16 -70.58 19.89
C LEU B 56 -17.36 -70.00 21.04
N GLU B 57 -16.49 -69.05 20.73
CA GLU B 57 -15.65 -68.35 21.72
C GLU B 57 -16.52 -67.42 22.57
N GLN B 58 -16.69 -67.70 23.85
CA GLN B 58 -17.54 -66.85 24.66
C GLN B 58 -16.82 -65.74 25.42
N ASP B 59 -15.51 -65.84 25.53
CA ASP B 59 -14.72 -64.83 26.23
C ASP B 59 -14.60 -63.53 25.44
N THR B 60 -14.28 -63.67 24.15
CA THR B 60 -14.15 -62.54 23.27
C THR B 60 -15.51 -62.16 22.68
N SER B 61 -16.59 -62.56 23.36
CA SER B 61 -17.93 -62.28 22.86
C SER B 61 -18.71 -61.13 23.51
N THR B 62 -19.68 -60.65 22.75
CA THR B 62 -20.57 -59.54 23.13
C THR B 62 -21.57 -59.44 21.97
N GLU B 63 -22.75 -60.05 22.14
CA GLU B 63 -23.77 -60.01 21.09
C GLU B 63 -25.11 -59.49 21.62
N LYS B 64 -25.16 -59.06 22.88
CA LYS B 64 -26.41 -58.57 23.43
C LYS B 64 -26.31 -57.36 24.36
N LEU B 65 -25.21 -57.28 25.10
CA LEU B 65 -24.98 -56.18 26.02
C LEU B 65 -23.86 -55.27 25.54
N TYR B 66 -24.18 -53.99 25.38
CA TYR B 66 -23.21 -53.00 24.91
C TYR B 66 -23.19 -51.76 25.80
N LYS B 67 -21.99 -51.26 26.01
CA LYS B 67 -21.75 -50.07 26.82
C LYS B 67 -21.89 -48.83 25.92
N LEU B 68 -22.84 -47.96 26.24
CA LEU B 68 -23.05 -46.76 25.43
C LEU B 68 -22.25 -45.58 25.94
N ASN B 69 -22.32 -45.40 27.24
CA ASN B 69 -21.71 -44.28 27.97
C ASN B 69 -20.95 -44.93 29.11
N ASP B 70 -20.68 -44.17 30.16
CA ASP B 70 -20.00 -44.72 31.31
C ASP B 70 -21.10 -44.98 32.31
N LYS B 71 -22.25 -44.36 32.06
CA LYS B 71 -23.41 -44.47 32.92
C LYS B 71 -24.61 -45.13 32.25
N ILE B 72 -24.46 -45.49 30.98
CA ILE B 72 -25.54 -46.12 30.22
C ILE B 72 -25.07 -47.34 29.41
N ALA B 73 -25.93 -48.35 29.35
CA ALA B 73 -25.65 -49.57 28.60
C ALA B 73 -26.97 -50.06 28.04
N VAL B 74 -26.94 -50.91 27.03
CA VAL B 74 -28.16 -51.42 26.44
C VAL B 74 -28.15 -52.91 26.26
N ALA B 75 -29.35 -53.48 26.21
CA ALA B 75 -29.57 -54.90 25.98
C ALA B 75 -30.23 -54.98 24.60
N VAL B 76 -29.68 -55.80 23.71
CA VAL B 76 -30.19 -55.93 22.34
C VAL B 76 -31.03 -57.17 22.04
N ALA B 77 -32.10 -56.98 21.28
CA ALA B 77 -32.96 -58.07 20.89
C ALA B 77 -33.25 -57.90 19.41
N GLY B 78 -32.67 -58.75 18.58
CA GLY B 78 -32.89 -58.68 17.14
C GLY B 78 -31.63 -58.76 16.30
N LEU B 79 -31.62 -58.07 15.17
CA LEU B 79 -30.48 -58.04 14.25
C LEU B 79 -29.28 -57.36 14.89
N THR B 80 -28.29 -58.15 15.30
CA THR B 80 -27.10 -57.59 15.93
C THR B 80 -26.50 -56.49 15.07
N ALA B 81 -26.35 -56.79 13.77
CA ALA B 81 -25.78 -55.83 12.83
C ALA B 81 -26.55 -54.50 12.81
N ASP B 82 -27.88 -54.55 12.79
CA ASP B 82 -28.69 -53.33 12.81
C ASP B 82 -28.39 -52.59 14.10
N ALA B 83 -28.39 -53.33 15.20
CA ALA B 83 -28.13 -52.80 16.52
C ALA B 83 -26.83 -52.01 16.57
N GLU B 84 -25.74 -52.57 16.05
CA GLU B 84 -24.47 -51.86 16.07
C GLU B 84 -24.56 -50.51 15.38
N ILE B 85 -25.21 -50.46 14.22
CA ILE B 85 -25.37 -49.20 13.49
C ILE B 85 -25.96 -48.14 14.42
N LEU B 86 -27.02 -48.52 15.12
CA LEU B 86 -27.70 -47.63 16.06
C LEU B 86 -26.81 -47.31 17.26
N ILE B 87 -26.23 -48.35 17.84
CA ILE B 87 -25.37 -48.19 19.00
C ILE B 87 -24.27 -47.16 18.74
N ASN B 88 -23.61 -47.27 17.60
CA ASN B 88 -22.54 -46.35 17.30
C ASN B 88 -23.03 -44.89 17.22
N THR B 89 -24.18 -44.65 16.61
CA THR B 89 -24.65 -43.28 16.53
C THR B 89 -25.07 -42.80 17.92
N ALA B 90 -25.53 -43.72 18.76
CA ALA B 90 -25.93 -43.37 20.12
C ALA B 90 -24.68 -42.99 20.91
N ARG B 91 -23.57 -43.70 20.68
CA ARG B 91 -22.31 -43.41 21.36
C ARG B 91 -21.81 -42.03 20.93
N ILE B 92 -22.06 -41.66 19.68
CA ILE B 92 -21.65 -40.34 19.20
C ILE B 92 -22.53 -39.26 19.85
N HIS B 93 -23.85 -39.47 19.86
CA HIS B 93 -24.74 -38.48 20.45
C HIS B 93 -24.33 -38.17 21.90
N ALA B 94 -23.88 -39.20 22.62
CA ALA B 94 -23.46 -39.06 24.01
C ALA B 94 -22.29 -38.12 24.16
N GLN B 95 -21.31 -38.27 23.28
CA GLN B 95 -20.13 -37.43 23.31
C GLN B 95 -20.40 -36.01 22.85
N ASN B 96 -21.23 -35.84 21.82
CA ASN B 96 -21.53 -34.49 21.38
C ASN B 96 -22.17 -33.72 22.50
N TYR B 97 -23.02 -34.40 23.27
CA TYR B 97 -23.69 -33.77 24.40
C TYR B 97 -22.64 -33.34 25.42
N LEU B 98 -21.75 -34.27 25.76
CA LEU B 98 -20.69 -33.99 26.72
C LEU B 98 -19.79 -32.83 26.28
N LYS B 99 -19.46 -32.78 24.99
CA LYS B 99 -18.60 -31.73 24.46
C LYS B 99 -19.34 -30.39 24.46
N THR B 100 -20.65 -30.45 24.32
CA THR B 100 -21.42 -29.22 24.27
C THR B 100 -21.71 -28.65 25.66
N TYR B 101 -22.12 -29.53 26.57
CA TYR B 101 -22.50 -29.10 27.92
C TYR B 101 -21.56 -29.45 29.04
N ASN B 102 -20.50 -30.18 28.74
CA ASN B 102 -19.54 -30.59 29.77
C ASN B 102 -20.25 -31.30 30.90
N GLU B 103 -21.23 -32.11 30.54
CA GLU B 103 -22.00 -32.91 31.49
C GLU B 103 -22.40 -34.17 30.75
N ASP B 104 -22.57 -35.29 31.45
CA ASP B 104 -22.98 -36.52 30.79
C ASP B 104 -24.43 -36.41 30.33
N ILE B 105 -24.73 -37.03 29.20
CA ILE B 105 -26.06 -37.01 28.61
C ILE B 105 -27.12 -37.71 29.45
N PRO B 106 -28.13 -36.95 29.91
CA PRO B 106 -29.21 -37.52 30.73
C PRO B 106 -29.81 -38.71 29.97
N VAL B 107 -30.02 -39.82 30.68
CA VAL B 107 -30.54 -41.04 30.06
C VAL B 107 -31.67 -40.90 29.04
N GLU B 108 -32.74 -40.19 29.38
CA GLU B 108 -33.85 -40.04 28.45
C GLU B 108 -33.51 -39.30 27.14
N ILE B 109 -32.67 -38.29 27.21
CA ILE B 109 -32.31 -37.55 26.01
C ILE B 109 -31.59 -38.48 25.02
N LEU B 110 -30.77 -39.40 25.53
CA LEU B 110 -30.06 -40.33 24.66
C LEU B 110 -31.03 -41.33 24.08
N VAL B 111 -31.99 -41.78 24.88
CA VAL B 111 -33.00 -42.73 24.44
C VAL B 111 -33.97 -42.10 23.42
N ARG B 112 -34.42 -40.90 23.69
CA ARG B 112 -35.35 -40.24 22.77
C ARG B 112 -34.73 -40.06 21.40
N ARG B 113 -33.47 -39.65 21.38
CA ARG B 113 -32.75 -39.43 20.14
C ARG B 113 -32.72 -40.70 19.30
N LEU B 114 -32.26 -41.80 19.91
CA LEU B 114 -32.19 -43.07 19.19
C LEU B 114 -33.57 -43.50 18.69
N SER B 115 -34.59 -43.26 19.50
CA SER B 115 -35.97 -43.58 19.14
C SER B 115 -36.46 -42.73 17.96
N ASP B 116 -36.01 -41.48 17.93
CA ASP B 116 -36.38 -40.57 16.85
C ASP B 116 -35.75 -41.06 15.54
N ILE B 117 -34.56 -41.63 15.63
CA ILE B 117 -33.92 -42.12 14.43
C ILE B 117 -34.71 -43.29 13.89
N LYS B 118 -35.15 -44.19 14.78
CA LYS B 118 -35.95 -45.33 14.35
C LYS B 118 -37.27 -44.86 13.74
N GLN B 119 -37.92 -43.91 14.42
CA GLN B 119 -39.18 -43.35 13.95
C GLN B 119 -39.03 -42.83 12.52
N GLY B 120 -37.90 -42.21 12.23
CA GLY B 120 -37.65 -41.70 10.89
C GLY B 120 -37.81 -42.75 9.81
N TYR B 121 -37.19 -43.92 9.98
CA TYR B 121 -37.28 -45.00 9.01
C TYR B 121 -38.70 -45.54 8.87
N THR B 122 -39.60 -44.95 9.64
CA THR B 122 -41.00 -45.34 9.66
C THR B 122 -41.90 -44.42 8.85
N GLN B 123 -41.43 -43.20 8.61
CA GLN B 123 -42.23 -42.21 7.91
C GLN B 123 -41.69 -41.73 6.57
N HIS B 124 -40.41 -41.97 6.31
CA HIS B 124 -39.83 -41.53 5.04
C HIS B 124 -38.57 -42.29 4.65
N GLY B 125 -38.18 -42.17 3.39
CA GLY B 125 -36.97 -42.85 2.96
C GLY B 125 -37.14 -44.18 2.22
N GLY B 126 -38.28 -44.84 2.40
CA GLY B 126 -38.50 -46.10 1.72
C GLY B 126 -37.51 -47.21 2.05
N LEU B 127 -36.86 -47.11 3.21
CA LEU B 127 -35.91 -48.12 3.66
C LEU B 127 -36.60 -48.97 4.73
N ARG B 128 -36.14 -50.21 4.90
CA ARG B 128 -36.73 -51.08 5.91
C ARG B 128 -36.33 -50.56 7.31
N PRO B 129 -37.18 -50.80 8.33
CA PRO B 129 -36.88 -50.35 9.69
C PRO B 129 -35.75 -51.19 10.27
N PHE B 130 -35.25 -50.82 11.45
CA PHE B 130 -34.20 -51.61 12.08
C PHE B 130 -34.85 -52.73 12.87
N GLY B 131 -34.44 -53.96 12.62
CA GLY B 131 -35.03 -55.07 13.35
C GLY B 131 -34.41 -55.15 14.72
N VAL B 132 -34.61 -54.12 15.52
CA VAL B 132 -34.01 -54.06 16.85
C VAL B 132 -34.88 -53.49 17.96
N SER B 133 -34.76 -54.08 19.14
CA SER B 133 -35.47 -53.60 20.31
C SER B 133 -34.40 -53.50 21.40
N PHE B 134 -34.36 -52.34 22.05
CA PHE B 134 -33.37 -52.08 23.10
C PHE B 134 -33.96 -51.95 24.50
N ILE B 135 -33.16 -52.34 25.48
CA ILE B 135 -33.52 -52.17 26.88
C ILE B 135 -32.37 -51.28 27.31
N TYR B 136 -32.66 -50.07 27.76
CA TYR B 136 -31.60 -49.15 28.19
C TYR B 136 -31.52 -49.15 29.71
N ALA B 137 -30.30 -49.28 30.22
CA ALA B 137 -30.05 -49.26 31.66
C ALA B 137 -29.01 -48.18 31.92
N GLY B 138 -29.40 -47.14 32.63
CA GLY B 138 -28.46 -46.07 32.91
C GLY B 138 -28.79 -45.25 34.13
N TYR B 139 -27.88 -44.34 34.45
CA TYR B 139 -28.04 -43.47 35.60
C TYR B 139 -27.60 -42.03 35.34
N ASP B 140 -28.39 -41.09 35.86
CA ASP B 140 -28.05 -39.69 35.74
C ASP B 140 -28.50 -39.05 37.06
N ASP B 141 -27.99 -37.85 37.36
CA ASP B 141 -28.33 -37.20 38.61
C ASP B 141 -29.67 -36.48 38.68
N ARG B 142 -30.60 -36.82 37.79
CA ARG B 142 -31.90 -36.19 37.82
C ARG B 142 -32.98 -37.19 38.17
N TYR B 143 -32.83 -38.41 37.65
CA TYR B 143 -33.79 -39.46 37.90
C TYR B 143 -33.11 -40.70 38.48
N GLY B 144 -31.81 -40.60 38.68
CA GLY B 144 -31.08 -41.72 39.23
C GLY B 144 -31.11 -42.91 38.29
N TYR B 145 -31.38 -44.09 38.83
CA TYR B 145 -31.43 -45.30 38.02
C TYR B 145 -32.68 -45.33 37.18
N GLN B 146 -32.48 -45.51 35.87
CA GLN B 146 -33.59 -45.56 34.94
C GLN B 146 -33.49 -46.77 34.04
N LEU B 147 -34.64 -47.18 33.51
CA LEU B 147 -34.74 -48.33 32.62
C LEU B 147 -35.73 -47.96 31.51
N TYR B 148 -35.30 -48.08 30.26
CA TYR B 148 -36.16 -47.74 29.13
C TYR B 148 -36.19 -48.87 28.10
N THR B 149 -37.11 -48.73 27.15
CA THR B 149 -37.28 -49.72 26.11
C THR B 149 -37.67 -49.01 24.82
N SER B 150 -37.12 -49.48 23.70
CA SER B 150 -37.45 -48.91 22.39
C SER B 150 -37.50 -50.02 21.35
N ASN B 151 -38.50 -49.96 20.46
CA ASN B 151 -38.67 -50.97 19.42
C ASN B 151 -38.63 -50.33 18.03
N PRO B 152 -38.73 -51.14 16.96
CA PRO B 152 -38.70 -50.66 15.58
C PRO B 152 -39.63 -49.50 15.24
N SER B 153 -40.73 -49.36 15.96
CA SER B 153 -41.68 -48.28 15.70
C SER B 153 -41.16 -46.90 16.06
N GLY B 154 -40.18 -46.84 16.95
CA GLY B 154 -39.63 -45.56 17.36
C GLY B 154 -40.24 -45.14 18.69
N ASN B 155 -41.13 -45.98 19.21
CA ASN B 155 -41.77 -45.71 20.49
C ASN B 155 -40.88 -46.18 21.63
N TYR B 156 -40.91 -45.47 22.75
CA TYR B 156 -40.09 -45.85 23.91
C TYR B 156 -40.87 -45.61 25.21
N THR B 157 -40.54 -46.40 26.23
CA THR B 157 -41.20 -46.27 27.54
C THR B 157 -40.28 -46.64 28.71
N GLY B 158 -40.65 -46.18 29.90
CA GLY B 158 -39.87 -46.47 31.09
C GLY B 158 -40.48 -47.60 31.91
N TRP B 159 -39.63 -48.38 32.58
CA TRP B 159 -40.10 -49.52 33.36
C TRP B 159 -39.34 -49.70 34.66
N LYS B 160 -39.87 -50.57 35.52
CA LYS B 160 -39.24 -50.91 36.79
C LYS B 160 -38.55 -52.25 36.53
N ALA B 161 -39.18 -53.03 35.65
CA ALA B 161 -38.67 -54.31 35.22
C ALA B 161 -39.28 -54.57 33.85
N ILE B 162 -38.51 -55.11 32.93
CA ILE B 162 -39.05 -55.36 31.60
C ILE B 162 -38.22 -56.34 30.78
N SER B 163 -38.84 -56.91 29.75
CA SER B 163 -38.17 -57.86 28.88
C SER B 163 -38.47 -57.64 27.39
N VAL B 164 -37.54 -58.07 26.55
CA VAL B 164 -37.70 -57.94 25.10
C VAL B 164 -37.21 -59.23 24.49
N GLY B 165 -37.68 -59.50 23.29
CA GLY B 165 -37.28 -60.72 22.61
C GLY B 165 -38.36 -61.78 22.71
N ALA B 166 -37.91 -63.02 22.83
CA ALA B 166 -38.81 -64.15 22.92
C ALA B 166 -39.46 -64.30 24.29
N ASN B 167 -40.60 -64.97 24.32
CA ASN B 167 -41.35 -65.24 25.55
C ASN B 167 -41.53 -64.05 26.49
N THR B 168 -41.67 -62.84 25.96
CA THR B 168 -41.83 -61.68 26.83
C THR B 168 -43.15 -61.71 27.60
N SER B 169 -44.17 -62.32 27.00
CA SER B 169 -45.47 -62.41 27.65
C SER B 169 -45.33 -63.23 28.93
N ALA B 170 -44.64 -64.35 28.81
CA ALA B 170 -44.42 -65.20 29.96
C ALA B 170 -43.54 -64.44 30.96
N ALA B 171 -42.43 -63.92 30.46
CA ALA B 171 -41.46 -63.18 31.27
C ALA B 171 -42.05 -62.00 32.03
N GLN B 172 -42.82 -61.17 31.33
CA GLN B 172 -43.43 -60.00 31.97
C GLN B 172 -44.31 -60.43 33.15
N THR B 173 -45.04 -61.53 32.97
CA THR B 173 -45.91 -62.05 34.01
C THR B 173 -45.12 -62.46 35.27
N LEU B 174 -44.04 -63.21 35.08
CA LEU B 174 -43.21 -63.65 36.20
C LEU B 174 -42.64 -62.45 36.95
N LEU B 175 -42.09 -61.48 36.21
CA LEU B 175 -41.50 -60.29 36.82
C LEU B 175 -42.53 -59.52 37.61
N GLN B 176 -43.70 -59.33 36.99
CA GLN B 176 -44.81 -58.60 37.58
C GLN B 176 -45.32 -59.30 38.84
N MET B 177 -44.89 -60.53 39.02
CA MET B 177 -45.31 -61.33 40.15
C MET B 177 -44.37 -61.23 41.35
N ASP B 178 -43.06 -61.32 41.12
CA ASP B 178 -42.10 -61.25 42.21
C ASP B 178 -41.35 -59.92 42.40
N TYR B 179 -41.65 -58.93 41.57
CA TYR B 179 -40.97 -57.65 41.72
C TYR B 179 -41.60 -56.85 42.86
N LYS B 180 -40.76 -56.10 43.56
CA LYS B 180 -41.21 -55.26 44.66
C LYS B 180 -40.35 -53.99 44.70
N ASP B 181 -41.02 -52.84 44.77
CA ASP B 181 -40.37 -51.52 44.78
C ASP B 181 -39.12 -51.36 45.65
N ASP B 182 -39.11 -52.00 46.81
CA ASP B 182 -37.98 -51.89 47.72
C ASP B 182 -36.80 -52.80 47.39
N MET B 183 -36.96 -53.65 46.39
CA MET B 183 -35.88 -54.57 46.00
C MET B 183 -34.51 -53.98 46.10
N LYS B 184 -33.52 -54.86 46.13
CA LYS B 184 -32.13 -54.47 46.21
C LYS B 184 -31.47 -55.12 45.00
N VAL B 185 -30.46 -54.49 44.44
CA VAL B 185 -29.75 -55.03 43.27
C VAL B 185 -29.59 -56.55 43.25
N ASP B 186 -29.07 -57.11 44.34
CA ASP B 186 -28.85 -58.55 44.39
C ASP B 186 -30.14 -59.35 44.29
N ASP B 187 -31.24 -58.80 44.80
CA ASP B 187 -32.53 -59.47 44.71
C ASP B 187 -32.91 -59.53 43.24
N ALA B 188 -32.68 -58.42 42.54
CA ALA B 188 -32.98 -58.32 41.11
C ALA B 188 -32.09 -59.25 40.30
N ILE B 189 -30.83 -59.33 40.68
CA ILE B 189 -29.90 -60.20 39.97
C ILE B 189 -30.43 -61.62 39.96
N GLU B 190 -31.16 -61.98 41.00
CA GLU B 190 -31.72 -63.32 41.11
C GLU B 190 -33.05 -63.42 40.37
N LEU B 191 -33.86 -62.39 40.47
CA LEU B 191 -35.15 -62.38 39.77
C LEU B 191 -34.85 -62.51 38.27
N ALA B 192 -33.85 -61.77 37.83
CA ALA B 192 -33.44 -61.77 36.43
C ALA B 192 -33.08 -63.17 35.98
N LEU B 193 -32.25 -63.86 36.77
CA LEU B 193 -31.84 -65.20 36.43
C LEU B 193 -32.95 -66.23 36.52
N LYS B 194 -33.78 -66.14 37.55
CA LYS B 194 -34.89 -67.09 37.71
C LYS B 194 -35.81 -66.99 36.51
N THR B 195 -36.22 -65.77 36.20
CA THR B 195 -37.12 -65.53 35.08
C THR B 195 -36.61 -66.11 33.77
N LEU B 196 -35.34 -65.86 33.43
CA LEU B 196 -34.79 -66.40 32.19
C LEU B 196 -34.86 -67.92 32.26
N SER B 197 -34.38 -68.46 33.39
CA SER B 197 -34.36 -69.90 33.64
C SER B 197 -35.69 -70.62 33.42
N LYS B 198 -36.81 -69.91 33.62
CA LYS B 198 -38.13 -70.51 33.44
C LYS B 198 -38.73 -70.34 32.05
N THR B 199 -38.23 -69.36 31.30
CA THR B 199 -38.75 -69.09 29.96
C THR B 199 -37.82 -69.61 28.84
N THR B 200 -36.58 -69.93 29.19
CA THR B 200 -35.62 -70.43 28.22
C THR B 200 -36.26 -71.53 27.39
N ASP B 201 -35.86 -71.65 26.14
CA ASP B 201 -36.39 -72.71 25.29
C ASP B 201 -35.35 -73.83 25.28
N SER B 202 -34.28 -73.65 26.05
CA SER B 202 -33.22 -74.63 26.13
C SER B 202 -33.41 -75.56 27.30
N SER B 203 -32.60 -76.62 27.33
CA SER B 203 -32.66 -77.61 28.39
C SER B 203 -32.36 -76.95 29.72
N ALA B 204 -31.11 -76.57 29.91
CA ALA B 204 -30.68 -75.92 31.12
C ALA B 204 -30.21 -74.52 30.78
N LEU B 205 -30.06 -73.70 31.81
CA LEU B 205 -29.59 -72.34 31.63
C LEU B 205 -28.16 -72.31 32.13
N THR B 206 -27.22 -72.58 31.24
CA THR B 206 -25.81 -72.58 31.59
C THR B 206 -25.20 -71.17 31.43
N TYR B 207 -24.02 -70.97 32.00
CA TYR B 207 -23.37 -69.67 31.92
C TYR B 207 -23.00 -69.27 30.49
N ASP B 208 -22.51 -70.22 29.71
CA ASP B 208 -22.08 -69.98 28.34
C ASP B 208 -23.14 -69.44 27.39
N ARG B 209 -24.39 -69.40 27.87
CA ARG B 209 -25.50 -68.90 27.06
C ARG B 209 -26.08 -67.60 27.64
N LEU B 210 -25.29 -66.90 28.46
CA LEU B 210 -25.75 -65.68 29.09
C LEU B 210 -24.76 -64.51 29.06
N GLU B 211 -25.32 -63.33 29.26
CA GLU B 211 -24.55 -62.10 29.32
C GLU B 211 -25.17 -61.39 30.51
N PHE B 212 -24.33 -60.89 31.39
CA PHE B 212 -24.84 -60.22 32.57
C PHE B 212 -24.14 -58.90 32.83
N ALA B 213 -24.90 -57.96 33.37
CA ALA B 213 -24.38 -56.64 33.67
C ALA B 213 -25.19 -55.93 34.74
N THR B 214 -24.51 -55.07 35.49
CA THR B 214 -25.13 -54.29 36.55
C THR B 214 -24.59 -52.88 36.55
N ILE B 215 -25.42 -51.92 36.94
CA ILE B 215 -24.99 -50.56 37.02
C ILE B 215 -25.26 -50.18 38.46
N ARG B 216 -24.23 -50.32 39.30
CA ARG B 216 -24.36 -49.99 40.71
C ARG B 216 -23.62 -48.73 41.08
N LYS B 217 -23.93 -48.21 42.26
CA LYS B 217 -23.27 -47.01 42.74
C LYS B 217 -22.44 -47.43 43.94
N GLY B 218 -21.47 -48.33 43.71
CA GLY B 218 -20.61 -48.80 44.78
C GLY B 218 -20.47 -47.76 45.88
N ALA B 219 -21.22 -47.96 46.98
CA ALA B 219 -21.22 -47.05 48.13
C ALA B 219 -19.82 -46.57 48.50
N ASN B 220 -18.86 -47.49 48.51
CA ASN B 220 -17.48 -47.18 48.83
C ASN B 220 -16.86 -46.43 47.65
N ASP B 221 -17.35 -45.21 47.42
CA ASP B 221 -16.89 -44.36 46.34
C ASP B 221 -17.76 -43.10 46.27
N GLY B 222 -18.96 -43.23 45.71
CA GLY B 222 -19.87 -42.10 45.58
C GLY B 222 -20.23 -41.88 44.12
N GLU B 223 -19.64 -42.69 43.25
CA GLU B 223 -19.86 -42.62 41.80
C GLU B 223 -20.65 -43.86 41.32
N VAL B 224 -20.86 -43.94 40.02
CA VAL B 224 -21.60 -45.04 39.39
C VAL B 224 -20.66 -45.99 38.65
N TYR B 225 -20.92 -47.29 38.77
CA TYR B 225 -20.09 -48.31 38.13
C TYR B 225 -20.87 -49.28 37.24
N GLN B 226 -20.32 -49.58 36.07
CA GLN B 226 -20.94 -50.53 35.14
C GLN B 226 -20.11 -51.79 35.12
N LYS B 227 -20.70 -52.89 35.53
CA LYS B 227 -19.98 -54.15 35.54
C LYS B 227 -20.57 -55.11 34.53
N ILE B 228 -19.75 -55.53 33.56
CA ILE B 228 -20.19 -56.49 32.57
C ILE B 228 -19.56 -57.81 32.96
N PHE B 229 -20.34 -58.69 33.59
CA PHE B 229 -19.85 -59.97 34.06
C PHE B 229 -19.11 -60.79 33.01
N LYS B 230 -18.01 -61.39 33.46
CA LYS B 230 -17.15 -62.22 32.61
C LYS B 230 -17.69 -63.66 32.77
N PRO B 231 -17.46 -64.52 31.78
CA PRO B 231 -17.96 -65.90 31.86
C PRO B 231 -17.86 -66.52 33.27
N GLN B 232 -16.68 -66.46 33.87
CA GLN B 232 -16.46 -67.02 35.18
C GLN B 232 -17.37 -66.41 36.25
N GLU B 233 -17.60 -65.09 36.17
CA GLU B 233 -18.43 -64.40 37.13
C GLU B 233 -19.89 -64.82 36.99
N ILE B 234 -20.29 -65.15 35.77
CA ILE B 234 -21.65 -65.60 35.51
C ILE B 234 -21.83 -67.01 36.02
N LYS B 235 -20.81 -67.84 35.80
CA LYS B 235 -20.83 -69.23 36.24
C LYS B 235 -21.00 -69.30 37.76
N ASP B 236 -20.34 -68.39 38.45
CA ASP B 236 -20.40 -68.29 39.92
C ASP B 236 -21.81 -67.95 40.36
N ILE B 237 -22.23 -66.72 40.06
CA ILE B 237 -23.54 -66.18 40.41
C ILE B 237 -24.69 -67.12 39.98
N LEU B 238 -24.44 -67.94 38.97
CA LEU B 238 -25.45 -68.86 38.48
C LEU B 238 -25.57 -70.03 39.45
N VAL B 239 -24.49 -70.26 40.21
CA VAL B 239 -24.44 -71.33 41.20
C VAL B 239 -24.98 -70.82 42.55
N LYS B 240 -24.65 -69.57 42.87
CA LYS B 240 -25.07 -68.95 44.12
C LYS B 240 -26.59 -68.88 44.17
N THR B 241 -27.20 -68.44 43.07
CA THR B 241 -28.65 -68.32 43.02
C THR B 241 -29.35 -69.68 43.03
N GLY B 242 -28.57 -70.74 43.09
CA GLY B 242 -29.15 -72.07 43.13
C GLY B 242 -29.70 -72.58 41.82
N ILE B 243 -28.87 -72.49 40.77
CA ILE B 243 -29.24 -72.98 39.45
C ILE B 243 -28.06 -73.85 39.01
N THR B 244 -27.01 -73.83 39.83
CA THR B 244 -25.76 -74.56 39.60
C THR B 244 -25.37 -74.52 38.13
N GLY C 1 -33.39 -39.48 -1.96
CA GLY C 1 -33.90 -39.51 -3.35
C GLY C 1 -35.20 -40.28 -3.51
N TYR C 2 -35.77 -40.76 -2.39
CA TYR C 2 -37.03 -41.52 -2.44
C TYR C 2 -38.24 -40.59 -2.41
N ASP C 3 -38.90 -40.43 -3.56
CA ASP C 3 -40.08 -39.54 -3.64
C ASP C 3 -41.38 -40.18 -4.11
N ARG C 4 -41.53 -41.49 -3.93
CA ARG C 4 -42.75 -42.18 -4.35
C ARG C 4 -43.99 -41.51 -3.76
N ALA C 5 -45.00 -41.29 -4.60
CA ALA C 5 -46.23 -40.67 -4.13
C ALA C 5 -47.01 -41.74 -3.38
N LEU C 6 -46.98 -41.65 -2.05
CA LEU C 6 -47.68 -42.62 -1.22
C LEU C 6 -49.10 -42.20 -0.91
N SER C 7 -49.33 -40.89 -0.81
CA SER C 7 -50.66 -40.36 -0.55
C SER C 7 -51.20 -39.86 -1.87
N ILE C 8 -52.11 -40.64 -2.47
CA ILE C 8 -52.72 -40.28 -3.74
C ILE C 8 -54.23 -40.50 -3.72
N PHE C 9 -54.89 -40.03 -4.77
CA PHE C 9 -56.34 -40.19 -4.87
C PHE C 9 -56.74 -41.53 -5.46
N SER C 10 -57.81 -42.09 -4.93
CA SER C 10 -58.36 -43.35 -5.41
C SER C 10 -59.60 -42.95 -6.22
N PRO C 11 -60.11 -43.87 -7.04
CA PRO C 11 -61.28 -43.59 -7.88
C PRO C 11 -62.45 -42.85 -7.22
N ASP C 12 -62.72 -43.12 -5.95
CA ASP C 12 -63.83 -42.47 -5.25
C ASP C 12 -63.50 -41.09 -4.66
N GLY C 13 -62.27 -40.62 -4.88
CA GLY C 13 -61.89 -39.32 -4.38
C GLY C 13 -61.32 -39.32 -2.97
N HIS C 14 -60.90 -40.49 -2.49
CA HIS C 14 -60.32 -40.59 -1.16
C HIS C 14 -58.81 -40.76 -1.25
N ILE C 15 -58.10 -40.37 -0.20
CA ILE C 15 -56.65 -40.54 -0.17
C ILE C 15 -56.49 -41.57 0.94
N PHE C 16 -56.48 -42.83 0.56
CA PHE C 16 -56.41 -43.92 1.51
C PHE C 16 -55.34 -43.87 2.61
N GLN C 17 -54.16 -43.35 2.31
CA GLN C 17 -53.13 -43.30 3.35
C GLN C 17 -53.46 -42.34 4.48
N VAL C 18 -54.26 -41.32 4.20
CA VAL C 18 -54.68 -40.34 5.20
C VAL C 18 -55.75 -41.00 6.03
N GLU C 19 -56.61 -41.74 5.35
CA GLU C 19 -57.70 -42.46 5.98
C GLU C 19 -57.19 -43.55 6.91
N TYR C 20 -56.17 -44.26 6.46
CA TYR C 20 -55.56 -45.31 7.28
C TYR C 20 -54.82 -44.67 8.44
N ALA C 21 -54.41 -43.42 8.26
CA ALA C 21 -53.71 -42.72 9.32
C ALA C 21 -54.72 -42.46 10.43
N LEU C 22 -55.97 -42.22 10.03
CA LEU C 22 -57.03 -41.97 10.99
C LEU C 22 -57.35 -43.23 11.79
N GLU C 23 -57.20 -44.40 11.17
CA GLU C 23 -57.45 -45.66 11.84
C GLU C 23 -56.41 -45.85 12.95
N ALA C 24 -55.21 -45.30 12.72
CA ALA C 24 -54.15 -45.40 13.70
C ALA C 24 -54.55 -44.57 14.92
N VAL C 25 -55.31 -43.51 14.69
CA VAL C 25 -55.74 -42.65 15.79
C VAL C 25 -56.83 -43.37 16.58
N LYS C 26 -57.77 -44.00 15.87
CA LYS C 26 -58.86 -44.73 16.50
C LYS C 26 -58.28 -45.73 17.50
N ARG C 27 -57.13 -46.28 17.15
CA ARG C 27 -56.48 -47.28 17.99
C ARG C 27 -55.68 -46.66 19.15
N GLY C 28 -55.45 -45.35 19.08
CA GLY C 28 -54.70 -44.70 20.16
C GLY C 28 -55.54 -44.57 21.40
N THR C 29 -54.90 -44.33 22.54
CA THR C 29 -55.64 -44.18 23.80
C THR C 29 -56.53 -42.96 23.68
N CYS C 30 -57.59 -42.93 24.47
CA CYS C 30 -58.52 -41.81 24.44
C CYS C 30 -57.94 -40.55 25.06
N ALA C 31 -58.39 -39.40 24.56
CA ALA C 31 -57.95 -38.12 25.04
C ALA C 31 -59.13 -37.16 24.91
N VAL C 32 -59.35 -36.37 25.95
CA VAL C 32 -60.46 -35.43 25.93
C VAL C 32 -60.00 -34.06 26.39
N GLY C 33 -60.79 -33.05 26.06
CA GLY C 33 -60.48 -31.71 26.45
C GLY C 33 -61.76 -30.92 26.60
N VAL C 34 -61.90 -30.19 27.69
CA VAL C 34 -63.10 -29.39 27.92
C VAL C 34 -62.66 -28.05 28.45
N LYS C 35 -63.23 -26.98 27.90
CA LYS C 35 -62.86 -25.66 28.36
C LYS C 35 -63.92 -25.11 29.28
N GLY C 36 -63.46 -24.61 30.42
CA GLY C 36 -64.35 -24.01 31.40
C GLY C 36 -64.57 -22.56 31.05
N LYS C 37 -64.78 -21.73 32.07
CA LYS C 37 -65.01 -20.31 31.82
C LYS C 37 -63.71 -19.57 32.07
N ASN C 38 -62.79 -20.23 32.75
CA ASN C 38 -61.52 -19.61 33.09
C ASN C 38 -60.41 -20.67 33.10
N CYS C 39 -60.62 -21.75 32.35
CA CYS C 39 -59.62 -22.81 32.29
C CYS C 39 -59.95 -23.80 31.20
N VAL C 40 -59.03 -24.72 30.98
CA VAL C 40 -59.20 -25.78 29.99
C VAL C 40 -58.54 -26.98 30.67
N VAL C 41 -59.12 -28.16 30.49
CA VAL C 41 -58.57 -29.36 31.10
C VAL C 41 -58.39 -30.45 30.04
N LEU C 42 -57.27 -31.16 30.12
CA LEU C 42 -57.00 -32.24 29.19
C LEU C 42 -56.86 -33.55 29.94
N GLY C 43 -57.65 -34.54 29.57
CA GLY C 43 -57.60 -35.83 30.21
C GLY C 43 -57.17 -36.86 29.20
N CYS C 44 -56.45 -37.88 29.65
CA CYS C 44 -55.95 -38.93 28.77
C CYS C 44 -55.96 -40.27 29.49
N GLU C 45 -56.46 -41.31 28.83
CA GLU C 45 -56.50 -42.62 29.46
C GLU C 45 -55.15 -43.33 29.26
N ARG C 46 -54.80 -44.17 30.22
CA ARG C 46 -53.54 -44.93 30.16
C ARG C 46 -53.82 -46.41 29.93
N ARG C 47 -53.23 -46.96 28.88
CA ARG C 47 -53.40 -48.37 28.55
C ARG C 47 -53.05 -49.23 29.78
N SER C 48 -53.32 -50.53 29.69
CA SER C 48 -52.99 -51.45 30.79
C SER C 48 -52.51 -52.80 30.26
N THR C 49 -52.42 -52.91 28.93
CA THR C 49 -51.95 -54.14 28.26
C THR C 49 -50.70 -54.67 28.98
N LEU C 50 -49.87 -53.74 29.45
CA LEU C 50 -48.64 -54.04 30.20
C LEU C 50 -48.51 -53.03 31.35
N LYS C 51 -48.45 -53.54 32.57
CA LYS C 51 -48.31 -52.68 33.73
C LYS C 51 -47.12 -53.22 34.53
N LEU C 52 -46.28 -52.30 34.98
CA LEU C 52 -45.07 -52.60 35.76
C LEU C 52 -44.10 -51.51 35.38
N GLN C 53 -44.65 -50.47 34.77
CA GLN C 53 -43.91 -49.32 34.31
C GLN C 53 -43.33 -48.46 35.38
N ASP C 54 -42.60 -47.44 34.93
CA ASP C 54 -41.98 -46.45 35.79
C ASP C 54 -42.60 -45.17 35.28
N THR C 55 -43.60 -44.68 36.02
CA THR C 55 -44.31 -43.47 35.64
C THR C 55 -43.52 -42.17 35.76
N ARG C 56 -42.44 -42.18 36.54
CA ARG C 56 -41.59 -40.99 36.73
C ARG C 56 -41.03 -40.49 35.41
N ILE C 57 -40.44 -41.42 34.67
CA ILE C 57 -39.79 -41.13 33.40
C ILE C 57 -40.60 -41.43 32.12
N THR C 58 -41.48 -42.42 32.14
CA THR C 58 -42.25 -42.73 30.93
C THR C 58 -42.91 -41.44 30.42
N PRO C 59 -42.69 -41.12 29.13
CA PRO C 59 -43.28 -39.91 28.54
C PRO C 59 -44.80 -39.83 28.76
N SER C 60 -45.24 -38.71 29.34
CA SER C 60 -46.66 -38.48 29.61
C SER C 60 -47.43 -38.10 28.35
N LYS C 61 -48.75 -38.21 28.41
CA LYS C 61 -49.60 -37.92 27.25
C LYS C 61 -49.76 -36.44 26.90
N VAL C 62 -49.67 -35.55 27.88
CA VAL C 62 -49.78 -34.11 27.65
C VAL C 62 -48.39 -33.50 27.59
N SER C 63 -48.19 -32.56 26.69
CA SER C 63 -46.89 -31.89 26.55
C SER C 63 -47.04 -30.38 26.45
N LYS C 64 -46.05 -29.67 27.00
CA LYS C 64 -46.05 -28.22 26.94
C LYS C 64 -45.29 -27.81 25.69
N ILE C 65 -45.93 -27.03 24.82
CA ILE C 65 -45.28 -26.55 23.61
C ILE C 65 -44.52 -25.31 24.09
N ASP C 66 -45.19 -24.53 24.92
CA ASP C 66 -44.62 -23.34 25.54
C ASP C 66 -45.26 -23.24 26.93
N SER C 67 -44.83 -22.29 27.74
CA SER C 67 -45.34 -22.13 29.10
C SER C 67 -46.85 -21.86 29.23
N HIS C 68 -47.48 -21.42 28.15
CA HIS C 68 -48.91 -21.12 28.20
C HIS C 68 -49.77 -22.05 27.35
N VAL C 69 -49.14 -22.94 26.57
CA VAL C 69 -49.88 -23.86 25.70
C VAL C 69 -49.45 -25.31 25.89
N VAL C 70 -50.43 -26.22 25.84
CA VAL C 70 -50.14 -27.64 25.97
C VAL C 70 -50.78 -28.39 24.82
N LEU C 71 -50.31 -29.61 24.59
CA LEU C 71 -50.84 -30.42 23.51
C LEU C 71 -50.94 -31.90 23.92
N SER C 72 -52.08 -32.52 23.63
CA SER C 72 -52.30 -33.93 23.90
C SER C 72 -52.59 -34.58 22.55
N PHE C 73 -52.55 -35.91 22.49
CA PHE C 73 -52.77 -36.59 21.22
C PHE C 73 -53.25 -38.04 21.35
N SER C 74 -53.66 -38.59 20.21
CA SER C 74 -54.09 -39.98 20.09
C SER C 74 -53.53 -40.50 18.78
N GLY C 75 -52.90 -41.65 18.83
CA GLY C 75 -52.31 -42.24 17.64
C GLY C 75 -50.94 -42.82 17.96
N LEU C 76 -50.08 -42.84 16.95
CA LEU C 76 -48.73 -43.37 17.09
C LEU C 76 -47.89 -42.41 17.94
N ASN C 77 -47.35 -42.92 19.03
CA ASN C 77 -46.56 -42.09 19.91
C ASN C 77 -45.33 -41.51 19.24
N ALA C 78 -44.54 -42.37 18.61
CA ALA C 78 -43.33 -41.94 17.92
C ALA C 78 -43.62 -40.73 17.02
N ASP C 79 -44.71 -40.78 16.27
CA ASP C 79 -45.09 -39.68 15.38
C ASP C 79 -45.33 -38.39 16.16
N SER C 80 -46.05 -38.49 17.28
CA SER C 80 -46.36 -37.30 18.06
C SER C 80 -45.11 -36.54 18.49
N ARG C 81 -44.01 -37.25 18.71
CA ARG C 81 -42.78 -36.57 19.11
C ARG C 81 -42.32 -35.60 18.03
N ILE C 82 -42.26 -36.10 16.80
CA ILE C 82 -41.83 -35.28 15.68
C ILE C 82 -42.67 -34.00 15.63
N LEU C 83 -43.97 -34.14 15.85
CA LEU C 83 -44.84 -32.97 15.81
C LEU C 83 -44.59 -32.06 17.01
N ILE C 84 -44.47 -32.65 18.19
CA ILE C 84 -44.23 -31.85 19.39
C ILE C 84 -42.97 -30.99 19.22
N GLU C 85 -41.89 -31.60 18.74
CA GLU C 85 -40.63 -30.88 18.56
C GLU C 85 -40.79 -29.68 17.64
N LYS C 86 -41.36 -29.90 16.47
CA LYS C 86 -41.56 -28.83 15.53
C LYS C 86 -42.37 -27.71 16.16
N ALA C 87 -43.44 -28.09 16.86
CA ALA C 87 -44.31 -27.11 17.52
C ALA C 87 -43.54 -26.30 18.55
N ARG C 88 -42.68 -26.97 19.30
CA ARG C 88 -41.88 -26.33 20.32
C ARG C 88 -40.87 -25.37 19.71
N VAL C 89 -40.21 -25.82 18.65
CA VAL C 89 -39.23 -24.98 17.97
C VAL C 89 -39.93 -23.74 17.42
N GLU C 90 -41.05 -23.95 16.72
CA GLU C 90 -41.79 -22.83 16.18
C GLU C 90 -42.21 -21.86 17.29
N ALA C 91 -42.52 -22.40 18.47
CA ALA C 91 -42.93 -21.58 19.59
C ALA C 91 -41.86 -20.57 19.94
N GLN C 92 -40.62 -21.05 20.05
CA GLN C 92 -39.48 -20.19 20.39
C GLN C 92 -39.14 -19.22 19.25
N SER C 93 -39.21 -19.71 18.02
CA SER C 93 -38.91 -18.88 16.86
C SER C 93 -39.88 -17.70 16.77
N HIS C 94 -41.15 -17.97 17.04
CA HIS C 94 -42.19 -16.96 16.99
C HIS C 94 -41.93 -15.86 18.03
N ARG C 95 -41.45 -16.26 19.20
CA ARG C 95 -41.14 -15.33 20.28
C ARG C 95 -39.98 -14.46 19.85
N LEU C 96 -39.00 -15.10 19.23
CA LEU C 96 -37.80 -14.41 18.79
C LEU C 96 -38.01 -13.36 17.69
N THR C 97 -38.94 -13.61 16.78
CA THR C 97 -39.17 -12.66 15.70
C THR C 97 -40.37 -11.74 15.92
N LEU C 98 -41.40 -12.22 16.59
CA LEU C 98 -42.58 -11.38 16.84
C LEU C 98 -42.51 -10.68 18.18
N GLU C 99 -41.60 -11.14 19.03
CA GLU C 99 -41.44 -10.59 20.37
C GLU C 99 -42.74 -10.70 21.12
N ASP C 100 -43.33 -11.89 21.05
CA ASP C 100 -44.59 -12.20 21.71
C ASP C 100 -44.84 -13.69 21.51
N PRO C 101 -45.22 -14.40 22.58
CA PRO C 101 -45.48 -15.84 22.41
C PRO C 101 -46.67 -16.11 21.49
N VAL C 102 -46.71 -17.32 20.92
CA VAL C 102 -47.77 -17.70 20.00
C VAL C 102 -49.16 -17.79 20.62
N THR C 103 -50.18 -17.57 19.80
CA THR C 103 -51.56 -17.70 20.23
C THR C 103 -51.84 -19.18 20.00
N VAL C 104 -52.90 -19.72 20.60
CA VAL C 104 -53.23 -21.13 20.44
C VAL C 104 -53.66 -21.46 19.00
N GLU C 105 -54.38 -20.53 18.39
CA GLU C 105 -54.83 -20.71 17.01
C GLU C 105 -53.61 -20.79 16.11
N TYR C 106 -52.62 -19.93 16.35
CA TYR C 106 -51.42 -19.90 15.54
C TYR C 106 -50.66 -21.22 15.65
N LEU C 107 -50.39 -21.65 16.89
CA LEU C 107 -49.66 -22.89 17.10
C LEU C 107 -50.40 -24.06 16.45
N THR C 108 -51.73 -24.07 16.59
CA THR C 108 -52.55 -25.13 16.01
C THR C 108 -52.42 -25.13 14.48
N ARG C 109 -52.59 -23.94 13.90
CA ARG C 109 -52.49 -23.77 12.47
C ARG C 109 -51.14 -24.23 11.93
N TYR C 110 -50.09 -24.05 12.73
CA TYR C 110 -48.75 -24.47 12.32
C TYR C 110 -48.66 -25.99 12.34
N VAL C 111 -49.09 -26.59 13.43
CA VAL C 111 -49.06 -28.04 13.56
C VAL C 111 -49.87 -28.69 12.44
N ALA C 112 -51.04 -28.12 12.15
CA ALA C 112 -51.91 -28.64 11.11
C ALA C 112 -51.22 -28.59 9.74
N GLY C 113 -50.56 -27.46 9.48
CA GLY C 113 -49.85 -27.29 8.21
C GLY C 113 -48.81 -28.36 8.01
N VAL C 114 -48.08 -28.69 9.07
CA VAL C 114 -47.06 -29.72 8.99
C VAL C 114 -47.75 -31.03 8.67
N GLN C 115 -48.84 -31.32 9.37
CA GLN C 115 -49.58 -32.54 9.11
C GLN C 115 -50.06 -32.62 7.65
N GLN C 116 -50.61 -31.51 7.15
CA GLN C 116 -51.11 -31.47 5.78
C GLN C 116 -50.00 -31.66 4.77
N ARG C 117 -48.86 -31.03 5.02
CA ARG C 117 -47.71 -31.13 4.13
C ARG C 117 -47.34 -32.60 3.89
N TYR C 118 -47.44 -33.42 4.94
CA TYR C 118 -47.12 -34.83 4.80
C TYR C 118 -48.19 -35.65 4.07
N THR C 119 -49.29 -35.00 3.68
CA THR C 119 -50.33 -35.72 2.95
C THR C 119 -50.18 -35.51 1.44
N GLN C 120 -49.23 -34.66 1.03
CA GLN C 120 -49.01 -34.47 -0.40
C GLN C 120 -47.57 -34.16 -0.82
N SER C 121 -46.64 -34.82 -0.15
CA SER C 121 -45.21 -34.71 -0.44
C SER C 121 -44.70 -36.12 -0.72
N GLY C 122 -43.95 -36.28 -1.80
CA GLY C 122 -43.45 -37.60 -2.12
C GLY C 122 -42.49 -38.23 -1.11
N GLY C 123 -42.50 -39.57 -1.04
CA GLY C 123 -41.61 -40.26 -0.13
C GLY C 123 -41.98 -40.35 1.33
N VAL C 124 -43.12 -39.77 1.73
CA VAL C 124 -43.53 -39.80 3.13
C VAL C 124 -44.98 -40.17 3.34
N ARG C 125 -45.29 -40.68 4.53
CA ARG C 125 -46.66 -41.04 4.87
C ARG C 125 -47.18 -40.03 5.88
N PRO C 126 -48.51 -39.85 5.93
CA PRO C 126 -49.13 -38.90 6.86
C PRO C 126 -48.86 -39.29 8.32
N PHE C 127 -49.05 -38.33 9.22
CA PHE C 127 -48.87 -38.60 10.63
C PHE C 127 -50.07 -39.40 11.14
N GLY C 128 -49.80 -40.52 11.81
CA GLY C 128 -50.87 -41.30 12.37
C GLY C 128 -51.20 -40.66 13.72
N VAL C 129 -51.48 -39.37 13.69
CA VAL C 129 -51.76 -38.63 14.92
C VAL C 129 -52.86 -37.57 14.78
N SER C 130 -53.60 -37.39 15.86
CA SER C 130 -54.67 -36.40 15.95
C SER C 130 -54.35 -35.66 17.25
N THR C 131 -54.44 -34.34 17.25
CA THR C 131 -54.09 -33.63 18.47
C THR C 131 -55.13 -32.67 19.01
N LEU C 132 -54.95 -32.36 20.29
CA LEU C 132 -55.78 -31.42 21.03
C LEU C 132 -54.79 -30.42 21.58
N ILE C 133 -54.95 -29.16 21.19
CA ILE C 133 -54.03 -28.12 21.64
C ILE C 133 -54.85 -27.11 22.43
N ALA C 134 -54.39 -26.81 23.64
CA ALA C 134 -55.12 -25.85 24.49
C ALA C 134 -54.23 -24.96 25.34
N GLY C 135 -54.76 -23.78 25.66
CA GLY C 135 -54.04 -22.82 26.46
C GLY C 135 -54.70 -21.45 26.40
N PHE C 136 -53.94 -20.42 26.73
CA PHE C 136 -54.44 -19.05 26.73
C PHE C 136 -53.53 -18.09 25.97
N ASP C 137 -54.10 -17.34 25.04
CA ASP C 137 -53.31 -16.38 24.27
C ASP C 137 -52.63 -15.43 25.26
N PRO C 138 -51.49 -14.85 24.87
CA PRO C 138 -50.76 -13.92 25.74
C PRO C 138 -51.61 -12.77 26.26
N ARG C 139 -51.60 -12.57 27.57
CA ARG C 139 -52.33 -11.48 28.21
C ARG C 139 -53.85 -11.58 28.10
N ASP C 140 -54.34 -12.70 27.55
CA ASP C 140 -55.77 -12.95 27.35
C ASP C 140 -56.24 -14.02 28.35
N ASP C 141 -57.49 -13.95 28.77
CA ASP C 141 -58.02 -14.90 29.73
C ASP C 141 -59.14 -15.81 29.21
N GLU C 142 -59.43 -15.70 27.92
CA GLU C 142 -60.44 -16.53 27.31
C GLU C 142 -59.81 -17.87 26.89
N PRO C 143 -60.28 -18.99 27.47
CA PRO C 143 -59.70 -20.30 27.13
C PRO C 143 -59.84 -20.71 25.67
N LYS C 144 -58.84 -21.44 25.18
CA LYS C 144 -58.81 -21.92 23.79
C LYS C 144 -58.55 -23.43 23.71
N LEU C 145 -59.35 -24.11 22.90
CA LEU C 145 -59.22 -25.54 22.71
C LEU C 145 -59.34 -25.84 21.22
N TYR C 146 -58.34 -26.54 20.67
CA TYR C 146 -58.33 -26.86 19.23
C TYR C 146 -57.97 -28.33 18.96
N GLN C 147 -58.41 -28.82 17.80
CA GLN C 147 -58.14 -30.19 17.38
C GLN C 147 -57.59 -30.23 15.95
N THR C 148 -56.61 -31.09 15.73
CA THR C 148 -56.03 -31.25 14.41
C THR C 148 -56.05 -32.74 14.10
N GLU C 149 -56.00 -33.08 12.81
CA GLU C 149 -56.00 -34.49 12.41
C GLU C 149 -55.07 -34.74 11.23
N PRO C 150 -54.79 -36.03 10.93
CA PRO C 150 -53.91 -36.41 9.83
C PRO C 150 -54.05 -35.63 8.54
N SER C 151 -55.28 -35.31 8.15
CA SER C 151 -55.51 -34.56 6.91
C SER C 151 -54.95 -33.15 6.95
N GLY C 152 -54.85 -32.56 8.13
CA GLY C 152 -54.33 -31.21 8.24
C GLY C 152 -55.43 -30.21 8.60
N ILE C 153 -56.64 -30.73 8.75
CA ILE C 153 -57.78 -29.90 9.10
C ILE C 153 -57.75 -29.64 10.61
N TYR C 154 -58.20 -28.46 11.01
CA TYR C 154 -58.25 -28.10 12.42
C TYR C 154 -59.41 -27.15 12.71
N SER C 155 -59.83 -27.12 13.97
CA SER C 155 -60.92 -26.25 14.41
C SER C 155 -61.00 -26.25 15.93
N SER C 156 -61.72 -25.28 16.49
CA SER C 156 -61.85 -25.22 17.95
C SER C 156 -63.13 -25.87 18.45
N TRP C 157 -63.05 -26.39 19.67
CA TRP C 157 -64.17 -27.08 20.29
C TRP C 157 -64.46 -26.57 21.70
N SER C 158 -65.72 -26.68 22.12
CA SER C 158 -66.12 -26.27 23.46
C SER C 158 -65.61 -27.40 24.35
N ALA C 159 -65.56 -28.59 23.75
CA ALA C 159 -65.06 -29.79 24.39
C ALA C 159 -64.96 -30.80 23.27
N GLN C 160 -64.00 -31.70 23.36
CA GLN C 160 -63.79 -32.69 22.31
C GLN C 160 -62.92 -33.85 22.78
N THR C 161 -63.01 -34.96 22.07
CA THR C 161 -62.25 -36.15 22.41
C THR C 161 -61.78 -36.85 21.11
N ILE C 162 -60.72 -37.64 21.21
CA ILE C 162 -60.17 -38.36 20.07
C ILE C 162 -59.61 -39.64 20.64
N GLY C 163 -59.38 -40.63 19.79
CA GLY C 163 -58.83 -41.89 20.25
C GLY C 163 -59.87 -43.00 20.28
N ARG C 164 -59.52 -44.14 20.87
CA ARG C 164 -60.45 -45.26 20.96
C ARG C 164 -61.64 -44.90 21.86
N ASN C 165 -62.85 -45.15 21.38
CA ASN C 165 -64.07 -44.87 22.11
C ASN C 165 -64.38 -43.39 22.20
N SER C 166 -63.72 -42.59 21.36
CA SER C 166 -63.99 -41.17 21.37
C SER C 166 -65.46 -41.01 21.01
N LYS C 167 -65.96 -41.96 20.23
CA LYS C 167 -67.35 -41.98 19.78
C LYS C 167 -68.29 -41.94 20.98
N THR C 168 -68.03 -42.80 21.95
CA THR C 168 -68.82 -42.91 23.17
C THR C 168 -68.72 -41.64 24.01
N VAL C 169 -67.50 -41.29 24.42
CA VAL C 169 -67.24 -40.12 25.24
C VAL C 169 -67.71 -38.81 24.62
N ARG C 170 -67.84 -38.75 23.30
CA ARG C 170 -68.31 -37.52 22.68
C ARG C 170 -69.79 -37.40 22.97
N GLU C 171 -70.49 -38.53 22.94
CA GLU C 171 -71.93 -38.59 23.21
C GLU C 171 -72.18 -38.01 24.60
N PHE C 172 -71.43 -38.52 25.57
CA PHE C 172 -71.54 -38.06 26.93
C PHE C 172 -71.44 -36.53 26.94
N LEU C 173 -70.33 -36.02 26.40
CA LEU C 173 -70.06 -34.58 26.34
C LEU C 173 -71.16 -33.76 25.64
N GLU C 174 -71.71 -34.29 24.55
CA GLU C 174 -72.74 -33.56 23.83
C GLU C 174 -73.98 -33.36 24.70
N LYS C 175 -74.31 -34.36 25.50
CA LYS C 175 -75.46 -34.27 26.38
C LYS C 175 -75.01 -34.07 27.83
N ASN C 176 -73.99 -33.24 28.01
CA ASN C 176 -73.47 -32.96 29.33
C ASN C 176 -72.70 -31.65 29.37
N TYR C 177 -72.56 -31.01 28.21
CA TYR C 177 -71.86 -29.73 28.14
C TYR C 177 -72.83 -28.69 27.59
N ASP C 178 -73.17 -27.73 28.45
CA ASP C 178 -74.08 -26.67 28.07
C ASP C 178 -73.26 -25.43 27.77
N ARG C 179 -73.19 -25.06 26.49
CA ARG C 179 -72.44 -23.88 26.10
C ARG C 179 -72.96 -22.70 26.88
N LYS C 180 -74.28 -22.70 27.08
CA LYS C 180 -74.96 -21.64 27.82
C LYS C 180 -74.21 -21.40 29.13
N GLU C 181 -73.94 -22.47 29.87
CA GLU C 181 -73.24 -22.38 31.14
C GLU C 181 -72.09 -23.37 31.25
N PRO C 182 -70.88 -22.97 30.83
CA PRO C 182 -69.69 -23.82 30.87
C PRO C 182 -69.17 -23.95 32.30
N PRO C 183 -68.47 -25.05 32.61
CA PRO C 183 -67.92 -25.29 33.94
C PRO C 183 -67.20 -24.06 34.49
N ALA C 184 -67.95 -23.15 35.10
CA ALA C 184 -67.41 -21.91 35.64
C ALA C 184 -66.40 -22.11 36.77
N THR C 185 -65.97 -23.34 36.98
CA THR C 185 -64.99 -23.64 38.01
C THR C 185 -63.94 -24.64 37.57
N VAL C 186 -62.72 -24.40 38.00
CA VAL C 186 -61.64 -25.31 37.68
C VAL C 186 -62.06 -26.69 38.20
N GLU C 187 -62.61 -26.71 39.41
CA GLU C 187 -63.05 -27.96 40.01
C GLU C 187 -64.12 -28.71 39.22
N GLU C 188 -65.26 -28.07 38.98
CA GLU C 188 -66.32 -28.75 38.25
C GLU C 188 -65.95 -29.06 36.80
N CYS C 189 -64.94 -28.35 36.30
CA CYS C 189 -64.48 -28.57 34.93
C CYS C 189 -63.69 -29.87 34.87
N VAL C 190 -62.87 -30.12 35.90
CA VAL C 190 -62.08 -31.34 35.96
C VAL C 190 -63.04 -32.51 36.18
N LYS C 191 -64.06 -32.29 36.99
CA LYS C 191 -65.04 -33.32 37.29
C LYS C 191 -65.63 -33.79 35.96
N LEU C 192 -66.19 -32.86 35.21
CA LEU C 192 -66.78 -33.17 33.92
C LEU C 192 -65.84 -33.98 33.04
N THR C 193 -64.56 -33.67 33.11
CA THR C 193 -63.53 -34.36 32.32
C THR C 193 -63.32 -35.81 32.78
N VAL C 194 -63.30 -36.03 34.08
CA VAL C 194 -63.12 -37.39 34.60
C VAL C 194 -64.39 -38.18 34.32
N ARG C 195 -65.54 -37.54 34.55
CA ARG C 195 -66.81 -38.19 34.31
C ARG C 195 -66.86 -38.79 32.92
N SER C 196 -66.39 -38.04 31.93
CA SER C 196 -66.41 -38.52 30.55
C SER C 196 -65.39 -39.62 30.29
N LEU C 197 -64.26 -39.59 30.97
CA LEU C 197 -63.26 -40.63 30.77
C LEU C 197 -63.67 -41.94 31.43
N LEU C 198 -64.52 -41.85 32.44
CA LEU C 198 -64.99 -43.03 33.16
C LEU C 198 -65.96 -43.84 32.31
N GLU C 199 -66.63 -43.17 31.38
CA GLU C 199 -67.57 -43.83 30.49
C GLU C 199 -66.84 -44.83 29.62
N VAL C 200 -65.51 -44.79 29.63
CA VAL C 200 -64.73 -45.69 28.79
C VAL C 200 -63.49 -46.31 29.43
N VAL C 201 -62.97 -45.71 30.49
CA VAL C 201 -61.76 -46.25 31.13
C VAL C 201 -62.00 -47.48 32.00
N GLN C 202 -63.26 -47.70 32.38
CA GLN C 202 -63.63 -48.85 33.22
C GLN C 202 -62.69 -48.97 34.43
N THR C 203 -63.06 -48.26 35.50
CA THR C 203 -62.32 -48.22 36.75
C THR C 203 -60.81 -48.13 36.50
N GLY C 204 -60.30 -46.91 36.55
CA GLY C 204 -58.89 -46.70 36.32
C GLY C 204 -58.36 -45.44 36.98
N ALA C 205 -58.15 -45.48 38.28
CA ALA C 205 -57.65 -44.33 38.99
C ALA C 205 -56.25 -44.04 38.45
N LYS C 206 -55.46 -45.10 38.24
CA LYS C 206 -54.10 -44.96 37.71
C LYS C 206 -54.12 -44.98 36.18
N ASN C 207 -55.31 -44.96 35.60
CA ASN C 207 -55.47 -44.97 34.15
C ASN C 207 -56.08 -43.66 33.67
N ILE C 208 -56.00 -42.61 34.49
CA ILE C 208 -56.54 -41.32 34.10
C ILE C 208 -55.70 -40.16 34.60
N GLU C 209 -54.94 -39.56 33.69
CA GLU C 209 -54.12 -38.42 34.07
C GLU C 209 -54.85 -37.16 33.64
N ILE C 210 -54.66 -36.08 34.39
CA ILE C 210 -55.31 -34.82 34.06
C ILE C 210 -54.42 -33.62 34.29
N THR C 211 -54.47 -32.68 33.35
CA THR C 211 -53.70 -31.45 33.42
C THR C 211 -54.66 -30.25 33.35
N VAL C 212 -54.43 -29.24 34.18
CA VAL C 212 -55.28 -28.06 34.19
C VAL C 212 -54.48 -26.83 33.77
N VAL C 213 -54.99 -26.12 32.78
CA VAL C 213 -54.31 -24.93 32.32
C VAL C 213 -55.18 -23.71 32.55
N LYS C 214 -54.63 -22.75 33.28
CA LYS C 214 -55.32 -21.51 33.60
C LYS C 214 -54.57 -20.38 32.91
N PRO C 215 -55.14 -19.17 32.90
CA PRO C 215 -54.49 -18.03 32.25
C PRO C 215 -53.07 -17.76 32.75
N ASP C 216 -52.33 -16.98 31.96
CA ASP C 216 -50.96 -16.58 32.26
C ASP C 216 -50.00 -17.72 32.63
N SER C 217 -49.83 -18.64 31.69
CA SER C 217 -48.92 -19.77 31.87
C SER C 217 -49.04 -20.48 33.21
N ASP C 218 -50.26 -20.79 33.60
CA ASP C 218 -50.50 -21.48 34.86
C ASP C 218 -50.98 -22.91 34.58
N ILE C 219 -50.04 -23.80 34.31
CA ILE C 219 -50.37 -25.19 34.02
C ILE C 219 -49.85 -26.12 35.09
N VAL C 220 -50.64 -27.13 35.44
CA VAL C 220 -50.24 -28.09 36.46
C VAL C 220 -50.96 -29.41 36.24
N ALA C 221 -50.27 -30.50 36.56
CA ALA C 221 -50.82 -31.84 36.41
C ALA C 221 -51.22 -32.37 37.79
N LEU C 222 -52.41 -32.96 37.88
CA LEU C 222 -52.88 -33.51 39.15
C LEU C 222 -52.21 -34.84 39.43
N SER C 223 -52.20 -35.22 40.70
CA SER C 223 -51.60 -36.48 41.12
C SER C 223 -52.72 -37.53 41.25
N SER C 224 -52.35 -38.80 41.26
CA SER C 224 -53.32 -39.88 41.37
C SER C 224 -54.43 -39.56 42.38
N GLU C 225 -54.04 -39.24 43.61
CA GLU C 225 -54.98 -38.93 44.69
C GLU C 225 -56.01 -37.91 44.26
N GLU C 226 -55.54 -36.69 44.00
CA GLU C 226 -56.39 -35.60 43.59
C GLU C 226 -57.37 -36.06 42.51
N ILE C 227 -56.93 -37.00 41.67
CA ILE C 227 -57.80 -37.50 40.61
C ILE C 227 -58.75 -38.55 41.18
N ASN C 228 -58.17 -39.49 41.93
CA ASN C 228 -58.93 -40.56 42.55
C ASN C 228 -60.00 -39.98 43.47
N GLN C 229 -59.77 -38.77 43.95
CA GLN C 229 -60.74 -38.11 44.83
C GLN C 229 -61.96 -37.75 44.00
N TYR C 230 -61.72 -37.32 42.77
CA TYR C 230 -62.83 -36.98 41.89
C TYR C 230 -63.55 -38.27 41.52
N VAL C 231 -62.78 -39.34 41.28
CA VAL C 231 -63.37 -40.63 40.93
C VAL C 231 -64.34 -41.04 42.03
N THR C 232 -63.91 -40.90 43.28
CA THR C 232 -64.71 -41.27 44.44
C THR C 232 -66.05 -40.52 44.49
N GLN C 233 -65.97 -39.19 44.48
CA GLN C 233 -67.17 -38.37 44.55
C GLN C 233 -68.16 -38.63 43.41
N ILE C 234 -67.65 -39.07 42.27
CA ILE C 234 -68.53 -39.32 41.11
C ILE C 234 -69.28 -40.64 41.19
N GLU C 235 -68.64 -41.66 41.75
CA GLU C 235 -69.29 -42.96 41.88
C GLU C 235 -70.38 -42.94 42.92
N GLN C 236 -70.38 -41.90 43.74
CA GLN C 236 -71.40 -41.74 44.76
C GLN C 236 -72.63 -41.13 44.12
N GLU C 237 -72.42 -40.12 43.28
CA GLU C 237 -73.51 -39.44 42.60
C GLU C 237 -74.41 -40.49 41.92
N LYS C 238 -73.80 -41.63 41.57
CA LYS C 238 -74.51 -42.72 40.91
C LYS C 238 -75.31 -43.57 41.89
N GLN C 239 -74.62 -44.07 42.93
CA GLN C 239 -75.25 -44.91 43.95
C GLN C 239 -76.29 -44.15 44.77
N GLU C 240 -76.11 -42.84 44.88
CA GLU C 240 -77.04 -41.99 45.62
C GLU C 240 -78.29 -41.83 44.74
N GLN C 241 -78.53 -42.83 43.91
CA GLN C 241 -79.66 -42.83 42.99
C GLN C 241 -79.97 -44.26 42.49
N ASP D 1 -47.88 -50.24 -9.26
CA ASP D 1 -49.13 -49.44 -9.42
C ASP D 1 -49.15 -48.78 -10.81
N ARG D 2 -49.13 -47.44 -10.85
CA ARG D 2 -49.18 -46.72 -12.12
C ARG D 2 -48.91 -45.23 -11.89
N GLY D 3 -48.09 -44.64 -12.78
CA GLY D 3 -47.74 -43.23 -12.67
C GLY D 3 -48.83 -42.31 -12.18
N VAL D 4 -48.50 -41.38 -11.30
CA VAL D 4 -49.49 -40.45 -10.76
C VAL D 4 -49.96 -39.40 -11.77
N SER D 5 -49.18 -39.23 -12.83
CA SER D 5 -49.54 -38.28 -13.87
C SER D 5 -49.68 -39.06 -15.18
N THR D 6 -50.54 -40.08 -15.14
CA THR D 6 -50.79 -40.96 -16.29
C THR D 6 -52.12 -40.66 -16.97
N PHE D 7 -52.17 -40.93 -18.27
CA PHE D 7 -53.38 -40.71 -19.05
C PHE D 7 -54.26 -41.95 -19.13
N SER D 8 -55.57 -41.73 -19.09
CA SER D 8 -56.52 -42.82 -19.20
C SER D 8 -56.68 -43.03 -20.71
N PRO D 9 -57.29 -44.15 -21.12
CA PRO D 9 -57.43 -44.33 -22.56
C PRO D 9 -58.35 -43.29 -23.19
N GLU D 10 -59.16 -42.61 -22.39
CA GLU D 10 -60.08 -41.58 -22.89
C GLU D 10 -59.38 -40.23 -22.95
N GLY D 11 -58.09 -40.21 -22.62
CA GLY D 11 -57.34 -38.98 -22.67
C GLY D 11 -57.47 -38.06 -21.47
N ARG D 12 -57.71 -38.64 -20.31
CA ARG D 12 -57.84 -37.84 -19.09
C ARG D 12 -56.77 -38.21 -18.06
N LEU D 13 -56.48 -37.30 -17.15
CA LEU D 13 -55.49 -37.55 -16.11
C LEU D 13 -56.16 -38.13 -14.88
N PHE D 14 -55.95 -39.43 -14.68
CA PHE D 14 -56.53 -40.17 -13.57
C PHE D 14 -56.60 -39.40 -12.28
N GLN D 15 -55.43 -39.01 -11.77
CA GLN D 15 -55.39 -38.29 -10.51
C GLN D 15 -56.23 -37.01 -10.48
N VAL D 16 -56.26 -36.27 -11.59
CA VAL D 16 -57.05 -35.06 -11.62
C VAL D 16 -58.53 -35.37 -11.55
N GLU D 17 -58.94 -36.45 -12.24
CA GLU D 17 -60.32 -36.86 -12.24
C GLU D 17 -60.77 -37.24 -10.85
N TYR D 18 -60.04 -38.17 -10.22
CA TYR D 18 -60.36 -38.61 -8.86
C TYR D 18 -60.33 -37.39 -7.95
N SER D 19 -59.45 -36.47 -8.26
CA SER D 19 -59.31 -35.25 -7.50
C SER D 19 -60.68 -34.56 -7.39
N LEU D 20 -61.37 -34.48 -8.52
CA LEU D 20 -62.68 -33.86 -8.59
C LEU D 20 -63.72 -34.56 -7.75
N GLU D 21 -63.64 -35.89 -7.70
CA GLU D 21 -64.59 -36.69 -6.93
C GLU D 21 -64.56 -36.29 -5.47
N ALA D 22 -63.38 -35.90 -5.01
CA ALA D 22 -63.18 -35.49 -3.63
C ALA D 22 -63.86 -34.14 -3.41
N ILE D 23 -63.85 -33.31 -4.45
CA ILE D 23 -64.46 -32.00 -4.35
C ILE D 23 -65.98 -32.10 -4.28
N LYS D 24 -66.55 -33.09 -4.96
CA LYS D 24 -68.00 -33.31 -4.95
C LYS D 24 -68.51 -33.61 -3.55
N LEU D 25 -67.63 -34.09 -2.68
CA LEU D 25 -68.00 -34.43 -1.31
C LEU D 25 -67.88 -33.23 -0.37
N GLY D 26 -67.36 -32.12 -0.88
CA GLY D 26 -67.15 -30.95 -0.05
C GLY D 26 -68.38 -30.12 0.25
N SER D 27 -68.24 -29.20 1.19
CA SER D 27 -69.32 -28.30 1.59
C SER D 27 -69.61 -27.32 0.47
N THR D 28 -70.89 -27.04 0.26
CA THR D 28 -71.30 -26.12 -0.80
C THR D 28 -70.79 -24.69 -0.63
N ALA D 29 -70.48 -24.07 -1.78
CA ALA D 29 -69.99 -22.70 -1.85
C ALA D 29 -70.58 -22.11 -3.13
N ILE D 30 -71.13 -20.90 -3.05
CA ILE D 30 -71.74 -20.24 -4.21
C ILE D 30 -71.24 -18.82 -4.42
N GLY D 31 -71.19 -18.40 -5.69
CA GLY D 31 -70.74 -17.06 -6.02
C GLY D 31 -71.59 -16.41 -7.09
N ILE D 32 -71.99 -15.16 -6.83
CA ILE D 32 -72.81 -14.41 -7.78
C ILE D 32 -72.18 -13.04 -8.04
N ALA D 33 -72.01 -12.71 -9.32
CA ALA D 33 -71.39 -11.47 -9.71
C ALA D 33 -72.37 -10.46 -10.31
N THR D 34 -72.45 -9.27 -9.71
CA THR D 34 -73.34 -8.22 -10.18
C THR D 34 -72.51 -6.96 -10.45
N LYS D 35 -73.11 -5.94 -11.05
CA LYS D 35 -72.39 -4.69 -11.34
C LYS D 35 -72.23 -3.84 -10.09
N GLU D 36 -72.60 -4.41 -8.94
CA GLU D 36 -72.51 -3.73 -7.65
C GLU D 36 -71.54 -4.50 -6.74
N GLY D 37 -70.91 -5.51 -7.31
CA GLY D 37 -69.99 -6.34 -6.55
C GLY D 37 -70.22 -7.83 -6.73
N VAL D 38 -69.41 -8.65 -6.07
CA VAL D 38 -69.54 -10.09 -6.15
C VAL D 38 -69.84 -10.60 -4.74
N VAL D 39 -70.66 -11.65 -4.64
CA VAL D 39 -71.02 -12.23 -3.35
C VAL D 39 -70.56 -13.70 -3.27
N LEU D 40 -69.99 -14.06 -2.12
CA LEU D 40 -69.53 -15.42 -1.89
C LEU D 40 -70.17 -15.94 -0.60
N GLY D 41 -70.74 -17.14 -0.68
CA GLY D 41 -71.35 -17.76 0.48
C GLY D 41 -70.97 -19.23 0.59
N VAL D 42 -70.93 -19.73 1.82
CA VAL D 42 -70.57 -21.12 2.03
C VAL D 42 -71.33 -21.79 3.16
N GLU D 43 -71.37 -23.12 3.09
CA GLU D 43 -72.03 -23.95 4.08
C GLU D 43 -70.97 -24.33 5.10
N LYS D 44 -71.04 -23.75 6.30
CA LYS D 44 -70.07 -24.07 7.33
C LYS D 44 -70.00 -25.60 7.47
N ARG D 45 -71.10 -26.21 7.88
CA ARG D 45 -71.20 -27.67 8.03
C ARG D 45 -70.35 -28.28 9.15
N ALA D 46 -70.62 -27.91 10.39
CA ALA D 46 -69.88 -28.46 11.54
C ALA D 46 -70.28 -29.94 11.74
N THR D 47 -69.30 -30.78 12.02
CA THR D 47 -69.53 -32.22 12.20
C THR D 47 -70.06 -32.66 13.58
N SER D 48 -70.19 -31.71 14.49
CA SER D 48 -70.68 -31.99 15.84
C SER D 48 -71.04 -30.66 16.50
N PRO D 49 -72.13 -30.63 17.27
CA PRO D 49 -72.54 -29.39 17.93
C PRO D 49 -71.52 -28.78 18.90
N LEU D 50 -70.48 -29.53 19.25
CA LEU D 50 -69.45 -29.03 20.15
C LEU D 50 -68.37 -28.22 19.42
N LEU D 51 -68.33 -28.37 18.10
CA LEU D 51 -67.38 -27.66 17.24
C LEU D 51 -67.84 -26.20 17.15
N GLU D 52 -66.99 -25.27 17.57
CA GLU D 52 -67.33 -23.84 17.53
C GLU D 52 -67.34 -23.34 16.08
N SER D 53 -68.53 -23.26 15.51
CA SER D 53 -68.76 -22.88 14.12
C SER D 53 -67.97 -21.70 13.52
N ASP D 54 -67.66 -20.69 14.30
CA ASP D 54 -66.94 -19.56 13.73
C ASP D 54 -65.43 -19.77 13.58
N SER D 55 -64.97 -20.98 13.88
CA SER D 55 -63.57 -21.30 13.71
C SER D 55 -63.48 -22.04 12.38
N ILE D 56 -64.56 -21.98 11.61
CA ILE D 56 -64.58 -22.62 10.31
C ILE D 56 -64.37 -21.53 9.29
N GLU D 57 -63.17 -21.53 8.71
CA GLU D 57 -62.76 -20.52 7.76
C GLU D 57 -62.74 -21.01 6.31
N LYS D 58 -63.89 -20.94 5.65
CA LYS D 58 -63.97 -21.39 4.26
C LYS D 58 -64.04 -20.22 3.29
N ILE D 59 -64.03 -19.01 3.82
CA ILE D 59 -64.04 -17.79 3.02
C ILE D 59 -62.83 -16.98 3.51
N VAL D 60 -61.90 -16.68 2.61
CA VAL D 60 -60.70 -15.94 2.98
C VAL D 60 -60.36 -14.81 2.02
N GLU D 61 -59.65 -13.83 2.55
CA GLU D 61 -59.20 -12.67 1.80
C GLU D 61 -57.83 -12.93 1.17
N ILE D 62 -57.70 -12.59 -0.11
CA ILE D 62 -56.43 -12.73 -0.81
C ILE D 62 -55.76 -11.35 -0.69
N ASP D 63 -56.49 -10.32 -1.12
CA ASP D 63 -56.02 -8.93 -1.02
C ASP D 63 -57.27 -8.07 -0.74
N ARG D 64 -57.12 -6.75 -0.68
CA ARG D 64 -58.25 -5.91 -0.39
C ARG D 64 -59.32 -5.95 -1.49
N HIS D 65 -58.91 -6.30 -2.70
CA HIS D 65 -59.85 -6.36 -3.82
C HIS D 65 -60.13 -7.78 -4.30
N ILE D 66 -59.69 -8.78 -3.54
CA ILE D 66 -59.90 -10.17 -3.91
C ILE D 66 -60.15 -11.07 -2.70
N GLY D 67 -61.18 -11.90 -2.80
CA GLY D 67 -61.52 -12.83 -1.75
C GLY D 67 -61.83 -14.15 -2.41
N CYS D 68 -61.95 -15.22 -1.64
CA CYS D 68 -62.27 -16.50 -2.26
C CYS D 68 -62.89 -17.52 -1.31
N ALA D 69 -63.58 -18.49 -1.90
CA ALA D 69 -64.23 -19.55 -1.13
C ALA D 69 -63.75 -20.90 -1.64
N MET D 70 -63.74 -21.88 -0.73
CA MET D 70 -63.26 -23.22 -1.04
C MET D 70 -64.27 -24.33 -0.78
N SER D 71 -64.03 -25.48 -1.38
CA SER D 71 -64.89 -26.63 -1.24
C SER D 71 -64.09 -27.90 -1.53
N GLY D 72 -64.18 -28.88 -0.64
CA GLY D 72 -63.46 -30.12 -0.85
C GLY D 72 -62.48 -30.29 0.29
N LEU D 73 -61.31 -30.84 0.01
CA LEU D 73 -60.29 -31.02 1.05
C LEU D 73 -59.73 -29.63 1.33
N THR D 74 -60.36 -28.91 2.26
CA THR D 74 -59.97 -27.55 2.63
C THR D 74 -58.54 -27.33 3.10
N ALA D 75 -57.95 -28.34 3.75
CA ALA D 75 -56.58 -28.21 4.23
C ALA D 75 -55.62 -27.99 3.05
N ASP D 76 -55.97 -28.52 1.89
CA ASP D 76 -55.15 -28.38 0.68
C ASP D 76 -55.19 -26.96 0.14
N ALA D 77 -56.09 -26.14 0.65
CA ALA D 77 -56.21 -24.78 0.16
C ALA D 77 -55.24 -23.82 0.84
N ARG D 78 -54.82 -24.14 2.06
CA ARG D 78 -53.92 -23.28 2.81
C ARG D 78 -52.75 -22.73 2.01
N SER D 79 -51.97 -23.60 1.39
CA SER D 79 -50.81 -23.14 0.63
C SER D 79 -51.21 -22.44 -0.68
N MET D 80 -52.38 -22.75 -1.20
CA MET D 80 -52.84 -22.08 -2.41
C MET D 80 -53.19 -20.63 -2.06
N ILE D 81 -53.74 -20.44 -0.87
CA ILE D 81 -54.11 -19.11 -0.39
C ILE D 81 -52.82 -18.31 -0.18
N GLU D 82 -51.86 -18.96 0.49
CA GLU D 82 -50.58 -18.36 0.77
C GLU D 82 -49.94 -17.90 -0.54
N HIS D 83 -49.93 -18.80 -1.52
CA HIS D 83 -49.37 -18.48 -2.83
C HIS D 83 -50.07 -17.29 -3.43
N ALA D 84 -51.39 -17.30 -3.33
CA ALA D 84 -52.23 -16.25 -3.88
C ALA D 84 -51.95 -14.90 -3.24
N ARG D 85 -51.96 -14.86 -1.91
CA ARG D 85 -51.70 -13.63 -1.18
C ARG D 85 -50.33 -13.05 -1.53
N THR D 86 -49.33 -13.93 -1.59
CA THR D 86 -47.98 -13.52 -1.90
C THR D 86 -47.93 -12.92 -3.30
N ALA D 87 -48.57 -13.60 -4.25
CA ALA D 87 -48.60 -13.13 -5.63
C ALA D 87 -49.20 -11.74 -5.70
N ALA D 88 -50.27 -11.53 -4.95
CA ALA D 88 -50.94 -10.24 -4.91
C ALA D 88 -50.00 -9.18 -4.34
N VAL D 89 -49.51 -9.42 -3.13
CA VAL D 89 -48.60 -8.48 -2.49
C VAL D 89 -47.40 -8.23 -3.38
N THR D 90 -46.74 -9.30 -3.80
CA THR D 90 -45.57 -9.19 -4.66
C THR D 90 -45.84 -8.37 -5.91
N HIS D 91 -46.96 -8.63 -6.59
CA HIS D 91 -47.24 -7.86 -7.79
C HIS D 91 -47.31 -6.36 -7.49
N ASN D 92 -47.86 -6.01 -6.33
CA ASN D 92 -47.99 -4.63 -5.94
C ASN D 92 -46.63 -3.99 -5.66
N LEU D 93 -45.74 -4.75 -5.04
CA LEU D 93 -44.40 -4.24 -4.75
C LEU D 93 -43.64 -3.94 -6.05
N TYR D 94 -43.74 -4.83 -7.03
CA TYR D 94 -43.06 -4.61 -8.31
C TYR D 94 -43.68 -3.54 -9.19
N TYR D 95 -45.01 -3.46 -9.24
CA TYR D 95 -45.63 -2.47 -10.11
C TYR D 95 -46.44 -1.35 -9.51
N ASP D 96 -46.44 -1.25 -8.18
CA ASP D 96 -47.18 -0.17 -7.53
C ASP D 96 -48.63 -0.07 -8.05
N GLU D 97 -49.35 -1.18 -8.03
CA GLU D 97 -50.73 -1.22 -8.51
C GLU D 97 -51.35 -2.52 -8.02
N ASP D 98 -52.60 -2.80 -8.36
CA ASP D 98 -53.27 -4.02 -7.94
C ASP D 98 -53.17 -5.10 -9.01
N ILE D 99 -53.07 -6.33 -8.56
CA ILE D 99 -52.97 -7.47 -9.45
C ILE D 99 -54.37 -7.69 -10.05
N ASN D 100 -54.45 -8.02 -11.34
CA ASN D 100 -55.74 -8.26 -11.98
C ASN D 100 -56.33 -9.56 -11.45
N VAL D 101 -57.63 -9.57 -11.17
CA VAL D 101 -58.28 -10.76 -10.65
C VAL D 101 -57.99 -12.00 -11.52
N GLU D 102 -57.95 -11.80 -12.84
CA GLU D 102 -57.68 -12.91 -13.75
C GLU D 102 -56.23 -13.39 -13.66
N SER D 103 -55.30 -12.45 -13.51
CA SER D 103 -53.88 -12.77 -13.38
C SER D 103 -53.65 -13.52 -12.08
N LEU D 104 -54.24 -13.02 -11.00
CA LEU D 104 -54.11 -13.66 -9.69
C LEU D 104 -54.60 -15.11 -9.82
N THR D 105 -55.73 -15.29 -10.49
CA THR D 105 -56.31 -16.61 -10.68
C THR D 105 -55.40 -17.53 -11.50
N GLN D 106 -54.86 -17.00 -12.58
CA GLN D 106 -53.96 -17.74 -13.44
C GLN D 106 -52.76 -18.24 -12.64
N SER D 107 -52.20 -17.37 -11.80
CA SER D 107 -51.06 -17.72 -10.97
C SER D 107 -51.36 -18.90 -10.06
N VAL D 108 -52.52 -18.85 -9.42
CA VAL D 108 -52.94 -19.91 -8.52
C VAL D 108 -53.09 -21.20 -9.30
N CYS D 109 -53.68 -21.10 -10.49
CA CYS D 109 -53.88 -22.27 -11.34
C CYS D 109 -52.59 -22.90 -11.80
N ASP D 110 -51.54 -22.10 -11.89
CA ASP D 110 -50.25 -22.63 -12.33
C ASP D 110 -49.76 -23.72 -11.40
N LEU D 111 -50.08 -23.59 -10.11
CA LEU D 111 -49.67 -24.59 -9.13
C LEU D 111 -50.34 -25.92 -9.36
N ALA D 112 -51.55 -25.86 -9.89
CA ALA D 112 -52.38 -27.04 -10.14
C ALA D 112 -51.70 -28.35 -10.61
N LEU D 113 -51.09 -28.34 -11.79
CA LEU D 113 -50.46 -29.57 -12.30
C LEU D 113 -49.01 -29.84 -11.83
N ARG D 114 -48.50 -29.01 -10.93
CA ARG D 114 -47.15 -29.22 -10.42
C ARG D 114 -47.08 -30.43 -9.50
N PHE D 115 -47.44 -31.60 -10.03
CA PHE D 115 -47.39 -32.81 -9.24
C PHE D 115 -46.83 -33.96 -10.07
N GLY D 116 -46.39 -35.01 -9.39
CA GLY D 116 -45.82 -36.17 -10.06
C GLY D 116 -44.56 -36.62 -9.37
N GLU D 117 -44.08 -37.83 -9.71
CA GLU D 117 -42.87 -38.38 -9.10
C GLU D 117 -41.61 -37.96 -9.87
N GLY D 118 -41.80 -37.13 -10.90
CA GLY D 118 -40.68 -36.65 -11.70
C GLY D 118 -41.04 -36.38 -13.15
N ALA D 119 -42.02 -35.50 -13.37
CA ALA D 119 -42.46 -35.14 -14.72
C ALA D 119 -41.45 -34.19 -15.40
N SER D 120 -40.82 -34.66 -16.47
CA SER D 120 -39.83 -33.90 -17.23
C SER D 120 -40.38 -32.61 -17.85
N GLY D 121 -40.24 -31.50 -17.12
CA GLY D 121 -40.73 -30.22 -17.59
C GLY D 121 -40.27 -29.06 -16.71
N GLU D 122 -39.87 -29.39 -15.48
CA GLU D 122 -39.39 -28.42 -14.49
C GLU D 122 -39.10 -29.17 -13.19
N GLU D 123 -39.64 -28.70 -12.08
CA GLU D 123 -39.44 -29.38 -10.80
C GLU D 123 -40.73 -29.41 -10.00
N ARG D 124 -41.74 -30.07 -10.57
CA ARG D 124 -43.04 -30.21 -9.94
C ARG D 124 -43.02 -31.23 -8.80
N LEU D 125 -42.64 -30.75 -7.61
CA LEU D 125 -42.60 -31.61 -6.45
C LEU D 125 -43.88 -31.43 -5.62
N MET D 126 -44.76 -32.42 -5.75
CA MET D 126 -46.03 -32.47 -5.04
C MET D 126 -46.50 -33.88 -5.42
N SER D 127 -46.88 -34.69 -4.45
CA SER D 127 -47.25 -36.07 -4.72
C SER D 127 -48.59 -36.29 -5.41
N ARG D 128 -49.49 -35.31 -5.30
CA ARG D 128 -50.82 -35.44 -5.90
C ARG D 128 -51.42 -34.09 -6.20
N PRO D 129 -52.54 -34.05 -6.92
CA PRO D 129 -53.18 -32.76 -7.23
C PRO D 129 -53.85 -32.26 -5.95
N PHE D 130 -54.35 -31.03 -5.95
CA PHE D 130 -55.03 -30.50 -4.77
C PHE D 130 -56.41 -31.15 -4.77
N GLY D 131 -57.01 -31.31 -3.60
CA GLY D 131 -58.33 -31.92 -3.55
C GLY D 131 -59.38 -30.89 -3.21
N VAL D 132 -59.16 -29.66 -3.67
CA VAL D 132 -60.10 -28.57 -3.40
C VAL D 132 -60.30 -27.66 -4.60
N ALA D 133 -61.48 -27.04 -4.69
CA ALA D 133 -61.78 -26.11 -5.77
C ALA D 133 -61.94 -24.73 -5.15
N LEU D 134 -61.69 -23.68 -5.94
CA LEU D 134 -61.80 -22.35 -5.42
C LEU D 134 -62.64 -21.43 -6.28
N LEU D 135 -63.32 -20.51 -5.59
CA LEU D 135 -64.13 -19.50 -6.23
C LEU D 135 -63.41 -18.21 -5.86
N ILE D 136 -62.73 -17.61 -6.84
CA ILE D 136 -61.99 -16.38 -6.61
C ILE D 136 -62.83 -15.22 -7.11
N ALA D 137 -63.10 -14.27 -6.22
CA ALA D 137 -63.94 -13.13 -6.58
C ALA D 137 -63.31 -11.81 -6.23
N GLY D 138 -63.15 -10.95 -7.22
CA GLY D 138 -62.56 -9.64 -6.97
C GLY D 138 -62.99 -8.56 -7.93
N HIS D 139 -62.23 -7.47 -7.93
CA HIS D 139 -62.48 -6.34 -8.80
C HIS D 139 -61.20 -5.61 -9.19
N ASP D 140 -61.11 -5.20 -10.45
CA ASP D 140 -59.96 -4.44 -10.90
C ASP D 140 -60.50 -3.44 -11.92
N ALA D 141 -59.74 -2.37 -12.17
CA ALA D 141 -60.20 -1.34 -13.10
C ALA D 141 -60.48 -1.78 -14.54
N ASP D 142 -59.72 -2.74 -15.05
CA ASP D 142 -59.87 -3.19 -16.43
C ASP D 142 -61.11 -4.02 -16.75
N ASP D 143 -61.49 -4.94 -15.85
CA ASP D 143 -62.64 -5.80 -16.10
C ASP D 143 -63.69 -5.82 -15.01
N GLY D 144 -63.66 -4.82 -14.13
CA GLY D 144 -64.62 -4.72 -13.06
C GLY D 144 -64.77 -5.95 -12.18
N TYR D 145 -66.00 -6.22 -11.74
CA TYR D 145 -66.29 -7.35 -10.88
C TYR D 145 -66.21 -8.68 -11.60
N GLN D 146 -65.50 -9.63 -11.01
CA GLN D 146 -65.32 -10.93 -11.61
C GLN D 146 -65.38 -12.09 -10.62
N LEU D 147 -65.85 -13.23 -11.13
CA LEU D 147 -65.94 -14.47 -10.36
C LEU D 147 -65.26 -15.56 -11.18
N PHE D 148 -64.36 -16.29 -10.56
CA PHE D 148 -63.62 -17.34 -11.24
C PHE D 148 -63.70 -18.68 -10.50
N HIS D 149 -63.71 -19.76 -11.27
CA HIS D 149 -63.72 -21.08 -10.71
C HIS D 149 -62.39 -21.74 -11.10
N ALA D 150 -61.54 -21.96 -10.11
CA ALA D 150 -60.23 -22.56 -10.31
C ALA D 150 -60.26 -24.01 -9.84
N GLU D 151 -59.95 -24.94 -10.75
CA GLU D 151 -59.94 -26.35 -10.40
C GLU D 151 -58.54 -26.95 -10.30
N PRO D 152 -58.45 -28.18 -9.80
CA PRO D 152 -57.16 -28.88 -9.66
C PRO D 152 -56.62 -29.32 -11.02
N SER D 153 -57.43 -29.17 -12.05
CA SER D 153 -57.05 -29.56 -13.39
C SER D 153 -56.05 -28.55 -13.94
N GLY D 154 -56.16 -27.32 -13.44
CA GLY D 154 -55.26 -26.27 -13.87
C GLY D 154 -56.01 -25.22 -14.66
N THR D 155 -57.25 -25.53 -15.03
CA THR D 155 -58.04 -24.58 -15.80
C THR D 155 -58.99 -23.81 -14.90
N PHE D 156 -59.38 -22.63 -15.36
CA PHE D 156 -60.29 -21.78 -14.64
C PHE D 156 -61.24 -21.13 -15.63
N TYR D 157 -62.48 -20.94 -15.22
CA TYR D 157 -63.50 -20.34 -16.06
C TYR D 157 -64.01 -19.11 -15.34
N ARG D 158 -64.58 -18.17 -16.10
CA ARG D 158 -65.15 -16.98 -15.49
C ARG D 158 -66.66 -17.25 -15.49
N TYR D 159 -67.29 -17.08 -14.34
CA TYR D 159 -68.73 -17.32 -14.18
C TYR D 159 -69.49 -16.09 -13.73
N ASN D 160 -70.75 -15.97 -14.15
CA ASN D 160 -71.60 -14.87 -13.71
C ASN D 160 -72.12 -15.29 -12.35
N ALA D 161 -72.34 -16.59 -12.22
CA ALA D 161 -72.79 -17.22 -10.99
C ALA D 161 -72.20 -18.63 -11.03
N LYS D 162 -71.91 -19.21 -9.87
CA LYS D 162 -71.33 -20.54 -9.83
C LYS D 162 -71.36 -21.16 -8.46
N ALA D 163 -71.62 -22.46 -8.44
CA ALA D 163 -71.67 -23.23 -7.21
C ALA D 163 -70.76 -24.44 -7.34
N ILE D 164 -70.09 -24.78 -6.24
CA ILE D 164 -69.17 -25.91 -6.19
C ILE D 164 -69.48 -26.65 -4.90
N GLY D 165 -69.24 -27.95 -4.89
CA GLY D 165 -69.50 -28.72 -3.69
C GLY D 165 -70.58 -29.78 -3.85
N SER D 166 -71.04 -30.34 -2.73
CA SER D 166 -72.05 -31.38 -2.76
C SER D 166 -73.33 -30.96 -3.47
N GLY D 167 -73.85 -29.78 -3.18
CA GLY D 167 -75.08 -29.37 -3.83
C GLY D 167 -74.85 -28.51 -5.06
N SER D 168 -73.80 -28.79 -5.81
CA SER D 168 -73.48 -27.97 -6.98
C SER D 168 -74.41 -28.11 -8.20
N GLU D 169 -74.57 -29.32 -8.73
CA GLU D 169 -75.42 -29.48 -9.91
C GLU D 169 -76.82 -28.95 -9.60
N GLY D 170 -77.23 -29.12 -8.36
CA GLY D 170 -78.55 -28.65 -7.96
C GLY D 170 -78.59 -27.14 -7.98
N ALA D 171 -77.75 -26.52 -7.14
CA ALA D 171 -77.69 -25.06 -7.02
C ALA D 171 -77.38 -24.37 -8.34
N GLN D 172 -76.55 -25.00 -9.17
CA GLN D 172 -76.17 -24.41 -10.44
C GLN D 172 -77.42 -24.27 -11.30
N ALA D 173 -78.28 -25.28 -11.23
CA ALA D 173 -79.53 -25.29 -11.99
C ALA D 173 -80.36 -24.07 -11.61
N GLU D 174 -80.43 -23.82 -10.30
CA GLU D 174 -81.18 -22.69 -9.76
C GLU D 174 -80.59 -21.38 -10.25
N LEU D 175 -79.27 -21.24 -10.09
CA LEU D 175 -78.58 -20.03 -10.51
C LEU D 175 -78.80 -19.73 -11.99
N LEU D 176 -78.99 -20.77 -12.79
CA LEU D 176 -79.22 -20.59 -14.22
C LEU D 176 -80.51 -19.78 -14.42
N ASN D 177 -81.51 -20.04 -13.57
CA ASN D 177 -82.81 -19.37 -13.66
C ASN D 177 -82.89 -18.02 -12.94
N GLU D 178 -82.17 -17.89 -11.83
CA GLU D 178 -82.23 -16.65 -11.04
C GLU D 178 -81.37 -15.47 -11.51
N TRP D 179 -80.19 -15.79 -12.06
CA TRP D 179 -79.26 -14.76 -12.50
C TRP D 179 -79.62 -13.99 -13.77
N HIS D 180 -79.49 -12.68 -13.69
CA HIS D 180 -79.71 -11.79 -14.82
C HIS D 180 -78.71 -10.64 -14.71
N SER D 181 -78.31 -10.10 -15.84
CA SER D 181 -77.32 -9.02 -15.89
C SER D 181 -77.63 -7.74 -15.12
N SER D 182 -78.64 -7.74 -14.26
CA SER D 182 -78.95 -6.51 -13.53
C SER D 182 -79.36 -6.71 -12.08
N LEU D 183 -78.88 -7.78 -11.48
CA LEU D 183 -79.16 -8.06 -10.08
C LEU D 183 -78.45 -7.00 -9.26
N THR D 184 -78.99 -6.68 -8.09
CA THR D 184 -78.34 -5.69 -7.22
C THR D 184 -77.59 -6.50 -6.18
N LEU D 185 -76.70 -5.85 -5.42
CA LEU D 185 -75.95 -6.59 -4.43
C LEU D 185 -76.89 -7.23 -3.41
N LYS D 186 -77.93 -6.48 -3.01
CA LYS D 186 -78.90 -6.98 -2.05
C LYS D 186 -79.58 -8.24 -2.56
N GLU D 187 -79.98 -8.22 -3.83
CA GLU D 187 -80.64 -9.36 -4.43
C GLU D 187 -79.70 -10.56 -4.41
N ALA D 188 -78.46 -10.35 -4.84
CA ALA D 188 -77.45 -11.41 -4.87
C ALA D 188 -77.22 -12.03 -3.50
N GLU D 189 -77.10 -11.20 -2.46
CA GLU D 189 -76.90 -11.71 -1.10
C GLU D 189 -77.98 -12.72 -0.77
N LEU D 190 -79.23 -12.29 -0.91
CA LEU D 190 -80.41 -13.13 -0.63
C LEU D 190 -80.40 -14.36 -1.50
N LEU D 191 -80.16 -14.16 -2.79
CA LEU D 191 -80.14 -15.24 -3.75
C LEU D 191 -79.14 -16.34 -3.40
N VAL D 192 -78.03 -15.97 -2.79
CA VAL D 192 -77.01 -16.93 -2.37
C VAL D 192 -77.52 -17.60 -1.11
N LEU D 193 -78.01 -16.78 -0.20
CA LEU D 193 -78.56 -17.24 1.07
C LEU D 193 -79.71 -18.23 0.82
N LYS D 194 -80.55 -17.92 -0.16
CA LYS D 194 -81.70 -18.75 -0.53
C LYS D 194 -81.30 -20.12 -1.09
N ILE D 195 -80.47 -20.12 -2.13
CA ILE D 195 -80.03 -21.37 -2.75
C ILE D 195 -79.19 -22.23 -1.81
N LEU D 196 -78.52 -21.62 -0.85
CA LEU D 196 -77.71 -22.39 0.11
C LEU D 196 -78.68 -23.17 0.98
N LYS D 197 -79.69 -22.45 1.46
CA LYS D 197 -80.74 -23.01 2.30
C LYS D 197 -81.38 -24.23 1.66
N GLN D 198 -81.54 -24.21 0.33
CA GLN D 198 -82.13 -25.33 -0.38
C GLN D 198 -81.26 -26.59 -0.41
N VAL D 199 -79.96 -26.44 -0.69
CA VAL D 199 -79.07 -27.59 -0.78
C VAL D 199 -78.44 -28.09 0.52
N MET D 200 -78.52 -27.30 1.58
CA MET D 200 -77.93 -27.72 2.86
C MET D 200 -78.82 -28.73 3.59
N GLU D 201 -78.19 -29.66 4.30
CA GLU D 201 -78.96 -30.65 5.05
C GLU D 201 -79.55 -29.93 6.26
N GLU D 202 -78.74 -29.11 6.91
CA GLU D 202 -79.17 -28.37 8.08
C GLU D 202 -80.07 -27.21 7.72
N LYS D 203 -80.84 -26.74 8.70
CA LYS D 203 -81.69 -25.60 8.46
C LYS D 203 -80.75 -24.40 8.53
N LEU D 204 -80.48 -23.78 7.39
CA LEU D 204 -79.59 -22.64 7.31
C LEU D 204 -79.96 -21.50 8.26
N ASP D 205 -78.95 -21.04 8.99
CA ASP D 205 -79.11 -19.92 9.92
C ASP D 205 -77.76 -19.19 9.94
N GLU D 206 -77.65 -18.11 10.70
CA GLU D 206 -76.41 -17.35 10.72
C GLU D 206 -75.24 -18.02 11.42
N ASN D 207 -75.30 -19.34 11.57
CA ASN D 207 -74.22 -20.07 12.22
C ASN D 207 -73.62 -21.19 11.40
N ASN D 208 -74.40 -21.78 10.51
CA ASN D 208 -73.88 -22.86 9.68
C ASN D 208 -73.72 -22.37 8.25
N ALA D 209 -73.75 -21.06 8.09
CA ALA D 209 -73.58 -20.44 6.78
C ALA D 209 -72.89 -19.12 6.98
N GLN D 210 -72.20 -18.66 5.94
CA GLN D 210 -71.47 -17.41 6.02
C GLN D 210 -71.45 -16.68 4.68
N LEU D 211 -71.64 -15.36 4.76
CA LEU D 211 -71.67 -14.51 3.57
C LEU D 211 -70.51 -13.53 3.52
N SER D 212 -70.33 -12.93 2.35
CA SER D 212 -69.26 -11.96 2.13
C SER D 212 -69.38 -11.41 0.72
N CYS D 213 -68.69 -10.30 0.47
CA CYS D 213 -68.72 -9.67 -0.84
C CYS D 213 -67.46 -8.84 -1.07
N ILE D 214 -67.31 -8.36 -2.29
CA ILE D 214 -66.19 -7.51 -2.67
C ILE D 214 -66.77 -6.38 -3.51
N THR D 215 -66.65 -5.16 -3.03
CA THR D 215 -67.14 -4.00 -3.76
C THR D 215 -66.01 -3.01 -3.96
N LYS D 216 -65.92 -2.46 -5.16
CA LYS D 216 -64.88 -1.48 -5.49
C LYS D 216 -64.69 -0.43 -4.41
N GLN D 217 -65.73 -0.19 -3.62
CA GLN D 217 -65.65 0.85 -2.60
C GLN D 217 -65.04 0.45 -1.26
N ASP D 218 -65.47 -0.66 -0.67
CA ASP D 218 -64.93 -1.04 0.62
C ASP D 218 -64.10 -2.31 0.57
N GLY D 219 -63.89 -2.80 -0.64
CA GLY D 219 -63.10 -4.01 -0.82
C GLY D 219 -63.83 -5.26 -0.36
N PHE D 220 -63.05 -6.29 -0.05
CA PHE D 220 -63.58 -7.57 0.41
C PHE D 220 -63.81 -7.58 1.91
N LYS D 221 -65.03 -7.90 2.30
CA LYS D 221 -65.44 -7.96 3.70
C LYS D 221 -66.24 -9.25 3.94
N ILE D 222 -66.09 -9.81 5.13
CA ILE D 222 -66.80 -11.01 5.49
C ILE D 222 -67.93 -10.56 6.42
N TYR D 223 -69.18 -10.83 6.03
CA TYR D 223 -70.33 -10.43 6.84
C TYR D 223 -70.34 -11.16 8.17
N ASP D 224 -70.38 -10.40 9.26
CA ASP D 224 -70.44 -11.03 10.57
C ASP D 224 -71.86 -11.59 10.77
N ASN D 225 -72.00 -12.54 11.71
CA ASN D 225 -73.27 -13.19 11.97
C ASN D 225 -74.50 -12.30 12.12
N GLU D 226 -74.39 -11.20 12.86
CA GLU D 226 -75.53 -10.29 13.05
C GLU D 226 -76.03 -9.77 11.71
N LYS D 227 -75.12 -9.32 10.86
CA LYS D 227 -75.51 -8.81 9.56
C LYS D 227 -76.18 -9.92 8.75
N THR D 228 -75.59 -11.11 8.74
CA THR D 228 -76.14 -12.23 7.99
C THR D 228 -77.48 -12.70 8.56
N ALA D 229 -77.60 -12.70 9.88
CA ALA D 229 -78.83 -13.13 10.53
C ALA D 229 -80.04 -12.36 10.00
N GLU D 230 -79.88 -11.06 9.81
CA GLU D 230 -80.97 -10.24 9.30
C GLU D 230 -81.25 -10.53 7.85
N LEU D 231 -80.18 -10.68 7.06
CA LEU D 231 -80.35 -10.99 5.65
C LEU D 231 -81.11 -12.30 5.49
N ILE D 232 -80.95 -13.21 6.47
CA ILE D 232 -81.64 -14.49 6.46
C ILE D 232 -83.11 -14.27 6.77
N LYS D 233 -83.37 -13.41 7.75
CA LYS D 233 -84.73 -13.05 8.18
C LYS D 233 -85.46 -12.35 7.02
N GLU D 234 -84.78 -11.39 6.43
CA GLU D 234 -85.31 -10.63 5.31
C GLU D 234 -85.70 -11.55 4.16
N LEU D 235 -84.98 -12.66 4.02
CA LEU D 235 -85.24 -13.60 2.95
C LEU D 235 -86.49 -14.43 3.28
N LYS D 236 -86.57 -14.89 4.53
CA LYS D 236 -87.71 -15.70 4.98
C LYS D 236 -89.01 -14.94 4.79
N GLU D 237 -88.94 -13.62 4.80
CA GLU D 237 -90.11 -12.78 4.64
C GLU D 237 -90.51 -12.57 3.18
N LYS D 238 -89.54 -12.36 2.29
CA LYS D 238 -89.89 -12.17 0.88
C LYS D 238 -90.44 -13.44 0.28
N GLU D 239 -90.05 -14.59 0.84
CA GLU D 239 -90.54 -15.87 0.35
C GLU D 239 -91.96 -16.08 0.87
N ALA D 240 -92.22 -15.60 2.08
CA ALA D 240 -93.54 -15.73 2.69
C ALA D 240 -94.49 -14.66 2.15
N ALA D 241 -94.06 -13.94 1.13
CA ALA D 241 -94.87 -12.89 0.51
C ALA D 241 -95.47 -13.36 -0.81
N GLU D 242 -95.23 -14.64 -1.12
CA GLU D 242 -95.71 -15.31 -2.33
C GLU D 242 -94.73 -16.43 -2.69
N PHE E 1 -53.32 -57.34 -23.55
CA PHE E 1 -52.39 -56.56 -24.41
C PHE E 1 -52.20 -55.14 -23.84
N ARG E 2 -52.65 -54.15 -24.60
CA ARG E 2 -52.56 -52.72 -24.27
C ARG E 2 -52.45 -52.41 -22.79
N ASN E 3 -53.31 -53.05 -22.00
CA ASN E 3 -53.35 -52.85 -20.57
C ASN E 3 -51.97 -52.94 -19.90
N ASN E 4 -51.13 -53.86 -20.36
CA ASN E 4 -49.80 -54.06 -19.80
C ASN E 4 -48.71 -53.14 -20.33
N TYR E 5 -49.02 -52.35 -21.36
CA TYR E 5 -48.03 -51.48 -21.95
C TYR E 5 -48.40 -50.00 -21.94
N ASP E 6 -49.49 -49.66 -21.28
CA ASP E 6 -49.91 -48.25 -21.23
C ASP E 6 -49.68 -47.65 -19.84
N GLY E 7 -48.91 -48.33 -19.02
CA GLY E 7 -48.63 -47.84 -17.68
C GLY E 7 -47.83 -46.55 -17.66
N ASP E 8 -47.03 -46.31 -18.70
CA ASP E 8 -46.23 -45.10 -18.80
C ASP E 8 -45.62 -44.93 -20.19
N THR E 9 -45.06 -43.75 -20.41
CA THR E 9 -44.48 -43.38 -21.70
C THR E 9 -43.17 -44.06 -22.07
N VAL E 10 -42.47 -44.59 -21.09
CA VAL E 10 -41.20 -45.22 -21.34
C VAL E 10 -41.32 -46.69 -21.81
N THR E 11 -42.56 -47.16 -21.94
CA THR E 11 -42.77 -48.56 -22.36
C THR E 11 -43.27 -48.72 -23.79
N PHE E 12 -42.61 -49.61 -24.53
CA PHE E 12 -42.96 -49.92 -25.91
C PHE E 12 -43.91 -51.11 -25.92
N SER E 13 -44.93 -51.08 -26.77
CA SER E 13 -45.86 -52.19 -26.86
C SER E 13 -45.20 -53.22 -27.77
N PRO E 14 -45.65 -54.49 -27.71
CA PRO E 14 -45.05 -55.52 -28.54
C PRO E 14 -45.04 -55.19 -30.03
N THR E 15 -45.99 -54.36 -30.46
CA THR E 15 -46.10 -54.00 -31.87
C THR E 15 -45.27 -52.76 -32.16
N GLY E 16 -44.74 -52.14 -31.11
CA GLY E 16 -43.91 -50.94 -31.25
C GLY E 16 -44.62 -49.62 -30.99
N ARG E 17 -45.79 -49.68 -30.36
CA ARG E 17 -46.54 -48.46 -30.06
C ARG E 17 -46.23 -47.88 -28.70
N LEU E 18 -46.54 -46.59 -28.56
CA LEU E 18 -46.35 -45.87 -27.31
C LEU E 18 -47.75 -45.44 -26.91
N PHE E 19 -48.43 -46.28 -26.15
CA PHE E 19 -49.80 -46.03 -25.73
C PHE E 19 -50.08 -44.74 -24.98
N GLN E 20 -49.22 -44.38 -24.04
CA GLN E 20 -49.43 -43.15 -23.29
C GLN E 20 -49.50 -41.97 -24.23
N VAL E 21 -48.67 -42.01 -25.28
CA VAL E 21 -48.64 -40.96 -26.27
C VAL E 21 -49.96 -41.00 -27.04
N GLU E 22 -50.39 -42.21 -27.36
CA GLU E 22 -51.63 -42.39 -28.10
C GLU E 22 -52.83 -41.89 -27.30
N TYR E 23 -52.79 -42.04 -25.98
CA TYR E 23 -53.88 -41.57 -25.14
C TYR E 23 -53.91 -40.05 -25.11
N ALA E 24 -52.72 -39.45 -25.14
CA ALA E 24 -52.62 -38.00 -25.14
C ALA E 24 -53.24 -37.49 -26.42
N LEU E 25 -52.95 -38.16 -27.54
CA LEU E 25 -53.48 -37.80 -28.84
C LEU E 25 -55.01 -37.79 -28.79
N GLU E 26 -55.56 -38.65 -27.94
CA GLU E 26 -57.00 -38.76 -27.80
C GLU E 26 -57.62 -37.55 -27.09
N ALA E 27 -56.87 -36.94 -26.18
CA ALA E 27 -57.36 -35.78 -25.46
C ALA E 27 -57.50 -34.62 -26.42
N ILE E 28 -56.73 -34.69 -27.50
CA ILE E 28 -56.74 -33.66 -28.53
C ILE E 28 -58.05 -33.72 -29.31
N LYS E 29 -58.34 -34.90 -29.87
CA LYS E 29 -59.56 -35.13 -30.64
C LYS E 29 -60.84 -34.86 -29.86
N GLN E 30 -60.75 -34.99 -28.54
CA GLN E 30 -61.89 -34.76 -27.67
C GLN E 30 -61.99 -33.26 -27.41
N GLY E 31 -61.03 -32.52 -27.94
CA GLY E 31 -61.02 -31.08 -27.76
C GLY E 31 -61.82 -30.35 -28.83
N SER E 32 -62.07 -29.07 -28.62
CA SER E 32 -62.82 -28.25 -29.56
C SER E 32 -62.04 -28.02 -30.85
N VAL E 33 -62.74 -27.92 -31.97
CA VAL E 33 -62.08 -27.73 -33.26
C VAL E 33 -61.50 -26.33 -33.51
N THR E 34 -60.39 -26.32 -34.24
CA THR E 34 -59.70 -25.09 -34.62
C THR E 34 -59.09 -25.36 -36.00
N VAL E 35 -58.96 -24.31 -36.81
CA VAL E 35 -58.44 -24.46 -38.17
C VAL E 35 -57.29 -23.51 -38.52
N GLY E 36 -56.48 -23.95 -39.47
CA GLY E 36 -55.35 -23.15 -39.93
C GLY E 36 -55.29 -23.18 -41.45
N LEU E 37 -54.90 -22.05 -42.04
CA LEU E 37 -54.78 -21.92 -43.50
C LEU E 37 -54.02 -20.64 -43.83
N ARG E 38 -53.27 -20.65 -44.93
CA ARG E 38 -52.46 -19.50 -45.30
C ARG E 38 -52.39 -19.25 -46.80
N SER E 39 -52.17 -18.00 -47.17
CA SER E 39 -52.00 -17.64 -48.58
C SER E 39 -50.48 -17.42 -48.71
N ASN E 40 -50.06 -16.38 -49.44
CA ASN E 40 -48.63 -16.10 -49.57
C ASN E 40 -48.30 -14.80 -48.87
N THR E 41 -49.33 -14.16 -48.34
CA THR E 41 -49.15 -12.90 -47.65
C THR E 41 -49.66 -12.95 -46.23
N HIS E 42 -50.62 -13.84 -45.96
CA HIS E 42 -51.17 -13.97 -44.62
C HIS E 42 -51.40 -15.42 -44.23
N ALA E 43 -51.55 -15.62 -42.92
CA ALA E 43 -51.81 -16.93 -42.35
C ALA E 43 -52.90 -16.66 -41.32
N VAL E 44 -53.90 -17.53 -41.29
CA VAL E 44 -55.00 -17.33 -40.37
C VAL E 44 -55.32 -18.53 -39.51
N LEU E 45 -55.84 -18.24 -38.32
CA LEU E 45 -56.25 -19.26 -37.38
C LEU E 45 -57.70 -18.95 -37.01
N VAL E 46 -58.54 -19.98 -37.02
CA VAL E 46 -59.95 -19.83 -36.64
C VAL E 46 -60.23 -20.91 -35.63
N ALA E 47 -60.86 -20.56 -34.51
CA ALA E 47 -61.16 -21.57 -33.51
C ALA E 47 -62.52 -21.41 -32.87
N LEU E 48 -63.08 -22.54 -32.47
CA LEU E 48 -64.38 -22.60 -31.83
C LEU E 48 -64.15 -22.70 -30.32
N LYS E 49 -64.55 -21.68 -29.58
CA LYS E 49 -64.35 -21.70 -28.13
C LYS E 49 -65.49 -22.43 -27.42
N ARG E 50 -65.13 -23.29 -26.48
CA ARG E 50 -66.09 -24.09 -25.73
C ARG E 50 -66.36 -23.50 -24.33
N ASN E 51 -67.58 -23.64 -23.85
CA ASN E 51 -67.93 -23.12 -22.53
C ASN E 51 -68.51 -24.22 -21.65
N ALA E 52 -68.62 -23.95 -20.35
CA ALA E 52 -69.17 -24.91 -19.40
C ALA E 52 -70.69 -24.73 -19.33
N ASP E 53 -71.14 -23.82 -18.46
CA ASP E 53 -72.56 -23.52 -18.32
C ASP E 53 -72.83 -22.41 -19.31
N GLU E 54 -73.95 -21.72 -19.11
CA GLU E 54 -74.31 -20.58 -19.93
C GLU E 54 -73.93 -19.41 -19.05
N LEU E 55 -73.39 -19.74 -17.88
CA LEU E 55 -72.94 -18.76 -16.91
C LEU E 55 -71.42 -18.64 -16.95
N SER E 56 -70.78 -19.54 -17.68
CA SER E 56 -69.31 -19.55 -17.81
C SER E 56 -68.88 -18.88 -19.10
N SER E 57 -67.60 -18.52 -19.16
CA SER E 57 -67.03 -17.88 -20.32
C SER E 57 -66.67 -18.94 -21.36
N TYR E 58 -66.11 -18.51 -22.47
CA TYR E 58 -65.67 -19.42 -23.52
C TYR E 58 -64.15 -19.41 -23.50
N GLN E 59 -63.57 -20.47 -22.95
CA GLN E 59 -62.12 -20.61 -22.83
C GLN E 59 -61.36 -20.31 -24.11
N LYS E 60 -60.48 -19.32 -24.04
CA LYS E 60 -59.70 -18.92 -25.20
C LYS E 60 -58.90 -20.09 -25.77
N LYS E 61 -58.47 -19.96 -27.02
CA LYS E 61 -57.72 -21.03 -27.65
C LYS E 61 -56.62 -20.47 -28.56
N ILE E 62 -56.44 -19.16 -28.52
CA ILE E 62 -55.41 -18.52 -29.34
C ILE E 62 -54.37 -17.79 -28.48
N ILE E 63 -53.10 -18.06 -28.73
CA ILE E 63 -52.04 -17.42 -27.97
C ILE E 63 -51.02 -16.78 -28.90
N LYS E 64 -50.62 -15.57 -28.54
CA LYS E 64 -49.62 -14.80 -29.28
C LYS E 64 -48.26 -15.19 -28.68
N CYS E 65 -47.29 -15.48 -29.53
CA CYS E 65 -45.96 -15.86 -29.03
C CYS E 65 -44.95 -14.75 -29.23
N ASP E 66 -45.15 -13.97 -30.30
CA ASP E 66 -44.31 -12.82 -30.61
C ASP E 66 -45.13 -11.98 -31.58
N GLU E 67 -44.54 -10.90 -32.10
CA GLU E 67 -45.24 -10.04 -33.03
C GLU E 67 -45.47 -10.67 -34.40
N HIS E 68 -44.82 -11.80 -34.66
CA HIS E 68 -44.94 -12.45 -35.95
C HIS E 68 -45.34 -13.91 -35.82
N MET E 69 -45.69 -14.35 -34.61
CA MET E 69 -46.02 -15.75 -34.42
C MET E 69 -47.10 -15.98 -33.36
N GLY E 70 -47.86 -17.05 -33.51
CA GLY E 70 -48.91 -17.35 -32.57
C GLY E 70 -49.48 -18.72 -32.88
N LEU E 71 -50.39 -19.19 -32.04
CA LEU E 71 -50.97 -20.52 -32.25
C LEU E 71 -52.36 -20.69 -31.65
N SER E 72 -53.01 -21.79 -32.02
CA SER E 72 -54.32 -22.13 -31.50
C SER E 72 -54.17 -23.52 -30.85
N LEU E 73 -54.98 -23.79 -29.84
CA LEU E 73 -54.88 -25.05 -29.10
C LEU E 73 -56.10 -25.95 -29.17
N ALA E 74 -55.87 -27.23 -28.87
CA ALA E 74 -56.91 -28.26 -28.84
C ALA E 74 -56.44 -29.35 -27.88
N GLY E 75 -57.10 -29.43 -26.72
CA GLY E 75 -56.71 -30.41 -25.72
C GLY E 75 -56.61 -29.79 -24.35
N LEU E 76 -55.57 -30.16 -23.60
CA LEU E 76 -55.35 -29.61 -22.26
C LEU E 76 -54.87 -28.17 -22.34
N ALA E 77 -55.65 -27.25 -21.76
CA ALA E 77 -55.28 -25.84 -21.79
C ALA E 77 -53.94 -25.61 -21.10
N PRO E 78 -53.75 -26.18 -19.91
CA PRO E 78 -52.47 -25.96 -19.22
C PRO E 78 -51.25 -26.28 -20.07
N ASP E 79 -51.28 -27.43 -20.74
CA ASP E 79 -50.15 -27.83 -21.59
C ASP E 79 -49.87 -26.83 -22.71
N ALA E 80 -50.91 -26.15 -23.19
CA ALA E 80 -50.74 -25.17 -24.25
C ALA E 80 -50.07 -23.92 -23.66
N ARG E 81 -50.39 -23.65 -22.40
CA ARG E 81 -49.82 -22.51 -21.70
C ARG E 81 -48.32 -22.74 -21.53
N VAL E 82 -47.97 -23.94 -21.09
CA VAL E 82 -46.58 -24.32 -20.88
C VAL E 82 -45.80 -24.27 -22.20
N LEU E 83 -46.36 -24.86 -23.25
CA LEU E 83 -45.70 -24.88 -24.56
C LEU E 83 -45.61 -23.51 -25.24
N SER E 84 -46.70 -22.73 -25.19
CA SER E 84 -46.70 -21.42 -25.82
C SER E 84 -45.72 -20.51 -25.08
N ASN E 85 -45.69 -20.66 -23.76
CA ASN E 85 -44.81 -19.87 -22.95
C ASN E 85 -43.35 -20.20 -23.25
N TYR E 86 -43.08 -21.45 -23.56
CA TYR E 86 -41.73 -21.88 -23.90
C TYR E 86 -41.39 -21.29 -25.25
N LEU E 87 -42.38 -21.27 -26.13
CA LEU E 87 -42.20 -20.72 -27.46
C LEU E 87 -41.97 -19.22 -27.36
N ARG E 88 -42.66 -18.57 -26.42
CA ARG E 88 -42.50 -17.14 -26.23
C ARG E 88 -41.04 -16.79 -25.89
N GLN E 89 -40.42 -17.61 -25.06
CA GLN E 89 -39.05 -17.38 -24.65
C GLN E 89 -38.11 -17.60 -25.82
N GLN E 90 -38.25 -18.74 -26.50
CA GLN E 90 -37.40 -19.01 -27.64
C GLN E 90 -37.44 -17.84 -28.61
N CYS E 91 -38.63 -17.29 -28.81
CA CYS E 91 -38.77 -16.13 -29.71
C CYS E 91 -38.02 -14.95 -29.13
N ASN E 92 -38.27 -14.68 -27.85
CA ASN E 92 -37.63 -13.58 -27.11
C ASN E 92 -36.10 -13.72 -27.11
N TYR E 93 -35.62 -14.94 -26.98
CA TYR E 93 -34.19 -15.19 -26.97
C TYR E 93 -33.60 -14.81 -28.33
N SER E 94 -34.21 -15.30 -29.39
CA SER E 94 -33.73 -15.01 -30.73
C SER E 94 -33.64 -13.50 -30.96
N SER E 95 -34.57 -12.75 -30.40
CA SER E 95 -34.57 -11.29 -30.55
C SER E 95 -33.42 -10.65 -29.80
N LEU E 96 -33.36 -10.90 -28.49
CA LEU E 96 -32.33 -10.30 -27.65
C LEU E 96 -30.88 -10.65 -28.00
N VAL E 97 -30.61 -11.92 -28.25
CA VAL E 97 -29.24 -12.30 -28.56
C VAL E 97 -28.80 -12.09 -29.98
N PHE E 98 -29.69 -12.34 -30.95
CA PHE E 98 -29.30 -12.18 -32.35
C PHE E 98 -30.07 -11.08 -33.06
N ASN E 99 -30.96 -10.38 -32.35
CA ASN E 99 -31.74 -9.32 -32.96
C ASN E 99 -32.30 -9.90 -34.24
N ARG E 100 -32.91 -11.07 -34.11
CA ARG E 100 -33.46 -11.82 -35.24
C ARG E 100 -34.82 -12.41 -34.88
N LYS E 101 -35.78 -12.28 -35.79
CA LYS E 101 -37.09 -12.86 -35.54
C LYS E 101 -36.96 -14.36 -35.80
N LEU E 102 -37.50 -15.15 -34.88
CA LEU E 102 -37.40 -16.60 -34.98
C LEU E 102 -38.19 -17.20 -36.15
N ALA E 103 -37.50 -18.02 -36.93
CA ALA E 103 -38.09 -18.70 -38.08
C ALA E 103 -39.18 -19.67 -37.61
N VAL E 104 -40.36 -19.57 -38.21
CA VAL E 104 -41.50 -20.42 -37.85
C VAL E 104 -41.14 -21.89 -37.91
N GLU E 105 -40.35 -22.26 -38.92
CA GLU E 105 -39.95 -23.65 -39.08
C GLU E 105 -39.09 -24.12 -37.91
N ARG E 106 -38.35 -23.19 -37.33
CA ARG E 106 -37.46 -23.48 -36.21
C ARG E 106 -38.23 -23.58 -34.90
N ALA E 107 -39.26 -22.73 -34.75
CA ALA E 107 -40.09 -22.77 -33.56
C ALA E 107 -40.69 -24.18 -33.52
N GLY E 108 -40.96 -24.71 -34.70
CA GLY E 108 -41.51 -26.04 -34.81
C GLY E 108 -40.53 -27.09 -34.36
N HIS E 109 -39.27 -26.97 -34.79
CA HIS E 109 -38.24 -27.93 -34.41
C HIS E 109 -38.04 -27.89 -32.89
N LEU E 110 -38.14 -26.68 -32.33
CA LEU E 110 -37.99 -26.50 -30.90
C LEU E 110 -39.10 -27.21 -30.16
N LEU E 111 -40.34 -27.00 -30.60
CA LEU E 111 -41.49 -27.63 -29.97
C LEU E 111 -41.37 -29.14 -30.06
N CYS E 112 -41.12 -29.63 -31.27
CA CYS E 112 -40.97 -31.06 -31.47
C CYS E 112 -39.98 -31.67 -30.48
N ASP E 113 -38.79 -31.07 -30.40
CA ASP E 113 -37.77 -31.57 -29.50
C ASP E 113 -38.18 -31.52 -28.05
N LYS E 114 -38.93 -30.48 -27.66
CA LYS E 114 -39.36 -30.39 -26.27
C LYS E 114 -40.35 -31.51 -25.95
N ALA E 115 -41.27 -31.76 -26.87
CA ALA E 115 -42.26 -32.80 -26.69
C ALA E 115 -41.63 -34.17 -26.57
N GLN E 116 -40.73 -34.48 -27.50
CA GLN E 116 -40.05 -35.76 -27.56
C GLN E 116 -39.40 -36.20 -26.26
N LYS E 117 -38.85 -35.24 -25.51
CA LYS E 117 -38.19 -35.56 -24.25
C LYS E 117 -39.12 -36.15 -23.20
N ASN E 118 -40.40 -35.79 -23.26
CA ASN E 118 -41.38 -36.30 -22.31
C ASN E 118 -41.93 -37.67 -22.71
N THR E 119 -41.42 -38.24 -23.79
CA THR E 119 -41.88 -39.54 -24.27
C THR E 119 -40.79 -40.61 -24.19
N GLN E 120 -39.64 -40.26 -23.63
CA GLN E 120 -38.54 -41.22 -23.54
C GLN E 120 -38.04 -41.46 -22.12
N SER E 121 -38.42 -40.59 -21.19
CA SER E 121 -37.97 -40.74 -19.82
C SER E 121 -39.08 -41.04 -18.83
N TYR E 122 -38.73 -41.78 -17.80
CA TYR E 122 -39.66 -42.19 -16.76
C TYR E 122 -40.21 -41.04 -15.92
N GLY E 123 -41.45 -41.19 -15.46
CA GLY E 123 -42.06 -40.18 -14.64
C GLY E 123 -42.81 -39.09 -15.37
N GLY E 124 -42.30 -38.70 -16.52
CA GLY E 124 -42.95 -37.65 -17.28
C GLY E 124 -44.30 -38.08 -17.80
N ARG E 125 -44.81 -37.32 -18.77
CA ARG E 125 -46.06 -37.64 -19.40
C ARG E 125 -46.11 -36.79 -20.65
N PRO E 126 -46.60 -37.36 -21.75
CA PRO E 126 -46.67 -36.59 -22.98
C PRO E 126 -47.56 -35.38 -22.77
N TYR E 127 -47.36 -34.34 -23.57
CA TYR E 127 -48.23 -33.18 -23.46
C TYR E 127 -49.56 -33.64 -24.08
N GLY E 128 -50.67 -33.23 -23.49
CA GLY E 128 -51.96 -33.65 -24.03
C GLY E 128 -52.66 -32.51 -24.75
N VAL E 129 -51.97 -31.91 -25.71
CA VAL E 129 -52.55 -30.80 -26.46
C VAL E 129 -51.97 -30.74 -27.87
N GLY E 130 -52.81 -30.31 -28.81
CA GLY E 130 -52.38 -30.15 -30.19
C GLY E 130 -52.28 -28.66 -30.46
N LEU E 131 -51.33 -28.26 -31.30
CA LEU E 131 -51.15 -26.84 -31.59
C LEU E 131 -51.00 -26.53 -33.08
N LEU E 132 -51.55 -25.38 -33.48
CA LEU E 132 -51.46 -24.88 -34.85
C LEU E 132 -50.72 -23.56 -34.78
N ILE E 133 -49.52 -23.52 -35.36
CA ILE E 133 -48.67 -22.34 -35.36
C ILE E 133 -48.69 -21.59 -36.70
N ILE E 134 -48.88 -20.27 -36.65
CA ILE E 134 -48.84 -19.50 -37.89
C ILE E 134 -47.88 -18.36 -37.66
N GLY E 135 -47.29 -17.87 -38.73
CA GLY E 135 -46.36 -16.77 -38.60
C GLY E 135 -45.87 -16.29 -39.95
N TYR E 136 -45.23 -15.13 -39.95
CA TYR E 136 -44.68 -14.54 -41.15
C TYR E 136 -43.24 -14.17 -40.81
N ASP E 137 -42.30 -14.76 -41.53
CA ASP E 137 -40.89 -14.50 -41.28
C ASP E 137 -40.16 -14.11 -42.57
N LYS E 138 -38.84 -14.32 -42.60
CA LYS E 138 -38.05 -13.98 -43.78
C LYS E 138 -38.33 -14.88 -44.97
N SER E 139 -39.21 -15.87 -44.79
CA SER E 139 -39.53 -16.76 -45.90
C SER E 139 -41.03 -16.79 -46.18
N GLY E 140 -41.74 -15.77 -45.72
CA GLY E 140 -43.17 -15.70 -45.97
C GLY E 140 -44.14 -16.20 -44.93
N ALA E 141 -45.35 -16.54 -45.40
CA ALA E 141 -46.42 -17.03 -44.55
C ALA E 141 -46.16 -18.48 -44.18
N HIS E 142 -46.61 -18.88 -42.98
CA HIS E 142 -46.41 -20.24 -42.49
C HIS E 142 -47.51 -20.79 -41.59
N LEU E 143 -47.73 -22.10 -41.71
CA LEU E 143 -48.72 -22.82 -40.89
C LEU E 143 -48.12 -24.16 -40.47
N LEU E 144 -48.17 -24.46 -39.19
CA LEU E 144 -47.63 -25.70 -38.63
C LEU E 144 -48.61 -26.47 -37.78
N GLU E 145 -48.50 -27.79 -37.81
CA GLU E 145 -49.37 -28.63 -36.99
C GLU E 145 -48.48 -29.37 -36.00
N PHE E 146 -48.80 -29.21 -34.72
CA PHE E 146 -48.02 -29.85 -33.68
C PHE E 146 -48.76 -30.96 -32.94
N GLN E 147 -48.13 -32.13 -32.90
CA GLN E 147 -48.69 -33.29 -32.22
C GLN E 147 -47.78 -33.71 -31.04
N PRO E 148 -48.37 -33.96 -29.86
CA PRO E 148 -47.64 -34.37 -28.66
C PRO E 148 -46.69 -35.53 -28.92
N SER E 149 -46.92 -36.26 -29.99
CA SER E 149 -46.05 -37.37 -30.35
C SER E 149 -44.69 -36.78 -30.66
N GLY E 150 -44.68 -35.46 -30.88
CA GLY E 150 -43.44 -34.77 -31.22
C GLY E 150 -43.40 -34.45 -32.70
N ASN E 151 -44.45 -34.83 -33.41
CA ASN E 151 -44.52 -34.58 -34.84
C ASN E 151 -45.09 -33.22 -35.20
N VAL E 152 -44.28 -32.46 -35.95
CA VAL E 152 -44.67 -31.12 -36.42
C VAL E 152 -44.58 -31.11 -37.96
N THR E 153 -45.64 -30.64 -38.59
CA THR E 153 -45.69 -30.62 -40.04
C THR E 153 -46.12 -29.27 -40.61
N GLU E 154 -45.46 -28.84 -41.68
CA GLU E 154 -45.77 -27.56 -42.32
C GLU E 154 -46.81 -27.83 -43.41
N LEU E 155 -47.91 -27.09 -43.35
CA LEU E 155 -48.99 -27.28 -44.29
C LEU E 155 -49.48 -25.97 -44.89
N TYR E 156 -50.47 -26.06 -45.78
CA TYR E 156 -51.10 -24.88 -46.40
C TYR E 156 -52.32 -24.61 -45.56
N GLY E 157 -52.87 -25.69 -45.00
CA GLY E 157 -54.05 -25.60 -44.17
C GLY E 157 -54.25 -26.90 -43.41
N THR E 158 -55.15 -26.87 -42.43
CA THR E 158 -55.46 -28.05 -41.62
C THR E 158 -56.31 -27.69 -40.41
N ALA E 159 -56.77 -28.72 -39.71
CA ALA E 159 -57.59 -28.53 -38.51
C ALA E 159 -57.39 -29.71 -37.56
N ILE E 160 -57.70 -29.47 -36.29
CA ILE E 160 -57.58 -30.48 -35.25
C ILE E 160 -58.75 -30.30 -34.30
N GLY E 161 -59.06 -31.35 -33.55
CA GLY E 161 -60.17 -31.29 -32.62
C GLY E 161 -61.30 -32.19 -33.07
N ALA E 162 -62.43 -32.12 -32.39
CA ALA E 162 -63.59 -32.94 -32.73
C ALA E 162 -64.16 -32.54 -34.09
N ARG E 163 -64.48 -33.55 -34.91
CA ARG E 163 -65.06 -33.33 -36.22
C ARG E 163 -64.14 -32.53 -37.14
N SER E 164 -62.92 -32.29 -36.67
CA SER E 164 -61.93 -31.54 -37.44
C SER E 164 -61.78 -32.06 -38.87
N GLN E 165 -62.17 -33.32 -39.06
CA GLN E 165 -62.08 -33.96 -40.36
C GLN E 165 -62.87 -33.23 -41.44
N GLY E 166 -63.98 -32.62 -41.05
CA GLY E 166 -64.78 -31.90 -42.02
C GLY E 166 -63.97 -30.78 -42.66
N ALA E 167 -63.58 -29.81 -41.85
CA ALA E 167 -62.81 -28.67 -42.31
C ALA E 167 -61.59 -29.13 -43.11
N LYS E 168 -60.88 -30.11 -42.60
CA LYS E 168 -59.68 -30.62 -43.25
C LYS E 168 -59.95 -31.09 -44.71
N THR E 169 -61.13 -31.63 -44.96
CA THR E 169 -61.49 -32.09 -46.31
C THR E 169 -61.82 -30.87 -47.15
N TYR E 170 -62.60 -29.96 -46.58
CA TYR E 170 -62.99 -28.74 -47.24
C TYR E 170 -61.75 -28.01 -47.73
N LEU E 171 -60.78 -27.83 -46.85
CA LEU E 171 -59.55 -27.14 -47.20
C LEU E 171 -58.77 -27.87 -48.28
N GLU E 172 -58.75 -29.19 -48.20
CA GLU E 172 -58.03 -30.01 -49.17
C GLU E 172 -58.69 -29.90 -50.54
N ARG E 173 -59.91 -29.40 -50.52
CA ARG E 173 -60.72 -29.20 -51.70
C ARG E 173 -60.58 -27.76 -52.18
N THR E 174 -60.62 -26.83 -51.24
CA THR E 174 -60.50 -25.40 -51.50
C THR E 174 -59.06 -24.93 -51.74
N LEU E 175 -58.08 -25.80 -51.49
CA LEU E 175 -56.67 -25.44 -51.64
C LEU E 175 -56.34 -24.43 -52.73
N ASP E 176 -56.44 -24.85 -53.98
CA ASP E 176 -56.13 -23.99 -55.13
C ASP E 176 -56.73 -22.58 -54.99
N THR E 177 -57.85 -22.49 -54.29
CA THR E 177 -58.54 -21.22 -54.08
C THR E 177 -57.91 -20.28 -53.06
N PHE E 178 -57.96 -20.64 -51.78
CA PHE E 178 -57.42 -19.78 -50.74
C PHE E 178 -55.92 -19.48 -50.80
N ILE E 179 -55.14 -20.40 -51.34
CA ILE E 179 -53.69 -20.22 -51.42
C ILE E 179 -53.27 -19.02 -52.27
N LYS E 180 -54.24 -18.45 -52.98
CA LYS E 180 -53.98 -17.30 -53.83
C LYS E 180 -54.70 -16.06 -53.30
N ILE E 181 -55.27 -16.16 -52.10
CA ILE E 181 -55.96 -15.03 -51.48
C ILE E 181 -54.91 -14.11 -50.88
N ASP E 182 -53.99 -13.62 -51.71
CA ASP E 182 -52.93 -12.74 -51.23
C ASP E 182 -53.40 -11.28 -51.16
N GLY E 183 -52.81 -10.50 -50.26
CA GLY E 183 -53.18 -9.11 -50.13
C GLY E 183 -54.61 -8.84 -49.70
N ASN E 184 -55.38 -9.88 -49.46
CA ASN E 184 -56.76 -9.69 -49.02
C ASN E 184 -57.11 -10.47 -47.77
N PRO E 185 -56.74 -9.93 -46.60
CA PRO E 185 -57.02 -10.61 -45.34
C PRO E 185 -58.48 -11.04 -45.17
N ASP E 186 -59.41 -10.08 -45.20
CA ASP E 186 -60.82 -10.40 -45.03
C ASP E 186 -61.30 -11.67 -45.73
N GLU E 187 -60.74 -11.95 -46.90
CA GLU E 187 -61.13 -13.15 -47.63
C GLU E 187 -60.56 -14.43 -47.03
N LEU E 188 -59.27 -14.43 -46.71
CA LEU E 188 -58.65 -15.63 -46.13
C LEU E 188 -59.37 -16.03 -44.84
N ILE E 189 -59.84 -15.05 -44.08
CA ILE E 189 -60.56 -15.36 -42.84
C ILE E 189 -61.90 -16.00 -43.15
N LYS E 190 -62.60 -15.47 -44.15
CA LYS E 190 -63.89 -16.02 -44.53
C LYS E 190 -63.69 -17.48 -44.97
N ALA E 191 -62.65 -17.74 -45.76
CA ALA E 191 -62.36 -19.11 -46.22
C ALA E 191 -62.14 -20.02 -45.02
N GLY E 192 -61.53 -19.48 -43.97
CA GLY E 192 -61.30 -20.25 -42.76
C GLY E 192 -62.58 -20.46 -41.98
N VAL E 193 -63.41 -19.41 -41.89
CA VAL E 193 -64.68 -19.50 -41.17
C VAL E 193 -65.68 -20.43 -41.86
N GLU E 194 -65.42 -20.76 -43.13
CA GLU E 194 -66.28 -21.66 -43.86
C GLU E 194 -65.73 -23.06 -43.72
N ALA E 195 -64.42 -23.13 -43.49
CA ALA E 195 -63.76 -24.40 -43.30
C ALA E 195 -64.12 -24.88 -41.91
N ILE E 196 -64.13 -23.96 -40.96
CA ILE E 196 -64.44 -24.29 -39.58
C ILE E 196 -65.86 -24.83 -39.45
N SER E 197 -66.82 -24.08 -39.99
CA SER E 197 -68.22 -24.48 -39.92
C SER E 197 -68.50 -25.84 -40.57
N GLN E 198 -67.49 -26.39 -41.24
CA GLN E 198 -67.62 -27.69 -41.88
C GLN E 198 -67.38 -28.78 -40.84
N SER E 199 -67.34 -28.37 -39.58
CA SER E 199 -67.13 -29.28 -38.47
C SER E 199 -68.13 -28.99 -37.35
N LEU E 200 -69.07 -28.09 -37.65
CA LEU E 200 -70.11 -27.76 -36.68
C LEU E 200 -71.07 -28.94 -36.67
N ARG E 201 -72.08 -28.88 -35.83
CA ARG E 201 -73.04 -29.97 -35.72
C ARG E 201 -73.97 -29.65 -34.56
N ASP E 202 -73.35 -29.34 -33.44
CA ASP E 202 -74.05 -28.98 -32.22
C ASP E 202 -74.79 -27.64 -32.43
N GLU E 203 -74.02 -26.57 -32.55
CA GLU E 203 -74.58 -25.22 -32.73
C GLU E 203 -73.99 -24.51 -33.94
N SER E 204 -74.20 -23.20 -34.00
CA SER E 204 -73.69 -22.38 -35.09
C SER E 204 -72.81 -21.31 -34.45
N LEU E 205 -71.66 -21.02 -35.07
CA LEU E 205 -70.72 -20.04 -34.54
C LEU E 205 -71.30 -18.66 -34.24
N THR E 206 -71.34 -18.32 -32.96
CA THR E 206 -71.87 -17.05 -32.49
C THR E 206 -70.78 -16.03 -32.23
N VAL E 207 -71.17 -14.86 -31.72
CA VAL E 207 -70.22 -13.79 -31.45
C VAL E 207 -69.20 -14.10 -30.36
N ASP E 208 -69.68 -14.46 -29.18
CA ASP E 208 -68.78 -14.76 -28.07
C ASP E 208 -68.37 -16.24 -28.10
N ASN E 209 -68.48 -16.83 -29.28
CA ASN E 209 -68.15 -18.24 -29.45
C ASN E 209 -67.05 -18.46 -30.50
N LEU E 210 -66.88 -17.46 -31.37
CA LEU E 210 -65.89 -17.51 -32.44
C LEU E 210 -64.62 -16.76 -32.04
N SER E 211 -63.49 -17.25 -32.53
CA SER E 211 -62.17 -16.68 -32.25
C SER E 211 -61.32 -16.78 -33.52
N ILE E 212 -60.73 -15.65 -33.90
CA ILE E 212 -59.90 -15.58 -35.11
C ILE E 212 -58.60 -14.80 -34.93
N ALA E 213 -57.52 -15.34 -35.47
CA ALA E 213 -56.23 -14.70 -35.39
C ALA E 213 -55.64 -14.60 -36.79
N ILE E 214 -54.79 -13.60 -37.00
CA ILE E 214 -54.14 -13.43 -38.30
C ILE E 214 -52.77 -12.77 -38.18
N VAL E 215 -51.92 -13.09 -39.14
CA VAL E 215 -50.58 -12.55 -39.20
C VAL E 215 -50.20 -12.52 -40.67
N GLY E 216 -49.21 -11.72 -41.03
CA GLY E 216 -48.79 -11.66 -42.43
C GLY E 216 -47.97 -10.45 -42.82
N LYS E 217 -47.53 -10.46 -44.08
CA LYS E 217 -46.72 -9.41 -44.70
C LYS E 217 -46.67 -8.11 -43.91
N ASP E 218 -47.80 -7.43 -43.80
CA ASP E 218 -47.80 -6.19 -43.05
C ASP E 218 -48.87 -6.19 -41.97
N THR E 219 -48.98 -7.31 -41.29
CA THR E 219 -49.96 -7.44 -40.22
C THR E 219 -49.38 -8.14 -39.01
N PRO E 220 -49.30 -7.43 -37.87
CA PRO E 220 -48.73 -8.10 -36.69
C PRO E 220 -49.78 -9.07 -36.15
N PHE E 221 -49.32 -10.20 -35.62
CA PHE E 221 -50.23 -11.21 -35.08
C PHE E 221 -51.21 -10.55 -34.11
N THR E 222 -52.50 -10.57 -34.49
CA THR E 222 -53.56 -9.98 -33.69
C THR E 222 -54.76 -10.92 -33.60
N ILE E 223 -55.41 -10.95 -32.44
CA ILE E 223 -56.56 -11.81 -32.20
C ILE E 223 -57.88 -11.02 -32.16
N TYR E 224 -58.96 -11.64 -32.62
CA TYR E 224 -60.28 -11.00 -32.64
C TYR E 224 -61.33 -11.80 -31.89
N ASP E 225 -62.02 -11.13 -30.97
CA ASP E 225 -63.08 -11.77 -30.19
C ASP E 225 -64.29 -10.88 -30.06
N GLY E 226 -65.45 -11.50 -29.85
CA GLY E 226 -66.69 -10.74 -29.70
C GLY E 226 -67.06 -9.94 -30.93
N GLU E 227 -67.69 -8.79 -30.69
CA GLU E 227 -68.13 -7.89 -31.74
C GLU E 227 -67.17 -7.82 -32.93
N ALA E 228 -65.87 -7.89 -32.66
CA ALA E 228 -64.88 -7.82 -33.72
C ALA E 228 -65.02 -8.93 -34.77
N VAL E 229 -65.60 -10.07 -34.38
CA VAL E 229 -65.78 -11.18 -35.33
C VAL E 229 -67.18 -11.17 -35.93
N ALA E 230 -68.04 -10.32 -35.38
CA ALA E 230 -69.42 -10.20 -35.84
C ALA E 230 -69.58 -10.10 -37.35
N LYS E 231 -68.72 -9.33 -38.01
CA LYS E 231 -68.81 -9.16 -39.46
C LYS E 231 -68.49 -10.43 -40.26
N TYR E 232 -68.00 -11.47 -39.60
CA TYR E 232 -67.67 -12.70 -40.32
C TYR E 232 -68.70 -13.81 -40.05
N ILE E 233 -69.63 -13.54 -39.15
CA ILE E 233 -70.63 -14.54 -38.82
C ILE E 233 -71.87 -14.44 -39.71
N GLY F 1 -40.71 -67.40 -15.66
CA GLY F 1 -42.10 -66.96 -15.94
C GLY F 1 -42.22 -66.04 -17.16
N THR F 2 -42.90 -64.91 -16.98
CA THR F 2 -43.07 -63.91 -18.06
C THR F 2 -42.96 -62.48 -17.52
N GLY F 3 -43.30 -61.51 -18.35
CA GLY F 3 -43.21 -60.12 -17.94
C GLY F 3 -41.83 -59.59 -18.22
N TYR F 4 -41.03 -60.38 -18.93
CA TYR F 4 -39.67 -60.00 -19.27
C TYR F 4 -39.67 -58.86 -20.28
N ASP F 5 -40.77 -58.70 -20.99
CA ASP F 5 -40.87 -57.65 -22.00
C ASP F 5 -41.47 -56.33 -21.50
N LEU F 6 -41.63 -56.17 -20.19
CA LEU F 6 -42.22 -54.95 -19.67
C LEU F 6 -41.23 -53.86 -19.22
N SER F 7 -40.00 -54.25 -18.91
CA SER F 7 -38.97 -53.29 -18.49
C SER F 7 -37.79 -53.30 -19.45
N ASN F 8 -37.25 -52.12 -19.73
CA ASN F 8 -36.16 -51.97 -20.67
C ASN F 8 -34.83 -52.71 -20.45
N SER F 9 -34.19 -52.56 -19.31
CA SER F 9 -32.90 -53.23 -19.20
C SER F 9 -32.91 -54.73 -18.87
N VAL F 10 -34.10 -55.33 -18.81
CA VAL F 10 -34.22 -56.75 -18.44
C VAL F 10 -33.84 -57.79 -19.50
N PHE F 11 -33.11 -58.80 -19.05
CA PHE F 11 -32.70 -59.91 -19.90
C PHE F 11 -33.80 -60.97 -19.83
N SER F 12 -34.15 -61.53 -20.97
CA SER F 12 -35.17 -62.58 -21.02
C SER F 12 -34.37 -63.86 -20.86
N PRO F 13 -35.03 -64.99 -20.57
CA PRO F 13 -34.25 -66.23 -20.40
C PRO F 13 -33.34 -66.60 -21.57
N ASP F 14 -33.65 -66.10 -22.75
CA ASP F 14 -32.86 -66.39 -23.94
C ASP F 14 -31.78 -65.34 -24.23
N GLY F 15 -31.51 -64.48 -23.25
CA GLY F 15 -30.49 -63.47 -23.43
C GLY F 15 -30.86 -62.28 -24.31
N ARG F 16 -32.15 -62.05 -24.50
CA ARG F 16 -32.61 -60.94 -25.33
C ARG F 16 -33.17 -59.80 -24.49
N ASN F 17 -33.31 -58.64 -25.11
CA ASN F 17 -33.86 -57.46 -24.45
C ASN F 17 -35.10 -57.05 -25.27
N PHE F 18 -36.19 -57.77 -25.04
CA PHE F 18 -37.46 -57.57 -25.74
C PHE F 18 -37.90 -56.14 -26.06
N GLN F 19 -37.74 -55.22 -25.12
CA GLN F 19 -38.13 -53.84 -25.36
C GLN F 19 -37.36 -53.21 -26.53
N VAL F 20 -36.12 -53.62 -26.73
CA VAL F 20 -35.32 -53.12 -27.84
C VAL F 20 -35.89 -53.74 -29.12
N GLU F 21 -36.30 -54.99 -29.00
CA GLU F 21 -36.89 -55.73 -30.13
C GLU F 21 -38.21 -55.10 -30.53
N TYR F 22 -38.92 -54.54 -29.56
CA TYR F 22 -40.20 -53.88 -29.82
C TYR F 22 -39.97 -52.54 -30.49
N ALA F 23 -38.83 -51.91 -30.19
CA ALA F 23 -38.52 -50.62 -30.80
C ALA F 23 -38.31 -50.87 -32.28
N VAL F 24 -37.67 -51.99 -32.59
CA VAL F 24 -37.42 -52.37 -33.98
C VAL F 24 -38.74 -52.42 -34.75
N LYS F 25 -39.77 -53.00 -34.12
CA LYS F 25 -41.07 -53.09 -34.76
C LYS F 25 -41.58 -51.72 -35.16
N ALA F 26 -41.21 -50.70 -34.39
CA ALA F 26 -41.64 -49.33 -34.67
C ALA F 26 -40.84 -48.77 -35.84
N VAL F 27 -39.62 -49.26 -36.00
CA VAL F 27 -38.76 -48.80 -37.09
C VAL F 27 -39.23 -49.44 -38.40
N GLU F 28 -39.47 -50.74 -38.39
CA GLU F 28 -39.92 -51.46 -39.58
C GLU F 28 -41.22 -50.86 -40.09
N ASN F 29 -41.92 -50.20 -39.18
CA ASN F 29 -43.20 -49.60 -39.49
C ASN F 29 -43.07 -48.24 -40.17
N GLY F 30 -41.89 -47.66 -40.14
CA GLY F 30 -41.73 -46.36 -40.76
C GLY F 30 -41.28 -46.37 -42.20
N THR F 31 -41.28 -45.18 -42.79
CA THR F 31 -40.87 -44.95 -44.17
C THR F 31 -39.51 -45.61 -44.47
N THR F 32 -39.25 -45.86 -45.76
CA THR F 32 -37.97 -46.46 -46.11
C THR F 32 -36.97 -45.38 -46.53
N SER F 33 -35.72 -45.57 -46.10
CA SER F 33 -34.63 -44.64 -46.40
C SER F 33 -33.37 -45.45 -46.71
N ILE F 34 -32.43 -44.85 -47.45
CA ILE F 34 -31.22 -45.58 -47.81
C ILE F 34 -29.94 -44.78 -47.90
N GLY F 35 -28.84 -45.50 -48.08
CA GLY F 35 -27.53 -44.90 -48.21
C GLY F 35 -26.72 -45.71 -49.19
N ILE F 36 -26.03 -45.01 -50.09
CA ILE F 36 -25.19 -45.67 -51.10
C ILE F 36 -23.80 -45.07 -51.04
N LYS F 37 -22.83 -45.87 -50.64
CA LYS F 37 -21.46 -45.42 -50.59
C LYS F 37 -20.93 -45.44 -52.02
N CYS F 38 -20.34 -44.33 -52.47
CA CYS F 38 -19.81 -44.31 -53.84
C CYS F 38 -18.29 -44.19 -53.78
N ASN F 39 -17.65 -44.14 -54.94
CA ASN F 39 -16.19 -44.08 -55.01
C ASN F 39 -15.47 -42.91 -54.30
N ASP F 40 -16.18 -41.84 -53.97
CA ASP F 40 -15.58 -40.73 -53.24
C ASP F 40 -16.61 -39.93 -52.44
N GLY F 41 -17.62 -40.62 -51.94
CA GLY F 41 -18.64 -39.97 -51.15
C GLY F 41 -19.79 -40.90 -50.82
N VAL F 42 -20.90 -40.33 -50.35
CA VAL F 42 -22.07 -41.12 -50.00
C VAL F 42 -23.34 -40.38 -50.39
N VAL F 43 -24.38 -41.13 -50.71
CA VAL F 43 -25.64 -40.53 -51.10
C VAL F 43 -26.74 -41.03 -50.17
N PHE F 44 -27.61 -40.12 -49.75
CA PHE F 44 -28.70 -40.50 -48.87
C PHE F 44 -30.02 -40.11 -49.53
N ALA F 45 -31.03 -40.98 -49.37
CA ALA F 45 -32.34 -40.74 -49.94
C ALA F 45 -33.41 -41.28 -49.01
N VAL F 46 -34.59 -40.67 -49.05
CA VAL F 46 -35.69 -41.12 -48.21
C VAL F 46 -37.05 -40.91 -48.89
N GLU F 47 -38.01 -41.74 -48.49
CA GLU F 47 -39.37 -41.69 -48.98
C GLU F 47 -40.17 -40.77 -48.06
N LYS F 48 -40.80 -39.74 -48.61
CA LYS F 48 -41.59 -38.84 -47.78
C LYS F 48 -43.04 -38.98 -48.17
N LEU F 49 -43.79 -39.79 -47.43
CA LEU F 49 -45.19 -40.00 -47.74
C LEU F 49 -46.01 -38.72 -47.68
N ILE F 50 -46.82 -38.52 -48.70
CA ILE F 50 -47.67 -37.36 -48.80
C ILE F 50 -49.05 -37.73 -48.25
N THR F 51 -49.26 -37.37 -46.99
CA THR F 51 -50.52 -37.64 -46.29
C THR F 51 -51.67 -37.04 -47.06
N SER F 52 -51.48 -35.81 -47.54
CA SER F 52 -52.51 -35.12 -48.30
C SER F 52 -51.93 -34.01 -49.17
N LYS F 53 -52.81 -33.29 -49.84
CA LYS F 53 -52.41 -32.20 -50.71
C LYS F 53 -51.92 -31.01 -49.88
N LEU F 54 -52.48 -30.88 -48.68
CA LEU F 54 -52.15 -29.78 -47.78
C LEU F 54 -50.69 -29.67 -47.35
N LEU F 55 -49.90 -30.73 -47.51
CA LEU F 55 -48.49 -30.68 -47.15
C LEU F 55 -47.77 -29.77 -48.14
N VAL F 56 -46.99 -28.82 -47.63
CA VAL F 56 -46.27 -27.93 -48.52
C VAL F 56 -45.10 -28.70 -49.14
N PRO F 57 -45.12 -28.87 -50.46
CA PRO F 57 -44.07 -29.60 -51.18
C PRO F 57 -42.67 -29.07 -50.91
N GLN F 58 -41.75 -30.00 -50.63
CA GLN F 58 -40.35 -29.66 -50.38
C GLN F 58 -40.11 -28.92 -49.07
N LYS F 59 -41.11 -28.88 -48.19
CA LYS F 59 -40.97 -28.16 -46.94
C LYS F 59 -40.75 -28.95 -45.66
N ASN F 60 -41.09 -30.23 -45.65
CA ASN F 60 -40.87 -30.99 -44.44
C ASN F 60 -39.63 -31.87 -44.56
N VAL F 61 -38.48 -31.20 -44.64
CA VAL F 61 -37.19 -31.88 -44.78
C VAL F 61 -36.92 -32.91 -43.69
N LYS F 62 -36.49 -34.10 -44.10
CA LYS F 62 -36.21 -35.17 -43.14
C LYS F 62 -34.72 -35.46 -42.95
N ILE F 63 -33.93 -35.31 -44.02
CA ILE F 63 -32.49 -35.57 -43.94
C ILE F 63 -31.83 -34.46 -43.11
N GLN F 64 -30.90 -34.84 -42.25
CA GLN F 64 -30.22 -33.88 -41.41
C GLN F 64 -28.71 -33.87 -41.56
N VAL F 65 -28.13 -32.71 -41.30
CA VAL F 65 -26.71 -32.54 -41.40
C VAL F 65 -26.09 -32.44 -39.99
N VAL F 66 -24.94 -33.07 -39.84
CA VAL F 66 -24.21 -33.04 -38.59
C VAL F 66 -22.88 -32.37 -38.95
N ASP F 67 -22.57 -31.30 -38.22
CA ASP F 67 -21.35 -30.55 -38.47
C ASP F 67 -21.53 -29.94 -39.85
N ARG F 68 -20.56 -30.15 -40.72
CA ARG F 68 -20.64 -29.63 -42.07
C ARG F 68 -20.42 -30.76 -43.09
N HIS F 69 -19.87 -31.88 -42.63
CA HIS F 69 -19.57 -33.02 -43.51
C HIS F 69 -20.35 -34.32 -43.29
N ILE F 70 -21.28 -34.36 -42.34
CA ILE F 70 -22.02 -35.60 -42.07
C ILE F 70 -23.52 -35.51 -42.40
N GLY F 71 -24.04 -36.58 -42.99
CA GLY F 71 -25.45 -36.65 -43.32
C GLY F 71 -26.13 -37.78 -42.57
N CYS F 72 -27.35 -37.52 -42.08
CA CYS F 72 -28.12 -38.50 -41.33
C CYS F 72 -29.56 -38.59 -41.80
N VAL F 73 -30.02 -39.82 -41.98
CA VAL F 73 -31.39 -40.07 -42.37
C VAL F 73 -31.86 -41.25 -41.50
N TYR F 74 -33.15 -41.33 -41.21
CA TYR F 74 -33.66 -42.39 -40.36
C TYR F 74 -35.15 -42.75 -40.54
N SER F 75 -35.46 -43.99 -40.20
CA SER F 75 -36.81 -44.54 -40.29
C SER F 75 -37.30 -44.89 -38.90
N GLY F 76 -38.57 -44.61 -38.64
CA GLY F 76 -39.12 -44.91 -37.33
C GLY F 76 -39.81 -43.69 -36.75
N LEU F 77 -39.64 -43.48 -35.44
CA LEU F 77 -40.22 -42.33 -34.76
C LEU F 77 -39.34 -41.13 -35.11
N ILE F 78 -39.85 -40.20 -35.91
CA ILE F 78 -39.05 -39.05 -36.31
C ILE F 78 -38.52 -38.24 -35.12
N PRO F 79 -39.37 -37.94 -34.13
CA PRO F 79 -38.89 -37.17 -32.99
C PRO F 79 -37.65 -37.83 -32.36
N ASP F 80 -37.64 -39.16 -32.22
CA ASP F 80 -36.46 -39.84 -31.66
C ASP F 80 -35.24 -39.63 -32.55
N GLY F 81 -35.47 -39.60 -33.87
CA GLY F 81 -34.40 -39.39 -34.81
C GLY F 81 -33.73 -38.04 -34.59
N ARG F 82 -34.54 -37.02 -34.37
CA ARG F 82 -34.00 -35.69 -34.13
C ARG F 82 -33.17 -35.69 -32.84
N HIS F 83 -33.77 -36.20 -31.77
CA HIS F 83 -33.10 -36.28 -30.49
C HIS F 83 -31.71 -36.87 -30.68
N LEU F 84 -31.61 -37.91 -31.50
CA LEU F 84 -30.33 -38.57 -31.74
C LEU F 84 -29.38 -37.67 -32.51
N VAL F 85 -29.92 -36.87 -33.43
CA VAL F 85 -29.10 -35.96 -34.23
C VAL F 85 -28.60 -34.79 -33.36
N ASN F 86 -29.50 -34.26 -32.53
CA ASN F 86 -29.14 -33.18 -31.62
C ASN F 86 -27.92 -33.60 -30.84
N ARG F 87 -27.97 -34.81 -30.30
CA ARG F 87 -26.86 -35.34 -29.54
C ARG F 87 -25.64 -35.49 -30.47
N GLY F 88 -25.87 -36.02 -31.66
CA GLY F 88 -24.77 -36.17 -32.60
C GLY F 88 -24.09 -34.84 -32.86
N ARG F 89 -24.88 -33.78 -32.97
CA ARG F 89 -24.33 -32.46 -33.23
C ARG F 89 -23.45 -31.96 -32.08
N GLU F 90 -23.86 -32.24 -30.85
CA GLU F 90 -23.10 -31.81 -29.69
C GLU F 90 -21.82 -32.62 -29.65
N GLU F 91 -21.97 -33.92 -29.86
CA GLU F 91 -20.87 -34.85 -29.85
C GLU F 91 -19.77 -34.41 -30.84
N ALA F 92 -20.22 -33.88 -31.99
CA ALA F 92 -19.32 -33.41 -33.03
C ALA F 92 -18.65 -32.11 -32.61
N ALA F 93 -19.45 -31.17 -32.10
CA ALA F 93 -18.94 -29.88 -31.64
C ALA F 93 -17.84 -30.07 -30.60
N SER F 94 -18.12 -30.93 -29.63
CA SER F 94 -17.17 -31.25 -28.57
C SER F 94 -15.86 -31.80 -29.10
N PHE F 95 -15.94 -32.70 -30.08
CA PHE F 95 -14.75 -33.30 -30.67
C PHE F 95 -13.91 -32.26 -31.41
N LYS F 96 -14.58 -31.42 -32.20
CA LYS F 96 -13.89 -30.39 -32.96
C LYS F 96 -13.25 -29.35 -32.06
N LYS F 97 -13.96 -29.01 -30.99
CA LYS F 97 -13.46 -28.02 -30.04
C LYS F 97 -12.14 -28.46 -29.45
N LEU F 98 -12.09 -29.70 -28.99
CA LEU F 98 -10.86 -30.19 -28.38
C LEU F 98 -9.76 -30.58 -29.36
N TYR F 99 -10.12 -31.25 -30.45
CA TYR F 99 -9.12 -31.74 -31.41
C TYR F 99 -8.89 -30.95 -32.69
N LYS F 100 -9.66 -29.88 -32.88
CA LYS F 100 -9.56 -29.01 -34.04
C LYS F 100 -10.12 -29.63 -35.32
N THR F 101 -9.64 -30.81 -35.68
CA THR F 101 -10.12 -31.50 -36.88
C THR F 101 -11.61 -31.88 -36.77
N PRO F 102 -12.35 -31.82 -37.90
CA PRO F 102 -13.76 -32.22 -37.74
C PRO F 102 -13.82 -33.73 -37.48
N ILE F 103 -14.81 -34.16 -36.72
CA ILE F 103 -14.95 -35.56 -36.34
C ILE F 103 -15.03 -36.59 -37.47
N PRO F 104 -14.11 -37.56 -37.47
CA PRO F 104 -14.06 -38.63 -38.47
C PRO F 104 -15.37 -39.39 -38.42
N ILE F 105 -15.87 -39.81 -39.58
CA ILE F 105 -17.15 -40.54 -39.61
C ILE F 105 -17.15 -41.74 -38.67
N PRO F 106 -16.09 -42.56 -38.70
CA PRO F 106 -16.01 -43.74 -37.82
C PRO F 106 -16.19 -43.34 -36.37
N ALA F 107 -15.48 -42.30 -35.97
CA ALA F 107 -15.56 -41.78 -34.60
C ALA F 107 -16.97 -41.32 -34.27
N PHE F 108 -17.58 -40.60 -35.20
CA PHE F 108 -18.94 -40.08 -35.03
C PHE F 108 -19.90 -41.24 -34.86
N ALA F 109 -19.62 -42.31 -35.60
CA ALA F 109 -20.46 -43.48 -35.55
C ALA F 109 -20.50 -44.00 -34.12
N ASP F 110 -19.33 -44.22 -33.53
CA ASP F 110 -19.29 -44.75 -32.18
C ASP F 110 -19.92 -43.85 -31.14
N ARG F 111 -19.89 -42.54 -31.39
CA ARG F 111 -20.51 -41.60 -30.45
C ARG F 111 -22.00 -41.90 -30.42
N LEU F 112 -22.61 -42.05 -31.60
CA LEU F 112 -24.03 -42.34 -31.68
C LEU F 112 -24.29 -43.72 -31.10
N GLY F 113 -23.41 -44.65 -31.42
CA GLY F 113 -23.53 -46.02 -30.94
C GLY F 113 -23.58 -46.14 -29.42
N GLN F 114 -22.66 -45.47 -28.73
CA GLN F 114 -22.60 -45.52 -27.28
C GLN F 114 -23.85 -44.88 -26.65
N TYR F 115 -24.30 -43.76 -27.24
CA TYR F 115 -25.47 -43.05 -26.73
C TYR F 115 -26.73 -43.90 -26.85
N VAL F 116 -26.89 -44.54 -28.00
CA VAL F 116 -28.04 -45.41 -28.23
C VAL F 116 -27.99 -46.62 -27.32
N GLN F 117 -26.80 -47.23 -27.25
CA GLN F 117 -26.57 -48.40 -26.42
C GLN F 117 -26.89 -48.06 -24.97
N ALA F 118 -26.53 -46.84 -24.57
CA ALA F 118 -26.78 -46.37 -23.22
C ALA F 118 -28.26 -46.48 -22.88
N HIS F 119 -29.13 -46.20 -23.85
CA HIS F 119 -30.57 -46.26 -23.64
C HIS F 119 -31.15 -47.69 -23.63
N THR F 120 -30.29 -48.66 -23.32
CA THR F 120 -30.72 -50.05 -23.23
C THR F 120 -30.10 -50.65 -21.96
N LEU F 121 -29.58 -49.77 -21.10
CA LEU F 121 -28.95 -50.18 -19.84
C LEU F 121 -29.82 -49.95 -18.61
N TYR F 122 -30.77 -49.02 -18.71
CA TYR F 122 -31.63 -48.68 -17.58
C TYR F 122 -33.11 -48.81 -17.92
N ASN F 123 -33.92 -49.14 -16.93
CA ASN F 123 -35.36 -49.29 -17.14
C ASN F 123 -36.09 -47.95 -16.99
N SER F 124 -35.34 -46.87 -16.81
CA SER F 124 -35.94 -45.55 -16.65
C SER F 124 -35.94 -44.74 -17.94
N VAL F 125 -35.48 -45.36 -19.02
CA VAL F 125 -35.48 -44.73 -20.33
C VAL F 125 -35.97 -45.76 -21.34
N ARG F 126 -36.46 -45.27 -22.47
CA ARG F 126 -36.98 -46.11 -23.53
C ARG F 126 -35.97 -46.16 -24.68
N PRO F 127 -35.80 -47.34 -25.31
CA PRO F 127 -34.86 -47.44 -26.43
C PRO F 127 -35.29 -46.52 -27.58
N PHE F 128 -34.38 -46.23 -28.51
CA PHE F 128 -34.71 -45.38 -29.64
C PHE F 128 -35.55 -46.10 -30.70
N GLY F 129 -36.62 -45.43 -31.13
CA GLY F 129 -37.49 -46.01 -32.14
C GLY F 129 -37.08 -45.62 -33.55
N VAL F 130 -35.80 -45.77 -33.86
CA VAL F 130 -35.27 -45.45 -35.18
C VAL F 130 -34.01 -46.23 -35.55
N SER F 131 -33.82 -46.39 -36.85
CA SER F 131 -32.64 -47.03 -37.40
C SER F 131 -32.06 -45.84 -38.15
N THR F 132 -30.75 -45.71 -38.17
CA THR F 132 -30.17 -44.56 -38.82
C THR F 132 -29.05 -44.86 -39.79
N ILE F 133 -29.15 -44.24 -40.96
CA ILE F 133 -28.14 -44.37 -41.98
C ILE F 133 -27.48 -43.01 -42.03
N PHE F 134 -26.17 -43.00 -41.79
CA PHE F 134 -25.40 -41.75 -41.79
C PHE F 134 -24.00 -41.99 -42.37
N GLY F 135 -23.31 -40.90 -42.69
CA GLY F 135 -21.98 -41.01 -43.24
C GLY F 135 -21.49 -39.70 -43.82
N GLY F 136 -20.29 -39.75 -44.39
CA GLY F 136 -19.70 -38.57 -45.00
C GLY F 136 -18.28 -38.86 -45.44
N VAL F 137 -17.51 -37.80 -45.64
CA VAL F 137 -16.12 -37.91 -46.09
C VAL F 137 -15.16 -37.31 -45.07
N ASP F 138 -14.03 -37.96 -44.86
CA ASP F 138 -13.06 -37.43 -43.91
C ASP F 138 -11.62 -37.66 -44.35
N LYS F 139 -10.68 -37.38 -43.45
CA LYS F 139 -9.24 -37.53 -43.70
C LYS F 139 -8.90 -38.69 -44.62
N ASN F 140 -9.61 -39.81 -44.50
CA ASN F 140 -9.33 -40.91 -45.39
C ASN F 140 -10.54 -41.67 -45.93
N GLY F 141 -11.19 -41.08 -46.93
CA GLY F 141 -12.30 -41.74 -47.56
C GLY F 141 -13.71 -41.38 -47.18
N ALA F 142 -14.62 -42.20 -47.71
CA ALA F 142 -16.04 -42.05 -47.47
C ALA F 142 -16.45 -43.21 -46.61
N HIS F 143 -17.47 -42.99 -45.78
CA HIS F 143 -17.97 -44.03 -44.90
C HIS F 143 -19.47 -43.99 -44.80
N LEU F 144 -20.09 -45.16 -44.90
CA LEU F 144 -21.54 -45.28 -44.79
C LEU F 144 -21.84 -46.14 -43.56
N TYR F 145 -22.85 -45.75 -42.80
CA TYR F 145 -23.22 -46.47 -41.57
C TYR F 145 -24.71 -46.57 -41.34
N MET F 146 -25.11 -47.61 -40.61
CA MET F 146 -26.49 -47.81 -40.22
C MET F 146 -26.46 -48.24 -38.74
N LEU F 147 -27.26 -47.55 -37.94
CA LEU F 147 -27.30 -47.80 -36.51
C LEU F 147 -28.68 -48.29 -36.09
N GLU F 148 -28.72 -49.46 -35.45
CA GLU F 148 -29.97 -50.08 -34.99
C GLU F 148 -30.35 -49.61 -33.57
N PRO F 149 -31.63 -49.78 -33.18
CA PRO F 149 -32.07 -49.36 -31.84
C PRO F 149 -31.25 -50.02 -30.73
N SER F 150 -30.76 -51.23 -30.98
CA SER F 150 -29.97 -51.95 -30.00
C SER F 150 -28.64 -51.25 -29.76
N GLY F 151 -28.30 -50.30 -30.63
CA GLY F 151 -27.04 -49.61 -30.50
C GLY F 151 -26.03 -50.22 -31.44
N SER F 152 -26.40 -51.35 -32.03
CA SER F 152 -25.54 -52.02 -32.99
C SER F 152 -25.42 -51.19 -34.27
N TYR F 153 -24.25 -51.25 -34.91
CA TYR F 153 -24.03 -50.52 -36.15
C TYR F 153 -22.79 -51.07 -36.84
N TRP F 154 -22.75 -50.96 -38.16
CA TRP F 154 -21.61 -51.42 -38.95
C TRP F 154 -21.44 -50.50 -40.16
N GLY F 155 -20.29 -50.64 -40.82
CA GLY F 155 -20.03 -49.86 -42.02
C GLY F 155 -20.67 -50.64 -43.17
N TYR F 156 -21.22 -49.94 -44.14
CA TYR F 156 -21.86 -50.62 -45.25
C TYR F 156 -21.43 -50.10 -46.62
N LYS F 157 -21.63 -50.94 -47.64
CA LYS F 157 -21.38 -50.59 -49.03
C LYS F 157 -22.66 -49.84 -49.43
N GLY F 158 -23.79 -50.35 -48.96
CA GLY F 158 -25.07 -49.76 -49.22
C GLY F 158 -25.96 -50.20 -48.08
N ALA F 159 -26.97 -49.42 -47.73
CA ALA F 159 -27.85 -49.78 -46.62
C ALA F 159 -29.24 -49.20 -46.76
N ALA F 160 -30.20 -49.91 -46.18
CA ALA F 160 -31.59 -49.50 -46.21
C ALA F 160 -32.30 -49.95 -44.94
N THR F 161 -33.42 -49.29 -44.65
CA THR F 161 -34.20 -49.63 -43.47
C THR F 161 -35.58 -48.99 -43.63
N GLY F 162 -36.59 -49.57 -42.99
CA GLY F 162 -37.93 -49.05 -43.09
C GLY F 162 -38.91 -50.03 -43.72
N LYS F 163 -40.10 -49.54 -44.03
CA LYS F 163 -41.16 -50.35 -44.62
C LYS F 163 -40.67 -51.21 -45.79
N GLY F 164 -40.02 -50.60 -46.77
CA GLY F 164 -39.54 -51.35 -47.91
C GLY F 164 -38.05 -51.63 -47.89
N ARG F 165 -37.53 -52.00 -46.74
CA ARG F 165 -36.11 -52.26 -46.61
C ARG F 165 -35.60 -53.43 -47.46
N GLN F 166 -36.42 -54.46 -47.68
CA GLN F 166 -36.01 -55.64 -48.46
C GLN F 166 -35.92 -55.37 -49.95
N SER F 167 -36.90 -54.66 -50.49
CA SER F 167 -36.88 -54.30 -51.91
C SER F 167 -35.58 -53.55 -52.10
N ALA F 168 -35.39 -52.56 -51.25
CA ALA F 168 -34.20 -51.72 -51.27
C ALA F 168 -32.94 -52.57 -51.24
N LYS F 169 -32.79 -53.40 -50.22
CA LYS F 169 -31.61 -54.25 -50.11
C LYS F 169 -31.36 -55.10 -51.36
N ALA F 170 -32.44 -55.61 -51.95
CA ALA F 170 -32.31 -56.43 -53.16
C ALA F 170 -31.60 -55.60 -54.23
N GLU F 171 -32.11 -54.39 -54.45
CA GLU F 171 -31.55 -53.46 -55.44
C GLU F 171 -30.10 -53.08 -55.14
N LEU F 172 -29.81 -52.85 -53.86
CA LEU F 172 -28.46 -52.48 -53.44
C LEU F 172 -27.46 -53.61 -53.75
N GLU F 173 -27.83 -54.85 -53.44
CA GLU F 173 -26.93 -55.97 -53.69
C GLU F 173 -26.59 -56.09 -55.17
N LYS F 174 -27.58 -55.87 -56.03
CA LYS F 174 -27.35 -55.93 -57.47
C LYS F 174 -26.30 -54.88 -57.83
N LEU F 175 -26.46 -53.69 -57.30
CA LEU F 175 -25.51 -52.62 -57.55
C LEU F 175 -24.10 -53.05 -57.17
N VAL F 176 -23.95 -53.58 -55.96
CA VAL F 176 -22.64 -54.02 -55.48
C VAL F 176 -22.01 -55.06 -56.41
N ASP F 177 -22.81 -56.01 -56.87
CA ASP F 177 -22.32 -57.07 -57.75
C ASP F 177 -22.02 -56.57 -59.19
N HIS F 178 -22.85 -55.67 -59.69
CA HIS F 178 -22.69 -55.15 -61.06
C HIS F 178 -21.81 -53.92 -61.23
N HIS F 179 -21.15 -53.49 -60.16
CA HIS F 179 -20.27 -52.33 -60.20
C HIS F 179 -19.13 -52.58 -59.21
N PRO F 180 -18.32 -53.62 -59.42
CA PRO F 180 -17.20 -53.96 -58.55
C PRO F 180 -16.13 -52.89 -58.36
N GLU F 181 -15.89 -52.07 -59.38
CA GLU F 181 -14.89 -51.00 -59.33
C GLU F 181 -15.34 -49.77 -58.53
N GLY F 182 -16.65 -49.62 -58.40
CA GLY F 182 -17.20 -48.48 -57.66
C GLY F 182 -18.25 -47.73 -58.43
N LEU F 183 -19.12 -47.03 -57.72
CA LEU F 183 -20.17 -46.25 -58.34
C LEU F 183 -19.68 -44.79 -58.29
N SER F 184 -20.31 -43.90 -59.05
CA SER F 184 -19.87 -42.51 -59.02
C SER F 184 -20.89 -41.69 -58.24
N ALA F 185 -20.48 -40.51 -57.81
CA ALA F 185 -21.36 -39.65 -57.05
C ALA F 185 -22.62 -39.38 -57.87
N ARG F 186 -22.41 -38.92 -59.11
CA ARG F 186 -23.50 -38.63 -60.03
C ARG F 186 -24.41 -39.84 -60.23
N GLU F 187 -23.78 -41.00 -60.42
CA GLU F 187 -24.51 -42.27 -60.61
C GLU F 187 -25.35 -42.63 -59.40
N ALA F 188 -24.70 -42.69 -58.23
CA ALA F 188 -25.36 -43.04 -56.98
C ALA F 188 -26.61 -42.19 -56.70
N VAL F 189 -26.58 -40.93 -57.08
CA VAL F 189 -27.73 -40.07 -56.85
C VAL F 189 -28.96 -40.59 -57.60
N LYS F 190 -28.77 -40.91 -58.89
CA LYS F 190 -29.87 -41.42 -59.73
C LYS F 190 -30.32 -42.77 -59.19
N GLN F 191 -29.34 -43.66 -59.07
CA GLN F 191 -29.55 -45.01 -58.57
C GLN F 191 -30.41 -44.93 -57.32
N ALA F 192 -30.04 -44.02 -56.42
CA ALA F 192 -30.76 -43.82 -55.16
C ALA F 192 -32.21 -43.44 -55.41
N ALA F 193 -32.43 -42.55 -56.38
CA ALA F 193 -33.79 -42.12 -56.72
C ALA F 193 -34.59 -43.34 -57.22
N LYS F 194 -33.91 -44.27 -57.88
CA LYS F 194 -34.56 -45.47 -58.39
C LYS F 194 -34.93 -46.42 -57.26
N ILE F 195 -33.96 -46.75 -56.41
CA ILE F 195 -34.22 -47.67 -55.31
C ILE F 195 -35.41 -47.15 -54.48
N ILE F 196 -35.47 -45.84 -54.28
CA ILE F 196 -36.57 -45.28 -53.49
C ILE F 196 -37.91 -45.53 -54.16
N TYR F 197 -37.97 -45.32 -55.48
CA TYR F 197 -39.21 -45.56 -56.20
C TYR F 197 -39.63 -47.03 -56.13
N LEU F 198 -38.69 -47.93 -56.38
CA LEU F 198 -38.97 -49.36 -56.33
C LEU F 198 -39.47 -49.74 -54.95
N ALA F 199 -38.66 -49.45 -53.93
CA ALA F 199 -39.02 -49.76 -52.56
C ALA F 199 -40.31 -49.08 -52.12
N HIS F 200 -40.86 -48.20 -52.95
CA HIS F 200 -42.11 -47.52 -52.59
C HIS F 200 -43.33 -48.43 -52.81
N GLU F 201 -43.15 -49.50 -53.58
CA GLU F 201 -44.23 -50.44 -53.87
C GLU F 201 -44.89 -50.98 -52.59
N ASP F 202 -44.07 -51.18 -51.55
CA ASP F 202 -44.54 -51.69 -50.27
C ASP F 202 -45.17 -50.54 -49.49
N ASN F 203 -45.94 -49.70 -50.19
CA ASN F 203 -46.59 -48.53 -49.60
C ASN F 203 -47.20 -47.74 -50.75
N LYS F 204 -47.38 -48.44 -51.88
CA LYS F 204 -47.92 -47.87 -53.13
C LYS F 204 -49.34 -47.30 -53.06
N GLU F 205 -49.88 -47.17 -51.86
CA GLU F 205 -51.23 -46.63 -51.68
C GLU F 205 -51.20 -45.11 -51.56
N LYS F 206 -50.24 -44.60 -50.78
CA LYS F 206 -50.09 -43.17 -50.56
C LYS F 206 -49.02 -42.64 -51.51
N ASP F 207 -49.23 -41.41 -51.99
CA ASP F 207 -48.26 -40.80 -52.89
C ASP F 207 -47.07 -40.31 -52.07
N PHE F 208 -45.90 -40.24 -52.67
CA PHE F 208 -44.71 -39.79 -51.94
C PHE F 208 -43.88 -38.73 -52.64
N GLU F 209 -42.99 -38.12 -51.88
CA GLU F 209 -42.10 -37.08 -52.36
C GLU F 209 -40.67 -37.54 -52.13
N LEU F 210 -39.81 -37.41 -53.14
CA LEU F 210 -38.43 -37.86 -53.00
C LEU F 210 -37.50 -36.82 -52.38
N GLU F 211 -36.47 -37.29 -51.69
CA GLU F 211 -35.48 -36.43 -51.07
C GLU F 211 -34.10 -37.10 -51.10
N ILE F 212 -33.13 -36.42 -51.72
CA ILE F 212 -31.77 -36.92 -51.86
C ILE F 212 -30.80 -35.89 -51.30
N SER F 213 -29.62 -36.36 -50.91
CA SER F 213 -28.56 -35.48 -50.39
C SER F 213 -27.28 -36.26 -50.60
N TRP F 214 -26.16 -35.55 -50.67
CA TRP F 214 -24.91 -36.23 -50.90
C TRP F 214 -23.68 -35.51 -50.37
N CYS F 215 -22.62 -36.27 -50.21
CA CYS F 215 -21.35 -35.75 -49.73
C CYS F 215 -20.27 -36.43 -50.58
N SER F 216 -19.64 -35.67 -51.47
CA SER F 216 -18.61 -36.21 -52.35
C SER F 216 -17.38 -35.32 -52.45
N LEU F 217 -16.22 -35.94 -52.30
CA LEU F 217 -14.96 -35.23 -52.34
C LEU F 217 -14.82 -34.36 -53.58
N SER F 218 -15.26 -34.88 -54.72
CA SER F 218 -15.16 -34.13 -55.97
C SER F 218 -16.40 -33.30 -56.29
N GLU F 219 -17.58 -33.87 -56.06
CA GLU F 219 -18.85 -33.22 -56.36
C GLU F 219 -19.38 -32.15 -55.40
N THR F 220 -19.04 -32.21 -54.11
CA THR F 220 -19.52 -31.21 -53.15
C THR F 220 -18.39 -30.71 -52.27
N ASN F 221 -17.17 -31.09 -52.64
CA ASN F 221 -15.99 -30.68 -51.89
C ASN F 221 -15.93 -31.32 -50.51
N GLY F 222 -16.52 -32.51 -50.38
CA GLY F 222 -16.51 -33.20 -49.10
C GLY F 222 -17.47 -32.59 -48.10
N LEU F 223 -18.44 -31.83 -48.60
CA LEU F 223 -19.43 -31.20 -47.73
C LEU F 223 -20.80 -31.80 -48.01
N HIS F 224 -21.61 -31.93 -46.97
CA HIS F 224 -22.94 -32.48 -47.15
C HIS F 224 -23.87 -31.41 -47.74
N LYS F 225 -24.52 -31.75 -48.84
CA LYS F 225 -25.43 -30.84 -49.49
C LYS F 225 -26.65 -31.60 -50.00
N PHE F 226 -27.80 -30.92 -50.02
CA PHE F 226 -29.02 -31.55 -50.50
C PHE F 226 -29.06 -31.42 -52.01
N VAL F 227 -29.64 -32.43 -52.65
CA VAL F 227 -29.78 -32.43 -54.10
C VAL F 227 -31.09 -31.70 -54.41
N LYS F 228 -30.99 -30.62 -55.20
CA LYS F 228 -32.16 -29.83 -55.55
C LYS F 228 -32.18 -29.47 -57.05
N GLY F 229 -33.30 -28.94 -57.50
CA GLY F 229 -33.45 -28.52 -58.88
C GLY F 229 -33.24 -29.53 -59.99
N ASP F 230 -32.36 -29.16 -60.94
CA ASP F 230 -32.04 -29.99 -62.10
C ASP F 230 -31.54 -31.39 -61.78
N LEU F 231 -30.49 -31.45 -60.96
CA LEU F 231 -29.90 -32.73 -60.60
C LEU F 231 -30.93 -33.63 -59.93
N LEU F 232 -31.88 -33.02 -59.21
CA LEU F 232 -32.93 -33.78 -58.54
C LEU F 232 -33.95 -34.28 -59.55
N GLN F 233 -34.39 -33.39 -60.44
CA GLN F 233 -35.36 -33.75 -61.47
C GLN F 233 -34.78 -34.79 -62.41
N GLU F 234 -33.48 -34.67 -62.67
CA GLU F 234 -32.78 -35.61 -63.54
C GLU F 234 -32.86 -37.02 -62.95
N ALA F 235 -32.73 -37.13 -61.63
CA ALA F 235 -32.80 -38.41 -60.95
C ALA F 235 -34.24 -38.91 -60.84
N ILE F 236 -35.17 -37.98 -60.72
CA ILE F 236 -36.59 -38.33 -60.63
C ILE F 236 -37.00 -39.02 -61.91
N ASP F 237 -36.56 -38.45 -63.03
CA ASP F 237 -36.88 -38.99 -64.34
C ASP F 237 -36.22 -40.35 -64.52
N PHE F 238 -34.92 -40.41 -64.28
CA PHE F 238 -34.18 -41.66 -64.41
C PHE F 238 -34.90 -42.81 -63.72
N ALA F 239 -35.57 -42.50 -62.61
CA ALA F 239 -36.31 -43.52 -61.87
C ALA F 239 -37.68 -43.75 -62.51
N GLN F 240 -38.47 -42.68 -62.61
CA GLN F 240 -39.80 -42.74 -63.20
C GLN F 240 -39.78 -43.51 -64.52
N LYS F 241 -38.64 -43.44 -65.19
CA LYS F 241 -38.45 -44.10 -66.46
C LYS F 241 -38.15 -45.60 -66.30
N GLU F 242 -37.46 -45.95 -65.23
CA GLU F 242 -37.13 -47.36 -64.99
C GLU F 242 -38.16 -48.12 -64.16
N ILE F 243 -39.16 -47.42 -63.66
CA ILE F 243 -40.21 -48.07 -62.88
C ILE F 243 -41.22 -48.60 -63.91
N ASN F 244 -40.95 -48.33 -65.18
CA ASN F 244 -41.79 -48.76 -66.31
C ASN F 244 -40.96 -49.39 -67.43
N ALA G 1 -42.99 -61.43 -5.93
CA ALA G 1 -42.71 -62.89 -5.86
C ALA G 1 -41.98 -63.39 -7.12
N GLY G 2 -42.44 -62.95 -8.29
CA GLY G 2 -41.82 -63.38 -9.55
C GLY G 2 -40.83 -62.40 -10.19
N TYR G 3 -40.46 -61.35 -9.48
CA TYR G 3 -39.52 -60.37 -10.03
C TYR G 3 -38.07 -60.65 -9.72
N ASP G 4 -37.80 -61.67 -8.92
CA ASP G 4 -36.42 -61.99 -8.59
C ASP G 4 -35.72 -62.51 -9.84
N ARG G 5 -36.39 -62.40 -10.97
CA ARG G 5 -35.83 -62.85 -12.23
C ARG G 5 -35.61 -61.70 -13.19
N HIS G 6 -36.03 -60.51 -12.78
CA HIS G 6 -35.89 -59.32 -13.60
C HIS G 6 -34.75 -58.39 -13.18
N ILE G 7 -34.46 -58.35 -11.89
CA ILE G 7 -33.37 -57.51 -11.39
C ILE G 7 -32.36 -58.41 -10.70
N THR G 8 -31.20 -57.86 -10.40
CA THR G 8 -30.17 -58.69 -9.79
C THR G 8 -30.26 -58.85 -8.27
N ILE G 9 -31.27 -59.59 -7.83
CA ILE G 9 -31.46 -59.89 -6.42
C ILE G 9 -31.58 -61.40 -6.34
N PHE G 10 -31.24 -61.96 -5.19
CA PHE G 10 -31.27 -63.40 -5.02
C PHE G 10 -32.62 -64.06 -5.24
N SER G 11 -32.57 -65.30 -5.69
CA SER G 11 -33.76 -66.12 -5.92
C SER G 11 -33.72 -67.02 -4.69
N PRO G 12 -34.83 -67.69 -4.37
CA PRO G 12 -34.79 -68.56 -3.19
C PRO G 12 -33.60 -69.53 -3.21
N GLU G 13 -33.22 -70.00 -4.41
CA GLU G 13 -32.10 -70.93 -4.55
C GLU G 13 -30.76 -70.24 -4.32
N GLY G 14 -30.78 -68.91 -4.20
CA GLY G 14 -29.57 -68.15 -3.98
C GLY G 14 -28.89 -67.77 -5.28
N ARG G 15 -29.64 -67.77 -6.36
CA ARG G 15 -29.11 -67.47 -7.68
C ARG G 15 -29.52 -66.10 -8.19
N LEU G 16 -28.86 -65.68 -9.27
CA LEU G 16 -29.12 -64.40 -9.91
C LEU G 16 -29.41 -64.63 -11.38
N TYR G 17 -30.67 -64.88 -11.70
CA TYR G 17 -31.06 -65.15 -13.06
C TYR G 17 -30.58 -64.16 -14.11
N GLN G 18 -30.69 -62.87 -13.82
CA GLN G 18 -30.25 -61.87 -14.78
C GLN G 18 -28.79 -62.06 -15.18
N VAL G 19 -27.98 -62.53 -14.25
CA VAL G 19 -26.57 -62.77 -14.55
C VAL G 19 -26.43 -64.02 -15.42
N GLU G 20 -27.27 -65.01 -15.17
CA GLU G 20 -27.24 -66.25 -15.94
C GLU G 20 -27.73 -65.96 -17.35
N TYR G 21 -28.81 -65.17 -17.45
CA TYR G 21 -29.36 -64.82 -18.74
C TYR G 21 -28.39 -63.95 -19.56
N ALA G 22 -27.65 -63.09 -18.87
CA ALA G 22 -26.68 -62.23 -19.53
C ALA G 22 -25.61 -63.13 -20.17
N PHE G 23 -25.32 -64.24 -19.50
CA PHE G 23 -24.34 -65.20 -20.00
C PHE G 23 -24.87 -65.78 -21.30
N LYS G 24 -26.17 -66.03 -21.33
CA LYS G 24 -26.81 -66.59 -22.52
C LYS G 24 -26.56 -65.67 -23.70
N ALA G 25 -26.64 -64.37 -23.46
CA ALA G 25 -26.45 -63.38 -24.51
C ALA G 25 -25.07 -63.39 -25.17
N THR G 26 -24.07 -63.93 -24.48
CA THR G 26 -22.71 -63.97 -25.01
C THR G 26 -22.53 -64.91 -26.20
N ASN G 27 -23.46 -65.83 -26.39
CA ASN G 27 -23.37 -66.77 -27.51
C ASN G 27 -24.23 -66.33 -28.69
N GLN G 28 -24.94 -65.22 -28.50
CA GLN G 28 -25.83 -64.70 -29.52
C GLN G 28 -25.21 -64.46 -30.90
N THR G 29 -23.91 -64.15 -30.94
CA THR G 29 -23.24 -63.89 -32.20
C THR G 29 -22.69 -65.13 -32.90
N ASN G 30 -22.88 -66.28 -32.27
CA ASN G 30 -22.43 -67.56 -32.80
C ASN G 30 -20.99 -67.52 -33.32
N ILE G 31 -20.12 -66.89 -32.55
CA ILE G 31 -18.71 -66.78 -32.92
C ILE G 31 -17.89 -67.52 -31.87
N ASN G 32 -16.70 -67.96 -32.24
CA ASN G 32 -15.82 -68.65 -31.30
C ASN G 32 -14.46 -67.98 -31.32
N SER G 33 -13.84 -67.89 -30.14
CA SER G 33 -12.52 -67.29 -30.04
C SER G 33 -11.63 -68.17 -29.17
N LEU G 34 -10.32 -67.95 -29.26
CA LEU G 34 -9.39 -68.73 -28.47
C LEU G 34 -8.07 -68.01 -28.38
N ALA G 35 -7.41 -68.14 -27.24
CA ALA G 35 -6.13 -67.48 -27.05
C ALA G 35 -5.12 -68.50 -26.52
N VAL G 36 -3.87 -68.33 -26.95
CA VAL G 36 -2.77 -69.19 -26.54
C VAL G 36 -1.55 -68.33 -26.31
N ARG G 37 -0.62 -68.83 -25.53
CA ARG G 37 0.59 -68.06 -25.26
C ARG G 37 1.82 -68.66 -25.92
N GLY G 38 2.57 -67.81 -26.62
CA GLY G 38 3.79 -68.25 -27.26
C GLY G 38 4.91 -68.21 -26.24
N LYS G 39 6.16 -68.18 -26.71
CA LYS G 39 7.31 -68.14 -25.82
C LYS G 39 7.39 -66.72 -25.26
N ASP G 40 7.18 -65.74 -26.15
CA ASP G 40 7.22 -64.34 -25.78
C ASP G 40 6.18 -63.54 -26.56
N CYS G 41 4.98 -64.10 -26.65
CA CYS G 41 3.87 -63.45 -27.35
C CYS G 41 2.56 -64.11 -26.96
N THR G 42 1.45 -63.49 -27.34
CA THR G 42 0.12 -64.04 -27.06
C THR G 42 -0.67 -63.86 -28.35
N VAL G 43 -1.40 -64.90 -28.73
CA VAL G 43 -2.20 -64.86 -29.97
C VAL G 43 -3.67 -65.15 -29.70
N VAL G 44 -4.54 -64.34 -30.31
CA VAL G 44 -5.97 -64.55 -30.16
C VAL G 44 -6.53 -64.80 -31.53
N ILE G 45 -7.52 -65.67 -31.58
CA ILE G 45 -8.19 -66.05 -32.82
C ILE G 45 -9.68 -65.90 -32.60
N SER G 46 -10.37 -65.38 -33.60
CA SER G 46 -11.80 -65.23 -33.48
C SER G 46 -12.46 -65.36 -34.84
N GLN G 47 -13.45 -66.23 -34.93
CA GLN G 47 -14.18 -66.40 -36.17
C GLN G 47 -14.77 -65.08 -36.61
N LYS G 48 -14.76 -64.86 -37.92
CA LYS G 48 -15.32 -63.66 -38.49
C LYS G 48 -16.39 -64.11 -39.45
N LYS G 49 -17.60 -63.60 -39.28
CA LYS G 49 -18.70 -63.99 -40.15
C LYS G 49 -19.47 -62.78 -40.65
N VAL G 50 -19.27 -62.46 -41.92
CA VAL G 50 -19.94 -61.33 -42.54
C VAL G 50 -20.99 -61.87 -43.50
N PRO G 51 -22.21 -62.11 -43.00
CA PRO G 51 -23.33 -62.64 -43.78
C PRO G 51 -23.85 -61.72 -44.89
N ASP G 52 -24.04 -60.44 -44.56
CA ASP G 52 -24.56 -59.47 -45.52
C ASP G 52 -23.49 -58.98 -46.51
N LYS G 53 -23.84 -59.02 -47.80
CA LYS G 53 -22.94 -58.59 -48.87
C LYS G 53 -22.82 -57.08 -48.88
N LEU G 54 -23.77 -56.42 -48.22
CA LEU G 54 -23.80 -54.97 -48.13
C LEU G 54 -22.87 -54.39 -47.06
N LEU G 55 -22.40 -55.24 -46.16
CA LEU G 55 -21.50 -54.80 -45.11
C LEU G 55 -20.10 -54.52 -45.60
N ASP G 56 -19.41 -53.64 -44.88
CA ASP G 56 -18.02 -53.33 -45.18
C ASP G 56 -17.29 -54.28 -44.24
N PRO G 57 -16.83 -55.42 -44.78
CA PRO G 57 -16.10 -56.43 -44.00
C PRO G 57 -15.04 -55.91 -43.05
N THR G 58 -14.46 -54.75 -43.37
CA THR G 58 -13.39 -54.17 -42.55
C THR G 58 -13.85 -53.55 -41.23
N THR G 59 -15.13 -53.20 -41.14
CA THR G 59 -15.68 -52.61 -39.93
C THR G 59 -16.31 -53.66 -39.02
N VAL G 60 -16.29 -54.92 -39.44
CA VAL G 60 -16.84 -56.02 -38.66
C VAL G 60 -15.75 -56.73 -37.86
N SER G 61 -15.60 -56.32 -36.61
CA SER G 61 -14.57 -56.90 -35.73
C SER G 61 -14.98 -56.99 -34.26
N TYR G 62 -14.43 -58.00 -33.58
CA TYR G 62 -14.71 -58.19 -32.17
C TYR G 62 -13.41 -58.13 -31.39
N ILE G 63 -12.33 -57.78 -32.08
CA ILE G 63 -11.02 -57.63 -31.47
C ILE G 63 -10.80 -56.12 -31.30
N PHE G 64 -10.21 -55.72 -30.18
CA PHE G 64 -9.97 -54.31 -29.91
C PHE G 64 -8.58 -54.05 -29.34
N CYS G 65 -8.07 -52.86 -29.62
CA CYS G 65 -6.77 -52.45 -29.10
C CYS G 65 -7.13 -51.51 -27.94
N ILE G 66 -6.87 -51.94 -26.71
CA ILE G 66 -7.21 -51.09 -25.58
C ILE G 66 -6.08 -50.11 -25.27
N SER G 67 -4.85 -50.58 -25.39
CA SER G 67 -3.69 -49.75 -25.15
C SER G 67 -2.57 -50.19 -26.08
N ARG G 68 -1.45 -49.49 -26.07
CA ARG G 68 -0.33 -49.86 -26.92
C ARG G 68 0.06 -51.31 -26.65
N THR G 69 -0.28 -51.81 -25.46
CA THR G 69 0.08 -53.19 -25.08
C THR G 69 -1.04 -54.20 -24.84
N ILE G 70 -2.25 -53.74 -24.59
CA ILE G 70 -3.32 -54.68 -24.34
C ILE G 70 -4.32 -54.83 -25.48
N GLY G 71 -4.69 -56.09 -25.73
CA GLY G 71 -5.67 -56.40 -26.74
C GLY G 71 -6.83 -57.10 -26.06
N MET G 72 -8.04 -56.91 -26.57
CA MET G 72 -9.21 -57.55 -25.98
C MET G 72 -10.17 -58.05 -27.05
N VAL G 73 -10.54 -59.32 -26.94
CA VAL G 73 -11.49 -59.93 -27.87
C VAL G 73 -12.78 -60.13 -27.07
N VAL G 74 -13.93 -59.93 -27.72
CA VAL G 74 -15.21 -60.05 -27.03
C VAL G 74 -16.15 -61.09 -27.60
N ASN G 75 -16.84 -61.77 -26.71
CA ASN G 75 -17.85 -62.77 -27.11
C ASN G 75 -19.20 -62.26 -26.60
N GLY G 76 -19.98 -61.68 -27.51
CA GLY G 76 -21.29 -61.16 -27.16
C GLY G 76 -21.70 -60.10 -28.17
N PRO G 77 -22.91 -59.54 -28.05
CA PRO G 77 -23.42 -58.51 -28.97
C PRO G 77 -22.40 -57.39 -29.15
N ILE G 78 -22.30 -56.84 -30.36
CA ILE G 78 -21.33 -55.77 -30.59
C ILE G 78 -21.59 -54.49 -29.76
N PRO G 79 -22.87 -54.08 -29.57
CA PRO G 79 -23.09 -52.86 -28.78
C PRO G 79 -22.57 -52.94 -27.34
N ASP G 80 -22.71 -54.08 -26.67
CA ASP G 80 -22.18 -54.20 -25.32
C ASP G 80 -20.65 -54.33 -25.43
N ALA G 81 -20.20 -55.02 -26.47
CA ALA G 81 -18.78 -55.23 -26.70
C ALA G 81 -18.05 -53.91 -26.83
N ARG G 82 -18.69 -52.94 -27.46
CA ARG G 82 -18.09 -51.61 -27.66
C ARG G 82 -18.18 -50.76 -26.38
N ASN G 83 -19.25 -50.96 -25.63
CA ASN G 83 -19.43 -50.24 -24.38
C ASN G 83 -18.26 -50.65 -23.49
N ALA G 84 -17.96 -51.95 -23.50
CA ALA G 84 -16.87 -52.54 -22.71
C ALA G 84 -15.48 -52.10 -23.18
N ALA G 85 -15.28 -52.05 -24.49
CA ALA G 85 -13.99 -51.65 -25.03
C ALA G 85 -13.70 -50.19 -24.67
N LEU G 86 -14.69 -49.32 -24.85
CA LEU G 86 -14.53 -47.90 -24.54
C LEU G 86 -14.14 -47.72 -23.08
N ARG G 87 -14.91 -48.30 -22.17
CA ARG G 87 -14.62 -48.18 -20.75
C ARG G 87 -13.20 -48.67 -20.44
N ALA G 88 -12.81 -49.76 -21.09
CA ALA G 88 -11.49 -50.33 -20.86
C ALA G 88 -10.41 -49.40 -21.36
N LYS G 89 -10.59 -48.82 -22.54
CA LYS G 89 -9.60 -47.91 -23.07
C LYS G 89 -9.42 -46.76 -22.11
N ALA G 90 -10.54 -46.17 -21.70
CA ALA G 90 -10.50 -45.05 -20.75
C ALA G 90 -9.78 -45.49 -19.48
N GLU G 91 -10.19 -46.62 -18.91
CA GLU G 91 -9.56 -47.09 -17.68
C GLU G 91 -8.06 -47.23 -17.85
N ALA G 92 -7.63 -47.74 -18.99
CA ALA G 92 -6.20 -47.93 -19.27
C ALA G 92 -5.44 -46.61 -19.37
N ALA G 93 -6.06 -45.64 -20.04
CA ALA G 93 -5.47 -44.32 -20.24
C ALA G 93 -5.26 -43.67 -18.87
N GLU G 94 -6.35 -43.59 -18.10
CA GLU G 94 -6.29 -42.99 -16.78
C GLU G 94 -5.26 -43.66 -15.88
N PHE G 95 -5.21 -44.98 -15.89
CA PHE G 95 -4.25 -45.69 -15.05
C PHE G 95 -2.81 -45.22 -15.34
N ARG G 96 -2.45 -45.15 -16.62
CA ARG G 96 -1.13 -44.72 -17.03
C ARG G 96 -0.85 -43.31 -16.50
N TYR G 97 -1.84 -42.43 -16.65
CA TYR G 97 -1.73 -41.06 -16.19
C TYR G 97 -1.46 -40.92 -14.68
N LYS G 98 -2.23 -41.64 -13.87
CA LYS G 98 -2.10 -41.59 -12.43
C LYS G 98 -0.95 -42.36 -11.79
N TYR G 99 -0.55 -43.49 -12.38
CA TYR G 99 0.51 -44.28 -11.74
C TYR G 99 1.85 -44.33 -12.45
N GLY G 100 1.94 -43.69 -13.62
CA GLY G 100 3.19 -43.62 -14.33
C GLY G 100 3.70 -44.82 -15.11
N TYR G 101 2.84 -45.79 -15.38
CA TYR G 101 3.22 -46.96 -16.14
C TYR G 101 2.00 -47.61 -16.75
N ASP G 102 2.21 -48.38 -17.81
CA ASP G 102 1.13 -49.04 -18.53
C ASP G 102 0.36 -50.02 -17.66
N MET G 103 -0.97 -49.94 -17.71
CA MET G 103 -1.80 -50.82 -16.90
C MET G 103 -1.60 -52.27 -17.31
N PRO G 104 -1.26 -53.13 -16.34
CA PRO G 104 -1.05 -54.56 -16.61
C PRO G 104 -2.35 -55.24 -17.08
N CYS G 105 -2.20 -56.23 -17.95
CA CYS G 105 -3.33 -56.99 -18.48
C CYS G 105 -4.27 -57.50 -17.38
N ASP G 106 -3.69 -58.19 -16.39
CA ASP G 106 -4.46 -58.74 -15.28
C ASP G 106 -5.19 -57.68 -14.45
N VAL G 107 -4.54 -56.53 -14.26
CA VAL G 107 -5.15 -55.46 -13.48
C VAL G 107 -6.35 -54.84 -14.21
N LEU G 108 -6.24 -54.64 -15.52
CA LEU G 108 -7.36 -54.10 -16.28
C LEU G 108 -8.49 -55.10 -16.17
N ALA G 109 -8.13 -56.37 -16.25
CA ALA G 109 -9.11 -57.44 -16.13
C ALA G 109 -9.84 -57.34 -14.79
N LYS G 110 -9.07 -57.31 -13.69
CA LYS G 110 -9.67 -57.21 -12.37
C LYS G 110 -10.62 -56.01 -12.28
N ARG G 111 -10.15 -54.88 -12.79
CA ARG G 111 -10.93 -53.66 -12.78
C ARG G 111 -12.27 -53.85 -13.49
N MET G 112 -12.22 -54.34 -14.72
CA MET G 112 -13.43 -54.58 -15.49
C MET G 112 -14.32 -55.60 -14.80
N ALA G 113 -13.70 -56.61 -14.20
CA ALA G 113 -14.43 -57.65 -13.48
C ALA G 113 -15.15 -57.01 -12.28
N ASN G 114 -14.51 -56.04 -11.64
CA ASN G 114 -15.12 -55.37 -10.50
C ASN G 114 -16.30 -54.53 -10.94
N LEU G 115 -16.12 -53.84 -12.07
CA LEU G 115 -17.19 -53.02 -12.62
C LEU G 115 -18.37 -53.95 -12.89
N SER G 116 -18.10 -55.13 -13.44
CA SER G 116 -19.17 -56.09 -13.73
C SER G 116 -19.82 -56.61 -12.47
N GLN G 117 -19.03 -56.81 -11.42
CA GLN G 117 -19.58 -57.28 -10.17
C GLN G 117 -20.64 -56.31 -9.65
N ILE G 118 -20.44 -55.02 -9.90
CA ILE G 118 -21.38 -54.01 -9.43
C ILE G 118 -22.73 -54.07 -10.11
N TYR G 119 -22.77 -54.48 -11.37
CA TYR G 119 -24.05 -54.58 -12.09
C TYR G 119 -24.79 -55.81 -11.54
N THR G 120 -24.03 -56.64 -10.85
CA THR G 120 -24.48 -57.86 -10.23
C THR G 120 -25.19 -57.58 -8.91
N GLN G 121 -24.82 -56.47 -8.28
CA GLN G 121 -25.36 -56.07 -6.98
C GLN G 121 -26.31 -54.86 -6.98
N ARG G 122 -26.01 -53.85 -7.79
CA ARG G 122 -26.87 -52.68 -7.88
C ARG G 122 -27.97 -53.00 -8.88
N ALA G 123 -29.20 -52.76 -8.48
CA ALA G 123 -30.34 -53.06 -9.32
C ALA G 123 -30.54 -52.27 -10.60
N TYR G 124 -30.14 -51.00 -10.63
CA TYR G 124 -30.39 -50.23 -11.85
C TYR G 124 -29.45 -50.53 -13.03
N MET G 125 -28.26 -51.03 -12.75
CA MET G 125 -27.33 -51.36 -13.84
C MET G 125 -27.57 -52.80 -14.29
N ARG G 126 -27.60 -53.03 -15.60
CA ARG G 126 -27.81 -54.40 -16.07
C ARG G 126 -26.45 -54.98 -16.43
N PRO G 127 -26.29 -56.30 -16.27
CA PRO G 127 -24.99 -56.85 -16.64
C PRO G 127 -24.79 -56.65 -18.16
N LEU G 128 -23.54 -56.79 -18.63
CA LEU G 128 -23.29 -56.67 -20.06
C LEU G 128 -23.21 -58.12 -20.59
N GLY G 129 -23.96 -58.43 -21.64
CA GLY G 129 -23.96 -59.77 -22.20
C GLY G 129 -22.69 -60.06 -22.98
N VAL G 130 -21.54 -60.02 -22.31
CA VAL G 130 -20.27 -60.25 -22.98
C VAL G 130 -19.23 -60.91 -22.09
N ILE G 131 -18.25 -61.52 -22.74
CA ILE G 131 -17.13 -62.16 -22.07
C ILE G 131 -15.89 -61.52 -22.69
N LEU G 132 -15.06 -60.92 -21.84
CA LEU G 132 -13.88 -60.22 -22.31
C LEU G 132 -12.58 -60.96 -22.03
N THR G 133 -11.86 -61.25 -23.10
CA THR G 133 -10.57 -61.93 -22.98
C THR G 133 -9.51 -60.87 -23.25
N PHE G 134 -8.68 -60.61 -22.24
CA PHE G 134 -7.63 -59.62 -22.39
C PHE G 134 -6.31 -60.34 -22.59
N VAL G 135 -5.48 -59.79 -23.46
CA VAL G 135 -4.19 -60.39 -23.76
C VAL G 135 -3.08 -59.36 -23.92
N SER G 136 -1.88 -59.76 -23.57
CA SER G 136 -0.72 -58.89 -23.68
C SER G 136 0.52 -59.69 -23.35
N VAL G 137 1.67 -59.02 -23.40
CA VAL G 137 2.93 -59.63 -23.04
C VAL G 137 3.40 -58.67 -21.95
N ASP G 138 2.86 -58.89 -20.76
CA ASP G 138 3.14 -58.08 -19.58
C ASP G 138 4.62 -58.03 -19.30
N GLU G 139 5.11 -56.89 -18.81
CA GLU G 139 6.53 -56.73 -18.53
C GLU G 139 6.98 -57.45 -17.27
N GLU G 140 6.04 -57.92 -16.48
CA GLU G 140 6.38 -58.63 -15.24
C GLU G 140 5.98 -60.09 -15.28
N LEU G 141 4.86 -60.38 -15.94
CA LEU G 141 4.36 -61.75 -16.00
C LEU G 141 4.53 -62.45 -17.34
N GLY G 142 4.94 -61.71 -18.36
CA GLY G 142 5.12 -62.32 -19.67
C GLY G 142 3.79 -62.50 -20.37
N PRO G 143 3.72 -63.37 -21.40
CA PRO G 143 2.48 -63.60 -22.14
C PRO G 143 1.30 -63.80 -21.18
N SER G 144 0.22 -63.04 -21.40
CA SER G 144 -0.92 -63.13 -20.50
C SER G 144 -2.30 -63.18 -21.15
N ILE G 145 -3.17 -63.97 -20.53
CA ILE G 145 -4.56 -64.15 -20.95
C ILE G 145 -5.45 -64.11 -19.69
N TYR G 146 -6.32 -63.10 -19.61
CA TYR G 146 -7.22 -62.94 -18.47
C TYR G 146 -8.60 -62.71 -19.05
N LYS G 147 -9.59 -63.44 -18.54
CA LYS G 147 -10.95 -63.33 -19.05
C LYS G 147 -11.94 -63.08 -17.93
N THR G 148 -12.88 -62.18 -18.21
CA THR G 148 -13.91 -61.78 -17.27
C THR G 148 -15.27 -62.06 -17.88
N ASP G 149 -16.27 -62.29 -17.02
CA ASP G 149 -17.63 -62.59 -17.48
C ASP G 149 -18.70 -61.70 -16.83
N PRO G 150 -19.99 -61.95 -17.12
CA PRO G 150 -21.04 -61.13 -16.52
C PRO G 150 -21.21 -61.31 -15.02
N ALA G 151 -20.57 -62.33 -14.46
CA ALA G 151 -20.68 -62.58 -13.03
C ALA G 151 -19.68 -61.73 -12.23
N GLY G 152 -18.70 -61.18 -12.92
CA GLY G 152 -17.69 -60.37 -12.26
C GLY G 152 -16.51 -61.24 -11.92
N TYR G 153 -16.48 -62.42 -12.52
CA TYR G 153 -15.41 -63.38 -12.29
C TYR G 153 -14.29 -63.22 -13.33
N TYR G 154 -13.07 -63.51 -12.89
CA TYR G 154 -11.93 -63.43 -13.79
C TYR G 154 -10.81 -64.32 -13.30
N VAL G 155 -9.95 -64.73 -14.24
CA VAL G 155 -8.81 -65.57 -13.91
C VAL G 155 -7.82 -65.60 -15.06
N GLY G 156 -6.59 -66.00 -14.76
CA GLY G 156 -5.56 -66.09 -15.79
C GLY G 156 -5.62 -67.46 -16.44
N TYR G 157 -5.18 -67.54 -17.69
CA TYR G 157 -5.21 -68.80 -18.43
C TYR G 157 -3.91 -69.13 -19.14
N LYS G 158 -3.63 -70.43 -19.28
CA LYS G 158 -2.46 -70.91 -20.01
C LYS G 158 -2.86 -70.72 -21.47
N ALA G 159 -4.16 -70.85 -21.71
CA ALA G 159 -4.80 -70.69 -23.01
C ALA G 159 -6.29 -70.77 -22.70
N THR G 160 -7.14 -70.34 -23.63
CA THR G 160 -8.57 -70.39 -23.38
C THR G 160 -9.37 -70.32 -24.67
N ALA G 161 -10.69 -70.49 -24.55
CA ALA G 161 -11.59 -70.43 -25.70
C ALA G 161 -12.96 -70.01 -25.19
N THR G 162 -13.72 -69.32 -26.04
CA THR G 162 -15.03 -68.84 -25.67
C THR G 162 -15.98 -68.89 -26.88
N GLY G 163 -17.25 -69.19 -26.63
CA GLY G 163 -18.24 -69.27 -27.70
C GLY G 163 -19.12 -70.52 -27.62
N PRO G 164 -20.06 -70.69 -28.57
CA PRO G 164 -20.96 -71.85 -28.58
C PRO G 164 -20.22 -73.18 -28.55
N LYS G 165 -19.17 -73.31 -29.35
CA LYS G 165 -18.38 -74.54 -29.41
C LYS G 165 -17.09 -74.38 -28.61
N GLN G 166 -17.20 -73.65 -27.51
CA GLN G 166 -16.07 -73.39 -26.63
C GLN G 166 -15.48 -74.67 -26.04
N GLN G 167 -16.37 -75.60 -25.68
CA GLN G 167 -15.96 -76.86 -25.06
C GLN G 167 -15.05 -77.76 -25.91
N GLU G 168 -15.31 -77.85 -27.20
CA GLU G 168 -14.49 -78.67 -28.08
C GLU G 168 -13.10 -78.06 -28.21
N ILE G 169 -13.03 -76.74 -28.29
CA ILE G 169 -11.75 -76.03 -28.41
C ILE G 169 -10.92 -76.24 -27.15
N THR G 170 -11.58 -76.11 -25.99
CA THR G 170 -10.91 -76.27 -24.70
C THR G 170 -10.32 -77.66 -24.52
N THR G 171 -11.13 -78.70 -24.69
CA THR G 171 -10.63 -80.08 -24.54
C THR G 171 -9.52 -80.38 -25.56
N ASN G 172 -9.66 -79.81 -26.76
CA ASN G 172 -8.65 -79.99 -27.79
C ASN G 172 -7.33 -79.44 -27.23
N LEU G 173 -7.33 -78.15 -26.89
CA LEU G 173 -6.17 -77.48 -26.33
C LEU G 173 -5.64 -78.18 -25.08
N GLU G 174 -6.55 -78.64 -24.21
CA GLU G 174 -6.17 -79.36 -22.99
C GLU G 174 -5.29 -80.54 -23.36
N ASN G 175 -5.82 -81.36 -24.25
CA ASN G 175 -5.14 -82.56 -24.70
C ASN G 175 -3.75 -82.26 -25.26
N HIS G 176 -3.64 -81.17 -26.01
CA HIS G 176 -2.35 -80.82 -26.58
C HIS G 176 -1.31 -80.47 -25.51
N PHE G 177 -1.76 -79.85 -24.42
CA PHE G 177 -0.85 -79.49 -23.33
C PHE G 177 -0.52 -80.69 -22.44
N LYS G 178 -1.44 -81.66 -22.39
CA LYS G 178 -1.20 -82.88 -21.60
C LYS G 178 -0.03 -83.58 -22.28
N LYS G 179 0.06 -83.35 -23.59
CA LYS G 179 1.09 -83.94 -24.41
C LYS G 179 2.43 -83.22 -24.24
N SER G 180 2.49 -81.97 -24.71
CA SER G 180 3.69 -81.15 -24.62
C SER G 180 4.21 -80.95 -23.19
N LYS G 181 3.35 -81.17 -22.21
CA LYS G 181 3.74 -81.03 -20.80
C LYS G 181 4.25 -79.65 -20.39
N ILE G 182 4.00 -78.65 -21.23
CA ILE G 182 4.38 -77.28 -20.94
C ILE G 182 3.09 -76.48 -21.03
N ASP G 183 3.05 -75.34 -20.37
CA ASP G 183 1.84 -74.51 -20.37
C ASP G 183 1.78 -73.47 -21.50
N HIS G 184 2.52 -73.70 -22.59
CA HIS G 184 2.50 -72.76 -23.71
C HIS G 184 2.92 -73.37 -25.05
N ILE G 185 3.16 -72.52 -26.03
CA ILE G 185 3.57 -72.95 -27.36
C ILE G 185 5.06 -72.66 -27.51
N ASN G 186 5.88 -73.71 -27.48
CA ASN G 186 7.33 -73.55 -27.59
C ASN G 186 7.73 -73.10 -29.00
N GLU G 187 7.63 -71.79 -29.25
CA GLU G 187 7.97 -71.21 -30.54
C GLU G 187 8.48 -69.78 -30.33
N GLU G 188 9.49 -69.38 -31.10
CA GLU G 188 10.07 -68.04 -30.96
C GLU G 188 9.36 -66.99 -31.79
N SER G 189 8.91 -67.39 -32.98
CA SER G 189 8.21 -66.46 -33.84
C SER G 189 6.71 -66.50 -33.57
N TRP G 190 6.07 -65.33 -33.57
CA TRP G 190 4.64 -65.28 -33.33
C TRP G 190 3.88 -65.87 -34.53
N GLU G 191 4.49 -65.79 -35.71
CA GLU G 191 3.87 -66.31 -36.93
C GLU G 191 3.49 -67.78 -36.79
N LYS G 192 4.34 -68.56 -36.14
CA LYS G 192 4.08 -69.98 -35.94
C LYS G 192 2.99 -70.15 -34.89
N VAL G 193 3.09 -69.39 -33.80
CA VAL G 193 2.07 -69.47 -32.75
C VAL G 193 0.72 -69.16 -33.39
N VAL G 194 0.67 -68.16 -34.26
CA VAL G 194 -0.57 -67.80 -34.94
C VAL G 194 -1.09 -68.98 -35.75
N GLU G 195 -0.14 -69.74 -36.33
CA GLU G 195 -0.47 -70.89 -37.15
C GLU G 195 -1.00 -72.03 -36.28
N PHE G 196 -0.38 -72.23 -35.14
CA PHE G 196 -0.82 -73.26 -34.20
C PHE G 196 -2.27 -72.97 -33.83
N ALA G 197 -2.55 -71.71 -33.55
CA ALA G 197 -3.88 -71.25 -33.18
C ALA G 197 -4.89 -71.57 -34.27
N ILE G 198 -4.58 -71.17 -35.50
CA ILE G 198 -5.50 -71.45 -36.60
C ILE G 198 -5.65 -72.96 -36.80
N THR G 199 -4.54 -73.68 -36.67
CA THR G 199 -4.55 -75.13 -36.84
C THR G 199 -5.49 -75.79 -35.84
N HIS G 200 -5.07 -75.81 -34.57
CA HIS G 200 -5.87 -76.42 -33.53
C HIS G 200 -7.30 -75.86 -33.47
N MET G 201 -7.52 -74.69 -34.06
CA MET G 201 -8.87 -74.11 -34.09
C MET G 201 -9.67 -74.92 -35.09
N ILE G 202 -9.04 -75.21 -36.23
CA ILE G 202 -9.68 -75.99 -37.30
C ILE G 202 -9.98 -77.42 -36.86
N ASP G 203 -8.96 -78.09 -36.31
CA ASP G 203 -9.10 -79.46 -35.83
C ASP G 203 -10.30 -79.63 -34.91
N ALA G 204 -10.50 -78.67 -34.00
CA ALA G 204 -11.61 -78.74 -33.06
C ALA G 204 -12.95 -78.32 -33.67
N LEU G 205 -12.96 -77.33 -34.53
CA LEU G 205 -14.22 -76.92 -35.13
C LEU G 205 -14.57 -77.75 -36.34
N GLY G 206 -13.59 -78.51 -36.84
CA GLY G 206 -13.81 -79.33 -38.01
C GLY G 206 -14.18 -78.50 -39.23
N THR G 207 -13.61 -77.29 -39.30
CA THR G 207 -13.89 -76.41 -40.42
C THR G 207 -12.65 -75.74 -40.97
N GLU G 208 -12.60 -75.62 -42.29
CA GLU G 208 -11.50 -74.99 -42.99
C GLU G 208 -11.76 -73.49 -42.97
N PHE G 209 -10.70 -72.69 -43.03
CA PHE G 209 -10.86 -71.24 -43.02
C PHE G 209 -10.20 -70.53 -44.20
N SER G 210 -10.91 -69.55 -44.77
CA SER G 210 -10.39 -68.75 -45.86
C SER G 210 -9.91 -67.47 -45.17
N LYS G 211 -9.04 -66.70 -45.82
CA LYS G 211 -8.51 -65.47 -45.23
C LYS G 211 -9.54 -64.48 -44.64
N ASN G 212 -10.83 -64.69 -44.91
CA ASN G 212 -11.84 -63.78 -44.40
C ASN G 212 -12.77 -64.41 -43.38
N ASP G 213 -12.43 -65.62 -42.95
CA ASP G 213 -13.23 -66.33 -41.96
C ASP G 213 -12.59 -66.16 -40.60
N LEU G 214 -11.39 -65.57 -40.59
CA LEU G 214 -10.68 -65.34 -39.35
C LEU G 214 -10.40 -63.88 -39.07
N GLU G 215 -9.93 -63.65 -37.86
CA GLU G 215 -9.59 -62.33 -37.34
C GLU G 215 -8.50 -62.66 -36.32
N VAL G 216 -7.30 -62.12 -36.51
CA VAL G 216 -6.19 -62.43 -35.62
C VAL G 216 -5.57 -61.23 -34.91
N GLY G 217 -5.29 -61.40 -33.63
CA GLY G 217 -4.67 -60.36 -32.83
C GLY G 217 -3.41 -60.94 -32.24
N VAL G 218 -2.34 -60.14 -32.19
CA VAL G 218 -1.08 -60.61 -31.63
C VAL G 218 -0.52 -59.59 -30.66
N ALA G 219 -0.02 -60.08 -29.53
CA ALA G 219 0.57 -59.21 -28.53
C ALA G 219 2.02 -59.64 -28.37
N THR G 220 2.91 -58.66 -28.41
CA THR G 220 4.35 -58.89 -28.25
C THR G 220 4.89 -57.85 -27.29
N LYS G 221 6.13 -58.01 -26.87
CA LYS G 221 6.75 -57.05 -25.96
C LYS G 221 6.53 -55.64 -26.49
N ASP G 222 5.87 -54.82 -25.69
CA ASP G 222 5.62 -53.43 -26.06
C ASP G 222 4.66 -53.17 -27.20
N LYS G 223 3.94 -54.18 -27.66
CA LYS G 223 3.01 -53.91 -28.75
C LYS G 223 1.97 -54.98 -29.04
N PHE G 224 0.73 -54.53 -29.26
CA PHE G 224 -0.36 -55.42 -29.61
C PHE G 224 -0.92 -54.92 -30.93
N PHE G 225 -1.08 -55.85 -31.88
CA PHE G 225 -1.58 -55.50 -33.21
C PHE G 225 -2.49 -56.59 -33.77
N THR G 226 -3.29 -56.24 -34.77
CA THR G 226 -4.17 -57.20 -35.41
C THR G 226 -3.66 -57.43 -36.84
N LEU G 227 -3.91 -58.61 -37.40
CA LEU G 227 -3.46 -58.92 -38.77
C LEU G 227 -4.48 -58.51 -39.84
N SER G 228 -4.01 -58.42 -41.08
CA SER G 228 -4.87 -58.06 -42.20
C SER G 228 -5.25 -59.34 -42.93
N ALA G 229 -6.26 -59.26 -43.81
CA ALA G 229 -6.69 -60.43 -44.56
C ALA G 229 -5.46 -61.07 -45.19
N GLU G 230 -4.58 -60.22 -45.71
CA GLU G 230 -3.36 -60.68 -46.37
C GLU G 230 -2.32 -61.30 -45.44
N ASN G 231 -2.14 -60.72 -44.27
CA ASN G 231 -1.18 -61.26 -43.32
C ASN G 231 -1.66 -62.66 -42.91
N ILE G 232 -2.99 -62.79 -42.84
CA ILE G 232 -3.62 -64.06 -42.47
C ILE G 232 -3.46 -65.07 -43.62
N GLU G 233 -3.75 -64.63 -44.84
CA GLU G 233 -3.62 -65.49 -46.00
C GLU G 233 -2.22 -66.11 -46.03
N GLU G 234 -1.22 -65.29 -45.76
CA GLU G 234 0.16 -65.74 -45.74
C GLU G 234 0.33 -66.83 -44.68
N ARG G 235 -0.40 -66.69 -43.58
CA ARG G 235 -0.36 -67.65 -42.47
C ARG G 235 -1.08 -68.94 -42.89
N LEU G 236 -2.19 -68.78 -43.61
CA LEU G 236 -3.02 -69.87 -44.10
C LEU G 236 -2.28 -70.77 -45.09
N VAL G 237 -1.43 -70.17 -45.89
CA VAL G 237 -0.65 -70.89 -46.88
C VAL G 237 0.37 -71.77 -46.18
N ALA G 238 1.12 -71.18 -45.27
CA ALA G 238 2.14 -71.91 -44.52
C ALA G 238 1.60 -73.20 -43.91
N ILE G 239 0.38 -73.16 -43.38
CA ILE G 239 -0.21 -74.36 -42.77
C ILE G 239 -0.60 -75.37 -43.85
N ALA G 240 -1.00 -74.85 -45.02
CA ALA G 240 -1.41 -75.70 -46.14
C ALA G 240 -0.28 -76.61 -46.63
N GLU G 241 0.96 -76.21 -46.36
CA GLU G 241 2.12 -76.99 -46.77
C GLU G 241 2.72 -77.71 -45.57
N GLN G 242 1.93 -78.62 -45.01
CA GLN G 242 2.31 -79.39 -43.84
C GLN G 242 1.30 -80.53 -43.75
N ASP G 243 0.08 -80.24 -44.21
CA ASP G 243 -1.02 -81.21 -44.26
C ASP G 243 -1.01 -81.79 -45.68
N THR H 1 18.49 -27.80 6.62
CA THR H 1 18.23 -29.20 6.22
C THR H 1 18.96 -29.60 4.98
N THR H 2 19.60 -30.75 5.03
CA THR H 2 20.34 -31.23 3.88
C THR H 2 19.92 -32.65 3.56
N ILE H 3 19.40 -32.86 2.36
CA ILE H 3 19.00 -34.19 1.93
C ILE H 3 19.65 -34.45 0.57
N VAL H 4 20.16 -35.66 0.37
CA VAL H 4 20.78 -36.03 -0.89
C VAL H 4 20.42 -37.45 -1.35
N GLY H 5 20.70 -37.72 -2.62
CA GLY H 5 20.43 -39.02 -3.21
C GLY H 5 21.54 -39.35 -4.19
N VAL H 6 22.09 -40.55 -4.10
CA VAL H 6 23.17 -40.95 -4.99
C VAL H 6 22.99 -42.35 -5.55
N LYS H 7 22.98 -42.46 -6.86
CA LYS H 7 22.84 -43.75 -7.53
C LYS H 7 24.21 -44.40 -7.60
N PHE H 8 24.24 -45.73 -7.40
CA PHE H 8 25.48 -46.47 -7.51
C PHE H 8 25.23 -47.63 -8.47
N ASN H 9 26.29 -48.29 -8.92
CA ASN H 9 26.20 -49.40 -9.89
C ASN H 9 25.03 -50.40 -9.78
N ASN H 10 24.48 -50.60 -8.59
CA ASN H 10 23.39 -51.58 -8.46
C ASN H 10 22.31 -51.14 -7.48
N GLY H 11 21.95 -49.86 -7.50
CA GLY H 11 20.95 -49.37 -6.58
C GLY H 11 21.02 -47.88 -6.37
N VAL H 12 20.50 -47.44 -5.22
CA VAL H 12 20.48 -46.04 -4.89
C VAL H 12 20.52 -45.84 -3.37
N VAL H 13 21.03 -44.70 -2.94
CA VAL H 13 21.12 -44.38 -1.52
C VAL H 13 20.74 -42.92 -1.24
N ILE H 14 19.94 -42.69 -0.20
CA ILE H 14 19.55 -41.33 0.16
C ILE H 14 19.96 -41.08 1.61
N ALA H 15 20.24 -39.83 1.95
CA ALA H 15 20.66 -39.49 3.31
C ALA H 15 20.24 -38.07 3.69
N ALA H 16 20.17 -37.81 5.00
CA ALA H 16 19.78 -36.50 5.50
C ALA H 16 20.35 -36.27 6.89
N ASP H 17 20.25 -35.03 7.36
CA ASP H 17 20.72 -34.66 8.69
C ASP H 17 19.56 -34.90 9.64
N THR H 18 19.63 -34.33 10.84
CA THR H 18 18.54 -34.53 11.79
C THR H 18 18.11 -33.27 12.52
N ARG H 19 18.43 -32.11 11.97
CA ARG H 19 18.04 -30.87 12.63
C ARG H 19 16.68 -30.35 12.18
N SER H 20 15.86 -30.04 13.15
CA SER H 20 14.52 -29.51 12.93
C SER H 20 14.57 -28.09 13.53
N THR H 21 13.99 -27.12 12.84
CA THR H 21 14.04 -25.76 13.37
C THR H 21 12.78 -24.91 13.29
N GLN H 22 12.67 -23.99 14.23
CA GLN H 22 11.58 -23.03 14.30
C GLN H 22 12.35 -21.72 14.42
N GLY H 23 12.54 -21.07 13.29
CA GLY H 23 13.29 -19.84 13.30
C GLY H 23 14.73 -20.24 13.57
N PRO H 24 15.42 -19.60 14.53
CA PRO H 24 16.81 -19.89 14.88
C PRO H 24 16.94 -20.90 16.03
N ILE H 25 15.81 -21.41 16.50
CA ILE H 25 15.79 -22.36 17.59
C ILE H 25 15.64 -23.79 17.08
N VAL H 26 16.45 -24.70 17.60
CA VAL H 26 16.40 -26.11 17.22
C VAL H 26 15.21 -26.76 17.94
N ALA H 27 14.29 -27.34 17.17
CA ALA H 27 13.11 -28.00 17.73
C ALA H 27 13.43 -29.46 18.11
N ASP H 28 14.05 -30.19 17.17
CA ASP H 28 14.42 -31.56 17.40
C ASP H 28 15.86 -31.76 16.93
N LYS H 29 16.74 -32.13 17.85
CA LYS H 29 18.15 -32.34 17.53
C LYS H 29 18.37 -33.63 16.77
N ASN H 30 17.33 -34.46 16.70
CA ASN H 30 17.45 -35.72 16.01
C ASN H 30 16.15 -36.27 15.44
N CYS H 31 15.59 -35.61 14.44
CA CYS H 31 14.36 -36.14 13.87
C CYS H 31 14.74 -36.82 12.56
N ALA H 32 13.93 -37.78 12.12
CA ALA H 32 14.22 -38.48 10.88
C ALA H 32 13.60 -37.75 9.69
N LYS H 33 14.40 -37.54 8.65
CA LYS H 33 13.92 -36.87 7.46
C LYS H 33 13.78 -37.88 6.33
N LEU H 34 14.01 -39.15 6.68
CA LEU H 34 13.89 -40.26 5.72
C LEU H 34 12.57 -40.99 5.99
N HIS H 35 11.70 -41.02 4.98
CA HIS H 35 10.39 -41.65 5.11
C HIS H 35 10.26 -42.85 4.19
N ARG H 36 9.54 -43.85 4.69
CA ARG H 36 9.32 -45.06 3.93
C ARG H 36 7.98 -44.97 3.19
N ILE H 37 7.99 -45.09 1.87
CA ILE H 37 6.74 -45.07 1.13
C ILE H 37 6.29 -46.53 1.11
N SER H 38 7.18 -47.40 0.62
CA SER H 38 6.93 -48.83 0.58
C SER H 38 8.20 -49.46 1.14
N PRO H 39 8.23 -50.78 1.33
CA PRO H 39 9.45 -51.38 1.88
C PRO H 39 10.73 -51.00 1.15
N LYS H 40 10.69 -50.90 -0.18
CA LYS H 40 11.88 -50.55 -0.93
C LYS H 40 11.82 -49.21 -1.68
N ILE H 41 10.95 -48.33 -1.23
CA ILE H 41 10.79 -47.00 -1.81
C ILE H 41 10.90 -46.00 -0.66
N TRP H 42 12.06 -45.39 -0.51
CA TRP H 42 12.22 -44.42 0.56
C TRP H 42 12.31 -43.01 0.02
N CYS H 43 11.97 -42.06 0.88
CA CYS H 43 11.95 -40.66 0.50
C CYS H 43 12.59 -39.74 1.53
N ALA H 44 13.45 -38.85 1.07
CA ALA H 44 14.09 -37.87 1.95
C ALA H 44 13.31 -36.59 1.70
N GLY H 45 13.06 -35.82 2.76
CA GLY H 45 12.29 -34.60 2.58
C GLY H 45 12.61 -33.41 3.45
N ALA H 46 12.76 -32.26 2.78
CA ALA H 46 13.05 -30.99 3.43
C ALA H 46 11.85 -30.07 3.22
N GLY H 47 11.83 -28.95 3.94
CA GLY H 47 10.71 -28.02 3.80
C GLY H 47 9.93 -27.97 5.10
N THR H 48 8.60 -28.03 5.01
CA THR H 48 7.75 -28.00 6.20
C THR H 48 7.65 -29.41 6.74
N ALA H 49 8.23 -29.63 7.92
CA ALA H 49 8.24 -30.96 8.51
C ALA H 49 6.87 -31.67 8.51
N ALA H 50 5.84 -31.01 9.03
CA ALA H 50 4.51 -31.61 9.06
C ALA H 50 4.05 -32.01 7.65
N ASP H 51 4.44 -31.22 6.64
CA ASP H 51 4.05 -31.50 5.27
C ASP H 51 4.83 -32.66 4.65
N THR H 52 6.11 -32.78 4.98
CA THR H 52 6.88 -33.88 4.43
C THR H 52 6.45 -35.25 5.00
N GLU H 53 6.14 -35.36 6.30
CA GLU H 53 5.71 -36.66 6.81
C GLU H 53 4.27 -36.90 6.41
N ALA H 54 3.47 -35.86 6.37
CA ALA H 54 2.07 -36.02 5.99
C ALA H 54 1.90 -36.47 4.54
N VAL H 55 2.50 -35.74 3.61
CA VAL H 55 2.38 -36.08 2.20
C VAL H 55 3.03 -37.44 1.94
N THR H 56 4.11 -37.70 2.67
CA THR H 56 4.86 -38.93 2.52
C THR H 56 4.04 -40.17 2.95
N GLN H 57 3.30 -40.04 4.05
CA GLN H 57 2.49 -41.14 4.55
C GLN H 57 1.25 -41.40 3.70
N LEU H 58 0.65 -40.33 3.20
CA LEU H 58 -0.54 -40.46 2.38
C LEU H 58 -0.24 -41.27 1.14
N ILE H 59 0.76 -40.84 0.36
CA ILE H 59 1.10 -41.57 -0.86
C ILE H 59 1.55 -42.97 -0.49
N GLY H 60 2.21 -43.09 0.66
CA GLY H 60 2.66 -44.39 1.12
C GLY H 60 1.44 -45.28 1.32
N SER H 61 0.43 -44.76 2.01
CA SER H 61 -0.80 -45.49 2.26
C SER H 61 -1.43 -45.98 0.96
N ASN H 62 -1.60 -45.06 0.01
CA ASN H 62 -2.19 -45.43 -1.26
C ASN H 62 -1.34 -46.38 -2.08
N ILE H 63 -0.03 -46.24 -1.99
CA ILE H 63 0.85 -47.13 -2.72
C ILE H 63 0.65 -48.55 -2.16
N GLU H 64 0.51 -48.65 -0.84
CA GLU H 64 0.28 -49.95 -0.22
C GLU H 64 -1.02 -50.56 -0.75
N LEU H 65 -2.08 -49.76 -0.75
CA LEU H 65 -3.38 -50.19 -1.25
C LEU H 65 -3.30 -50.57 -2.73
N HIS H 66 -2.54 -49.80 -3.49
CA HIS H 66 -2.36 -50.06 -4.93
C HIS H 66 -1.59 -51.37 -5.10
N SER H 67 -0.50 -51.51 -4.36
CA SER H 67 0.32 -52.73 -4.40
C SER H 67 -0.58 -53.96 -4.19
N LEU H 68 -1.37 -53.92 -3.12
CA LEU H 68 -2.29 -55.00 -2.78
C LEU H 68 -3.30 -55.28 -3.90
N TYR H 69 -3.85 -54.23 -4.49
CA TYR H 69 -4.84 -54.36 -5.55
C TYR H 69 -4.25 -54.95 -6.83
N THR H 70 -3.07 -54.49 -7.22
CA THR H 70 -2.41 -54.97 -8.45
C THR H 70 -1.53 -56.19 -8.25
N SER H 71 -1.45 -56.67 -7.01
CA SER H 71 -0.63 -57.84 -6.71
C SER H 71 0.79 -57.63 -7.25
N ARG H 72 1.29 -56.40 -7.20
CA ARG H 72 2.63 -56.10 -7.68
C ARG H 72 3.42 -55.23 -6.71
N GLU H 73 4.74 -55.19 -6.92
CA GLU H 73 5.64 -54.39 -6.11
C GLU H 73 5.46 -52.94 -6.51
N PRO H 74 5.48 -52.02 -5.53
CA PRO H 74 5.31 -50.61 -5.90
C PRO H 74 6.50 -50.17 -6.76
N ARG H 75 6.25 -49.24 -7.68
CA ARG H 75 7.31 -48.71 -8.52
C ARG H 75 7.60 -47.28 -8.08
N VAL H 76 8.85 -46.85 -8.23
CA VAL H 76 9.22 -45.50 -7.83
C VAL H 76 8.46 -44.45 -8.65
N VAL H 77 8.24 -44.71 -9.92
CA VAL H 77 7.54 -43.75 -10.77
C VAL H 77 6.08 -43.55 -10.34
N SER H 78 5.52 -44.53 -9.61
CA SER H 78 4.15 -44.41 -9.14
C SER H 78 4.14 -43.46 -7.94
N ALA H 79 5.04 -43.71 -7.00
CA ALA H 79 5.14 -42.86 -5.82
C ALA H 79 5.46 -41.44 -6.29
N LEU H 80 6.25 -41.34 -7.36
CA LEU H 80 6.64 -40.06 -7.92
C LEU H 80 5.46 -39.31 -8.53
N GLN H 81 4.75 -39.98 -9.43
CA GLN H 81 3.60 -39.37 -10.10
C GLN H 81 2.50 -39.00 -9.10
N MET H 82 2.32 -39.81 -8.05
CA MET H 82 1.30 -39.53 -7.04
C MET H 82 1.68 -38.34 -6.17
N LEU H 83 2.96 -38.24 -5.84
CA LEU H 83 3.48 -37.15 -5.03
C LEU H 83 3.41 -35.82 -5.75
N LYS H 84 3.93 -35.80 -6.98
CA LYS H 84 3.95 -34.56 -7.75
C LYS H 84 2.56 -34.07 -8.10
N GLN H 85 1.65 -34.99 -8.39
CA GLN H 85 0.31 -34.58 -8.74
C GLN H 85 -0.43 -34.01 -7.53
N HIS H 86 -0.10 -34.51 -6.35
CA HIS H 86 -0.72 -34.04 -5.12
C HIS H 86 -0.19 -32.65 -4.81
N LEU H 87 1.14 -32.52 -4.84
CA LEU H 87 1.78 -31.25 -4.56
C LEU H 87 1.37 -30.18 -5.56
N PHE H 88 1.29 -30.56 -6.82
CA PHE H 88 0.91 -29.60 -7.84
C PHE H 88 -0.46 -29.03 -7.58
N LYS H 89 -1.39 -29.92 -7.23
CA LYS H 89 -2.76 -29.53 -6.95
C LYS H 89 -2.81 -28.42 -5.90
N TYR H 90 -1.88 -28.48 -4.95
CA TYR H 90 -1.82 -27.51 -3.88
C TYR H 90 -0.93 -26.31 -4.14
N GLN H 91 -0.73 -26.00 -5.41
CA GLN H 91 0.07 -24.85 -5.83
C GLN H 91 1.22 -24.41 -4.91
N GLY H 92 1.97 -25.35 -4.37
CA GLY H 92 3.09 -24.99 -3.51
C GLY H 92 2.77 -24.69 -2.05
N HIS H 93 1.50 -24.73 -1.66
CA HIS H 93 1.15 -24.45 -0.29
C HIS H 93 1.51 -25.58 0.67
N ILE H 94 1.72 -26.78 0.14
CA ILE H 94 2.16 -27.88 0.98
C ILE H 94 3.67 -27.89 0.75
N GLY H 95 4.36 -27.12 1.60
CA GLY H 95 5.80 -26.97 1.51
C GLY H 95 6.67 -28.20 1.68
N ALA H 96 6.55 -29.15 0.76
CA ALA H 96 7.34 -30.36 0.82
C ALA H 96 8.29 -30.43 -0.37
N TYR H 97 9.59 -30.60 -0.08
CA TYR H 97 10.62 -30.74 -1.10
C TYR H 97 11.16 -32.13 -0.81
N LEU H 98 11.12 -33.02 -1.80
CA LEU H 98 11.52 -34.41 -1.58
C LEU H 98 12.44 -35.03 -2.59
N ILE H 99 13.21 -36.00 -2.11
CA ILE H 99 14.10 -36.78 -2.97
C ILE H 99 13.60 -38.22 -2.79
N VAL H 100 12.88 -38.72 -3.79
CA VAL H 100 12.32 -40.07 -3.73
C VAL H 100 13.14 -41.06 -4.55
N ALA H 101 13.47 -42.18 -3.92
CA ALA H 101 14.26 -43.23 -4.54
C ALA H 101 13.81 -44.62 -4.10
N GLY H 102 14.44 -45.64 -4.68
CA GLY H 102 14.11 -47.01 -4.34
C GLY H 102 14.34 -47.96 -5.51
N VAL H 103 14.00 -49.22 -5.30
CA VAL H 103 14.14 -50.24 -6.35
C VAL H 103 12.83 -50.97 -6.52
N ASP H 104 12.55 -51.35 -7.75
CA ASP H 104 11.32 -52.05 -8.07
C ASP H 104 11.58 -52.94 -9.31
N PRO H 105 10.59 -53.75 -9.69
CA PRO H 105 10.71 -54.63 -10.85
C PRO H 105 11.37 -54.05 -12.08
N THR H 106 11.49 -52.73 -12.17
CA THR H 106 12.11 -52.13 -13.36
C THR H 106 13.54 -51.60 -13.17
N GLY H 107 14.06 -51.65 -11.95
CA GLY H 107 15.41 -51.17 -11.71
C GLY H 107 15.51 -50.23 -10.52
N SER H 108 16.63 -49.51 -10.40
CA SER H 108 16.83 -48.57 -9.31
C SER H 108 16.54 -47.16 -9.82
N HIS H 109 15.92 -46.33 -8.98
CA HIS H 109 15.55 -44.98 -9.38
C HIS H 109 15.88 -43.88 -8.38
N LEU H 110 16.09 -42.67 -8.91
CA LEU H 110 16.39 -41.48 -8.10
C LEU H 110 15.68 -40.27 -8.72
N PHE H 111 14.84 -39.61 -7.92
CA PHE H 111 14.10 -38.44 -8.36
C PHE H 111 14.01 -37.37 -7.28
N SER H 112 13.59 -36.17 -7.69
CA SER H 112 13.41 -35.03 -6.78
C SER H 112 12.08 -34.36 -7.14
N ILE H 113 11.37 -33.87 -6.13
CA ILE H 113 10.10 -33.20 -6.35
C ILE H 113 10.07 -31.90 -5.54
N HIS H 114 9.68 -30.82 -6.18
CA HIS H 114 9.60 -29.52 -5.52
C HIS H 114 8.15 -29.34 -5.04
N ALA H 115 7.93 -28.46 -4.06
CA ALA H 115 6.60 -28.23 -3.52
C ALA H 115 5.57 -27.88 -4.58
N HIS H 116 5.99 -27.23 -5.66
CA HIS H 116 5.05 -26.86 -6.71
C HIS H 116 4.75 -28.01 -7.67
N GLY H 117 5.42 -29.14 -7.48
CA GLY H 117 5.15 -30.31 -8.31
C GLY H 117 6.00 -30.60 -9.53
N SER H 118 7.21 -30.07 -9.59
CA SER H 118 8.05 -30.37 -10.73
C SER H 118 9.02 -31.48 -10.32
N THR H 119 9.32 -32.37 -11.25
CA THR H 119 10.24 -33.46 -10.96
C THR H 119 11.50 -33.43 -11.79
N ASP H 120 12.56 -33.99 -11.23
CA ASP H 120 13.88 -34.06 -11.87
C ASP H 120 14.50 -35.44 -11.68
N VAL H 121 15.15 -35.95 -12.72
CA VAL H 121 15.81 -37.24 -12.64
C VAL H 121 17.32 -36.99 -12.70
N GLY H 122 18.08 -37.74 -11.92
CA GLY H 122 19.52 -37.57 -11.91
C GLY H 122 20.26 -38.64 -11.13
N TYR H 123 21.58 -38.68 -11.29
CA TYR H 123 22.40 -39.66 -10.58
C TYR H 123 22.78 -39.15 -9.20
N TYR H 124 22.67 -37.84 -9.01
CA TYR H 124 22.96 -37.23 -7.72
C TYR H 124 22.12 -35.96 -7.58
N LEU H 125 21.44 -35.83 -6.43
CA LEU H 125 20.57 -34.69 -6.16
C LEU H 125 20.63 -34.27 -4.69
N SER H 126 20.21 -33.03 -4.41
CA SER H 126 20.16 -32.52 -3.04
C SER H 126 19.17 -31.33 -2.93
N LEU H 127 18.55 -31.19 -1.76
CA LEU H 127 17.60 -30.11 -1.52
C LEU H 127 17.73 -29.64 -0.07
N GLY H 128 17.10 -28.51 0.24
CA GLY H 128 17.16 -27.98 1.59
C GLY H 128 18.13 -26.82 1.69
N SER H 129 18.26 -26.22 2.87
CA SER H 129 19.17 -25.10 3.03
C SER H 129 20.63 -25.50 2.95
N GLY H 130 20.91 -26.79 3.15
CA GLY H 130 22.27 -27.29 3.09
C GLY H 130 22.58 -27.74 1.68
N SER H 131 21.56 -27.68 0.85
CA SER H 131 21.60 -28.05 -0.56
C SER H 131 22.86 -27.65 -1.32
N LEU H 132 23.26 -26.38 -1.23
CA LEU H 132 24.43 -25.92 -1.95
C LEU H 132 25.75 -26.43 -1.40
N ALA H 133 25.82 -26.62 -0.09
CA ALA H 133 27.04 -27.12 0.50
C ALA H 133 27.24 -28.55 0.00
N ALA H 134 26.15 -29.32 0.02
CA ALA H 134 26.16 -30.71 -0.42
C ALA H 134 26.47 -30.82 -1.90
N MET H 135 25.69 -30.14 -2.73
CA MET H 135 25.88 -30.18 -4.17
C MET H 135 27.32 -29.77 -4.52
N ALA H 136 27.92 -28.93 -3.70
CA ALA H 136 29.28 -28.49 -3.94
C ALA H 136 30.19 -29.70 -3.86
N VAL H 137 29.94 -30.54 -2.85
CA VAL H 137 30.71 -31.76 -2.65
C VAL H 137 30.37 -32.81 -3.71
N LEU H 138 29.09 -32.91 -4.04
CA LEU H 138 28.68 -33.88 -5.05
C LEU H 138 29.28 -33.56 -6.41
N GLU H 139 29.31 -32.29 -6.78
CA GLU H 139 29.87 -31.88 -8.07
C GLU H 139 31.37 -32.12 -8.10
N SER H 140 31.97 -32.13 -6.91
CA SER H 140 33.40 -32.33 -6.78
C SER H 140 33.87 -33.78 -6.70
N HIS H 141 33.05 -34.66 -6.16
CA HIS H 141 33.48 -36.05 -6.03
C HIS H 141 32.67 -37.13 -6.74
N TRP H 142 31.51 -36.77 -7.30
CA TRP H 142 30.72 -37.78 -7.99
C TRP H 142 31.42 -38.25 -9.26
N LYS H 143 31.17 -39.49 -9.62
CA LYS H 143 31.71 -40.11 -10.83
C LYS H 143 30.72 -41.21 -11.18
N GLN H 144 30.73 -41.64 -12.43
CA GLN H 144 29.81 -42.69 -12.84
C GLN H 144 30.39 -44.05 -12.44
N ASP H 145 29.50 -44.98 -12.09
CA ASP H 145 29.91 -46.32 -11.69
C ASP H 145 30.50 -46.37 -10.29
N LEU H 146 29.79 -45.77 -9.33
CA LEU H 146 30.25 -45.79 -7.95
C LEU H 146 29.86 -47.14 -7.37
N THR H 147 30.60 -47.61 -6.38
CA THR H 147 30.28 -48.87 -5.73
C THR H 147 29.32 -48.51 -4.60
N LYS H 148 28.66 -49.49 -4.03
CA LYS H 148 27.73 -49.21 -2.95
C LYS H 148 28.40 -48.41 -1.84
N GLU H 149 29.62 -48.78 -1.46
CA GLU H 149 30.29 -48.08 -0.39
C GLU H 149 30.82 -46.72 -0.82
N GLU H 150 31.12 -46.57 -2.10
CA GLU H 150 31.60 -45.28 -2.58
C GLU H 150 30.44 -44.30 -2.49
N ALA H 151 29.26 -44.75 -2.90
CA ALA H 151 28.06 -43.92 -2.88
C ALA H 151 27.65 -43.56 -1.45
N ILE H 152 27.87 -44.47 -0.50
CA ILE H 152 27.52 -44.17 0.87
C ILE H 152 28.49 -43.15 1.47
N LYS H 153 29.72 -43.15 0.96
CA LYS H 153 30.74 -42.22 1.43
C LYS H 153 30.42 -40.85 0.88
N LEU H 154 30.20 -40.80 -0.43
CA LEU H 154 29.87 -39.56 -1.11
C LEU H 154 28.62 -38.96 -0.50
N ALA H 155 27.56 -39.77 -0.39
CA ALA H 155 26.31 -39.31 0.19
C ALA H 155 26.51 -38.76 1.60
N SER H 156 27.20 -39.52 2.43
CA SER H 156 27.43 -39.10 3.80
C SER H 156 28.26 -37.82 3.87
N ASP H 157 29.27 -37.71 3.01
CA ASP H 157 30.12 -36.53 2.98
C ASP H 157 29.32 -35.28 2.64
N ALA H 158 28.39 -35.42 1.69
CA ALA H 158 27.55 -34.30 1.28
C ALA H 158 26.74 -33.80 2.48
N ILE H 159 26.14 -34.74 3.21
CA ILE H 159 25.35 -34.37 4.38
C ILE H 159 26.22 -33.63 5.38
N GLN H 160 27.47 -34.07 5.52
CA GLN H 160 28.36 -33.40 6.45
C GLN H 160 28.62 -31.98 5.99
N ALA H 161 28.82 -31.79 4.68
CA ALA H 161 29.05 -30.47 4.16
C ALA H 161 27.94 -29.55 4.69
N GLY H 162 26.72 -30.12 4.79
CA GLY H 162 25.57 -29.38 5.27
C GLY H 162 25.57 -29.15 6.77
N ILE H 163 25.81 -30.21 7.52
CA ILE H 163 25.85 -30.12 8.99
C ILE H 163 26.78 -28.98 9.40
N TRP H 164 27.99 -29.02 8.87
CA TRP H 164 29.03 -28.05 9.19
C TRP H 164 28.88 -26.66 8.61
N ASN H 165 28.47 -26.56 7.36
CA ASN H 165 28.37 -25.24 6.74
C ASN H 165 27.00 -24.54 6.74
N ASP H 166 25.91 -25.29 6.86
CA ASP H 166 24.60 -24.66 6.90
C ASP H 166 24.07 -24.64 8.34
N LEU H 167 23.60 -23.47 8.77
CA LEU H 167 23.07 -23.30 10.12
C LEU H 167 21.72 -23.98 10.29
N GLY H 168 21.04 -24.24 9.16
CA GLY H 168 19.75 -24.88 9.20
C GLY H 168 19.86 -26.40 9.32
N SER H 169 21.10 -26.88 9.27
CA SER H 169 21.37 -28.31 9.35
C SER H 169 22.31 -28.63 10.51
N GLY H 170 22.30 -29.88 10.96
CA GLY H 170 23.17 -30.30 12.03
C GLY H 170 22.92 -31.68 12.61
N SER H 171 23.62 -31.96 13.71
CA SER H 171 23.51 -33.23 14.41
C SER H 171 24.01 -34.47 13.70
N ASN H 172 23.11 -35.45 13.50
CA ASN H 172 23.46 -36.73 12.91
C ASN H 172 23.18 -36.92 11.43
N VAL H 173 23.73 -37.99 10.87
CA VAL H 173 23.56 -38.33 9.46
C VAL H 173 22.81 -39.65 9.34
N ASP H 174 21.64 -39.62 8.71
CA ASP H 174 20.83 -40.83 8.51
C ASP H 174 20.96 -41.28 7.05
N VAL H 175 21.11 -42.58 6.85
CA VAL H 175 21.26 -43.12 5.50
C VAL H 175 20.33 -44.31 5.27
N CYS H 176 19.97 -44.53 4.00
CA CYS H 176 19.15 -45.68 3.66
C CYS H 176 19.61 -46.15 2.32
N VAL H 177 20.06 -47.41 2.27
CA VAL H 177 20.54 -47.98 1.03
C VAL H 177 19.49 -48.89 0.44
N MET H 178 19.27 -48.76 -0.86
CA MET H 178 18.30 -49.58 -1.55
C MET H 178 19.00 -50.22 -2.72
N GLU H 179 19.30 -51.52 -2.58
CA GLU H 179 20.00 -52.25 -3.63
C GLU H 179 19.07 -53.19 -4.39
N ILE H 180 19.36 -53.36 -5.68
CA ILE H 180 18.52 -54.17 -6.57
C ILE H 180 18.14 -55.60 -6.16
N GLY H 181 18.97 -56.28 -5.40
CA GLY H 181 18.57 -57.63 -5.04
C GLY H 181 18.22 -57.87 -3.60
N LYS H 182 18.57 -56.92 -2.73
CA LYS H 182 18.33 -57.09 -1.32
C LYS H 182 17.23 -56.23 -0.72
N ASP H 183 17.08 -56.35 0.59
CA ASP H 183 16.10 -55.57 1.35
C ASP H 183 16.72 -54.20 1.50
N ALA H 184 15.88 -53.17 1.58
CA ALA H 184 16.39 -51.82 1.75
C ALA H 184 16.91 -51.78 3.17
N GLU H 185 18.05 -51.13 3.39
CA GLU H 185 18.53 -51.02 4.76
C GLU H 185 18.61 -49.59 5.25
N TYR H 186 17.76 -49.30 6.22
CA TYR H 186 17.68 -47.99 6.84
C TYR H 186 18.71 -47.96 7.96
N LEU H 187 19.64 -47.02 7.87
CA LEU H 187 20.70 -46.87 8.85
C LEU H 187 20.49 -45.57 9.63
N ARG H 188 19.60 -45.62 10.61
CA ARG H 188 19.31 -44.48 11.45
C ARG H 188 20.56 -44.06 12.24
N ASN H 189 20.90 -42.79 12.20
CA ASN H 189 22.08 -42.28 12.91
C ASN H 189 23.35 -43.02 12.51
N TYR H 190 23.53 -43.18 11.21
CA TYR H 190 24.71 -43.85 10.63
C TYR H 190 25.99 -43.13 11.04
N LEU H 191 25.84 -41.87 11.44
CA LEU H 191 26.94 -41.04 11.91
C LEU H 191 26.39 -40.13 12.98
N THR H 192 27.14 -39.95 14.06
CA THR H 192 26.71 -39.06 15.13
C THR H 192 27.91 -38.24 15.58
N PRO H 193 28.40 -37.34 14.70
CA PRO H 193 29.55 -36.46 14.93
C PRO H 193 29.36 -35.24 15.82
N ASN H 194 28.19 -35.13 16.45
CA ASN H 194 27.92 -33.98 17.31
C ASN H 194 27.36 -34.33 18.69
N VAL H 195 28.12 -35.12 19.45
CA VAL H 195 27.71 -35.52 20.79
C VAL H 195 28.11 -34.39 21.76
N ARG H 196 27.19 -34.02 22.64
CA ARG H 196 27.42 -32.95 23.61
C ARG H 196 28.52 -33.29 24.61
N GLU H 197 29.50 -32.41 24.77
CA GLU H 197 30.57 -32.65 25.74
C GLU H 197 29.95 -32.65 27.12
N GLU H 198 30.52 -33.44 28.03
CA GLU H 198 29.98 -33.53 29.37
C GLU H 198 29.91 -32.18 30.04
N LYS H 199 28.77 -31.90 30.68
CA LYS H 199 28.60 -30.64 31.37
C LYS H 199 29.67 -30.42 32.41
N GLN H 200 29.88 -29.16 32.75
CA GLN H 200 30.90 -28.74 33.71
C GLN H 200 30.39 -28.82 35.15
N LYS H 201 29.22 -29.41 35.36
CA LYS H 201 28.67 -29.46 36.71
C LYS H 201 27.27 -30.06 36.67
N SER H 202 26.80 -30.55 37.81
CA SER H 202 25.45 -31.11 37.89
C SER H 202 24.60 -30.06 38.59
N TYR H 203 23.43 -29.75 38.04
CA TYR H 203 22.58 -28.74 38.63
C TYR H 203 21.44 -29.33 39.44
N LYS H 204 21.62 -30.58 39.83
CA LYS H 204 20.68 -31.33 40.65
C LYS H 204 20.45 -30.50 41.93
N PHE H 205 19.20 -30.17 42.24
CA PHE H 205 18.88 -29.36 43.41
C PHE H 205 18.65 -30.16 44.70
N PRO H 206 18.97 -29.56 45.86
CA PRO H 206 18.75 -30.27 47.11
C PRO H 206 17.24 -30.32 47.32
N ARG H 207 16.71 -31.50 47.66
CA ARG H 207 15.27 -31.60 47.84
C ARG H 207 14.75 -30.60 48.86
N GLY H 208 13.72 -29.86 48.48
CA GLY H 208 13.15 -28.86 49.35
C GLY H 208 13.39 -27.47 48.77
N THR H 209 14.27 -27.38 47.79
CA THR H 209 14.61 -26.13 47.14
C THR H 209 13.37 -25.39 46.62
N THR H 210 12.44 -26.14 46.03
CA THR H 210 11.23 -25.56 45.48
C THR H 210 10.09 -25.49 46.49
N ALA H 211 9.58 -24.28 46.70
CA ALA H 211 8.49 -24.08 47.65
C ALA H 211 7.17 -24.54 47.04
N VAL H 212 6.49 -25.43 47.77
CA VAL H 212 5.20 -25.95 47.34
C VAL H 212 4.09 -25.26 48.14
N LEU H 213 2.87 -25.25 47.61
CA LEU H 213 1.75 -24.61 48.27
C LEU H 213 0.65 -25.61 48.60
N LYS H 214 0.50 -26.61 47.75
CA LYS H 214 -0.53 -27.61 47.95
C LYS H 214 -0.18 -28.88 47.19
N GLU H 215 -0.55 -30.02 47.74
CA GLU H 215 -0.23 -31.31 47.14
C GLU H 215 -1.49 -32.16 47.07
N SER H 216 -1.45 -33.24 46.29
CA SER H 216 -2.61 -34.14 46.17
C SER H 216 -2.38 -35.28 45.19
N ILE H 217 -3.17 -36.34 45.37
CA ILE H 217 -3.08 -37.52 44.51
C ILE H 217 -4.01 -37.34 43.31
N VAL H 218 -3.60 -37.88 42.17
CA VAL H 218 -4.40 -37.79 40.97
C VAL H 218 -5.06 -39.14 40.65
N ASN H 219 -6.29 -39.11 40.18
CA ASN H 219 -7.01 -40.32 39.83
C ASN H 219 -6.94 -40.65 38.34
N ILE H 220 -6.38 -41.81 38.02
CA ILE H 220 -6.26 -42.27 36.63
C ILE H 220 -7.16 -43.47 36.38
N CYS H 221 -7.36 -44.27 37.41
CA CYS H 221 -8.21 -45.44 37.31
C CYS H 221 -9.67 -44.98 37.23
N ASP H 222 -10.51 -45.81 36.61
CA ASP H 222 -11.92 -45.49 36.46
C ASP H 222 -12.83 -46.28 37.43
N SER I 1 -2.23 -9.71 17.52
CA SER I 1 -1.93 -10.13 16.12
C SER I 1 -1.50 -11.59 16.01
N ASP I 2 -0.58 -12.00 16.89
CA ASP I 2 -0.12 -13.38 16.90
C ASP I 2 -1.01 -14.14 17.89
N PRO I 3 -1.91 -14.99 17.38
CA PRO I 3 -2.84 -15.78 18.21
C PRO I 3 -2.16 -16.54 19.32
N SER I 4 -0.87 -16.81 19.14
CA SER I 4 -0.14 -17.55 20.14
C SER I 4 0.47 -16.65 21.21
N SER I 5 0.20 -15.35 21.12
CA SER I 5 0.75 -14.40 22.09
C SER I 5 -0.31 -13.57 22.77
N ILE I 6 -1.57 -13.91 22.57
CA ILE I 6 -2.66 -13.15 23.15
C ILE I 6 -2.85 -13.46 24.64
N ASN I 7 -2.94 -14.75 24.91
CA ASN I 7 -3.18 -15.30 26.23
C ASN I 7 -1.97 -15.62 27.11
N GLY I 8 -0.87 -16.06 26.49
CA GLY I 8 0.32 -16.40 27.25
C GLY I 8 0.27 -17.79 27.89
N GLY I 9 1.42 -18.30 28.33
CA GLY I 9 1.42 -19.61 28.96
C GLY I 9 2.54 -20.55 28.54
N ILE I 10 2.87 -21.49 29.41
CA ILE I 10 3.93 -22.46 29.12
C ILE I 10 3.64 -23.83 29.69
N VAL I 11 4.29 -24.82 29.08
CA VAL I 11 4.15 -26.21 29.47
C VAL I 11 5.51 -26.85 29.23
N VAL I 12 5.95 -27.70 30.16
CA VAL I 12 7.23 -28.38 30.00
C VAL I 12 7.06 -29.82 30.50
N ALA I 13 7.78 -30.74 29.86
CA ALA I 13 7.69 -32.14 30.24
C ALA I 13 9.07 -32.76 30.21
N MET I 14 9.41 -33.48 31.27
CA MET I 14 10.70 -34.13 31.38
C MET I 14 10.53 -35.61 31.73
N THR I 15 11.53 -36.39 31.36
CA THR I 15 11.52 -37.82 31.64
C THR I 15 12.56 -38.12 32.73
N GLY I 16 12.23 -39.08 33.59
CA GLY I 16 13.13 -39.48 34.66
C GLY I 16 13.23 -40.99 34.74
N LYS I 17 13.85 -41.50 35.79
CA LYS I 17 13.97 -42.94 35.95
C LYS I 17 12.60 -43.51 36.27
N ASP I 18 12.06 -44.28 35.34
CA ASP I 18 10.74 -44.90 35.50
C ASP I 18 9.65 -43.91 35.88
N CYS I 19 9.77 -42.68 35.40
CA CYS I 19 8.78 -41.64 35.68
C CYS I 19 8.82 -40.52 34.65
N VAL I 20 7.78 -39.68 34.65
CA VAL I 20 7.71 -38.54 33.74
C VAL I 20 7.06 -37.37 34.47
N ALA I 21 7.45 -36.17 34.12
CA ALA I 21 6.89 -34.99 34.73
C ALA I 21 6.39 -34.04 33.67
N ILE I 22 5.30 -33.34 33.96
CA ILE I 22 4.76 -32.36 33.02
C ILE I 22 4.19 -31.25 33.88
N ALA I 23 4.53 -30.00 33.53
CA ALA I 23 4.04 -28.86 34.31
C ALA I 23 3.63 -27.69 33.44
N CYS I 24 2.87 -26.78 34.02
CA CYS I 24 2.39 -25.60 33.31
C CYS I 24 2.18 -24.43 34.27
N ASP I 25 2.02 -23.23 33.72
CA ASP I 25 1.76 -22.05 34.55
C ASP I 25 0.24 -21.94 34.62
N LEU I 26 -0.27 -20.95 35.33
CA LEU I 26 -1.71 -20.84 35.47
C LEU I 26 -2.28 -19.55 34.90
N ARG I 27 -1.44 -18.74 34.29
CA ARG I 27 -1.91 -17.47 33.75
C ARG I 27 -2.72 -17.58 32.48
N LEU I 28 -3.70 -16.69 32.38
CA LEU I 28 -4.56 -16.58 31.22
C LEU I 28 -4.82 -15.10 31.19
N GLY I 29 -4.31 -14.43 30.17
CA GLY I 29 -4.51 -13.01 30.08
C GLY I 29 -4.98 -12.60 28.71
N SER I 30 -5.12 -11.29 28.53
CA SER I 30 -5.52 -10.69 27.27
C SER I 30 -4.47 -9.59 27.12
N GLN I 31 -3.35 -9.94 26.48
CA GLN I 31 -2.23 -9.03 26.33
C GLN I 31 -1.73 -8.68 27.74
N SER I 32 -1.50 -7.41 28.01
CA SER I 32 -1.00 -7.00 29.34
C SER I 32 -1.96 -7.29 30.51
N LEU I 33 -3.27 -7.29 30.25
CA LEU I 33 -4.23 -7.55 31.31
C LEU I 33 -4.30 -9.01 31.73
N GLY I 34 -4.05 -9.27 33.02
CA GLY I 34 -4.13 -10.62 33.53
C GLY I 34 -5.59 -10.84 33.85
N VAL I 35 -6.15 -12.00 33.49
CA VAL I 35 -7.58 -12.27 33.74
C VAL I 35 -7.84 -13.38 34.77
N SER I 36 -7.26 -14.55 34.54
CA SER I 36 -7.46 -15.66 35.46
C SER I 36 -6.12 -16.25 35.86
N ASN I 37 -6.02 -16.71 37.11
CA ASN I 37 -4.78 -17.32 37.60
C ASN I 37 -5.04 -18.77 37.98
N LYS I 38 -6.06 -19.35 37.37
CA LYS I 38 -6.42 -20.73 37.65
C LYS I 38 -6.60 -21.50 36.35
N PHE I 39 -6.05 -20.96 35.26
CA PHE I 39 -6.17 -21.57 33.95
C PHE I 39 -5.12 -22.66 33.77
N GLU I 40 -5.46 -23.87 34.17
CA GLU I 40 -4.52 -24.96 34.02
C GLU I 40 -4.41 -25.35 32.55
N LYS I 41 -3.27 -25.88 32.15
CA LYS I 41 -3.06 -26.23 30.77
C LYS I 41 -2.74 -27.70 30.57
N ILE I 42 -2.86 -28.47 31.66
CA ILE I 42 -2.59 -29.89 31.60
C ILE I 42 -3.87 -30.68 31.75
N PHE I 43 -4.04 -31.69 30.90
CA PHE I 43 -5.22 -32.53 30.98
C PHE I 43 -4.75 -33.96 30.90
N HIS I 44 -5.68 -34.89 31.14
CA HIS I 44 -5.35 -36.28 31.04
C HIS I 44 -6.58 -37.09 30.66
N TYR I 45 -6.34 -38.09 29.81
CA TYR I 45 -7.36 -39.00 29.33
C TYR I 45 -6.75 -40.33 29.76
N GLY I 46 -7.31 -40.92 30.82
CA GLY I 46 -6.74 -42.15 31.33
C GLY I 46 -5.40 -41.77 31.94
N HIS I 47 -4.37 -42.55 31.67
CA HIS I 47 -3.04 -42.28 32.19
C HIS I 47 -2.21 -41.43 31.24
N VAL I 48 -2.78 -41.04 30.11
CA VAL I 48 -2.06 -40.22 29.15
C VAL I 48 -2.31 -38.72 29.44
N PHE I 49 -1.24 -37.94 29.55
CA PHE I 49 -1.36 -36.52 29.84
C PHE I 49 -1.08 -35.61 28.64
N LEU I 50 -1.83 -34.52 28.58
CA LEU I 50 -1.69 -33.57 27.50
C LEU I 50 -1.72 -32.13 27.98
N GLY I 51 -0.65 -31.40 27.68
CA GLY I 51 -0.60 -30.00 28.04
C GLY I 51 -0.72 -29.21 26.76
N ILE I 52 -1.45 -28.11 26.78
CA ILE I 52 -1.60 -27.31 25.57
C ILE I 52 -1.43 -25.81 25.83
N THR I 53 -0.54 -25.18 25.06
CA THR I 53 -0.29 -23.75 25.17
C THR I 53 -0.74 -23.07 23.88
N GLY I 54 -1.02 -21.77 23.96
CA GLY I 54 -1.46 -21.05 22.78
C GLY I 54 -2.73 -20.27 23.05
N LEU I 55 -3.61 -20.24 22.06
CA LEU I 55 -4.87 -19.52 22.19
C LEU I 55 -5.79 -20.30 23.12
N ALA I 56 -6.16 -19.68 24.23
CA ALA I 56 -7.02 -20.32 25.24
C ALA I 56 -8.27 -21.01 24.69
N THR I 57 -9.00 -20.33 23.80
CA THR I 57 -10.19 -20.92 23.23
C THR I 57 -9.88 -22.25 22.53
N ASP I 58 -8.72 -22.33 21.88
CA ASP I 58 -8.35 -23.56 21.20
C ASP I 58 -7.88 -24.60 22.20
N VAL I 59 -7.25 -24.14 23.27
CA VAL I 59 -6.79 -25.05 24.31
C VAL I 59 -8.01 -25.77 24.87
N THR I 60 -9.06 -25.00 25.17
CA THR I 60 -10.28 -25.58 25.69
C THR I 60 -10.93 -26.49 24.65
N THR I 61 -11.02 -26.01 23.42
CA THR I 61 -11.60 -26.80 22.34
C THR I 61 -10.85 -28.12 22.11
N LEU I 62 -9.53 -28.10 22.11
CA LEU I 62 -8.79 -29.32 21.88
C LEU I 62 -8.92 -30.32 23.01
N ASN I 63 -9.06 -29.84 24.25
CA ASN I 63 -9.23 -30.75 25.37
C ASN I 63 -10.56 -31.46 25.17
N GLU I 64 -11.61 -30.69 24.92
CA GLU I 64 -12.91 -31.27 24.71
C GLU I 64 -12.87 -32.23 23.54
N MET I 65 -12.18 -31.85 22.46
CA MET I 65 -12.08 -32.74 21.32
C MET I 65 -11.41 -34.05 21.68
N PHE I 66 -10.26 -33.99 22.33
CA PHE I 66 -9.56 -35.21 22.69
C PHE I 66 -10.28 -36.05 23.74
N ARG I 67 -11.06 -35.41 24.61
CA ARG I 67 -11.79 -36.15 25.63
C ARG I 67 -12.76 -37.02 24.84
N TYR I 68 -13.49 -36.35 23.96
CA TYR I 68 -14.46 -36.98 23.07
C TYR I 68 -13.85 -38.17 22.32
N LYS I 69 -12.79 -37.93 21.55
CA LYS I 69 -12.15 -39.00 20.79
C LYS I 69 -11.60 -40.14 21.63
N THR I 70 -10.98 -39.82 22.77
CA THR I 70 -10.45 -40.88 23.61
C THR I 70 -11.57 -41.71 24.24
N ASN I 71 -12.71 -41.07 24.52
CA ASN I 71 -13.85 -41.80 25.10
C ASN I 71 -14.33 -42.86 24.12
N LEU I 72 -14.55 -42.46 22.88
CA LEU I 72 -14.99 -43.37 21.83
C LEU I 72 -13.98 -44.45 21.58
N TYR I 73 -12.70 -44.07 21.56
CA TYR I 73 -11.63 -45.05 21.34
C TYR I 73 -11.70 -46.18 22.40
N LYS I 74 -11.89 -45.79 23.65
CA LYS I 74 -11.97 -46.72 24.75
C LYS I 74 -13.16 -47.68 24.62
N LEU I 75 -14.30 -47.15 24.19
CA LEU I 75 -15.50 -47.97 24.03
C LEU I 75 -15.35 -49.02 22.92
N LYS I 76 -14.70 -48.64 21.82
CA LYS I 76 -14.48 -49.55 20.71
C LYS I 76 -13.32 -50.50 20.96
N GLU I 77 -12.19 -49.94 21.40
CA GLU I 77 -10.96 -50.70 21.67
C GLU I 77 -11.03 -51.56 22.93
N GLU I 78 -11.86 -51.12 23.88
CA GLU I 78 -12.02 -51.79 25.16
C GLU I 78 -10.73 -51.78 25.96
N ARG I 79 -10.04 -50.65 25.92
CA ARG I 79 -8.79 -50.43 26.64
C ARG I 79 -8.47 -48.94 26.55
N ALA I 80 -7.65 -48.45 27.45
CA ALA I 80 -7.30 -47.04 27.43
C ALA I 80 -6.23 -46.81 26.37
N ILE I 81 -6.20 -45.62 25.79
CA ILE I 81 -5.22 -45.31 24.76
C ILE I 81 -3.83 -45.07 25.37
N GLU I 82 -2.79 -45.47 24.66
CA GLU I 82 -1.41 -45.31 25.11
C GLU I 82 -0.78 -43.98 24.63
N PRO I 83 0.28 -43.52 25.32
CA PRO I 83 0.96 -42.28 24.96
C PRO I 83 1.35 -42.22 23.47
N GLU I 84 2.07 -43.24 23.01
CA GLU I 84 2.52 -43.31 21.62
C GLU I 84 1.37 -43.24 20.62
N THR I 85 0.27 -43.90 20.96
CA THR I 85 -0.92 -43.91 20.09
C THR I 85 -1.63 -42.57 20.11
N PHE I 86 -1.79 -42.02 21.31
CA PHE I 86 -2.45 -40.74 21.47
C PHE I 86 -1.69 -39.68 20.69
N THR I 87 -0.36 -39.75 20.76
CA THR I 87 0.49 -38.80 20.06
C THR I 87 0.15 -38.83 18.58
N GLN I 88 -0.14 -40.01 18.07
CA GLN I 88 -0.50 -40.17 16.67
C GLN I 88 -1.84 -39.50 16.38
N LEU I 89 -2.79 -39.67 17.30
CA LEU I 89 -4.12 -39.10 17.15
C LEU I 89 -4.06 -37.58 17.19
N VAL I 90 -3.14 -37.04 17.98
CA VAL I 90 -3.01 -35.59 18.08
C VAL I 90 -2.46 -35.03 16.77
N SER I 91 -1.41 -35.67 16.25
CA SER I 91 -0.81 -35.25 15.00
C SER I 91 -1.83 -35.26 13.86
N SER I 92 -2.53 -36.37 13.69
CA SER I 92 -3.50 -36.47 12.61
C SER I 92 -4.61 -35.47 12.82
N SER I 93 -5.07 -35.30 14.06
CA SER I 93 -6.14 -34.35 14.36
C SER I 93 -5.73 -32.91 14.03
N LEU I 94 -4.47 -32.58 14.29
CA LEU I 94 -3.99 -31.23 14.00
C LEU I 94 -3.79 -30.97 12.51
N TYR I 95 -3.13 -31.89 11.82
CA TYR I 95 -2.85 -31.72 10.41
C TYR I 95 -4.13 -31.65 9.60
N GLU I 96 -5.21 -32.10 10.21
CA GLU I 96 -6.49 -32.08 9.54
C GLU I 96 -6.94 -30.63 9.30
N ARG I 97 -6.44 -29.72 10.13
CA ARG I 97 -6.77 -28.31 10.02
C ARG I 97 -5.57 -27.59 9.44
N ARG I 98 -4.85 -28.27 8.57
CA ARG I 98 -3.64 -27.70 7.96
C ARG I 98 -3.71 -26.23 7.57
N PHE I 99 -4.73 -25.89 6.79
CA PHE I 99 -4.83 -24.53 6.30
C PHE I 99 -5.74 -23.60 7.08
N GLY I 100 -6.03 -23.98 8.32
CA GLY I 100 -6.85 -23.19 9.21
C GLY I 100 -6.65 -23.87 10.55
N PRO I 101 -5.39 -23.96 11.00
CA PRO I 101 -4.98 -24.61 12.26
C PRO I 101 -5.41 -23.99 13.57
N TYR I 102 -5.35 -24.81 14.61
CA TYR I 102 -5.65 -24.36 15.96
C TYR I 102 -4.31 -23.76 16.36
N PHE I 103 -4.32 -22.63 17.05
CA PHE I 103 -3.06 -22.00 17.42
C PHE I 103 -2.59 -22.50 18.78
N VAL I 104 -2.10 -23.74 18.76
CA VAL I 104 -1.66 -24.39 19.98
C VAL I 104 -0.33 -25.10 19.86
N GLY I 105 0.24 -25.46 21.01
CA GLY I 105 1.49 -26.18 21.05
C GLY I 105 1.28 -27.31 22.04
N PRO I 106 0.77 -28.46 21.58
CA PRO I 106 0.51 -29.62 22.45
C PRO I 106 1.76 -30.35 22.89
N VAL I 107 1.69 -30.93 24.09
CA VAL I 107 2.78 -31.68 24.69
C VAL I 107 2.19 -32.93 25.33
N VAL I 108 2.69 -34.10 24.94
CA VAL I 108 2.18 -35.35 25.47
C VAL I 108 3.18 -35.97 26.42
N ALA I 109 2.67 -36.46 27.55
CA ALA I 109 3.51 -37.08 28.56
C ALA I 109 2.76 -38.23 29.21
N GLY I 110 3.44 -39.37 29.38
CA GLY I 110 2.83 -40.51 30.00
C GLY I 110 3.74 -41.73 30.01
N ILE I 111 3.30 -42.80 30.66
CA ILE I 111 4.09 -44.03 30.74
C ILE I 111 3.28 -45.18 30.14
N ASN I 112 3.87 -45.89 29.18
CA ASN I 112 3.18 -46.99 28.53
C ASN I 112 2.82 -48.04 29.56
N SER I 113 1.53 -48.22 29.79
CA SER I 113 1.06 -49.18 30.78
C SER I 113 1.46 -50.63 30.47
N LYS I 114 1.88 -50.90 29.25
CA LYS I 114 2.28 -52.26 28.91
C LYS I 114 3.80 -52.45 29.01
N SER I 115 4.56 -51.44 28.65
CA SER I 115 6.02 -51.53 28.69
C SER I 115 6.66 -50.81 29.87
N GLY I 116 5.87 -50.05 30.62
CA GLY I 116 6.41 -49.30 31.76
C GLY I 116 7.36 -48.19 31.36
N LYS I 117 7.66 -48.13 30.08
CA LYS I 117 8.57 -47.13 29.50
C LYS I 117 7.98 -45.70 29.46
N PRO I 118 8.73 -44.70 29.95
CA PRO I 118 8.29 -43.30 29.96
C PRO I 118 8.22 -42.74 28.54
N PHE I 119 7.29 -41.82 28.30
CA PHE I 119 7.11 -41.23 26.98
C PHE I 119 6.69 -39.75 27.01
N ILE I 120 7.35 -38.94 26.19
CA ILE I 120 7.02 -37.53 26.06
C ILE I 120 7.20 -37.11 24.61
N ALA I 121 6.40 -36.15 24.16
CA ALA I 121 6.44 -35.64 22.79
C ALA I 121 5.86 -34.23 22.65
N GLY I 122 6.25 -33.55 21.59
CA GLY I 122 5.77 -32.20 21.33
C GLY I 122 5.29 -32.05 19.89
N PHE I 123 4.47 -31.03 19.60
CA PHE I 123 3.95 -30.82 18.24
C PHE I 123 3.93 -29.34 17.91
N ASP I 124 3.80 -29.01 16.62
CA ASP I 124 3.65 -27.62 16.24
C ASP I 124 2.15 -27.49 15.92
N LEU I 125 1.68 -26.30 15.57
CA LEU I 125 0.24 -26.14 15.32
C LEU I 125 -0.36 -27.00 14.21
N ILE I 126 0.49 -27.50 13.30
CA ILE I 126 -0.02 -28.35 12.22
C ILE I 126 0.34 -29.83 12.41
N GLY I 127 0.65 -30.21 13.65
CA GLY I 127 0.92 -31.60 13.94
C GLY I 127 2.29 -32.23 13.81
N CYS I 128 3.32 -31.46 13.46
CA CYS I 128 4.63 -32.08 13.36
C CYS I 128 5.08 -32.63 14.71
N ILE I 129 5.18 -33.96 14.79
CA ILE I 129 5.58 -34.61 16.03
C ILE I 129 7.06 -34.41 16.29
N ASP I 130 7.32 -33.93 17.49
CA ASP I 130 8.65 -33.62 17.99
C ASP I 130 8.89 -34.62 19.13
N GLU I 131 9.76 -35.60 18.91
CA GLU I 131 10.01 -36.58 19.95
C GLU I 131 11.41 -36.54 20.54
N ALA I 132 11.46 -36.45 21.87
CA ALA I 132 12.71 -36.39 22.59
C ALA I 132 12.67 -37.35 23.78
N LYS I 133 13.85 -37.79 24.20
CA LYS I 133 13.95 -38.70 25.32
C LYS I 133 14.19 -37.94 26.62
N ASP I 134 14.51 -36.65 26.50
CA ASP I 134 14.76 -35.81 27.69
C ASP I 134 13.66 -34.83 28.08
N PHE I 135 13.40 -33.80 27.27
CA PHE I 135 12.37 -32.83 27.61
C PHE I 135 11.71 -32.18 26.40
N ILE I 136 10.53 -31.62 26.63
CA ILE I 136 9.75 -30.93 25.60
C ILE I 136 9.23 -29.63 26.19
N VAL I 137 9.33 -28.55 25.41
CA VAL I 137 8.88 -27.24 25.87
C VAL I 137 7.84 -26.62 24.93
N SER I 138 7.09 -25.67 25.45
CA SER I 138 6.04 -25.03 24.67
C SER I 138 5.47 -23.80 25.38
N GLY I 139 5.09 -22.80 24.59
CA GLY I 139 4.52 -21.59 25.15
C GLY I 139 5.24 -20.33 24.76
N THR I 140 4.89 -19.23 25.43
CA THR I 140 5.47 -17.93 25.15
C THR I 140 6.84 -17.73 25.77
N ALA I 141 7.29 -18.70 26.56
CA ALA I 141 8.58 -18.65 27.23
C ALA I 141 9.38 -19.90 26.89
N SER I 142 9.14 -20.43 25.68
CA SER I 142 9.81 -21.62 25.18
C SER I 142 11.32 -21.40 25.07
N ASP I 143 11.74 -20.20 24.67
CA ASP I 143 13.15 -19.90 24.56
C ASP I 143 13.77 -20.03 25.95
N GLN I 144 13.07 -19.51 26.95
CA GLN I 144 13.56 -19.60 28.32
C GLN I 144 13.57 -21.05 28.79
N LEU I 145 12.46 -21.76 28.57
CA LEU I 145 12.38 -23.18 28.96
C LEU I 145 13.48 -24.01 28.29
N PHE I 146 13.79 -23.71 27.03
CA PHE I 146 14.85 -24.45 26.36
C PHE I 146 16.14 -24.16 27.11
N GLY I 147 16.35 -22.88 27.40
CA GLY I 147 17.53 -22.47 28.12
C GLY I 147 17.69 -23.24 29.42
N MET I 148 16.70 -23.14 30.31
CA MET I 148 16.74 -23.85 31.58
C MET I 148 16.96 -25.34 31.41
N CYS I 149 16.10 -25.97 30.61
CA CYS I 149 16.19 -27.41 30.37
C CYS I 149 17.54 -27.91 29.88
N GLU I 150 18.04 -27.29 28.83
CA GLU I 150 19.30 -27.69 28.25
C GLU I 150 20.45 -27.63 29.27
N SER I 151 20.28 -26.83 30.32
CA SER I 151 21.29 -26.69 31.37
C SER I 151 21.06 -27.58 32.59
N LEU I 152 19.90 -27.42 33.22
CA LEU I 152 19.55 -28.17 34.43
C LEU I 152 19.40 -29.68 34.28
N TYR I 153 18.89 -30.12 33.13
CA TYR I 153 18.64 -31.54 32.89
C TYR I 153 19.82 -32.51 32.88
N GLU I 154 19.56 -33.69 33.41
CA GLU I 154 20.50 -34.80 33.44
C GLU I 154 19.61 -36.05 33.50
N PRO I 155 20.01 -37.13 32.81
CA PRO I 155 19.26 -38.40 32.74
C PRO I 155 18.91 -39.09 34.07
N ASN I 156 18.03 -40.09 33.94
CA ASN I 156 17.55 -40.92 35.05
C ASN I 156 17.39 -40.27 36.40
N LEU I 157 16.71 -39.13 36.44
CA LEU I 157 16.50 -38.47 37.71
C LEU I 157 15.44 -39.25 38.48
N GLU I 158 15.45 -39.11 39.79
CA GLU I 158 14.46 -39.79 40.62
C GLU I 158 13.26 -38.88 40.72
N PRO I 159 12.06 -39.46 40.87
CA PRO I 159 10.83 -38.68 40.98
C PRO I 159 10.94 -37.40 41.82
N GLU I 160 11.47 -37.54 43.03
CA GLU I 160 11.61 -36.43 43.96
C GLU I 160 12.64 -35.39 43.48
N ASP I 161 13.56 -35.84 42.64
CA ASP I 161 14.58 -34.96 42.08
C ASP I 161 14.04 -34.33 40.79
N LEU I 162 13.49 -35.15 39.90
CA LEU I 162 12.91 -34.68 38.65
C LEU I 162 11.93 -33.56 38.97
N PHE I 163 11.24 -33.69 40.10
CA PHE I 163 10.30 -32.67 40.51
C PHE I 163 11.03 -31.35 40.67
N GLU I 164 12.11 -31.36 41.45
CA GLU I 164 12.90 -30.16 41.70
C GLU I 164 13.32 -29.51 40.38
N THR I 165 13.95 -30.31 39.52
CA THR I 165 14.44 -29.84 38.23
C THR I 165 13.37 -29.20 37.37
N ILE I 166 12.32 -29.96 37.07
CA ILE I 166 11.25 -29.43 36.24
C ILE I 166 10.66 -28.16 36.85
N SER I 167 10.52 -28.11 38.16
CA SER I 167 9.96 -26.94 38.82
C SER I 167 10.85 -25.70 38.68
N GLN I 168 12.17 -25.90 38.71
CA GLN I 168 13.09 -24.77 38.58
C GLN I 168 13.14 -24.27 37.15
N ALA I 169 13.03 -25.20 36.19
CA ALA I 169 13.04 -24.83 34.78
C ALA I 169 11.79 -23.99 34.53
N LEU I 170 10.64 -24.53 34.87
CA LEU I 170 9.39 -23.81 34.66
C LEU I 170 9.42 -22.44 35.34
N LEU I 171 9.71 -22.44 36.63
CA LEU I 171 9.74 -21.22 37.44
C LEU I 171 10.62 -20.06 36.95
N ASN I 172 11.88 -20.35 36.65
CA ASN I 172 12.77 -19.28 36.21
C ASN I 172 12.48 -18.78 34.81
N ALA I 173 11.98 -19.68 33.96
CA ALA I 173 11.64 -19.31 32.59
C ALA I 173 10.41 -18.39 32.64
N ALA I 174 9.41 -18.79 33.42
CA ALA I 174 8.19 -18.01 33.56
C ALA I 174 8.46 -16.60 34.09
N ASP I 175 9.51 -16.46 34.90
CA ASP I 175 9.81 -15.16 35.45
C ASP I 175 10.52 -14.20 34.51
N ARG I 176 10.92 -14.70 33.34
CA ARG I 176 11.57 -13.87 32.32
C ARG I 176 10.59 -13.60 31.17
N ASP I 177 9.36 -14.07 31.30
CA ASP I 177 8.31 -13.89 30.31
C ASP I 177 7.15 -13.13 30.97
N ALA I 178 6.76 -12.02 30.36
CA ALA I 178 5.69 -11.20 30.89
C ALA I 178 4.33 -11.87 30.85
N LEU I 179 4.13 -12.73 29.87
CA LEU I 179 2.85 -13.41 29.70
C LEU I 179 2.70 -14.75 30.43
N SER I 180 3.77 -15.25 31.03
CA SER I 180 3.69 -16.51 31.76
C SER I 180 3.80 -16.29 33.26
N GLY I 181 3.34 -17.26 34.04
CA GLY I 181 3.41 -17.15 35.48
C GLY I 181 2.06 -17.17 36.16
N TRP I 182 1.93 -16.42 37.26
CA TRP I 182 0.69 -16.33 38.03
C TRP I 182 0.25 -17.64 38.68
N GLY I 183 1.21 -18.53 38.92
CA GLY I 183 0.89 -19.81 39.51
C GLY I 183 1.42 -20.92 38.66
N ALA I 184 1.65 -22.09 39.24
CA ALA I 184 2.17 -23.22 38.49
C ALA I 184 1.81 -24.52 39.16
N VAL I 185 1.65 -25.56 38.36
CA VAL I 185 1.30 -26.88 38.88
C VAL I 185 2.16 -27.90 38.16
N VAL I 186 2.75 -28.83 38.93
CA VAL I 186 3.60 -29.88 38.39
C VAL I 186 2.99 -31.25 38.60
N TYR I 187 3.17 -32.12 37.62
CA TYR I 187 2.65 -33.47 37.68
C TYR I 187 3.81 -34.44 37.68
N ILE I 188 3.87 -35.28 38.71
CA ILE I 188 4.91 -36.32 38.83
C ILE I 188 4.18 -37.64 38.52
N ILE I 189 4.61 -38.33 37.47
CA ILE I 189 3.95 -39.55 37.04
C ILE I 189 4.75 -40.84 37.04
N LYS I 190 4.21 -41.84 37.73
CA LYS I 190 4.81 -43.16 37.82
C LYS I 190 3.77 -44.20 37.45
N LYS I 191 4.23 -45.39 37.05
CA LYS I 191 3.37 -46.50 36.64
C LYS I 191 2.08 -46.67 37.43
N ASP I 192 2.19 -46.49 38.73
CA ASP I 192 1.08 -46.67 39.65
C ASP I 192 0.40 -45.39 40.14
N GLU I 193 1.20 -44.37 40.43
CA GLU I 193 0.63 -43.13 40.94
C GLU I 193 1.08 -41.85 40.24
N VAL I 194 0.31 -40.80 40.45
CA VAL I 194 0.57 -39.49 39.88
C VAL I 194 0.28 -38.43 40.94
N VAL I 195 1.32 -37.69 41.31
CA VAL I 195 1.21 -36.64 42.32
C VAL I 195 1.17 -35.28 41.64
N LYS I 196 0.25 -34.42 42.11
CA LYS I 196 0.08 -33.09 41.54
C LYS I 196 0.34 -32.01 42.61
N ARG I 197 1.40 -31.22 42.41
CA ARG I 197 1.75 -30.16 43.35
C ARG I 197 1.66 -28.77 42.74
N TYR I 198 1.14 -27.81 43.51
CA TYR I 198 1.05 -26.42 43.08
C TYR I 198 2.26 -25.71 43.66
N LEU I 199 3.00 -24.99 42.80
CA LEU I 199 4.19 -24.28 43.23
C LEU I 199 3.90 -22.85 43.71
N LYS I 200 4.81 -22.31 44.51
CA LYS I 200 4.70 -20.96 45.02
C LYS I 200 5.64 -20.08 44.20
N MET I 201 5.07 -19.10 43.48
CA MET I 201 5.90 -18.23 42.66
C MET I 201 5.45 -16.77 42.75
N ARG I 202 6.23 -15.90 42.10
CA ARG I 202 5.94 -14.48 42.07
C ARG I 202 4.54 -14.28 41.49
N GLN I 203 3.86 -13.21 41.89
CA GLN I 203 2.52 -12.97 41.35
C GLN I 203 2.46 -11.68 40.52
N ASP I 204 3.54 -11.37 39.83
CA ASP I 204 3.60 -10.15 39.01
C ASP I 204 3.90 -10.40 37.53
N MET J 1 -15.30 0.97 25.20
CA MET J 1 -16.45 0.04 25.05
C MET J 1 -17.48 0.31 26.17
N ASP J 2 -18.49 -0.55 26.24
CA ASP J 2 -19.54 -0.45 27.25
C ASP J 2 -19.00 -1.02 28.56
N ILE J 3 -19.78 -0.94 29.63
CA ILE J 3 -19.34 -1.47 30.92
C ILE J 3 -20.09 -2.77 31.26
N ILE J 4 -19.31 -3.82 31.49
CA ILE J 4 -19.84 -5.13 31.83
C ILE J 4 -19.10 -5.64 33.05
N LEU J 5 -19.74 -5.53 34.20
CA LEU J 5 -19.14 -5.99 35.45
C LEU J 5 -19.96 -7.12 36.05
N GLY J 6 -19.27 -7.97 36.80
CA GLY J 6 -19.93 -9.08 37.43
C GLY J 6 -19.16 -9.52 38.65
N ILE J 7 -19.86 -9.64 39.77
CA ILE J 7 -19.22 -10.07 41.00
C ILE J 7 -20.06 -11.13 41.70
N ARG J 8 -19.38 -12.21 42.08
CA ARG J 8 -20.01 -13.32 42.76
C ARG J 8 -19.73 -13.30 44.25
N VAL J 9 -20.78 -13.09 45.04
CA VAL J 9 -20.66 -13.05 46.49
C VAL J 9 -20.97 -14.41 47.10
N GLN J 10 -21.36 -14.39 48.38
CA GLN J 10 -21.68 -15.60 49.14
C GLN J 10 -22.87 -16.40 48.60
N ASP J 11 -24.00 -15.74 48.38
CA ASP J 11 -25.18 -16.45 47.93
C ASP J 11 -25.81 -15.90 46.68
N SER J 12 -25.04 -15.14 45.90
CA SER J 12 -25.58 -14.61 44.67
C SER J 12 -24.52 -14.10 43.72
N VAL J 13 -24.98 -13.66 42.55
CA VAL J 13 -24.13 -13.10 41.51
C VAL J 13 -24.78 -11.78 41.16
N ILE J 14 -23.99 -10.71 41.14
CA ILE J 14 -24.53 -9.40 40.80
C ILE J 14 -23.90 -8.96 39.48
N LEU J 15 -24.73 -8.42 38.59
CA LEU J 15 -24.26 -7.92 37.30
C LEU J 15 -24.56 -6.44 37.12
N ALA J 16 -23.53 -5.66 36.79
CA ALA J 16 -23.68 -4.23 36.56
C ALA J 16 -23.32 -3.99 35.09
N SER J 17 -24.20 -3.28 34.38
CA SER J 17 -23.99 -3.03 32.96
C SER J 17 -24.44 -1.63 32.54
N SER J 18 -23.52 -0.86 31.95
CA SER J 18 -23.80 0.51 31.50
C SER J 18 -25.10 0.68 30.71
N LYS J 19 -25.74 1.83 30.85
CA LYS J 19 -27.00 2.08 30.18
C LYS J 19 -26.89 2.87 28.89
N ALA J 20 -25.74 3.47 28.66
CA ALA J 20 -25.55 4.28 27.46
C ALA J 20 -25.46 3.46 26.18
N VAL J 21 -25.97 4.04 25.10
CA VAL J 21 -25.90 3.43 23.77
C VAL J 21 -25.54 4.61 22.89
N THR J 22 -24.26 4.69 22.55
CA THR J 22 -23.71 5.77 21.75
C THR J 22 -23.35 5.36 20.35
N ARG J 23 -23.79 6.15 19.38
CA ARG J 23 -23.48 5.90 17.98
C ARG J 23 -22.84 7.15 17.41
N GLY J 24 -21.52 7.08 17.27
CA GLY J 24 -20.76 8.18 16.73
C GLY J 24 -20.67 9.35 17.68
N ILE J 25 -21.32 10.42 17.27
CA ILE J 25 -21.30 11.66 18.02
C ILE J 25 -22.44 11.80 19.01
N SER J 26 -23.40 10.89 18.99
CA SER J 26 -24.54 11.01 19.89
C SER J 26 -24.81 9.83 20.79
N VAL J 27 -25.36 10.14 21.97
CA VAL J 27 -25.75 9.12 22.94
C VAL J 27 -27.23 8.91 22.65
N LEU J 28 -27.54 7.90 21.82
CA LEU J 28 -28.92 7.60 21.42
C LEU J 28 -29.85 7.17 22.54
N LYS J 29 -29.31 6.58 23.59
CA LYS J 29 -30.16 6.10 24.68
C LYS J 29 -29.37 6.04 25.97
N ASP J 30 -30.02 6.37 27.08
CA ASP J 30 -29.35 6.34 28.37
C ASP J 30 -30.08 5.46 29.40
N SER J 31 -30.78 4.45 28.89
CA SER J 31 -31.54 3.52 29.73
C SER J 31 -31.59 2.15 29.07
N ASP J 32 -30.44 1.70 28.56
CA ASP J 32 -30.36 0.41 27.88
C ASP J 32 -30.05 -0.73 28.84
N ASP J 33 -30.80 -1.83 28.70
CA ASP J 33 -30.60 -3.01 29.52
C ASP J 33 -29.80 -4.04 28.68
N LYS J 34 -28.49 -4.09 28.88
CA LYS J 34 -27.62 -5.00 28.14
C LYS J 34 -27.57 -6.37 28.80
N THR J 35 -28.76 -6.94 29.00
CA THR J 35 -28.88 -8.23 29.66
C THR J 35 -30.04 -9.06 29.10
N ARG J 36 -29.93 -10.38 29.19
CA ARG J 36 -30.99 -11.30 28.78
C ARG J 36 -31.09 -12.42 29.81
N GLN J 37 -32.31 -12.83 30.12
CA GLN J 37 -32.50 -13.91 31.06
C GLN J 37 -32.62 -15.20 30.26
N LEU J 38 -31.68 -16.12 30.49
CA LEU J 38 -31.68 -17.39 29.76
C LEU J 38 -32.61 -18.43 30.37
N SER J 39 -32.81 -18.33 31.68
CA SER J 39 -33.68 -19.22 32.42
C SER J 39 -33.90 -18.54 33.78
N PRO J 40 -34.91 -18.98 34.54
CA PRO J 40 -35.20 -18.38 35.85
C PRO J 40 -34.03 -18.11 36.81
N HIS J 41 -32.97 -18.91 36.72
CA HIS J 41 -31.82 -18.72 37.60
C HIS J 41 -30.52 -18.41 36.86
N THR J 42 -30.61 -18.02 35.59
CA THR J 42 -29.42 -17.69 34.81
C THR J 42 -29.58 -16.39 34.00
N LEU J 43 -28.67 -15.46 34.24
CA LEU J 43 -28.68 -14.15 33.58
C LEU J 43 -27.39 -13.93 32.77
N MET J 44 -27.51 -13.31 31.59
CA MET J 44 -26.35 -13.03 30.75
C MET J 44 -26.26 -11.57 30.28
N SER J 45 -25.13 -10.94 30.57
CA SER J 45 -24.87 -9.56 30.17
C SER J 45 -23.92 -9.65 28.97
N PHE J 46 -23.92 -8.62 28.12
CA PHE J 46 -23.10 -8.64 26.92
C PHE J 46 -22.72 -7.25 26.38
N ALA J 47 -21.59 -7.18 25.69
CA ALA J 47 -21.11 -5.94 25.09
C ALA J 47 -20.25 -6.25 23.87
N GLY J 48 -20.29 -5.37 22.87
CA GLY J 48 -19.50 -5.59 21.67
C GLY J 48 -20.03 -4.91 20.41
N GLU J 49 -19.78 -5.51 19.26
CA GLU J 49 -20.20 -4.99 17.97
C GLU J 49 -21.71 -4.74 17.87
N ALA J 50 -22.07 -3.53 17.44
CA ALA J 50 -23.46 -3.08 17.29
C ALA J 50 -24.59 -4.10 17.09
N GLY J 51 -24.68 -4.71 15.91
CA GLY J 51 -25.75 -5.67 15.69
C GLY J 51 -25.59 -7.01 16.39
N ASP J 52 -24.40 -7.58 16.26
CA ASP J 52 -24.09 -8.87 16.84
C ASP J 52 -24.49 -9.06 18.30
N THR J 53 -24.34 -7.99 19.07
CA THR J 53 -24.66 -8.01 20.49
C THR J 53 -26.03 -8.58 20.86
N VAL J 54 -27.10 -7.88 20.53
CA VAL J 54 -28.43 -8.34 20.89
C VAL J 54 -28.78 -9.61 20.11
N GLN J 55 -28.40 -9.65 18.84
CA GLN J 55 -28.68 -10.82 18.01
C GLN J 55 -28.21 -12.11 18.66
N PHE J 56 -26.94 -12.13 19.07
CA PHE J 56 -26.37 -13.33 19.70
C PHE J 56 -27.01 -13.65 21.04
N ALA J 57 -27.28 -12.62 21.83
CA ALA J 57 -27.90 -12.80 23.14
C ALA J 57 -29.26 -13.47 23.01
N GLU J 58 -30.12 -12.89 22.17
CA GLU J 58 -31.47 -13.40 21.94
C GLU J 58 -31.44 -14.80 21.32
N TYR J 59 -30.41 -15.07 20.54
CA TYR J 59 -30.26 -16.38 19.92
C TYR J 59 -30.00 -17.43 20.98
N ILE J 60 -29.09 -17.14 21.89
CA ILE J 60 -28.79 -18.06 22.98
C ILE J 60 -30.02 -18.23 23.86
N GLN J 61 -30.68 -17.12 24.19
CA GLN J 61 -31.89 -17.15 25.01
C GLN J 61 -32.91 -18.11 24.40
N ALA J 62 -33.16 -17.99 23.10
CA ALA J 62 -34.13 -18.86 22.44
C ALA J 62 -33.77 -20.35 22.63
N ASN J 63 -32.50 -20.69 22.44
CA ASN J 63 -32.07 -22.08 22.59
C ASN J 63 -32.20 -22.65 23.98
N ILE J 64 -31.87 -21.88 25.00
CA ILE J 64 -31.97 -22.41 26.34
C ILE J 64 -33.44 -22.54 26.75
N GLN J 65 -34.30 -21.64 26.25
CA GLN J 65 -35.72 -21.69 26.55
C GLN J 65 -36.37 -22.88 25.86
N LEU J 66 -35.80 -23.28 24.72
CA LEU J 66 -36.30 -24.42 23.97
C LEU J 66 -35.93 -25.67 24.75
N TYR J 67 -34.70 -25.69 25.26
CA TYR J 67 -34.21 -26.82 26.03
C TYR J 67 -35.07 -27.00 27.26
N SER J 68 -35.38 -25.89 27.92
CA SER J 68 -36.20 -25.95 29.11
C SER J 68 -37.56 -26.61 28.85
N ILE J 69 -38.25 -26.19 27.80
CA ILE J 69 -39.55 -26.78 27.51
C ILE J 69 -39.45 -28.26 27.15
N ARG J 70 -38.53 -28.60 26.25
CA ARG J 70 -38.34 -29.97 25.81
C ARG J 70 -38.07 -30.94 26.96
N GLU J 71 -37.23 -30.52 27.90
CA GLU J 71 -36.82 -31.34 29.03
C GLU J 71 -37.54 -31.05 30.36
N ASP J 72 -38.34 -29.98 30.38
CA ASP J 72 -39.03 -29.57 31.60
C ASP J 72 -38.02 -29.57 32.74
N TYR J 73 -36.92 -28.87 32.54
CA TYR J 73 -35.85 -28.81 33.52
C TYR J 73 -35.00 -27.59 33.16
N GLU J 74 -34.23 -27.10 34.13
CA GLU J 74 -33.38 -25.94 33.90
C GLU J 74 -31.92 -26.38 33.96
N LEU J 75 -31.16 -26.06 32.90
CA LEU J 75 -29.75 -26.40 32.82
C LEU J 75 -28.97 -25.64 33.89
N SER J 76 -27.90 -26.24 34.35
CA SER J 76 -27.06 -25.61 35.36
C SER J 76 -26.30 -24.46 34.69
N PRO J 77 -25.90 -23.45 35.48
CA PRO J 77 -25.17 -22.33 34.89
C PRO J 77 -23.92 -22.84 34.13
N GLN J 78 -23.30 -23.89 34.65
CA GLN J 78 -22.13 -24.47 34.04
C GLN J 78 -22.47 -25.03 32.65
N ALA J 79 -23.58 -25.77 32.55
CA ALA J 79 -23.99 -26.34 31.27
C ALA J 79 -24.23 -25.24 30.26
N VAL J 80 -24.91 -24.19 30.70
CA VAL J 80 -25.23 -23.06 29.85
C VAL J 80 -23.98 -22.34 29.34
N SER J 81 -23.05 -22.07 30.24
CA SER J 81 -21.83 -21.38 29.85
C SER J 81 -21.01 -22.22 28.85
N SER J 82 -21.10 -23.54 28.96
CA SER J 82 -20.36 -24.42 28.05
C SER J 82 -21.02 -24.39 26.67
N PHE J 83 -22.33 -24.21 26.66
CA PHE J 83 -23.06 -24.16 25.40
C PHE J 83 -22.76 -22.83 24.75
N VAL J 84 -22.72 -21.78 25.56
CA VAL J 84 -22.43 -20.45 25.07
C VAL J 84 -21.01 -20.34 24.50
N ARG J 85 -20.06 -20.97 25.17
CA ARG J 85 -18.67 -20.94 24.70
C ARG J 85 -18.58 -21.63 23.36
N GLN J 86 -19.11 -22.84 23.29
CA GLN J 86 -19.07 -23.61 22.06
C GLN J 86 -19.61 -22.82 20.90
N GLU J 87 -20.66 -22.05 21.13
CA GLU J 87 -21.23 -21.25 20.07
C GLU J 87 -20.23 -20.20 19.63
N LEU J 88 -19.65 -19.47 20.59
CA LEU J 88 -18.69 -18.44 20.23
C LEU J 88 -17.47 -19.04 19.51
N ALA J 89 -16.96 -20.15 20.02
CA ALA J 89 -15.81 -20.81 19.41
C ALA J 89 -16.06 -21.29 17.97
N LYS J 90 -17.33 -21.42 17.58
CA LYS J 90 -17.71 -21.82 16.21
C LYS J 90 -17.61 -20.57 15.34
N SER J 91 -18.27 -19.53 15.81
CA SER J 91 -18.30 -18.24 15.14
C SER J 91 -16.92 -17.67 14.86
N ILE J 92 -15.99 -17.92 15.77
CA ILE J 92 -14.67 -17.35 15.60
C ILE J 92 -13.97 -17.73 14.30
N ARG J 93 -14.27 -18.91 13.77
CA ARG J 93 -13.64 -19.36 12.54
C ARG J 93 -14.60 -19.37 11.35
N SER J 94 -15.74 -18.70 11.50
CA SER J 94 -16.73 -18.63 10.44
C SER J 94 -16.50 -17.43 9.54
N ARG J 95 -17.36 -17.28 8.54
CA ARG J 95 -17.24 -16.19 7.58
C ARG J 95 -17.33 -14.83 8.25
N ARG J 96 -18.35 -14.63 9.07
CA ARG J 96 -18.50 -13.37 9.79
C ARG J 96 -18.77 -13.68 11.25
N PRO J 97 -17.72 -13.62 12.09
CA PRO J 97 -17.81 -13.92 13.53
C PRO J 97 -18.62 -12.90 14.34
N TYR J 98 -19.27 -13.40 15.39
CA TYR J 98 -20.04 -12.58 16.30
C TYR J 98 -18.97 -11.90 17.15
N GLN J 99 -19.01 -10.58 17.25
CA GLN J 99 -18.04 -9.91 18.08
C GLN J 99 -18.77 -9.51 19.35
N VAL J 100 -19.00 -10.50 20.22
CA VAL J 100 -19.72 -10.26 21.46
C VAL J 100 -18.98 -10.85 22.65
N ASN J 101 -18.97 -10.11 23.76
CA ASN J 101 -18.34 -10.58 24.99
C ASN J 101 -19.47 -10.68 26.01
N VAL J 102 -19.49 -11.77 26.78
CA VAL J 102 -20.56 -11.96 27.74
C VAL J 102 -20.12 -12.40 29.12
N LEU J 103 -21.02 -12.17 30.07
CA LEU J 103 -20.84 -12.57 31.46
C LEU J 103 -22.08 -13.37 31.81
N ILE J 104 -21.88 -14.60 32.25
CA ILE J 104 -23.01 -15.43 32.61
C ILE J 104 -23.02 -15.61 34.12
N GLY J 105 -24.07 -15.09 34.75
CA GLY J 105 -24.22 -15.21 36.18
C GLY J 105 -25.48 -15.99 36.48
N GLY J 106 -25.33 -17.05 37.26
CA GLY J 106 -26.48 -17.86 37.60
C GLY J 106 -26.32 -18.55 38.93
N TYR J 107 -27.45 -18.94 39.51
CA TYR J 107 -27.47 -19.63 40.79
C TYR J 107 -27.79 -21.10 40.53
N ASP J 108 -26.83 -21.96 40.80
CA ASP J 108 -27.03 -23.39 40.59
C ASP J 108 -27.87 -23.94 41.76
N LYS J 109 -29.16 -24.16 41.50
CA LYS J 109 -30.07 -24.68 42.53
C LYS J 109 -29.74 -26.09 42.97
N LYS J 110 -28.84 -26.75 42.27
CA LYS J 110 -28.47 -28.11 42.63
C LYS J 110 -27.36 -28.12 43.66
N LYS J 111 -26.38 -27.23 43.52
CA LYS J 111 -25.27 -27.14 44.46
C LYS J 111 -25.52 -25.99 45.43
N ASN J 112 -26.58 -25.23 45.16
CA ASN J 112 -26.95 -24.06 45.96
C ASN J 112 -25.78 -23.11 46.11
N LYS J 113 -25.18 -22.75 44.98
CA LYS J 113 -24.05 -21.85 44.92
C LYS J 113 -24.10 -20.93 43.72
N PRO J 114 -23.80 -19.63 43.92
CA PRO J 114 -23.83 -18.71 42.79
C PRO J 114 -22.59 -18.96 41.93
N GLU J 115 -22.69 -18.67 40.63
CA GLU J 115 -21.56 -18.85 39.73
C GLU J 115 -21.49 -17.74 38.69
N LEU J 116 -20.26 -17.33 38.38
CA LEU J 116 -19.97 -16.27 37.41
C LEU J 116 -19.00 -16.76 36.34
N TYR J 117 -19.44 -16.70 35.08
CA TYR J 117 -18.62 -17.13 33.95
C TYR J 117 -18.32 -15.97 33.03
N GLN J 118 -17.06 -15.85 32.62
CA GLN J 118 -16.65 -14.78 31.72
C GLN J 118 -16.22 -15.41 30.40
N ILE J 119 -16.86 -15.00 29.32
CA ILE J 119 -16.53 -15.53 28.01
C ILE J 119 -16.38 -14.43 26.98
N ASP J 120 -15.20 -14.33 26.35
CA ASP J 120 -14.99 -13.33 25.32
C ASP J 120 -15.41 -13.89 23.95
N TYR J 121 -15.43 -13.03 22.94
CA TYR J 121 -15.85 -13.41 21.59
C TYR J 121 -15.11 -14.56 20.93
N LEU J 122 -13.89 -14.85 21.39
CA LEU J 122 -13.11 -15.96 20.80
C LEU J 122 -13.57 -17.31 21.32
N GLY J 123 -14.39 -17.28 22.36
CA GLY J 123 -14.84 -18.51 22.97
C GLY J 123 -13.97 -18.83 24.16
N THR J 124 -13.34 -17.80 24.73
CA THR J 124 -12.47 -17.98 25.89
C THR J 124 -13.29 -17.85 27.18
N LYS J 125 -13.53 -18.99 27.82
CA LYS J 125 -14.30 -19.00 29.06
C LYS J 125 -13.44 -19.23 30.27
N VAL J 126 -13.88 -18.67 31.39
CA VAL J 126 -13.18 -18.83 32.65
C VAL J 126 -14.17 -18.48 33.74
N GLU J 127 -14.13 -19.21 34.85
CA GLU J 127 -15.04 -18.93 35.96
C GLU J 127 -14.27 -18.12 36.99
N LEU J 128 -14.90 -17.05 37.50
CA LEU J 128 -14.22 -16.17 38.44
C LEU J 128 -15.13 -15.66 39.55
N PRO J 129 -14.52 -15.03 40.58
CA PRO J 129 -15.22 -14.46 41.74
C PRO J 129 -15.84 -13.18 41.21
N TYR J 130 -15.14 -12.55 40.27
CA TYR J 130 -15.59 -11.32 39.63
C TYR J 130 -14.86 -11.15 38.31
N GLY J 131 -15.52 -10.49 37.37
CA GLY J 131 -14.94 -10.26 36.06
C GLY J 131 -15.57 -9.08 35.34
N ALA J 132 -14.95 -8.69 34.23
CA ALA J 132 -15.41 -7.57 33.42
C ALA J 132 -14.86 -7.71 32.00
N HIS J 133 -15.47 -7.02 31.06
CA HIS J 133 -15.00 -7.06 29.68
C HIS J 133 -14.58 -5.68 29.23
N GLY J 134 -13.63 -5.65 28.30
CA GLY J 134 -13.15 -4.39 27.78
C GLY J 134 -12.23 -3.67 28.75
N TYR J 135 -12.22 -2.35 28.65
CA TYR J 135 -11.38 -1.52 29.49
C TYR J 135 -11.84 -1.47 30.93
N SER J 136 -13.06 -1.93 31.18
CA SER J 136 -13.61 -1.92 32.54
C SER J 136 -12.65 -2.56 33.52
N GLY J 137 -12.22 -3.78 33.21
CA GLY J 137 -11.31 -4.51 34.08
C GLY J 137 -10.08 -3.72 34.51
N PHE J 138 -9.56 -2.90 33.61
CA PHE J 138 -8.37 -2.11 33.90
C PHE J 138 -8.46 -1.22 35.13
N TYR J 139 -9.66 -0.76 35.49
CA TYR J 139 -9.80 0.09 36.67
C TYR J 139 -10.41 -0.67 37.83
N THR J 140 -11.29 -1.62 37.51
CA THR J 140 -11.98 -2.36 38.54
C THR J 140 -11.27 -3.58 39.16
N PHE J 141 -10.46 -4.29 38.39
CA PHE J 141 -9.80 -5.47 38.96
C PHE J 141 -8.93 -5.20 40.19
N SER J 142 -8.29 -4.04 40.25
CA SER J 142 -7.44 -3.73 41.40
C SER J 142 -8.30 -3.47 42.63
N LEU J 143 -9.44 -2.82 42.45
CA LEU J 143 -10.36 -2.53 43.56
C LEU J 143 -10.95 -3.81 44.14
N LEU J 144 -11.30 -4.74 43.24
CA LEU J 144 -11.87 -6.01 43.65
C LEU J 144 -10.80 -6.92 44.24
N ASP J 145 -9.59 -6.88 43.69
CA ASP J 145 -8.50 -7.71 44.21
C ASP J 145 -8.25 -7.29 45.67
N HIS J 146 -8.57 -6.04 45.97
CA HIS J 146 -8.37 -5.48 47.30
C HIS J 146 -9.53 -5.76 48.26
N HIS J 147 -10.70 -5.22 47.96
CA HIS J 147 -11.87 -5.36 48.82
C HIS J 147 -12.73 -6.62 48.71
N TYR J 148 -12.37 -7.59 47.87
CA TYR J 148 -13.22 -8.76 47.74
C TYR J 148 -12.97 -9.91 48.72
N ARG J 149 -14.05 -10.44 49.27
CA ARG J 149 -14.03 -11.56 50.21
C ARG J 149 -15.15 -12.55 49.78
N PRO J 150 -14.87 -13.87 49.83
CA PRO J 150 -15.78 -14.96 49.46
C PRO J 150 -17.05 -15.10 50.28
N ASP J 151 -17.10 -14.43 51.43
CA ASP J 151 -18.26 -14.51 52.32
C ASP J 151 -19.12 -13.26 52.31
N MET J 152 -18.78 -12.31 51.43
CA MET J 152 -19.53 -11.07 51.34
C MET J 152 -21.02 -11.33 51.14
N THR J 153 -21.84 -10.42 51.64
CA THR J 153 -23.29 -10.53 51.51
C THR J 153 -23.69 -9.83 50.22
N THR J 154 -24.95 -9.96 49.83
CA THR J 154 -25.40 -9.29 48.62
C THR J 154 -25.24 -7.79 48.86
N GLU J 155 -25.49 -7.39 50.10
CA GLU J 155 -25.38 -5.99 50.47
C GLU J 155 -23.94 -5.47 50.35
N GLU J 156 -22.97 -6.24 50.82
CA GLU J 156 -21.57 -5.82 50.73
C GLU J 156 -21.17 -5.78 49.27
N GLY J 157 -21.65 -6.77 48.52
CA GLY J 157 -21.36 -6.85 47.10
C GLY J 157 -21.83 -5.60 46.38
N LEU J 158 -23.01 -5.11 46.71
CA LEU J 158 -23.52 -3.90 46.07
C LEU J 158 -22.69 -2.66 46.40
N ASP J 159 -22.12 -2.62 47.59
CA ASP J 159 -21.30 -1.48 48.01
C ASP J 159 -20.01 -1.53 47.21
N LEU J 160 -19.44 -2.73 47.14
CA LEU J 160 -18.20 -2.97 46.42
C LEU J 160 -18.36 -2.60 44.94
N LEU J 161 -19.55 -2.83 44.38
CA LEU J 161 -19.83 -2.47 43.00
C LEU J 161 -19.88 -0.96 42.88
N LYS J 162 -20.61 -0.34 43.80
CA LYS J 162 -20.74 1.10 43.83
C LYS J 162 -19.35 1.69 43.82
N LEU J 163 -18.43 1.07 44.55
CA LEU J 163 -17.07 1.57 44.62
C LEU J 163 -16.44 1.55 43.21
N CYS J 164 -16.59 0.42 42.54
CA CYS J 164 -16.08 0.24 41.19
C CYS J 164 -16.69 1.25 40.24
N VAL J 165 -18.01 1.37 40.28
CA VAL J 165 -18.70 2.32 39.40
C VAL J 165 -18.20 3.76 39.60
N GLN J 166 -17.93 4.15 40.84
CA GLN J 166 -17.47 5.51 41.10
C GLN J 166 -16.09 5.71 40.49
N GLU J 167 -15.24 4.70 40.63
CA GLU J 167 -13.89 4.77 40.07
C GLU J 167 -13.99 4.91 38.57
N LEU J 168 -14.89 4.14 37.98
CA LEU J 168 -15.10 4.19 36.54
C LEU J 168 -15.56 5.58 36.13
N GLU J 169 -16.43 6.17 36.93
CA GLU J 169 -16.96 7.50 36.64
C GLU J 169 -15.95 8.63 36.87
N LYS J 170 -14.83 8.31 37.49
CA LYS J 170 -13.82 9.34 37.72
C LYS J 170 -12.72 9.33 36.67
N ARG J 171 -12.18 8.15 36.37
CA ARG J 171 -11.08 8.01 35.42
C ARG J 171 -11.39 7.63 33.97
N MET J 172 -12.58 7.11 33.68
CA MET J 172 -12.90 6.75 32.32
C MET J 172 -13.38 7.90 31.45
N PRO J 173 -12.86 7.98 30.21
CA PRO J 173 -13.18 9.00 29.21
C PRO J 173 -14.66 9.11 28.83
N MET J 174 -15.29 7.97 28.72
CA MET J 174 -16.69 7.87 28.33
C MET J 174 -17.72 8.05 29.41
N ASP J 175 -18.81 8.74 29.08
CA ASP J 175 -19.92 8.92 30.01
C ASP J 175 -20.86 7.77 29.65
N PHE J 176 -20.81 6.69 30.41
CA PHE J 176 -21.65 5.53 30.13
C PHE J 176 -23.07 5.57 30.73
N LYS J 177 -23.45 6.75 31.23
CA LYS J 177 -24.78 6.96 31.79
C LYS J 177 -25.21 5.99 32.90
N GLY J 178 -24.30 5.71 33.84
CA GLY J 178 -24.62 4.81 34.94
C GLY J 178 -24.87 3.36 34.54
N VAL J 179 -25.24 2.54 35.52
CA VAL J 179 -25.49 1.14 35.25
C VAL J 179 -26.85 0.61 35.70
N ILE J 180 -27.12 -0.63 35.32
CA ILE J 180 -28.33 -1.33 35.72
C ILE J 180 -27.74 -2.53 36.45
N VAL J 181 -28.18 -2.74 37.67
CA VAL J 181 -27.68 -3.83 38.48
C VAL J 181 -28.78 -4.88 38.67
N LYS J 182 -28.40 -6.15 38.58
CA LYS J 182 -29.36 -7.22 38.75
C LYS J 182 -28.74 -8.28 39.63
N ILE J 183 -29.56 -8.93 40.45
CA ILE J 183 -29.08 -9.96 41.35
C ILE J 183 -29.69 -11.32 41.04
N VAL J 184 -28.83 -12.32 40.97
CA VAL J 184 -29.27 -13.69 40.71
C VAL J 184 -28.94 -14.50 41.95
N ASP J 185 -29.96 -15.16 42.51
CA ASP J 185 -29.79 -15.99 43.72
C ASP J 185 -30.78 -17.16 43.71
N LYS J 186 -30.86 -17.88 44.83
CA LYS J 186 -31.76 -19.03 44.97
C LYS J 186 -33.21 -18.69 44.66
N ASP J 187 -33.54 -17.41 44.56
CA ASP J 187 -34.91 -17.01 44.28
C ASP J 187 -35.11 -16.37 42.91
N GLY J 188 -34.19 -16.65 42.00
CA GLY J 188 -34.30 -16.08 40.67
C GLY J 188 -33.50 -14.81 40.42
N ILE J 189 -33.98 -14.03 39.46
CA ILE J 189 -33.32 -12.79 39.07
C ILE J 189 -34.16 -11.57 39.40
N ARG J 190 -33.57 -10.61 40.10
CA ARG J 190 -34.29 -9.38 40.44
C ARG J 190 -33.40 -8.18 40.17
N GLN J 191 -34.02 -7.04 39.89
CA GLN J 191 -33.28 -5.81 39.58
C GLN J 191 -33.32 -4.71 40.64
N VAL J 192 -32.15 -4.15 40.93
CA VAL J 192 -32.00 -3.09 41.92
C VAL J 192 -32.37 -1.76 41.29
N ASP J 193 -33.65 -1.47 41.17
CA ASP J 193 -34.11 -0.21 40.56
C ASP J 193 -33.52 1.07 41.18
N ASP J 194 -32.88 0.96 42.33
CA ASP J 194 -32.31 2.13 42.99
C ASP J 194 -30.79 2.06 43.17
N PHE J 195 -30.05 2.28 42.09
CA PHE J 195 -28.59 2.28 42.18
C PHE J 195 -28.08 3.64 41.70
N GLN J 196 -29.00 4.42 41.15
CA GLN J 196 -28.70 5.76 40.64
C GLN J 196 -28.16 6.62 41.79
N ALA J 197 -28.27 6.09 43.00
CA ALA J 197 -27.81 6.74 44.23
C ALA J 197 -28.08 5.81 45.41
N GLN J 198 -27.34 4.71 45.47
CA GLN J 198 -27.49 3.72 46.55
C GLN J 198 -26.31 3.76 47.53
N THR K 1 -29.37 15.57 5.75
CA THR K 1 -30.59 14.88 6.26
C THR K 1 -30.79 15.00 7.75
N THR K 2 -32.05 15.16 8.12
CA THR K 2 -32.42 15.25 9.52
C THR K 2 -33.80 14.63 9.62
N THR K 3 -33.98 13.73 10.57
CA THR K 3 -35.27 13.11 10.77
C THR K 3 -35.42 12.96 12.27
N LEU K 4 -36.60 13.26 12.78
CA LEU K 4 -36.84 13.10 14.21
C LEU K 4 -38.23 12.55 14.47
N ALA K 5 -38.36 11.85 15.59
CA ALA K 5 -39.62 11.27 16.01
C ALA K 5 -39.63 11.25 17.53
N PHE K 6 -40.74 11.67 18.13
CA PHE K 6 -40.86 11.65 19.58
C PHE K 6 -42.28 11.38 20.06
N ARG K 7 -42.35 10.75 21.24
CA ARG K 7 -43.58 10.37 21.90
C ARG K 7 -44.02 11.48 22.85
N PHE K 8 -45.30 11.49 23.18
CA PHE K 8 -45.89 12.47 24.09
C PHE K 8 -47.38 12.16 24.23
N GLN K 9 -48.02 12.82 25.19
CA GLN K 9 -49.45 12.64 25.45
C GLN K 9 -50.33 12.51 24.20
N GLY K 10 -50.12 13.37 23.20
CA GLY K 10 -50.94 13.32 21.99
C GLY K 10 -50.58 12.26 20.98
N GLY K 11 -49.63 11.39 21.33
CA GLY K 11 -49.20 10.35 20.40
C GLY K 11 -47.74 10.45 19.97
N ILE K 12 -47.53 10.67 18.67
CA ILE K 12 -46.18 10.80 18.14
C ILE K 12 -46.06 11.85 17.04
N ILE K 13 -44.96 12.59 17.08
CA ILE K 13 -44.66 13.57 16.05
C ILE K 13 -43.48 13.04 15.22
N VAL K 14 -43.58 13.19 13.91
CA VAL K 14 -42.52 12.73 13.04
C VAL K 14 -42.28 13.87 12.06
N ALA K 15 -41.05 14.38 12.05
CA ALA K 15 -40.68 15.47 11.16
C ALA K 15 -39.38 15.14 10.42
N VAL K 16 -39.33 15.50 9.15
CA VAL K 16 -38.14 15.24 8.34
C VAL K 16 -37.92 16.37 7.35
N ASP K 17 -36.69 16.48 6.83
CA ASP K 17 -36.36 17.48 5.83
C ASP K 17 -36.52 16.76 4.48
N SER K 18 -36.17 17.40 3.38
CA SER K 18 -36.33 16.76 2.09
C SER K 18 -35.18 16.90 1.11
N ARG K 19 -33.97 17.11 1.63
CA ARG K 19 -32.83 17.26 0.75
C ARG K 19 -32.07 15.97 0.48
N ALA K 20 -31.61 15.84 -0.75
CA ALA K 20 -30.84 14.67 -1.17
C ALA K 20 -29.57 15.23 -1.77
N THR K 21 -28.44 14.63 -1.39
CA THR K 21 -27.15 15.08 -1.89
C THR K 21 -26.30 13.96 -2.46
N ALA K 22 -25.42 14.34 -3.37
CA ALA K 22 -24.47 13.43 -3.97
C ALA K 22 -23.19 14.25 -3.84
N GLY K 23 -22.64 14.25 -2.63
CA GLY K 23 -21.45 15.04 -2.36
C GLY K 23 -21.94 16.41 -1.93
N ASN K 24 -21.47 17.45 -2.63
CA ASN K 24 -21.90 18.81 -2.31
C ASN K 24 -23.00 19.19 -3.25
N TRP K 25 -23.30 18.26 -4.14
CA TRP K 25 -24.35 18.46 -5.12
C TRP K 25 -25.71 18.16 -4.51
N VAL K 26 -26.57 19.18 -4.49
CA VAL K 26 -27.91 19.00 -3.97
C VAL K 26 -28.65 18.31 -5.11
N ALA K 27 -28.99 17.05 -4.88
CA ALA K 27 -29.67 16.24 -5.87
C ALA K 27 -31.16 16.52 -5.93
N SER K 28 -31.76 16.78 -4.77
CA SER K 28 -33.19 17.07 -4.72
C SER K 28 -33.55 17.83 -3.45
N GLN K 29 -34.61 18.62 -3.53
CA GLN K 29 -35.10 19.40 -2.40
C GLN K 29 -36.50 18.92 -2.09
N THR K 30 -36.95 17.95 -2.88
CA THR K 30 -38.30 17.41 -2.81
C THR K 30 -38.40 15.91 -2.54
N VAL K 31 -37.60 15.40 -1.61
CA VAL K 31 -37.60 13.97 -1.31
C VAL K 31 -38.51 13.60 -0.15
N LYS K 32 -39.38 12.60 -0.35
CA LYS K 32 -40.27 12.14 0.72
C LYS K 32 -39.45 11.23 1.60
N LYS K 33 -38.98 11.75 2.74
CA LYS K 33 -38.17 10.94 3.63
C LYS K 33 -39.01 10.19 4.64
N VAL K 34 -40.32 10.23 4.46
CA VAL K 34 -41.22 9.52 5.35
C VAL K 34 -42.02 8.55 4.51
N ILE K 35 -41.93 7.28 4.87
CA ILE K 35 -42.62 6.23 4.14
C ILE K 35 -43.88 5.82 4.89
N GLU K 36 -45.00 5.86 4.20
CA GLU K 36 -46.27 5.48 4.80
C GLU K 36 -46.38 3.98 4.57
N ILE K 37 -45.96 3.21 5.57
CA ILE K 37 -45.98 1.75 5.49
C ILE K 37 -47.42 1.27 5.38
N ASN K 38 -48.28 1.95 6.12
CA ASN K 38 -49.71 1.68 6.14
C ASN K 38 -50.31 2.73 7.08
N PRO K 39 -51.63 2.96 6.97
CA PRO K 39 -52.37 3.93 7.78
C PRO K 39 -51.98 4.10 9.26
N PHE K 40 -51.20 3.19 9.81
CA PHE K 40 -50.81 3.28 11.23
C PHE K 40 -49.30 3.16 11.46
N LEU K 41 -48.55 2.96 10.38
CA LEU K 41 -47.09 2.84 10.47
C LEU K 41 -46.33 3.79 9.57
N LEU K 42 -45.29 4.38 10.13
CA LEU K 42 -44.45 5.31 9.39
C LEU K 42 -42.98 4.90 9.51
N GLY K 43 -42.22 5.17 8.46
CA GLY K 43 -40.81 4.86 8.45
C GLY K 43 -40.06 6.08 7.98
N THR K 44 -38.93 6.41 8.60
CA THR K 44 -38.15 7.58 8.19
C THR K 44 -36.89 7.16 7.45
N MET K 45 -36.37 8.04 6.61
CA MET K 45 -35.18 7.73 5.83
C MET K 45 -33.94 8.56 6.16
N ALA K 46 -32.83 7.88 6.40
CA ALA K 46 -31.55 8.54 6.69
C ALA K 46 -30.45 7.62 6.17
N GLY K 47 -29.43 8.22 5.55
CA GLY K 47 -28.36 7.41 5.01
C GLY K 47 -28.55 7.26 3.51
N GLY K 48 -28.55 6.02 3.03
CA GLY K 48 -28.73 5.78 1.60
C GLY K 48 -30.17 5.88 1.17
N ALA K 49 -30.44 6.79 0.24
CA ALA K 49 -31.80 6.98 -0.25
C ALA K 49 -32.36 5.68 -0.78
N ALA K 50 -31.68 5.08 -1.75
CA ALA K 50 -32.12 3.83 -2.33
C ALA K 50 -32.43 2.76 -1.27
N ASP K 51 -31.42 2.40 -0.47
CA ASP K 51 -31.60 1.40 0.58
C ASP K 51 -32.81 1.66 1.44
N CYS K 52 -32.92 2.86 1.99
CA CYS K 52 -34.06 3.22 2.85
C CYS K 52 -35.41 3.09 2.12
N GLN K 53 -35.51 3.74 0.97
CA GLN K 53 -36.73 3.72 0.18
C GLN K 53 -37.13 2.31 -0.21
N PHE K 54 -36.17 1.58 -0.78
CA PHE K 54 -36.41 0.21 -1.22
C PHE K 54 -36.86 -0.72 -0.08
N TRP K 55 -35.99 -0.92 0.89
CA TRP K 55 -36.27 -1.81 1.99
C TRP K 55 -37.46 -1.43 2.85
N GLU K 56 -37.75 -0.14 2.96
CA GLU K 56 -38.89 0.25 3.77
C GLU K 56 -40.16 0.01 2.98
N THR K 57 -40.09 0.21 1.67
CA THR K 57 -41.24 -0.06 0.81
C THR K 57 -41.54 -1.54 0.92
N TRP K 58 -40.47 -2.33 0.89
CA TRP K 58 -40.55 -3.80 1.01
C TRP K 58 -41.20 -4.15 2.36
N LEU K 59 -40.83 -3.42 3.40
CA LEU K 59 -41.36 -3.63 4.74
C LEU K 59 -42.89 -3.56 4.75
N GLY K 60 -43.44 -2.64 3.97
CA GLY K 60 -44.88 -2.50 3.89
C GLY K 60 -45.51 -3.80 3.40
N SER K 61 -44.95 -4.35 2.33
CA SER K 61 -45.46 -5.60 1.77
C SER K 61 -45.43 -6.69 2.83
N GLN K 62 -44.39 -6.70 3.65
CA GLN K 62 -44.28 -7.70 4.69
C GLN K 62 -45.36 -7.48 5.75
N CYS K 63 -45.55 -6.24 6.17
CA CYS K 63 -46.57 -5.94 7.18
C CYS K 63 -47.96 -6.34 6.69
N ARG K 64 -48.23 -6.07 5.41
CA ARG K 64 -49.50 -6.40 4.79
C ARG K 64 -49.73 -7.92 4.82
N LEU K 65 -48.70 -8.70 4.47
CA LEU K 65 -48.81 -10.14 4.47
C LEU K 65 -49.10 -10.60 5.89
N HIS K 66 -48.46 -9.98 6.86
CA HIS K 66 -48.68 -10.35 8.25
C HIS K 66 -50.17 -10.27 8.56
N GLU K 67 -50.75 -9.12 8.26
CA GLU K 67 -52.16 -8.89 8.51
C GLU K 67 -53.13 -9.82 7.78
N LEU K 68 -52.81 -10.19 6.53
CA LEU K 68 -53.64 -11.12 5.79
C LEU K 68 -53.57 -12.49 6.48
N ARG K 69 -52.34 -12.87 6.81
CA ARG K 69 -52.05 -14.15 7.45
C ARG K 69 -52.67 -14.26 8.84
N GLU K 70 -52.38 -13.27 9.69
CA GLU K 70 -52.84 -13.26 11.07
C GLU K 70 -54.16 -12.57 11.36
N LYS K 71 -54.73 -11.88 10.37
CA LYS K 71 -56.01 -11.20 10.58
C LYS K 71 -55.92 -10.30 11.83
N GLU K 72 -54.93 -9.40 11.83
CA GLU K 72 -54.71 -8.48 12.93
C GLU K 72 -53.53 -7.56 12.58
N ARG K 73 -53.55 -6.32 13.08
CA ARG K 73 -52.48 -5.38 12.78
C ARG K 73 -51.13 -5.78 13.36
N ILE K 74 -50.09 -5.62 12.54
CA ILE K 74 -48.72 -5.94 12.95
C ILE K 74 -48.31 -4.98 14.06
N SER K 75 -47.58 -5.47 15.06
CA SER K 75 -47.15 -4.61 16.16
C SER K 75 -45.93 -3.81 15.71
N VAL K 76 -45.78 -2.61 16.25
CA VAL K 76 -44.64 -1.77 15.89
C VAL K 76 -43.38 -2.55 16.19
N ALA K 77 -43.37 -3.23 17.32
CA ALA K 77 -42.21 -4.01 17.71
C ALA K 77 -41.83 -5.05 16.64
N ALA K 78 -42.82 -5.83 16.19
CA ALA K 78 -42.57 -6.86 15.18
C ALA K 78 -42.24 -6.26 13.81
N ALA K 79 -42.95 -5.22 13.42
CA ALA K 79 -42.74 -4.58 12.14
C ALA K 79 -41.29 -4.09 12.07
N SER K 80 -40.85 -3.40 13.11
CA SER K 80 -39.49 -2.88 13.12
C SER K 80 -38.47 -4.03 13.13
N LYS K 81 -38.79 -5.10 13.86
CA LYS K 81 -37.86 -6.22 13.93
C LYS K 81 -37.73 -6.96 12.60
N ILE K 82 -38.74 -6.83 11.74
CA ILE K 82 -38.63 -7.49 10.45
C ILE K 82 -37.55 -6.75 9.65
N LEU K 83 -37.63 -5.41 9.63
CA LEU K 83 -36.66 -4.61 8.90
C LEU K 83 -35.27 -4.83 9.49
N SER K 84 -35.22 -4.92 10.81
CA SER K 84 -33.97 -5.12 11.53
C SER K 84 -33.28 -6.44 11.15
N ASN K 85 -34.02 -7.54 11.18
CA ASN K 85 -33.45 -8.84 10.88
C ASN K 85 -32.99 -8.98 9.43
N LEU K 86 -33.67 -8.30 8.51
CA LEU K 86 -33.34 -8.34 7.09
C LEU K 86 -32.01 -7.64 6.93
N VAL K 87 -31.99 -6.42 7.44
CA VAL K 87 -30.81 -5.56 7.40
C VAL K 87 -29.61 -6.28 8.02
N TYR K 88 -29.85 -7.03 9.09
CA TYR K 88 -28.76 -7.76 9.75
C TYR K 88 -28.20 -8.83 8.84
N GLN K 89 -29.06 -9.44 8.04
CA GLN K 89 -28.66 -10.48 7.11
C GLN K 89 -27.60 -9.93 6.16
N TYR K 90 -27.72 -8.65 5.81
CA TYR K 90 -26.81 -7.98 4.90
C TYR K 90 -25.66 -7.28 5.63
N LYS K 91 -25.52 -7.50 6.93
CA LYS K 91 -24.49 -6.82 7.68
C LYS K 91 -23.12 -6.96 7.05
N GLY K 92 -22.54 -5.80 6.72
CA GLY K 92 -21.23 -5.76 6.10
C GLY K 92 -21.23 -5.58 4.60
N ALA K 93 -22.35 -5.85 3.94
CA ALA K 93 -22.43 -5.72 2.48
C ALA K 93 -22.32 -4.30 1.98
N GLY K 94 -22.60 -3.33 2.85
CA GLY K 94 -22.54 -1.96 2.40
C GLY K 94 -23.85 -1.18 2.46
N LEU K 95 -24.92 -1.80 2.98
CA LEU K 95 -26.19 -1.11 3.12
C LEU K 95 -25.97 0.04 4.09
N SER K 96 -26.61 1.17 3.81
CA SER K 96 -26.46 2.34 4.66
C SER K 96 -27.82 2.93 4.97
N MET K 97 -28.29 2.71 6.19
CA MET K 97 -29.59 3.25 6.55
C MET K 97 -29.81 3.48 8.05
N GLY K 98 -30.29 4.67 8.37
CA GLY K 98 -30.62 5.06 9.74
C GLY K 98 -32.13 5.22 9.69
N THR K 99 -32.84 4.39 10.45
CA THR K 99 -34.28 4.44 10.35
C THR K 99 -35.09 4.47 11.64
N MET K 100 -36.29 5.03 11.52
CA MET K 100 -37.23 5.14 12.63
C MET K 100 -38.55 4.49 12.22
N ILE K 101 -39.01 3.52 12.99
CA ILE K 101 -40.28 2.85 12.69
C ILE K 101 -41.28 3.28 13.75
N CYS K 102 -42.26 4.08 13.28
CA CYS K 102 -43.28 4.66 14.14
C CYS K 102 -44.71 4.19 13.94
N GLY K 103 -45.34 3.80 15.05
CA GLY K 103 -46.71 3.33 15.00
C GLY K 103 -47.44 3.46 16.33
N TYR K 104 -48.74 3.20 16.30
CA TYR K 104 -49.57 3.29 17.48
C TYR K 104 -50.56 2.14 17.48
N THR K 105 -50.25 1.08 18.22
CA THR K 105 -51.16 -0.05 18.29
C THR K 105 -51.82 -0.07 19.65
N ARG K 106 -52.99 -0.68 19.71
CA ARG K 106 -53.73 -0.78 20.95
C ARG K 106 -52.86 -1.48 21.99
N LYS K 107 -52.19 -2.53 21.54
CA LYS K 107 -51.33 -3.36 22.36
C LYS K 107 -50.14 -2.63 23.00
N GLU K 108 -49.48 -1.74 22.25
CA GLU K 108 -48.31 -1.04 22.77
C GLU K 108 -48.44 0.47 22.99
N GLY K 109 -49.44 1.09 22.38
CA GLY K 109 -49.60 2.52 22.51
C GLY K 109 -48.60 3.16 21.58
N PRO K 110 -48.24 4.44 21.77
CA PRO K 110 -47.27 5.07 20.88
C PRO K 110 -45.92 4.36 21.00
N THR K 111 -45.32 3.98 19.88
CA THR K 111 -44.04 3.29 19.90
C THR K 111 -43.12 3.74 18.79
N ILE K 112 -41.86 3.95 19.13
CA ILE K 112 -40.83 4.36 18.16
C ILE K 112 -39.62 3.44 18.28
N TYR K 113 -39.19 2.93 17.15
CA TYR K 113 -38.02 2.05 17.10
C TYR K 113 -36.94 2.61 16.18
N TYR K 114 -35.73 2.68 16.68
CA TYR K 114 -34.60 3.14 15.89
C TYR K 114 -34.03 1.85 15.29
N VAL K 115 -33.83 1.83 13.97
CA VAL K 115 -33.29 0.66 13.29
C VAL K 115 -32.24 1.11 12.28
N ASP K 116 -30.98 0.71 12.46
CA ASP K 116 -29.93 1.10 11.52
C ASP K 116 -29.31 -0.13 10.82
N SER K 117 -28.56 0.12 9.76
CA SER K 117 -27.96 -0.96 9.00
C SER K 117 -26.82 -1.72 9.68
N ASP K 118 -26.45 -1.31 10.88
CA ASP K 118 -25.42 -2.02 11.64
C ASP K 118 -26.13 -3.20 12.30
N GLY K 119 -27.45 -3.10 12.37
CA GLY K 119 -28.23 -4.16 12.99
C GLY K 119 -28.79 -3.71 14.32
N THR K 120 -28.55 -2.46 14.68
CA THR K 120 -29.04 -1.92 15.94
C THR K 120 -30.53 -1.59 15.88
N ARG K 121 -31.25 -1.99 16.94
CA ARG K 121 -32.68 -1.75 17.08
C ARG K 121 -32.96 -1.32 18.51
N LEU K 122 -33.46 -0.10 18.69
CA LEU K 122 -33.75 0.43 20.01
C LEU K 122 -35.12 1.07 20.11
N LYS K 123 -35.80 0.83 21.23
CA LYS K 123 -37.11 1.44 21.44
C LYS K 123 -36.83 2.70 22.25
N GLY K 124 -37.49 3.80 21.93
CA GLY K 124 -37.23 5.02 22.67
C GLY K 124 -38.28 6.11 22.48
N ASP K 125 -38.16 7.17 23.30
CA ASP K 125 -39.10 8.29 23.26
C ASP K 125 -38.72 9.37 22.24
N ILE K 126 -37.46 9.79 22.27
CA ILE K 126 -36.95 10.80 21.33
C ILE K 126 -35.81 10.23 20.47
N PHE K 127 -35.84 10.50 19.17
CA PHE K 127 -34.82 10.04 18.25
C PHE K 127 -34.60 11.01 17.09
N CYS K 128 -33.33 11.31 16.82
CA CYS K 128 -32.95 12.16 15.68
C CYS K 128 -31.88 11.39 14.91
N VAL K 129 -32.11 11.20 13.62
CA VAL K 129 -31.16 10.48 12.81
C VAL K 129 -30.86 11.26 11.56
N GLY K 130 -29.58 11.29 11.18
CA GLY K 130 -29.16 12.01 9.99
C GLY K 130 -27.95 12.89 10.24
N SER K 131 -27.43 13.51 9.19
CA SER K 131 -26.26 14.37 9.32
C SER K 131 -26.58 15.64 10.09
N GLY K 132 -27.85 15.87 10.38
CA GLY K 132 -28.23 17.05 11.13
C GLY K 132 -28.81 16.72 12.49
N GLN K 133 -28.77 15.45 12.85
CA GLN K 133 -29.34 15.02 14.10
C GLN K 133 -28.98 15.85 15.32
N THR K 134 -27.70 16.20 15.47
CA THR K 134 -27.24 16.98 16.61
C THR K 134 -27.90 18.36 16.76
N PHE K 135 -28.19 18.99 15.63
CA PHE K 135 -28.83 20.30 15.66
C PHE K 135 -30.26 20.16 16.14
N ALA K 136 -30.94 19.15 15.61
CA ALA K 136 -32.32 18.88 15.98
C ALA K 136 -32.44 18.55 17.47
N TYR K 137 -31.48 17.81 18.01
CA TYR K 137 -31.51 17.48 19.42
C TYR K 137 -31.51 18.73 20.30
N GLY K 138 -30.58 19.64 20.02
CA GLY K 138 -30.48 20.87 20.79
C GLY K 138 -31.82 21.53 21.02
N VAL K 139 -32.57 21.72 19.92
CA VAL K 139 -33.88 22.35 19.98
C VAL K 139 -34.91 21.44 20.67
N LEU K 140 -34.90 20.17 20.29
CA LEU K 140 -35.82 19.18 20.84
C LEU K 140 -35.61 18.95 22.33
N ASP K 141 -34.40 18.57 22.71
CA ASP K 141 -34.07 18.31 24.11
C ASP K 141 -34.44 19.41 25.11
N SER K 142 -34.11 20.65 24.78
CA SER K 142 -34.40 21.77 25.69
C SER K 142 -35.87 22.18 25.81
N ASN K 143 -36.69 21.82 24.83
CA ASN K 143 -38.11 22.18 24.86
C ASN K 143 -39.08 21.02 24.99
N TYR K 144 -38.56 19.81 25.23
CA TYR K 144 -39.46 18.68 25.34
C TYR K 144 -40.16 18.56 26.69
N LYS K 145 -41.43 18.17 26.62
CA LYS K 145 -42.31 17.95 27.77
C LYS K 145 -43.32 16.90 27.29
N TRP K 146 -43.63 15.91 28.13
CA TRP K 146 -44.59 14.90 27.72
C TRP K 146 -45.94 15.56 27.50
N ASP K 147 -46.17 16.64 28.25
CA ASP K 147 -47.42 17.39 28.17
C ASP K 147 -47.30 18.53 27.19
N LEU K 148 -47.30 18.19 25.92
CA LEU K 148 -47.21 19.18 24.88
C LEU K 148 -48.50 19.04 24.08
N SER K 149 -49.11 20.18 23.75
CA SER K 149 -50.34 20.12 22.99
C SER K 149 -50.01 19.65 21.58
N VAL K 150 -50.89 18.82 21.02
CA VAL K 150 -50.66 18.32 19.67
C VAL K 150 -50.23 19.48 18.76
N GLU K 151 -50.66 20.68 19.11
CA GLU K 151 -50.34 21.89 18.35
C GLU K 151 -48.90 22.32 18.60
N ASP K 152 -48.48 22.25 19.87
CA ASP K 152 -47.13 22.62 20.27
C ASP K 152 -46.10 21.56 19.89
N ALA K 153 -46.51 20.30 19.98
CA ALA K 153 -45.63 19.19 19.62
C ALA K 153 -45.30 19.36 18.16
N LEU K 154 -46.33 19.50 17.33
CA LEU K 154 -46.16 19.67 15.89
C LEU K 154 -45.22 20.84 15.56
N TYR K 155 -45.33 21.92 16.31
CA TYR K 155 -44.46 23.06 16.05
C TYR K 155 -43.03 22.74 16.45
N LEU K 156 -42.84 22.19 17.65
CA LEU K 156 -41.51 21.84 18.13
C LEU K 156 -40.75 20.99 17.10
N GLY K 157 -41.42 19.95 16.59
CA GLY K 157 -40.80 19.10 15.60
C GLY K 157 -40.44 19.87 14.34
N LYS K 158 -41.36 20.69 13.87
CA LYS K 158 -41.14 21.49 12.67
C LYS K 158 -39.94 22.44 12.88
N ARG K 159 -39.89 23.06 14.05
CA ARG K 159 -38.84 24.01 14.40
C ARG K 159 -37.50 23.32 14.56
N SER K 160 -37.49 22.11 15.13
CA SER K 160 -36.25 21.36 15.32
C SER K 160 -35.60 21.04 13.97
N ILE K 161 -36.42 20.71 12.97
CA ILE K 161 -35.90 20.43 11.65
C ILE K 161 -35.40 21.72 11.01
N LEU K 162 -36.05 22.85 11.34
CA LEU K 162 -35.64 24.14 10.79
C LEU K 162 -34.20 24.42 11.24
N ALA K 163 -33.95 24.21 12.52
CA ALA K 163 -32.63 24.42 13.10
C ALA K 163 -31.60 23.66 12.27
N ALA K 164 -31.82 22.36 12.13
CA ALA K 164 -30.92 21.49 11.39
C ALA K 164 -30.74 21.85 9.91
N ALA K 165 -31.82 22.30 9.27
CA ALA K 165 -31.75 22.64 7.86
C ALA K 165 -30.87 23.85 7.66
N HIS K 166 -30.83 24.69 8.70
CA HIS K 166 -30.04 25.93 8.66
C HIS K 166 -28.54 25.71 8.87
N ARG K 167 -28.20 24.90 9.88
CA ARG K 167 -26.79 24.63 10.17
C ARG K 167 -26.17 23.52 9.33
N ASP K 168 -26.91 22.43 9.12
CA ASP K 168 -26.42 21.30 8.33
C ASP K 168 -26.56 21.58 6.83
N ALA K 169 -25.42 21.61 6.15
CA ALA K 169 -25.40 21.86 4.72
C ALA K 169 -26.12 20.77 3.94
N TYR K 170 -26.17 19.57 4.51
CA TYR K 170 -26.83 18.45 3.84
C TYR K 170 -28.32 18.32 4.10
N SER K 171 -28.86 19.17 4.97
CA SER K 171 -30.29 19.19 5.30
C SER K 171 -30.91 20.47 4.74
N GLY K 172 -32.18 20.37 4.33
CA GLY K 172 -32.86 21.52 3.79
C GLY K 172 -34.05 21.17 2.93
N GLY K 173 -34.40 22.09 2.02
CA GLY K 173 -35.54 21.89 1.15
C GLY K 173 -36.85 22.33 1.80
N SER K 174 -37.48 21.42 2.51
CA SER K 174 -38.74 21.71 3.18
C SER K 174 -38.97 20.72 4.29
N VAL K 175 -39.94 21.01 5.16
CA VAL K 175 -40.27 20.13 6.27
C VAL K 175 -41.58 19.39 6.02
N ASN K 176 -41.61 18.11 6.39
CA ASN K 176 -42.81 17.30 6.25
C ASN K 176 -43.15 16.82 7.66
N LEU K 177 -44.36 17.14 8.10
CA LEU K 177 -44.84 16.79 9.43
C LEU K 177 -45.89 15.69 9.43
N TYR K 178 -45.89 14.89 10.48
CA TYR K 178 -46.87 13.82 10.61
C TYR K 178 -47.22 13.69 12.07
N HIS K 179 -48.49 13.36 12.32
CA HIS K 179 -48.98 13.15 13.67
C HIS K 179 -49.48 11.73 13.71
N VAL K 180 -49.01 10.95 14.68
CA VAL K 180 -49.44 9.58 14.79
C VAL K 180 -50.35 9.37 16.00
N THR K 181 -51.61 9.02 15.70
CA THR K 181 -52.66 8.75 16.69
C THR K 181 -53.08 7.30 16.43
N GLU K 182 -53.70 6.66 17.42
CA GLU K 182 -54.08 5.25 17.27
C GLU K 182 -54.93 4.93 16.04
N ASP K 183 -55.73 5.90 15.60
CA ASP K 183 -56.58 5.71 14.44
C ASP K 183 -55.77 5.91 13.14
N GLY K 184 -54.44 5.99 13.30
CA GLY K 184 -53.55 6.18 12.17
C GLY K 184 -52.76 7.47 12.26
N TRP K 185 -51.95 7.74 11.24
CA TRP K 185 -51.14 8.95 11.18
C TRP K 185 -51.91 10.04 10.43
N ILE K 186 -51.51 11.29 10.63
CA ILE K 186 -52.18 12.40 9.97
C ILE K 186 -51.11 13.31 9.39
N TYR K 187 -51.07 13.43 8.07
CA TYR K 187 -50.10 14.29 7.41
C TYR K 187 -50.42 15.72 7.77
N HIS K 188 -49.39 16.49 8.11
CA HIS K 188 -49.58 17.89 8.46
C HIS K 188 -48.80 18.83 7.55
N GLY K 189 -48.76 18.49 6.28
CA GLY K 189 -48.13 19.32 5.28
C GLY K 189 -46.64 19.41 5.05
N ASN K 190 -46.33 20.12 3.97
CA ASN K 190 -44.99 20.38 3.50
C ASN K 190 -44.71 21.87 3.79
N HIS K 191 -43.51 22.17 4.26
CA HIS K 191 -43.19 23.55 4.58
C HIS K 191 -41.82 23.97 4.09
N ASP K 192 -41.79 24.69 2.97
CA ASP K 192 -40.56 25.17 2.38
C ASP K 192 -39.75 25.94 3.42
N VAL K 193 -38.49 25.54 3.61
CA VAL K 193 -37.64 26.19 4.58
C VAL K 193 -37.39 27.63 4.15
N GLY K 194 -37.33 27.83 2.83
CA GLY K 194 -37.09 29.15 2.30
C GLY K 194 -38.05 30.18 2.84
N GLU K 195 -39.29 29.75 3.10
CA GLU K 195 -40.29 30.67 3.63
C GLU K 195 -40.45 30.48 5.12
N LEU K 196 -40.43 29.22 5.55
CA LEU K 196 -40.58 28.90 6.95
C LEU K 196 -39.51 29.57 7.82
N PHE K 197 -38.32 29.73 7.26
CA PHE K 197 -37.23 30.35 8.00
C PHE K 197 -37.56 31.79 8.37
N TRP K 198 -37.72 32.62 7.35
CA TRP K 198 -38.05 34.02 7.52
C TRP K 198 -39.25 34.21 8.45
N LYS K 199 -40.35 33.51 8.15
CA LYS K 199 -41.54 33.57 8.98
C LYS K 199 -41.18 33.33 10.45
N VAL K 200 -40.54 32.20 10.72
CA VAL K 200 -40.14 31.86 12.09
C VAL K 200 -39.21 32.91 12.68
N LYS K 201 -38.31 33.43 11.86
CA LYS K 201 -37.38 34.44 12.35
C LYS K 201 -38.11 35.63 12.94
N GLU K 202 -38.98 36.20 12.12
CA GLU K 202 -39.77 37.37 12.48
C GLU K 202 -40.73 37.13 13.66
N GLU K 203 -41.52 36.06 13.57
CA GLU K 203 -42.49 35.72 14.60
C GLU K 203 -41.92 35.18 15.92
N GLU K 204 -40.65 34.77 15.91
CA GLU K 204 -40.02 34.20 17.09
C GLU K 204 -38.84 35.03 17.62
N GLY K 205 -38.24 35.84 16.75
CA GLY K 205 -37.11 36.67 17.15
C GLY K 205 -35.77 35.95 17.12
N SER K 206 -35.85 34.65 16.80
CA SER K 206 -34.70 33.77 16.72
C SER K 206 -33.94 33.98 15.41
N PHE K 207 -32.83 33.28 15.24
CA PHE K 207 -32.02 33.41 14.04
C PHE K 207 -31.64 34.88 13.92
N ASN K 208 -31.54 35.48 15.11
CA ASN K 208 -31.21 36.88 15.27
C ASN K 208 -29.90 37.17 14.54
N ASN K 209 -29.00 36.20 14.56
CA ASN K 209 -27.72 36.31 13.89
C ASN K 209 -27.88 36.76 12.42
N VAL K 210 -28.49 35.90 11.61
CA VAL K 210 -28.75 36.17 10.19
C VAL K 210 -29.28 37.58 9.90
N ILE K 211 -28.95 38.10 8.72
CA ILE K 211 -29.39 39.43 8.28
C ILE K 211 -30.62 39.28 7.40
N GLY K 212 -31.77 39.71 7.88
CA GLY K 212 -32.99 39.60 7.10
C GLY K 212 -33.80 40.87 7.00
N GLN L 1 -5.27 -3.57 -13.48
CA GLN L 1 -6.43 -4.43 -13.11
C GLN L 1 -7.67 -4.01 -13.92
N PHE L 2 -8.49 -4.98 -14.30
CA PHE L 2 -9.70 -4.69 -15.07
C PHE L 2 -10.76 -3.86 -14.35
N ASN L 3 -11.13 -2.75 -14.97
CA ASN L 3 -12.17 -1.87 -14.46
C ASN L 3 -13.37 -2.13 -15.36
N PRO L 4 -14.47 -2.64 -14.80
CA PRO L 4 -15.69 -2.93 -15.56
C PRO L 4 -16.50 -1.72 -16.02
N TYR L 5 -16.12 -0.52 -15.60
CA TYR L 5 -16.87 0.66 -15.99
C TYR L 5 -16.13 1.64 -16.88
N GLY L 6 -16.92 2.53 -17.50
CA GLY L 6 -16.41 3.56 -18.38
C GLY L 6 -17.42 4.70 -18.38
N ASP L 7 -17.08 5.83 -19.01
CA ASP L 7 -17.98 6.97 -19.06
C ASP L 7 -18.10 7.46 -20.49
N ASN L 8 -19.29 7.34 -21.07
CA ASN L 8 -19.50 7.78 -22.44
C ASN L 8 -20.07 9.20 -22.56
N GLY L 9 -20.10 9.91 -21.43
CA GLY L 9 -20.56 11.28 -21.41
C GLY L 9 -22.02 11.53 -21.75
N GLY L 10 -22.26 12.53 -22.59
CA GLY L 10 -23.63 12.86 -22.98
C GLY L 10 -24.38 13.53 -21.83
N THR L 11 -25.61 13.96 -22.09
CA THR L 11 -26.45 14.59 -21.08
C THR L 11 -27.89 14.43 -21.51
N ILE L 12 -28.80 14.28 -20.55
CA ILE L 12 -30.20 14.11 -20.88
C ILE L 12 -31.07 15.06 -20.05
N LEU L 13 -32.19 15.47 -20.64
CA LEU L 13 -33.07 16.42 -20.00
C LEU L 13 -34.55 16.01 -20.11
N GLY L 14 -35.29 16.14 -19.01
CA GLY L 14 -36.69 15.79 -19.03
C GLY L 14 -37.57 16.84 -18.37
N ILE L 15 -38.60 17.29 -19.08
CA ILE L 15 -39.53 18.28 -18.55
C ILE L 15 -40.95 17.83 -18.84
N ALA L 16 -41.81 17.93 -17.83
CA ALA L 16 -43.20 17.51 -17.97
C ALA L 16 -44.14 18.70 -18.09
N GLY L 17 -44.97 18.67 -19.13
CA GLY L 17 -45.94 19.72 -19.34
C GLY L 17 -47.26 19.29 -18.69
N GLU L 18 -48.32 20.07 -18.89
CA GLU L 18 -49.61 19.72 -18.32
C GLU L 18 -50.26 18.51 -18.98
N ASP L 19 -50.10 18.37 -20.29
CA ASP L 19 -50.68 17.24 -21.01
C ASP L 19 -49.67 16.60 -21.96
N PHE L 20 -48.40 16.75 -21.63
CA PHE L 20 -47.32 16.19 -22.44
C PHE L 20 -46.06 16.14 -21.60
N ALA L 21 -45.01 15.56 -22.14
CA ALA L 21 -43.74 15.47 -21.46
C ALA L 21 -42.67 15.28 -22.51
N VAL L 22 -41.50 15.87 -22.28
CA VAL L 22 -40.38 15.75 -23.21
C VAL L 22 -39.16 15.12 -22.54
N LEU L 23 -38.41 14.34 -23.32
CA LEU L 23 -37.19 13.71 -22.84
C LEU L 23 -36.15 13.81 -23.94
N ALA L 24 -35.17 14.68 -23.74
CA ALA L 24 -34.11 14.90 -24.74
C ALA L 24 -32.73 14.48 -24.26
N GLY L 25 -31.80 14.40 -25.20
CA GLY L 25 -30.44 14.02 -24.87
C GLY L 25 -29.55 14.23 -26.08
N ASP L 26 -28.35 14.77 -25.89
CA ASP L 26 -27.46 14.96 -27.04
C ASP L 26 -27.22 13.61 -27.70
N THR L 27 -26.60 13.62 -28.88
CA THR L 27 -26.36 12.37 -29.58
C THR L 27 -24.88 12.02 -29.64
N ARG L 28 -24.07 12.75 -28.90
CA ARG L 28 -22.64 12.50 -28.86
C ARG L 28 -22.31 11.40 -27.84
N ASN L 29 -21.46 10.47 -28.26
CA ASN L 29 -21.02 9.36 -27.40
C ASN L 29 -19.50 9.40 -27.44
N ILE L 30 -18.88 9.45 -26.26
CA ILE L 30 -17.42 9.57 -26.18
C ILE L 30 -16.70 8.62 -25.25
N THR L 31 -15.37 8.70 -25.28
CA THR L 31 -14.49 7.90 -24.44
C THR L 31 -13.22 8.74 -24.22
N ASP L 32 -13.04 9.24 -22.99
CA ASP L 32 -11.89 10.07 -22.68
C ASP L 32 -11.99 11.35 -23.48
N TYR L 33 -10.98 11.60 -24.31
CA TYR L 33 -10.95 12.82 -25.14
C TYR L 33 -11.29 12.57 -26.60
N SER L 34 -11.79 11.39 -26.91
CA SER L 34 -12.17 11.06 -28.28
C SER L 34 -13.67 10.99 -28.41
N ILE L 35 -14.14 11.07 -29.64
CA ILE L 35 -15.55 10.98 -29.95
C ILE L 35 -15.78 9.62 -30.61
N ASN L 36 -16.75 8.87 -30.13
CA ASN L 36 -17.02 7.56 -30.71
C ASN L 36 -18.08 7.66 -31.80
N SER L 37 -19.02 8.57 -31.60
CA SER L 37 -20.09 8.79 -32.56
C SER L 37 -20.76 10.13 -32.31
N ARG L 38 -21.05 10.84 -33.41
CA ARG L 38 -21.70 12.14 -33.33
C ARG L 38 -23.21 11.92 -33.33
N TYR L 39 -23.62 10.69 -33.63
CA TYR L 39 -25.04 10.36 -33.62
C TYR L 39 -25.31 8.94 -33.12
N GLU L 40 -25.55 8.82 -31.82
CA GLU L 40 -25.85 7.53 -31.21
C GLU L 40 -27.02 7.80 -30.26
N PRO L 41 -28.25 7.53 -30.73
CA PRO L 41 -29.49 7.74 -29.96
C PRO L 41 -29.35 7.24 -28.53
N LYS L 42 -29.84 8.07 -27.61
CA LYS L 42 -29.75 7.79 -26.18
C LYS L 42 -31.09 7.84 -25.45
N VAL L 43 -32.14 8.27 -26.15
CA VAL L 43 -33.48 8.33 -25.58
C VAL L 43 -34.35 7.41 -26.45
N PHE L 44 -35.11 6.50 -25.81
CA PHE L 44 -35.92 5.51 -26.52
C PHE L 44 -37.41 5.46 -26.21
N ASP L 45 -38.15 4.96 -27.20
CA ASP L 45 -39.60 4.77 -27.09
C ASP L 45 -39.70 3.29 -26.73
N CYS L 46 -40.23 3.01 -25.54
CA CYS L 46 -40.32 1.63 -25.08
C CYS L 46 -41.72 1.02 -25.19
N GLY L 47 -42.64 1.79 -25.77
CA GLY L 47 -44.00 1.30 -25.91
C GLY L 47 -44.86 1.84 -24.79
N ASP L 48 -46.16 1.63 -24.89
CA ASP L 48 -47.10 2.10 -23.88
C ASP L 48 -46.95 3.57 -23.54
N ASN L 49 -46.42 4.33 -24.49
CA ASN L 49 -46.24 5.76 -24.31
C ASN L 49 -45.21 6.11 -23.24
N ILE L 50 -44.12 5.36 -23.21
CA ILE L 50 -43.06 5.60 -22.24
C ILE L 50 -41.72 5.80 -22.94
N VAL L 51 -41.09 6.93 -22.66
CA VAL L 51 -39.77 7.21 -23.22
C VAL L 51 -38.79 7.07 -22.06
N MET L 52 -37.62 6.52 -22.34
CA MET L 52 -36.62 6.29 -21.30
C MET L 52 -35.18 6.51 -21.74
N SER L 53 -34.36 7.01 -20.82
CA SER L 53 -32.93 7.20 -21.08
C SER L 53 -32.13 6.85 -19.82
N ALA L 54 -31.07 6.06 -20.00
CA ALA L 54 -30.19 5.65 -18.92
C ALA L 54 -28.80 6.13 -19.31
N ASN L 55 -28.45 7.33 -18.87
CA ASN L 55 -27.17 7.93 -19.21
C ASN L 55 -26.02 7.68 -18.23
N GLY L 56 -24.80 7.59 -18.76
CA GLY L 56 -23.62 7.34 -17.95
C GLY L 56 -22.70 6.37 -18.65
N PHE L 57 -22.73 5.10 -18.23
CA PHE L 57 -21.91 4.07 -18.84
C PHE L 57 -22.79 3.36 -19.87
N ALA L 58 -22.56 3.70 -21.14
CA ALA L 58 -23.35 3.16 -22.27
C ALA L 58 -23.73 1.70 -22.19
N ALA L 59 -22.74 0.84 -21.95
CA ALA L 59 -23.02 -0.59 -21.88
C ALA L 59 -24.08 -0.87 -20.81
N ASP L 60 -24.04 -0.13 -19.71
CA ASP L 60 -25.01 -0.33 -18.65
C ASP L 60 -26.35 0.28 -19.04
N GLY L 61 -26.31 1.46 -19.63
CA GLY L 61 -27.55 2.08 -20.06
C GLY L 61 -28.28 1.19 -21.04
N ASP L 62 -27.55 0.62 -21.99
CA ASP L 62 -28.15 -0.24 -23.00
C ASP L 62 -28.80 -1.47 -22.39
N ALA L 63 -28.07 -2.15 -21.51
CA ALA L 63 -28.60 -3.35 -20.86
C ALA L 63 -29.90 -3.05 -20.12
N LEU L 64 -29.94 -1.92 -19.41
CA LEU L 64 -31.13 -1.55 -18.65
C LEU L 64 -32.31 -1.30 -19.57
N VAL L 65 -32.14 -0.42 -20.55
CA VAL L 65 -33.22 -0.13 -21.48
C VAL L 65 -33.72 -1.46 -22.03
N LYS L 66 -32.81 -2.23 -22.61
CA LYS L 66 -33.14 -3.53 -23.19
C LYS L 66 -33.99 -4.36 -22.24
N ARG L 67 -33.53 -4.48 -20.99
CA ARG L 67 -34.27 -5.25 -19.99
C ARG L 67 -35.65 -4.65 -19.73
N PHE L 68 -35.74 -3.34 -19.58
CA PHE L 68 -37.03 -2.71 -19.34
C PHE L 68 -37.98 -2.90 -20.51
N LYS L 69 -37.48 -2.79 -21.72
CA LYS L 69 -38.33 -2.98 -22.89
C LYS L 69 -38.90 -4.38 -22.82
N ASN L 70 -38.03 -5.34 -22.50
CA ASN L 70 -38.45 -6.73 -22.41
C ASN L 70 -39.43 -6.88 -21.26
N SER L 71 -39.33 -5.99 -20.28
CA SER L 71 -40.22 -5.99 -19.13
C SER L 71 -41.64 -5.68 -19.62
N VAL L 72 -41.76 -4.59 -20.37
CA VAL L 72 -43.04 -4.17 -20.95
C VAL L 72 -43.66 -5.30 -21.78
N LYS L 73 -42.83 -5.94 -22.59
CA LYS L 73 -43.26 -7.03 -23.44
C LYS L 73 -43.96 -8.12 -22.61
N TRP L 74 -43.29 -8.58 -21.55
CA TRP L 74 -43.87 -9.60 -20.71
C TRP L 74 -44.99 -9.09 -19.83
N TYR L 75 -45.05 -7.78 -19.62
CA TYR L 75 -46.14 -7.26 -18.82
C TYR L 75 -47.43 -7.53 -19.60
N HIS L 76 -47.36 -7.31 -20.91
CA HIS L 76 -48.50 -7.53 -21.78
C HIS L 76 -48.90 -9.02 -21.81
N PHE L 77 -47.90 -9.89 -22.02
CA PHE L 77 -48.14 -11.32 -22.06
C PHE L 77 -48.80 -11.83 -20.79
N ASP L 78 -48.26 -11.41 -19.64
CA ASP L 78 -48.77 -11.86 -18.35
C ASP L 78 -50.00 -11.19 -17.79
N HIS L 79 -50.36 -10.01 -18.29
CA HIS L 79 -51.53 -9.33 -17.76
C HIS L 79 -52.56 -8.88 -18.76
N ASN L 80 -52.77 -9.71 -19.78
CA ASN L 80 -53.78 -9.40 -20.78
C ASN L 80 -53.57 -8.05 -21.44
N ASP L 81 -52.45 -7.92 -22.15
CA ASP L 81 -52.11 -6.69 -22.85
C ASP L 81 -52.38 -5.38 -22.11
N LYS L 82 -52.56 -5.42 -20.79
CA LYS L 82 -52.80 -4.20 -20.05
C LYS L 82 -51.70 -3.18 -20.34
N LYS L 83 -52.05 -1.90 -20.30
CA LYS L 83 -51.07 -0.84 -20.55
C LYS L 83 -50.33 -0.58 -19.24
N LEU L 84 -49.01 -0.49 -19.35
CA LEU L 84 -48.15 -0.23 -18.20
C LEU L 84 -48.15 1.27 -17.90
N SER L 85 -48.86 1.66 -16.83
CA SER L 85 -48.92 3.05 -16.44
C SER L 85 -47.50 3.48 -16.13
N ILE L 86 -47.21 4.76 -16.25
CA ILE L 86 -45.85 5.22 -16.00
C ILE L 86 -45.37 5.06 -14.56
N ASN L 87 -46.29 5.11 -13.60
CA ASN L 87 -45.89 4.95 -12.20
C ASN L 87 -45.49 3.49 -11.97
N SER L 88 -46.10 2.60 -12.74
CA SER L 88 -45.79 1.19 -12.60
C SER L 88 -44.44 0.91 -13.23
N ALA L 89 -44.16 1.58 -14.35
CA ALA L 89 -42.89 1.41 -15.03
C ALA L 89 -41.77 1.90 -14.11
N ALA L 90 -42.04 2.99 -13.38
CA ALA L 90 -41.08 3.55 -12.45
C ALA L 90 -40.73 2.55 -11.36
N ARG L 91 -41.75 1.99 -10.70
CA ARG L 91 -41.50 1.03 -9.64
C ARG L 91 -40.75 -0.20 -10.16
N ASN L 92 -41.06 -0.60 -11.39
CA ASN L 92 -40.42 -1.76 -11.99
C ASN L 92 -38.94 -1.44 -12.22
N ILE L 93 -38.65 -0.25 -12.74
CA ILE L 93 -37.28 0.12 -12.99
C ILE L 93 -36.48 0.14 -11.68
N GLN L 94 -37.14 0.53 -10.58
CA GLN L 94 -36.46 0.55 -9.31
C GLN L 94 -35.95 -0.84 -8.97
N HIS L 95 -36.76 -1.86 -9.23
CA HIS L 95 -36.35 -3.22 -8.93
C HIS L 95 -35.26 -3.69 -9.87
N LEU L 96 -35.33 -3.23 -11.11
CA LEU L 96 -34.31 -3.59 -12.10
C LEU L 96 -32.96 -3.04 -11.63
N LEU L 97 -33.00 -1.80 -11.12
CA LEU L 97 -31.80 -1.13 -10.65
C LEU L 97 -31.30 -1.70 -9.33
N TYR L 98 -32.17 -1.80 -8.33
CA TYR L 98 -31.75 -2.31 -7.05
C TYR L 98 -31.30 -3.76 -7.15
N GLY L 99 -31.77 -4.44 -8.19
CA GLY L 99 -31.39 -5.84 -8.38
C GLY L 99 -29.88 -5.93 -8.44
N LYS L 100 -29.23 -4.87 -8.92
CA LYS L 100 -27.77 -4.82 -9.02
C LYS L 100 -27.18 -3.84 -8.01
N ARG L 101 -27.74 -3.85 -6.80
CA ARG L 101 -27.32 -2.97 -5.72
C ARG L 101 -25.84 -3.12 -5.38
N PHE L 102 -25.28 -4.29 -5.63
CA PHE L 102 -23.89 -4.51 -5.31
C PHE L 102 -22.96 -4.63 -6.50
N PHE L 103 -23.43 -4.13 -7.64
CA PHE L 103 -22.69 -4.09 -8.90
C PHE L 103 -23.61 -3.24 -9.76
N PRO L 104 -23.85 -2.00 -9.32
CA PRO L 104 -24.72 -1.02 -9.99
C PRO L 104 -24.54 -0.82 -11.48
N TYR L 105 -25.64 -0.38 -12.09
CA TYR L 105 -25.63 -0.01 -13.50
C TYR L 105 -25.15 1.41 -13.32
N TYR L 106 -24.03 1.75 -13.93
CA TYR L 106 -23.49 3.09 -13.77
C TYR L 106 -24.25 4.11 -14.64
N VAL L 107 -25.51 4.32 -14.31
CA VAL L 107 -26.33 5.26 -15.07
C VAL L 107 -27.34 6.03 -14.23
N HIS L 108 -27.62 7.24 -14.69
CA HIS L 108 -28.63 8.10 -14.07
C HIS L 108 -29.72 7.91 -15.12
N THR L 109 -30.83 7.29 -14.73
CA THR L 109 -31.88 7.04 -15.71
C THR L 109 -33.10 7.95 -15.51
N ILE L 110 -33.68 8.38 -16.63
CA ILE L 110 -34.88 9.23 -16.61
C ILE L 110 -35.92 8.66 -17.58
N ILE L 111 -37.20 8.76 -17.22
CA ILE L 111 -38.29 8.31 -18.08
C ILE L 111 -39.41 9.34 -18.07
N ALA L 112 -40.12 9.45 -19.20
CA ALA L 112 -41.21 10.41 -19.33
C ALA L 112 -42.44 9.84 -20.02
N GLY L 113 -43.58 10.46 -19.74
CA GLY L 113 -44.84 10.04 -20.33
C GLY L 113 -46.01 10.77 -19.69
N LEU L 114 -47.18 10.14 -19.72
CA LEU L 114 -48.38 10.74 -19.14
C LEU L 114 -48.88 9.86 -18.02
N ASP L 115 -49.25 10.46 -16.90
CA ASP L 115 -49.77 9.65 -15.81
C ASP L 115 -51.19 9.20 -16.17
N GLU L 116 -51.89 8.64 -15.19
CA GLU L 116 -53.23 8.16 -15.44
C GLU L 116 -54.35 9.19 -15.48
N ASP L 117 -54.01 10.46 -15.30
CA ASP L 117 -55.00 11.53 -15.36
C ASP L 117 -54.70 12.34 -16.61
N GLY L 118 -53.82 11.80 -17.44
CA GLY L 118 -53.44 12.46 -18.68
C GLY L 118 -52.31 13.47 -18.55
N LYS L 119 -52.03 13.94 -17.34
CA LYS L 119 -50.97 14.93 -17.12
C LYS L 119 -49.56 14.42 -17.48
N GLY L 120 -48.67 15.36 -17.77
CA GLY L 120 -47.29 15.02 -18.12
C GLY L 120 -46.54 14.54 -16.89
N ALA L 121 -45.66 13.56 -17.07
CA ALA L 121 -44.90 13.01 -15.95
C ALA L 121 -43.45 12.67 -16.26
N VAL L 122 -42.59 12.95 -15.28
CA VAL L 122 -41.17 12.66 -15.39
C VAL L 122 -40.72 11.98 -14.10
N TYR L 123 -39.97 10.90 -14.28
CA TYR L 123 -39.43 10.13 -13.16
C TYR L 123 -37.92 9.98 -13.40
N SER L 124 -37.13 10.30 -12.38
CA SER L 124 -35.68 10.16 -12.48
C SER L 124 -35.19 9.15 -11.43
N PHE L 125 -34.17 8.39 -11.80
CA PHE L 125 -33.64 7.37 -10.91
C PHE L 125 -32.18 7.52 -10.46
N ASP L 126 -31.90 6.83 -9.35
CA ASP L 126 -30.60 6.75 -8.69
C ASP L 126 -29.84 5.70 -9.48
N PRO L 127 -28.51 5.62 -9.30
CA PRO L 127 -27.89 4.55 -10.07
C PRO L 127 -28.31 3.22 -9.45
N VAL L 128 -28.76 3.25 -8.20
CA VAL L 128 -29.19 2.02 -7.54
C VAL L 128 -30.68 1.95 -7.20
N GLY L 129 -31.52 2.66 -7.96
CA GLY L 129 -32.94 2.56 -7.73
C GLY L 129 -33.76 3.56 -6.93
N SER L 130 -33.14 4.59 -6.37
CA SER L 130 -33.95 5.57 -5.64
C SER L 130 -34.71 6.34 -6.72
N TYR L 131 -35.98 6.65 -6.49
CA TYR L 131 -36.72 7.40 -7.50
C TYR L 131 -37.77 8.35 -6.94
N GLU L 132 -38.02 9.42 -7.68
CA GLU L 132 -38.96 10.47 -7.29
C GLU L 132 -39.62 10.95 -8.58
N ARG L 133 -40.83 11.49 -8.49
CA ARG L 133 -41.47 12.05 -9.68
C ARG L 133 -41.21 13.55 -9.55
N GLU L 134 -40.83 14.18 -10.64
CA GLU L 134 -40.51 15.60 -10.61
C GLU L 134 -41.04 16.31 -11.84
N GLN L 135 -41.06 17.64 -11.79
CA GLN L 135 -41.55 18.43 -12.91
C GLN L 135 -40.53 18.43 -14.03
N CYS L 136 -39.26 18.39 -13.65
CA CYS L 136 -38.18 18.35 -14.63
C CYS L 136 -36.90 17.82 -13.97
N ARG L 137 -35.99 17.32 -14.80
CA ARG L 137 -34.72 16.79 -14.30
C ARG L 137 -33.68 16.64 -15.41
N ALA L 138 -32.47 17.10 -15.12
CA ALA L 138 -31.37 16.97 -16.06
C ALA L 138 -30.46 15.89 -15.46
N GLY L 139 -29.90 15.05 -16.32
CA GLY L 139 -29.03 14.00 -15.86
C GLY L 139 -27.81 13.87 -16.75
N GLY L 140 -26.72 13.33 -16.22
CA GLY L 140 -25.54 13.17 -17.04
C GLY L 140 -24.46 14.22 -16.84
N ALA L 141 -23.48 14.20 -17.76
CA ALA L 141 -22.32 15.08 -17.74
C ALA L 141 -22.57 16.55 -17.38
N ALA L 142 -23.49 17.20 -18.08
CA ALA L 142 -23.78 18.62 -17.83
C ALA L 142 -24.95 18.90 -16.90
N ALA L 143 -25.43 17.87 -16.21
CA ALA L 143 -26.56 18.01 -15.30
C ALA L 143 -26.40 19.13 -14.29
N SER L 144 -25.19 19.36 -13.81
CA SER L 144 -24.95 20.41 -12.83
C SER L 144 -25.04 21.79 -13.48
N LEU L 145 -24.93 21.83 -14.80
CA LEU L 145 -25.05 23.11 -15.51
C LEU L 145 -26.51 23.39 -15.79
N ILE L 146 -27.24 22.36 -16.22
CA ILE L 146 -28.67 22.50 -16.55
C ILE L 146 -29.63 22.66 -15.37
N MET L 147 -29.68 21.71 -14.45
CA MET L 147 -30.60 21.79 -13.31
C MET L 147 -30.82 23.17 -12.70
N PRO L 148 -29.75 23.96 -12.47
CA PRO L 148 -29.97 25.29 -11.88
C PRO L 148 -30.90 26.12 -12.77
N PHE L 149 -30.61 26.09 -14.06
CA PHE L 149 -31.38 26.82 -15.06
C PHE L 149 -32.85 26.36 -15.04
N LEU L 150 -33.06 25.05 -14.99
CA LEU L 150 -34.39 24.47 -14.95
C LEU L 150 -35.19 24.82 -13.71
N ASP L 151 -34.54 24.98 -12.55
CA ASP L 151 -35.27 25.32 -11.32
C ASP L 151 -35.80 26.73 -11.46
N ASN L 152 -35.00 27.57 -12.10
CA ASN L 152 -35.35 28.96 -12.31
C ASN L 152 -36.42 29.13 -13.37
N GLN L 153 -36.20 28.55 -14.55
CA GLN L 153 -37.12 28.70 -15.67
C GLN L 153 -38.33 27.77 -15.73
N VAL L 154 -38.33 26.70 -14.95
CA VAL L 154 -39.47 25.79 -14.97
C VAL L 154 -40.29 25.87 -13.69
N ASN L 155 -39.62 26.02 -12.56
CA ASN L 155 -40.34 26.10 -11.29
C ASN L 155 -40.24 27.48 -10.67
N PHE L 156 -39.82 28.43 -11.51
CA PHE L 156 -39.68 29.83 -11.14
C PHE L 156 -39.09 30.08 -9.76
N LYS L 157 -37.97 29.41 -9.48
CA LYS L 157 -37.30 29.56 -8.19
C LYS L 157 -36.54 30.88 -8.10
N ASN L 158 -36.54 31.48 -6.91
CA ASN L 158 -35.85 32.75 -6.68
C ASN L 158 -36.44 33.93 -7.45
N GLN L 159 -37.60 33.72 -8.07
CA GLN L 159 -38.25 34.80 -8.82
C GLN L 159 -39.45 35.29 -8.04
N TYR L 160 -39.63 36.60 -8.02
CA TYR L 160 -40.75 37.19 -7.29
C TYR L 160 -41.57 38.12 -8.16
N GLU L 161 -42.62 38.65 -7.55
CA GLU L 161 -43.51 39.59 -8.22
C GLU L 161 -42.88 40.98 -8.11
N PRO L 162 -42.51 41.58 -9.24
CA PRO L 162 -41.91 42.91 -9.15
C PRO L 162 -42.72 43.80 -8.21
N GLY L 163 -42.03 44.67 -7.48
CA GLY L 163 -42.73 45.57 -6.58
C GLY L 163 -43.41 44.98 -5.36
N THR L 164 -43.42 43.65 -5.21
CA THR L 164 -44.05 43.06 -4.02
C THR L 164 -43.08 42.97 -2.84
N ASN L 165 -41.88 43.50 -3.03
CA ASN L 165 -40.87 43.49 -1.98
C ASN L 165 -40.51 42.05 -1.65
N GLY L 166 -40.35 41.22 -2.67
CA GLY L 166 -40.03 39.83 -2.46
C GLY L 166 -40.93 39.16 -1.43
N LYS L 167 -42.22 39.47 -1.47
CA LYS L 167 -43.20 38.89 -0.54
C LYS L 167 -44.16 37.97 -1.27
N VAL L 168 -44.21 38.09 -2.59
CA VAL L 168 -45.08 37.25 -3.39
C VAL L 168 -44.24 36.53 -4.42
N LYS L 169 -44.23 35.21 -4.35
CA LYS L 169 -43.48 34.41 -5.29
C LYS L 169 -44.16 34.43 -6.65
N LYS L 170 -43.37 34.33 -7.71
CA LYS L 170 -43.94 34.30 -9.04
C LYS L 170 -44.82 33.07 -9.07
N PRO L 171 -46.07 33.20 -9.55
CA PRO L 171 -47.00 32.07 -9.62
C PRO L 171 -46.45 30.96 -10.48
N LEU L 172 -46.97 29.75 -10.29
CA LEU L 172 -46.51 28.58 -11.04
C LEU L 172 -47.18 28.31 -12.38
N LYS L 173 -47.49 29.36 -13.15
CA LYS L 173 -48.13 29.19 -14.46
C LYS L 173 -47.45 28.01 -15.16
N TYR L 174 -48.13 27.35 -16.09
CA TYR L 174 -47.44 26.27 -16.75
C TYR L 174 -47.00 26.42 -18.18
N LEU L 175 -45.92 25.72 -18.50
CA LEU L 175 -45.32 25.79 -19.82
C LEU L 175 -45.95 24.97 -20.93
N SER L 176 -45.92 25.56 -22.12
CA SER L 176 -46.46 24.95 -23.31
C SER L 176 -45.35 24.15 -23.97
N VAL L 177 -45.72 23.21 -24.82
CA VAL L 177 -44.73 22.40 -25.50
C VAL L 177 -43.73 23.26 -26.27
N GLU L 178 -44.16 24.44 -26.70
CA GLU L 178 -43.29 25.34 -27.46
C GLU L 178 -42.28 26.04 -26.55
N GLU L 179 -42.76 26.54 -25.41
CA GLU L 179 -41.89 27.23 -24.47
C GLU L 179 -40.91 26.22 -23.84
N VAL L 180 -41.34 24.97 -23.75
CA VAL L 180 -40.49 23.92 -23.21
C VAL L 180 -39.38 23.64 -24.20
N ILE L 181 -39.71 23.43 -25.47
CA ILE L 181 -38.66 23.14 -26.43
C ILE L 181 -37.64 24.28 -26.59
N LYS L 182 -38.02 25.48 -26.18
CA LYS L 182 -37.09 26.60 -26.25
C LYS L 182 -36.10 26.42 -25.11
N LEU L 183 -36.62 26.11 -23.92
CA LEU L 183 -35.76 25.88 -22.77
C LEU L 183 -34.79 24.74 -23.07
N VAL L 184 -35.32 23.62 -23.56
CA VAL L 184 -34.52 22.45 -23.90
C VAL L 184 -33.35 22.82 -24.80
N ARG L 185 -33.63 23.45 -25.94
CA ARG L 185 -32.58 23.82 -26.87
C ARG L 185 -31.54 24.78 -26.32
N ASP L 186 -31.97 25.70 -25.47
CA ASP L 186 -31.03 26.65 -24.88
C ASP L 186 -30.16 25.92 -23.89
N SER L 187 -30.79 25.08 -23.07
CA SER L 187 -30.06 24.32 -22.09
C SER L 187 -28.95 23.52 -22.76
N PHE L 188 -29.25 22.92 -23.90
CA PHE L 188 -28.25 22.15 -24.60
C PHE L 188 -27.20 22.94 -25.37
N THR L 189 -27.51 24.15 -25.83
CA THR L 189 -26.50 24.93 -26.52
C THR L 189 -25.59 25.51 -25.44
N SER L 190 -26.16 25.79 -24.28
CA SER L 190 -25.39 26.33 -23.17
C SER L 190 -24.45 25.25 -22.65
N ALA L 191 -24.96 24.04 -22.48
CA ALA L 191 -24.14 22.95 -21.99
C ALA L 191 -23.04 22.64 -23.00
N THR L 192 -23.36 22.74 -24.29
CA THR L 192 -22.38 22.45 -25.33
C THR L 192 -21.24 23.46 -25.34
N GLU L 193 -21.53 24.67 -24.88
CA GLU L 193 -20.56 25.76 -24.83
C GLU L 193 -19.49 25.51 -23.78
N ARG L 194 -19.91 25.08 -22.59
CA ARG L 194 -18.99 24.84 -21.49
C ARG L 194 -18.57 23.41 -21.16
N HIS L 195 -19.28 22.40 -21.67
CA HIS L 195 -18.90 21.03 -21.37
C HIS L 195 -18.38 20.34 -22.62
N ILE L 196 -17.17 19.81 -22.53
CA ILE L 196 -16.55 19.17 -23.68
C ILE L 196 -17.14 17.81 -24.06
N GLN L 197 -17.99 17.25 -23.20
CA GLN L 197 -18.59 15.94 -23.50
C GLN L 197 -19.99 16.09 -24.08
N VAL L 198 -20.37 17.31 -24.41
CA VAL L 198 -21.70 17.58 -24.94
C VAL L 198 -21.65 18.35 -26.26
N GLY L 199 -22.34 17.83 -27.27
CA GLY L 199 -22.37 18.46 -28.57
C GLY L 199 -22.88 17.57 -29.69
N ASP L 200 -22.52 17.91 -30.93
CA ASP L 200 -22.92 17.16 -32.13
C ASP L 200 -24.39 17.24 -32.54
N GLY L 201 -25.29 16.87 -31.64
CA GLY L 201 -26.71 16.93 -31.96
C GLY L 201 -27.62 16.74 -30.76
N LEU L 202 -28.82 17.29 -30.86
CA LEU L 202 -29.83 17.21 -29.79
C LEU L 202 -31.09 16.51 -30.34
N GLU L 203 -31.50 15.43 -29.70
CA GLU L 203 -32.68 14.72 -30.15
C GLU L 203 -33.72 14.71 -29.04
N ILE L 204 -34.90 15.22 -29.36
CA ILE L 204 -35.99 15.29 -28.37
C ILE L 204 -37.13 14.34 -28.73
N LEU L 205 -37.68 13.69 -27.72
CA LEU L 205 -38.83 12.81 -27.92
C LEU L 205 -39.96 13.46 -27.13
N ILE L 206 -41.09 13.72 -27.80
CA ILE L 206 -42.23 14.34 -27.15
C ILE L 206 -43.38 13.36 -26.99
N VAL L 207 -43.94 13.32 -25.79
CA VAL L 207 -45.04 12.41 -25.50
C VAL L 207 -46.35 13.15 -25.23
N THR L 208 -47.39 12.71 -25.93
CA THR L 208 -48.73 13.26 -25.79
C THR L 208 -49.71 12.10 -25.91
N LYS L 209 -50.97 12.37 -25.65
CA LYS L 209 -52.01 11.34 -25.75
C LYS L 209 -52.16 10.83 -27.18
N ASP L 210 -51.24 11.20 -28.06
CA ASP L 210 -51.32 10.76 -29.45
C ASP L 210 -50.08 9.96 -29.82
N GLY L 211 -49.19 9.80 -28.85
CA GLY L 211 -47.98 9.05 -29.09
C GLY L 211 -46.67 9.78 -28.84
N VAL L 212 -45.66 9.36 -29.59
CA VAL L 212 -44.32 9.89 -29.46
C VAL L 212 -43.78 10.54 -30.75
N ARG L 213 -43.49 11.83 -30.69
CA ARG L 213 -42.93 12.55 -31.84
C ARG L 213 -41.45 12.87 -31.55
N LYS L 214 -40.65 13.01 -32.60
CA LYS L 214 -39.22 13.31 -32.45
C LYS L 214 -38.76 14.51 -33.27
N GLU L 215 -37.97 15.38 -32.65
CA GLU L 215 -37.40 16.56 -33.31
C GLU L 215 -35.88 16.46 -33.13
N PHE L 216 -35.11 16.90 -34.12
CA PHE L 216 -33.64 16.85 -34.03
C PHE L 216 -33.00 18.18 -34.40
N TYR L 217 -31.94 18.53 -33.69
CA TYR L 217 -31.23 19.79 -33.94
C TYR L 217 -29.73 19.59 -33.87
N GLU L 218 -29.00 20.36 -34.66
CA GLU L 218 -27.55 20.30 -34.67
C GLU L 218 -27.02 21.03 -33.45
N LEU L 219 -25.84 20.63 -33.01
CA LEU L 219 -25.14 21.25 -31.89
C LEU L 219 -23.68 21.40 -32.36
N LYS L 220 -22.93 22.33 -31.76
CA LYS L 220 -21.53 22.51 -32.18
C LYS L 220 -20.72 21.22 -32.08
N ARG L 221 -19.94 20.93 -33.11
CA ARG L 221 -19.15 19.70 -33.18
C ARG L 221 -17.69 19.77 -32.69
N ASP L 222 -17.36 20.76 -31.87
CA ASP L 222 -15.97 20.88 -31.37
C ASP L 222 -15.77 20.16 -30.02
N THR M 1 -10.75 -11.48 -14.52
CA THR M 1 -9.85 -10.37 -14.92
C THR M 1 -8.54 -10.94 -15.40
N GLN M 2 -7.98 -10.32 -16.43
CA GLN M 2 -6.75 -10.77 -17.01
C GLN M 2 -5.92 -9.59 -17.48
N GLN M 3 -5.07 -9.87 -18.47
CA GLN M 3 -4.22 -8.86 -19.06
C GLN M 3 -3.82 -9.46 -20.40
N PRO M 4 -3.89 -8.66 -21.45
CA PRO M 4 -3.55 -9.06 -22.82
C PRO M 4 -2.08 -9.44 -22.99
N ILE M 5 -1.82 -10.48 -23.77
CA ILE M 5 -0.43 -10.89 -24.01
C ILE M 5 -0.08 -10.66 -25.49
N VAL M 6 -0.47 -11.56 -26.38
CA VAL M 6 -0.18 -11.32 -27.80
C VAL M 6 -1.29 -10.40 -28.29
N THR M 7 -0.93 -9.22 -28.81
CA THR M 7 -1.93 -8.25 -29.25
C THR M 7 -1.89 -7.75 -30.70
N GLY M 8 -3.04 -7.28 -31.14
CA GLY M 8 -3.17 -6.74 -32.47
C GLY M 8 -3.61 -5.30 -32.31
N THR M 9 -2.99 -4.40 -33.07
CA THR M 9 -3.32 -2.99 -32.99
C THR M 9 -4.56 -2.60 -33.80
N SER M 10 -4.67 -1.31 -34.11
CA SER M 10 -5.81 -0.73 -34.83
C SER M 10 -6.62 -1.53 -35.85
N VAL M 11 -7.89 -1.18 -35.96
CA VAL M 11 -8.81 -1.75 -36.93
C VAL M 11 -9.60 -0.54 -37.42
N ILE M 12 -9.34 -0.10 -38.64
CA ILE M 12 -10.05 1.05 -39.18
C ILE M 12 -11.11 0.62 -40.19
N SER M 13 -12.14 1.44 -40.36
CA SER M 13 -13.23 1.12 -41.28
C SER M 13 -14.15 2.31 -41.48
N MET M 14 -14.84 2.32 -42.62
CA MET M 14 -15.77 3.38 -42.95
C MET M 14 -16.76 2.80 -43.93
N LYS M 15 -17.85 3.51 -44.14
CA LYS M 15 -18.87 3.06 -45.09
C LYS M 15 -19.04 4.05 -46.25
N TYR M 16 -19.09 3.54 -47.48
CA TYR M 16 -19.29 4.40 -48.65
C TYR M 16 -20.71 4.19 -49.20
N ASP M 17 -21.00 4.75 -50.39
CA ASP M 17 -22.31 4.63 -50.98
C ASP M 17 -22.89 3.22 -51.21
N ASN M 18 -22.07 2.26 -51.59
CA ASN M 18 -22.55 0.91 -51.87
C ASN M 18 -22.22 -0.16 -50.87
N GLY M 19 -21.31 0.13 -49.94
CA GLY M 19 -20.94 -0.87 -48.95
C GLY M 19 -20.14 -0.33 -47.80
N VAL M 20 -19.11 -1.09 -47.42
CA VAL M 20 -18.24 -0.72 -46.32
C VAL M 20 -16.85 -1.29 -46.54
N ILE M 21 -15.86 -0.65 -45.95
CA ILE M 21 -14.48 -1.12 -46.05
C ILE M 21 -13.90 -1.24 -44.64
N ILE M 22 -13.05 -2.25 -44.46
CA ILE M 22 -12.43 -2.47 -43.17
C ILE M 22 -11.03 -3.04 -43.39
N ALA M 23 -10.05 -2.56 -42.64
CA ALA M 23 -8.68 -3.04 -42.78
C ALA M 23 -7.98 -3.21 -41.43
N ALA M 24 -6.87 -3.96 -41.43
CA ALA M 24 -6.10 -4.21 -40.22
C ALA M 24 -4.77 -4.86 -40.59
N ASP M 25 -3.67 -4.39 -40.03
CA ASP M 25 -2.37 -4.99 -40.33
C ASP M 25 -2.25 -6.41 -39.80
N ASN M 26 -1.28 -7.16 -40.30
CA ASN M 26 -1.12 -8.56 -39.91
C ASN M 26 -0.11 -8.79 -38.80
N LEU M 27 -0.07 -7.89 -37.83
CA LEU M 27 0.90 -8.01 -36.75
C LEU M 27 0.32 -8.55 -35.44
N GLY M 28 1.10 -9.41 -34.79
CA GLY M 28 0.73 -9.98 -33.52
C GLY M 28 1.87 -9.56 -32.60
N SER M 29 1.65 -8.51 -31.83
CA SER M 29 2.67 -8.01 -30.91
C SER M 29 2.70 -8.73 -29.59
N TYR M 30 3.85 -8.65 -28.93
CA TYR M 30 4.06 -9.26 -27.63
C TYR M 30 4.85 -8.21 -26.86
N GLY M 31 4.15 -7.19 -26.38
CA GLY M 31 4.81 -6.13 -25.68
C GLY M 31 5.43 -5.28 -26.76
N SER M 32 6.70 -4.93 -26.62
CA SER M 32 7.34 -4.13 -27.64
C SER M 32 7.98 -5.04 -28.70
N LEU M 33 7.76 -6.35 -28.58
CA LEU M 33 8.31 -7.29 -29.54
C LEU M 33 7.31 -7.55 -30.65
N LEU M 34 7.66 -7.13 -31.87
CA LEU M 34 6.79 -7.34 -33.01
C LEU M 34 7.01 -8.81 -33.40
N ARG M 35 6.40 -9.70 -32.62
CA ARG M 35 6.55 -11.14 -32.76
C ARG M 35 5.97 -11.95 -33.92
N PHE M 36 4.71 -11.71 -34.28
CA PHE M 36 4.10 -12.48 -35.36
C PHE M 36 3.62 -11.64 -36.55
N ASN M 37 4.01 -12.03 -37.76
CA ASN M 37 3.63 -11.27 -38.94
C ASN M 37 2.62 -11.85 -39.90
N GLY M 38 2.24 -13.10 -39.71
CA GLY M 38 1.26 -13.66 -40.63
C GLY M 38 -0.08 -13.76 -39.93
N VAL M 39 -0.42 -12.76 -39.13
CA VAL M 39 -1.67 -12.78 -38.38
C VAL M 39 -2.83 -12.10 -39.05
N GLU M 40 -3.83 -12.87 -39.47
CA GLU M 40 -4.99 -12.30 -40.11
C GLU M 40 -5.98 -11.88 -39.03
N ARG M 41 -6.29 -10.59 -38.99
CA ARG M 41 -7.21 -10.08 -37.99
C ARG M 41 -8.54 -9.66 -38.57
N LEU M 42 -8.79 -10.03 -39.82
CA LEU M 42 -10.07 -9.74 -40.44
C LEU M 42 -10.74 -11.09 -40.63
N ILE M 43 -11.94 -11.23 -40.09
CA ILE M 43 -12.66 -12.49 -40.15
C ILE M 43 -13.98 -12.41 -40.91
N PRO M 44 -14.05 -13.05 -42.08
CA PRO M 44 -15.28 -13.03 -42.88
C PRO M 44 -16.25 -14.09 -42.37
N VAL M 45 -17.52 -13.72 -42.24
CA VAL M 45 -18.54 -14.65 -41.81
C VAL M 45 -19.55 -14.66 -42.93
N GLY M 46 -19.60 -15.77 -43.65
CA GLY M 46 -20.50 -15.84 -44.78
C GLY M 46 -19.84 -15.00 -45.85
N ASP M 47 -20.63 -14.20 -46.56
CA ASP M 47 -20.09 -13.36 -47.63
C ASP M 47 -20.75 -11.99 -47.65
N ASN M 48 -21.18 -11.54 -46.49
CA ASN M 48 -21.80 -10.22 -46.36
C ASN M 48 -21.31 -9.56 -45.08
N THR M 49 -20.39 -10.24 -44.39
CA THR M 49 -19.85 -9.73 -43.14
C THR M 49 -18.37 -10.03 -42.94
N VAL M 50 -17.66 -9.05 -42.38
CA VAL M 50 -16.25 -9.21 -42.05
C VAL M 50 -16.11 -8.61 -40.65
N VAL M 51 -15.49 -9.37 -39.75
CA VAL M 51 -15.30 -8.91 -38.38
C VAL M 51 -13.83 -8.60 -38.15
N GLY M 52 -13.54 -7.34 -37.83
CA GLY M 52 -12.16 -6.94 -37.56
C GLY M 52 -11.94 -6.93 -36.05
N ILE M 53 -10.89 -7.60 -35.59
CA ILE M 53 -10.62 -7.69 -34.16
C ILE M 53 -9.24 -7.18 -33.76
N SER M 54 -9.18 -6.47 -32.63
CA SER M 54 -7.91 -5.98 -32.10
C SER M 54 -7.86 -6.32 -30.61
N GLY M 55 -6.65 -6.44 -30.08
CA GLY M 55 -6.53 -6.78 -28.68
C GLY M 55 -5.85 -8.13 -28.52
N ASP M 56 -6.23 -8.86 -27.47
CA ASP M 56 -5.64 -10.16 -27.18
C ASP M 56 -5.90 -11.16 -28.32
N ILE M 57 -4.82 -11.65 -28.92
CA ILE M 57 -4.91 -12.58 -30.03
C ILE M 57 -5.54 -13.92 -29.63
N SER M 58 -5.20 -14.44 -28.45
CA SER M 58 -5.79 -15.71 -28.04
C SER M 58 -7.32 -15.54 -27.93
N ASP M 59 -7.76 -14.40 -27.39
CA ASP M 59 -9.19 -14.13 -27.28
C ASP M 59 -9.79 -13.95 -28.67
N MET M 60 -9.02 -13.40 -29.59
CA MET M 60 -9.52 -13.20 -30.95
C MET M 60 -9.77 -14.56 -31.59
N GLN M 61 -8.83 -15.48 -31.38
CA GLN M 61 -8.94 -16.82 -31.93
C GLN M 61 -10.14 -17.53 -31.33
N HIS M 62 -10.47 -17.22 -30.07
CA HIS M 62 -11.63 -17.83 -29.41
C HIS M 62 -12.90 -17.31 -30.10
N ILE M 63 -12.95 -16.00 -30.36
CA ILE M 63 -14.09 -15.37 -31.01
C ILE M 63 -14.23 -15.93 -32.42
N GLU M 64 -13.09 -16.27 -33.00
CA GLU M 64 -13.01 -16.83 -34.33
C GLU M 64 -13.69 -18.19 -34.37
N ARG M 65 -13.43 -18.99 -33.34
CA ARG M 65 -14.00 -20.32 -33.23
C ARG M 65 -15.49 -20.24 -32.89
N LEU M 66 -15.91 -19.12 -32.30
CA LEU M 66 -17.32 -18.92 -31.96
C LEU M 66 -18.06 -18.61 -33.24
N LEU M 67 -17.40 -17.86 -34.11
CA LEU M 67 -18.01 -17.48 -35.37
C LEU M 67 -18.20 -18.68 -36.29
N LYS M 68 -17.21 -19.54 -36.41
CA LYS M 68 -17.36 -20.70 -37.26
C LYS M 68 -18.51 -21.56 -36.78
N ASP M 69 -18.78 -21.51 -35.49
CA ASP M 69 -19.89 -22.27 -34.95
C ASP M 69 -21.20 -21.63 -35.28
N LEU M 70 -21.30 -20.32 -35.10
CA LEU M 70 -22.53 -19.63 -35.41
C LEU M 70 -22.94 -20.01 -36.84
N VAL M 71 -21.94 -20.21 -37.70
CA VAL M 71 -22.18 -20.58 -39.09
C VAL M 71 -22.71 -22.03 -39.18
N THR M 72 -21.93 -22.97 -38.67
CA THR M 72 -22.30 -24.38 -38.65
C THR M 72 -23.69 -24.58 -38.09
N GLU M 73 -23.94 -23.93 -36.96
CA GLU M 73 -25.21 -24.01 -36.25
C GLU M 73 -26.37 -23.42 -37.04
N ASN M 74 -26.13 -22.33 -37.76
CA ASN M 74 -27.17 -21.69 -38.55
C ASN M 74 -27.58 -22.61 -39.67
N ALA M 75 -26.61 -23.31 -40.23
CA ALA M 75 -26.86 -24.23 -41.34
C ALA M 75 -27.78 -25.39 -40.94
N TYR M 76 -27.80 -25.72 -39.65
CA TYR M 76 -28.62 -26.83 -39.15
C TYR M 76 -30.14 -26.68 -39.36
N ASP M 77 -30.76 -27.73 -39.89
CA ASP M 77 -32.21 -27.77 -40.13
C ASP M 77 -32.69 -26.46 -40.74
N ASN M 78 -31.83 -25.85 -41.55
CA ASN M 78 -32.12 -24.58 -42.21
C ASN M 78 -31.89 -24.71 -43.72
N PRO M 79 -32.95 -25.11 -44.45
CA PRO M 79 -32.85 -25.28 -45.91
C PRO M 79 -32.59 -23.96 -46.65
N LEU M 80 -32.86 -22.83 -46.00
CA LEU M 80 -32.64 -21.52 -46.58
C LEU M 80 -31.39 -20.86 -45.99
N ALA M 81 -30.41 -21.69 -45.62
CA ALA M 81 -29.18 -21.20 -45.01
C ALA M 81 -28.34 -20.31 -45.92
N ASP M 82 -28.37 -20.58 -47.22
CA ASP M 82 -27.61 -19.79 -48.18
C ASP M 82 -28.50 -18.73 -48.84
N ALA M 83 -29.65 -18.44 -48.23
CA ALA M 83 -30.57 -17.47 -48.78
C ALA M 83 -31.20 -16.59 -47.70
N GLU M 84 -32.53 -16.52 -47.68
CA GLU M 84 -33.24 -15.69 -46.71
C GLU M 84 -32.83 -15.92 -45.26
N GLU M 85 -32.41 -17.13 -44.94
CA GLU M 85 -32.02 -17.44 -43.57
C GLU M 85 -30.53 -17.57 -43.33
N ALA M 86 -29.76 -16.74 -44.01
CA ALA M 86 -28.32 -16.74 -43.83
C ALA M 86 -28.00 -15.71 -42.74
N LEU M 87 -26.81 -15.82 -42.15
CA LEU M 87 -26.42 -14.90 -41.09
C LEU M 87 -26.31 -13.48 -41.60
N GLU M 88 -26.99 -12.57 -40.91
CA GLU M 88 -26.97 -11.17 -41.23
C GLU M 88 -25.86 -10.51 -40.41
N PRO M 89 -25.23 -9.43 -40.91
CA PRO M 89 -24.18 -8.84 -40.11
C PRO M 89 -24.73 -8.38 -38.75
N SER M 90 -25.95 -7.88 -38.72
CA SER M 90 -26.53 -7.43 -37.47
C SER M 90 -26.67 -8.59 -36.49
N TYR M 91 -26.97 -9.78 -36.98
CA TYR M 91 -27.09 -10.94 -36.10
C TYR M 91 -25.73 -11.23 -35.49
N ILE M 92 -24.72 -11.30 -36.35
CA ILE M 92 -23.37 -11.60 -35.90
C ILE M 92 -22.92 -10.57 -34.86
N PHE M 93 -23.38 -9.34 -35.01
CA PHE M 93 -23.01 -8.31 -34.06
C PHE M 93 -23.73 -8.45 -32.74
N GLU M 94 -25.06 -8.43 -32.76
CA GLU M 94 -25.85 -8.56 -31.54
C GLU M 94 -25.36 -9.73 -30.69
N TYR M 95 -24.98 -10.82 -31.34
CA TYR M 95 -24.48 -12.00 -30.66
C TYR M 95 -23.15 -11.66 -29.97
N LEU M 96 -22.15 -11.25 -30.76
CA LEU M 96 -20.85 -10.88 -30.20
C LEU M 96 -21.01 -9.84 -29.09
N ALA M 97 -21.83 -8.81 -29.34
CA ALA M 97 -22.06 -7.77 -28.34
C ALA M 97 -22.54 -8.40 -27.05
N THR M 98 -23.53 -9.28 -27.16
CA THR M 98 -24.09 -9.98 -26.01
C THR M 98 -22.97 -10.66 -25.22
N VAL M 99 -22.19 -11.47 -25.92
CA VAL M 99 -21.07 -12.18 -25.32
C VAL M 99 -20.14 -11.22 -24.59
N MET M 100 -19.70 -10.17 -25.29
CA MET M 100 -18.78 -9.19 -24.71
C MET M 100 -19.27 -8.62 -23.39
N TYR M 101 -20.55 -8.22 -23.33
CA TYR M 101 -21.08 -7.65 -22.09
C TYR M 101 -21.19 -8.68 -20.95
N GLN M 102 -21.64 -9.88 -21.24
CA GLN M 102 -21.74 -10.90 -20.19
C GLN M 102 -20.35 -11.20 -19.61
N ARG M 103 -19.36 -11.28 -20.49
CA ARG M 103 -17.99 -11.55 -20.08
C ARG M 103 -17.43 -10.43 -19.21
N ARG M 104 -17.77 -9.17 -19.51
CA ARG M 104 -17.24 -8.10 -18.66
C ARG M 104 -18.05 -8.12 -17.40
N SER M 105 -19.28 -8.60 -17.50
CA SER M 105 -20.16 -8.63 -16.34
C SER M 105 -19.77 -9.74 -15.36
N LYS M 106 -19.06 -10.74 -15.85
CA LYS M 106 -18.59 -11.83 -14.99
C LYS M 106 -17.16 -11.47 -14.56
N MET M 107 -16.73 -10.25 -14.86
CA MET M 107 -15.40 -9.79 -14.51
C MET M 107 -14.28 -10.62 -15.13
N ASN M 108 -14.55 -11.17 -16.30
CA ASN M 108 -13.59 -12.00 -17.04
C ASN M 108 -13.76 -11.63 -18.51
N PRO M 109 -13.32 -10.42 -18.88
CA PRO M 109 -13.45 -9.94 -20.26
C PRO M 109 -12.63 -10.62 -21.35
N LEU M 110 -13.09 -10.42 -22.58
CA LEU M 110 -12.43 -10.89 -23.80
C LEU M 110 -11.74 -9.57 -24.16
N TRP M 111 -10.44 -9.50 -23.93
CA TRP M 111 -9.67 -8.28 -24.15
C TRP M 111 -9.56 -7.79 -25.59
N ASN M 112 -10.69 -7.43 -26.18
CA ASN M 112 -10.68 -6.99 -27.56
C ASN M 112 -11.51 -5.74 -27.84
N ALA M 113 -11.34 -5.26 -29.07
CA ALA M 113 -12.05 -4.12 -29.64
C ALA M 113 -12.46 -4.77 -30.96
N ILE M 114 -13.76 -4.86 -31.21
CA ILE M 114 -14.28 -5.49 -32.42
C ILE M 114 -15.14 -4.57 -33.30
N ILE M 115 -14.92 -4.64 -34.60
CA ILE M 115 -15.74 -3.86 -35.53
C ILE M 115 -16.37 -4.85 -36.49
N VAL M 116 -17.69 -4.84 -36.55
CA VAL M 116 -18.41 -5.75 -37.44
C VAL M 116 -18.86 -4.93 -38.63
N ALA M 117 -18.30 -5.23 -39.81
CA ALA M 117 -18.66 -4.50 -41.03
C ALA M 117 -19.35 -5.42 -42.03
N GLY M 118 -20.39 -4.90 -42.68
CA GLY M 118 -21.09 -5.70 -43.67
C GLY M 118 -22.27 -5.01 -44.31
N VAL M 119 -23.00 -5.78 -45.13
CA VAL M 119 -24.17 -5.26 -45.80
C VAL M 119 -25.36 -6.14 -45.45
N GLN M 120 -26.44 -5.51 -45.00
CA GLN M 120 -27.65 -6.25 -44.65
C GLN M 120 -28.28 -6.82 -45.94
N SER M 121 -29.27 -7.68 -45.79
CA SER M 121 -29.92 -8.28 -46.96
C SER M 121 -30.70 -7.24 -47.78
N ASN M 122 -31.20 -6.19 -47.13
CA ASN M 122 -31.96 -5.17 -47.81
C ASN M 122 -31.04 -4.10 -48.43
N GLY M 123 -29.74 -4.40 -48.49
CA GLY M 123 -28.79 -3.47 -49.08
C GLY M 123 -28.08 -2.49 -48.16
N ASP M 124 -28.68 -2.22 -47.01
CA ASP M 124 -28.12 -1.30 -46.03
C ASP M 124 -26.73 -1.68 -45.55
N GLN M 125 -25.88 -0.67 -45.36
CA GLN M 125 -24.52 -0.89 -44.89
C GLN M 125 -24.59 -1.01 -43.37
N PHE M 126 -23.84 -1.96 -42.82
CA PHE M 126 -23.80 -2.17 -41.37
C PHE M 126 -22.38 -1.95 -40.86
N LEU M 127 -22.26 -1.06 -39.87
CA LEU M 127 -20.97 -0.77 -39.28
C LEU M 127 -21.12 -0.45 -37.79
N ARG M 128 -20.80 -1.42 -36.94
CA ARG M 128 -20.91 -1.19 -35.49
C ARG M 128 -19.70 -1.71 -34.71
N TYR M 129 -19.45 -1.06 -33.58
CA TYR M 129 -18.32 -1.36 -32.69
C TYR M 129 -18.74 -1.92 -31.34
N VAL M 130 -17.90 -2.81 -30.80
CA VAL M 130 -18.16 -3.40 -29.48
C VAL M 130 -16.80 -3.73 -28.92
N ASN M 131 -16.61 -3.52 -27.62
CA ASN M 131 -15.32 -3.82 -26.98
C ASN M 131 -15.45 -4.61 -25.68
N LEU M 132 -14.31 -4.83 -25.03
CA LEU M 132 -14.24 -5.59 -23.78
C LEU M 132 -15.19 -5.13 -22.68
N LEU M 133 -15.61 -3.87 -22.71
CA LEU M 133 -16.53 -3.38 -21.69
C LEU M 133 -17.97 -3.68 -22.08
N GLY M 134 -18.19 -3.97 -23.34
CA GLY M 134 -19.54 -4.26 -23.80
C GLY M 134 -20.17 -3.01 -24.38
N VAL M 135 -19.42 -1.91 -24.40
CA VAL M 135 -19.87 -0.64 -24.96
C VAL M 135 -20.00 -0.77 -26.48
N THR M 136 -21.10 -0.25 -27.03
CA THR M 136 -21.33 -0.32 -28.47
C THR M 136 -21.78 1.00 -29.08
N TYR M 137 -21.41 1.20 -30.34
CA TYR M 137 -21.80 2.39 -31.08
C TYR M 137 -21.51 2.27 -32.56
N SER M 138 -22.18 3.12 -33.34
CA SER M 138 -22.00 3.18 -34.78
C SER M 138 -21.76 4.62 -35.24
N SER M 139 -21.03 4.75 -36.34
CA SER M 139 -20.72 6.04 -36.91
C SER M 139 -20.29 5.78 -38.36
N PRO M 140 -20.41 6.78 -39.23
CA PRO M 140 -20.01 6.63 -40.63
C PRO M 140 -18.62 6.02 -40.76
N THR M 141 -17.75 6.28 -39.77
CA THR M 141 -16.40 5.72 -39.72
C THR M 141 -16.17 5.19 -38.31
N LEU M 142 -15.36 4.15 -38.19
CA LEU M 142 -15.07 3.54 -36.90
C LEU M 142 -13.68 2.94 -36.87
N ALA M 143 -12.93 3.20 -35.80
CA ALA M 143 -11.59 2.66 -35.67
C ALA M 143 -11.33 2.36 -34.20
N THR M 144 -10.40 1.43 -33.97
CA THR M 144 -10.02 1.00 -32.63
C THR M 144 -8.58 1.41 -32.36
N GLY M 145 -8.27 1.61 -31.08
CA GLY M 145 -6.91 1.98 -30.73
C GLY M 145 -6.42 3.27 -31.36
N PHE M 146 -5.17 3.24 -31.83
CA PHE M 146 -4.57 4.41 -32.46
C PHE M 146 -5.35 4.92 -33.67
N GLY M 147 -6.06 4.00 -34.33
CA GLY M 147 -6.85 4.39 -35.49
C GLY M 147 -7.95 5.34 -35.07
N ALA M 148 -8.43 5.18 -33.84
CA ALA M 148 -9.50 6.04 -33.33
C ALA M 148 -9.01 7.46 -33.16
N HIS M 149 -7.70 7.63 -33.06
CA HIS M 149 -7.11 8.95 -32.87
C HIS M 149 -6.55 9.54 -34.15
N MET M 150 -6.03 8.71 -35.02
CA MET M 150 -5.43 9.18 -36.26
C MET M 150 -6.26 8.90 -37.52
N ALA M 151 -6.80 7.70 -37.64
CA ALA M 151 -7.60 7.36 -38.81
C ALA M 151 -8.94 8.09 -38.83
N ASN M 152 -9.67 8.09 -37.72
CA ASN M 152 -10.97 8.75 -37.71
C ASN M 152 -10.94 10.19 -38.20
N PRO M 153 -9.98 11.01 -37.72
CA PRO M 153 -9.94 12.40 -38.18
C PRO M 153 -9.79 12.53 -39.69
N LEU M 154 -8.98 11.65 -40.29
CA LEU M 154 -8.75 11.65 -41.73
C LEU M 154 -9.98 11.14 -42.48
N LEU M 155 -10.56 10.02 -42.01
CA LEU M 155 -11.71 9.43 -42.66
C LEU M 155 -12.94 10.32 -42.54
N ARG M 156 -13.03 11.10 -41.46
CA ARG M 156 -14.17 11.99 -41.26
C ARG M 156 -14.13 13.18 -42.21
N LYS M 157 -12.96 13.40 -42.82
CA LYS M 157 -12.82 14.50 -43.77
C LYS M 157 -13.44 14.08 -45.09
N VAL M 158 -13.85 12.81 -45.18
CA VAL M 158 -14.50 12.27 -46.38
C VAL M 158 -15.98 12.00 -46.11
N VAL M 159 -16.28 11.51 -44.91
CA VAL M 159 -17.65 11.22 -44.53
C VAL M 159 -17.88 11.80 -43.15
N ASP M 160 -18.03 13.12 -43.10
CA ASP M 160 -18.23 13.84 -41.84
C ASP M 160 -19.56 13.44 -41.23
N ARG M 161 -20.60 13.40 -42.06
CA ARG M 161 -21.91 13.00 -41.56
C ARG M 161 -22.60 12.03 -42.49
N GLU M 162 -23.79 11.60 -42.10
CA GLU M 162 -24.58 10.63 -42.85
C GLU M 162 -24.76 10.95 -44.35
N SER M 163 -25.14 12.18 -44.66
CA SER M 163 -25.37 12.61 -46.04
C SER M 163 -24.17 12.47 -46.97
N ASP M 164 -22.98 12.34 -46.41
CA ASP M 164 -21.79 12.21 -47.23
C ASP M 164 -21.60 10.77 -47.68
N ILE M 165 -22.36 9.84 -47.10
CA ILE M 165 -22.24 8.42 -47.42
C ILE M 165 -22.50 8.09 -48.87
N PRO M 166 -23.69 8.49 -49.38
CA PRO M 166 -23.98 8.20 -50.78
C PRO M 166 -23.06 8.93 -51.77
N LYS M 167 -22.48 10.05 -51.34
CA LYS M 167 -21.57 10.82 -52.18
C LYS M 167 -20.18 10.21 -52.28
N THR M 168 -19.92 9.15 -51.52
CA THR M 168 -18.61 8.53 -51.51
C THR M 168 -18.53 7.26 -52.34
N THR M 169 -17.49 7.12 -53.15
CA THR M 169 -17.33 5.94 -53.99
C THR M 169 -16.27 5.02 -53.42
N VAL M 170 -16.26 3.78 -53.90
CA VAL M 170 -15.30 2.78 -53.44
C VAL M 170 -13.84 3.21 -53.60
N GLN M 171 -13.55 3.99 -54.65
CA GLN M 171 -12.18 4.42 -54.88
C GLN M 171 -11.82 5.49 -53.87
N VAL M 172 -12.66 6.50 -53.78
CA VAL M 172 -12.46 7.59 -52.82
C VAL M 172 -12.24 6.97 -51.43
N ALA M 173 -13.17 6.11 -51.03
CA ALA M 173 -13.14 5.44 -49.74
C ALA M 173 -11.92 4.52 -49.53
N GLU M 174 -11.65 3.62 -50.47
CA GLU M 174 -10.52 2.72 -50.31
C GLU M 174 -9.21 3.50 -50.25
N GLU M 175 -9.20 4.66 -50.87
CA GLU M 175 -8.01 5.49 -50.88
C GLU M 175 -7.75 6.04 -49.48
N ALA M 176 -8.79 6.62 -48.88
CA ALA M 176 -8.69 7.18 -47.54
C ALA M 176 -8.20 6.11 -46.56
N ILE M 177 -8.76 4.91 -46.65
CA ILE M 177 -8.36 3.84 -45.76
C ILE M 177 -6.92 3.40 -45.97
N VAL M 178 -6.48 3.35 -47.23
CA VAL M 178 -5.11 2.94 -47.50
C VAL M 178 -4.13 4.01 -46.98
N ASN M 179 -4.54 5.27 -47.10
CA ASN M 179 -3.70 6.37 -46.62
C ASN M 179 -3.60 6.28 -45.09
N ALA M 180 -4.75 6.11 -44.43
CA ALA M 180 -4.77 5.99 -42.99
C ALA M 180 -3.82 4.88 -42.55
N MET M 181 -3.84 3.74 -43.23
CA MET M 181 -2.94 2.64 -42.88
C MET M 181 -1.49 3.11 -42.91
N ARG M 182 -1.16 4.01 -43.83
CA ARG M 182 0.21 4.53 -43.93
C ARG M 182 0.50 5.43 -42.72
N VAL M 183 -0.36 6.42 -42.50
CA VAL M 183 -0.22 7.34 -41.37
C VAL M 183 0.02 6.54 -40.08
N LEU M 184 -0.76 5.48 -39.88
CA LEU M 184 -0.62 4.65 -38.71
C LEU M 184 0.74 3.95 -38.68
N TYR M 185 1.25 3.58 -39.83
CA TYR M 185 2.55 2.92 -39.86
C TYR M 185 3.63 3.90 -39.43
N TYR M 186 3.41 5.18 -39.72
CA TYR M 186 4.36 6.22 -39.32
C TYR M 186 4.37 6.43 -37.82
N ARG M 187 3.19 6.62 -37.21
CA ARG M 187 3.11 6.93 -35.79
C ARG M 187 2.74 5.87 -34.75
N ASP M 188 2.42 4.64 -35.17
CA ASP M 188 2.08 3.59 -34.20
C ASP M 188 3.26 2.63 -34.08
N ALA M 189 3.91 2.63 -32.92
CA ALA M 189 5.07 1.78 -32.69
C ALA M 189 4.74 0.30 -32.56
N ARG M 190 3.47 -0.03 -32.75
CA ARG M 190 3.02 -1.41 -32.67
C ARG M 190 2.31 -1.82 -33.96
N SER M 191 2.70 -1.20 -35.07
CA SER M 191 2.10 -1.50 -36.37
C SER M 191 3.02 -2.21 -37.34
N SER M 192 2.41 -2.74 -38.37
CA SER M 192 3.10 -3.47 -39.43
C SER M 192 2.82 -2.80 -40.76
N ARG M 193 3.72 -3.00 -41.72
CA ARG M 193 3.59 -2.41 -43.04
C ARG M 193 2.65 -3.24 -43.90
N ASN M 194 2.49 -4.52 -43.53
CA ASN M 194 1.62 -5.41 -44.26
C ASN M 194 0.27 -5.49 -43.60
N PHE M 195 -0.78 -5.49 -44.43
CA PHE M 195 -2.13 -5.54 -43.91
C PHE M 195 -3.13 -6.18 -44.86
N SER M 196 -4.37 -6.30 -44.40
CA SER M 196 -5.43 -6.87 -45.18
C SER M 196 -6.57 -5.87 -45.28
N LEU M 197 -7.21 -5.82 -46.44
CA LEU M 197 -8.32 -4.90 -46.64
C LEU M 197 -9.49 -5.65 -47.26
N ALA M 198 -10.69 -5.41 -46.75
CA ALA M 198 -11.87 -6.08 -47.25
C ALA M 198 -12.98 -5.08 -47.57
N ILE M 199 -13.67 -5.33 -48.68
CA ILE M 199 -14.76 -4.49 -49.14
C ILE M 199 -15.99 -5.36 -49.20
N ILE M 200 -17.09 -4.84 -48.69
CA ILE M 200 -18.36 -5.54 -48.71
C ILE M 200 -19.28 -4.60 -49.49
N ASP M 201 -19.50 -4.93 -50.75
CA ASP M 201 -20.34 -4.11 -51.63
C ASP M 201 -21.67 -4.82 -51.88
N LYS M 202 -22.76 -4.07 -51.79
CA LYS M 202 -24.08 -4.64 -52.00
C LYS M 202 -24.25 -5.14 -53.43
N ASN M 203 -23.27 -4.88 -54.30
CA ASN M 203 -23.36 -5.32 -55.69
C ASN M 203 -22.25 -6.30 -56.06
N THR M 204 -21.00 -5.90 -55.86
CA THR M 204 -19.86 -6.77 -56.19
C THR M 204 -19.62 -7.87 -55.16
N GLY M 205 -20.36 -7.81 -54.04
CA GLY M 205 -20.21 -8.79 -52.98
C GLY M 205 -19.05 -8.54 -52.02
N LEU M 206 -18.32 -9.59 -51.68
CA LEU M 206 -17.20 -9.46 -50.76
C LEU M 206 -15.85 -9.66 -51.45
N THR M 207 -14.98 -8.67 -51.30
CA THR M 207 -13.64 -8.72 -51.87
C THR M 207 -12.64 -8.66 -50.73
N PHE M 208 -11.84 -9.71 -50.59
CA PHE M 208 -10.88 -9.77 -49.50
C PHE M 208 -9.45 -9.71 -50.05
N LYS M 209 -8.79 -8.58 -49.84
CA LYS M 209 -7.42 -8.40 -50.32
C LYS M 209 -6.40 -8.71 -49.24
N LYS M 210 -5.43 -9.54 -49.56
CA LYS M 210 -4.38 -9.89 -48.61
C LYS M 210 -2.99 -9.39 -49.02
N ASN M 211 -2.07 -9.37 -48.07
CA ASN M 211 -0.68 -8.95 -48.29
C ASN M 211 -0.45 -7.58 -48.89
N LEU M 212 -1.33 -6.63 -48.61
CA LEU M 212 -1.14 -5.28 -49.12
C LEU M 212 0.06 -4.68 -48.40
N GLN M 213 0.60 -3.57 -48.92
CA GLN M 213 1.77 -2.93 -48.31
C GLN M 213 1.71 -1.43 -48.37
N VAL M 214 2.14 -0.77 -47.30
CA VAL M 214 2.14 0.68 -47.29
C VAL M 214 3.20 1.07 -48.30
N GLU M 215 2.79 1.86 -49.28
CA GLU M 215 3.69 2.33 -50.33
C GLU M 215 3.62 3.86 -50.39
N ASN M 216 4.52 4.45 -51.16
CA ASN M 216 4.57 5.90 -51.33
C ASN M 216 4.74 6.64 -50.01
N MET M 217 5.80 6.30 -49.29
CA MET M 217 6.08 6.94 -48.02
C MET M 217 7.08 8.06 -48.25
N LYS M 218 6.99 9.09 -47.41
CA LYS M 218 7.88 10.22 -47.50
C LYS M 218 8.91 10.10 -46.38
N TRP M 219 10.16 9.86 -46.75
CA TRP M 219 11.26 9.72 -45.80
C TRP M 219 12.48 10.52 -46.21
N ASP M 220 12.44 11.13 -47.39
CA ASP M 220 13.59 11.87 -47.88
C ASP M 220 14.07 13.02 -47.00
N PHE M 221 13.13 13.84 -46.50
CA PHE M 221 13.49 14.98 -45.66
C PHE M 221 14.32 14.59 -44.45
N ALA M 222 14.32 13.31 -44.10
CA ALA M 222 15.07 12.85 -42.95
C ALA M 222 16.53 13.25 -43.08
N LYS M 223 17.08 13.25 -44.30
CA LYS M 223 18.48 13.59 -44.50
C LYS M 223 18.81 15.03 -44.07
N ASP M 224 17.82 15.90 -44.13
CA ASP M 224 18.03 17.29 -43.75
C ASP M 224 18.03 17.53 -42.24
N ILE M 225 17.50 16.59 -41.48
CA ILE M 225 17.42 16.72 -40.04
C ILE M 225 18.70 16.22 -39.37
N LYS M 226 19.35 17.11 -38.65
CA LYS M 226 20.54 16.71 -37.94
C LYS M 226 20.56 17.42 -36.61
N GLY M 227 21.00 16.68 -35.60
CA GLY M 227 21.06 17.19 -34.25
C GLY M 227 19.65 17.27 -33.66
N TYR M 228 19.49 18.11 -32.66
CA TYR M 228 18.20 18.29 -32.00
C TYR M 228 18.04 19.72 -31.51
N GLY M 229 18.74 20.64 -32.16
CA GLY M 229 18.69 22.05 -31.80
C GLY M 229 19.78 22.92 -32.40
N THR M 230 20.99 22.82 -31.87
CA THR M 230 22.10 23.64 -32.34
C THR M 230 23.15 22.94 -33.21
N GLN M 231 23.13 21.60 -33.24
CA GLN M 231 24.11 20.85 -34.03
C GLN M 231 23.96 21.08 -35.54
N LYS M 232 25.04 21.52 -36.17
CA LYS M 232 25.02 21.81 -37.61
C LYS M 232 25.38 20.70 -38.61
N ILE M 233 26.11 19.67 -38.15
CA ILE M 233 26.49 18.58 -39.05
C ILE M 233 25.88 17.23 -38.63
N THR N 1 16.19 -20.08 -20.31
CA THR N 1 15.75 -21.28 -21.09
C THR N 1 15.69 -20.98 -22.56
N SER N 2 16.31 -21.84 -23.35
CA SER N 2 16.32 -21.66 -24.79
C SER N 2 15.77 -22.89 -25.49
N ILE N 3 14.61 -22.72 -26.12
CA ILE N 3 13.97 -23.81 -26.84
C ILE N 3 13.54 -23.38 -28.24
N MET N 4 13.73 -24.26 -29.22
CA MET N 4 13.33 -23.97 -30.59
C MET N 4 12.98 -25.24 -31.37
N ALA N 5 12.16 -25.07 -32.39
CA ALA N 5 11.77 -26.17 -33.26
C ALA N 5 11.82 -25.72 -34.73
N VAL N 6 12.48 -26.51 -35.56
CA VAL N 6 12.64 -26.15 -36.97
C VAL N 6 12.18 -27.25 -37.92
N THR N 7 11.35 -26.89 -38.90
CA THR N 7 10.91 -27.87 -39.89
C THR N 7 11.95 -27.87 -40.98
N PHE N 8 12.08 -29.00 -41.69
CA PHE N 8 13.04 -29.08 -42.78
C PHE N 8 12.63 -30.15 -43.78
N LYS N 9 13.43 -30.30 -44.83
CA LYS N 9 13.16 -31.26 -45.90
C LYS N 9 12.58 -32.61 -45.46
N ASP N 10 13.26 -33.28 -44.53
CA ASP N 10 12.83 -34.60 -44.07
C ASP N 10 11.83 -34.66 -42.91
N GLY N 11 11.62 -33.54 -42.21
CA GLY N 11 10.68 -33.57 -41.11
C GLY N 11 10.74 -32.38 -40.19
N VAL N 12 11.23 -32.58 -38.97
CA VAL N 12 11.34 -31.50 -38.00
C VAL N 12 12.33 -31.83 -36.88
N ILE N 13 13.01 -30.81 -36.35
CA ILE N 13 13.97 -31.00 -35.27
C ILE N 13 13.70 -30.05 -34.10
N LEU N 14 13.71 -30.58 -32.89
CA LEU N 14 13.49 -29.79 -31.69
C LEU N 14 14.81 -29.67 -30.92
N GLY N 15 14.99 -28.53 -30.27
CA GLY N 15 16.22 -28.33 -29.50
C GLY N 15 16.02 -27.51 -28.24
N ALA N 16 16.93 -27.66 -27.28
CA ALA N 16 16.84 -26.93 -26.02
C ALA N 16 18.15 -26.97 -25.23
N ASP N 17 18.26 -26.11 -24.22
CA ASP N 17 19.43 -26.08 -23.35
C ASP N 17 18.98 -26.99 -22.22
N SER N 18 19.83 -27.24 -21.22
CA SER N 18 19.43 -28.13 -20.16
C SER N 18 19.46 -27.50 -18.77
N ARG N 19 19.18 -26.21 -18.71
CA ARG N 19 19.24 -25.50 -17.43
C ARG N 19 17.91 -25.06 -16.80
N THR N 20 17.69 -25.48 -15.55
CA THR N 20 16.51 -25.03 -14.81
C THR N 20 17.08 -24.24 -13.63
N THR N 21 16.42 -23.16 -13.28
CA THR N 21 16.89 -22.30 -12.21
C THR N 21 15.80 -21.85 -11.24
N THR N 22 16.24 -21.37 -10.09
CA THR N 22 15.39 -20.80 -9.06
C THR N 22 16.24 -19.58 -8.73
N GLY N 23 15.95 -18.48 -9.39
CA GLY N 23 16.73 -17.28 -9.20
C GLY N 23 18.00 -17.44 -10.01
N ALA N 24 19.14 -17.21 -9.38
CA ALA N 24 20.40 -17.36 -10.09
C ALA N 24 21.03 -18.73 -9.83
N TYR N 25 20.33 -19.57 -9.09
CA TYR N 25 20.87 -20.89 -8.79
C TYR N 25 20.40 -21.92 -9.81
N ILE N 26 21.33 -22.76 -10.27
CA ILE N 26 21.01 -23.80 -11.24
C ILE N 26 20.58 -25.08 -10.53
N ALA N 27 19.28 -25.32 -10.45
CA ALA N 27 18.74 -26.51 -9.78
C ALA N 27 18.95 -27.78 -10.58
N ASN N 28 19.10 -27.62 -11.89
CA ASN N 28 19.32 -28.76 -12.74
C ASN N 28 20.11 -28.24 -13.93
N ARG N 29 21.24 -28.87 -14.23
CA ARG N 29 22.06 -28.46 -15.38
C ARG N 29 22.01 -29.47 -16.51
N VAL N 30 21.26 -30.55 -16.33
CA VAL N 30 21.14 -31.59 -17.36
C VAL N 30 19.69 -31.89 -17.72
N THR N 31 18.81 -30.92 -17.45
CA THR N 31 17.39 -31.03 -17.73
C THR N 31 17.03 -31.44 -19.17
N ASP N 32 15.89 -32.12 -19.32
CA ASP N 32 15.42 -32.52 -20.63
C ASP N 32 14.10 -31.79 -20.88
N LYS N 33 14.23 -30.64 -21.54
CA LYS N 33 13.10 -29.78 -21.87
C LYS N 33 12.35 -30.25 -23.10
N LEU N 34 12.85 -31.33 -23.72
CA LEU N 34 12.21 -31.91 -24.89
C LEU N 34 11.39 -33.10 -24.42
N THR N 35 10.06 -32.92 -24.38
CA THR N 35 9.17 -33.95 -23.90
C THR N 35 8.27 -34.60 -24.95
N ARG N 36 8.12 -35.92 -24.83
CA ARG N 36 7.31 -36.71 -25.75
C ARG N 36 5.84 -36.80 -25.32
N VAL N 37 4.93 -36.47 -26.22
CA VAL N 37 3.50 -36.56 -25.93
C VAL N 37 2.87 -37.67 -26.77
N HIS N 38 3.61 -38.11 -27.79
CA HIS N 38 3.24 -39.22 -28.67
C HIS N 38 4.47 -39.63 -29.44
N ASP N 39 4.44 -40.82 -30.04
CA ASP N 39 5.59 -41.35 -30.80
C ASP N 39 6.30 -40.29 -31.62
N LYS N 40 5.55 -39.57 -32.44
CA LYS N 40 6.19 -38.56 -33.24
C LYS N 40 5.69 -37.13 -33.06
N ILE N 41 5.11 -36.84 -31.90
CA ILE N 41 4.68 -35.49 -31.58
C ILE N 41 5.42 -35.18 -30.30
N TRP N 42 6.28 -34.16 -30.32
CA TRP N 42 7.03 -33.78 -29.13
C TRP N 42 6.80 -32.29 -28.83
N CYS N 43 7.28 -31.83 -27.68
CA CYS N 43 7.12 -30.42 -27.34
C CYS N 43 8.34 -29.85 -26.64
N CYS N 44 8.45 -28.52 -26.66
CA CYS N 44 9.54 -27.81 -26.00
C CYS N 44 8.89 -27.03 -24.88
N ARG N 45 9.43 -27.16 -23.67
CA ARG N 45 8.86 -26.49 -22.52
C ARG N 45 9.69 -25.30 -22.01
N SER N 46 8.97 -24.23 -21.67
CA SER N 46 9.57 -23.01 -21.10
C SER N 46 8.57 -22.42 -20.11
N GLY N 47 9.07 -21.69 -19.12
CA GLY N 47 8.21 -21.11 -18.12
C GLY N 47 8.35 -21.94 -16.87
N SER N 48 7.25 -22.14 -16.15
CA SER N 48 7.26 -22.93 -14.93
C SER N 48 7.47 -24.40 -15.23
N ALA N 49 8.48 -25.01 -14.61
CA ALA N 49 8.73 -26.43 -14.83
C ALA N 49 7.51 -27.19 -14.36
N ALA N 50 7.07 -26.91 -13.14
CA ALA N 50 5.90 -27.59 -12.58
C ALA N 50 4.71 -27.51 -13.54
N ASP N 51 4.39 -26.31 -14.02
CA ASP N 51 3.26 -26.17 -14.91
C ASP N 51 3.42 -26.87 -16.24
N THR N 52 4.53 -26.64 -16.92
CA THR N 52 4.71 -27.28 -18.23
C THR N 52 4.67 -28.80 -18.14
N GLN N 53 5.20 -29.34 -17.05
CA GLN N 53 5.17 -30.80 -16.85
C GLN N 53 3.73 -31.27 -16.67
N ALA N 54 3.02 -30.67 -15.72
CA ALA N 54 1.62 -31.02 -15.46
C ALA N 54 0.82 -30.95 -16.75
N ILE N 55 1.11 -29.94 -17.56
CA ILE N 55 0.43 -29.75 -18.84
C ILE N 55 0.79 -30.84 -19.83
N ALA N 56 2.09 -31.09 -19.99
CA ALA N 56 2.54 -32.11 -20.92
C ALA N 56 1.97 -33.47 -20.52
N ASP N 57 1.93 -33.75 -19.22
CA ASP N 57 1.41 -35.03 -18.73
C ASP N 57 -0.04 -35.23 -19.14
N ILE N 58 -0.85 -34.19 -18.97
CA ILE N 58 -2.25 -34.27 -19.36
C ILE N 58 -2.35 -34.46 -20.87
N VAL N 59 -1.59 -33.71 -21.63
CA VAL N 59 -1.65 -33.83 -23.09
C VAL N 59 -1.30 -35.26 -23.54
N GLN N 60 -0.28 -35.85 -22.93
CA GLN N 60 0.13 -37.21 -23.27
C GLN N 60 -1.03 -38.16 -22.99
N TYR N 61 -1.66 -37.96 -21.84
CA TYR N 61 -2.81 -38.78 -21.45
C TYR N 61 -3.92 -38.63 -22.51
N HIS N 62 -4.22 -37.40 -22.89
CA HIS N 62 -5.26 -37.14 -23.88
C HIS N 62 -4.97 -37.75 -25.25
N LEU N 63 -3.72 -37.68 -25.69
CA LEU N 63 -3.39 -38.25 -26.99
C LEU N 63 -3.44 -39.77 -26.95
N GLU N 64 -3.05 -40.35 -25.82
CA GLU N 64 -3.10 -41.80 -25.69
C GLU N 64 -4.53 -42.32 -25.78
N LEU N 65 -5.49 -41.61 -25.19
CA LEU N 65 -6.87 -42.02 -25.25
C LEU N 65 -7.45 -41.73 -26.64
N TYR N 66 -6.94 -40.70 -27.29
CA TYR N 66 -7.38 -40.35 -28.65
C TYR N 66 -6.96 -41.49 -29.58
N THR N 67 -5.73 -41.95 -29.39
CA THR N 67 -5.17 -43.02 -30.19
C THR N 67 -5.94 -44.35 -30.02
N SER N 68 -6.29 -44.67 -28.77
CA SER N 68 -7.04 -45.89 -28.46
C SER N 68 -8.36 -45.94 -29.21
N GLN N 69 -8.90 -44.77 -29.52
CA GLN N 69 -10.18 -44.73 -30.22
C GLN N 69 -10.12 -44.35 -31.68
N TYR N 70 -9.28 -43.36 -32.00
CA TYR N 70 -9.21 -42.89 -33.38
C TYR N 70 -7.88 -43.01 -34.09
N GLY N 71 -6.95 -43.77 -33.53
CA GLY N 71 -5.66 -43.91 -34.18
C GLY N 71 -4.76 -42.71 -33.97
N THR N 72 -3.63 -42.69 -34.66
CA THR N 72 -2.67 -41.59 -34.55
C THR N 72 -3.27 -40.19 -34.75
N PRO N 73 -3.01 -39.29 -33.80
CA PRO N 73 -3.52 -37.92 -33.87
C PRO N 73 -2.60 -37.04 -34.71
N SER N 74 -3.16 -35.99 -35.28
CA SER N 74 -2.37 -35.08 -36.10
C SER N 74 -1.53 -34.19 -35.18
N THR N 75 -0.47 -33.60 -35.73
CA THR N 75 0.36 -32.71 -34.95
C THR N 75 -0.49 -31.50 -34.58
N GLU N 76 -1.38 -31.12 -35.50
CA GLU N 76 -2.27 -29.98 -35.29
C GLU N 76 -3.21 -30.23 -34.11
N THR N 77 -3.69 -31.46 -33.97
CA THR N 77 -4.58 -31.82 -32.88
C THR N 77 -3.87 -31.68 -31.54
N ALA N 78 -2.66 -32.23 -31.45
CA ALA N 78 -1.89 -32.14 -30.21
C ALA N 78 -1.79 -30.68 -29.77
N ALA N 79 -1.42 -29.81 -30.71
CA ALA N 79 -1.29 -28.38 -30.41
C ALA N 79 -2.61 -27.82 -29.89
N SER N 80 -3.71 -28.31 -30.45
CA SER N 80 -5.04 -27.87 -30.05
C SER N 80 -5.35 -28.25 -28.59
N VAL N 81 -4.80 -29.37 -28.15
CA VAL N 81 -5.03 -29.81 -26.78
C VAL N 81 -4.20 -28.95 -25.82
N PHE N 82 -2.97 -28.63 -26.22
CA PHE N 82 -2.09 -27.77 -25.43
C PHE N 82 -2.79 -26.42 -25.27
N LYS N 83 -3.31 -25.92 -26.39
CA LYS N 83 -4.01 -24.64 -26.41
C LYS N 83 -5.19 -24.63 -25.46
N GLU N 84 -5.99 -25.68 -25.54
CA GLU N 84 -7.18 -25.79 -24.72
C GLU N 84 -6.83 -25.66 -23.23
N LEU N 85 -5.73 -26.29 -22.84
CA LEU N 85 -5.29 -26.24 -21.44
C LEU N 85 -4.69 -24.88 -21.11
N CYS N 86 -3.76 -24.43 -21.95
CA CYS N 86 -3.10 -23.14 -21.74
C CYS N 86 -4.03 -21.94 -21.74
N TYR N 87 -4.94 -21.89 -22.70
CA TYR N 87 -5.88 -20.78 -22.84
C TYR N 87 -6.89 -20.74 -21.70
N GLU N 88 -7.58 -21.85 -21.50
CA GLU N 88 -8.60 -21.95 -20.48
C GLU N 88 -8.09 -21.79 -19.05
N ASN N 89 -6.78 -21.94 -18.85
CA ASN N 89 -6.18 -21.82 -17.52
C ASN N 89 -5.06 -20.79 -17.51
N LYS N 90 -5.16 -19.81 -18.41
CA LYS N 90 -4.14 -18.75 -18.54
C LYS N 90 -3.83 -17.99 -17.27
N ASP N 91 -4.84 -17.82 -16.43
CA ASP N 91 -4.69 -17.10 -15.17
C ASP N 91 -3.80 -17.80 -14.15
N ASN N 92 -3.70 -19.13 -14.26
CA ASN N 92 -2.91 -19.91 -13.31
C ASN N 92 -1.76 -20.66 -13.94
N LEU N 93 -1.29 -20.20 -15.09
CA LEU N 93 -0.20 -20.90 -15.75
C LEU N 93 0.83 -19.99 -16.34
N THR N 94 2.06 -20.45 -16.28
CA THR N 94 3.19 -19.74 -16.86
C THR N 94 3.88 -20.80 -17.72
N ALA N 95 3.31 -21.03 -18.91
CA ALA N 95 3.85 -22.01 -19.83
C ALA N 95 4.00 -21.48 -21.24
N GLY N 96 5.20 -21.64 -21.79
CA GLY N 96 5.45 -21.25 -23.16
C GLY N 96 5.79 -22.58 -23.80
N ILE N 97 4.94 -23.08 -24.69
CA ILE N 97 5.21 -24.37 -25.29
C ILE N 97 5.29 -24.42 -26.82
N ILE N 98 6.29 -25.15 -27.32
CA ILE N 98 6.49 -25.33 -28.76
C ILE N 98 6.06 -26.78 -29.06
N VAL N 99 5.14 -26.96 -29.99
CA VAL N 99 4.69 -28.30 -30.36
C VAL N 99 5.21 -28.64 -31.76
N ALA N 100 5.84 -29.79 -31.92
CA ALA N 100 6.39 -30.20 -33.21
C ALA N 100 6.25 -31.71 -33.40
N GLY N 101 5.76 -32.11 -34.56
CA GLY N 101 5.59 -33.53 -34.81
C GLY N 101 5.74 -33.91 -36.26
N TYR N 102 6.03 -35.18 -36.50
CA TYR N 102 6.19 -35.69 -37.85
C TYR N 102 5.03 -36.58 -38.28
N ASP N 103 4.37 -36.14 -39.33
CA ASP N 103 3.24 -36.81 -39.92
C ASP N 103 3.70 -37.24 -41.32
N ASP N 104 3.19 -38.37 -41.81
CA ASP N 104 3.61 -38.81 -43.13
C ASP N 104 2.99 -37.95 -44.23
N LYS N 105 1.77 -37.50 -43.98
CA LYS N 105 1.04 -36.67 -44.93
C LYS N 105 1.53 -35.22 -44.91
N ASN N 106 1.81 -34.68 -43.71
CA ASN N 106 2.25 -33.30 -43.57
C ASN N 106 3.73 -33.10 -43.34
N LYS N 107 4.49 -34.18 -43.38
CA LYS N 107 5.92 -34.11 -43.14
C LYS N 107 6.15 -33.61 -41.70
N GLY N 108 6.76 -32.43 -41.54
CA GLY N 108 7.01 -31.89 -40.22
C GLY N 108 6.28 -30.57 -39.96
N GLU N 109 5.74 -30.40 -38.76
CA GLU N 109 5.03 -29.17 -38.42
C GLU N 109 5.43 -28.59 -37.06
N VAL N 110 5.30 -27.27 -36.96
CA VAL N 110 5.63 -26.56 -35.74
C VAL N 110 4.55 -25.53 -35.34
N TYR N 111 4.07 -25.65 -34.11
CA TYR N 111 3.07 -24.73 -33.57
C TYR N 111 3.65 -24.16 -32.27
N THR N 112 3.55 -22.86 -32.10
CA THR N 112 4.07 -22.22 -30.90
C THR N 112 2.88 -21.68 -30.09
N ILE N 113 2.88 -21.99 -28.80
CA ILE N 113 1.83 -21.54 -27.92
C ILE N 113 2.45 -20.67 -26.84
N PRO N 114 2.33 -19.34 -27.00
CA PRO N 114 2.87 -18.36 -26.05
C PRO N 114 2.00 -18.27 -24.81
N LEU N 115 2.37 -17.36 -23.91
CA LEU N 115 1.65 -17.19 -22.65
C LEU N 115 0.14 -17.08 -22.74
N GLY N 116 -0.38 -16.19 -23.57
CA GLY N 116 -1.84 -16.09 -23.61
C GLY N 116 -2.64 -17.36 -23.89
N GLY N 117 -2.07 -18.28 -24.68
CA GLY N 117 -2.79 -19.49 -25.03
C GLY N 117 -3.14 -19.46 -26.51
N SER N 118 -2.65 -18.45 -27.22
CA SER N 118 -2.91 -18.33 -28.65
C SER N 118 -2.04 -19.38 -29.38
N VAL N 119 -2.44 -19.77 -30.59
CA VAL N 119 -1.66 -20.75 -31.32
C VAL N 119 -1.17 -20.20 -32.64
N HIS N 120 0.10 -20.47 -32.94
CA HIS N 120 0.69 -19.97 -34.18
C HIS N 120 1.50 -21.05 -34.88
N LYS N 121 1.12 -21.40 -36.11
CA LYS N 121 1.83 -22.43 -36.88
C LYS N 121 2.94 -21.74 -37.69
N LEU N 122 4.16 -22.27 -37.59
CA LEU N 122 5.27 -21.63 -38.26
C LEU N 122 6.29 -22.61 -38.85
N PRO N 123 7.15 -22.12 -39.76
CA PRO N 123 8.19 -22.90 -40.43
C PRO N 123 9.18 -23.34 -39.35
N TYR N 124 9.31 -22.49 -38.34
CA TYR N 124 10.20 -22.73 -37.20
C TYR N 124 9.82 -21.72 -36.11
N ALA N 125 10.07 -22.08 -34.85
CA ALA N 125 9.75 -21.19 -33.75
C ALA N 125 10.80 -21.28 -32.67
N ILE N 126 11.02 -20.15 -32.02
CA ILE N 126 11.97 -20.07 -30.92
C ILE N 126 11.22 -19.49 -29.73
N ALA N 127 11.68 -19.83 -28.52
CA ALA N 127 11.04 -19.34 -27.32
C ALA N 127 11.97 -19.53 -26.10
N GLY N 128 11.56 -18.93 -24.99
CA GLY N 128 12.37 -18.99 -23.79
C GLY N 128 13.13 -17.68 -23.65
N SER N 129 13.52 -17.33 -22.43
CA SER N 129 14.25 -16.08 -22.21
C SER N 129 15.44 -15.91 -23.16
N GLY N 130 16.13 -17.00 -23.49
CA GLY N 130 17.29 -16.90 -24.37
C GLY N 130 16.95 -16.61 -25.83
N SER N 131 15.71 -16.85 -26.22
CA SER N 131 15.33 -16.63 -27.60
C SER N 131 15.47 -15.19 -28.05
N THR N 132 15.22 -14.24 -27.15
CA THR N 132 15.30 -12.83 -27.51
C THR N 132 16.63 -12.44 -28.14
N PHE N 133 17.70 -13.11 -27.73
CA PHE N 133 19.02 -12.81 -28.24
C PHE N 133 19.33 -13.33 -29.62
N ILE N 134 18.51 -14.26 -30.10
CA ILE N 134 18.76 -14.83 -31.42
C ILE N 134 17.68 -14.57 -32.45
N TYR N 135 16.76 -13.64 -32.16
CA TYR N 135 15.72 -13.33 -33.13
C TYR N 135 16.40 -12.91 -34.41
N GLY N 136 17.37 -12.00 -34.29
CA GLY N 136 18.09 -11.53 -35.46
C GLY N 136 18.82 -12.64 -36.20
N TYR N 137 19.67 -13.35 -35.48
CA TYR N 137 20.43 -14.45 -36.07
C TYR N 137 19.53 -15.45 -36.80
N CYS N 138 18.49 -15.92 -36.11
CA CYS N 138 17.57 -16.89 -36.68
C CYS N 138 16.84 -16.39 -37.92
N ASP N 139 16.41 -15.13 -37.91
CA ASP N 139 15.71 -14.59 -39.06
C ASP N 139 16.68 -14.46 -40.26
N LYS N 140 17.96 -14.30 -39.96
CA LYS N 140 18.95 -14.14 -41.03
C LYS N 140 19.47 -15.42 -41.63
N ASN N 141 19.41 -16.53 -40.89
CA ASN N 141 19.93 -17.79 -41.41
C ASN N 141 18.91 -18.86 -41.77
N PHE N 142 17.68 -18.76 -41.26
CA PHE N 142 16.71 -19.79 -41.59
C PHE N 142 16.29 -19.82 -43.05
N ARG N 143 16.33 -21.02 -43.61
CA ARG N 143 15.94 -21.30 -44.99
C ARG N 143 14.96 -22.47 -44.92
N GLU N 144 14.00 -22.52 -45.83
CA GLU N 144 13.06 -23.62 -45.81
C GLU N 144 13.63 -24.83 -46.55
N ASN N 145 13.30 -26.02 -46.05
CA ASN N 145 13.76 -27.26 -46.65
C ASN N 145 15.25 -27.53 -46.54
N MET N 146 15.82 -27.22 -45.39
CA MET N 146 17.23 -27.46 -45.18
C MET N 146 17.45 -28.97 -44.99
N SER N 147 18.69 -29.41 -45.12
CA SER N 147 19.00 -30.82 -44.94
C SER N 147 19.11 -31.11 -43.46
N LYS N 148 19.09 -32.39 -43.08
CA LYS N 148 19.19 -32.73 -41.68
C LYS N 148 20.46 -32.13 -41.07
N GLU N 149 21.58 -32.20 -41.78
CA GLU N 149 22.83 -31.64 -41.23
C GLU N 149 22.78 -30.11 -41.12
N GLU N 150 22.17 -29.46 -42.12
CA GLU N 150 22.07 -28.01 -42.11
C GLU N 150 21.22 -27.58 -40.91
N THR N 151 20.08 -28.27 -40.75
CA THR N 151 19.16 -27.99 -39.66
C THR N 151 19.80 -28.15 -38.30
N VAL N 152 20.53 -29.24 -38.10
CA VAL N 152 21.21 -29.46 -36.83
C VAL N 152 22.22 -28.35 -36.55
N ASP N 153 22.82 -27.81 -37.62
CA ASP N 153 23.78 -26.71 -37.50
C ASP N 153 23.08 -25.42 -37.12
N PHE N 154 22.01 -25.11 -37.85
CA PHE N 154 21.22 -23.92 -37.60
C PHE N 154 20.76 -23.88 -36.14
N ILE N 155 20.28 -25.00 -35.62
CA ILE N 155 19.84 -25.08 -34.23
C ILE N 155 21.03 -25.00 -33.29
N LYS N 156 22.10 -25.72 -33.61
CA LYS N 156 23.26 -25.73 -32.73
C LYS N 156 23.92 -24.35 -32.58
N HIS N 157 23.98 -23.59 -33.66
CA HIS N 157 24.59 -22.27 -33.60
C HIS N 157 23.67 -21.28 -32.88
N SER N 158 22.37 -21.40 -33.14
CA SER N 158 21.38 -20.53 -32.52
C SER N 158 21.31 -20.70 -31.01
N LEU N 159 21.30 -21.95 -30.57
CA LEU N 159 21.21 -22.21 -29.14
C LEU N 159 22.51 -21.88 -28.42
N SER N 160 23.64 -22.01 -29.11
CA SER N 160 24.90 -21.69 -28.46
C SER N 160 24.95 -20.18 -28.20
N GLN N 161 24.31 -19.42 -29.07
CA GLN N 161 24.28 -17.96 -28.88
C GLN N 161 23.32 -17.61 -27.74
N ALA N 162 22.17 -18.26 -27.72
CA ALA N 162 21.17 -18.05 -26.69
C ALA N 162 21.82 -18.34 -25.34
N ILE N 163 22.45 -19.51 -25.23
CA ILE N 163 23.13 -19.93 -24.00
C ILE N 163 24.24 -18.95 -23.58
N LYS N 164 24.93 -18.40 -24.58
CA LYS N 164 26.02 -17.47 -24.35
C LYS N 164 25.59 -16.20 -23.64
N TRP N 165 24.53 -15.59 -24.15
CA TRP N 165 24.02 -14.35 -23.62
C TRP N 165 23.04 -14.46 -22.46
N ASP N 166 22.19 -15.48 -22.49
CA ASP N 166 21.19 -15.68 -21.42
C ASP N 166 21.68 -16.52 -20.25
N GLY N 167 21.63 -15.95 -19.06
CA GLY N 167 22.07 -16.65 -17.88
C GLY N 167 21.13 -17.77 -17.48
N SER N 168 19.89 -17.70 -17.96
CA SER N 168 18.91 -18.72 -17.64
C SER N 168 19.05 -19.95 -18.54
N SER N 169 19.98 -19.88 -19.49
CA SER N 169 20.23 -20.97 -20.41
C SER N 169 21.63 -21.52 -20.24
N GLY N 170 21.81 -22.79 -20.57
CA GLY N 170 23.13 -23.40 -20.42
C GLY N 170 23.13 -24.92 -20.35
N GLY N 171 24.28 -25.47 -20.01
CA GLY N 171 24.41 -26.92 -19.94
C GLY N 171 24.68 -27.52 -21.31
N VAL N 172 23.98 -28.60 -21.64
CA VAL N 172 24.15 -29.26 -22.92
C VAL N 172 23.03 -28.87 -23.89
N ILE N 173 23.27 -28.99 -25.19
CA ILE N 173 22.21 -28.68 -26.14
C ILE N 173 21.58 -30.03 -26.49
N ARG N 174 20.26 -30.13 -26.36
CA ARG N 174 19.57 -31.37 -26.69
C ARG N 174 18.71 -31.19 -27.94
N MET N 175 18.70 -32.22 -28.77
CA MET N 175 17.90 -32.19 -29.98
C MET N 175 17.15 -33.50 -30.11
N VAL N 176 16.05 -33.47 -30.85
CA VAL N 176 15.24 -34.65 -31.11
C VAL N 176 14.84 -34.55 -32.58
N VAL N 177 15.23 -35.54 -33.38
CA VAL N 177 14.93 -35.53 -34.81
C VAL N 177 13.71 -36.39 -35.14
N LEU N 178 12.70 -35.75 -35.73
CA LEU N 178 11.47 -36.41 -36.09
C LEU N 178 11.28 -36.49 -37.60
N THR N 179 11.37 -37.72 -38.13
CA THR N 179 11.22 -38.00 -39.58
C THR N 179 10.56 -39.36 -39.78
N ALA N 180 10.38 -39.75 -41.04
CA ALA N 180 9.76 -41.03 -41.35
C ALA N 180 10.69 -42.14 -40.84
N ALA N 181 11.99 -41.85 -40.84
CA ALA N 181 13.01 -42.79 -40.38
C ALA N 181 12.75 -43.23 -38.95
N GLY N 182 12.21 -42.32 -38.14
CA GLY N 182 11.94 -42.64 -36.76
C GLY N 182 12.24 -41.47 -35.83
N VAL N 183 12.83 -41.78 -34.68
CA VAL N 183 13.14 -40.73 -33.71
C VAL N 183 14.58 -40.82 -33.23
N GLU N 184 15.33 -39.73 -33.46
CA GLU N 184 16.73 -39.65 -33.08
C GLU N 184 17.03 -38.57 -32.03
N ARG N 185 17.83 -38.94 -31.03
CA ARG N 185 18.26 -38.05 -29.96
C ARG N 185 19.68 -37.54 -30.20
N LEU N 186 19.90 -36.25 -30.05
CA LEU N 186 21.24 -35.68 -30.23
C LEU N 186 21.64 -34.85 -29.03
N ILE N 187 22.92 -34.92 -28.68
CA ILE N 187 23.43 -34.14 -27.56
C ILE N 187 24.73 -33.47 -27.96
N PHE N 188 24.94 -32.26 -27.48
CA PHE N 188 26.14 -31.49 -27.79
C PHE N 188 26.62 -30.84 -26.51
N TYR N 189 27.89 -31.08 -26.20
CA TYR N 189 28.48 -30.58 -24.99
C TYR N 189 29.11 -29.19 -25.09
N PRO N 190 29.28 -28.51 -23.95
CA PRO N 190 29.86 -27.17 -23.90
C PRO N 190 31.14 -27.03 -24.72
N ASP N 191 32.12 -27.89 -24.46
CA ASP N 191 33.38 -27.84 -25.17
C ASP N 191 33.28 -27.82 -26.68
N GLU N 192 32.12 -28.15 -27.22
CA GLU N 192 31.97 -28.11 -28.66
C GLU N 192 31.26 -26.84 -29.12
N TYR N 193 30.03 -26.65 -28.64
CA TYR N 193 29.23 -25.48 -29.04
C TYR N 193 29.69 -24.11 -28.51
N GLU N 194 30.53 -24.08 -27.48
CA GLU N 194 31.00 -22.80 -26.96
C GLU N 194 32.06 -22.17 -27.86
N GLN N 195 32.61 -22.96 -28.77
CA GLN N 195 33.65 -22.45 -29.66
C GLN N 195 33.18 -22.22 -31.09
N LEU N 196 31.89 -22.34 -31.32
CA LEU N 196 31.34 -22.10 -32.64
C LEU N 196 31.38 -20.60 -32.93
N MET O 1 42.20 36.12 0.88
CA MET O 1 41.25 36.52 -0.20
C MET O 1 40.03 37.15 0.46
N THR O 2 38.89 37.03 -0.23
CA THR O 2 37.62 37.56 0.24
C THR O 2 37.69 39.06 0.48
N ASP O 3 36.74 39.77 -0.11
CA ASP O 3 36.65 41.20 0.01
C ASP O 3 36.60 41.59 1.49
N ARG O 4 37.72 42.05 2.03
CA ARG O 4 37.79 42.46 3.43
C ARG O 4 37.44 43.94 3.57
N TYR O 5 36.95 44.52 2.48
CA TYR O 5 36.54 45.92 2.45
C TYR O 5 35.04 45.97 2.71
N SER O 6 34.64 45.73 3.94
CA SER O 6 33.22 45.72 4.30
C SER O 6 32.73 47.06 4.81
N PHE O 7 33.64 48.04 4.89
CA PHE O 7 33.34 49.37 5.38
C PHE O 7 33.21 50.39 4.26
N SER O 8 32.65 51.55 4.59
CA SER O 8 32.44 52.61 3.62
C SER O 8 33.72 53.27 3.14
N LEU O 9 33.74 53.66 1.88
CA LEU O 9 34.86 54.36 1.31
C LEU O 9 34.46 55.81 1.08
N THR O 10 33.15 56.07 1.20
CA THR O 10 32.63 57.43 1.06
C THR O 10 32.09 57.81 2.42
N THR O 11 32.70 58.79 3.08
CA THR O 11 32.26 59.21 4.41
C THR O 11 32.18 60.73 4.58
N PHE O 12 31.67 61.18 5.71
CA PHE O 12 31.55 62.61 5.97
C PHE O 12 32.82 63.24 6.49
N SER O 13 33.15 64.41 5.95
CA SER O 13 34.33 65.14 6.38
C SER O 13 33.84 66.15 7.41
N PRO O 14 34.76 66.62 8.28
CA PRO O 14 34.37 67.60 9.31
C PRO O 14 33.47 68.72 8.80
N SER O 15 33.71 69.19 7.57
CA SER O 15 32.91 70.26 7.00
C SER O 15 31.50 69.79 6.65
N GLY O 16 31.33 68.48 6.49
CA GLY O 16 30.03 67.94 6.16
C GLY O 16 29.95 67.42 4.74
N LYS O 17 31.03 67.58 4.00
CA LYS O 17 31.10 67.13 2.62
C LYS O 17 31.34 65.62 2.54
N LEU O 18 30.92 65.02 1.44
CA LEU O 18 31.16 63.61 1.20
C LEU O 18 32.15 63.62 0.03
N GLY O 19 33.43 63.59 0.38
CA GLY O 19 34.51 63.64 -0.58
C GLY O 19 34.36 62.94 -1.90
N GLN O 20 34.21 61.62 -1.85
CA GLN O 20 34.07 60.81 -3.05
C GLN O 20 32.92 61.22 -3.99
N ILE O 21 31.82 61.72 -3.43
CA ILE O 21 30.70 62.18 -4.24
C ILE O 21 31.20 63.40 -5.01
N ASP O 22 31.85 64.31 -4.28
CA ASP O 22 32.39 65.53 -4.87
C ASP O 22 33.31 65.20 -6.02
N TYR O 23 34.30 64.35 -5.73
CA TYR O 23 35.26 63.97 -6.75
C TYR O 23 34.60 63.32 -7.95
N ALA O 24 33.60 62.49 -7.70
CA ALA O 24 32.89 61.84 -8.81
C ALA O 24 32.28 62.94 -9.69
N LEU O 25 31.71 63.96 -9.07
CA LEU O 25 31.11 65.07 -9.81
C LEU O 25 32.20 65.79 -10.59
N THR O 26 33.42 65.83 -10.04
CA THR O 26 34.53 66.48 -10.71
C THR O 26 34.84 65.67 -11.97
N ALA O 27 34.67 64.36 -11.86
CA ALA O 27 34.90 63.48 -12.99
C ALA O 27 33.87 63.76 -14.07
N VAL O 28 32.64 64.06 -13.66
CA VAL O 28 31.57 64.34 -14.62
C VAL O 28 31.88 65.62 -15.38
N LYS O 29 32.41 66.62 -14.67
CA LYS O 29 32.77 67.91 -15.26
C LYS O 29 33.78 67.79 -16.39
N GLN O 30 34.74 66.89 -16.22
CA GLN O 30 35.76 66.68 -17.26
C GLN O 30 35.12 65.99 -18.46
N GLY O 31 34.01 65.30 -18.24
CA GLY O 31 33.33 64.58 -19.30
C GLY O 31 32.77 65.41 -20.44
N VAL O 32 32.64 64.79 -21.60
CA VAL O 32 32.09 65.46 -22.78
C VAL O 32 30.66 65.96 -22.50
N THR O 33 30.29 67.07 -23.11
CA THR O 33 28.96 67.61 -22.92
C THR O 33 27.84 66.78 -23.54
N SER O 34 26.70 66.74 -22.85
CA SER O 34 25.51 66.04 -23.31
C SER O 34 24.31 66.83 -22.75
N LEU O 35 23.19 66.78 -23.46
CA LEU O 35 22.01 67.53 -23.03
C LEU O 35 20.68 66.85 -23.30
N GLY O 36 19.62 67.47 -22.79
CA GLY O 36 18.28 66.96 -22.98
C GLY O 36 17.27 68.09 -22.98
N ILE O 37 16.38 68.08 -23.94
CA ILE O 37 15.35 69.11 -24.05
C ILE O 37 13.98 68.44 -24.13
N LYS O 38 13.02 69.03 -23.45
CA LYS O 38 11.66 68.51 -23.45
C LYS O 38 10.73 69.44 -24.24
N ALA O 39 10.02 68.87 -25.21
CA ALA O 39 9.05 69.61 -26.03
C ALA O 39 7.66 69.14 -25.56
N THR O 40 6.63 69.57 -26.28
CA THR O 40 5.26 69.20 -25.89
C THR O 40 4.87 67.83 -26.42
N ASN O 41 5.58 67.35 -27.43
CA ASN O 41 5.27 66.05 -27.98
C ASN O 41 6.52 65.23 -28.18
N GLY O 42 7.38 65.24 -27.16
CA GLY O 42 8.61 64.48 -27.24
C GLY O 42 9.75 65.07 -26.45
N VAL O 43 10.84 64.31 -26.35
CA VAL O 43 12.03 64.74 -25.65
C VAL O 43 13.19 64.37 -26.56
N VAL O 44 14.28 65.12 -26.44
CA VAL O 44 15.46 64.85 -27.24
C VAL O 44 16.68 64.86 -26.32
N ILE O 45 17.54 63.86 -26.47
CA ILE O 45 18.77 63.79 -25.69
C ILE O 45 19.87 63.70 -26.73
N ALA O 46 20.99 64.37 -26.44
CA ALA O 46 22.11 64.38 -27.37
C ALA O 46 23.46 64.53 -26.69
N THR O 47 24.51 64.15 -27.39
CA THR O 47 25.85 64.24 -26.87
C THR O 47 26.86 64.18 -28.02
N GLU O 48 28.12 64.39 -27.68
CA GLU O 48 29.20 64.37 -28.67
C GLU O 48 29.95 63.04 -28.66
N LYS O 49 30.14 62.46 -29.84
CA LYS O 49 30.87 61.21 -29.96
C LYS O 49 32.36 61.49 -30.12
N LYS O 50 33.02 61.74 -28.99
CA LYS O 50 34.45 62.03 -28.98
C LYS O 50 35.25 60.79 -29.33
N SER O 51 35.61 60.63 -30.61
CA SER O 51 36.37 59.48 -31.05
C SER O 51 37.79 59.54 -30.47
N SER O 52 38.23 58.44 -29.87
CA SER O 52 39.56 58.36 -29.25
C SER O 52 40.66 57.84 -30.18
N SER O 53 40.37 57.84 -31.49
CA SER O 53 41.31 57.39 -32.52
C SER O 53 40.54 57.30 -33.82
N PRO O 54 41.14 57.77 -34.92
CA PRO O 54 40.44 57.71 -36.21
C PRO O 54 40.26 56.27 -36.67
N LEU O 55 41.08 55.37 -36.16
CA LEU O 55 40.99 53.96 -36.54
C LEU O 55 39.79 53.28 -35.89
N ALA O 56 39.34 53.82 -34.76
CA ALA O 56 38.20 53.27 -34.05
C ALA O 56 36.93 53.55 -34.85
N MET O 57 35.90 52.74 -34.65
CA MET O 57 34.64 52.91 -35.36
C MET O 57 33.67 53.42 -34.31
N SER O 58 33.33 54.69 -34.40
CA SER O 58 32.44 55.31 -33.42
C SER O 58 30.98 54.84 -33.36
N GLU O 59 30.56 54.01 -34.31
CA GLU O 59 29.20 53.51 -34.28
C GLU O 59 29.16 52.40 -33.24
N THR O 60 30.23 51.61 -33.18
CA THR O 60 30.31 50.51 -32.22
C THR O 60 30.28 51.03 -30.78
N LEU O 61 30.23 52.34 -30.62
CA LEU O 61 30.20 52.89 -29.28
C LEU O 61 29.04 53.85 -29.12
N SER O 62 27.97 53.39 -28.47
CA SER O 62 26.81 54.24 -28.25
C SER O 62 26.83 54.91 -26.88
N LYS O 63 26.51 56.19 -26.85
CA LYS O 63 26.45 56.94 -25.60
C LYS O 63 24.97 57.09 -25.28
N VAL O 64 24.16 56.97 -26.31
CA VAL O 64 22.72 57.05 -26.16
C VAL O 64 22.19 55.63 -26.17
N SER O 65 21.58 55.22 -25.06
CA SER O 65 21.05 53.88 -24.93
C SER O 65 19.56 53.80 -24.63
N LEU O 66 18.94 52.75 -25.14
CA LEU O 66 17.53 52.49 -24.92
C LEU O 66 17.46 51.66 -23.65
N LEU O 67 16.61 52.08 -22.71
CA LEU O 67 16.42 51.35 -21.47
C LEU O 67 15.19 50.48 -21.67
N THR O 68 14.10 51.11 -22.10
CA THR O 68 12.85 50.41 -22.39
C THR O 68 12.41 51.02 -23.71
N PRO O 69 11.41 50.43 -24.38
CA PRO O 69 10.99 51.04 -25.66
C PRO O 69 10.49 52.50 -25.59
N ASP O 70 10.32 53.04 -24.39
CA ASP O 70 9.85 54.41 -24.23
C ASP O 70 10.78 55.23 -23.34
N ILE O 71 11.95 54.68 -23.05
CA ILE O 71 12.93 55.39 -22.22
C ILE O 71 14.35 55.24 -22.78
N GLY O 72 15.09 56.35 -22.83
CA GLY O 72 16.44 56.34 -23.30
C GLY O 72 17.33 57.10 -22.31
N ALA O 73 18.63 56.86 -22.38
CA ALA O 73 19.54 57.53 -21.48
C ALA O 73 20.81 58.04 -22.17
N VAL O 74 21.43 59.02 -21.54
CA VAL O 74 22.67 59.60 -22.03
C VAL O 74 23.44 60.06 -20.80
N TYR O 75 24.75 60.19 -20.93
CA TYR O 75 25.56 60.58 -19.78
C TYR O 75 26.74 61.51 -20.07
N SER O 76 27.48 61.78 -19.01
CA SER O 76 28.70 62.58 -19.01
C SER O 76 29.53 62.09 -17.83
N GLY O 77 30.78 61.72 -18.11
CA GLY O 77 31.65 61.23 -17.07
C GLY O 77 32.41 60.01 -17.57
N MET O 78 32.42 58.96 -16.75
CA MET O 78 33.14 57.74 -17.09
C MET O 78 32.32 56.71 -17.86
N GLY O 79 32.59 56.63 -19.16
CA GLY O 79 31.89 55.70 -20.04
C GLY O 79 31.69 54.28 -19.52
N PRO O 80 32.75 53.63 -19.02
CA PRO O 80 32.54 52.27 -18.52
C PRO O 80 31.47 52.19 -17.43
N ASP O 81 31.51 53.11 -16.46
CA ASP O 81 30.52 53.13 -15.39
C ASP O 81 29.12 53.21 -16.00
N TYR O 82 28.96 54.08 -16.99
CA TYR O 82 27.68 54.23 -17.66
C TYR O 82 27.26 52.89 -18.24
N ARG O 83 28.14 52.29 -19.04
CA ARG O 83 27.82 51.01 -19.67
C ARG O 83 27.20 50.01 -18.70
N VAL O 84 27.91 49.71 -17.61
CA VAL O 84 27.37 48.76 -16.65
C VAL O 84 26.08 49.29 -16.00
N LEU O 85 25.96 50.61 -15.86
CA LEU O 85 24.75 51.16 -15.27
C LEU O 85 23.58 50.88 -16.17
N VAL O 86 23.82 50.95 -17.47
CA VAL O 86 22.77 50.70 -18.44
C VAL O 86 22.31 49.25 -18.41
N ASP O 87 23.24 48.32 -18.27
CA ASP O 87 22.86 46.92 -18.21
C ASP O 87 21.95 46.71 -17.00
N LYS O 88 22.42 47.14 -15.85
CA LYS O 88 21.67 47.00 -14.61
C LYS O 88 20.32 47.69 -14.72
N SER O 89 20.30 48.84 -15.35
CA SER O 89 19.06 49.59 -15.48
C SER O 89 18.03 48.85 -16.31
N ARG O 90 18.48 48.30 -17.43
CA ARG O 90 17.59 47.56 -18.32
C ARG O 90 17.04 46.37 -17.55
N LYS O 91 17.91 45.69 -16.83
CA LYS O 91 17.49 44.51 -16.08
C LYS O 91 16.51 44.82 -14.95
N VAL O 92 16.80 45.84 -14.14
CA VAL O 92 15.91 46.17 -13.04
C VAL O 92 14.52 46.58 -13.54
N ALA O 93 14.46 47.06 -14.78
CA ALA O 93 13.19 47.47 -15.38
C ALA O 93 12.27 46.25 -15.50
N HIS O 94 12.88 45.11 -15.82
CA HIS O 94 12.14 43.85 -15.94
C HIS O 94 11.84 43.25 -14.56
N THR O 95 12.88 42.85 -13.86
CA THR O 95 12.76 42.23 -12.55
C THR O 95 11.92 43.00 -11.51
N SER O 96 11.96 44.32 -11.55
CA SER O 96 11.22 45.10 -10.57
C SER O 96 9.93 45.68 -11.07
N TYR O 97 9.62 45.43 -12.33
CA TYR O 97 8.39 45.96 -12.89
C TYR O 97 7.71 45.11 -13.93
N LYS O 98 8.29 45.00 -15.13
CA LYS O 98 7.64 44.22 -16.17
C LYS O 98 7.24 42.82 -15.73
N ARG O 99 8.14 42.11 -15.06
CA ARG O 99 7.83 40.76 -14.58
C ARG O 99 6.74 40.74 -13.52
N ILE O 100 6.32 41.91 -13.05
CA ILE O 100 5.30 41.95 -12.04
C ILE O 100 3.98 42.54 -12.52
N TYR O 101 4.04 43.63 -13.27
CA TYR O 101 2.82 44.26 -13.73
C TYR O 101 2.53 44.04 -15.20
N GLY O 102 3.42 43.32 -15.88
CA GLY O 102 3.22 43.04 -17.29
C GLY O 102 3.30 44.25 -18.20
N GLU O 103 4.01 45.29 -17.76
CA GLU O 103 4.18 46.49 -18.55
C GLU O 103 5.46 47.20 -18.09
N TYR O 104 6.07 47.98 -18.97
CA TYR O 104 7.29 48.70 -18.61
C TYR O 104 7.02 49.79 -17.57
N PRO O 105 7.99 50.04 -16.70
CA PRO O 105 7.85 51.04 -15.65
C PRO O 105 7.76 52.44 -16.20
N PRO O 106 7.09 53.35 -15.48
CA PRO O 106 6.97 54.73 -15.93
C PRO O 106 8.35 55.37 -15.70
N THR O 107 8.71 56.35 -16.51
CA THR O 107 10.01 57.01 -16.40
C THR O 107 10.52 57.34 -14.99
N LYS O 108 9.74 58.08 -14.19
CA LYS O 108 10.18 58.44 -12.85
C LYS O 108 10.59 57.23 -12.03
N LEU O 109 9.81 56.16 -12.12
CA LEU O 109 10.13 54.96 -11.37
C LEU O 109 11.44 54.26 -11.73
N LEU O 110 11.72 54.12 -13.03
CA LEU O 110 12.96 53.49 -13.45
C LEU O 110 14.11 54.39 -13.00
N VAL O 111 13.90 55.70 -13.08
CA VAL O 111 14.92 56.65 -12.66
C VAL O 111 15.22 56.40 -11.19
N SER O 112 14.14 56.22 -10.43
CA SER O 112 14.23 55.98 -9.00
C SER O 112 15.06 54.72 -8.70
N GLU O 113 14.88 53.70 -9.53
CA GLU O 113 15.63 52.45 -9.37
C GLU O 113 17.12 52.73 -9.65
N VAL O 114 17.39 53.40 -10.77
CA VAL O 114 18.75 53.74 -11.16
C VAL O 114 19.42 54.54 -10.05
N ALA O 115 18.70 55.55 -9.57
CA ALA O 115 19.20 56.41 -8.51
C ALA O 115 19.50 55.57 -7.28
N LYS O 116 18.72 54.52 -7.05
CA LYS O 116 18.95 53.65 -5.90
C LYS O 116 20.30 52.94 -6.07
N ILE O 117 20.52 52.35 -7.25
CA ILE O 117 21.76 51.64 -7.56
C ILE O 117 22.97 52.54 -7.25
N MET O 118 22.89 53.80 -7.67
CA MET O 118 23.96 54.76 -7.44
C MET O 118 24.08 55.18 -5.98
N GLN O 119 22.95 55.32 -5.29
CA GLN O 119 22.97 55.72 -3.89
C GLN O 119 23.75 54.67 -3.10
N GLU O 120 23.46 53.41 -3.39
CA GLU O 120 24.12 52.31 -2.72
C GLU O 120 25.64 52.33 -2.91
N ALA O 121 26.08 52.76 -4.09
CA ALA O 121 27.51 52.83 -4.39
C ALA O 121 28.15 53.99 -3.62
N THR O 122 27.33 54.67 -2.83
CA THR O 122 27.73 55.81 -2.03
C THR O 122 27.88 55.42 -0.57
N GLN O 123 27.29 54.30 -0.18
CA GLN O 123 27.33 53.86 1.20
C GLN O 123 27.75 52.40 1.47
N SER O 124 27.51 51.50 0.52
CA SER O 124 27.88 50.10 0.70
C SER O 124 29.36 50.00 0.97
N GLY O 125 29.80 48.85 1.46
CA GLY O 125 31.21 48.67 1.75
C GLY O 125 32.08 48.41 0.55
N GLY O 126 33.34 48.84 0.66
CA GLY O 126 34.34 48.66 -0.38
C GLY O 126 34.11 49.06 -1.82
N VAL O 127 33.40 50.16 -2.07
CA VAL O 127 33.17 50.64 -3.43
C VAL O 127 33.27 52.16 -3.52
N ARG O 128 33.34 52.68 -4.74
CA ARG O 128 33.42 54.12 -4.97
C ARG O 128 32.14 54.49 -5.69
N PRO O 129 31.70 55.75 -5.59
CA PRO O 129 30.47 56.14 -6.28
C PRO O 129 30.67 56.03 -7.79
N PHE O 130 29.59 56.05 -8.57
CA PHE O 130 29.75 55.99 -10.02
C PHE O 130 30.22 57.35 -10.50
N GLY O 131 31.16 57.36 -11.43
CA GLY O 131 31.68 58.62 -11.95
C GLY O 131 30.92 59.17 -13.13
N VAL O 132 29.59 59.13 -13.04
CA VAL O 132 28.75 59.65 -14.12
C VAL O 132 27.51 60.38 -13.64
N SER O 133 26.91 61.13 -14.56
CA SER O 133 25.67 61.85 -14.32
C SER O 133 24.87 61.44 -15.53
N LEU O 134 23.62 61.03 -15.32
CA LEU O 134 22.78 60.60 -16.42
C LEU O 134 21.66 61.58 -16.72
N LEU O 135 21.11 61.46 -17.91
CA LEU O 135 19.98 62.26 -18.34
C LEU O 135 19.08 61.22 -18.97
N ILE O 136 17.92 60.98 -18.35
CA ILE O 136 17.00 59.99 -18.84
C ILE O 136 15.70 60.63 -19.33
N ALA O 137 15.36 60.31 -20.57
CA ALA O 137 14.16 60.84 -21.20
C ALA O 137 13.22 59.69 -21.55
N GLY O 138 11.96 59.84 -21.18
CA GLY O 138 11.00 58.81 -21.47
C GLY O 138 9.56 59.30 -21.48
N HIS O 139 8.64 58.37 -21.72
CA HIS O 139 7.24 58.68 -21.77
C HIS O 139 6.37 57.54 -21.30
N ASP O 140 5.32 57.86 -20.55
CA ASP O 140 4.38 56.85 -20.10
C ASP O 140 2.97 57.42 -20.14
N GLU O 141 2.00 56.54 -20.29
CA GLU O 141 0.60 56.92 -20.41
C GLU O 141 0.01 57.93 -19.42
N PHE O 142 0.39 57.86 -18.13
CA PHE O 142 -0.18 58.78 -17.16
C PHE O 142 0.70 59.94 -16.75
N ASN O 143 1.92 60.00 -17.28
CA ASN O 143 2.83 61.10 -16.93
C ASN O 143 3.30 61.86 -18.15
N GLY O 144 3.11 61.27 -19.33
CA GLY O 144 3.50 61.90 -20.58
C GLY O 144 5.00 61.87 -20.77
N PHE O 145 5.56 62.92 -21.36
CA PHE O 145 7.00 62.98 -21.59
C PHE O 145 7.68 63.60 -20.38
N SER O 146 8.87 63.11 -20.08
CA SER O 146 9.62 63.65 -18.96
C SER O 146 11.11 63.51 -19.19
N LEU O 147 11.87 64.33 -18.46
CA LEU O 147 13.32 64.35 -18.55
C LEU O 147 13.88 64.43 -17.12
N TYR O 148 14.86 63.57 -16.84
CA TYR O 148 15.46 63.53 -15.51
C TYR O 148 16.97 63.51 -15.58
N GLN O 149 17.59 63.87 -14.46
CA GLN O 149 19.03 63.88 -14.35
C GLN O 149 19.34 63.15 -13.07
N VAL O 150 20.32 62.24 -13.11
CA VAL O 150 20.71 61.49 -11.92
C VAL O 150 22.19 61.75 -11.63
N ASP O 151 22.49 62.20 -10.42
CA ASP O 151 23.88 62.48 -10.04
C ASP O 151 24.53 61.35 -9.26
N PRO O 152 25.86 61.36 -9.17
CA PRO O 152 26.61 60.33 -8.45
C PRO O 152 26.12 60.11 -7.01
N SER O 153 25.49 61.11 -6.42
CA SER O 153 25.00 60.97 -5.05
C SER O 153 23.76 60.10 -5.03
N GLY O 154 23.12 59.97 -6.19
CA GLY O 154 21.91 59.18 -6.30
C GLY O 154 20.69 60.07 -6.36
N SER O 155 20.92 61.38 -6.36
CA SER O 155 19.83 62.34 -6.42
C SER O 155 19.40 62.51 -7.87
N TYR O 156 18.12 62.82 -8.06
CA TYR O 156 17.61 63.03 -9.40
C TYR O 156 16.56 64.12 -9.41
N PHE O 157 16.55 64.92 -10.46
CA PHE O 157 15.58 66.00 -10.57
C PHE O 157 15.01 66.05 -11.98
N PRO O 158 13.77 66.55 -12.10
CA PRO O 158 13.08 66.66 -13.39
C PRO O 158 13.43 68.00 -14.07
N TRP O 159 13.72 67.95 -15.36
CA TRP O 159 14.07 69.15 -16.11
C TRP O 159 13.17 69.41 -17.31
N LYS O 160 13.20 70.66 -17.76
CA LYS O 160 12.45 71.07 -18.95
C LYS O 160 13.54 70.97 -20.01
N ALA O 161 14.76 71.26 -19.58
CA ALA O 161 15.95 71.19 -20.44
C ALA O 161 17.18 71.44 -19.58
N THR O 162 18.26 70.72 -19.85
CA THR O 162 19.50 70.89 -19.09
C THR O 162 20.67 70.25 -19.82
N ALA O 163 21.87 70.56 -19.34
CA ALA O 163 23.09 70.02 -19.93
C ALA O 163 24.05 69.65 -18.81
N ILE O 164 24.87 68.64 -19.06
CA ILE O 164 25.84 68.18 -18.08
C ILE O 164 27.20 68.03 -18.75
N GLY O 165 28.26 68.09 -17.95
CA GLY O 165 29.61 67.95 -18.48
C GLY O 165 30.33 69.26 -18.76
N LYS O 166 31.48 69.16 -19.43
CA LYS O 166 32.33 70.28 -19.81
C LYS O 166 31.65 71.65 -19.87
N GLY O 167 31.01 71.94 -20.99
CA GLY O 167 30.37 73.23 -21.15
C GLY O 167 28.92 73.26 -20.72
N SER O 168 28.62 72.63 -19.60
CA SER O 168 27.25 72.59 -19.09
C SER O 168 26.72 73.98 -18.75
N VAL O 169 27.54 74.78 -18.05
CA VAL O 169 27.15 76.13 -17.65
C VAL O 169 26.80 77.01 -18.84
N ALA O 170 27.66 76.98 -19.85
CA ALA O 170 27.45 77.79 -21.05
C ALA O 170 26.18 77.35 -21.79
N ALA O 171 25.95 76.04 -21.88
CA ALA O 171 24.77 75.51 -22.56
C ALA O 171 23.49 75.62 -21.75
N LYS O 172 23.58 75.52 -20.43
CA LYS O 172 22.39 75.65 -19.61
C LYS O 172 21.84 77.05 -19.82
N THR O 173 22.76 78.00 -20.04
CA THR O 173 22.37 79.39 -20.27
C THR O 173 21.69 79.50 -21.62
N PHE O 174 22.38 79.05 -22.68
CA PHE O 174 21.81 79.13 -24.01
C PHE O 174 20.41 78.52 -24.09
N LEU O 175 20.19 77.43 -23.37
CA LEU O 175 18.89 76.77 -23.38
C LEU O 175 17.81 77.63 -22.72
N GLU O 176 18.18 78.40 -21.70
CA GLU O 176 17.20 79.26 -21.03
C GLU O 176 16.70 80.40 -21.90
N LYS O 177 17.48 80.75 -22.93
CA LYS O 177 17.09 81.83 -23.84
C LYS O 177 16.24 81.30 -24.98
N ARG O 178 16.32 80.00 -25.25
CA ARG O 178 15.58 79.42 -26.36
C ARG O 178 14.45 78.46 -25.98
N TRP O 179 14.18 78.30 -24.68
CA TRP O 179 13.12 77.38 -24.28
C TRP O 179 11.82 78.04 -23.84
N ASN O 180 10.71 77.45 -24.27
CA ASN O 180 9.38 77.92 -23.95
C ASN O 180 8.49 76.67 -23.90
N ASP O 181 7.40 76.74 -23.15
CA ASP O 181 6.53 75.58 -23.02
C ASP O 181 5.64 75.28 -24.23
N GLU O 182 6.08 75.68 -25.42
CA GLU O 182 5.29 75.43 -26.63
C GLU O 182 6.11 74.78 -27.74
N LEU O 183 7.39 74.58 -27.48
CA LEU O 183 8.27 73.98 -28.47
C LEU O 183 7.72 72.65 -28.98
N GLU O 184 7.75 72.47 -30.30
CA GLU O 184 7.30 71.22 -30.90
C GLU O 184 8.58 70.38 -30.86
N LEU O 185 8.49 69.08 -31.08
CA LEU O 185 9.67 68.21 -31.04
C LEU O 185 10.80 68.65 -31.97
N GLU O 186 10.45 68.92 -33.23
CA GLU O 186 11.43 69.36 -34.22
C GLU O 186 12.18 70.61 -33.77
N ASP O 187 11.47 71.48 -33.06
CA ASP O 187 12.06 72.72 -32.56
C ASP O 187 13.17 72.39 -31.59
N ALA O 188 12.90 71.49 -30.65
CA ALA O 188 13.89 71.09 -29.67
C ALA O 188 15.08 70.38 -30.33
N ILE O 189 14.81 69.63 -31.39
CA ILE O 189 15.90 68.95 -32.07
C ILE O 189 16.85 70.02 -32.63
N HIS O 190 16.26 71.14 -33.06
CA HIS O 190 17.02 72.25 -33.59
C HIS O 190 17.80 72.89 -32.44
N ILE O 191 17.09 73.37 -31.42
CA ILE O 191 17.70 74.01 -30.26
C ILE O 191 18.85 73.14 -29.77
N ALA O 192 18.64 71.83 -29.81
CA ALA O 192 19.64 70.86 -29.36
C ALA O 192 20.89 70.93 -30.22
N LEU O 193 20.71 70.78 -31.54
CA LEU O 193 21.83 70.85 -32.46
C LEU O 193 22.66 72.11 -32.29
N LEU O 194 21.99 73.24 -32.03
CA LEU O 194 22.66 74.52 -31.83
C LEU O 194 23.46 74.53 -30.53
N THR O 195 22.80 74.13 -29.45
CA THR O 195 23.43 74.10 -28.13
C THR O 195 24.64 73.20 -28.14
N LEU O 196 24.60 72.16 -28.96
CA LEU O 196 25.70 71.21 -29.02
C LEU O 196 26.86 71.75 -29.85
N LYS O 197 26.56 72.64 -30.80
CA LYS O 197 27.61 73.18 -31.66
C LYS O 197 28.64 74.01 -30.88
N GLU O 198 28.17 74.73 -29.87
CA GLU O 198 29.06 75.56 -29.07
C GLU O 198 30.03 74.71 -28.24
N SER O 199 29.63 73.47 -27.96
CA SER O 199 30.43 72.55 -27.17
C SER O 199 31.44 71.76 -27.99
N VAL O 200 31.11 71.49 -29.25
CA VAL O 200 31.99 70.73 -30.14
C VAL O 200 32.98 71.69 -30.84
N GLU O 201 34.26 71.32 -30.82
CA GLU O 201 35.30 72.12 -31.43
C GLU O 201 35.54 71.79 -32.89
N GLY O 202 35.70 70.51 -33.19
CA GLY O 202 35.97 70.09 -34.56
C GLY O 202 34.77 69.71 -35.42
N GLU O 203 34.89 68.58 -36.11
CA GLU O 203 33.82 68.11 -36.97
C GLU O 203 32.49 68.06 -36.23
N PHE O 204 31.48 68.70 -36.81
CA PHE O 204 30.16 68.75 -36.20
C PHE O 204 29.18 68.23 -37.24
N ASN O 205 28.96 66.92 -37.26
CA ASN O 205 28.06 66.31 -38.23
C ASN O 205 27.36 65.08 -37.68
N GLY O 206 26.68 64.34 -38.57
CA GLY O 206 25.96 63.17 -38.16
C GLY O 206 26.79 61.98 -37.70
N ASP O 207 28.10 62.07 -37.81
CA ASP O 207 29.00 60.98 -37.41
C ASP O 207 29.79 61.30 -36.15
N THR O 208 29.74 62.56 -35.76
CA THR O 208 30.43 63.05 -34.57
C THR O 208 29.39 63.41 -33.52
N ILE O 209 28.13 63.28 -33.90
CA ILE O 209 27.02 63.57 -33.01
C ILE O 209 26.08 62.38 -32.86
N GLU O 210 25.70 62.10 -31.62
CA GLU O 210 24.78 61.01 -31.34
C GLU O 210 23.55 61.69 -30.75
N LEU O 211 22.40 61.46 -31.37
CA LEU O 211 21.16 62.08 -30.91
C LEU O 211 19.94 61.16 -31.08
N ALA O 212 19.12 61.09 -30.04
CA ALA O 212 17.92 60.25 -30.05
C ALA O 212 16.75 61.00 -29.41
N ILE O 213 15.54 60.55 -29.71
CA ILE O 213 14.36 61.20 -29.16
C ILE O 213 13.34 60.22 -28.64
N ILE O 214 12.43 60.75 -27.83
CA ILE O 214 11.33 59.99 -27.28
C ILE O 214 10.17 60.74 -27.94
N GLY O 215 9.51 60.10 -28.88
CA GLY O 215 8.42 60.78 -29.55
C GLY O 215 7.18 59.93 -29.74
N ASP O 216 6.69 59.91 -30.97
CA ASP O 216 5.50 59.13 -31.28
C ASP O 216 5.94 57.68 -31.37
N GLU O 217 4.95 56.80 -31.42
CA GLU O 217 5.21 55.37 -31.52
C GLU O 217 5.71 55.02 -32.92
N ASN O 218 6.64 54.08 -33.01
CA ASN O 218 7.22 53.67 -34.28
C ASN O 218 6.80 52.24 -34.65
N PRO O 219 5.58 52.06 -35.18
CA PRO O 219 5.05 50.75 -35.58
C PRO O 219 5.95 50.01 -36.56
N ASP O 220 6.73 50.76 -37.31
CA ASP O 220 7.63 50.17 -38.28
C ASP O 220 8.86 49.59 -37.56
N LEU O 221 9.04 49.98 -36.30
CA LEU O 221 10.18 49.51 -35.51
C LEU O 221 9.78 48.42 -34.51
N LEU O 222 8.50 48.03 -34.54
CA LEU O 222 7.98 47.02 -33.62
C LEU O 222 8.43 45.61 -33.97
N GLY O 223 8.56 45.33 -35.27
CA GLY O 223 9.01 44.01 -35.69
C GLY O 223 7.93 42.98 -35.95
N TYR O 224 6.70 43.25 -35.51
CA TYR O 224 5.59 42.33 -35.71
C TYR O 224 4.27 43.10 -35.75
N THR O 225 3.22 42.44 -36.21
CA THR O 225 1.90 43.08 -36.28
C THR O 225 0.84 42.05 -35.92
N GLY O 226 -0.23 42.51 -35.29
CA GLY O 226 -1.29 41.60 -34.91
C GLY O 226 -1.89 41.94 -33.56
N ILE O 227 -1.16 42.71 -32.76
CA ILE O 227 -1.68 43.10 -31.46
C ILE O 227 -1.96 44.59 -31.48
N PRO O 228 -3.22 44.96 -31.66
CA PRO O 228 -3.68 46.35 -31.70
C PRO O 228 -3.05 47.25 -30.64
N THR O 229 -3.04 46.80 -29.40
CA THR O 229 -2.50 47.59 -28.29
C THR O 229 -0.97 47.78 -28.28
N ASP O 230 -0.25 47.02 -29.12
CA ASP O 230 1.20 47.13 -29.23
C ASP O 230 1.49 47.96 -30.48
N LYS O 231 1.70 49.26 -30.29
CA LYS O 231 1.94 50.17 -31.41
C LYS O 231 3.39 50.56 -31.74
N GLY O 232 4.35 50.05 -30.98
CA GLY O 232 5.75 50.36 -31.28
C GLY O 232 6.47 51.21 -30.25
N PRO O 233 7.80 51.23 -30.30
CA PRO O 233 8.61 52.02 -29.36
C PRO O 233 8.58 53.53 -29.63
N ARG O 234 8.58 54.33 -28.57
CA ARG O 234 8.58 55.79 -28.75
C ARG O 234 10.00 56.33 -28.82
N PHE O 235 10.96 55.48 -28.49
CA PHE O 235 12.36 55.85 -28.50
C PHE O 235 12.95 55.61 -29.88
N ARG O 236 13.59 56.63 -30.42
CA ARG O 236 14.20 56.46 -31.72
C ARG O 236 15.53 57.17 -31.78
N LYS O 237 16.50 56.49 -32.36
CA LYS O 237 17.84 57.03 -32.51
C LYS O 237 17.86 57.62 -33.92
N LEU O 238 18.28 58.88 -34.05
CA LEU O 238 18.35 59.47 -35.38
C LEU O 238 19.54 58.90 -36.11
N THR O 239 19.37 58.68 -37.42
CA THR O 239 20.45 58.13 -38.22
C THR O 239 21.44 59.24 -38.59
N SER O 240 22.66 58.83 -38.90
CA SER O 240 23.71 59.75 -39.29
C SER O 240 23.16 60.74 -40.31
N GLN O 241 22.39 60.22 -41.26
CA GLN O 241 21.77 61.01 -42.32
C GLN O 241 20.69 61.96 -41.79
N GLU O 242 19.74 61.42 -41.04
CA GLU O 242 18.66 62.23 -40.48
C GLU O 242 19.21 63.47 -39.81
N ILE O 243 20.40 63.35 -39.25
CA ILE O 243 21.04 64.47 -38.58
C ILE O 243 21.56 65.51 -39.58
N ASN O 244 22.38 65.06 -40.54
CA ASN O 244 22.92 65.95 -41.55
C ASN O 244 21.85 66.77 -42.25
N ASP O 245 20.72 66.13 -42.56
CA ASP O 245 19.63 66.84 -43.22
C ASP O 245 19.20 68.03 -42.38
N ARG O 246 19.20 67.86 -41.06
CA ARG O 246 18.80 68.93 -40.17
C ARG O 246 19.92 69.94 -39.95
N LEU O 247 21.16 69.49 -40.11
CA LEU O 247 22.31 70.38 -39.92
C LEU O 247 22.38 71.45 -41.00
N GLU O 248 21.78 71.17 -42.15
CA GLU O 248 21.78 72.12 -43.25
C GLU O 248 20.91 73.33 -42.92
N ALA O 249 19.81 73.07 -42.21
CA ALA O 249 18.89 74.13 -41.81
C ALA O 249 19.31 74.66 -40.43
N LEU O 250 20.59 74.50 -40.10
CA LEU O 250 21.14 74.95 -38.83
C LEU O 250 21.51 76.43 -38.90
N GLY P 1 46.94 44.42 4.82
CA GLY P 1 45.45 44.21 4.78
C GLY P 1 44.68 45.42 4.30
N SER P 2 43.42 45.52 4.70
CA SER P 2 42.55 46.64 4.31
C SER P 2 42.44 47.69 5.41
N ARG P 3 42.61 47.23 6.65
CA ARG P 3 42.54 48.08 7.85
C ARG P 3 43.10 49.48 7.63
N ARG P 4 44.04 49.57 6.71
CA ARG P 4 44.72 50.80 6.35
C ARG P 4 43.76 51.89 5.85
N TYR P 5 42.68 51.47 5.21
CA TYR P 5 41.72 52.42 4.65
C TYR P 5 40.40 52.57 5.42
N ASP P 6 40.26 51.81 6.51
CA ASP P 6 39.04 51.87 7.32
C ASP P 6 38.93 53.19 8.11
N SER P 7 37.97 54.02 7.74
CA SER P 7 37.73 55.31 8.40
C SER P 7 37.20 55.13 9.82
N ARG P 8 36.61 53.97 10.09
CA ARG P 8 36.06 53.66 11.42
C ARG P 8 34.91 54.60 11.76
N THR P 9 33.90 54.58 10.92
CA THR P 9 32.72 55.43 11.04
C THR P 9 31.95 55.35 12.35
N THR P 10 32.09 54.25 13.07
CA THR P 10 31.33 54.09 14.32
C THR P 10 32.16 54.09 15.60
N ILE P 11 32.97 55.11 15.81
CA ILE P 11 33.75 55.15 17.04
C ILE P 11 33.53 56.47 17.76
N PHE P 12 33.88 56.47 19.03
CA PHE P 12 33.74 57.67 19.84
C PHE P 12 34.95 58.58 19.71
N SER P 13 34.76 59.85 20.06
CA SER P 13 35.84 60.83 20.04
C SER P 13 36.27 60.87 21.49
N PRO P 14 37.47 61.38 21.78
CA PRO P 14 37.90 61.42 23.18
C PRO P 14 36.86 62.13 24.06
N GLU P 15 36.02 62.94 23.41
CA GLU P 15 34.97 63.69 24.11
C GLU P 15 33.68 62.89 24.28
N GLY P 16 33.58 61.76 23.60
CA GLY P 16 32.38 60.93 23.70
C GLY P 16 31.33 61.29 22.67
N ARG P 17 31.78 61.77 21.51
CA ARG P 17 30.90 62.15 20.43
C ARG P 17 31.12 61.22 19.25
N LEU P 18 30.15 61.14 18.35
CA LEU P 18 30.27 60.29 17.19
C LEU P 18 30.63 61.13 15.99
N TYR P 19 31.91 61.12 15.63
CA TYR P 19 32.41 61.89 14.52
C TYR P 19 31.45 61.98 13.34
N GLN P 20 31.21 60.85 12.68
CA GLN P 20 30.35 60.82 11.51
C GLN P 20 28.96 61.43 11.72
N VAL P 21 28.36 61.20 12.89
CA VAL P 21 27.03 61.75 13.17
C VAL P 21 27.13 63.28 13.17
N GLU P 22 28.15 63.79 13.85
CA GLU P 22 28.39 65.23 13.95
C GLU P 22 28.59 65.82 12.56
N TYR P 23 29.48 65.22 11.79
CA TYR P 23 29.74 65.70 10.45
C TYR P 23 28.50 65.59 9.58
N ALA P 24 27.71 64.53 9.79
CA ALA P 24 26.49 64.35 9.01
C ALA P 24 25.50 65.47 9.34
N LEU P 25 25.46 65.88 10.61
CA LEU P 25 24.59 66.96 11.04
C LEU P 25 25.05 68.25 10.35
N GLU P 26 26.36 68.48 10.34
CA GLU P 26 26.94 69.66 9.69
C GLU P 26 26.46 69.74 8.24
N SER P 27 26.36 68.58 7.60
CA SER P 27 25.90 68.46 6.23
C SER P 27 24.45 68.90 6.13
N ILE P 28 23.60 68.36 7.01
CA ILE P 28 22.18 68.70 7.05
C ILE P 28 21.95 70.21 7.14
N SER P 29 22.74 70.85 8.00
CA SER P 29 22.63 72.29 8.23
C SER P 29 22.81 73.17 7.00
N HIS P 30 23.01 72.57 5.84
CA HIS P 30 23.16 73.35 4.62
C HIS P 30 22.02 73.03 3.66
N ALA P 31 21.13 72.14 4.07
CA ALA P 31 20.01 71.75 3.23
C ALA P 31 18.83 72.69 3.40
N GLY P 32 17.99 72.77 2.36
CA GLY P 32 16.82 73.63 2.42
C GLY P 32 16.09 73.46 3.73
N THR P 33 15.75 74.56 4.38
CA THR P 33 15.08 74.50 5.67
C THR P 33 13.67 73.91 5.55
N ALA P 34 13.23 73.18 6.58
CA ALA P 34 11.89 72.59 6.62
C ALA P 34 11.26 72.85 7.99
N ILE P 35 10.02 73.31 7.98
CA ILE P 35 9.29 73.63 9.21
C ILE P 35 8.10 72.70 9.44
N GLY P 36 7.82 72.46 10.72
CA GLY P 36 6.70 71.62 11.10
C GLY P 36 5.92 72.33 12.21
N ILE P 37 4.67 72.66 11.95
CA ILE P 37 3.86 73.33 12.95
C ILE P 37 2.58 72.54 13.20
N MET P 38 2.40 72.13 14.45
CA MET P 38 1.25 71.35 14.86
C MET P 38 0.16 72.21 15.49
N ALA P 39 -1.01 72.23 14.85
CA ALA P 39 -2.15 73.00 15.33
C ALA P 39 -3.15 72.11 16.06
N SER P 40 -4.26 72.71 16.50
CA SER P 40 -5.29 71.98 17.24
C SER P 40 -6.15 71.15 16.29
N ASP P 41 -6.23 71.57 15.04
CA ASP P 41 -7.03 70.87 14.06
C ASP P 41 -6.24 70.38 12.83
N GLY P 42 -4.92 70.27 12.94
CA GLY P 42 -4.12 69.81 11.82
C GLY P 42 -2.61 70.03 11.93
N ILE P 43 -1.88 69.70 10.88
CA ILE P 43 -0.43 69.90 10.91
C ILE P 43 0.00 70.49 9.59
N VAL P 44 1.07 71.28 9.65
CA VAL P 44 1.61 71.92 8.47
C VAL P 44 3.06 71.53 8.24
N LEU P 45 3.40 71.28 6.99
CA LEU P 45 4.75 70.94 6.62
C LEU P 45 5.17 71.91 5.52
N ALA P 46 6.24 72.64 5.78
CA ALA P 46 6.75 73.60 4.81
C ALA P 46 8.24 73.37 4.62
N ALA P 47 8.69 73.41 3.38
CA ALA P 47 10.11 73.22 3.11
C ALA P 47 10.54 74.09 1.95
N GLU P 48 11.79 74.52 2.00
CA GLU P 48 12.37 75.39 0.98
C GLU P 48 13.28 74.56 0.07
N ARG P 49 12.94 74.52 -1.21
CA ARG P 49 13.74 73.78 -2.18
C ARG P 49 15.10 74.47 -2.31
N LYS P 50 16.16 73.75 -1.97
CA LYS P 50 17.50 74.30 -2.08
C LYS P 50 17.90 74.24 -3.56
N VAL P 51 18.45 75.33 -4.06
CA VAL P 51 18.89 75.43 -5.46
C VAL P 51 17.78 75.14 -6.49
N THR P 52 17.63 76.04 -7.46
CA THR P 52 16.63 75.88 -8.51
C THR P 52 17.05 76.63 -9.79
N SER P 53 16.35 76.34 -10.87
CA SER P 53 16.62 76.95 -12.17
C SER P 53 15.29 77.16 -12.89
N THR P 54 15.28 78.02 -13.89
CA THR P 54 14.07 78.29 -14.65
C THR P 54 13.58 76.99 -15.27
N LEU P 55 14.53 76.22 -15.80
CA LEU P 55 14.23 74.96 -16.46
C LEU P 55 13.84 73.81 -15.54
N LEU P 56 14.09 73.96 -14.25
CA LEU P 56 13.72 72.90 -13.32
C LEU P 56 12.21 72.73 -13.32
N GLU P 57 11.75 71.53 -13.65
CA GLU P 57 10.33 71.18 -13.69
C GLU P 57 9.79 71.10 -12.25
N GLN P 58 8.91 72.01 -11.85
CA GLN P 58 8.41 71.96 -10.48
C GLN P 58 7.11 71.20 -10.27
N ASP P 59 6.40 70.92 -11.36
CA ASP P 59 5.13 70.20 -11.28
C ASP P 59 5.35 68.71 -10.98
N THR P 60 6.27 68.11 -11.72
CA THR P 60 6.60 66.70 -11.53
C THR P 60 7.64 66.53 -10.44
N SER P 61 7.73 67.52 -9.55
CA SER P 61 8.74 67.47 -8.47
C SER P 61 8.25 67.08 -7.08
N THR P 62 9.21 66.62 -6.29
CA THR P 62 9.02 66.18 -4.91
C THR P 62 10.42 65.84 -4.39
N GLU P 63 11.06 66.78 -3.69
CA GLU P 63 12.40 66.56 -3.18
C GLU P 63 12.48 66.82 -1.67
N LYS P 64 11.34 67.09 -1.04
CA LYS P 64 11.37 67.36 0.39
C LYS P 64 10.21 66.77 1.19
N LEU P 65 9.03 66.74 0.58
CA LEU P 65 7.84 66.21 1.23
C LEU P 65 7.40 64.88 0.63
N TYR P 66 7.32 63.86 1.47
CA TYR P 66 6.93 62.52 1.02
C TYR P 66 5.84 61.92 1.89
N LYS P 67 4.92 61.24 1.23
CA LYS P 67 3.79 60.59 1.89
C LYS P 67 4.23 59.19 2.33
N LEU P 68 4.17 58.92 3.62
CA LEU P 68 4.59 57.62 4.14
C LEU P 68 3.43 56.64 4.22
N ASN P 69 2.35 57.14 4.79
CA ASN P 69 1.13 56.39 5.07
C ASN P 69 0.02 57.25 4.49
N ASP P 70 -1.20 57.06 4.97
CA ASP P 70 -2.32 57.86 4.52
C ASP P 70 -2.53 58.89 5.62
N LYS P 71 -1.92 58.61 6.76
CA LYS P 71 -2.03 59.48 7.92
C LYS P 71 -0.68 60.08 8.35
N ILE P 72 0.39 59.70 7.65
CA ILE P 72 1.73 60.18 7.99
C ILE P 72 2.52 60.63 6.76
N ALA P 73 3.29 61.71 6.93
CA ALA P 73 4.11 62.26 5.87
C ALA P 73 5.37 62.79 6.53
N VAL P 74 6.43 62.97 5.75
CA VAL P 74 7.68 63.49 6.29
C VAL P 74 8.27 64.63 5.49
N ALA P 75 9.06 65.45 6.17
CA ALA P 75 9.78 66.57 5.58
C ALA P 75 11.26 66.15 5.64
N VAL P 76 11.96 66.21 4.52
CA VAL P 76 13.36 65.81 4.44
C VAL P 76 14.40 66.93 4.40
N ALA P 77 15.48 66.75 5.15
CA ALA P 77 16.56 67.73 5.17
C ALA P 77 17.87 66.97 5.02
N GLY P 78 18.51 67.10 3.86
CA GLY P 78 19.77 66.41 3.63
C GLY P 78 19.85 65.69 2.30
N LEU P 79 20.55 64.55 2.29
CA LEU P 79 20.72 63.74 1.08
C LEU P 79 19.41 63.11 0.63
N THR P 80 18.80 63.66 -0.41
CA THR P 80 17.54 63.13 -0.89
C THR P 80 17.63 61.62 -1.11
N ALA P 81 18.69 61.19 -1.79
CA ALA P 81 18.90 59.77 -2.08
C ALA P 81 18.89 58.92 -0.81
N ASP P 82 19.61 59.36 0.22
CA ASP P 82 19.64 58.62 1.48
C ASP P 82 18.22 58.54 2.01
N ALA P 83 17.54 59.68 1.99
CA ALA P 83 16.18 59.82 2.47
C ALA P 83 15.24 58.78 1.84
N GLU P 84 15.28 58.64 0.51
CA GLU P 84 14.42 57.67 -0.15
C GLU P 84 14.64 56.26 0.37
N ILE P 85 15.90 55.85 0.53
CA ILE P 85 16.20 54.52 1.06
C ILE P 85 15.42 54.31 2.36
N LEU P 86 15.49 55.29 3.25
CA LEU P 86 14.80 55.22 4.53
C LEU P 86 13.29 55.26 4.37
N ILE P 87 12.83 56.22 3.56
CA ILE P 87 11.41 56.39 3.29
C ILE P 87 10.78 55.08 2.83
N ASN P 88 11.42 54.41 1.87
CA ASN P 88 10.87 53.17 1.36
C ASN P 88 10.73 52.10 2.45
N THR P 89 11.72 51.96 3.32
CA THR P 89 11.61 50.95 4.36
C THR P 89 10.56 51.35 5.38
N ALA P 90 10.37 52.66 5.55
CA ALA P 90 9.36 53.14 6.48
C ALA P 90 7.97 52.83 5.89
N ARG P 91 7.84 52.97 4.57
CA ARG P 91 6.57 52.68 3.92
C ARG P 91 6.26 51.18 4.05
N ILE P 92 7.29 50.34 4.06
CA ILE P 92 7.09 48.90 4.22
C ILE P 92 6.69 48.59 5.68
N HIS P 93 7.39 49.18 6.64
CA HIS P 93 7.05 48.94 8.04
C HIS P 93 5.57 49.27 8.31
N ALA P 94 5.08 50.32 7.68
CA ALA P 94 3.69 50.77 7.84
C ALA P 94 2.70 49.69 7.39
N GLN P 95 2.98 49.08 6.25
CA GLN P 95 2.12 48.05 5.71
C GLN P 95 2.21 46.74 6.49
N ASN P 96 3.41 46.37 6.92
CA ASN P 96 3.53 45.13 7.69
C ASN P 96 2.69 45.26 8.94
N TYR P 97 2.69 46.45 9.53
CA TYR P 97 1.91 46.69 10.74
C TYR P 97 0.43 46.50 10.45
N LEU P 98 -0.02 47.13 9.36
CA LEU P 98 -1.41 47.05 8.93
C LEU P 98 -1.83 45.60 8.64
N LYS P 99 -0.96 44.85 7.96
CA LYS P 99 -1.26 43.46 7.64
C LYS P 99 -1.29 42.60 8.90
N THR P 100 -0.49 42.96 9.90
CA THR P 100 -0.45 42.19 11.13
C THR P 100 -1.60 42.49 12.07
N TYR P 101 -1.90 43.78 12.25
CA TYR P 101 -2.93 44.19 13.19
C TYR P 101 -4.21 44.75 12.60
N ASN P 102 -4.27 44.85 11.29
CA ASN P 102 -5.47 45.39 10.64
C ASN P 102 -5.84 46.76 11.21
N GLU P 103 -4.82 47.56 11.49
CA GLU P 103 -4.98 48.90 12.02
C GLU P 103 -3.78 49.69 11.51
N ASP P 104 -3.93 50.99 11.32
CA ASP P 104 -2.84 51.80 10.84
C ASP P 104 -1.77 51.96 11.91
N ILE P 105 -0.52 52.01 11.48
CA ILE P 105 0.61 52.11 12.38
C ILE P 105 0.65 53.41 13.17
N PRO P 106 0.57 53.33 14.51
CA PRO P 106 0.61 54.52 15.36
C PRO P 106 1.85 55.31 15.02
N VAL P 107 1.71 56.62 14.86
CA VAL P 107 2.84 57.48 14.49
C VAL P 107 4.20 57.21 15.17
N GLU P 108 4.23 57.15 16.49
CA GLU P 108 5.51 56.92 17.17
C GLU P 108 6.20 55.58 16.85
N ILE P 109 5.41 54.52 16.67
CA ILE P 109 5.99 53.23 16.37
C ILE P 109 6.72 53.29 15.03
N LEU P 110 6.17 54.03 14.08
CA LEU P 110 6.80 54.14 12.77
C LEU P 110 8.08 54.98 12.88
N VAL P 111 8.01 56.04 13.68
CA VAL P 111 9.16 56.93 13.88
C VAL P 111 10.28 56.22 14.65
N ARG P 112 9.93 55.51 15.71
CA ARG P 112 10.94 54.80 16.50
C ARG P 112 11.70 53.78 15.65
N ARG P 113 10.97 53.06 14.82
CA ARG P 113 11.56 52.05 13.97
C ARG P 113 12.60 52.67 13.05
N LEU P 114 12.21 53.73 12.34
CA LEU P 114 13.13 54.41 11.42
C LEU P 114 14.35 54.94 12.17
N SER P 115 14.13 55.46 13.38
CA SER P 115 15.22 55.98 14.20
C SER P 115 16.16 54.86 14.64
N ASP P 116 15.60 53.68 14.88
CA ASP P 116 16.39 52.52 15.30
C ASP P 116 17.29 52.10 14.15
N ILE P 117 16.79 52.24 12.94
CA ILE P 117 17.59 51.86 11.80
C ILE P 117 18.77 52.81 11.69
N LYS P 118 18.54 54.10 11.90
CA LYS P 118 19.61 55.07 11.84
C LYS P 118 20.62 54.79 12.94
N GLN P 119 20.10 54.54 14.15
CA GLN P 119 20.93 54.24 15.31
C GLN P 119 21.89 53.10 14.99
N GLY P 120 21.39 52.11 14.24
CA GLY P 120 22.21 50.97 13.89
C GLY P 120 23.49 51.34 13.17
N TYR P 121 23.38 52.19 12.16
CA TYR P 121 24.55 52.63 11.38
C TYR P 121 25.52 53.44 12.23
N THR P 122 25.16 53.61 13.50
CA THR P 122 25.96 54.38 14.43
C THR P 122 26.81 53.51 15.36
N GLN P 123 26.41 52.25 15.52
CA GLN P 123 27.09 51.35 16.43
C GLN P 123 27.77 50.14 15.81
N HIS P 124 27.41 49.82 14.56
CA HIS P 124 28.03 48.66 13.93
C HIS P 124 27.94 48.70 12.40
N GLY P 125 28.74 47.89 11.74
CA GLY P 125 28.71 47.83 10.29
C GLY P 125 29.78 48.61 9.55
N GLY P 126 30.38 49.60 10.20
CA GLY P 126 31.42 50.38 9.54
C GLY P 126 31.00 51.15 8.30
N LEU P 127 29.69 51.41 8.17
CA LEU P 127 29.15 52.17 7.04
C LEU P 127 28.86 53.58 7.52
N ARG P 128 28.85 54.53 6.59
CA ARG P 128 28.58 55.92 6.97
C ARG P 128 27.09 56.05 7.33
N PRO P 129 26.74 56.98 8.24
CA PRO P 129 25.34 57.19 8.64
C PRO P 129 24.56 57.81 7.48
N PHE P 130 23.25 57.94 7.65
CA PHE P 130 22.45 58.56 6.60
C PHE P 130 22.47 60.06 6.84
N GLY P 131 22.82 60.83 5.82
CA GLY P 131 22.86 62.28 5.98
C GLY P 131 21.44 62.82 5.85
N VAL P 132 20.58 62.42 6.78
CA VAL P 132 19.19 62.83 6.72
C VAL P 132 18.57 63.14 8.06
N SER P 133 17.71 64.17 8.05
CA SER P 133 16.95 64.58 9.23
C SER P 133 15.51 64.69 8.75
N PHE P 134 14.61 64.06 9.49
CA PHE P 134 13.19 64.05 9.15
C PHE P 134 12.31 64.81 10.13
N ILE P 135 11.22 65.34 9.60
CA ILE P 135 10.19 65.99 10.41
C ILE P 135 9.01 65.10 10.04
N TYR P 136 8.43 64.42 11.03
CA TYR P 136 7.28 63.56 10.76
C TYR P 136 6.00 64.26 11.16
N ALA P 137 5.02 64.25 10.27
CA ALA P 137 3.73 64.86 10.55
C ALA P 137 2.69 63.77 10.34
N GLY P 138 1.99 63.38 11.39
CA GLY P 138 1.00 62.34 11.25
C GLY P 138 -0.08 62.36 12.30
N TYR P 139 -1.07 61.48 12.11
CA TYR P 139 -2.19 61.39 13.02
C TYR P 139 -2.63 59.94 13.29
N ASP P 140 -2.94 59.67 14.54
CA ASP P 140 -3.44 58.35 14.94
C ASP P 140 -4.47 58.60 16.03
N ASP P 141 -5.31 57.62 16.31
CA ASP P 141 -6.38 57.80 17.29
C ASP P 141 -5.98 57.65 18.77
N ARG P 142 -4.69 57.78 19.06
CA ARG P 142 -4.26 57.69 20.45
C ARG P 142 -3.71 59.03 20.93
N TYR P 143 -2.99 59.73 20.06
CA TYR P 143 -2.40 61.02 20.39
C TYR P 143 -2.86 62.10 19.42
N GLY P 144 -3.69 61.71 18.46
CA GLY P 144 -4.17 62.67 17.48
C GLY P 144 -3.04 63.19 16.63
N TYR P 145 -2.99 64.50 16.44
CA TYR P 145 -1.96 65.11 15.63
C TYR P 145 -0.63 65.10 16.36
N GLN P 146 0.38 64.57 15.69
CA GLN P 146 1.71 64.50 16.27
C GLN P 146 2.76 65.01 15.32
N LEU P 147 3.88 65.45 15.89
CA LEU P 147 4.99 65.99 15.13
C LEU P 147 6.27 65.48 15.77
N TYR P 148 7.12 64.82 14.97
CA TYR P 148 8.38 64.27 15.47
C TYR P 148 9.56 64.70 14.62
N THR P 149 10.75 64.41 15.13
CA THR P 149 11.96 64.76 14.43
C THR P 149 13.00 63.68 14.69
N SER P 150 13.79 63.35 13.66
CA SER P 150 14.86 62.36 13.80
C SER P 150 16.06 62.77 12.96
N ASN P 151 17.25 62.62 13.53
CA ASN P 151 18.49 62.98 12.84
C ASN P 151 19.41 61.77 12.70
N PRO P 152 20.57 61.94 12.05
CA PRO P 152 21.55 60.88 11.82
C PRO P 152 21.95 60.04 13.04
N SER P 153 21.86 60.64 14.22
CA SER P 153 22.23 59.93 15.44
C SER P 153 21.27 58.80 15.80
N GLY P 154 20.04 58.88 15.31
CA GLY P 154 19.06 57.86 15.64
C GLY P 154 18.15 58.33 16.76
N ASN P 155 18.39 59.56 17.22
CA ASN P 155 17.60 60.15 18.29
C ASN P 155 16.36 60.80 17.69
N TYR P 156 15.25 60.77 18.42
CA TYR P 156 14.03 61.41 17.94
C TYR P 156 13.27 62.07 19.09
N THR P 157 12.50 63.12 18.77
CA THR P 157 11.73 63.85 19.76
C THR P 157 10.43 64.46 19.20
N GLY P 158 9.49 64.76 20.10
CA GLY P 158 8.22 65.33 19.70
C GLY P 158 8.20 66.83 19.88
N TRP P 159 7.47 67.53 19.02
CA TRP P 159 7.40 68.98 19.09
C TRP P 159 6.01 69.54 18.79
N LYS P 160 5.84 70.84 19.07
CA LYS P 160 4.59 71.55 18.80
C LYS P 160 4.85 72.29 17.50
N ALA P 161 6.11 72.69 17.34
CA ALA P 161 6.59 73.38 16.15
C ALA P 161 8.09 73.12 16.10
N ILE P 162 8.62 72.88 14.90
CA ILE P 162 10.05 72.62 14.81
C ILE P 162 10.61 72.76 13.40
N SER P 163 11.91 72.90 13.31
CA SER P 163 12.57 73.06 12.02
C SER P 163 13.87 72.25 11.91
N VAL P 164 14.22 71.90 10.68
CA VAL P 164 15.45 71.16 10.41
C VAL P 164 16.07 71.76 9.18
N GLY P 165 17.37 71.54 9.03
CA GLY P 165 18.09 72.06 7.90
C GLY P 165 18.88 73.30 8.27
N ALA P 166 18.90 74.25 7.35
CA ALA P 166 19.62 75.51 7.56
C ALA P 166 18.86 76.50 8.43
N ASN P 167 19.61 77.41 9.05
CA ASN P 167 19.04 78.46 9.89
C ASN P 167 18.01 78.00 10.92
N THR P 168 18.17 76.80 11.46
CA THR P 168 17.19 76.33 12.44
C THR P 168 17.22 77.12 13.74
N SER P 169 18.39 77.66 14.08
CA SER P 169 18.54 78.45 15.29
C SER P 169 17.67 79.70 15.18
N ALA P 170 17.74 80.35 14.03
CA ALA P 170 16.94 81.54 13.79
C ALA P 170 15.47 81.13 13.76
N ALA P 171 15.17 80.11 12.95
CA ALA P 171 13.82 79.60 12.80
C ALA P 171 13.15 79.17 14.10
N GLN P 172 13.85 78.40 14.92
CA GLN P 172 13.28 77.94 16.18
C GLN P 172 12.88 79.14 17.04
N THR P 173 13.71 80.18 17.04
CA THR P 173 13.45 81.38 17.81
C THR P 173 12.16 82.09 17.37
N LEU P 174 11.99 82.26 16.07
CA LEU P 174 10.80 82.90 15.54
C LEU P 174 9.54 82.11 15.90
N LEU P 175 9.59 80.80 15.72
CA LEU P 175 8.46 79.93 16.00
C LEU P 175 8.10 80.01 17.47
N GLN P 176 9.12 79.90 18.32
CA GLN P 176 8.99 79.94 19.76
C GLN P 176 8.42 81.26 20.23
N MET P 177 8.40 82.23 19.32
CA MET P 177 7.92 83.57 19.62
C MET P 177 6.44 83.79 19.29
N ASP P 178 6.01 83.33 18.12
CA ASP P 178 4.61 83.51 17.70
C ASP P 178 3.71 82.28 17.82
N TYR P 179 4.25 81.16 18.29
CA TYR P 179 3.42 79.97 18.43
C TYR P 179 2.56 80.07 19.70
N LYS P 180 1.34 79.53 19.61
CA LYS P 180 0.42 79.52 20.75
C LYS P 180 -0.41 78.23 20.68
N ASP P 181 -0.48 77.53 21.81
CA ASP P 181 -1.20 76.26 21.93
C ASP P 181 -2.57 76.15 21.28
N ASP P 182 -3.34 77.23 21.32
CA ASP P 182 -4.68 77.23 20.75
C ASP P 182 -4.73 77.45 19.23
N MET P 183 -3.58 77.73 18.61
CA MET P 183 -3.53 77.96 17.17
C MET P 183 -4.45 77.09 16.35
N LYS P 184 -4.71 77.52 15.13
CA LYS P 184 -5.58 76.80 14.22
C LYS P 184 -4.72 76.55 12.99
N VAL P 185 -4.96 75.45 12.30
CA VAL P 185 -4.21 75.10 11.10
C VAL P 185 -3.82 76.29 10.21
N ASP P 186 -4.80 77.10 9.86
CA ASP P 186 -4.52 78.24 8.99
C ASP P 186 -3.56 79.24 9.60
N ASP P 187 -3.61 79.37 10.93
CA ASP P 187 -2.69 80.27 11.61
C ASP P 187 -1.28 79.74 11.42
N ALA P 188 -1.14 78.42 11.58
CA ALA P 188 0.13 77.74 11.42
C ALA P 188 0.62 77.84 9.99
N ILE P 189 -0.28 77.70 9.04
CA ILE P 189 0.09 77.77 7.64
C ILE P 189 0.78 79.09 7.34
N GLU P 190 0.39 80.12 8.09
CA GLU P 190 0.98 81.44 7.92
C GLU P 190 2.28 81.58 8.71
N LEU P 191 2.30 81.03 9.92
CA LEU P 191 3.49 81.08 10.75
C LEU P 191 4.60 80.36 9.99
N ALA P 192 4.25 79.23 9.39
CA ALA P 192 5.19 78.43 8.62
C ALA P 192 5.80 79.26 7.49
N LEU P 193 4.96 79.94 6.72
CA LEU P 193 5.42 80.75 5.61
C LEU P 193 6.19 81.98 6.02
N LYS P 194 5.74 82.66 7.08
CA LYS P 194 6.43 83.85 7.55
C LYS P 194 7.84 83.47 7.97
N THR P 195 7.94 82.45 8.81
CA THR P 195 9.23 81.99 9.30
C THR P 195 10.22 81.68 8.20
N LEU P 196 9.80 80.93 7.19
CA LEU P 196 10.69 80.60 6.09
C LEU P 196 11.11 81.90 5.44
N SER P 197 10.12 82.73 5.12
CA SER P 197 10.32 84.02 4.47
C SER P 197 11.38 84.91 5.13
N LYS P 198 11.57 84.78 6.44
CA LYS P 198 12.55 85.60 7.14
C LYS P 198 13.92 84.97 7.27
N THR P 199 14.00 83.64 7.13
CA THR P 199 15.26 82.91 7.25
C THR P 199 15.86 82.51 5.90
N THR P 200 15.07 82.54 4.85
CA THR P 200 15.54 82.19 3.52
C THR P 200 16.85 82.90 3.22
N ASP P 201 17.71 82.26 2.44
CA ASP P 201 18.97 82.87 2.09
C ASP P 201 18.81 83.47 0.70
N SER P 202 17.60 83.38 0.17
CA SER P 202 17.28 83.89 -1.16
C SER P 202 16.70 85.28 -1.09
N SER P 203 16.58 85.91 -2.25
CA SER P 203 16.03 87.26 -2.37
C SER P 203 14.61 87.28 -1.87
N ALA P 204 13.74 86.65 -2.64
CA ALA P 204 12.33 86.59 -2.27
C ALA P 204 11.96 85.13 -2.09
N LEU P 205 10.81 84.91 -1.47
CA LEU P 205 10.33 83.56 -1.24
C LEU P 205 9.20 83.34 -2.22
N THR P 206 9.55 82.85 -3.40
CA THR P 206 8.56 82.57 -4.44
C THR P 206 7.98 81.16 -4.29
N TYR P 207 6.86 80.89 -4.97
CA TYR P 207 6.22 79.58 -4.87
C TYR P 207 7.07 78.45 -5.43
N ASP P 208 7.76 78.71 -6.54
CA ASP P 208 8.60 77.70 -7.20
C ASP P 208 9.73 77.13 -6.36
N ARG P 209 9.95 77.70 -5.18
CA ARG P 209 11.01 77.26 -4.29
C ARG P 209 10.43 76.66 -3.01
N LEU P 210 9.16 76.24 -3.04
CA LEU P 210 8.52 75.69 -1.86
C LEU P 210 7.71 74.43 -2.09
N GLU P 211 7.49 73.72 -0.99
CA GLU P 211 6.68 72.51 -0.99
C GLU P 211 5.82 72.68 0.24
N PHE P 212 4.53 72.45 0.08
CA PHE P 212 3.63 72.62 1.19
C PHE P 212 2.68 71.45 1.37
N ALA P 213 2.34 71.18 2.62
CA ALA P 213 1.45 70.08 2.94
C ALA P 213 0.76 70.27 4.29
N THR P 214 -0.44 69.72 4.39
CA THR P 214 -1.22 69.80 5.61
C THR P 214 -1.91 68.47 5.87
N ILE P 215 -2.10 68.14 7.14
CA ILE P 215 -2.80 66.92 7.51
C ILE P 215 -3.94 67.39 8.36
N ARG P 216 -5.09 67.59 7.72
CA ARG P 216 -6.28 68.05 8.42
C ARG P 216 -7.32 66.97 8.54
N LYS P 217 -8.28 67.22 9.44
CA LYS P 217 -9.37 66.28 9.64
C LYS P 217 -10.63 66.94 9.14
N GLY P 218 -10.66 67.27 7.84
CA GLY P 218 -11.82 67.91 7.24
C GLY P 218 -13.09 67.55 7.98
N ALA P 219 -13.56 68.46 8.84
CA ALA P 219 -14.76 68.28 9.66
C ALA P 219 -15.90 67.63 8.87
N ASN P 220 -16.11 68.09 7.64
CA ASN P 220 -17.16 67.56 6.77
C ASN P 220 -16.72 66.18 6.28
N ASP P 221 -16.66 65.23 7.20
CA ASP P 221 -16.25 63.86 6.91
C ASP P 221 -16.14 63.07 8.22
N GLY P 222 -15.04 63.28 8.94
CA GLY P 222 -14.82 62.57 10.19
C GLY P 222 -13.51 61.79 10.13
N GLU P 223 -12.85 61.86 8.98
CA GLU P 223 -11.58 61.17 8.74
C GLU P 223 -10.43 62.19 8.61
N VAL P 224 -9.23 61.69 8.35
CA VAL P 224 -8.04 62.53 8.21
C VAL P 224 -7.63 62.65 6.74
N TYR P 225 -7.21 63.85 6.35
CA TYR P 225 -6.80 64.10 4.97
C TYR P 225 -5.39 64.71 4.85
N GLN P 226 -4.61 64.22 3.88
CA GLN P 226 -3.27 64.74 3.64
C GLN P 226 -3.29 65.50 2.34
N LYS P 227 -3.00 66.79 2.40
CA LYS P 227 -3.00 67.60 1.20
C LYS P 227 -1.60 68.06 0.86
N ILE P 228 -1.10 67.69 -0.30
CA ILE P 228 0.21 68.14 -0.72
C ILE P 228 -0.04 69.21 -1.77
N PHE P 229 0.10 70.47 -1.36
CA PHE P 229 -0.15 71.60 -2.27
C PHE P 229 0.58 71.52 -3.60
N LYS P 230 -0.16 71.90 -4.65
CA LYS P 230 0.36 71.91 -6.01
C LYS P 230 0.92 73.33 -6.23
N PRO P 231 1.88 73.47 -7.16
CA PRO P 231 2.46 74.80 -7.42
C PRO P 231 1.45 75.95 -7.36
N GLN P 232 0.35 75.82 -8.09
CA GLN P 232 -0.67 76.85 -8.13
C GLN P 232 -1.27 77.15 -6.75
N GLU P 233 -1.46 76.11 -5.95
CA GLU P 233 -2.04 76.26 -4.62
C GLU P 233 -1.09 76.99 -3.69
N ILE P 234 0.21 76.80 -3.90
CA ILE P 234 1.22 77.46 -3.10
C ILE P 234 1.31 78.93 -3.51
N LYS P 235 1.25 79.18 -4.82
CA LYS P 235 1.31 80.54 -5.34
C LYS P 235 0.17 81.36 -4.75
N ASP P 236 -1.00 80.74 -4.63
CA ASP P 236 -2.19 81.40 -4.08
C ASP P 236 -1.96 81.77 -2.62
N ILE P 237 -1.87 80.75 -1.77
CA ILE P 237 -1.66 80.90 -0.34
C ILE P 237 -0.48 81.81 -0.01
N LEU P 238 0.47 81.90 -0.94
CA LEU P 238 1.64 82.74 -0.72
C LEU P 238 1.25 84.20 -0.90
N VAL P 239 0.16 84.42 -1.64
CA VAL P 239 -0.36 85.77 -1.90
C VAL P 239 -1.34 86.17 -0.80
N LYS P 240 -2.13 85.20 -0.35
CA LYS P 240 -3.11 85.43 0.71
C LYS P 240 -2.42 85.87 1.98
N THR P 241 -1.35 85.17 2.36
CA THR P 241 -0.62 85.50 3.57
C THR P 241 0.11 86.85 3.48
N GLY P 242 -0.01 87.50 2.33
CA GLY P 242 0.63 88.80 2.15
C GLY P 242 2.13 88.74 1.91
N ILE P 243 2.53 87.91 0.98
CA ILE P 243 3.94 87.77 0.63
C ILE P 243 3.98 87.90 -0.89
N THR P 244 2.77 87.94 -1.47
CA THR P 244 2.55 88.04 -2.93
C THR P 244 3.54 87.18 -3.71
N GLY Q 1 29.87 41.58 7.48
CA GLY Q 1 31.26 41.05 7.41
C GLY Q 1 32.27 42.00 8.05
N TYR Q 2 31.78 43.11 8.63
CA TYR Q 2 32.68 44.08 9.27
C TYR Q 2 32.99 43.70 10.72
N ASP Q 3 34.20 43.21 10.97
CA ASP Q 3 34.58 42.80 12.33
C ASP Q 3 35.80 43.48 12.93
N ARG Q 4 36.12 44.69 12.47
CA ARG Q 4 37.28 45.44 13.00
C ARG Q 4 37.20 45.54 14.51
N ALA Q 5 38.33 45.26 15.17
CA ALA Q 5 38.39 45.34 16.63
C ALA Q 5 38.48 46.82 17.00
N LEU Q 6 37.36 47.38 17.42
CA LEU Q 6 37.30 48.78 17.80
C LEU Q 6 37.62 49.02 19.26
N SER Q 7 37.26 48.07 20.10
CA SER Q 7 37.56 48.17 21.53
C SER Q 7 38.77 47.28 21.78
N ILE Q 8 39.93 47.90 21.96
CA ILE Q 8 41.17 47.16 22.22
C ILE Q 8 41.97 47.81 23.33
N PHE Q 9 43.02 47.13 23.78
CA PHE Q 9 43.87 47.63 24.85
C PHE Q 9 44.95 48.55 24.34
N SER Q 10 45.20 49.61 25.11
CA SER Q 10 46.24 50.57 24.78
C SER Q 10 47.41 50.22 25.72
N PRO Q 11 48.61 50.73 25.43
CA PRO Q 11 49.79 50.45 26.26
C PRO Q 11 49.60 50.52 27.79
N ASP Q 12 48.77 51.44 28.26
CA ASP Q 12 48.57 51.59 29.71
C ASP Q 12 47.51 50.66 30.29
N GLY Q 13 46.95 49.78 29.47
CA GLY Q 13 45.96 48.84 29.96
C GLY Q 13 44.53 49.35 29.95
N HIS Q 14 44.27 50.41 29.18
CA HIS Q 14 42.93 50.96 29.08
C HIS Q 14 42.31 50.60 27.73
N ILE Q 15 40.99 50.58 27.67
CA ILE Q 15 40.29 50.31 26.43
C ILE Q 15 39.61 51.64 26.15
N PHE Q 16 40.30 52.49 25.39
CA PHE Q 16 39.81 53.82 25.11
C PHE Q 16 38.38 54.00 24.62
N GLN Q 17 37.88 53.07 23.80
CA GLN Q 17 36.51 53.22 23.32
C GLN Q 17 35.45 53.08 24.43
N VAL Q 18 35.78 52.33 25.49
CA VAL Q 18 34.87 52.14 26.61
C VAL Q 18 34.92 53.42 27.43
N GLU Q 19 36.13 53.96 27.56
CA GLU Q 19 36.38 55.17 28.31
C GLU Q 19 35.69 56.36 27.65
N TYR Q 20 35.77 56.43 26.32
CA TYR Q 20 35.13 57.50 25.58
C TYR Q 20 33.61 57.34 25.65
N ALA Q 21 33.18 56.09 25.87
CA ALA Q 21 31.75 55.81 25.98
C ALA Q 21 31.29 56.45 27.29
N LEU Q 22 32.15 56.43 28.29
CA LEU Q 22 31.83 57.02 29.58
C LEU Q 22 31.71 58.53 29.49
N GLU Q 23 32.50 59.14 28.59
CA GLU Q 23 32.44 60.60 28.39
C GLU Q 23 31.08 60.97 27.80
N ALA Q 24 30.51 60.05 27.02
CA ALA Q 24 29.20 60.30 26.42
C ALA Q 24 28.17 60.32 27.52
N VAL Q 25 28.42 59.57 28.59
CA VAL Q 25 27.49 59.52 29.71
C VAL Q 25 27.60 60.82 30.51
N LYS Q 26 28.83 61.28 30.74
CA LYS Q 26 29.07 62.52 31.48
C LYS Q 26 28.28 63.64 30.83
N ARG Q 27 28.15 63.58 29.51
CA ARG Q 27 27.44 64.59 28.75
C ARG Q 27 25.91 64.41 28.76
N GLY Q 28 25.45 63.24 29.20
CA GLY Q 28 24.01 63.00 29.25
C GLY Q 28 23.36 63.76 30.39
N THR Q 29 22.05 63.92 30.35
CA THR Q 29 21.35 64.64 31.42
C THR Q 29 21.53 63.85 32.70
N CYS Q 30 21.39 64.54 33.84
CA CYS Q 30 21.56 63.87 35.12
C CYS Q 30 20.39 62.96 35.46
N ALA Q 31 20.69 61.93 36.23
CA ALA Q 31 19.68 60.97 36.66
C ALA Q 31 20.09 60.48 38.04
N VAL Q 32 19.12 60.41 38.93
CA VAL Q 32 19.39 59.97 40.28
C VAL Q 32 18.38 58.91 40.72
N GLY Q 33 18.74 58.17 41.76
CA GLY Q 33 17.88 57.16 42.29
C GLY Q 33 18.16 56.99 43.77
N VAL Q 34 17.11 56.95 44.57
CA VAL Q 34 17.27 56.77 46.00
C VAL Q 34 16.22 55.78 46.48
N LYS Q 35 16.64 54.81 47.29
CA LYS Q 35 15.69 53.84 47.79
C LYS Q 35 15.30 54.15 49.22
N GLY Q 36 14.00 54.17 49.46
CA GLY Q 36 13.47 54.42 50.77
C GLY Q 36 13.42 53.12 51.54
N LYS Q 37 12.45 53.00 52.43
CA LYS Q 37 12.34 51.79 53.23
C LYS Q 37 11.26 50.90 52.61
N ASN Q 38 10.45 51.50 51.76
CA ASN Q 38 9.35 50.79 51.13
C ASN Q 38 9.13 51.31 49.72
N CYS Q 39 10.15 51.91 49.13
CA CYS Q 39 10.02 52.44 47.78
C CYS Q 39 11.38 52.82 47.21
N VAL Q 40 11.38 53.20 45.94
CA VAL Q 40 12.58 53.64 45.25
C VAL Q 40 12.05 54.75 44.35
N VAL Q 41 12.84 55.81 44.19
CA VAL Q 41 12.44 56.92 43.35
C VAL Q 41 13.52 57.23 42.34
N LEU Q 42 13.12 57.53 41.10
CA LEU Q 42 14.07 57.87 40.07
C LEU Q 42 13.77 59.27 39.55
N GLY Q 43 14.78 60.14 39.59
CA GLY Q 43 14.62 61.50 39.12
C GLY Q 43 15.53 61.73 37.95
N CYS Q 44 15.10 62.56 37.01
CA CYS Q 44 15.89 62.85 35.82
C CYS Q 44 15.71 64.30 35.41
N GLU Q 45 16.81 64.98 35.10
CA GLU Q 45 16.71 66.37 34.68
C GLU Q 45 16.42 66.45 33.18
N ARG Q 46 15.71 67.50 32.78
CA ARG Q 46 15.37 67.72 31.38
C ARG Q 46 16.14 68.89 30.81
N ARG Q 47 16.86 68.66 29.72
CA ARG Q 47 17.64 69.71 29.07
C ARG Q 47 16.72 70.90 28.76
N SER Q 48 17.31 72.00 28.31
CA SER Q 48 16.54 73.20 27.94
C SER Q 48 17.15 73.91 26.73
N THR Q 49 18.20 73.32 26.17
CA THR Q 49 18.88 73.85 24.98
C THR Q 49 17.84 74.26 23.93
N LEU Q 50 16.76 73.48 23.86
CA LEU Q 50 15.64 73.72 22.94
C LEU Q 50 14.33 73.42 23.69
N LYS Q 51 13.46 74.41 23.78
CA LYS Q 51 12.19 74.23 24.46
C LYS Q 51 11.10 74.71 23.49
N LEU Q 52 10.03 73.92 23.38
CA LEU Q 52 8.89 74.17 22.51
C LEU Q 52 8.39 72.80 22.12
N GLN Q 53 8.86 71.82 22.89
CA GLN Q 53 8.53 70.42 22.70
C GLN Q 53 7.09 70.06 22.99
N ASP Q 54 6.80 68.78 22.75
CA ASP Q 54 5.50 68.20 23.01
C ASP Q 54 5.83 67.09 23.98
N THR Q 55 5.59 67.35 25.26
CA THR Q 55 5.88 66.39 26.32
C THR Q 55 5.00 65.14 26.34
N ARG Q 56 3.82 65.22 25.71
CA ARG Q 56 2.90 64.07 25.67
C ARG Q 56 3.55 62.85 25.03
N ILE Q 57 4.13 63.08 23.86
CA ILE Q 57 4.76 62.03 23.07
C ILE Q 57 6.28 61.88 23.16
N THR Q 58 7.01 62.96 23.40
CA THR Q 58 8.47 62.86 23.49
C THR Q 58 8.83 61.77 24.50
N PRO Q 59 9.65 60.80 24.07
CA PRO Q 59 10.08 59.70 24.95
C PRO Q 59 10.63 60.19 26.30
N SER Q 60 10.04 59.70 27.39
CA SER Q 60 10.46 60.08 28.74
C SER Q 60 11.75 59.38 29.16
N LYS Q 61 12.39 59.90 30.20
CA LYS Q 61 13.67 59.36 30.66
C LYS Q 61 13.59 58.02 31.40
N VAL Q 62 12.47 57.75 32.06
CA VAL Q 62 12.29 56.49 32.79
C VAL Q 62 11.45 55.54 31.95
N SER Q 63 11.82 54.26 31.95
CA SER Q 63 11.08 53.27 31.18
C SER Q 63 10.79 52.02 32.01
N LYS Q 64 9.65 51.39 31.74
CA LYS Q 64 9.26 50.17 32.42
C LYS Q 64 9.77 49.00 31.60
N ILE Q 65 10.56 48.14 32.22
CA ILE Q 65 11.08 46.96 31.55
C ILE Q 65 9.95 45.96 31.68
N ASP Q 66 9.38 45.92 32.87
CA ASP Q 66 8.24 45.07 33.18
C ASP Q 66 7.37 45.86 34.18
N SER Q 67 6.21 45.33 34.56
CA SER Q 67 5.31 46.02 35.46
C SER Q 67 5.87 46.32 36.86
N HIS Q 68 6.93 45.61 37.26
CA HIS Q 68 7.51 45.82 38.59
C HIS Q 68 8.92 46.44 38.56
N VAL Q 69 9.50 46.59 37.36
CA VAL Q 69 10.85 47.16 37.24
C VAL Q 69 10.92 48.31 36.24
N VAL Q 70 11.72 49.33 36.57
CA VAL Q 70 11.89 50.48 35.70
C VAL Q 70 13.37 50.73 35.50
N LEU Q 71 13.70 51.47 34.45
CA LEU Q 71 15.09 51.76 34.14
C LEU Q 71 15.27 53.18 33.63
N SER Q 72 16.24 53.90 34.18
CA SER Q 72 16.56 55.27 33.73
C SER Q 72 18.00 55.23 33.23
N PHE Q 73 18.41 56.28 32.52
CA PHE Q 73 19.77 56.29 31.97
C PHE Q 73 20.33 57.69 31.69
N SER Q 74 21.62 57.71 31.38
CA SER Q 74 22.35 58.94 31.04
C SER Q 74 23.30 58.55 29.92
N GLY Q 75 23.30 59.34 28.85
CA GLY Q 75 24.15 59.05 27.71
C GLY Q 75 23.38 59.24 26.42
N LEU Q 76 23.78 58.52 25.38
CA LEU Q 76 23.15 58.61 24.07
C LEU Q 76 21.76 58.00 24.13
N ASN Q 77 20.75 58.78 23.78
CA ASN Q 77 19.38 58.29 23.82
C ASN Q 77 19.14 57.12 22.89
N ALA Q 78 19.54 57.28 21.63
CA ALA Q 78 19.37 56.22 20.65
C ALA Q 78 19.88 54.89 21.18
N ASP Q 79 21.06 54.90 21.81
CA ASP Q 79 21.62 53.68 22.36
C ASP Q 79 20.72 53.07 23.45
N SER Q 80 20.21 53.90 24.34
CA SER Q 80 19.38 53.40 25.42
C SER Q 80 18.18 52.61 24.92
N ARG Q 81 17.65 52.96 23.75
CA ARG Q 81 16.50 52.24 23.20
C ARG Q 81 16.86 50.77 22.95
N ILE Q 82 17.99 50.55 22.27
CA ILE Q 82 18.43 49.21 21.96
C ILE Q 82 18.52 48.40 23.25
N LEU Q 83 19.03 49.01 24.31
CA LEU Q 83 19.14 48.30 25.57
C LEU Q 83 17.77 48.07 26.20
N ILE Q 84 16.91 49.08 26.17
CA ILE Q 84 15.58 48.93 26.76
C ILE Q 84 14.81 47.76 26.10
N GLU Q 85 14.87 47.69 24.77
CA GLU Q 85 14.18 46.64 24.04
C GLU Q 85 14.65 45.27 24.46
N LYS Q 86 15.96 45.06 24.44
CA LYS Q 86 16.51 43.78 24.83
C LYS Q 86 16.06 43.42 26.24
N ALA Q 87 16.13 44.38 27.15
CA ALA Q 87 15.73 44.16 28.54
C ALA Q 87 14.25 43.77 28.63
N ARG Q 88 13.42 44.43 27.84
CA ARG Q 88 12.00 44.15 27.83
C ARG Q 88 11.71 42.76 27.30
N VAL Q 89 12.37 42.41 26.19
CA VAL Q 89 12.20 41.10 25.60
C VAL Q 89 12.62 40.04 26.61
N GLU Q 90 13.81 40.21 27.18
CA GLU Q 90 14.28 39.24 28.16
C GLU Q 90 13.30 39.12 29.32
N ALA Q 91 12.67 40.22 29.68
CA ALA Q 91 11.70 40.22 30.78
C ALA Q 91 10.58 39.23 30.49
N GLN Q 92 10.02 39.32 29.28
CA GLN Q 92 8.92 38.42 28.89
C GLN Q 92 9.39 36.98 28.73
N SER Q 93 10.57 36.79 28.14
CA SER Q 93 11.11 35.45 27.96
C SER Q 93 11.34 34.73 29.29
N HIS Q 94 11.80 35.49 30.28
CA HIS Q 94 12.06 34.94 31.60
C HIS Q 94 10.76 34.48 32.25
N ARG Q 95 9.69 35.24 32.03
CA ARG Q 95 8.39 34.89 32.58
C ARG Q 95 7.87 33.63 31.93
N LEU Q 96 8.07 33.55 30.62
CA LEU Q 96 7.64 32.41 29.82
C LEU Q 96 8.32 31.08 30.17
N THR Q 97 9.62 31.11 30.49
CA THR Q 97 10.32 29.87 30.81
C THR Q 97 10.46 29.57 32.29
N LEU Q 98 10.55 30.62 33.12
CA LEU Q 98 10.70 30.42 34.56
C LEU Q 98 9.37 30.46 35.29
N GLU Q 99 8.37 30.99 34.60
CA GLU Q 99 7.03 31.14 35.15
C GLU Q 99 7.10 31.99 36.41
N ASP Q 100 7.82 33.11 36.28
CA ASP Q 100 8.00 34.06 37.37
C ASP Q 100 8.72 35.28 36.78
N PRO Q 101 8.25 36.49 37.09
CA PRO Q 101 8.95 37.65 36.54
C PRO Q 101 10.35 37.80 37.09
N VAL Q 102 11.20 38.51 36.36
CA VAL Q 102 12.59 38.71 36.74
C VAL Q 102 12.80 39.50 38.01
N THR Q 103 13.92 39.23 38.67
CA THR Q 103 14.30 39.96 39.87
C THR Q 103 15.07 41.15 39.29
N VAL Q 104 15.26 42.20 40.08
CA VAL Q 104 15.97 43.38 39.62
C VAL Q 104 17.45 43.06 39.36
N GLU Q 105 18.03 42.22 40.21
CA GLU Q 105 19.42 41.84 40.06
C GLU Q 105 19.58 41.11 38.72
N TYR Q 106 18.64 40.22 38.43
CA TYR Q 106 18.68 39.45 37.20
C TYR Q 106 18.62 40.34 35.99
N LEU Q 107 17.61 41.22 35.95
CA LEU Q 107 17.45 42.11 34.82
C LEU Q 107 18.71 42.98 34.64
N THR Q 108 19.26 43.45 35.77
CA THR Q 108 20.46 44.29 35.74
C THR Q 108 21.63 43.50 35.16
N ARG Q 109 21.82 42.31 35.68
CA ARG Q 109 22.89 41.43 35.23
C ARG Q 109 22.81 41.14 33.72
N TYR Q 110 21.59 41.08 33.20
CA TYR Q 110 21.38 40.82 31.79
C TYR Q 110 21.79 42.04 30.97
N VAL Q 111 21.31 43.20 31.40
CA VAL Q 111 21.61 44.45 30.70
C VAL Q 111 23.12 44.68 30.70
N ALA Q 112 23.74 44.42 31.84
CA ALA Q 112 25.18 44.59 31.97
C ALA Q 112 25.94 43.68 31.00
N GLY Q 113 25.49 42.43 30.91
CA GLY Q 113 26.12 41.47 30.03
C GLY Q 113 26.08 41.93 28.58
N VAL Q 114 24.96 42.50 28.17
CA VAL Q 114 24.82 42.99 26.81
C VAL Q 114 25.84 44.12 26.63
N GLN Q 115 25.90 45.02 27.60
CA GLN Q 115 26.83 46.12 27.51
C GLN Q 115 28.27 45.60 27.41
N GLN Q 116 28.61 44.64 28.24
CA GLN Q 116 29.96 44.09 28.24
C GLN Q 116 30.28 43.42 26.92
N ARG Q 117 29.33 42.68 26.37
CA ARG Q 117 29.50 41.98 25.11
C ARG Q 117 29.98 42.95 24.01
N TYR Q 118 29.42 44.16 24.00
CA TYR Q 118 29.79 45.16 23.02
C TYR Q 118 31.16 45.81 23.26
N THR Q 119 31.85 45.40 24.33
CA THR Q 119 33.16 45.96 24.61
C THR Q 119 34.25 45.02 24.10
N GLN Q 120 33.88 43.83 23.62
CA GLN Q 120 34.89 42.92 23.09
C GLN Q 120 34.42 42.02 21.95
N SER Q 121 33.60 42.61 21.08
CA SER Q 121 33.08 41.95 19.88
C SER Q 121 33.48 42.82 18.68
N GLY Q 122 34.01 42.20 17.64
CA GLY Q 122 34.43 42.97 16.48
C GLY Q 122 33.33 43.69 15.72
N GLY Q 123 33.67 44.81 15.11
CA GLY Q 123 32.70 45.56 14.33
C GLY Q 123 31.71 46.46 15.07
N VAL Q 124 31.79 46.51 16.40
CA VAL Q 124 30.86 47.34 17.14
C VAL Q 124 31.52 48.19 18.23
N ARG Q 125 30.86 49.28 18.60
CA ARG Q 125 31.38 50.14 19.65
C ARG Q 125 30.51 49.96 20.89
N PRO Q 126 31.07 50.26 22.08
CA PRO Q 126 30.33 50.12 23.34
C PRO Q 126 29.13 51.07 23.39
N PHE Q 127 28.21 50.77 24.30
CA PHE Q 127 27.04 51.61 24.46
C PHE Q 127 27.45 52.88 25.20
N GLY Q 128 27.09 54.04 24.65
CA GLY Q 128 27.42 55.28 25.31
C GLY Q 128 26.29 55.52 26.31
N VAL Q 129 26.07 54.54 27.18
CA VAL Q 129 25.00 54.60 28.16
C VAL Q 129 25.35 54.01 29.53
N SER Q 130 24.77 54.60 30.57
CA SER Q 130 24.95 54.13 31.94
C SER Q 130 23.51 54.08 32.45
N THR Q 131 23.15 53.03 33.16
CA THR Q 131 21.78 52.92 33.62
C THR Q 131 21.55 52.72 35.11
N LEU Q 132 20.33 53.03 35.51
CA LEU Q 132 19.85 52.86 36.87
C LEU Q 132 18.62 52.01 36.71
N ILE Q 133 18.63 50.84 37.34
CA ILE Q 133 17.51 49.92 37.26
C ILE Q 133 16.96 49.72 38.67
N ALA Q 134 15.66 49.95 38.84
CA ALA Q 134 15.05 49.80 40.16
C ALA Q 134 13.64 49.21 40.14
N GLY Q 135 13.30 48.56 41.25
CA GLY Q 135 11.99 47.94 41.40
C GLY Q 135 11.96 46.99 42.58
N PHE Q 136 11.00 46.07 42.57
CA PHE Q 136 10.84 45.08 43.64
C PHE Q 136 10.72 43.65 43.12
N ASP Q 137 11.54 42.75 43.65
CA ASP Q 137 11.49 41.36 43.25
C ASP Q 137 10.06 40.86 43.46
N PRO Q 138 9.64 39.85 42.68
CA PRO Q 138 8.28 39.30 42.82
C PRO Q 138 7.94 38.84 44.25
N ARG Q 139 6.80 39.32 44.74
CA ARG Q 139 6.30 38.98 46.08
C ARG Q 139 7.19 39.45 47.23
N ASP Q 140 8.21 40.25 46.89
CA ASP Q 140 9.17 40.79 47.88
C ASP Q 140 8.90 42.30 48.04
N ASP Q 141 9.17 42.82 49.24
CA ASP Q 141 8.93 44.24 49.51
C ASP Q 141 10.18 45.06 49.82
N GLU Q 142 11.35 44.44 49.70
CA GLU Q 142 12.61 45.13 49.93
C GLU Q 142 13.01 45.84 48.62
N PRO Q 143 13.12 47.17 48.64
CA PRO Q 143 13.50 47.91 47.43
C PRO Q 143 14.89 47.58 46.87
N LYS Q 144 15.01 47.64 45.55
CA LYS Q 144 16.26 47.34 44.85
C LYS Q 144 16.64 48.46 43.89
N LEU Q 145 17.92 48.85 43.94
CA LEU Q 145 18.44 49.90 43.09
C LEU Q 145 19.82 49.46 42.56
N TYR Q 146 19.98 49.46 41.24
CA TYR Q 146 21.22 49.04 40.62
C TYR Q 146 21.73 49.98 39.53
N GLN Q 147 23.03 49.94 39.27
CA GLN Q 147 23.64 50.77 38.25
C GLN Q 147 24.54 49.96 37.32
N THR Q 148 24.49 50.27 36.03
CA THR Q 148 25.33 49.59 35.06
C THR Q 148 26.04 50.66 34.27
N GLU Q 149 27.16 50.31 33.65
CA GLU Q 149 27.92 51.26 32.84
C GLU Q 149 28.49 50.62 31.58
N PRO Q 150 28.97 51.44 30.64
CA PRO Q 150 29.55 50.96 29.38
C PRO Q 150 30.42 49.72 29.47
N SER Q 151 31.26 49.64 30.50
CA SER Q 151 32.16 48.49 30.66
C SER Q 151 31.43 47.17 30.90
N GLY Q 152 30.24 47.25 31.48
CA GLY Q 152 29.48 46.04 31.76
C GLY Q 152 29.45 45.72 33.23
N ILE Q 153 30.08 46.58 34.03
CA ILE Q 153 30.11 46.42 35.48
C ILE Q 153 28.80 46.94 36.06
N TYR Q 154 28.33 46.30 37.13
CA TYR Q 154 27.09 46.71 37.78
C TYR Q 154 27.16 46.43 39.27
N SER Q 155 26.32 47.13 40.03
CA SER Q 155 26.26 46.97 41.48
C SER Q 155 25.06 47.74 42.04
N SER Q 156 24.66 47.43 43.27
CA SER Q 156 23.51 48.12 43.85
C SER Q 156 23.94 49.28 44.75
N TRP Q 157 23.06 50.28 44.83
CA TRP Q 157 23.32 51.47 45.60
C TRP Q 157 22.17 51.83 46.52
N SER Q 158 22.49 52.51 47.63
CA SER Q 158 21.49 52.95 48.59
C SER Q 158 20.85 54.15 47.90
N ALA Q 159 21.67 54.82 47.09
CA ALA Q 159 21.25 55.96 46.31
C ALA Q 159 22.42 56.20 45.36
N GLN Q 160 22.14 56.70 44.16
CA GLN Q 160 23.18 56.94 43.19
C GLN Q 160 22.71 57.87 42.05
N THR Q 161 23.67 58.47 41.37
CA THR Q 161 23.37 59.37 40.27
C THR Q 161 24.39 59.16 39.14
N ILE Q 162 24.02 59.55 37.93
CA ILE Q 162 24.89 59.43 36.77
C ILE Q 162 24.54 60.58 35.86
N GLY Q 163 25.42 60.89 34.92
CA GLY Q 163 25.16 62.00 34.00
C GLY Q 163 25.97 63.24 34.34
N ARG Q 164 25.66 64.35 33.68
CA ARG Q 164 26.39 65.60 33.92
C ARG Q 164 26.11 66.11 35.33
N ASN Q 165 27.18 66.43 36.05
CA ASN Q 165 27.11 66.93 37.42
C ASN Q 165 26.75 65.84 38.42
N SER Q 166 26.88 64.58 38.00
CA SER Q 166 26.57 63.50 38.92
C SER Q 166 27.56 63.63 40.08
N LYS Q 167 28.73 64.20 39.78
CA LYS Q 167 29.80 64.41 40.75
C LYS Q 167 29.29 65.24 41.94
N THR Q 168 28.62 66.35 41.60
CA THR Q 168 28.04 67.26 42.58
C THR Q 168 26.94 66.60 43.39
N VAL Q 169 25.89 66.16 42.68
CA VAL Q 169 24.74 65.50 43.30
C VAL Q 169 25.08 64.26 44.13
N ARG Q 170 26.21 63.62 43.85
CA ARG Q 170 26.58 62.46 44.63
C ARG Q 170 27.05 62.94 45.99
N GLU Q 171 27.76 64.07 46.00
CA GLU Q 171 28.26 64.68 47.22
C GLU Q 171 27.09 64.96 48.14
N PHE Q 172 26.07 65.63 47.59
CA PHE Q 172 24.88 65.94 48.34
C PHE Q 172 24.37 64.65 49.00
N LEU Q 173 24.09 63.64 48.19
CA LEU Q 173 23.59 62.35 48.65
C LEU Q 173 24.45 61.67 49.71
N GLU Q 174 25.76 61.74 49.56
CA GLU Q 174 26.65 61.09 50.53
C GLU Q 174 26.50 61.73 51.92
N LYS Q 175 26.32 63.04 51.95
CA LYS Q 175 26.15 63.74 53.22
C LYS Q 175 24.68 64.15 53.41
N ASN Q 176 23.78 63.25 53.03
CA ASN Q 176 22.35 63.51 53.16
C ASN Q 176 21.55 62.21 53.18
N TYR Q 177 22.24 61.08 53.02
CA TYR Q 177 21.57 59.79 53.05
C TYR Q 177 22.18 58.96 54.16
N ASP Q 178 21.38 58.69 55.18
CA ASP Q 178 21.81 57.91 56.32
C ASP Q 178 21.27 56.51 56.16
N ARG Q 179 22.16 55.57 55.87
CA ARG Q 179 21.76 54.18 55.71
C ARG Q 179 21.02 53.74 56.98
N LYS Q 180 21.52 54.24 58.11
CA LYS Q 180 20.92 53.94 59.41
C LYS Q 180 19.41 54.16 59.33
N GLU Q 181 19.01 55.31 58.81
CA GLU Q 181 17.59 55.64 58.70
C GLU Q 181 17.22 56.17 57.31
N PRO Q 182 16.85 55.26 56.40
CA PRO Q 182 16.47 55.63 55.04
C PRO Q 182 15.09 56.27 55.01
N PRO Q 183 14.82 57.11 53.99
CA PRO Q 183 13.53 57.78 53.85
C PRO Q 183 12.37 56.81 54.03
N ALA Q 184 11.98 56.59 55.29
CA ALA Q 184 10.90 55.67 55.61
C ALA Q 184 9.53 56.08 55.05
N THR Q 185 9.52 57.08 54.17
CA THR Q 185 8.26 57.52 53.57
C THR Q 185 8.41 57.81 52.09
N VAL Q 186 7.39 57.47 51.34
CA VAL Q 186 7.39 57.72 49.91
C VAL Q 186 7.60 59.23 49.75
N GLU Q 187 6.89 60.01 50.57
CA GLU Q 187 6.98 61.45 50.50
C GLU Q 187 8.39 62.00 50.75
N GLU Q 188 8.95 61.73 51.92
CA GLU Q 188 10.27 62.24 52.23
C GLU Q 188 11.35 61.67 51.31
N CYS Q 189 11.06 60.54 50.67
CA CYS Q 189 12.01 59.92 49.76
C CYS Q 189 12.04 60.71 48.46
N VAL Q 190 10.88 61.16 48.01
CA VAL Q 190 10.80 61.96 46.79
C VAL Q 190 11.45 63.32 47.06
N LYS Q 191 11.23 63.83 48.27
CA LYS Q 191 11.79 65.12 48.66
C LYS Q 191 13.30 65.05 48.48
N LEU Q 192 13.92 64.09 49.16
CA LEU Q 192 15.36 63.91 49.08
C LEU Q 192 15.86 63.85 47.63
N THR Q 193 15.06 63.24 46.75
CA THR Q 193 15.42 63.12 45.34
C THR Q 193 15.37 64.45 44.61
N VAL Q 194 14.35 65.27 44.89
CA VAL Q 194 14.24 66.57 44.25
C VAL Q 194 15.34 67.48 44.81
N ARG Q 195 15.53 67.42 46.12
CA ARG Q 195 16.55 68.22 46.76
C ARG Q 195 17.89 68.03 46.06
N SER Q 196 18.24 66.79 45.76
CA SER Q 196 19.51 66.53 45.09
C SER Q 196 19.57 67.00 43.64
N LEU Q 197 18.44 66.96 42.94
CA LEU Q 197 18.41 67.41 41.55
C LEU Q 197 18.47 68.93 41.46
N LEU Q 198 18.04 69.60 42.52
CA LEU Q 198 18.05 71.06 42.57
C LEU Q 198 19.46 71.61 42.69
N GLU Q 199 20.35 70.82 43.26
CA GLU Q 199 21.75 71.20 43.42
C GLU Q 199 22.40 71.38 42.07
N VAL Q 200 21.71 70.96 41.01
CA VAL Q 200 22.27 71.03 39.66
C VAL Q 200 21.33 71.47 38.56
N VAL Q 201 20.01 71.35 38.76
CA VAL Q 201 19.06 71.73 37.73
C VAL Q 201 18.83 73.25 37.59
N GLN Q 202 19.22 73.99 38.63
CA GLN Q 202 19.07 75.45 38.64
C GLN Q 202 17.65 75.87 38.22
N THR Q 203 16.75 75.91 39.20
CA THR Q 203 15.34 76.26 38.99
C THR Q 203 14.77 75.62 37.73
N GLY Q 204 14.12 74.48 37.92
CA GLY Q 204 13.53 73.78 36.81
C GLY Q 204 12.36 72.90 37.20
N ALA Q 205 11.20 73.51 37.44
CA ALA Q 205 10.02 72.76 37.80
C ALA Q 205 9.68 71.82 36.63
N LYS Q 206 9.78 72.36 35.42
CA LYS Q 206 9.50 71.57 34.21
C LYS Q 206 10.76 70.86 33.73
N ASN Q 207 11.82 70.92 34.53
CA ASN Q 207 13.08 70.27 34.20
C ASN Q 207 13.38 69.13 35.17
N ILE Q 208 12.35 68.66 35.86
CA ILE Q 208 12.56 67.57 36.81
C ILE Q 208 11.39 66.62 36.85
N GLU Q 209 11.57 65.45 36.24
CA GLU Q 209 10.52 64.45 36.26
C GLU Q 209 10.86 63.42 37.33
N ILE Q 210 9.82 62.85 37.95
CA ILE Q 210 10.03 61.85 39.00
C ILE Q 210 9.05 60.69 38.90
N THR Q 211 9.56 59.50 39.14
CA THR Q 211 8.74 58.30 39.11
C THR Q 211 8.92 57.57 40.44
N VAL Q 212 7.82 57.07 41.00
CA VAL Q 212 7.89 56.36 42.27
C VAL Q 212 7.46 54.92 42.09
N VAL Q 213 8.30 54.01 42.54
CA VAL Q 213 8.00 52.59 42.42
C VAL Q 213 7.87 51.95 43.81
N LYS Q 214 6.70 51.36 44.07
CA LYS Q 214 6.42 50.71 45.33
C LYS Q 214 6.29 49.23 45.05
N PRO Q 215 6.22 48.40 46.10
CA PRO Q 215 6.08 46.95 45.92
C PRO Q 215 4.88 46.54 45.05
N ASP Q 216 4.93 45.29 44.58
CA ASP Q 216 3.88 44.70 43.75
C ASP Q 216 3.44 45.52 42.55
N SER Q 217 4.39 45.78 41.66
CA SER Q 217 4.14 46.51 40.43
C SER Q 217 3.32 47.78 40.59
N ASP Q 218 3.70 48.61 41.56
CA ASP Q 218 3.00 49.86 41.82
C ASP Q 218 3.89 51.03 41.42
N ILE Q 219 3.91 51.34 40.14
CA ILE Q 219 4.73 52.44 39.63
C ILE Q 219 3.87 53.56 39.09
N VAL Q 220 4.28 54.80 39.37
CA VAL Q 220 3.55 55.97 38.90
C VAL Q 220 4.47 57.17 38.77
N ALA Q 221 4.19 58.01 37.78
CA ALA Q 221 4.98 59.20 37.53
C ALA Q 221 4.22 60.42 38.03
N LEU Q 222 4.92 61.31 38.74
CA LEU Q 222 4.29 62.52 39.26
C LEU Q 222 4.12 63.55 38.15
N SER Q 223 3.19 64.47 38.35
CA SER Q 223 2.94 65.53 37.38
C SER Q 223 3.71 66.78 37.82
N SER Q 224 3.88 67.72 36.90
CA SER Q 224 4.60 68.94 37.21
C SER Q 224 4.24 69.51 38.59
N GLU Q 225 2.94 69.73 38.82
CA GLU Q 225 2.45 70.29 40.07
C GLU Q 225 3.01 69.55 41.27
N GLU Q 226 2.63 68.29 41.39
CA GLU Q 226 3.06 67.45 42.50
C GLU Q 226 4.57 67.59 42.72
N ILE Q 227 5.31 67.82 41.64
CA ILE Q 227 6.75 67.98 41.77
C ILE Q 227 7.06 69.41 42.21
N ASN Q 228 6.45 70.37 41.52
CA ASN Q 228 6.64 71.78 41.82
C ASN Q 228 6.25 72.09 43.26
N GLN Q 229 5.38 71.25 43.82
CA GLN Q 229 4.95 71.43 45.20
C GLN Q 229 6.13 71.10 46.10
N TYR Q 230 6.89 70.07 45.74
CA TYR Q 230 8.05 69.69 46.52
C TYR Q 230 9.10 70.78 46.36
N VAL Q 231 9.22 71.31 45.15
CA VAL Q 231 10.18 72.39 44.88
C VAL Q 231 9.89 73.56 45.82
N THR Q 232 8.61 73.92 45.93
CA THR Q 232 8.19 75.03 46.77
C THR Q 232 8.58 74.85 48.24
N GLN Q 233 8.17 73.72 48.82
CA GLN Q 233 8.46 73.44 50.22
C GLN Q 233 9.96 73.39 50.54
N ILE Q 234 10.77 73.05 49.55
CA ILE Q 234 12.22 72.96 49.76
C ILE Q 234 12.92 74.31 49.76
N GLU Q 235 12.46 75.22 48.92
CA GLU Q 235 13.06 76.55 48.85
C GLU Q 235 12.74 77.37 50.09
N GLN Q 236 11.77 76.91 50.85
CA GLN Q 236 11.40 77.59 52.08
C GLN Q 236 12.34 77.15 53.19
N GLU Q 237 12.61 75.84 53.25
CA GLU Q 237 13.52 75.28 54.24
C GLU Q 237 14.83 76.08 54.25
N LYS Q 238 15.16 76.66 53.10
CA LYS Q 238 16.38 77.46 52.92
C LYS Q 238 16.23 78.88 53.46
N GLN Q 239 15.21 79.59 53.00
CA GLN Q 239 14.93 80.96 53.41
C GLN Q 239 14.54 81.05 54.89
N GLU Q 240 13.96 79.96 55.42
CA GLU Q 240 13.58 79.91 56.83
C GLU Q 240 14.86 79.73 57.64
N GLN Q 241 15.96 80.21 57.07
CA GLN Q 241 17.28 80.10 57.70
C GLN Q 241 18.25 81.13 57.10
N ASP R 1 46.21 51.04 11.64
CA ASP R 1 46.73 50.68 13.00
C ASP R 1 47.69 49.49 12.91
N ARG R 2 47.31 48.37 13.52
CA ARG R 2 48.14 47.17 13.53
C ARG R 2 47.38 45.97 14.10
N GLY R 3 47.50 44.82 13.45
CA GLY R 3 46.82 43.60 13.89
C GLY R 3 46.71 43.43 15.40
N VAL R 4 45.53 42.99 15.86
CA VAL R 4 45.30 42.81 17.30
C VAL R 4 46.05 41.60 17.87
N SER R 5 46.47 40.69 16.99
CA SER R 5 47.21 39.52 17.42
C SER R 5 48.58 39.57 16.76
N THR R 6 49.27 40.68 16.94
CA THR R 6 50.59 40.92 16.36
C THR R 6 51.73 40.74 17.36
N PHE R 7 52.89 40.34 16.87
CA PHE R 7 54.07 40.15 17.70
C PHE R 7 54.94 41.40 17.78
N SER R 8 55.49 41.64 18.96
CA SER R 8 56.39 42.78 19.17
C SER R 8 57.75 42.26 18.73
N PRO R 9 58.72 43.15 18.56
CA PRO R 9 60.03 42.65 18.13
C PRO R 9 60.71 41.76 19.18
N GLU R 10 60.24 41.84 20.42
CA GLU R 10 60.78 41.04 21.51
C GLU R 10 60.09 39.69 21.58
N GLY R 11 59.16 39.45 20.66
CA GLY R 11 58.47 38.19 20.64
C GLY R 11 57.28 38.07 21.58
N ARG R 12 56.62 39.19 21.86
CA ARG R 12 55.46 39.16 22.73
C ARG R 12 54.21 39.66 22.01
N LEU R 13 53.05 39.26 22.51
CA LEU R 13 51.78 39.66 21.91
C LEU R 13 51.29 40.95 22.56
N PHE R 14 51.42 42.04 21.81
CA PHE R 14 51.02 43.36 22.26
C PHE R 14 49.76 43.38 23.11
N GLN R 15 48.65 42.96 22.51
CA GLN R 15 47.39 42.96 23.21
C GLN R 15 47.40 42.19 24.52
N VAL R 16 48.09 41.06 24.56
CA VAL R 16 48.15 40.29 25.80
C VAL R 16 48.92 41.04 26.87
N GLU R 17 50.00 41.70 26.45
CA GLU R 17 50.83 42.47 27.38
C GLU R 17 50.03 43.61 27.98
N TYR R 18 49.43 44.44 27.12
CA TYR R 18 48.63 45.56 27.61
C TYR R 18 47.51 45.01 28.49
N SER R 19 47.04 43.82 28.13
CA SER R 19 45.97 43.15 28.86
C SER R 19 46.36 43.05 30.34
N LEU R 20 47.60 42.65 30.56
CA LEU R 20 48.13 42.51 31.91
C LEU R 20 48.19 43.84 32.67
N GLU R 21 48.51 44.92 31.97
CA GLU R 21 48.58 46.24 32.60
C GLU R 21 47.25 46.62 33.23
N ALA R 22 46.17 46.15 32.62
CA ALA R 22 44.83 46.42 33.09
C ALA R 22 44.57 45.63 34.38
N ILE R 23 45.17 44.45 34.46
CA ILE R 23 44.99 43.61 35.62
C ILE R 23 45.71 44.20 36.83
N LYS R 24 46.85 44.83 36.58
CA LYS R 24 47.63 45.46 37.64
C LYS R 24 46.84 46.55 38.34
N LEU R 25 45.84 47.10 37.66
CA LEU R 25 45.01 48.15 38.23
C LEU R 25 43.82 47.59 39.00
N GLY R 26 43.66 46.28 38.97
CA GLY R 26 42.52 45.67 39.65
C GLY R 26 42.65 45.52 41.16
N SER R 27 41.52 45.19 41.80
CA SER R 27 41.48 44.99 43.24
C SER R 27 42.23 43.72 43.60
N THR R 28 42.96 43.77 44.71
CA THR R 28 43.75 42.62 45.15
C THR R 28 42.93 41.37 45.50
N ALA R 29 43.53 40.22 45.20
CA ALA R 29 42.93 38.93 45.48
C ALA R 29 44.09 37.99 45.83
N ILE R 30 43.93 37.21 46.89
CA ILE R 30 44.98 36.30 47.34
C ILE R 30 44.49 34.87 47.57
N GLY R 31 45.36 33.90 47.33
CA GLY R 31 45.00 32.52 47.54
C GLY R 31 46.10 31.71 48.20
N ILE R 32 45.71 30.96 49.23
CA ILE R 32 46.66 30.12 49.96
C ILE R 32 46.14 28.68 50.03
N ALA R 33 47.01 27.75 49.67
CA ALA R 33 46.65 26.34 49.65
C ALA R 33 47.33 25.53 50.75
N THR R 34 46.52 24.87 51.58
CA THR R 34 47.03 24.04 52.68
C THR R 34 46.46 22.63 52.55
N LYS R 35 46.94 21.68 53.35
CA LYS R 35 46.43 20.31 53.27
C LYS R 35 45.07 20.16 53.97
N GLU R 36 44.49 21.30 54.34
CA GLU R 36 43.19 21.34 55.01
C GLU R 36 42.22 22.12 54.14
N GLY R 37 42.66 22.50 52.96
CA GLY R 37 41.82 23.27 52.05
C GLY R 37 42.53 24.47 51.43
N VAL R 38 41.83 25.22 50.59
CA VAL R 38 42.40 26.39 49.96
C VAL R 38 41.58 27.59 50.38
N VAL R 39 42.21 28.74 50.55
CA VAL R 39 41.50 29.94 50.96
C VAL R 39 41.65 31.03 49.91
N LEU R 40 40.56 31.73 49.63
CA LEU R 40 40.54 32.81 48.66
C LEU R 40 39.96 34.06 49.32
N GLY R 41 40.66 35.18 49.16
CA GLY R 41 40.20 36.43 49.73
C GLY R 41 40.37 37.57 48.74
N VAL R 42 39.51 38.58 48.83
CA VAL R 42 39.59 39.71 47.92
C VAL R 42 39.26 41.06 48.57
N GLU R 43 39.73 42.11 47.92
CA GLU R 43 39.49 43.47 48.36
C GLU R 43 38.24 43.94 47.63
N LYS R 44 37.13 44.09 48.35
CA LYS R 44 35.90 44.57 47.72
C LYS R 44 36.21 45.86 46.95
N ARG R 45 36.63 46.89 47.68
CA ARG R 45 36.98 48.18 47.10
C ARG R 45 35.83 48.97 46.45
N ALA R 46 34.85 49.37 47.26
CA ALA R 46 33.70 50.14 46.75
C ALA R 46 34.16 51.57 46.41
N THR R 47 33.70 52.09 45.28
CA THR R 47 34.11 53.43 44.83
C THR R 47 33.40 54.61 45.46
N SER R 48 32.43 54.33 46.32
CA SER R 48 31.67 55.37 47.00
C SER R 48 30.91 54.72 48.16
N PRO R 49 30.82 55.41 49.30
CA PRO R 49 30.11 54.85 50.46
C PRO R 49 28.62 54.50 50.23
N LEU R 50 28.04 54.97 49.13
CA LEU R 50 26.64 54.69 48.84
C LEU R 50 26.45 53.34 48.13
N LEU R 51 27.55 52.81 47.59
CA LEU R 51 27.58 51.52 46.91
C LEU R 51 27.45 50.43 47.98
N GLU R 52 26.40 49.60 47.88
CA GLU R 52 26.19 48.52 48.84
C GLU R 52 27.21 47.41 48.63
N SER R 53 28.24 47.42 49.48
CA SER R 53 29.37 46.50 49.40
C SER R 53 29.12 45.01 49.15
N ASP R 54 28.02 44.47 49.64
CA ASP R 54 27.79 43.04 49.43
C ASP R 54 27.22 42.67 48.07
N SER R 55 27.11 43.67 47.19
CA SER R 55 26.63 43.43 45.84
C SER R 55 27.89 43.36 44.99
N ILE R 56 29.04 43.25 45.66
CA ILE R 56 30.31 43.16 44.95
C ILE R 56 30.71 41.69 44.99
N GLU R 57 30.58 41.05 43.83
CA GLU R 57 30.85 39.63 43.69
C GLU R 57 32.17 39.32 42.98
N LYS R 58 33.26 39.29 43.73
CA LYS R 58 34.56 38.99 43.14
C LYS R 58 35.05 37.59 43.47
N ILE R 59 34.25 36.86 44.23
CA ILE R 59 34.53 35.48 44.59
C ILE R 59 33.29 34.67 44.17
N VAL R 60 33.48 33.71 43.27
CA VAL R 60 32.34 32.93 42.78
C VAL R 60 32.61 31.44 42.76
N GLU R 61 31.52 30.67 42.83
CA GLU R 61 31.57 29.20 42.80
C GLU R 61 31.49 28.68 41.36
N ILE R 62 32.36 27.74 41.02
CA ILE R 62 32.33 27.13 39.69
C ILE R 62 31.48 25.86 39.86
N ASP R 63 31.89 25.02 40.81
CA ASP R 63 31.16 23.79 41.15
C ASP R 63 31.30 23.60 42.68
N ARG R 64 30.77 22.51 43.22
CA ARG R 64 30.86 22.32 44.66
C ARG R 64 32.29 22.15 45.15
N HIS R 65 33.18 21.73 44.27
CA HIS R 65 34.57 21.51 44.65
C HIS R 65 35.54 22.52 44.01
N ILE R 66 35.00 23.58 43.42
CA ILE R 66 35.82 24.60 42.78
C ILE R 66 35.22 26.00 42.93
N GLY R 67 36.07 26.95 43.32
CA GLY R 67 35.64 28.32 43.46
C GLY R 67 36.73 29.18 42.85
N CYS R 68 36.50 30.47 42.70
CA CYS R 68 37.55 31.30 42.14
C CYS R 68 37.39 32.79 42.42
N ALA R 69 38.51 33.50 42.32
CA ALA R 69 38.53 34.93 42.55
C ALA R 69 39.12 35.64 41.34
N MET R 70 38.66 36.88 41.14
CA MET R 70 39.07 37.68 39.99
C MET R 70 39.69 39.03 40.36
N SER R 71 40.41 39.60 39.40
CA SER R 71 41.08 40.88 39.56
C SER R 71 41.30 41.53 38.20
N GLY R 72 40.93 42.79 38.08
CA GLY R 72 41.09 43.49 36.82
C GLY R 72 39.72 43.89 36.31
N LEU R 73 39.53 43.83 34.99
CA LEU R 73 38.23 44.17 34.41
C LEU R 73 37.30 43.01 34.72
N THR R 74 36.65 43.07 35.88
CA THR R 74 35.75 42.02 36.35
C THR R 74 34.59 41.63 35.43
N ALA R 75 34.07 42.59 34.68
CA ALA R 75 32.97 42.31 33.77
C ALA R 75 33.37 41.24 32.73
N ASP R 76 34.66 41.22 32.38
CA ASP R 76 35.19 40.26 31.40
C ASP R 76 35.23 38.85 31.97
N ALA R 77 35.01 38.70 33.27
CA ALA R 77 35.05 37.38 33.88
C ALA R 77 33.74 36.62 33.78
N ARG R 78 32.63 37.36 33.68
CA ARG R 78 31.30 36.76 33.61
C ARG R 78 31.20 35.55 32.68
N SER R 79 31.59 35.73 31.42
CA SER R 79 31.51 34.63 30.46
C SER R 79 32.56 33.54 30.70
N MET R 80 33.66 33.89 31.35
CA MET R 80 34.68 32.90 31.66
C MET R 80 34.12 31.99 32.76
N ILE R 81 33.35 32.58 33.67
CA ILE R 81 32.76 31.84 34.78
C ILE R 81 31.71 30.90 34.20
N GLU R 82 30.89 31.46 33.32
CA GLU R 82 29.84 30.72 32.66
C GLU R 82 30.45 29.50 31.96
N HIS R 83 31.50 29.74 31.20
CA HIS R 83 32.18 28.68 30.48
C HIS R 83 32.68 27.63 31.46
N ALA R 84 33.26 28.10 32.56
CA ALA R 84 33.81 27.22 33.58
C ALA R 84 32.74 26.36 34.22
N ARG R 85 31.65 26.98 34.65
CA ARG R 85 30.56 26.24 35.28
C ARG R 85 29.97 25.19 34.35
N THR R 86 29.80 25.58 33.09
CA THR R 86 29.26 24.67 32.08
C THR R 86 30.21 23.49 31.91
N ALA R 87 31.49 23.78 31.79
CA ALA R 87 32.49 22.73 31.61
C ALA R 87 32.40 21.74 32.76
N ALA R 88 32.28 22.26 33.97
CA ALA R 88 32.19 21.43 35.16
C ALA R 88 30.94 20.54 35.11
N VAL R 89 29.78 21.18 35.00
CA VAL R 89 28.52 20.44 34.93
C VAL R 89 28.57 19.43 33.77
N THR R 90 28.90 19.91 32.57
CA THR R 90 28.99 19.04 31.41
C THR R 90 29.89 17.84 31.62
N HIS R 91 31.08 18.06 32.18
CA HIS R 91 31.98 16.93 32.42
C HIS R 91 31.31 15.88 33.30
N ASN R 92 30.56 16.34 34.29
CA ASN R 92 29.87 15.43 35.20
C ASN R 92 28.79 14.63 34.50
N LEU R 93 28.06 15.28 33.59
CA LEU R 93 27.00 14.59 32.86
C LEU R 93 27.58 13.48 31.99
N TYR R 94 28.70 13.76 31.33
CA TYR R 94 29.34 12.76 30.48
C TYR R 94 30.04 11.65 31.23
N TYR R 95 30.71 11.96 32.34
CA TYR R 95 31.44 10.92 33.04
C TYR R 95 31.01 10.54 34.45
N ASP R 96 29.92 11.11 34.93
CA ASP R 96 29.43 10.76 36.26
C ASP R 96 30.54 10.85 37.31
N GLU R 97 31.22 12.00 37.37
CA GLU R 97 32.32 12.22 38.32
C GLU R 97 32.60 13.73 38.33
N ASP R 98 33.61 14.16 39.08
CA ASP R 98 33.96 15.57 39.15
C ASP R 98 35.10 15.89 38.21
N ILE R 99 35.06 17.08 37.65
CA ILE R 99 36.08 17.54 36.73
C ILE R 99 37.32 17.87 37.59
N ASN R 100 38.50 17.53 37.09
CA ASN R 100 39.74 17.81 37.82
C ASN R 100 40.01 19.31 37.80
N VAL R 101 40.40 19.86 38.95
CA VAL R 101 40.67 21.29 39.04
C VAL R 101 41.60 21.78 37.94
N GLU R 102 42.58 20.95 37.57
CA GLU R 102 43.53 21.33 36.54
C GLU R 102 42.88 21.33 35.16
N SER R 103 42.01 20.34 34.93
CA SER R 103 41.30 20.24 33.66
C SER R 103 40.35 21.43 33.50
N LEU R 104 39.61 21.72 34.57
CA LEU R 104 38.69 22.86 34.56
C LEU R 104 39.46 24.13 34.20
N THR R 105 40.62 24.29 34.82
CA THR R 105 41.47 25.46 34.57
C THR R 105 41.94 25.51 33.13
N GLN R 106 42.42 24.38 32.61
CA GLN R 106 42.89 24.31 31.23
C GLN R 106 41.78 24.74 30.25
N SER R 107 40.57 24.27 30.50
CA SER R 107 39.42 24.61 29.66
C SER R 107 39.18 26.12 29.62
N VAL R 108 39.21 26.74 30.79
CA VAL R 108 39.02 28.18 30.90
C VAL R 108 40.12 28.90 30.14
N CYS R 109 41.34 28.42 30.29
CA CYS R 109 42.50 29.02 29.62
C CYS R 109 42.43 28.90 28.11
N ASP R 110 41.74 27.87 27.61
CA ASP R 110 41.61 27.70 26.19
C ASP R 110 40.92 28.90 25.54
N LEU R 111 39.99 29.53 26.27
CA LEU R 111 39.28 30.70 25.74
C LEU R 111 40.22 31.88 25.57
N ALA R 112 41.25 31.94 26.40
CA ALA R 112 42.21 33.04 26.41
C ALA R 112 42.65 33.66 25.08
N LEU R 113 43.29 32.89 24.20
CA LEU R 113 43.77 33.44 22.93
C LEU R 113 42.76 33.45 21.77
N ARG R 114 41.51 33.07 22.05
CA ARG R 114 40.48 33.08 21.02
C ARG R 114 40.06 34.51 20.66
N PHE R 115 41.02 35.31 20.21
CA PHE R 115 40.72 36.67 19.82
C PHE R 115 41.47 37.04 18.55
N GLY R 116 41.01 38.09 17.89
CA GLY R 116 41.63 38.54 16.64
C GLY R 116 40.57 38.86 15.60
N GLU R 117 40.96 39.53 14.51
CA GLU R 117 40.04 39.89 13.44
C GLU R 117 39.92 38.79 12.38
N GLY R 118 40.59 37.67 12.63
CA GLY R 118 40.54 36.56 11.70
C GLY R 118 41.81 35.73 11.68
N ALA R 119 42.21 35.20 12.83
CA ALA R 119 43.43 34.38 12.94
C ALA R 119 43.19 32.96 12.38
N SER R 120 43.89 32.64 11.29
CA SER R 120 43.79 31.34 10.62
C SER R 120 44.18 30.15 11.52
N GLY R 121 43.18 29.55 12.19
CA GLY R 121 43.43 28.42 13.06
C GLY R 121 42.13 27.77 13.53
N GLU R 122 41.04 28.52 13.42
CA GLU R 122 39.71 28.06 13.83
C GLU R 122 38.72 29.22 13.62
N GLU R 123 37.95 29.54 14.65
CA GLU R 123 37.01 30.66 14.57
C GLU R 123 37.01 31.46 15.85
N ARG R 124 38.17 32.03 16.16
CA ARG R 124 38.36 32.85 17.35
C ARG R 124 37.72 34.24 17.20
N LEU R 125 36.42 34.31 17.49
CA LEU R 125 35.71 35.57 17.40
C LEU R 125 35.62 36.23 18.79
N MET R 126 36.46 37.25 18.97
CA MET R 126 36.53 38.02 20.20
C MET R 126 37.50 39.12 19.77
N SER R 127 37.13 40.38 19.97
CA SER R 127 37.96 41.49 19.53
C SER R 127 39.26 41.74 20.29
N ARG R 128 39.33 41.27 21.53
CA ARG R 128 40.52 41.49 22.35
C ARG R 128 40.64 40.42 23.41
N PRO R 129 41.78 40.39 24.12
CA PRO R 129 41.96 39.38 25.17
C PRO R 129 41.10 39.80 26.38
N PHE R 130 40.98 38.94 27.38
CA PHE R 130 40.21 39.29 28.57
C PHE R 130 41.10 40.26 29.37
N GLY R 131 40.50 41.14 30.14
CA GLY R 131 41.29 42.07 30.93
C GLY R 131 41.22 41.70 32.40
N VAL R 132 41.12 40.41 32.68
CA VAL R 132 41.03 39.95 34.06
C VAL R 132 41.83 38.66 34.30
N ALA R 133 42.31 38.49 35.51
CA ALA R 133 43.06 37.28 35.88
C ALA R 133 42.22 36.50 36.88
N LEU R 134 42.42 35.19 36.94
CA LEU R 134 41.64 34.37 37.85
C LEU R 134 42.48 33.44 38.72
N LEU R 135 42.00 33.25 39.94
CA LEU R 135 42.62 32.37 40.89
C LEU R 135 41.58 31.28 41.05
N ILE R 136 41.86 30.10 40.49
CA ILE R 136 40.93 28.98 40.57
C ILE R 136 41.41 28.05 41.66
N ALA R 137 40.54 27.81 42.63
CA ALA R 137 40.90 26.95 43.75
C ALA R 137 39.88 25.84 44.00
N GLY R 138 40.36 24.59 43.99
CA GLY R 138 39.47 23.49 44.23
C GLY R 138 40.15 22.26 44.81
N HIS R 139 39.44 21.14 44.74
CA HIS R 139 39.93 19.87 45.23
C HIS R 139 39.38 18.70 44.43
N ASP R 140 40.23 17.72 44.18
CA ASP R 140 39.83 16.51 43.48
C ASP R 140 40.62 15.36 44.08
N ALA R 141 40.12 14.14 43.93
CA ALA R 141 40.80 12.99 44.50
C ALA R 141 42.23 12.74 44.06
N ASP R 142 42.55 13.02 42.80
CA ASP R 142 43.88 12.77 42.27
C ASP R 142 45.02 13.66 42.76
N ASP R 143 44.75 14.97 42.89
CA ASP R 143 45.79 15.90 43.32
C ASP R 143 45.41 16.78 44.51
N GLY R 144 44.40 16.37 45.25
CA GLY R 144 43.97 17.12 46.42
C GLY R 144 43.70 18.59 46.21
N TYR R 145 44.03 19.40 47.22
CA TYR R 145 43.82 20.84 47.16
C TYR R 145 44.76 21.55 46.22
N GLN R 146 44.20 22.40 45.36
CA GLN R 146 45.00 23.11 44.38
C GLN R 146 44.57 24.54 44.17
N LEU R 147 45.55 25.38 43.83
CA LEU R 147 45.35 26.81 43.55
C LEU R 147 46.01 27.08 42.21
N PHE R 148 45.27 27.72 41.31
CA PHE R 148 45.78 28.03 39.97
C PHE R 148 45.62 29.49 39.61
N HIS R 149 46.59 30.00 38.84
CA HIS R 149 46.52 31.36 38.37
C HIS R 149 46.37 31.28 36.86
N ALA R 150 45.21 31.71 36.37
CA ALA R 150 44.92 31.70 34.95
C ALA R 150 44.96 33.12 34.40
N GLU R 151 45.83 33.34 33.42
CA GLU R 151 45.98 34.66 32.82
C GLU R 151 45.37 34.76 31.43
N PRO R 152 45.29 35.99 30.88
CA PRO R 152 44.74 36.23 29.54
C PRO R 152 45.71 35.77 28.45
N SER R 153 46.92 35.40 28.86
CA SER R 153 47.93 34.93 27.93
C SER R 153 47.57 33.54 27.44
N GLY R 154 46.85 32.82 28.30
CA GLY R 154 46.44 31.47 27.98
C GLY R 154 47.15 30.45 28.84
N THR R 155 48.15 30.90 29.57
CA THR R 155 48.89 29.98 30.44
C THR R 155 48.40 30.10 31.88
N PHE R 156 48.61 29.02 32.62
CA PHE R 156 48.21 28.95 34.01
C PHE R 156 49.30 28.20 34.79
N TYR R 157 49.53 28.64 36.02
CA TYR R 157 50.53 28.06 36.89
C TYR R 157 49.84 27.56 38.13
N ARG R 158 50.45 26.60 38.81
CA ARG R 158 49.90 26.11 40.05
C ARG R 158 50.72 26.79 41.14
N TYR R 159 50.04 27.40 42.11
CA TYR R 159 50.71 28.11 43.21
C TYR R 159 50.35 27.56 44.58
N ASN R 160 51.28 27.63 45.52
CA ASN R 160 51.02 27.21 46.88
C ASN R 160 50.30 28.39 47.54
N ALA R 161 50.69 29.58 47.10
CA ALA R 161 50.11 30.85 47.56
C ALA R 161 50.26 31.80 46.38
N LYS R 162 49.34 32.74 46.23
CA LYS R 162 49.44 33.67 45.10
C LYS R 162 48.52 34.87 45.24
N ALA R 163 49.03 36.02 44.81
CA ALA R 163 48.28 37.25 44.85
C ALA R 163 48.29 37.89 43.48
N ILE R 164 47.17 38.51 43.12
CA ILE R 164 47.02 39.18 41.84
C ILE R 164 46.34 40.50 42.13
N GLY R 165 46.60 41.50 41.31
CA GLY R 165 45.98 42.80 41.51
C GLY R 165 46.96 43.92 41.82
N SER R 166 46.45 45.07 42.25
CA SER R 166 47.30 46.21 42.56
C SER R 166 48.39 45.91 43.58
N GLY R 167 48.05 45.25 44.68
CA GLY R 167 49.07 44.96 45.67
C GLY R 167 49.69 43.58 45.54
N SER R 168 49.87 43.12 44.31
CA SER R 168 50.42 41.79 44.09
C SER R 168 51.91 41.58 44.37
N GLU R 169 52.79 42.37 43.75
CA GLU R 169 54.22 42.19 43.99
C GLU R 169 54.51 42.35 45.48
N GLY R 170 53.75 43.21 46.13
CA GLY R 170 53.93 43.43 47.55
C GLY R 170 53.48 42.20 48.32
N ALA R 171 52.21 41.85 48.20
CA ALA R 171 51.66 40.69 48.90
C ALA R 171 52.37 39.38 48.58
N GLN R 172 52.81 39.23 47.33
CA GLN R 172 53.50 38.00 46.92
C GLN R 172 54.78 37.84 47.73
N ALA R 173 55.46 38.97 47.95
CA ALA R 173 56.70 39.00 48.73
C ALA R 173 56.44 38.44 50.12
N GLU R 174 55.35 38.91 50.72
CA GLU R 174 54.93 38.48 52.05
C GLU R 174 54.65 36.99 52.05
N LEU R 175 53.81 36.55 51.12
CA LEU R 175 53.44 35.14 51.01
C LEU R 175 54.66 34.24 50.87
N LEU R 176 55.72 34.78 50.28
CA LEU R 176 56.94 33.99 50.10
C LEU R 176 57.51 33.62 51.48
N ASN R 177 57.39 34.55 52.43
CA ASN R 177 57.91 34.36 53.79
C ASN R 177 56.96 33.64 54.74
N GLU R 178 55.66 33.85 54.57
CA GLU R 178 54.68 33.24 55.46
C GLU R 178 54.28 31.79 55.19
N TRP R 179 54.24 31.41 53.92
CA TRP R 179 53.83 30.08 53.52
C TRP R 179 54.80 28.93 53.79
N HIS R 180 54.27 27.84 54.35
CA HIS R 180 55.03 26.63 54.62
C HIS R 180 54.09 25.45 54.42
N SER R 181 54.66 24.33 54.00
CA SER R 181 53.88 23.13 53.71
C SER R 181 53.03 22.54 54.84
N SER R 182 52.83 23.28 55.93
CA SER R 182 52.02 22.72 57.02
C SER R 182 51.11 23.72 57.71
N LEU R 183 50.71 24.76 56.99
CA LEU R 183 49.79 25.76 57.52
C LEU R 183 48.45 25.07 57.73
N THR R 184 47.67 25.56 58.67
CA THR R 184 46.35 24.97 58.91
C THR R 184 45.36 25.91 58.23
N LEU R 185 44.12 25.47 58.06
CA LEU R 185 43.14 26.32 57.41
C LEU R 185 42.97 27.63 58.18
N LYS R 186 42.95 27.54 59.51
CA LYS R 186 42.79 28.72 60.37
C LYS R 186 43.94 29.72 60.14
N GLU R 187 45.16 29.19 60.06
CA GLU R 187 46.33 30.03 59.85
C GLU R 187 46.20 30.74 58.51
N ALA R 188 45.88 29.98 57.47
CA ALA R 188 45.71 30.51 56.12
C ALA R 188 44.67 31.62 56.06
N GLU R 189 43.52 31.42 56.71
CA GLU R 189 42.45 32.44 56.71
C GLU R 189 43.02 33.76 57.20
N LEU R 190 43.65 33.71 58.38
CA LEU R 190 44.23 34.88 59.00
C LEU R 190 45.31 35.48 58.12
N LEU R 191 46.20 34.61 57.64
CA LEU R 191 47.30 35.01 56.79
C LEU R 191 46.83 35.78 55.54
N VAL R 192 45.67 35.42 55.01
CA VAL R 192 45.11 36.11 53.84
C VAL R 192 44.54 37.43 54.32
N LEU R 193 43.81 37.35 55.41
CA LEU R 193 43.18 38.51 56.03
C LEU R 193 44.24 39.56 56.37
N LYS R 194 45.37 39.08 56.90
CA LYS R 194 46.49 39.93 57.30
C LYS R 194 47.17 40.64 56.14
N ILE R 195 47.59 39.88 55.13
CA ILE R 195 48.25 40.46 53.97
C ILE R 195 47.34 41.36 53.15
N LEU R 196 46.03 41.13 53.22
CA LEU R 196 45.08 41.98 52.51
C LEU R 196 45.10 43.34 53.18
N LYS R 197 44.99 43.30 54.50
CA LYS R 197 45.00 44.50 55.34
C LYS R 197 46.20 45.38 55.04
N GLN R 198 47.34 44.76 54.77
CA GLN R 198 48.56 45.50 54.46
C GLN R 198 48.52 46.24 53.13
N VAL R 199 48.06 45.58 52.07
CA VAL R 199 48.03 46.22 50.75
C VAL R 199 46.81 47.05 50.39
N MET R 200 45.74 46.97 51.17
CA MET R 200 44.54 47.76 50.90
C MET R 200 44.69 49.21 51.34
N GLU R 201 44.08 50.12 50.59
CA GLU R 201 44.14 51.53 50.97
C GLU R 201 43.26 51.72 52.20
N GLU R 202 42.07 51.11 52.15
CA GLU R 202 41.10 51.20 53.24
C GLU R 202 41.51 50.35 54.42
N LYS R 203 40.99 50.69 55.60
CA LYS R 203 41.26 49.90 56.77
C LYS R 203 40.37 48.67 56.65
N LEU R 204 40.98 47.53 56.35
CA LEU R 204 40.25 46.28 56.18
C LEU R 204 39.31 45.93 57.32
N ASP R 205 38.07 45.60 56.96
CA ASP R 205 37.05 45.20 57.92
C ASP R 205 36.15 44.19 57.20
N GLU R 206 35.16 43.65 57.88
CA GLU R 206 34.29 42.64 57.26
C GLU R 206 33.34 43.18 56.19
N ASN R 207 33.64 44.37 55.66
CA ASN R 207 32.79 44.96 54.62
C ASN R 207 33.48 45.29 53.30
N ASN R 208 34.78 45.56 53.36
CA ASN R 208 35.54 45.88 52.17
C ASN R 208 36.48 44.73 51.82
N ALA R 209 36.23 43.58 52.44
CA ALA R 209 37.02 42.40 52.19
C ALA R 209 36.10 41.20 52.35
N GLN R 210 36.45 40.11 51.69
CA GLN R 210 35.65 38.90 51.76
C GLN R 210 36.52 37.65 51.70
N LEU R 211 36.16 36.67 52.52
CA LEU R 211 36.89 35.41 52.58
C LEU R 211 36.06 34.22 52.07
N SER R 212 36.74 33.10 51.86
CA SER R 212 36.10 31.89 51.39
C SER R 212 37.15 30.78 51.32
N CYS R 213 36.68 29.54 51.23
CA CYS R 213 37.56 28.39 51.14
C CYS R 213 36.86 27.21 50.47
N ILE R 214 37.64 26.17 50.19
CA ILE R 214 37.14 24.95 49.58
C ILE R 214 37.78 23.80 50.34
N THR R 215 36.95 22.99 51.00
CA THR R 215 37.45 21.84 51.75
C THR R 215 36.75 20.58 51.24
N LYS R 216 37.51 19.52 51.08
CA LYS R 216 36.97 18.25 50.60
C LYS R 216 35.68 17.86 51.31
N GLN R 217 35.49 18.35 52.53
CA GLN R 217 34.30 18.00 53.29
C GLN R 217 33.03 18.80 53.02
N ASP R 218 33.10 20.12 53.02
CA ASP R 218 31.89 20.90 52.79
C ASP R 218 31.91 21.65 51.48
N GLY R 219 32.93 21.40 50.68
CA GLY R 219 33.05 22.06 49.40
C GLY R 219 33.40 23.53 49.51
N PHE R 220 33.08 24.28 48.46
CA PHE R 220 33.35 25.70 48.42
C PHE R 220 32.24 26.52 49.07
N LYS R 221 32.64 27.34 50.03
CA LYS R 221 31.72 28.20 50.77
C LYS R 221 32.31 29.61 50.86
N ILE R 222 31.43 30.60 50.84
CA ILE R 222 31.86 31.98 50.95
C ILE R 222 31.52 32.42 52.38
N TYR R 223 32.54 32.82 53.14
CA TYR R 223 32.35 33.25 54.52
C TYR R 223 31.49 34.51 54.60
N ASP R 224 30.40 34.44 55.34
CA ASP R 224 29.55 35.61 55.49
C ASP R 224 30.24 36.59 56.42
N ASN R 225 29.84 37.85 56.36
CA ASN R 225 30.45 38.90 57.16
C ASN R 225 30.68 38.63 58.65
N GLU R 226 29.69 38.07 59.33
CA GLU R 226 29.83 37.77 60.76
C GLU R 226 31.02 36.86 61.00
N LYS R 227 31.12 35.80 60.22
CA LYS R 227 32.22 34.85 60.36
C LYS R 227 33.54 35.55 60.10
N THR R 228 33.61 36.35 59.04
CA THR R 228 34.84 37.06 58.69
C THR R 228 35.18 38.14 59.73
N ALA R 229 34.16 38.83 60.23
CA ALA R 229 34.37 39.88 61.23
C ALA R 229 35.18 39.36 62.42
N GLU R 230 34.87 38.15 62.87
CA GLU R 230 35.58 37.56 64.00
C GLU R 230 36.99 37.16 63.62
N LEU R 231 37.14 36.59 62.44
CA LEU R 231 38.48 36.20 61.99
C LEU R 231 39.37 37.44 61.91
N ILE R 232 38.76 38.59 61.64
CA ILE R 232 39.50 39.85 61.55
C ILE R 232 39.92 40.27 62.97
N LYS R 233 38.99 40.13 63.92
CA LYS R 233 39.22 40.47 65.32
C LYS R 233 40.30 39.54 65.90
N GLU R 234 40.15 38.25 65.65
CA GLU R 234 41.10 37.26 66.11
C GLU R 234 42.50 37.55 65.60
N LEU R 235 42.59 38.17 64.43
CA LEU R 235 43.87 38.51 63.83
C LEU R 235 44.47 39.73 64.54
N LYS R 236 43.65 40.75 64.76
CA LYS R 236 44.08 41.98 65.43
C LYS R 236 44.67 41.67 66.81
N GLU R 237 44.21 40.57 67.40
CA GLU R 237 44.68 40.16 68.70
C GLU R 237 46.00 39.40 68.66
N LYS R 238 46.17 38.49 67.71
CA LYS R 238 47.42 37.75 67.64
C LYS R 238 48.58 38.66 67.26
N GLU R 239 48.28 39.77 66.58
CA GLU R 239 49.32 40.71 66.20
C GLU R 239 49.67 41.58 67.40
N ALA R 240 48.66 41.88 68.22
CA ALA R 240 48.86 42.68 69.42
C ALA R 240 49.46 41.84 70.55
N ALA R 241 49.87 40.61 70.23
CA ALA R 241 50.45 39.71 71.23
C ALA R 241 51.96 39.62 71.05
N GLU R 242 52.48 40.46 70.14
CA GLU R 242 53.90 40.54 69.81
C GLU R 242 54.03 40.98 68.36
N PHE S 1 62.91 51.64 8.33
CA PHE S 1 62.92 50.30 7.67
C PHE S 1 61.93 49.37 8.38
N ARG S 2 62.46 48.31 8.99
CA ARG S 2 61.71 47.28 9.71
C ARG S 2 60.35 47.72 10.26
N ASN S 3 60.34 48.90 10.89
CA ASN S 3 59.12 49.45 11.47
C ASN S 3 57.93 49.44 10.52
N ASN S 4 58.18 49.72 9.24
CA ASN S 4 57.12 49.75 8.23
C ASN S 4 56.73 48.41 7.62
N TYR S 5 57.46 47.36 7.94
CA TYR S 5 57.18 46.06 7.36
C TYR S 5 56.91 44.97 8.38
N ASP S 6 56.80 45.34 9.65
CA ASP S 6 56.55 44.35 10.68
C ASP S 6 55.13 44.44 11.22
N GLY S 7 54.28 45.18 10.52
CA GLY S 7 52.91 45.34 10.96
C GLY S 7 52.11 44.04 10.96
N ASP S 8 52.48 43.10 10.10
CA ASP S 8 51.80 41.83 10.00
C ASP S 8 52.57 40.83 9.15
N THR S 9 52.11 39.58 9.18
CA THR S 9 52.76 38.49 8.49
C THR S 9 52.63 38.48 6.98
N VAL S 10 51.63 39.17 6.46
CA VAL S 10 51.41 39.19 5.03
C VAL S 10 52.30 40.18 4.28
N THR S 11 53.16 40.88 5.01
CA THR S 11 54.03 41.88 4.38
C THR S 11 55.50 41.47 4.26
N PHE S 12 56.04 41.63 3.06
CA PHE S 12 57.43 41.31 2.77
C PHE S 12 58.26 42.57 2.96
N SER S 13 59.45 42.43 3.53
CA SER S 13 60.32 43.59 3.71
C SER S 13 61.04 43.78 2.37
N PRO S 14 61.60 44.99 2.14
CA PRO S 14 62.30 45.25 0.88
C PRO S 14 63.42 44.24 0.58
N THR S 15 63.99 43.63 1.62
CA THR S 15 65.07 42.67 1.46
C THR S 15 64.52 41.27 1.29
N GLY S 16 63.21 41.12 1.48
CA GLY S 16 62.56 39.82 1.34
C GLY S 16 62.28 39.08 2.65
N ARG S 17 62.37 39.79 3.77
CA ARG S 17 62.14 39.17 5.06
C ARG S 17 60.69 39.26 5.52
N LEU S 18 60.33 38.38 6.46
CA LEU S 18 59.01 38.34 7.04
C LEU S 18 59.25 38.59 8.52
N PHE S 19 59.24 39.86 8.91
CA PHE S 19 59.51 40.26 10.28
C PHE S 19 58.64 39.65 11.37
N GLN S 20 57.32 39.59 11.16
CA GLN S 20 56.43 39.01 12.17
C GLN S 20 56.88 37.59 12.49
N VAL S 21 57.34 36.88 11.46
CA VAL S 21 57.82 35.51 11.63
C VAL S 21 59.12 35.55 12.42
N GLU S 22 59.95 36.52 12.10
CA GLU S 22 61.22 36.68 12.78
C GLU S 22 61.00 37.01 14.25
N TYR S 23 59.95 37.78 14.55
CA TYR S 23 59.67 38.13 15.94
C TYR S 23 59.19 36.90 16.71
N ALA S 24 58.46 36.03 16.02
CA ALA S 24 57.95 34.82 16.65
C ALA S 24 59.16 33.96 17.01
N LEU S 25 60.11 33.89 16.09
CA LEU S 25 61.33 33.12 16.28
C LEU S 25 62.05 33.57 17.56
N GLU S 26 61.90 34.86 17.86
CA GLU S 26 62.53 35.46 19.03
C GLU S 26 61.89 35.01 20.34
N ALA S 27 60.59 34.72 20.32
CA ALA S 27 59.88 34.27 21.51
C ALA S 27 60.38 32.89 21.89
N ILE S 28 60.92 32.19 20.89
CA ILE S 28 61.45 30.86 21.07
C ILE S 28 62.75 30.91 21.85
N LYS S 29 63.70 31.71 21.34
CA LYS S 29 65.01 31.87 21.98
C LYS S 29 64.92 32.41 23.39
N GLN S 30 63.85 33.14 23.67
CA GLN S 30 63.63 33.72 24.99
C GLN S 30 63.00 32.65 25.90
N GLY S 31 62.73 31.49 25.31
CA GLY S 31 62.14 30.39 26.05
C GLY S 31 63.19 29.50 26.71
N SER S 32 62.74 28.63 27.61
CA SER S 32 63.64 27.74 28.32
C SER S 32 64.23 26.68 27.40
N VAL S 33 65.46 26.25 27.68
CA VAL S 33 66.13 25.27 26.83
C VAL S 33 65.61 23.84 26.95
N THR S 34 65.65 23.13 25.82
CA THR S 34 65.25 21.74 25.73
C THR S 34 66.15 21.11 24.67
N VAL S 35 66.43 19.81 24.82
CA VAL S 35 67.32 19.10 23.91
C VAL S 35 66.75 17.82 23.32
N GLY S 36 67.26 17.46 22.14
CA GLY S 36 66.83 16.25 21.46
C GLY S 36 68.04 15.50 20.91
N LEU S 37 67.98 14.17 20.96
CA LEU S 37 69.07 13.31 20.47
C LEU S 37 68.55 11.88 20.36
N ARG S 38 69.07 11.13 19.40
CA ARG S 38 68.62 9.76 19.19
C ARG S 38 69.74 8.80 18.78
N SER S 39 69.56 7.52 19.09
CA SER S 39 70.51 6.50 18.68
C SER S 39 69.80 5.79 17.51
N ASN S 40 69.86 4.46 17.44
CA ASN S 40 69.18 3.74 16.37
C ASN S 40 68.06 2.92 16.96
N THR S 41 67.93 2.97 18.28
CA THR S 41 66.88 2.22 18.96
C THR S 41 66.00 3.11 19.81
N HIS S 42 66.52 4.25 20.23
CA HIS S 42 65.75 5.18 21.05
C HIS S 42 65.98 6.62 20.66
N ALA S 43 65.06 7.47 21.09
CA ALA S 43 65.13 8.91 20.83
C ALA S 43 64.76 9.51 22.17
N VAL S 44 65.49 10.54 22.58
CA VAL S 44 65.25 11.16 23.86
C VAL S 44 65.06 12.66 23.81
N LEU S 45 64.25 13.15 24.75
CA LEU S 45 63.98 14.57 24.90
C LEU S 45 64.31 14.94 26.34
N VAL S 46 65.05 16.03 26.53
CA VAL S 46 65.39 16.51 27.87
C VAL S 46 65.03 17.98 27.87
N ALA S 47 64.34 18.43 28.91
CA ALA S 47 63.96 19.84 28.97
C ALA S 47 64.08 20.43 30.36
N LEU S 48 64.40 21.72 30.39
CA LEU S 48 64.54 22.46 31.63
C LEU S 48 63.22 23.21 31.88
N LYS S 49 62.50 22.86 32.93
CA LYS S 49 61.23 23.53 33.21
C LYS S 49 61.44 24.83 33.99
N ARG S 50 60.74 25.89 33.58
CA ARG S 50 60.87 27.19 34.20
C ARG S 50 59.69 27.47 35.15
N ASN S 51 59.95 28.18 36.24
CA ASN S 51 58.88 28.51 37.19
C ASN S 51 58.79 30.02 37.41
N ALA S 52 57.70 30.46 38.02
CA ALA S 52 57.51 31.88 38.32
C ALA S 52 58.14 32.22 39.67
N ASP S 53 57.38 32.04 40.75
CA ASP S 53 57.87 32.28 42.10
C ASP S 53 58.46 30.96 42.56
N GLU S 54 58.65 30.85 43.87
CA GLU S 54 59.16 29.62 44.44
C GLU S 54 57.89 28.97 44.97
N LEU S 55 56.78 29.67 44.75
CA LEU S 55 55.47 29.19 45.18
C LEU S 55 54.72 28.61 43.97
N SER S 56 55.27 28.80 42.78
CA SER S 56 54.66 28.30 41.55
C SER S 56 55.28 27.00 41.11
N SER S 57 54.59 26.31 40.23
CA SER S 57 55.06 25.03 39.70
C SER S 57 56.04 25.30 38.56
N TYR S 58 56.53 24.22 37.96
CA TYR S 58 57.46 24.32 36.83
C TYR S 58 56.68 23.88 35.61
N GLN S 59 56.26 24.84 34.79
CA GLN S 59 55.48 24.58 33.59
C GLN S 59 56.06 23.48 32.71
N LYS S 60 55.26 22.43 32.50
CA LYS S 60 55.68 21.30 31.69
C LYS S 60 56.11 21.75 30.29
N LYS S 61 56.88 20.90 29.61
CA LYS S 61 57.36 21.23 28.28
C LYS S 61 57.38 20.00 27.37
N ILE S 62 56.85 18.89 27.87
CA ILE S 62 56.82 17.66 27.08
C ILE S 62 55.38 17.18 26.87
N ILE S 63 55.04 16.90 25.62
CA ILE S 63 53.71 16.41 25.30
C ILE S 63 53.75 15.13 24.47
N LYS S 64 52.90 14.19 24.87
CA LYS S 64 52.76 12.90 24.20
C LYS S 64 51.73 13.10 23.09
N CYS S 65 52.03 12.63 21.89
CA CYS S 65 51.09 12.78 20.78
C CYS S 65 50.40 11.47 20.43
N ASP S 66 51.13 10.38 20.63
CA ASP S 66 50.62 9.03 20.41
C ASP S 66 51.56 8.11 21.17
N GLU S 67 51.36 6.80 21.04
CA GLU S 67 52.20 5.84 21.75
C GLU S 67 53.62 5.76 21.21
N HIS S 68 53.85 6.36 20.06
CA HIS S 68 55.16 6.31 19.42
C HIS S 68 55.70 7.69 19.08
N MET S 69 55.01 8.75 19.52
CA MET S 69 55.43 10.11 19.18
C MET S 69 55.17 11.13 20.28
N GLY S 70 56.01 12.16 20.32
CA GLY S 70 55.85 13.19 21.33
C GLY S 70 56.81 14.32 21.04
N LEU S 71 56.73 15.40 21.81
CA LEU S 71 57.59 16.54 21.58
C LEU S 71 57.84 17.38 22.82
N SER S 72 58.80 18.30 22.69
CA SER S 72 59.14 19.24 23.76
C SER S 72 58.94 20.62 23.17
N LEU S 73 58.62 21.59 24.02
CA LEU S 73 58.36 22.95 23.56
C LEU S 73 59.31 24.04 24.08
N ALA S 74 59.33 25.15 23.37
CA ALA S 74 60.14 26.33 23.73
C ALA S 74 59.44 27.54 23.13
N GLY S 75 58.85 28.37 23.98
CA GLY S 75 58.16 29.56 23.51
C GLY S 75 56.79 29.69 24.16
N LEU S 76 55.78 30.06 23.38
CA LEU S 76 54.41 30.21 23.87
C LEU S 76 53.81 28.84 24.15
N ALA S 77 53.44 28.60 25.41
CA ALA S 77 52.85 27.31 25.78
C ALA S 77 51.56 27.05 25.03
N PRO S 78 50.65 28.05 24.99
CA PRO S 78 49.39 27.83 24.27
C PRO S 78 49.59 27.30 22.84
N ASP S 79 50.50 27.91 22.09
CA ASP S 79 50.75 27.49 20.72
C ASP S 79 51.22 26.05 20.62
N ALA S 80 51.91 25.57 21.64
CA ALA S 80 52.39 24.19 21.64
C ALA S 80 51.21 23.25 21.90
N ARG S 81 50.25 23.74 22.67
CA ARG S 81 49.06 22.98 22.99
C ARG S 81 48.27 22.81 21.71
N VAL S 82 48.09 23.91 20.99
CA VAL S 82 47.34 23.89 19.74
C VAL S 82 48.00 22.96 18.71
N LEU S 83 49.31 23.09 18.55
CA LEU S 83 50.06 22.28 17.59
C LEU S 83 50.15 20.80 17.95
N SER S 84 50.41 20.52 19.23
CA SER S 84 50.52 19.13 19.68
C SER S 84 49.17 18.46 19.54
N ASN S 85 48.13 19.21 19.86
CA ASN S 85 46.78 18.70 19.79
C ASN S 85 46.38 18.39 18.35
N TYR S 86 46.90 19.18 17.42
CA TYR S 86 46.63 18.97 16.01
C TYR S 86 47.39 17.72 15.59
N LEU S 87 48.58 17.57 16.15
CA LEU S 87 49.41 16.42 15.85
C LEU S 87 48.76 15.16 16.42
N ARG S 88 48.12 15.30 17.59
CA ARG S 88 47.45 14.18 18.22
C ARG S 88 46.34 13.62 17.32
N GLN S 89 45.61 14.51 16.66
CA GLN S 89 44.53 14.11 15.77
C GLN S 89 45.09 13.44 14.54
N GLN S 90 46.05 14.08 13.89
CA GLN S 90 46.66 13.49 12.70
C GLN S 90 47.11 12.06 13.00
N CYS S 91 47.69 11.86 14.18
CA CYS S 91 48.14 10.53 14.57
C CYS S 91 46.93 9.61 14.72
N ASN S 92 45.93 10.10 15.43
CA ASN S 92 44.70 9.37 15.69
C ASN S 92 43.97 9.01 14.38
N TYR S 93 43.99 9.94 13.44
CA TYR S 93 43.35 9.72 12.15
C TYR S 93 44.05 8.57 11.43
N SER S 94 45.37 8.64 11.35
CA SER S 94 46.15 7.60 10.69
C SER S 94 45.82 6.23 11.27
N SER S 95 45.58 6.17 12.58
CA SER S 95 45.26 4.90 13.24
C SER S 95 43.88 4.39 12.86
N LEU S 96 42.88 5.21 13.11
CA LEU S 96 41.50 4.84 12.81
C LEU S 96 41.19 4.50 11.36
N VAL S 97 41.63 5.35 10.42
CA VAL S 97 41.32 5.09 9.03
C VAL S 97 42.21 4.09 8.32
N PHE S 98 43.50 4.11 8.62
CA PHE S 98 44.40 3.18 7.96
C PHE S 98 45.02 2.14 8.88
N ASN S 99 44.68 2.19 10.16
CA ASN S 99 45.23 1.26 11.14
C ASN S 99 46.75 1.27 10.90
N ARG S 100 47.29 2.48 10.85
CA ARG S 100 48.70 2.69 10.58
C ARG S 100 49.26 3.75 11.52
N LYS S 101 50.44 3.50 12.07
CA LYS S 101 51.04 4.48 12.95
C LYS S 101 51.64 5.55 12.03
N LEU S 102 51.42 6.81 12.38
CA LEU S 102 51.90 7.92 11.57
C LEU S 102 53.41 8.09 11.56
N ALA S 103 53.97 8.17 10.35
CA ALA S 103 55.40 8.33 10.15
C ALA S 103 55.85 9.68 10.71
N VAL S 104 56.89 9.66 11.52
CA VAL S 104 57.42 10.88 12.14
C VAL S 104 57.72 11.95 11.12
N GLU S 105 58.29 11.54 10.00
CA GLU S 105 58.64 12.47 8.93
C GLU S 105 57.40 13.17 8.38
N ARG S 106 56.28 12.45 8.40
CA ARG S 106 55.02 12.97 7.89
C ARG S 106 54.38 13.92 8.89
N ALA S 107 54.51 13.61 10.17
CA ALA S 107 53.97 14.47 11.21
C ALA S 107 54.65 15.83 11.04
N GLY S 108 55.91 15.77 10.60
CA GLY S 108 56.68 16.97 10.38
C GLY S 108 56.15 17.76 9.20
N HIS S 109 55.85 17.07 8.10
CA HIS S 109 55.30 17.74 6.92
C HIS S 109 53.97 18.39 7.26
N LEU S 110 53.18 17.71 8.10
CA LEU S 110 51.88 18.21 8.52
C LEU S 110 52.04 19.49 9.30
N LEU S 111 52.95 19.46 10.27
CA LEU S 111 53.22 20.63 11.10
C LEU S 111 53.69 21.80 10.25
N CYS S 112 54.70 21.54 9.43
CA CYS S 112 55.23 22.57 8.55
C CYS S 112 54.11 23.24 7.77
N ASP S 113 53.28 22.43 7.11
CA ASP S 113 52.18 22.98 6.31
C ASP S 113 51.17 23.78 7.14
N LYS S 114 50.92 23.35 8.37
CA LYS S 114 49.97 24.08 9.20
C LYS S 114 50.54 25.43 9.56
N ALA S 115 51.83 25.47 9.88
CA ALA S 115 52.49 26.71 10.27
C ALA S 115 52.51 27.71 9.11
N GLN S 116 52.90 27.23 7.94
CA GLN S 116 53.01 28.04 6.73
C GLN S 116 51.76 28.85 6.40
N LYS S 117 50.59 28.27 6.66
CA LYS S 117 49.33 28.94 6.36
C LYS S 117 49.12 30.22 7.17
N ASN S 118 49.70 30.28 8.36
CA ASN S 118 49.58 31.46 9.21
C ASN S 118 50.59 32.55 8.88
N THR S 119 51.38 32.32 7.84
CA THR S 119 52.39 33.29 7.44
C THR S 119 52.11 33.87 6.06
N GLN S 120 50.99 33.50 5.45
CA GLN S 120 50.67 34.01 4.12
C GLN S 120 49.32 34.74 4.04
N SER S 121 48.50 34.61 5.06
CA SER S 121 47.19 35.28 5.07
C SER S 121 47.05 36.35 6.14
N TYR S 122 46.24 37.36 5.81
CA TYR S 122 45.98 38.49 6.70
C TYR S 122 45.22 38.12 7.96
N GLY S 123 45.51 38.83 9.05
CA GLY S 123 44.82 38.59 10.31
C GLY S 123 45.46 37.56 11.21
N GLY S 124 46.03 36.51 10.62
CA GLY S 124 46.65 35.48 11.42
C GLY S 124 47.90 35.98 12.14
N ARG S 125 48.71 35.04 12.62
CA ARG S 125 49.93 35.38 13.29
C ARG S 125 50.70 34.09 13.34
N PRO S 126 52.03 34.16 13.13
CA PRO S 126 52.83 32.93 13.17
C PRO S 126 52.74 32.33 14.57
N TYR S 127 52.97 31.02 14.65
CA TYR S 127 52.96 30.38 15.96
C TYR S 127 54.25 30.86 16.62
N GLY S 128 54.20 31.14 17.91
CA GLY S 128 55.39 31.59 18.58
C GLY S 128 55.97 30.52 19.48
N VAL S 129 56.25 29.35 18.90
CA VAL S 129 56.80 28.27 19.68
C VAL S 129 57.63 27.36 18.80
N GLY S 130 58.69 26.79 19.38
CA GLY S 130 59.55 25.87 18.67
C GLY S 130 59.28 24.49 19.23
N LEU S 131 59.36 23.47 18.39
CA LEU S 131 59.08 22.11 18.85
C LEU S 131 60.13 21.06 18.43
N LEU S 132 60.35 20.09 19.31
CA LEU S 132 61.28 18.99 19.05
C LEU S 132 60.45 17.70 19.10
N ILE S 133 60.35 17.04 17.95
CA ILE S 133 59.55 15.82 17.82
C ILE S 133 60.42 14.55 17.81
N ILE S 134 60.07 13.55 18.61
CA ILE S 134 60.82 12.30 18.57
C ILE S 134 59.79 11.20 18.41
N GLY S 135 60.23 10.09 17.83
CA GLY S 135 59.33 8.98 17.63
C GLY S 135 60.05 7.77 17.06
N TYR S 136 59.36 6.65 17.09
CA TYR S 136 59.88 5.40 16.57
C TYR S 136 58.77 4.83 15.68
N ASP S 137 59.08 4.67 14.40
CA ASP S 137 58.11 4.16 13.44
C ASP S 137 58.68 2.99 12.64
N LYS S 138 58.11 2.75 11.46
CA LYS S 138 58.57 1.66 10.62
C LYS S 138 59.96 1.89 10.04
N SER S 139 60.55 3.04 10.32
CA SER S 139 61.88 3.35 9.81
C SER S 139 62.86 3.70 10.92
N GLY S 140 62.53 3.28 12.14
CA GLY S 140 63.41 3.52 13.26
C GLY S 140 63.20 4.74 14.13
N ALA S 141 64.28 5.14 14.79
CA ALA S 141 64.27 6.30 15.68
C ALA S 141 64.29 7.60 14.90
N HIS S 142 63.65 8.63 15.45
CA HIS S 142 63.57 9.93 14.79
C HIS S 142 63.55 11.15 15.71
N LEU S 143 64.16 12.24 15.21
CA LEU S 143 64.20 13.52 15.91
C LEU S 143 63.99 14.64 14.90
N LEU S 144 63.06 15.54 15.20
CA LEU S 144 62.73 16.64 14.32
C LEU S 144 62.75 18.00 15.01
N GLU S 145 63.14 19.03 14.26
CA GLU S 145 63.14 20.38 14.81
C GLU S 145 62.11 21.20 14.06
N PHE S 146 61.17 21.79 14.79
CA PHE S 146 60.13 22.58 14.19
C PHE S 146 60.23 24.08 14.47
N GLN S 147 60.24 24.87 13.41
CA GLN S 147 60.32 26.31 13.53
C GLN S 147 59.06 26.97 12.94
N PRO S 148 58.45 27.94 13.66
CA PRO S 148 57.25 28.65 13.26
C PRO S 148 57.34 29.19 11.84
N SER S 149 58.56 29.32 11.33
CA SER S 149 58.76 29.79 9.98
C SER S 149 58.16 28.74 9.06
N GLY S 150 57.93 27.56 9.62
CA GLY S 150 57.36 26.46 8.86
C GLY S 150 58.44 25.46 8.50
N ASN S 151 59.66 25.74 8.96
CA ASN S 151 60.79 24.86 8.68
C ASN S 151 60.94 23.72 9.70
N VAL S 152 60.94 22.49 9.16
CA VAL S 152 61.10 21.29 9.96
C VAL S 152 62.30 20.52 9.42
N THR S 153 63.19 20.13 10.32
CA THR S 153 64.40 19.41 9.91
C THR S 153 64.66 18.16 10.75
N GLU S 154 65.06 17.08 10.08
CA GLU S 154 65.35 15.83 10.76
C GLU S 154 66.82 15.81 11.13
N LEU S 155 67.10 15.57 12.40
CA LEU S 155 68.46 15.59 12.89
C LEU S 155 68.80 14.36 13.75
N TYR S 156 70.04 14.30 14.24
CA TYR S 156 70.50 13.23 15.12
C TYR S 156 70.37 13.78 16.52
N GLY S 157 70.49 15.09 16.61
CA GLY S 157 70.37 15.78 17.88
C GLY S 157 70.23 17.28 17.64
N THR S 158 69.88 18.02 18.70
CA THR S 158 69.74 19.46 18.62
C THR S 158 69.04 20.02 19.87
N ALA S 159 69.02 21.34 19.97
CA ALA S 159 68.39 22.02 21.10
C ALA S 159 67.88 23.39 20.66
N ILE S 160 66.94 23.91 21.44
CA ILE S 160 66.35 25.22 21.18
C ILE S 160 66.10 25.87 22.52
N GLY S 161 65.96 27.20 22.51
CA GLY S 161 65.74 27.92 23.74
C GLY S 161 66.94 28.78 24.07
N ALA S 162 66.93 29.41 25.25
CA ALA S 162 68.03 30.26 25.67
C ALA S 162 69.30 29.44 25.90
N ARG S 163 70.41 29.95 25.41
CA ARG S 163 71.71 29.29 25.58
C ARG S 163 71.76 27.92 24.93
N SER S 164 70.70 27.59 24.21
CA SER S 164 70.60 26.29 23.53
C SER S 164 71.86 25.98 22.71
N GLN S 165 72.58 27.03 22.34
CA GLN S 165 73.80 26.91 21.53
C GLN S 165 74.85 26.02 22.19
N GLY S 166 74.91 26.03 23.51
CA GLY S 166 75.87 25.20 24.21
C GLY S 166 75.65 23.73 23.91
N ALA S 167 74.50 23.23 24.32
CA ALA S 167 74.14 21.84 24.11
C ALA S 167 74.32 21.46 22.64
N LYS S 168 73.85 22.32 21.74
CA LYS S 168 73.94 22.04 20.32
C LYS S 168 75.38 21.79 19.84
N THR S 169 76.36 22.46 20.47
CA THR S 169 77.77 22.29 20.11
C THR S 169 78.26 20.97 20.70
N TYR S 170 77.90 20.75 21.97
CA TYR S 170 78.27 19.53 22.67
C TYR S 170 77.82 18.31 21.86
N LEU S 171 76.57 18.31 21.43
CA LEU S 171 76.02 17.21 20.66
C LEU S 171 76.74 17.04 19.31
N GLU S 172 77.06 18.16 18.67
CA GLU S 172 77.74 18.15 17.39
C GLU S 172 79.14 17.57 17.55
N ARG S 173 79.59 17.55 18.80
CA ARG S 173 80.90 17.05 19.18
C ARG S 173 80.77 15.59 19.62
N THR S 174 79.74 15.31 20.39
CA THR S 174 79.45 13.97 20.92
C THR S 174 78.78 13.04 19.91
N LEU S 175 78.38 13.58 18.77
CA LEU S 175 77.69 12.80 17.74
C LEU S 175 78.10 11.33 17.61
N ASP S 176 79.30 11.09 17.09
CA ASP S 176 79.81 9.72 16.91
C ASP S 176 79.57 8.82 18.12
N THR S 177 79.53 9.43 19.30
CA THR S 177 79.32 8.70 20.55
C THR S 177 77.89 8.23 20.81
N PHE S 178 76.98 9.18 21.08
CA PHE S 178 75.60 8.82 21.39
C PHE S 178 74.83 8.08 20.29
N ILE S 179 75.15 8.35 19.03
CA ILE S 179 74.45 7.71 17.92
C ILE S 179 74.58 6.19 17.90
N LYS S 180 75.45 5.67 18.75
CA LYS S 180 75.67 4.24 18.82
C LYS S 180 75.21 3.70 20.17
N ILE S 181 74.54 4.54 20.95
CA ILE S 181 74.03 4.13 22.26
C ILE S 181 72.73 3.34 22.05
N ASP S 182 72.81 2.27 21.26
CA ASP S 182 71.63 1.46 20.99
C ASP S 182 71.37 0.45 22.11
N GLY S 183 70.10 0.07 22.27
CA GLY S 183 69.74 -0.90 23.29
C GLY S 183 70.02 -0.47 24.73
N ASN S 184 70.53 0.73 24.93
CA ASN S 184 70.81 1.19 26.29
C ASN S 184 70.20 2.55 26.58
N PRO S 185 68.90 2.57 26.92
CA PRO S 185 68.22 3.82 27.23
C PRO S 185 68.94 4.70 28.25
N ASP S 186 69.13 4.18 29.47
CA ASP S 186 69.78 4.95 30.52
C ASP S 186 70.98 5.79 30.06
N GLU S 187 71.75 5.29 29.10
CA GLU S 187 72.90 6.03 28.61
C GLU S 187 72.53 7.20 27.70
N LEU S 188 71.63 6.97 26.76
CA LEU S 188 71.21 8.03 25.86
C LEU S 188 70.64 9.21 26.66
N ILE S 189 69.94 8.92 27.75
CA ILE S 189 69.39 10.00 28.57
C ILE S 189 70.50 10.78 29.25
N LYS S 190 71.50 10.06 29.77
CA LYS S 190 72.62 10.72 30.42
C LYS S 190 73.32 11.64 29.43
N ALA S 191 73.52 11.15 28.21
CA ALA S 191 74.17 11.95 27.17
C ALA S 191 73.36 13.22 26.94
N GLY S 192 72.04 13.10 27.02
CA GLY S 192 71.17 14.25 26.85
C GLY S 192 71.24 15.20 28.03
N VAL S 193 71.26 14.64 29.24
CA VAL S 193 71.33 15.44 30.45
C VAL S 193 72.68 16.16 30.60
N GLU S 194 73.68 15.74 29.83
CA GLU S 194 74.98 16.39 29.87
C GLU S 194 75.01 17.44 28.79
N ALA S 195 74.21 17.20 27.74
CA ALA S 195 74.11 18.14 26.63
C ALA S 195 73.30 19.33 27.13
N ILE S 196 72.25 19.04 27.88
CA ILE S 196 71.38 20.08 28.40
C ILE S 196 72.15 21.00 29.35
N SER S 197 72.83 20.42 30.32
CA SER S 197 73.60 21.19 31.30
C SER S 197 74.68 22.06 30.67
N GLN S 198 74.88 21.90 29.36
CA GLN S 198 75.87 22.67 28.63
C GLN S 198 75.24 24.01 28.24
N SER S 199 74.06 24.28 28.80
CA SER S 199 73.32 25.51 28.53
C SER S 199 72.84 26.11 29.84
N LEU S 200 73.26 25.52 30.95
CA LEU S 200 72.89 26.03 32.26
C LEU S 200 73.72 27.28 32.48
N ARG S 201 73.52 27.95 33.60
CA ARG S 201 74.24 29.19 33.88
C ARG S 201 73.67 29.76 35.17
N ASP S 202 72.35 29.88 35.16
CA ASP S 202 71.60 30.39 36.30
C ASP S 202 71.72 29.42 37.48
N GLU S 203 71.12 28.25 37.33
CA GLU S 203 71.13 27.23 38.38
C GLU S 203 71.62 25.88 37.87
N SER S 204 71.35 24.84 38.66
CA SER S 204 71.74 23.48 38.29
C SER S 204 70.45 22.66 38.31
N LEU S 205 70.29 21.78 37.31
CA LEU S 205 69.10 20.95 37.20
C LEU S 205 68.73 20.13 38.44
N THR S 206 67.60 20.50 39.04
CA THR S 206 67.11 19.84 40.24
C THR S 206 66.04 18.80 39.93
N VAL S 207 65.45 18.21 40.96
CA VAL S 207 64.44 17.18 40.80
C VAL S 207 63.13 17.66 40.17
N ASP S 208 62.52 18.69 40.74
CA ASP S 208 61.27 19.23 40.21
C ASP S 208 61.53 20.29 39.14
N ASN S 209 62.72 20.23 38.56
CA ASN S 209 63.14 21.19 37.56
C ASN S 209 63.54 20.52 36.24
N LEU S 210 63.84 19.22 36.31
CA LEU S 210 64.24 18.46 35.13
C LEU S 210 63.06 17.66 34.59
N SER S 211 63.06 17.49 33.27
CA SER S 211 62.00 16.75 32.57
C SER S 211 62.63 15.95 31.44
N ILE S 212 62.28 14.67 31.38
CA ILE S 212 62.83 13.78 30.35
C ILE S 212 61.80 12.83 29.75
N ALA S 213 61.88 12.68 28.44
CA ALA S 213 60.99 11.80 27.72
C ALA S 213 61.80 10.86 26.83
N ILE S 214 61.26 9.68 26.57
CA ILE S 214 61.94 8.73 25.71
C ILE S 214 60.96 7.83 24.95
N VAL S 215 61.41 7.36 23.80
CA VAL S 215 60.61 6.48 22.96
C VAL S 215 61.63 5.61 22.21
N GLY S 216 61.19 4.48 21.67
CA GLY S 216 62.10 3.64 20.94
C GLY S 216 61.64 2.22 20.72
N LYS S 217 62.45 1.48 19.96
CA LYS S 217 62.22 0.08 19.61
C LYS S 217 61.18 -0.61 20.45
N ASP S 218 61.43 -0.78 21.74
CA ASP S 218 60.44 -1.43 22.57
C ASP S 218 60.09 -0.59 23.77
N THR S 219 59.93 0.70 23.54
CA THR S 219 59.59 1.62 24.61
C THR S 219 58.52 2.61 24.17
N PRO S 220 57.34 2.55 24.80
CA PRO S 220 56.31 3.51 24.39
C PRO S 220 56.69 4.90 24.95
N PHE S 221 56.37 5.94 24.19
CA PHE S 221 56.69 7.31 24.61
C PHE S 221 56.20 7.54 26.04
N THR S 222 57.15 7.74 26.96
CA THR S 222 56.83 7.97 28.36
C THR S 222 57.64 9.15 28.92
N ILE S 223 57.02 9.93 29.81
CA ILE S 223 57.66 11.09 30.41
C ILE S 223 58.03 10.87 31.86
N TYR S 224 59.14 11.47 32.30
CA TYR S 224 59.61 11.35 33.68
C TYR S 224 59.78 12.68 34.38
N ASP S 225 59.18 12.79 35.56
CA ASP S 225 59.26 14.01 36.36
C ASP S 225 59.49 13.70 37.83
N GLY S 226 60.08 14.66 38.53
CA GLY S 226 60.35 14.50 39.95
C GLY S 226 61.28 13.34 40.25
N GLU S 227 61.05 12.72 41.41
CA GLU S 227 61.85 11.59 41.88
C GLU S 227 62.32 10.67 40.75
N ALA S 228 61.46 10.46 39.75
CA ALA S 228 61.81 9.59 38.63
C ALA S 228 63.07 10.03 37.88
N VAL S 229 63.39 11.33 37.92
CA VAL S 229 64.59 11.82 37.23
C VAL S 229 65.77 11.94 38.19
N ALA S 230 65.50 11.77 39.48
CA ALA S 230 66.51 11.86 40.52
C ALA S 230 67.80 11.09 40.21
N LYS S 231 67.67 9.88 39.70
CA LYS S 231 68.85 9.07 39.39
C LYS S 231 69.73 9.60 38.26
N TYR S 232 69.28 10.63 37.56
CA TYR S 232 70.06 11.19 36.46
C TYR S 232 70.68 12.52 36.84
N ILE S 233 70.31 13.04 38.01
CA ILE S 233 70.85 14.31 38.45
C ILE S 233 72.16 14.16 39.23
N GLY T 1 53.21 59.91 -4.32
CA GLY T 1 54.01 59.84 -3.04
C GLY T 1 54.75 58.53 -2.89
N THR T 2 54.60 57.88 -1.73
CA THR T 2 55.25 56.59 -1.44
C THR T 2 54.31 55.64 -0.67
N GLY T 3 54.87 54.54 -0.17
CA GLY T 3 54.06 53.58 0.56
C GLY T 3 53.45 52.59 -0.40
N TYR T 4 53.86 52.66 -1.66
CA TYR T 4 53.35 51.77 -2.69
C TYR T 4 53.84 50.34 -2.45
N ASP T 5 54.91 50.20 -1.70
CA ASP T 5 55.46 48.89 -1.43
C ASP T 5 54.95 48.22 -0.15
N LEU T 6 53.92 48.79 0.47
CA LEU T 6 53.40 48.20 1.71
C LEU T 6 52.23 47.22 1.57
N SER T 7 51.48 47.31 0.48
CA SER T 7 50.34 46.41 0.27
C SER T 7 50.54 45.60 -1.01
N ASN T 8 50.12 44.35 -0.97
CA ASN T 8 50.30 43.45 -2.08
C ASN T 8 49.70 43.77 -3.44
N SER T 9 48.41 44.01 -3.55
CA SER T 9 47.88 44.23 -4.89
C SER T 9 48.06 45.62 -5.51
N VAL T 10 48.77 46.51 -4.82
CA VAL T 10 48.97 47.89 -5.29
C VAL T 10 49.97 48.11 -6.42
N PHE T 11 49.56 48.94 -7.39
CA PHE T 11 50.40 49.31 -8.53
C PHE T 11 51.19 50.54 -8.12
N SER T 12 52.48 50.54 -8.45
CA SER T 12 53.33 51.68 -8.16
C SER T 12 53.18 52.57 -9.39
N PRO T 13 53.62 53.82 -9.31
CA PRO T 13 53.48 54.70 -10.49
C PRO T 13 54.10 54.15 -11.79
N ASP T 14 55.08 53.26 -11.66
CA ASP T 14 55.73 52.67 -12.81
C ASP T 14 55.12 51.35 -13.26
N GLY T 15 53.93 51.04 -12.78
CA GLY T 15 53.24 49.81 -13.16
C GLY T 15 53.79 48.53 -12.56
N ARG T 16 54.52 48.62 -11.47
CA ARG T 16 55.08 47.43 -10.83
C ARG T 16 54.33 47.09 -9.55
N ASN T 17 54.54 45.87 -9.06
CA ASN T 17 53.93 45.42 -7.83
C ASN T 17 55.07 45.05 -6.89
N PHE T 18 55.65 46.08 -6.28
CA PHE T 18 56.78 45.94 -5.36
C PHE T 18 56.83 44.75 -4.42
N GLN T 19 55.70 44.42 -3.80
CA GLN T 19 55.67 43.29 -2.89
C GLN T 19 56.05 41.98 -3.57
N VAL T 20 55.73 41.85 -4.86
CA VAL T 20 56.09 40.65 -5.60
C VAL T 20 57.58 40.70 -5.84
N GLU T 21 58.08 41.91 -6.06
CA GLU T 21 59.50 42.13 -6.31
C GLU T 21 60.32 41.81 -5.06
N TYR T 22 59.72 42.05 -3.89
CA TYR T 22 60.37 41.76 -2.62
C TYR T 22 60.39 40.26 -2.37
N ALA T 23 59.39 39.56 -2.90
CA ALA T 23 59.32 38.11 -2.72
C ALA T 23 60.50 37.53 -3.49
N VAL T 24 60.79 38.11 -4.65
CA VAL T 24 61.90 37.66 -5.46
C VAL T 24 63.19 37.73 -4.65
N LYS T 25 63.37 38.82 -3.91
CA LYS T 25 64.56 38.97 -3.10
C LYS T 25 64.71 37.80 -2.12
N ALA T 26 63.59 37.22 -1.70
CA ALA T 26 63.63 36.09 -0.77
C ALA T 26 64.01 34.82 -1.52
N VAL T 27 63.68 34.78 -2.80
CA VAL T 27 64.01 33.64 -3.63
C VAL T 27 65.50 33.63 -3.97
N GLU T 28 66.01 34.78 -4.39
CA GLU T 28 67.43 34.93 -4.75
C GLU T 28 68.30 34.58 -3.56
N ASN T 29 67.71 34.70 -2.38
CA ASN T 29 68.40 34.42 -1.15
C ASN T 29 68.50 32.93 -0.81
N GLY T 30 67.70 32.12 -1.48
CA GLY T 30 67.73 30.71 -1.17
C GLY T 30 68.68 29.89 -2.00
N THR T 31 68.81 28.62 -1.60
CA THR T 31 69.65 27.63 -2.27
C THR T 31 69.42 27.61 -3.78
N THR T 32 70.40 27.11 -4.53
CA THR T 32 70.25 27.04 -5.97
C THR T 32 69.75 25.66 -6.41
N SER T 33 68.84 25.64 -7.38
CA SER T 33 68.27 24.40 -7.90
C SER T 33 68.14 24.53 -9.42
N ILE T 34 68.11 23.41 -10.13
CA ILE T 34 68.02 23.47 -11.57
C ILE T 34 67.21 22.38 -12.27
N GLY T 35 67.00 22.59 -13.57
CA GLY T 35 66.28 21.64 -14.39
C GLY T 35 66.93 21.58 -15.76
N ILE T 36 67.11 20.36 -16.27
CA ILE T 36 67.72 20.14 -17.59
C ILE T 36 66.81 19.26 -18.43
N LYS T 37 66.25 19.83 -19.47
CA LYS T 37 65.38 19.07 -20.35
C LYS T 37 66.29 18.22 -21.22
N CYS T 38 66.02 16.92 -21.32
CA CYS T 38 66.86 16.07 -22.16
C CYS T 38 66.03 15.54 -23.31
N ASN T 39 66.64 14.73 -24.18
CA ASN T 39 65.94 14.22 -25.37
C ASN T 39 64.66 13.41 -25.17
N ASP T 40 64.42 12.90 -23.96
CA ASP T 40 63.16 12.16 -23.69
C ASP T 40 62.79 12.21 -22.21
N GLY T 41 63.11 13.33 -21.57
CA GLY T 41 62.78 13.49 -20.16
C GLY T 41 63.37 14.75 -19.57
N VAL T 42 63.34 14.85 -18.25
CA VAL T 42 63.90 16.02 -17.57
C VAL T 42 64.62 15.59 -16.31
N VAL T 43 65.62 16.37 -15.91
CA VAL T 43 66.38 16.06 -14.71
C VAL T 43 66.32 17.25 -13.76
N PHE T 44 66.13 16.98 -12.48
CA PHE T 44 66.07 18.05 -11.50
C PHE T 44 67.14 17.80 -10.44
N ALA T 45 67.75 18.89 -9.99
CA ALA T 45 68.80 18.80 -8.97
C ALA T 45 68.76 20.02 -8.07
N VAL T 46 69.20 19.84 -6.84
CA VAL T 46 69.20 20.95 -5.90
C VAL T 46 70.35 20.87 -4.90
N GLU T 47 70.75 22.02 -4.40
CA GLU T 47 71.83 22.15 -3.41
C GLU T 47 71.18 22.10 -2.02
N LYS T 48 71.62 21.17 -1.19
CA LYS T 48 71.06 21.07 0.16
C LYS T 48 72.14 21.44 1.14
N LEU T 49 72.15 22.68 1.60
CA LEU T 49 73.17 23.13 2.55
C LEU T 49 73.13 22.35 3.85
N ILE T 50 74.32 21.93 4.28
CA ILE T 50 74.46 21.18 5.52
C ILE T 50 74.80 22.17 6.62
N THR T 51 73.78 22.56 7.37
CA THR T 51 73.92 23.49 8.48
C THR T 51 74.93 22.97 9.48
N SER T 52 74.86 21.67 9.77
CA SER T 52 75.78 21.04 10.70
C SER T 52 75.87 19.53 10.48
N LYS T 53 76.64 18.88 11.34
CA LYS T 53 76.82 17.44 11.26
C LYS T 53 75.54 16.74 11.70
N LEU T 54 74.80 17.38 12.60
CA LEU T 54 73.57 16.81 13.15
C LEU T 54 72.45 16.49 12.15
N LEU T 55 72.53 17.04 10.94
CA LEU T 55 71.52 16.75 9.93
C LEU T 55 71.69 15.31 9.49
N VAL T 56 70.60 14.55 9.46
CA VAL T 56 70.70 13.17 9.03
C VAL T 56 70.84 13.16 7.52
N PRO T 57 71.98 12.64 7.03
CA PRO T 57 72.27 12.58 5.59
C PRO T 57 71.20 11.85 4.78
N GLN T 58 70.80 12.48 3.68
CA GLN T 58 69.79 11.90 2.78
C GLN T 58 68.38 11.87 3.35
N LYS T 59 68.16 12.58 4.46
CA LYS T 59 66.85 12.55 5.09
C LYS T 59 65.94 13.76 4.93
N ASN T 60 66.50 14.91 4.59
CA ASN T 60 65.63 16.06 4.43
C ASN T 60 65.38 16.34 2.96
N VAL T 61 64.68 15.41 2.31
CA VAL T 61 64.37 15.50 0.89
C VAL T 61 63.64 16.79 0.50
N LYS T 62 64.12 17.45 -0.54
CA LYS T 62 63.54 18.71 -1.00
C LYS T 62 62.72 18.59 -2.29
N ILE T 63 63.17 17.73 -3.20
CA ILE T 63 62.45 17.55 -4.46
C ILE T 63 61.13 16.85 -4.20
N GLN T 64 60.07 17.29 -4.88
CA GLN T 64 58.76 16.70 -4.69
C GLN T 64 58.14 16.16 -5.97
N VAL T 65 57.26 15.18 -5.78
CA VAL T 65 56.59 14.58 -6.91
C VAL T 65 55.11 15.00 -6.91
N VAL T 66 54.60 15.23 -8.11
CA VAL T 66 53.22 15.61 -8.29
C VAL T 66 52.65 14.49 -9.15
N ASP T 67 51.57 13.87 -8.66
CA ASP T 67 50.95 12.77 -9.37
C ASP T 67 51.98 11.65 -9.38
N ARG T 68 52.28 11.12 -10.55
CA ARG T 68 53.26 10.05 -10.66
C ARG T 68 54.32 10.40 -11.70
N HIS T 69 54.02 11.38 -12.55
CA HIS T 69 54.92 11.80 -13.62
C HIS T 69 55.53 13.20 -13.55
N ILE T 70 55.23 13.98 -12.51
CA ILE T 70 55.75 15.34 -12.43
C ILE T 70 56.73 15.56 -11.28
N GLY T 71 57.78 16.31 -11.55
CA GLY T 71 58.78 16.62 -10.54
C GLY T 71 58.85 18.12 -10.29
N CYS T 72 58.99 18.50 -9.01
CA CYS T 72 59.06 19.89 -8.62
C CYS T 72 60.18 20.19 -7.64
N VAL T 73 60.92 21.26 -7.91
CA VAL T 73 62.00 21.68 -7.05
C VAL T 73 61.89 23.20 -6.96
N TYR T 74 62.31 23.79 -5.85
CA TYR T 74 62.19 25.23 -5.70
C TYR T 74 63.18 25.89 -4.71
N SER T 75 63.43 27.17 -4.95
CA SER T 75 64.35 27.97 -4.16
C SER T 75 63.57 29.08 -3.49
N GLY T 76 63.91 29.37 -2.23
CA GLY T 76 63.21 30.41 -1.50
C GLY T 76 62.71 29.91 -0.17
N LEU T 77 61.49 30.33 0.21
CA LEU T 77 60.88 29.89 1.46
C LEU T 77 60.35 28.47 1.21
N ILE T 78 60.98 27.47 1.81
CA ILE T 78 60.55 26.09 1.59
C ILE T 78 59.08 25.85 1.93
N PRO T 79 58.62 26.34 3.08
CA PRO T 79 57.21 26.14 3.42
C PRO T 79 56.29 26.61 2.28
N ASP T 80 56.59 27.75 1.67
CA ASP T 80 55.75 28.24 0.57
C ASP T 80 55.80 27.26 -0.60
N GLY T 81 56.96 26.66 -0.82
CA GLY T 81 57.15 25.70 -1.89
C GLY T 81 56.23 24.51 -1.71
N ARG T 82 56.12 24.03 -0.48
CA ARG T 82 55.27 22.89 -0.19
C ARG T 82 53.81 23.27 -0.46
N HIS T 83 53.39 24.40 0.11
CA HIS T 83 52.03 24.88 -0.07
C HIS T 83 51.65 24.88 -1.55
N LEU T 84 52.61 25.28 -2.39
CA LEU T 84 52.36 25.32 -3.82
C LEU T 84 52.26 23.91 -4.41
N VAL T 85 53.03 22.97 -3.87
CA VAL T 85 52.99 21.59 -4.37
C VAL T 85 51.69 20.93 -3.93
N ASN T 86 51.29 21.17 -2.68
CA ASN T 86 50.06 20.60 -2.15
C ASN T 86 48.93 20.96 -3.11
N ARG T 87 48.88 22.23 -3.49
CA ARG T 87 47.87 22.71 -4.41
C ARG T 87 48.07 22.02 -5.76
N GLY T 88 49.31 21.92 -6.21
CA GLY T 88 49.59 21.26 -7.47
C GLY T 88 49.05 19.83 -7.47
N ARG T 89 49.22 19.15 -6.35
CA ARG T 89 48.75 17.78 -6.24
C ARG T 89 47.24 17.66 -6.35
N GLU T 90 46.52 18.60 -5.76
CA GLU T 90 45.05 18.60 -5.81
C GLU T 90 44.63 18.90 -7.23
N GLU T 91 45.27 19.90 -7.80
CA GLU T 91 44.99 20.34 -9.15
C GLU T 91 45.14 19.16 -10.12
N ALA T 92 46.13 18.32 -9.86
CA ALA T 92 46.39 17.17 -10.71
C ALA T 92 45.32 16.10 -10.49
N ALA T 93 45.01 15.83 -9.22
CA ALA T 93 44.00 14.85 -8.86
C ALA T 93 42.68 15.18 -9.54
N SER T 94 42.29 16.45 -9.44
CA SER T 94 41.05 16.94 -10.01
C SER T 94 40.98 16.75 -11.51
N PHE T 95 42.10 17.01 -12.18
CA PHE T 95 42.16 16.86 -13.64
C PHE T 95 42.03 15.40 -14.05
N LYS T 96 42.76 14.52 -13.35
CA LYS T 96 42.73 13.08 -13.65
C LYS T 96 41.35 12.48 -13.38
N LYS T 97 40.72 12.93 -12.29
CA LYS T 97 39.41 12.44 -11.92
C LYS T 97 38.41 12.71 -13.03
N LEU T 98 38.38 13.93 -13.53
CA LEU T 98 37.43 14.26 -14.58
C LEU T 98 37.80 13.78 -15.98
N TYR T 99 39.08 13.92 -16.35
CA TYR T 99 39.52 13.55 -17.70
C TYR T 99 40.20 12.21 -17.90
N LYS T 100 40.41 11.46 -16.81
CA LYS T 100 41.05 10.14 -16.86
C LYS T 100 42.56 10.19 -17.09
N THR T 101 42.97 10.85 -18.16
CA THR T 101 44.38 10.97 -18.49
C THR T 101 45.16 11.78 -17.45
N PRO T 102 46.41 11.39 -17.15
CA PRO T 102 47.10 12.22 -16.15
C PRO T 102 47.38 13.60 -16.76
N ILE T 103 47.38 14.63 -15.92
CA ILE T 103 47.56 16.01 -16.36
C ILE T 103 48.82 16.34 -17.15
N PRO T 104 48.66 16.85 -18.38
CA PRO T 104 49.78 17.22 -19.25
C PRO T 104 50.64 18.25 -18.53
N ILE T 105 51.95 18.20 -18.72
CA ILE T 105 52.83 19.14 -18.03
C ILE T 105 52.45 20.59 -18.31
N PRO T 106 52.19 20.93 -19.58
CA PRO T 106 51.80 22.31 -19.93
C PRO T 106 50.58 22.74 -19.12
N ALA T 107 49.56 21.88 -19.08
CA ALA T 107 48.34 22.15 -18.34
C ALA T 107 48.64 22.35 -16.85
N PHE T 108 49.48 21.47 -16.30
CA PHE T 108 49.85 21.53 -14.90
C PHE T 108 50.54 22.85 -14.61
N ALA T 109 51.34 23.29 -15.58
CA ALA T 109 52.07 24.52 -15.45
C ALA T 109 51.09 25.67 -15.23
N ASP T 110 50.09 25.78 -16.10
CA ASP T 110 49.12 26.86 -15.97
C ASP T 110 48.33 26.82 -14.69
N ARG T 111 48.09 25.63 -14.16
CA ARG T 111 47.37 25.52 -12.92
C ARG T 111 48.17 26.20 -11.83
N LEU T 112 49.47 25.93 -11.81
CA LEU T 112 50.33 26.55 -10.81
C LEU T 112 50.39 28.05 -11.07
N GLY T 113 50.51 28.39 -12.34
CA GLY T 113 50.59 29.78 -12.75
C GLY T 113 49.43 30.63 -12.29
N GLN T 114 48.21 30.14 -12.49
CA GLN T 114 47.01 30.86 -12.08
C GLN T 114 46.93 31.02 -10.57
N TYR T 115 47.29 29.96 -9.84
CA TYR T 115 47.24 29.98 -8.39
C TYR T 115 48.22 30.99 -7.81
N VAL T 116 49.43 31.00 -8.36
CA VAL T 116 50.45 31.94 -7.91
C VAL T 116 50.04 33.36 -8.26
N GLN T 117 49.58 33.54 -9.49
CA GLN T 117 49.16 34.86 -10.00
C GLN T 117 48.03 35.38 -9.12
N ALA T 118 47.17 34.47 -8.68
CA ALA T 118 46.04 34.82 -7.83
C ALA T 118 46.52 35.50 -6.55
N HIS T 119 47.66 35.07 -6.03
CA HIS T 119 48.23 35.65 -4.82
C HIS T 119 48.93 36.98 -5.03
N THR T 120 48.56 37.69 -6.10
CA THR T 120 49.11 39.00 -6.40
C THR T 120 47.95 39.93 -6.79
N LEU T 121 46.73 39.48 -6.53
CA LEU T 121 45.51 40.23 -6.85
C LEU T 121 44.86 40.91 -5.63
N TYR T 122 45.14 40.39 -4.44
CA TYR T 122 44.55 40.91 -3.21
C TYR T 122 45.61 41.29 -2.19
N ASN T 123 45.30 42.28 -1.35
CA ASN T 123 46.24 42.72 -0.33
C ASN T 123 46.09 41.93 0.96
N SER T 124 45.23 40.91 0.93
CA SER T 124 44.99 40.09 2.10
C SER T 124 45.79 38.78 2.10
N VAL T 125 46.63 38.62 1.08
CA VAL T 125 47.50 37.46 0.98
C VAL T 125 48.88 37.96 0.56
N ARG T 126 49.88 37.15 0.83
CA ARG T 126 51.26 37.47 0.51
C ARG T 126 51.73 36.66 -0.69
N PRO T 127 52.51 37.27 -1.60
CA PRO T 127 52.98 36.52 -2.77
C PRO T 127 53.85 35.34 -2.33
N PHE T 128 54.08 34.39 -3.24
CA PHE T 128 54.90 33.23 -2.91
C PHE T 128 56.39 33.55 -2.92
N GLY T 129 57.07 33.13 -1.86
CA GLY T 129 58.50 33.37 -1.75
C GLY T 129 59.33 32.23 -2.33
N VAL T 130 58.98 31.82 -3.56
CA VAL T 130 59.69 30.75 -4.23
C VAL T 130 59.62 30.83 -5.76
N SER T 131 60.64 30.28 -6.40
CA SER T 131 60.68 30.18 -7.85
C SER T 131 60.65 28.67 -7.97
N THR T 132 59.97 28.14 -8.99
CA THR T 132 59.86 26.70 -9.11
C THR T 132 60.16 26.13 -10.48
N ILE T 133 61.00 25.10 -10.47
CA ILE T 133 61.37 24.41 -11.68
C ILE T 133 60.66 23.07 -11.58
N PHE T 134 59.82 22.78 -12.57
CA PHE T 134 59.06 21.53 -12.57
C PHE T 134 58.91 21.02 -14.00
N GLY T 135 58.49 19.77 -14.13
CA GLY T 135 58.33 19.20 -15.46
C GLY T 135 58.16 17.70 -15.41
N GLY T 136 58.06 17.10 -16.60
CA GLY T 136 57.90 15.67 -16.69
C GLY T 136 57.64 15.26 -18.12
N VAL T 137 57.08 14.06 -18.30
CA VAL T 137 56.79 13.52 -19.62
C VAL T 137 55.31 13.24 -19.78
N ASP T 138 54.76 13.53 -20.96
CA ASP T 138 53.36 13.28 -21.21
C ASP T 138 53.07 12.83 -22.64
N LYS T 139 51.78 12.75 -22.97
CA LYS T 139 51.31 12.33 -24.30
C LYS T 139 52.27 12.71 -25.43
N ASN T 140 52.85 13.90 -25.36
CA ASN T 140 53.77 14.27 -26.42
C ASN T 140 55.04 15.00 -25.97
N GLY T 141 55.99 14.23 -25.48
CA GLY T 141 57.27 14.79 -25.08
C GLY T 141 57.55 15.09 -23.63
N ALA T 142 58.67 15.77 -23.44
CA ALA T 142 59.13 16.19 -22.13
C ALA T 142 58.98 17.70 -22.07
N HIS T 143 58.75 18.23 -20.88
CA HIS T 143 58.58 19.66 -20.72
C HIS T 143 59.23 20.12 -19.43
N LEU T 144 59.99 21.22 -19.52
CA LEU T 144 60.65 21.80 -18.36
C LEU T 144 60.06 23.21 -18.15
N TYR T 145 59.81 23.56 -16.90
CA TYR T 145 59.21 24.86 -16.56
C TYR T 145 59.80 25.52 -15.31
N MET T 146 59.71 26.84 -15.28
CA MET T 146 60.15 27.61 -14.13
C MET T 146 59.08 28.66 -13.90
N LEU T 147 58.60 28.74 -12.66
CA LEU T 147 57.54 29.65 -12.28
C LEU T 147 58.03 30.67 -11.26
N GLU T 148 57.90 31.96 -11.59
CA GLU T 148 58.33 33.06 -10.72
C GLU T 148 57.23 33.47 -9.75
N PRO T 149 57.59 34.17 -8.66
CA PRO T 149 56.59 34.61 -7.68
C PRO T 149 55.48 35.46 -8.31
N SER T 150 55.82 36.17 -9.39
CA SER T 150 54.85 37.02 -10.08
C SER T 150 53.77 36.17 -10.74
N GLY T 151 54.02 34.86 -10.84
CA GLY T 151 53.07 33.98 -11.49
C GLY T 151 53.53 33.71 -12.91
N SER T 152 54.54 34.46 -13.34
CA SER T 152 55.10 34.29 -14.67
C SER T 152 55.84 32.95 -14.78
N TYR T 153 55.78 32.34 -15.96
CA TYR T 153 56.45 31.07 -16.17
C TYR T 153 56.58 30.83 -17.67
N TRP T 154 57.60 30.07 -18.06
CA TRP T 154 57.83 29.73 -19.46
C TRP T 154 58.44 28.34 -19.53
N GLY T 155 58.44 27.77 -20.73
CA GLY T 155 59.04 26.47 -20.93
C GLY T 155 60.52 26.74 -21.18
N TYR T 156 61.38 25.86 -20.69
CA TYR T 156 62.82 26.06 -20.85
C TYR T 156 63.56 24.84 -21.37
N LYS T 157 64.73 25.10 -21.94
CA LYS T 157 65.63 24.05 -22.43
C LYS T 157 66.36 23.63 -21.15
N GLY T 158 66.71 24.62 -20.34
CA GLY T 158 67.37 24.38 -19.08
C GLY T 158 66.99 25.58 -18.21
N ALA T 159 67.00 25.40 -16.90
CA ALA T 159 66.63 26.50 -15.99
C ALA T 159 67.24 26.37 -14.62
N ALA T 160 67.47 27.51 -13.99
CA ALA T 160 68.07 27.57 -12.67
C ALA T 160 67.53 28.77 -11.91
N THR T 161 67.64 28.71 -10.60
CA THR T 161 67.19 29.79 -9.75
C THR T 161 67.82 29.60 -8.37
N GLY T 162 67.96 30.69 -7.64
CA GLY T 162 68.57 30.62 -6.32
C GLY T 162 69.86 31.43 -6.21
N LYS T 163 70.54 31.25 -5.08
CA LYS T 163 71.80 31.93 -4.80
C LYS T 163 72.77 31.92 -5.98
N GLY T 164 73.05 30.73 -6.54
CA GLY T 164 73.98 30.66 -7.65
C GLY T 164 73.32 30.45 -8.99
N ARG T 165 72.21 31.16 -9.22
CA ARG T 165 71.48 31.01 -10.46
C ARG T 165 72.27 31.39 -11.73
N GLN T 166 73.17 32.38 -11.62
CA GLN T 166 73.96 32.83 -12.78
C GLN T 166 75.04 31.84 -13.20
N SER T 167 75.77 31.30 -12.22
CA SER T 167 76.81 30.31 -12.51
C SER T 167 76.08 29.20 -13.25
N ALA T 168 74.99 28.75 -12.65
CA ALA T 168 74.17 27.70 -13.23
C ALA T 168 73.77 28.04 -14.66
N LYS T 169 73.12 29.18 -14.87
CA LYS T 169 72.70 29.57 -16.21
C LYS T 169 73.85 29.58 -17.21
N ALA T 170 75.02 30.04 -16.78
CA ALA T 170 76.18 30.07 -17.65
C ALA T 170 76.45 28.65 -18.17
N GLU T 171 76.53 27.71 -17.24
CA GLU T 171 76.77 26.30 -17.55
C GLU T 171 75.70 25.71 -18.47
N LEU T 172 74.44 26.04 -18.17
CA LEU T 172 73.33 25.55 -18.96
C LEU T 172 73.42 26.01 -20.44
N GLU T 173 73.71 27.29 -20.65
CA GLU T 173 73.81 27.83 -22.00
C GLU T 173 74.88 27.10 -22.79
N LYS T 174 76.00 26.79 -22.14
CA LYS T 174 77.09 26.09 -22.82
C LYS T 174 76.54 24.74 -23.30
N LEU T 175 75.82 24.07 -22.42
CA LEU T 175 75.23 22.78 -22.75
C LEU T 175 74.33 22.89 -23.98
N VAL T 176 73.45 23.88 -23.98
CA VAL T 176 72.55 24.07 -25.11
C VAL T 176 73.31 24.28 -26.41
N ASP T 177 74.38 25.08 -26.36
CA ASP T 177 75.17 25.37 -27.55
C ASP T 177 76.02 24.19 -28.00
N HIS T 178 76.57 23.44 -27.05
CA HIS T 178 77.45 22.30 -27.35
C HIS T 178 76.78 20.95 -27.53
N HIS T 179 75.46 20.93 -27.53
CA HIS T 179 74.69 19.68 -27.71
C HIS T 179 73.40 20.02 -28.43
N PRO T 180 73.49 20.53 -29.67
CA PRO T 180 72.33 20.90 -30.48
C PRO T 180 71.31 19.80 -30.76
N GLU T 181 71.79 18.55 -30.90
CA GLU T 181 70.92 17.40 -31.18
C GLU T 181 70.12 16.93 -29.96
N GLY T 182 70.61 17.27 -28.77
CA GLY T 182 69.94 16.87 -27.54
C GLY T 182 70.86 16.18 -26.56
N LEU T 183 70.50 16.22 -25.28
CA LEU T 183 71.29 15.58 -24.24
C LEU T 183 70.58 14.26 -23.93
N SER T 184 71.23 13.35 -23.22
CA SER T 184 70.56 12.09 -22.89
C SER T 184 70.18 12.10 -21.41
N ALA T 185 69.26 11.22 -21.03
CA ALA T 185 68.83 11.14 -19.65
C ALA T 185 70.04 10.90 -18.76
N ARG T 186 70.80 9.87 -19.10
CA ARG T 186 72.00 9.49 -18.36
C ARG T 186 72.98 10.65 -18.26
N GLU T 187 73.19 11.33 -19.39
CA GLU T 187 74.09 12.49 -19.49
C GLU T 187 73.62 13.65 -18.59
N ALA T 188 72.38 14.08 -18.79
CA ALA T 188 71.78 15.17 -18.02
C ALA T 188 71.93 14.99 -16.52
N VAL T 189 71.84 13.75 -16.04
CA VAL T 189 71.97 13.50 -14.61
C VAL T 189 73.35 13.92 -14.10
N LYS T 190 74.40 13.50 -14.80
CA LYS T 190 75.77 13.83 -14.42
C LYS T 190 75.95 15.35 -14.54
N GLN T 191 75.64 15.84 -15.74
CA GLN T 191 75.75 17.24 -16.06
C GLN T 191 75.14 18.07 -14.94
N ALA T 192 73.96 17.64 -14.50
CA ALA T 192 73.23 18.30 -13.43
C ALA T 192 74.05 18.30 -12.15
N ALA T 193 74.69 17.18 -11.85
CA ALA T 193 75.50 17.07 -10.66
C ALA T 193 76.66 18.06 -10.74
N LYS T 194 77.14 18.29 -11.95
CA LYS T 194 78.24 19.22 -12.15
C LYS T 194 77.80 20.67 -11.95
N ILE T 195 76.72 21.06 -12.64
CA ILE T 195 76.24 22.43 -12.52
C ILE T 195 76.00 22.76 -11.05
N ILE T 196 75.47 21.80 -10.30
CA ILE T 196 75.20 22.05 -8.88
C ILE T 196 76.49 22.33 -8.12
N TYR T 197 77.52 21.55 -8.40
CA TYR T 197 78.80 21.75 -7.73
C TYR T 197 79.39 23.10 -8.07
N LEU T 198 79.38 23.44 -9.35
CA LEU T 198 79.90 24.73 -9.81
C LEU T 198 79.14 25.87 -9.15
N ALA T 199 77.83 25.88 -9.33
CA ALA T 199 77.00 26.92 -8.76
C ALA T 199 77.10 26.97 -7.24
N HIS T 200 77.77 26.00 -6.62
CA HIS T 200 77.89 26.01 -5.16
C HIS T 200 78.93 27.01 -4.68
N GLU T 201 79.80 27.45 -5.60
CA GLU T 201 80.85 28.40 -5.27
C GLU T 201 80.30 29.66 -4.60
N ASP T 202 79.12 30.08 -5.02
CA ASP T 202 78.46 31.26 -4.48
C ASP T 202 77.78 30.88 -3.15
N ASN T 203 78.49 30.08 -2.35
CA ASN T 203 77.97 29.62 -1.06
C ASN T 203 78.98 28.59 -0.54
N LYS T 204 80.19 28.67 -1.09
CA LYS T 204 81.30 27.76 -0.76
C LYS T 204 81.78 27.75 0.68
N GLU T 205 81.02 28.39 1.58
CA GLU T 205 81.38 28.44 3.00
C GLU T 205 80.79 27.25 3.75
N LYS T 206 79.54 26.93 3.47
CA LYS T 206 78.85 25.81 4.10
C LYS T 206 78.94 24.59 3.19
N ASP T 207 79.06 23.41 3.80
CA ASP T 207 79.15 22.18 3.02
C ASP T 207 77.72 21.84 2.55
N PHE T 208 77.61 21.12 1.45
CA PHE T 208 76.30 20.76 0.92
C PHE T 208 76.14 19.29 0.53
N GLU T 209 74.89 18.90 0.36
CA GLU T 209 74.52 17.55 -0.02
C GLU T 209 73.76 17.61 -1.34
N LEU T 210 74.12 16.77 -2.30
CA LEU T 210 73.46 16.79 -3.60
C LEU T 210 72.18 15.95 -3.67
N GLU T 211 71.25 16.36 -4.52
CA GLU T 211 69.98 15.67 -4.71
C GLU T 211 69.53 15.79 -6.17
N ILE T 212 69.36 14.65 -6.82
CA ILE T 212 68.94 14.60 -8.21
C ILE T 212 67.68 13.73 -8.33
N SER T 213 66.92 13.94 -9.39
CA SER T 213 65.72 13.14 -9.66
C SER T 213 65.49 13.28 -11.15
N TRP T 214 64.77 12.34 -11.74
CA TRP T 214 64.55 12.42 -13.17
C TRP T 214 63.30 11.73 -13.65
N CYS T 215 62.89 12.09 -14.85
CA CYS T 215 61.70 11.52 -15.46
C CYS T 215 62.07 11.35 -16.95
N SER T 216 62.23 10.10 -17.37
CA SER T 216 62.61 9.81 -18.75
C SER T 216 61.81 8.67 -19.35
N LEU T 217 61.28 8.90 -20.54
CA LEU T 217 60.48 7.91 -21.24
C LEU T 217 61.16 6.55 -21.32
N SER T 218 62.46 6.55 -21.57
CA SER T 218 63.20 5.30 -21.68
C SER T 218 63.82 4.84 -20.36
N GLU T 219 64.39 5.78 -19.61
CA GLU T 219 65.06 5.47 -18.36
C GLU T 219 64.22 5.23 -17.11
N THR T 220 63.03 5.82 -17.01
CA THR T 220 62.19 5.60 -15.83
C THR T 220 60.76 5.28 -16.22
N ASN T 221 60.56 5.04 -17.51
CA ASN T 221 59.25 4.72 -18.04
C ASN T 221 58.29 5.91 -17.97
N GLY T 222 58.84 7.11 -18.02
CA GLY T 222 58.01 8.29 -17.97
C GLY T 222 57.49 8.58 -16.58
N LEU T 223 58.14 8.00 -15.59
CA LEU T 223 57.74 8.20 -14.19
C LEU T 223 58.82 8.95 -13.44
N HIS T 224 58.41 9.82 -12.53
CA HIS T 224 59.38 10.57 -11.77
C HIS T 224 59.99 9.71 -10.68
N LYS T 225 61.32 9.64 -10.65
CA LYS T 225 62.03 8.83 -9.66
C LYS T 225 63.27 9.57 -9.20
N PHE T 226 63.65 9.37 -7.94
CA PHE T 226 64.84 10.00 -7.40
C PHE T 226 66.06 9.17 -7.80
N VAL T 227 67.18 9.85 -8.01
CA VAL T 227 68.42 9.18 -8.37
C VAL T 227 69.09 8.82 -7.05
N LYS T 228 69.36 7.53 -6.86
CA LYS T 228 69.99 7.06 -5.63
C LYS T 228 71.10 6.04 -5.91
N GLY T 229 71.87 5.71 -4.87
CA GLY T 229 72.93 4.74 -4.98
C GLY T 229 74.05 4.96 -5.99
N ASP T 230 74.26 3.94 -6.83
CA ASP T 230 75.30 3.96 -7.85
C ASP T 230 75.20 5.11 -8.84
N LEU T 231 74.04 5.25 -9.48
CA LEU T 231 73.85 6.30 -10.46
C LEU T 231 74.09 7.67 -9.84
N LEU T 232 73.78 7.81 -8.55
CA LEU T 232 73.99 9.07 -7.85
C LEU T 232 75.48 9.29 -7.59
N GLN T 233 76.15 8.25 -7.08
CA GLN T 233 77.58 8.35 -6.78
C GLN T 233 78.38 8.57 -8.07
N GLU T 234 77.91 7.95 -9.15
CA GLU T 234 78.55 8.10 -10.44
C GLU T 234 78.55 9.56 -10.87
N ALA T 235 77.44 10.25 -10.62
CA ALA T 235 77.32 11.67 -10.97
C ALA T 235 78.09 12.54 -9.99
N ILE T 236 78.16 12.12 -8.74
CA ILE T 236 78.90 12.88 -7.73
C ILE T 236 80.37 12.92 -8.14
N ASP T 237 80.88 11.78 -8.57
CA ASP T 237 82.26 11.69 -8.99
C ASP T 237 82.49 12.51 -10.24
N PHE T 238 81.66 12.29 -11.25
CA PHE T 238 81.78 13.04 -12.51
C PHE T 238 81.92 14.54 -12.26
N ALA T 239 81.27 15.03 -11.21
CA ALA T 239 81.34 16.44 -10.86
C ALA T 239 82.60 16.73 -10.07
N GLN T 240 82.75 16.05 -8.92
CA GLN T 240 83.92 16.20 -8.06
C GLN T 240 85.21 16.19 -8.87
N LYS T 241 85.18 15.46 -9.98
CA LYS T 241 86.31 15.33 -10.87
C LYS T 241 86.50 16.53 -11.78
N GLU T 242 85.39 17.15 -12.19
CA GLU T 242 85.46 18.32 -13.07
C GLU T 242 85.52 19.65 -12.34
N ILE T 243 85.39 19.62 -11.02
CA ILE T 243 85.47 20.84 -10.23
C ILE T 243 86.97 21.08 -9.98
N ASN T 244 87.79 20.16 -10.49
CA ASN T 244 89.26 20.22 -10.36
C ASN T 244 89.95 19.95 -11.70
N ALA U 1 44.30 60.41 3.66
CA ALA U 1 44.57 61.55 2.75
C ALA U 1 45.40 61.15 1.52
N GLY U 2 46.44 60.33 1.75
CA GLY U 2 47.29 59.91 0.65
C GLY U 2 47.05 58.51 0.10
N TYR U 3 45.97 57.86 0.52
CA TYR U 3 45.67 56.52 0.04
C TYR U 3 44.80 56.46 -1.19
N ASP U 4 44.33 57.61 -1.65
CA ASP U 4 43.48 57.62 -2.84
C ASP U 4 44.32 57.24 -4.06
N ARG U 5 45.55 56.79 -3.81
CA ARG U 5 46.45 56.40 -4.87
C ARG U 5 46.78 54.93 -4.80
N HIS U 6 46.27 54.26 -3.77
CA HIS U 6 46.52 52.84 -3.56
C HIS U 6 45.33 51.95 -3.93
N ILE U 7 44.11 52.46 -3.73
CA ILE U 7 42.94 51.68 -4.08
C ILE U 7 42.17 52.45 -5.13
N THR U 8 41.18 51.81 -5.75
CA THR U 8 40.43 52.46 -6.79
C THR U 8 39.28 53.35 -6.31
N ILE U 9 39.63 54.49 -5.70
CA ILE U 9 38.66 55.47 -5.24
C ILE U 9 39.11 56.78 -5.87
N PHE U 10 38.18 57.71 -6.06
CA PHE U 10 38.50 58.98 -6.67
C PHE U 10 39.54 59.81 -5.94
N SER U 11 40.28 60.60 -6.71
CA SER U 11 41.28 61.52 -6.19
C SER U 11 40.52 62.85 -6.29
N PRO U 12 41.00 63.89 -5.59
CA PRO U 12 40.29 65.17 -5.68
C PRO U 12 40.03 65.61 -7.12
N GLU U 13 40.95 65.30 -8.02
CA GLU U 13 40.80 65.68 -9.44
C GLU U 13 39.77 64.80 -10.14
N GLY U 14 39.27 63.78 -9.44
CA GLY U 14 38.28 62.88 -10.00
C GLY U 14 38.91 61.75 -10.80
N ARG U 15 40.17 61.44 -10.49
CA ARG U 15 40.87 60.39 -11.20
C ARG U 15 41.08 59.14 -10.36
N LEU U 16 41.50 58.08 -11.05
CA LEU U 16 41.75 56.80 -10.42
C LEU U 16 43.18 56.36 -10.74
N TYR U 17 44.12 56.80 -9.92
CA TYR U 17 45.53 56.46 -10.14
C TYR U 17 45.84 55.00 -10.38
N GLN U 18 45.28 54.11 -9.59
CA GLN U 18 45.53 52.69 -9.77
C GLN U 18 45.21 52.22 -11.18
N VAL U 19 44.20 52.82 -11.80
CA VAL U 19 43.83 52.44 -13.16
C VAL U 19 44.87 53.01 -14.14
N GLU U 20 45.36 54.21 -13.84
CA GLU U 20 46.36 54.84 -14.69
C GLU U 20 47.66 54.06 -14.59
N TYR U 21 48.03 53.70 -13.37
CA TYR U 21 49.25 52.94 -13.15
C TYR U 21 49.16 51.54 -13.78
N ALA U 22 47.98 50.94 -13.75
CA ALA U 22 47.79 49.62 -14.35
C ALA U 22 48.06 49.74 -15.84
N PHE U 23 47.72 50.90 -16.41
CA PHE U 23 47.94 51.16 -17.83
C PHE U 23 49.44 51.16 -18.07
N LYS U 24 50.19 51.75 -17.14
CA LYS U 24 51.64 51.81 -17.23
C LYS U 24 52.20 50.40 -17.36
N ALA U 25 51.65 49.46 -16.59
CA ALA U 25 52.10 48.08 -16.61
C ALA U 25 51.97 47.37 -17.96
N THR U 26 51.08 47.86 -18.82
CA THR U 26 50.88 47.21 -20.12
C THR U 26 52.05 47.35 -21.10
N ASN U 27 52.95 48.30 -20.83
CA ASN U 27 54.11 48.51 -21.69
C ASN U 27 55.36 47.84 -21.13
N GLN U 28 55.23 47.24 -19.96
CA GLN U 28 56.32 46.57 -19.30
C GLN U 28 57.07 45.52 -20.11
N THR U 29 56.38 44.88 -21.05
CA THR U 29 57.01 43.84 -21.86
C THR U 29 57.69 44.38 -23.11
N ASN U 30 57.62 45.69 -23.31
CA ASN U 30 58.24 46.34 -24.46
C ASN U 30 57.94 45.63 -25.77
N ILE U 31 56.69 45.22 -25.97
CA ILE U 31 56.27 44.54 -27.19
C ILE U 31 55.24 45.40 -27.90
N ASN U 32 55.11 45.23 -29.20
CA ASN U 32 54.13 45.99 -29.96
C ASN U 32 53.27 45.04 -30.77
N SER U 33 51.98 45.34 -30.86
CA SER U 33 51.07 44.50 -31.64
C SER U 33 50.19 45.38 -32.51
N LEU U 34 49.57 44.78 -33.51
CA LEU U 34 48.71 45.53 -34.40
C LEU U 34 47.76 44.58 -35.11
N ALA U 35 46.54 45.03 -35.37
CA ALA U 35 45.58 44.20 -36.05
C ALA U 35 44.97 44.97 -37.21
N VAL U 36 44.67 44.26 -38.28
CA VAL U 36 44.06 44.85 -39.47
C VAL U 36 43.01 43.88 -40.00
N ARG U 37 42.06 44.40 -40.78
CA ARG U 37 41.04 43.54 -41.31
C ARG U 37 41.16 43.35 -42.81
N GLY U 38 41.11 42.09 -43.24
CA GLY U 38 41.19 41.79 -44.66
C GLY U 38 39.80 41.91 -45.25
N LYS U 39 39.58 41.29 -46.41
CA LYS U 39 38.27 41.34 -47.05
C LYS U 39 37.33 40.42 -46.27
N ASP U 40 37.86 39.25 -45.92
CA ASP U 40 37.12 38.25 -45.16
C ASP U 40 38.03 37.53 -44.15
N CYS U 41 38.86 38.30 -43.46
CA CYS U 41 39.77 37.76 -42.45
C CYS U 41 40.29 38.89 -41.58
N THR U 42 40.93 38.52 -40.48
CA THR U 42 41.52 39.50 -39.58
C THR U 42 42.90 38.97 -39.22
N VAL U 43 43.90 39.85 -39.22
CA VAL U 43 45.27 39.46 -38.93
C VAL U 43 45.86 40.26 -37.78
N VAL U 44 46.52 39.56 -36.86
CA VAL U 44 47.16 40.24 -35.74
C VAL U 44 48.65 39.94 -35.83
N ILE U 45 49.43 40.93 -35.42
CA ILE U 45 50.88 40.83 -35.45
C ILE U 45 51.39 41.26 -34.09
N SER U 46 52.38 40.56 -33.58
CA SER U 46 52.93 40.93 -32.30
C SER U 46 54.40 40.57 -32.22
N GLN U 47 55.22 41.53 -31.83
CA GLN U 47 56.63 41.30 -31.72
C GLN U 47 56.87 40.17 -30.74
N LYS U 48 57.86 39.35 -31.04
CA LYS U 48 58.23 38.24 -30.18
C LYS U 48 59.69 38.49 -29.82
N LYS U 49 59.98 38.53 -28.52
CA LYS U 49 61.34 38.74 -28.08
C LYS U 49 61.76 37.73 -27.02
N VAL U 50 62.60 36.79 -27.43
CA VAL U 50 63.09 35.75 -26.53
C VAL U 50 64.56 36.04 -26.22
N PRO U 51 64.81 36.85 -25.18
CA PRO U 51 66.15 37.24 -24.75
C PRO U 51 67.03 36.10 -24.22
N ASP U 52 66.45 35.25 -23.36
CA ASP U 52 67.20 34.14 -22.77
C ASP U 52 67.34 32.95 -23.71
N LYS U 53 68.58 32.46 -23.84
CA LYS U 53 68.88 31.31 -24.72
C LYS U 53 68.36 30.02 -24.10
N LEU U 54 68.08 30.07 -22.81
CA LEU U 54 67.59 28.93 -22.06
C LEU U 54 66.08 28.70 -22.21
N LEU U 55 65.38 29.70 -22.73
CA LEU U 55 63.94 29.57 -22.91
C LEU U 55 63.59 28.70 -24.09
N ASP U 56 62.38 28.13 -24.01
CA ASP U 56 61.88 27.32 -25.09
C ASP U 56 61.04 28.34 -25.87
N PRO U 57 61.59 28.88 -26.96
CA PRO U 57 60.92 29.86 -27.79
C PRO U 57 59.46 29.57 -28.14
N THR U 58 59.09 28.30 -28.16
CA THR U 58 57.72 27.90 -28.50
C THR U 58 56.68 28.17 -27.42
N THR U 59 57.12 28.31 -26.18
CA THR U 59 56.20 28.57 -25.08
C THR U 59 56.07 30.06 -24.79
N VAL U 60 56.80 30.87 -25.55
CA VAL U 60 56.78 32.33 -25.37
C VAL U 60 55.82 32.98 -26.35
N SER U 61 54.58 33.20 -25.90
CA SER U 61 53.56 33.79 -26.75
C SER U 61 52.58 34.70 -26.00
N TYR U 62 52.07 35.71 -26.71
CA TYR U 62 51.10 36.62 -26.13
C TYR U 62 49.81 36.55 -26.94
N ILE U 63 49.75 35.61 -27.87
CA ILE U 63 48.57 35.41 -28.69
C ILE U 63 47.87 34.18 -28.11
N PHE U 64 46.54 34.22 -28.06
CA PHE U 64 45.76 33.12 -27.51
C PHE U 64 44.55 32.77 -28.34
N CYS U 65 44.15 31.50 -28.29
CA CYS U 65 42.97 31.03 -29.00
C CYS U 65 41.91 30.91 -27.89
N ILE U 66 40.91 31.77 -27.93
CA ILE U 66 39.88 31.74 -26.89
C ILE U 66 38.79 30.73 -27.24
N SER U 67 38.43 30.68 -28.53
CA SER U 67 37.41 29.77 -29.00
C SER U 67 37.78 29.36 -30.42
N ARG U 68 37.00 28.46 -31.01
CA ARG U 68 37.27 28.03 -32.36
C ARG U 68 37.29 29.24 -33.30
N THR U 69 36.65 30.32 -32.89
CA THR U 69 36.58 31.52 -33.73
C THR U 69 37.27 32.80 -33.22
N ILE U 70 37.46 32.92 -31.91
CA ILE U 70 38.08 34.14 -31.40
C ILE U 70 39.54 34.03 -30.98
N GLY U 71 40.32 35.04 -31.39
CA GLY U 71 41.71 35.09 -31.04
C GLY U 71 41.93 36.35 -30.21
N MET U 72 42.87 36.30 -29.29
CA MET U 72 43.16 37.46 -28.45
C MET U 72 44.65 37.65 -28.23
N VAL U 73 45.14 38.85 -28.51
CA VAL U 73 46.55 39.19 -28.30
C VAL U 73 46.59 40.12 -27.08
N VAL U 74 47.61 39.97 -26.24
CA VAL U 74 47.68 40.79 -25.04
C VAL U 74 48.93 41.64 -24.94
N ASN U 75 48.75 42.85 -24.42
CA ASN U 75 49.86 43.76 -24.18
C ASN U 75 49.93 43.99 -22.68
N GLY U 76 50.89 43.30 -22.04
CA GLY U 76 51.08 43.43 -20.60
C GLY U 76 51.78 42.20 -20.08
N PRO U 77 52.12 42.17 -18.78
CA PRO U 77 52.80 41.02 -18.15
C PRO U 77 52.11 39.71 -18.50
N ILE U 78 52.88 38.64 -18.69
CA ILE U 78 52.28 37.37 -19.05
C ILE U 78 51.33 36.80 -17.97
N PRO U 79 51.66 36.93 -16.67
CA PRO U 79 50.74 36.39 -15.65
C PRO U 79 49.33 36.98 -15.67
N ASP U 80 49.21 38.28 -15.91
CA ASP U 80 47.87 38.87 -15.98
C ASP U 80 47.28 38.48 -17.33
N ALA U 81 48.14 38.38 -18.33
CA ALA U 81 47.70 38.03 -19.69
C ALA U 81 47.03 36.67 -19.70
N ARG U 82 47.56 35.74 -18.91
CA ARG U 82 47.03 34.39 -18.84
C ARG U 82 45.77 34.34 -17.99
N ASN U 83 45.72 35.18 -16.95
CA ASN U 83 44.56 35.26 -16.08
C ASN U 83 43.39 35.68 -16.97
N ALA U 84 43.65 36.65 -17.84
CA ALA U 84 42.65 37.19 -18.75
C ALA U 84 42.21 36.19 -19.80
N ALA U 85 43.18 35.45 -20.35
CA ALA U 85 42.89 34.48 -21.39
C ALA U 85 42.01 33.37 -20.82
N LEU U 86 42.38 32.86 -19.65
CA LEU U 86 41.60 31.79 -19.03
C LEU U 86 40.15 32.23 -18.83
N ARG U 87 39.96 33.36 -18.16
CA ARG U 87 38.62 33.86 -17.91
C ARG U 87 37.84 34.03 -19.21
N ALA U 88 38.51 34.47 -20.25
CA ALA U 88 37.87 34.67 -21.54
C ALA U 88 37.46 33.34 -22.15
N LYS U 89 38.33 32.35 -22.06
CA LYS U 89 38.01 31.05 -22.63
C LYS U 89 36.78 30.50 -21.91
N ALA U 90 36.82 30.54 -20.59
CA ALA U 90 35.70 30.07 -19.79
C ALA U 90 34.42 30.85 -20.21
N GLU U 91 34.48 32.18 -20.22
CA GLU U 91 33.32 32.97 -20.59
C GLU U 91 32.78 32.55 -21.96
N ALA U 92 33.67 32.29 -22.90
CA ALA U 92 33.26 31.90 -24.25
C ALA U 92 32.58 30.53 -24.28
N ALA U 93 33.12 29.59 -23.51
CA ALA U 93 32.59 28.25 -23.44
C ALA U 93 31.16 28.30 -22.88
N GLU U 94 31.03 28.91 -21.70
CA GLU U 94 29.74 29.05 -21.05
C GLU U 94 28.71 29.74 -21.93
N PHE U 95 29.10 30.81 -22.62
CA PHE U 95 28.16 31.50 -23.49
C PHE U 95 27.57 30.56 -24.53
N ARG U 96 28.42 29.77 -25.18
CA ARG U 96 27.97 28.82 -26.21
C ARG U 96 26.98 27.83 -25.60
N TYR U 97 27.32 27.34 -24.41
CA TYR U 97 26.46 26.41 -23.71
C TYR U 97 25.05 26.94 -23.40
N LYS U 98 24.99 28.16 -22.86
CA LYS U 98 23.71 28.77 -22.49
C LYS U 98 22.89 29.38 -23.61
N TYR U 99 23.52 29.90 -24.65
CA TYR U 99 22.74 30.54 -25.71
C TYR U 99 22.68 29.83 -27.06
N GLY U 100 23.39 28.72 -27.19
CA GLY U 100 23.36 27.94 -28.41
C GLY U 100 24.11 28.40 -29.64
N TYR U 101 25.04 29.32 -29.48
CA TYR U 101 25.83 29.80 -30.60
C TYR U 101 27.12 30.41 -30.08
N ASP U 102 28.13 30.47 -30.94
CA ASP U 102 29.44 30.99 -30.58
C ASP U 102 29.40 32.44 -30.16
N MET U 103 30.04 32.74 -29.03
CA MET U 103 30.06 34.11 -28.53
C MET U 103 30.75 35.05 -29.52
N PRO U 104 30.06 36.12 -29.93
CA PRO U 104 30.63 37.09 -30.86
C PRO U 104 31.84 37.81 -30.26
N CYS U 105 32.77 38.17 -31.13
CA CYS U 105 33.99 38.89 -30.73
C CYS U 105 33.70 40.11 -29.87
N ASP U 106 32.81 40.99 -30.34
CA ASP U 106 32.46 42.21 -29.64
C ASP U 106 31.80 41.96 -28.27
N VAL U 107 30.98 40.91 -28.18
CA VAL U 107 30.31 40.57 -26.93
C VAL U 107 31.30 40.08 -25.87
N LEU U 108 32.24 39.24 -26.27
CA LEU U 108 33.26 38.75 -25.32
C LEU U 108 34.03 39.98 -24.84
N ALA U 109 34.31 40.88 -25.78
CA ALA U 109 35.04 42.10 -25.44
C ALA U 109 34.25 42.89 -24.39
N LYS U 110 32.97 43.17 -24.66
CA LYS U 110 32.14 43.92 -23.72
C LYS U 110 32.15 43.26 -22.34
N ARG U 111 32.01 41.93 -22.34
CA ARG U 111 31.99 41.15 -21.11
C ARG U 111 33.27 41.36 -20.32
N MET U 112 34.42 41.15 -20.97
CA MET U 112 35.71 41.34 -20.33
C MET U 112 35.88 42.79 -19.87
N ALA U 113 35.39 43.71 -20.69
CA ALA U 113 35.47 45.13 -20.36
C ALA U 113 34.66 45.42 -19.09
N ASN U 114 33.54 44.73 -18.94
CA ASN U 114 32.67 44.91 -17.78
C ASN U 114 33.34 44.34 -16.55
N LEU U 115 33.98 43.19 -16.72
CA LEU U 115 34.69 42.57 -15.63
C LEU U 115 35.77 43.56 -15.16
N SER U 116 36.48 44.16 -16.12
CA SER U 116 37.51 45.13 -15.78
C SER U 116 36.94 46.36 -15.10
N GLN U 117 35.77 46.80 -15.52
CA GLN U 117 35.16 47.96 -14.92
C GLN U 117 34.97 47.73 -13.44
N ILE U 118 34.67 46.50 -13.05
CA ILE U 118 34.43 46.17 -11.65
C ILE U 118 35.67 46.30 -10.79
N TYR U 119 36.84 46.03 -11.35
CA TYR U 119 38.07 46.16 -10.56
C TYR U 119 38.36 47.65 -10.38
N THR U 120 37.68 48.43 -11.19
CA THR U 120 37.77 49.88 -11.20
C THR U 120 36.94 50.50 -10.06
N GLN U 121 35.90 49.78 -9.64
CA GLN U 121 34.97 50.25 -8.60
C GLN U 121 35.07 49.54 -7.24
N ARG U 122 35.25 48.22 -7.26
CA ARG U 122 35.38 47.46 -6.02
C ARG U 122 36.83 47.57 -5.58
N ALA U 123 37.04 47.91 -4.32
CA ALA U 123 38.38 48.11 -3.77
C ALA U 123 39.29 46.89 -3.65
N TYR U 124 38.73 45.72 -3.36
CA TYR U 124 39.62 44.58 -3.18
C TYR U 124 40.21 43.97 -4.45
N MET U 125 39.56 44.15 -5.59
CA MET U 125 40.10 43.63 -6.85
C MET U 125 41.03 44.65 -7.49
N ARG U 126 42.20 44.23 -7.97
CA ARG U 126 43.09 45.18 -8.60
C ARG U 126 42.92 45.10 -10.09
N PRO U 127 43.14 46.21 -10.81
CA PRO U 127 42.97 46.09 -12.25
C PRO U 127 44.05 45.14 -12.80
N LEU U 128 43.87 44.66 -14.04
CA LEU U 128 44.87 43.80 -14.64
C LEU U 128 45.71 44.70 -15.56
N GLY U 129 47.03 44.66 -15.39
CA GLY U 129 47.89 45.48 -16.22
C GLY U 129 48.01 44.96 -17.64
N VAL U 130 46.90 44.91 -18.36
CA VAL U 130 46.89 44.41 -19.72
C VAL U 130 45.86 45.09 -20.59
N ILE U 131 46.10 44.97 -21.90
CA ILE U 131 45.20 45.50 -22.92
C ILE U 131 44.92 44.30 -23.83
N LEU U 132 43.64 43.97 -23.98
CA LEU U 132 43.23 42.82 -24.75
C LEU U 132 42.61 43.19 -26.08
N THR U 133 43.21 42.69 -27.16
CA THR U 133 42.69 42.92 -28.49
C THR U 133 42.08 41.62 -28.95
N PHE U 134 40.77 41.63 -29.19
CA PHE U 134 40.08 40.44 -29.63
C PHE U 134 39.82 40.53 -31.12
N VAL U 135 39.98 39.41 -31.82
CA VAL U 135 39.78 39.38 -33.26
C VAL U 135 39.07 38.14 -33.72
N SER U 136 38.33 38.27 -34.81
CA SER U 136 37.58 37.17 -35.39
C SER U 136 36.95 37.60 -36.70
N VAL U 137 36.24 36.68 -37.32
CA VAL U 137 35.51 36.97 -38.54
C VAL U 137 34.10 36.57 -38.12
N ASP U 138 33.45 37.50 -37.41
CA ASP U 138 32.10 37.32 -36.90
C ASP U 138 31.13 36.98 -38.01
N GLU U 139 30.15 36.12 -37.72
CA GLU U 139 29.17 35.72 -38.71
C GLU U 139 28.13 36.78 -39.03
N GLU U 140 28.09 37.84 -38.25
CA GLU U 140 27.13 38.90 -38.50
C GLU U 140 27.81 40.20 -38.88
N LEU U 141 28.97 40.47 -38.30
CA LEU U 141 29.69 41.71 -38.56
C LEU U 141 30.91 41.59 -39.46
N GLY U 142 31.34 40.36 -39.74
CA GLY U 142 32.51 40.17 -40.58
C GLY U 142 33.79 40.38 -39.78
N PRO U 143 34.93 40.60 -40.46
CA PRO U 143 36.21 40.82 -39.78
C PRO U 143 36.05 41.79 -38.61
N SER U 144 36.50 41.40 -37.42
CA SER U 144 36.35 42.24 -36.25
C SER U 144 37.55 42.38 -35.33
N ILE U 145 37.72 43.59 -34.80
CA ILE U 145 38.79 43.95 -33.88
C ILE U 145 38.17 44.77 -32.75
N TYR U 146 38.23 44.23 -31.53
CA TYR U 146 37.70 44.93 -30.36
C TYR U 146 38.77 44.86 -29.28
N LYS U 147 39.06 46.02 -28.68
CA LYS U 147 40.09 46.09 -27.66
C LYS U 147 39.58 46.71 -26.38
N THR U 148 40.00 46.13 -25.27
CA THR U 148 39.59 46.56 -23.94
C THR U 148 40.85 46.91 -23.13
N ASP U 149 40.71 47.80 -22.15
CA ASP U 149 41.83 48.22 -21.33
C ASP U 149 41.54 48.11 -19.83
N PRO U 150 42.48 48.56 -18.98
CA PRO U 150 42.25 48.49 -17.53
C PRO U 150 41.16 49.42 -17.01
N ALA U 151 40.69 50.33 -17.86
CA ALA U 151 39.66 51.27 -17.45
C ALA U 151 38.27 50.67 -17.61
N GLY U 152 38.18 49.59 -18.37
CA GLY U 152 36.90 48.95 -18.60
C GLY U 152 36.32 49.49 -19.87
N TYR U 153 37.17 50.15 -20.65
CA TYR U 153 36.76 50.73 -21.92
C TYR U 153 37.00 49.76 -23.10
N TYR U 154 36.16 49.87 -24.11
CA TYR U 154 36.31 49.02 -25.28
C TYR U 154 35.63 49.64 -26.48
N VAL U 155 36.11 49.27 -27.67
CA VAL U 155 35.54 49.78 -28.91
C VAL U 155 36.02 48.95 -30.09
N GLY U 156 35.30 49.03 -31.21
CA GLY U 156 35.67 48.30 -32.40
C GLY U 156 36.65 49.14 -33.20
N TYR U 157 37.49 48.48 -33.99
CA TYR U 157 38.48 49.18 -34.80
C TYR U 157 38.55 48.72 -36.25
N LYS U 158 38.91 49.64 -37.14
CA LYS U 158 39.10 49.33 -38.57
C LYS U 158 40.43 48.58 -38.61
N ALA U 159 41.28 48.96 -37.66
CA ALA U 159 42.61 48.41 -37.44
C ALA U 159 43.11 49.06 -36.14
N THR U 160 44.15 48.50 -35.53
CA THR U 160 44.66 49.09 -34.30
C THR U 160 46.09 48.64 -34.00
N ALA U 161 46.68 49.25 -32.99
CA ALA U 161 48.04 48.93 -32.56
C ALA U 161 48.15 49.22 -31.06
N THR U 162 49.01 48.48 -30.38
CA THR U 162 49.20 48.63 -28.95
C THR U 162 50.66 48.37 -28.59
N GLY U 163 51.17 49.11 -27.61
CA GLY U 163 52.55 48.95 -27.17
C GLY U 163 53.29 50.27 -27.01
N PRO U 164 54.58 50.24 -26.64
CA PRO U 164 55.37 51.46 -26.45
C PRO U 164 55.40 52.37 -27.67
N LYS U 165 55.59 51.77 -28.84
CA LYS U 165 55.62 52.52 -30.09
C LYS U 165 54.30 52.39 -30.83
N GLN U 166 53.23 52.38 -30.04
CA GLN U 166 51.87 52.24 -30.58
C GLN U 166 51.49 53.40 -31.48
N GLN U 167 51.90 54.61 -31.09
CA GLN U 167 51.57 55.82 -31.84
C GLN U 167 52.11 55.86 -33.28
N GLU U 168 53.34 55.40 -33.49
CA GLU U 168 53.90 55.41 -34.85
C GLU U 168 53.14 54.43 -35.74
N ILE U 169 52.77 53.27 -35.18
CA ILE U 169 52.05 52.25 -35.93
C ILE U 169 50.67 52.78 -36.33
N THR U 170 50.00 53.43 -35.38
CA THR U 170 48.68 53.99 -35.60
C THR U 170 48.67 55.05 -36.70
N THR U 171 49.52 56.07 -36.59
CA THR U 171 49.56 57.13 -37.61
C THR U 171 49.96 56.55 -38.97
N ASN U 172 50.82 55.54 -38.96
CA ASN U 172 51.25 54.88 -40.19
C ASN U 172 49.99 54.30 -40.86
N LEU U 173 49.30 53.43 -40.12
CA LEU U 173 48.07 52.79 -40.58
C LEU U 173 47.00 53.81 -40.97
N GLU U 174 46.87 54.88 -40.18
CA GLU U 174 45.90 55.94 -40.46
C GLU U 174 46.15 56.47 -41.86
N ASN U 175 47.40 56.89 -42.10
CA ASN U 175 47.81 57.45 -43.37
C ASN U 175 47.51 56.52 -44.54
N HIS U 176 47.73 55.23 -44.34
CA HIS U 176 47.46 54.27 -45.41
C HIS U 176 45.97 54.19 -45.76
N PHE U 177 45.11 54.35 -44.76
CA PHE U 177 43.68 54.30 -45.01
C PHE U 177 43.15 55.63 -45.58
N LYS U 178 43.84 56.73 -45.27
CA LYS U 178 43.46 58.04 -45.79
C LYS U 178 43.67 57.94 -47.30
N LYS U 179 44.63 57.11 -47.69
CA LYS U 179 44.98 56.88 -49.07
C LYS U 179 43.97 55.97 -49.76
N SER U 180 43.94 54.70 -49.34
CA SER U 180 43.03 53.70 -49.92
C SER U 180 41.56 54.08 -49.83
N LYS U 181 41.23 54.98 -48.93
CA LYS U 181 39.84 55.44 -48.75
C LYS U 181 38.84 54.35 -48.38
N ILE U 182 39.35 53.20 -47.94
CA ILE U 182 38.50 52.10 -47.52
C ILE U 182 38.97 51.76 -46.09
N ASP U 183 38.08 51.18 -45.30
CA ASP U 183 38.42 50.85 -43.92
C ASP U 183 39.07 49.47 -43.73
N HIS U 184 39.66 48.91 -44.78
CA HIS U 184 40.29 47.61 -44.67
C HIS U 184 41.37 47.34 -45.71
N ILE U 185 41.80 46.09 -45.80
CA ILE U 185 42.82 45.68 -46.76
C ILE U 185 42.14 44.92 -47.90
N ASN U 186 42.02 45.54 -49.06
CA ASN U 186 41.37 44.93 -50.21
C ASN U 186 42.18 43.75 -50.75
N GLU U 187 42.05 42.59 -50.11
CA GLU U 187 42.77 41.39 -50.51
C GLU U 187 41.91 40.16 -50.20
N GLU U 188 41.93 39.15 -51.07
CA GLU U 188 41.12 37.95 -50.87
C GLU U 188 41.83 36.90 -50.02
N SER U 189 43.14 36.77 -50.22
CA SER U 189 43.91 35.79 -49.46
C SER U 189 44.43 36.41 -48.17
N TRP U 190 44.37 35.64 -47.09
CA TRP U 190 44.85 36.16 -45.81
C TRP U 190 46.37 36.28 -45.84
N GLU U 191 47.03 35.45 -46.66
CA GLU U 191 48.48 35.47 -46.78
C GLU U 191 49.01 36.87 -47.11
N LYS U 192 48.31 37.57 -48.01
CA LYS U 192 48.71 38.92 -48.39
C LYS U 192 48.43 39.90 -47.26
N VAL U 193 47.25 39.76 -46.61
CA VAL U 193 46.91 40.64 -45.51
C VAL U 193 47.99 40.50 -44.44
N VAL U 194 48.41 39.26 -44.19
CA VAL U 194 49.46 39.00 -43.20
C VAL U 194 50.75 39.73 -43.60
N GLU U 195 50.99 39.79 -44.91
CA GLU U 195 52.18 40.44 -45.46
C GLU U 195 52.07 41.95 -45.30
N PHE U 196 50.89 42.50 -45.56
CA PHE U 196 50.65 43.92 -45.40
C PHE U 196 50.97 44.29 -43.96
N ALA U 197 50.48 43.48 -43.04
CA ALA U 197 50.69 43.67 -41.60
C ALA U 197 52.16 43.70 -41.27
N ILE U 198 52.90 42.69 -41.70
CA ILE U 198 54.32 42.67 -41.43
C ILE U 198 55.03 43.85 -42.07
N THR U 199 54.62 44.17 -43.30
CA THR U 199 55.21 45.29 -44.03
C THR U 199 55.03 46.60 -43.28
N HIS U 200 53.79 47.09 -43.23
CA HIS U 200 53.51 48.34 -42.55
C HIS U 200 53.98 48.34 -41.09
N MET U 201 54.21 47.17 -40.52
CA MET U 201 54.71 47.08 -39.15
C MET U 201 56.18 47.51 -39.18
N ILE U 202 56.91 46.98 -40.16
CA ILE U 202 58.33 47.29 -40.35
C ILE U 202 58.54 48.78 -40.64
N ASP U 203 57.82 49.30 -41.64
CA ASP U 203 57.91 50.70 -42.03
C ASP U 203 57.79 51.65 -40.85
N ALA U 204 56.86 51.36 -39.95
CA ALA U 204 56.64 52.20 -38.79
C ALA U 204 57.67 51.97 -37.67
N LEU U 205 58.06 50.73 -37.45
CA LEU U 205 59.04 50.47 -36.40
C LEU U 205 60.47 50.67 -36.88
N GLY U 206 60.63 50.76 -38.20
CA GLY U 206 61.97 50.94 -38.75
C GLY U 206 62.88 49.77 -38.42
N THR U 207 62.30 48.56 -38.37
CA THR U 207 63.08 47.39 -38.05
C THR U 207 62.70 46.20 -38.93
N GLU U 208 63.73 45.44 -39.30
CA GLU U 208 63.57 44.26 -40.13
C GLU U 208 63.23 43.11 -39.18
N PHE U 209 62.51 42.11 -39.70
CA PHE U 209 62.13 40.97 -38.88
C PHE U 209 62.56 39.62 -39.45
N SER U 210 63.06 38.76 -38.57
CA SER U 210 63.46 37.41 -38.96
C SER U 210 62.27 36.55 -38.52
N LYS U 211 62.14 35.34 -39.07
CA LYS U 211 61.02 34.45 -38.73
C LYS U 211 60.74 34.23 -37.23
N ASN U 212 61.64 34.65 -36.35
CA ASN U 212 61.44 34.45 -34.93
C ASN U 212 61.25 35.74 -34.15
N ASP U 213 61.10 36.84 -34.88
CA ASP U 213 60.90 38.15 -34.26
C ASP U 213 59.41 38.47 -34.28
N LEU U 214 58.65 37.65 -34.98
CA LEU U 214 57.21 37.85 -35.07
C LEU U 214 56.41 36.70 -34.52
N GLU U 215 55.11 36.96 -34.44
CA GLU U 215 54.11 36.02 -33.93
C GLU U 215 52.86 36.47 -34.67
N VAL U 216 52.26 35.57 -35.45
CA VAL U 216 51.09 35.92 -36.24
C VAL U 216 49.84 35.07 -35.95
N GLY U 217 48.70 35.74 -35.87
CA GLY U 217 47.43 35.07 -35.64
C GLY U 217 46.51 35.48 -36.77
N VAL U 218 45.72 34.53 -37.27
CA VAL U 218 44.79 34.82 -38.36
C VAL U 218 43.41 34.28 -38.03
N ALA U 219 42.40 35.09 -38.32
CA ALA U 219 41.03 34.70 -38.07
C ALA U 219 40.30 34.69 -39.41
N THR U 220 39.62 33.60 -39.69
CA THR U 220 38.87 33.44 -40.94
C THR U 220 37.50 32.90 -40.57
N LYS U 221 36.61 32.84 -41.55
CA LYS U 221 35.26 32.31 -41.33
C LYS U 221 35.36 30.96 -40.62
N ASP U 222 34.76 30.87 -39.44
CA ASP U 222 34.77 29.62 -38.70
C ASP U 222 36.10 29.14 -38.15
N LYS U 223 37.13 29.97 -38.17
CA LYS U 223 38.39 29.50 -37.61
C LYS U 223 39.46 30.54 -37.35
N PHE U 224 40.10 30.44 -36.20
CA PHE U 224 41.19 31.33 -35.83
C PHE U 224 42.40 30.46 -35.55
N PHE U 225 43.53 30.80 -36.16
CA PHE U 225 44.76 30.02 -35.99
C PHE U 225 46.00 30.90 -35.95
N THR U 226 47.09 30.37 -35.41
CA THR U 226 48.34 31.10 -35.34
C THR U 226 49.34 30.44 -36.30
N LEU U 227 50.28 31.22 -36.84
CA LEU U 227 51.28 30.69 -37.77
C LEU U 227 52.52 30.15 -37.05
N SER U 228 53.28 29.33 -37.78
CA SER U 228 54.51 28.74 -37.25
C SER U 228 55.69 29.57 -37.77
N ALA U 229 56.86 29.38 -37.17
CA ALA U 229 58.05 30.10 -37.62
C ALA U 229 58.15 29.96 -39.13
N GLU U 230 57.93 28.74 -39.62
CA GLU U 230 58.00 28.44 -41.05
C GLU U 230 56.93 29.08 -41.91
N ASN U 231 55.69 29.12 -41.42
CA ASN U 231 54.62 29.74 -42.18
C ASN U 231 54.95 31.23 -42.32
N ILE U 232 55.58 31.76 -41.27
CA ILE U 232 55.97 33.17 -41.23
C ILE U 232 57.13 33.41 -42.20
N GLU U 233 58.14 32.55 -42.14
CA GLU U 233 59.30 32.65 -43.01
C GLU U 233 58.83 32.73 -44.46
N GLU U 234 57.87 31.88 -44.82
CA GLU U 234 57.32 31.86 -46.16
C GLU U 234 56.70 33.22 -46.50
N ARG U 235 56.12 33.86 -45.49
CA ARG U 235 55.48 35.16 -45.63
C ARG U 235 56.57 36.24 -45.78
N LEU U 236 57.64 36.08 -45.02
CA LEU U 236 58.78 36.99 -45.02
C LEU U 236 59.51 37.02 -46.34
N VAL U 237 59.57 35.87 -47.01
CA VAL U 237 60.23 35.78 -48.29
C VAL U 237 59.43 36.54 -49.35
N ALA U 238 58.13 36.28 -49.40
CA ALA U 238 57.26 36.93 -50.37
C ALA U 238 57.40 38.45 -50.34
N ILE U 239 57.56 39.04 -49.15
CA ILE U 239 57.71 40.48 -49.06
C ILE U 239 59.10 40.91 -49.56
N ALA U 240 60.08 40.05 -49.34
CA ALA U 240 61.46 40.32 -49.76
C ALA U 240 61.59 40.49 -51.27
N GLU U 241 60.65 39.94 -52.02
CA GLU U 241 60.66 40.03 -53.48
C GLU U 241 59.61 41.02 -53.93
N GLN U 242 59.81 42.28 -53.55
CA GLN U 242 58.90 43.36 -53.86
C GLN U 242 59.67 44.65 -53.57
N ASP U 243 60.54 44.56 -52.56
CA ASP U 243 61.41 45.65 -52.13
C ASP U 243 62.75 45.42 -52.86
N THR V 1 -6.12 20.48 -26.56
CA THR V 1 -5.25 21.52 -27.16
C THR V 1 -4.48 21.00 -28.35
N THR V 2 -4.49 21.78 -29.41
CA THR V 2 -3.78 21.40 -30.60
C THR V 2 -2.87 22.55 -31.04
N ILE V 3 -1.57 22.29 -31.10
CA ILE V 3 -0.62 23.29 -31.56
C ILE V 3 0.27 22.63 -32.62
N VAL V 4 0.54 23.38 -33.69
CA VAL V 4 1.37 22.88 -34.79
C VAL V 4 2.34 23.94 -35.32
N GLY V 5 3.34 23.46 -36.08
CA GLY V 5 4.33 24.33 -36.67
C GLY V 5 4.67 23.78 -38.04
N VAL V 6 4.69 24.64 -39.05
CA VAL V 6 5.01 24.20 -40.42
C VAL V 6 5.97 25.15 -41.13
N LYS V 7 7.08 24.59 -41.58
CA LYS V 7 8.08 25.38 -42.30
C LYS V 7 7.66 25.46 -43.75
N PHE V 8 7.88 26.64 -44.35
CA PHE V 8 7.59 26.82 -45.77
C PHE V 8 8.85 27.39 -46.43
N ASN V 9 8.89 27.38 -47.76
CA ASN V 9 10.06 27.84 -48.52
C ASN V 9 10.84 29.06 -48.03
N ASN V 10 10.21 29.97 -47.31
CA ASN V 10 10.93 31.16 -46.84
C ASN V 10 10.53 31.63 -45.43
N GLY V 11 10.34 30.67 -44.54
CA GLY V 11 9.96 31.01 -43.18
C GLY V 11 9.29 29.87 -42.45
N VAL V 12 8.49 30.22 -41.45
CA VAL V 12 7.80 29.23 -40.64
C VAL V 12 6.47 29.81 -40.11
N VAL V 13 5.52 28.92 -39.83
CA VAL V 13 4.21 29.33 -39.32
C VAL V 13 3.75 28.38 -38.20
N ILE V 14 3.21 28.94 -37.12
CA ILE V 14 2.70 28.12 -36.03
C ILE V 14 1.24 28.49 -35.80
N ALA V 15 0.45 27.54 -35.31
CA ALA V 15 -0.97 27.78 -35.07
C ALA V 15 -1.50 26.95 -33.90
N ALA V 16 -2.61 27.37 -33.32
CA ALA V 16 -3.23 26.66 -32.19
C ALA V 16 -4.71 26.97 -32.11
N ASP V 17 -5.42 26.20 -31.27
CA ASP V 17 -6.85 26.43 -31.07
C ASP V 17 -6.99 27.43 -29.94
N THR V 18 -8.16 27.52 -29.33
CA THR V 18 -8.34 28.49 -28.26
C THR V 18 -9.09 27.94 -27.07
N ARG V 19 -9.16 26.62 -26.95
CA ARG V 19 -9.87 26.04 -25.82
C ARG V 19 -8.98 25.82 -24.59
N SER V 20 -9.47 26.28 -23.45
CA SER V 20 -8.81 26.15 -22.16
C SER V 20 -9.73 25.27 -21.33
N THR V 21 -9.18 24.30 -20.59
CA THR V 21 -10.04 23.42 -19.80
C THR V 21 -9.60 23.08 -18.39
N GLN V 22 -10.60 22.80 -17.56
CA GLN V 22 -10.42 22.38 -16.19
C GLN V 22 -11.29 21.13 -16.14
N GLY V 23 -10.66 19.98 -16.32
CA GLY V 23 -11.42 18.76 -16.33
C GLY V 23 -12.21 18.78 -17.62
N PRO V 24 -13.54 18.53 -17.56
CA PRO V 24 -14.39 18.52 -18.74
C PRO V 24 -15.12 19.86 -18.98
N ILE V 25 -14.77 20.85 -18.17
CA ILE V 25 -15.39 22.17 -18.28
C ILE V 25 -14.46 23.13 -19.00
N VAL V 26 -15.01 23.89 -19.94
CA VAL V 26 -14.25 24.87 -20.69
C VAL V 26 -14.06 26.09 -19.81
N ALA V 27 -12.81 26.48 -19.59
CA ALA V 27 -12.49 27.67 -18.77
C ALA V 27 -12.50 28.95 -19.63
N ASP V 28 -11.83 28.89 -20.78
CA ASP V 28 -11.78 30.02 -21.69
C ASP V 28 -12.04 29.53 -23.11
N LYS V 29 -13.12 30.00 -23.70
CA LYS V 29 -13.48 29.60 -25.05
C LYS V 29 -12.57 30.22 -26.11
N ASN V 30 -11.76 31.18 -25.68
CA ASN V 30 -10.88 31.86 -26.63
C ASN V 30 -9.60 32.41 -26.00
N CYS V 31 -8.71 31.54 -25.54
CA CYS V 31 -7.48 32.07 -24.97
C CYS V 31 -6.39 31.88 -26.02
N ALA V 32 -5.36 32.70 -25.96
CA ALA V 32 -4.27 32.59 -26.91
C ALA V 32 -3.21 31.61 -26.42
N LYS V 33 -2.82 30.69 -27.31
CA LYS V 33 -1.81 29.70 -26.96
C LYS V 33 -0.52 30.03 -27.71
N LEU V 34 -0.52 31.17 -28.40
CA LEU V 34 0.64 31.65 -29.15
C LEU V 34 1.29 32.78 -28.36
N HIS V 35 2.55 32.56 -27.96
CA HIS V 35 3.28 33.53 -27.17
C HIS V 35 4.47 34.13 -27.91
N ARG V 36 4.71 35.40 -27.66
CA ARG V 36 5.82 36.09 -28.30
C ARG V 36 7.04 36.06 -27.40
N ILE V 37 8.15 35.51 -27.88
CA ILE V 37 9.36 35.52 -27.08
C ILE V 37 10.04 36.85 -27.44
N SER V 38 10.25 37.07 -28.75
CA SER V 38 10.84 38.30 -29.24
C SER V 38 9.95 38.69 -30.40
N PRO V 39 10.18 39.87 -31.00
CA PRO V 39 9.31 40.25 -32.13
C PRO V 39 9.16 39.19 -33.21
N LYS V 40 10.24 38.49 -33.55
CA LYS V 40 10.17 37.48 -34.59
C LYS V 40 10.42 36.03 -34.12
N ILE V 41 10.22 35.79 -32.83
CA ILE V 41 10.37 34.46 -32.26
C ILE V 41 9.08 34.16 -31.51
N TRP V 42 8.19 33.38 -32.09
CA TRP V 42 6.93 33.06 -31.43
C TRP V 42 6.89 31.62 -30.99
N CYS V 43 6.08 31.36 -29.98
CA CYS V 43 5.98 30.04 -29.39
C CYS V 43 4.53 29.59 -29.15
N ALA V 44 4.21 28.37 -29.56
CA ALA V 44 2.89 27.80 -29.33
C ALA V 44 3.08 26.87 -28.14
N GLY V 45 2.11 26.82 -27.24
CA GLY V 45 2.28 25.97 -26.08
C GLY V 45 1.05 25.32 -25.49
N ALA V 46 1.18 24.01 -25.25
CA ALA V 46 0.13 23.18 -24.68
C ALA V 46 0.62 22.70 -23.31
N GLY V 47 -0.30 22.12 -22.52
CA GLY V 47 0.07 21.64 -21.21
C GLY V 47 -0.62 22.46 -20.13
N THR V 48 0.11 22.85 -19.09
CA THR V 48 -0.45 23.66 -18.01
C THR V 48 -0.42 25.13 -18.45
N ALA V 49 -1.59 25.71 -18.67
CA ALA V 49 -1.67 27.10 -19.13
C ALA V 49 -0.78 28.09 -18.36
N ALA V 50 -0.88 28.09 -17.03
CA ALA V 50 -0.06 29.00 -16.23
C ALA V 50 1.44 28.78 -16.51
N ASP V 51 1.82 27.53 -16.74
CA ASP V 51 3.22 27.22 -17.01
C ASP V 51 3.68 27.63 -18.41
N THR V 52 2.82 27.51 -19.41
CA THR V 52 3.23 27.90 -20.73
C THR V 52 3.39 29.41 -20.86
N GLU V 53 2.50 30.23 -20.26
CA GLU V 53 2.69 31.69 -20.39
C GLU V 53 3.82 32.14 -19.46
N ALA V 54 3.94 31.50 -18.29
CA ALA V 54 4.98 31.88 -17.34
C ALA V 54 6.39 31.61 -17.88
N VAL V 55 6.63 30.38 -18.33
CA VAL V 55 7.94 30.00 -18.84
C VAL V 55 8.23 30.78 -20.10
N THR V 56 7.18 31.03 -20.87
CA THR V 56 7.31 31.74 -22.13
C THR V 56 7.73 33.19 -21.93
N GLN V 57 7.17 33.85 -20.91
CA GLN V 57 7.48 35.25 -20.62
C GLN V 57 8.86 35.42 -20.02
N LEU V 58 9.24 34.48 -19.16
CA LEU V 58 10.55 34.56 -18.52
C LEU V 58 11.67 34.52 -19.54
N ILE V 59 11.67 33.49 -20.39
CA ILE V 59 12.72 33.38 -21.40
C ILE V 59 12.60 34.57 -22.35
N GLY V 60 11.37 35.02 -22.58
CA GLY V 60 11.17 36.19 -23.42
C GLY V 60 11.87 37.39 -22.80
N SER V 61 11.65 37.61 -21.52
CA SER V 61 12.28 38.71 -20.80
C SER V 61 13.78 38.65 -20.93
N ASN V 62 14.36 37.48 -20.65
CA ASN V 62 15.80 37.35 -20.74
C ASN V 62 16.35 37.47 -22.14
N ILE V 63 15.58 37.02 -23.13
CA ILE V 63 16.02 37.14 -24.51
C ILE V 63 16.09 38.62 -24.86
N GLU V 64 15.13 39.39 -24.38
CA GLU V 64 15.12 40.83 -24.62
C GLU V 64 16.38 41.45 -24.02
N LEU V 65 16.65 41.13 -22.76
CA LEU V 65 17.84 41.64 -22.07
C LEU V 65 19.12 41.20 -22.79
N HIS V 66 19.14 39.97 -23.28
CA HIS V 66 20.28 39.43 -23.98
C HIS V 66 20.44 40.18 -25.30
N SER V 67 19.35 40.33 -26.03
CA SER V 67 19.35 41.05 -27.29
C SER V 67 19.98 42.43 -27.10
N LEU V 68 19.50 43.14 -26.08
CA LEU V 68 20.00 44.47 -25.77
C LEU V 68 21.49 44.48 -25.47
N TYR V 69 21.92 43.51 -24.66
CA TYR V 69 23.31 43.40 -24.26
C TYR V 69 24.24 43.11 -25.44
N THR V 70 23.85 42.16 -26.30
CA THR V 70 24.67 41.76 -27.45
C THR V 70 24.45 42.60 -28.69
N SER V 71 23.55 43.57 -28.60
CA SER V 71 23.26 44.41 -29.74
C SER V 71 22.93 43.56 -30.98
N ARG V 72 22.28 42.42 -30.77
CA ARG V 72 21.90 41.53 -31.87
C ARG V 72 20.46 41.04 -31.79
N GLU V 73 19.97 40.52 -32.91
CA GLU V 73 18.62 39.97 -33.01
C GLU V 73 18.62 38.64 -32.27
N PRO V 74 17.53 38.36 -31.54
CA PRO V 74 17.50 37.09 -30.82
C PRO V 74 17.49 35.96 -31.84
N ARG V 75 18.07 34.82 -31.47
CA ARG V 75 18.05 33.66 -32.34
C ARG V 75 17.11 32.61 -31.74
N VAL V 76 16.49 31.80 -32.60
CA VAL V 76 15.57 30.78 -32.12
C VAL V 76 16.31 29.75 -31.27
N VAL V 77 17.55 29.41 -31.61
CA VAL V 77 18.30 28.42 -30.84
C VAL V 77 18.60 28.92 -29.42
N SER V 78 18.56 30.24 -29.22
CA SER V 78 18.82 30.78 -27.89
C SER V 78 17.55 30.59 -27.04
N ALA V 79 16.40 30.98 -27.59
CA ALA V 79 15.14 30.82 -26.89
C ALA V 79 14.96 29.33 -26.60
N LEU V 80 15.40 28.50 -27.54
CA LEU V 80 15.29 27.05 -27.41
C LEU V 80 16.15 26.52 -26.27
N GLN V 81 17.43 26.82 -26.32
CA GLN V 81 18.35 26.35 -25.29
C GLN V 81 17.97 26.87 -23.90
N MET V 82 17.43 28.09 -23.83
CA MET V 82 17.04 28.68 -22.55
C MET V 82 15.79 28.00 -22.00
N LEU V 83 14.86 27.68 -22.89
CA LEU V 83 13.61 27.03 -22.52
C LEU V 83 13.83 25.60 -22.05
N LYS V 84 14.56 24.82 -22.85
CA LYS V 84 14.82 23.42 -22.50
C LYS V 84 15.64 23.26 -21.23
N GLN V 85 16.62 24.14 -21.02
CA GLN V 85 17.44 24.05 -19.82
C GLN V 85 16.63 24.39 -18.58
N HIS V 86 15.66 25.29 -18.72
CA HIS V 86 14.82 25.68 -17.59
C HIS V 86 13.87 24.54 -17.26
N LEU V 87 13.21 24.02 -18.29
CA LEU V 87 12.27 22.93 -18.10
C LEU V 87 12.97 21.69 -17.56
N PHE V 88 14.16 21.40 -18.08
CA PHE V 88 14.89 20.23 -17.63
C PHE V 88 15.20 20.31 -16.15
N LYS V 89 15.63 21.49 -15.73
CA LYS V 89 15.97 21.72 -14.34
C LYS V 89 14.79 21.32 -13.45
N TYR V 90 13.57 21.58 -13.93
CA TYR V 90 12.39 21.28 -13.14
C TYR V 90 11.79 19.90 -13.35
N GLN V 91 12.64 18.97 -13.78
CA GLN V 91 12.24 17.58 -14.00
C GLN V 91 10.80 17.30 -14.43
N GLY V 92 10.25 18.10 -15.33
CA GLY V 92 8.89 17.87 -15.79
C GLY V 92 7.76 18.45 -14.94
N HIS V 93 8.09 19.05 -13.80
CA HIS V 93 7.06 19.62 -12.94
C HIS V 93 6.44 20.90 -13.48
N ILE V 94 7.13 21.57 -14.41
CA ILE V 94 6.54 22.75 -15.03
C ILE V 94 5.99 22.18 -16.33
N GLY V 95 4.74 21.75 -16.26
CA GLY V 95 4.08 21.14 -17.41
C GLY V 95 3.86 21.97 -18.65
N ALA V 96 4.96 22.33 -19.31
CA ALA V 96 4.88 23.11 -20.53
C ALA V 96 5.40 22.31 -21.71
N TYR V 97 4.59 22.20 -22.75
CA TYR V 97 4.95 21.51 -23.99
C TYR V 97 4.86 22.62 -25.02
N LEU V 98 5.98 22.90 -25.70
CA LEU V 98 6.02 24.01 -26.64
C LEU V 98 6.57 23.75 -28.03
N ILE V 99 6.07 24.54 -28.98
CA ILE V 99 6.58 24.49 -30.34
C ILE V 99 7.10 25.91 -30.56
N VAL V 100 8.43 26.05 -30.54
CA VAL V 100 9.06 27.36 -30.74
C VAL V 100 9.62 27.53 -32.15
N ALA V 101 9.28 28.66 -32.77
CA ALA V 101 9.71 28.98 -34.12
C ALA V 101 10.01 30.46 -34.28
N GLY V 102 10.50 30.83 -35.46
CA GLY V 102 10.81 32.22 -35.74
C GLY V 102 11.91 32.37 -36.76
N VAL V 103 12.30 33.60 -37.04
CA VAL V 103 13.37 33.88 -37.99
C VAL V 103 14.37 34.80 -37.33
N ASP V 104 15.64 34.61 -37.68
CA ASP V 104 16.71 35.40 -37.12
C ASP V 104 17.85 35.45 -38.13
N PRO V 105 18.90 36.23 -37.85
CA PRO V 105 20.06 36.36 -38.75
C PRO V 105 20.55 35.07 -39.39
N THR V 106 20.16 33.91 -38.88
CA THR V 106 20.65 32.66 -39.47
C THR V 106 19.63 31.89 -40.30
N GLY V 107 18.40 32.39 -40.38
CA GLY V 107 17.37 31.70 -41.15
C GLY V 107 16.08 31.47 -40.39
N SER V 108 15.22 30.59 -40.92
CA SER V 108 13.94 30.29 -40.27
C SER V 108 14.10 28.97 -39.53
N HIS V 109 13.45 28.88 -38.37
CA HIS V 109 13.56 27.69 -37.54
C HIS V 109 12.25 27.16 -36.94
N LEU V 110 12.22 25.85 -36.69
CA LEU V 110 11.06 25.18 -36.11
C LEU V 110 11.53 24.09 -35.13
N PHE V 111 11.09 24.21 -33.89
CA PHE V 111 11.47 23.26 -32.85
C PHE V 111 10.29 22.92 -31.91
N SER V 112 10.47 21.86 -31.13
CA SER V 112 9.49 21.43 -30.13
C SER V 112 10.23 21.11 -28.83
N ILE V 113 9.61 21.42 -27.69
CA ILE V 113 10.22 21.14 -26.40
C ILE V 113 9.18 20.47 -25.52
N HIS V 114 9.57 19.40 -24.85
CA HIS V 114 8.69 18.68 -23.95
C HIS V 114 8.94 19.21 -22.53
N ALA V 115 7.99 19.01 -21.63
CA ALA V 115 8.15 19.50 -20.27
C ALA V 115 9.42 19.01 -19.57
N HIS V 116 9.90 17.84 -19.96
CA HIS V 116 11.12 17.30 -19.33
C HIS V 116 12.40 17.86 -19.93
N GLY V 117 12.25 18.68 -20.98
CA GLY V 117 13.40 19.31 -21.58
C GLY V 117 14.06 18.70 -22.79
N SER V 118 13.36 17.89 -23.55
CA SER V 118 13.96 17.32 -24.74
C SER V 118 13.47 18.13 -25.93
N THR V 119 14.36 18.32 -26.90
CA THR V 119 14.00 19.09 -28.09
C THR V 119 14.06 18.26 -29.36
N ASP V 120 13.23 18.67 -30.34
CA ASP V 120 13.13 18.01 -31.64
C ASP V 120 13.07 19.06 -32.76
N VAL V 121 13.75 18.79 -33.86
CA VAL V 121 13.76 19.68 -35.00
C VAL V 121 13.00 18.99 -36.13
N GLY V 122 12.21 19.76 -36.87
CA GLY V 122 11.46 19.18 -37.96
C GLY V 122 10.77 20.21 -38.85
N TYR V 123 10.25 19.76 -39.98
CA TYR V 123 9.55 20.66 -40.91
C TYR V 123 8.09 20.81 -40.54
N TYR V 124 7.58 19.85 -39.76
CA TYR V 124 6.21 19.89 -39.28
C TYR V 124 6.14 19.16 -37.92
N LEU V 125 5.50 19.81 -36.95
CA LEU V 125 5.37 19.27 -35.60
C LEU V 125 4.01 19.63 -34.98
N SER V 126 3.61 18.87 -33.95
CA SER V 126 2.36 19.15 -33.24
C SER V 126 2.39 18.51 -31.85
N LEU V 127 1.72 19.16 -30.90
CA LEU V 127 1.64 18.68 -29.51
C LEU V 127 0.27 18.96 -28.93
N GLY V 128 -0.01 18.37 -27.78
CA GLY V 128 -1.31 18.57 -27.13
C GLY V 128 -2.21 17.38 -27.33
N SER V 129 -3.42 17.42 -26.77
CA SER V 129 -4.33 16.29 -26.92
C SER V 129 -4.86 16.16 -28.35
N GLY V 130 -4.78 17.24 -29.13
CA GLY V 130 -5.25 17.20 -30.51
C GLY V 130 -4.11 16.78 -31.42
N SER V 131 -2.95 16.63 -30.81
CA SER V 131 -1.73 16.25 -31.47
C SER V 131 -1.84 15.17 -32.55
N LEU V 132 -2.50 14.06 -32.23
CA LEU V 132 -2.62 12.98 -33.18
C LEU V 132 -3.57 13.25 -34.34
N ALA V 133 -4.61 14.04 -34.08
CA ALA V 133 -5.55 14.38 -35.13
C ALA V 133 -4.82 15.24 -36.14
N ALA V 134 -4.05 16.19 -35.61
CA ALA V 134 -3.27 17.11 -36.44
C ALA V 134 -2.19 16.41 -37.22
N MET V 135 -1.33 15.68 -36.50
CA MET V 135 -0.24 14.94 -37.12
C MET V 135 -0.78 14.02 -38.21
N ALA V 136 -2.01 13.54 -38.03
CA ALA V 136 -2.63 12.66 -39.00
C ALA V 136 -2.79 13.42 -40.32
N VAL V 137 -3.23 14.67 -40.21
CA VAL V 137 -3.41 15.54 -41.36
C VAL V 137 -2.06 15.98 -41.91
N LEU V 138 -1.11 16.29 -41.03
CA LEU V 138 0.21 16.71 -41.49
C LEU V 138 0.94 15.61 -42.24
N GLU V 139 0.85 14.37 -41.76
CA GLU V 139 1.51 13.25 -42.42
C GLU V 139 0.85 12.99 -43.77
N SER V 140 -0.41 13.38 -43.90
CA SER V 140 -1.16 13.17 -45.12
C SER V 140 -1.03 14.26 -46.19
N HIS V 141 -0.81 15.51 -45.79
CA HIS V 141 -0.72 16.59 -46.77
C HIS V 141 0.59 17.36 -46.85
N TRP V 142 1.51 17.15 -45.92
CA TRP V 142 2.79 17.87 -45.97
C TRP V 142 3.61 17.40 -47.16
N LYS V 143 4.42 18.32 -47.67
CA LYS V 143 5.32 18.08 -48.79
C LYS V 143 6.42 19.12 -48.63
N GLN V 144 7.57 18.87 -49.23
CA GLN V 144 8.67 19.81 -49.14
C GLN V 144 8.46 20.96 -50.14
N ASP V 145 8.90 22.15 -49.75
CA ASP V 145 8.76 23.32 -50.61
C ASP V 145 7.34 23.87 -50.68
N LEU V 146 6.73 24.05 -49.52
CA LEU V 146 5.39 24.59 -49.48
C LEU V 146 5.52 26.09 -49.63
N THR V 147 4.47 26.74 -50.16
CA THR V 147 4.50 28.19 -50.29
C THR V 147 3.95 28.73 -48.97
N LYS V 148 4.11 30.02 -48.72
CA LYS V 148 3.59 30.60 -47.49
C LYS V 148 2.10 30.29 -47.30
N GLU V 149 1.30 30.41 -48.36
CA GLU V 149 -0.12 30.15 -48.23
C GLU V 149 -0.44 28.66 -48.14
N GLU V 150 0.42 27.82 -48.72
CA GLU V 150 0.20 26.39 -48.65
C GLU V 150 0.40 25.96 -47.19
N ALA V 151 1.45 26.49 -46.56
CA ALA V 151 1.77 26.19 -45.17
C ALA V 151 0.70 26.71 -44.22
N ILE V 152 0.09 27.85 -44.54
CA ILE V 152 -0.96 28.39 -43.67
C ILE V 152 -2.22 27.55 -43.79
N LYS V 153 -2.42 26.93 -44.95
CA LYS V 153 -3.59 26.09 -45.18
C LYS V 153 -3.38 24.78 -44.42
N LEU V 154 -2.22 24.17 -44.63
CA LEU V 154 -1.88 22.92 -43.98
C LEU V 154 -1.94 23.11 -42.48
N ALA V 155 -1.27 24.14 -41.98
CA ALA V 155 -1.25 24.43 -40.55
C ALA V 155 -2.66 24.60 -40.01
N SER V 156 -3.46 25.42 -40.68
CA SER V 156 -4.82 25.68 -40.24
C SER V 156 -5.67 24.41 -40.27
N ASP V 157 -5.50 23.60 -41.30
CA ASP V 157 -6.26 22.35 -41.43
C ASP V 157 -5.96 21.41 -40.28
N ALA V 158 -4.69 21.34 -39.88
CA ALA V 158 -4.27 20.48 -38.79
C ALA V 158 -4.99 20.90 -37.50
N ILE V 159 -5.02 22.21 -37.24
CA ILE V 159 -5.69 22.70 -36.03
C ILE V 159 -7.16 22.31 -36.08
N GLN V 160 -7.76 22.36 -37.26
CA GLN V 160 -9.15 22.00 -37.38
C GLN V 160 -9.33 20.53 -37.04
N ALA V 161 -8.43 19.68 -37.53
CA ALA V 161 -8.51 18.26 -37.22
C ALA V 161 -8.67 18.12 -35.71
N GLY V 162 -7.97 18.98 -34.98
CA GLY V 162 -8.03 18.96 -33.53
C GLY V 162 -9.32 19.52 -32.97
N ILE V 163 -9.74 20.69 -33.44
CA ILE V 163 -10.97 21.31 -32.96
C ILE V 163 -12.12 20.30 -33.03
N TRP V 164 -12.27 19.70 -34.19
CA TRP V 164 -13.34 18.75 -34.47
C TRP V 164 -13.21 17.37 -33.84
N ASN V 165 -12.01 16.80 -33.87
CA ASN V 165 -11.84 15.45 -33.33
C ASN V 165 -11.38 15.28 -31.89
N ASP V 166 -10.74 16.28 -31.31
CA ASP V 166 -10.32 16.20 -29.92
C ASP V 166 -11.23 17.05 -29.02
N LEU V 167 -11.70 16.43 -27.95
CA LEU V 167 -12.59 17.10 -27.00
C LEU V 167 -11.85 18.15 -26.19
N GLY V 168 -10.54 18.01 -26.11
CA GLY V 168 -9.74 18.96 -25.35
C GLY V 168 -9.44 20.22 -26.15
N SER V 169 -9.87 20.22 -27.41
CA SER V 169 -9.62 21.33 -28.31
C SER V 169 -10.92 21.88 -28.86
N GLY V 170 -10.91 23.13 -29.31
CA GLY V 170 -12.10 23.73 -29.88
C GLY V 170 -12.05 25.23 -30.17
N SER V 171 -13.18 25.78 -30.55
CA SER V 171 -13.32 27.20 -30.85
C SER V 171 -12.60 27.72 -32.09
N ASN V 172 -11.72 28.70 -31.89
CA ASN V 172 -11.02 29.36 -32.99
C ASN V 172 -9.61 28.88 -33.31
N VAL V 173 -9.11 29.31 -34.46
CA VAL V 173 -7.78 28.96 -34.91
C VAL V 173 -6.90 30.21 -35.00
N ASP V 174 -5.81 30.23 -34.22
CA ASP V 174 -4.88 31.37 -34.21
C ASP V 174 -3.62 31.00 -34.99
N VAL V 175 -3.14 31.92 -35.82
CA VAL V 175 -1.95 31.66 -36.61
C VAL V 175 -0.95 32.81 -36.51
N CYS V 176 0.31 32.49 -36.73
CA CYS V 176 1.35 33.51 -36.71
C CYS V 176 2.38 33.11 -37.76
N VAL V 177 2.57 33.97 -38.74
CA VAL V 177 3.52 33.68 -39.80
C VAL V 177 4.79 34.47 -39.57
N MET V 178 5.92 33.80 -39.73
CA MET V 178 7.21 34.44 -39.54
C MET V 178 8.00 34.18 -40.81
N GLU V 179 8.16 35.21 -41.63
CA GLU V 179 8.88 35.10 -42.89
C GLU V 179 10.24 35.77 -42.83
N ILE V 180 11.19 35.21 -43.56
CA ILE V 180 12.57 35.68 -43.55
C ILE V 180 12.85 37.17 -43.79
N GLY V 181 12.04 37.86 -44.58
CA GLY V 181 12.34 39.26 -44.80
C GLY V 181 11.39 40.26 -44.18
N LYS V 182 10.25 39.79 -43.72
CA LYS V 182 9.26 40.69 -43.16
C LYS V 182 9.07 40.61 -41.66
N ASP V 183 8.11 41.40 -41.16
CA ASP V 183 7.75 41.42 -39.76
C ASP V 183 6.91 40.16 -39.54
N ALA V 184 6.94 39.63 -38.34
CA ALA V 184 6.14 38.45 -38.05
C ALA V 184 4.69 38.94 -38.00
N GLU V 185 3.76 38.17 -38.55
CA GLU V 185 2.37 38.60 -38.46
C GLU V 185 1.51 37.63 -37.69
N TYR V 186 1.03 38.12 -36.56
CA TYR V 186 0.17 37.38 -35.65
C TYR V 186 -1.25 37.58 -36.14
N LEU V 187 -1.93 36.49 -36.45
CA LEU V 187 -3.29 36.52 -36.94
C LEU V 187 -4.22 35.91 -35.91
N ARG V 188 -4.55 36.69 -34.88
CA ARG V 188 -5.44 36.25 -33.82
C ARG V 188 -6.82 35.92 -34.40
N ASN V 189 -7.34 34.74 -34.07
CA ASN V 189 -8.65 34.32 -34.55
C ASN V 189 -8.73 34.35 -36.07
N TYR V 190 -7.70 33.80 -36.71
CA TYR V 190 -7.61 33.70 -38.15
C TYR V 190 -8.80 32.94 -38.72
N LEU V 191 -9.42 32.12 -37.87
CA LEU V 191 -10.60 31.33 -38.22
C LEU V 191 -11.49 31.28 -37.00
N THR V 192 -12.79 31.43 -37.19
CA THR V 192 -13.73 31.37 -36.08
C THR V 192 -14.93 30.55 -36.52
N PRO V 193 -14.73 29.24 -36.74
CA PRO V 193 -15.74 28.27 -37.18
C PRO V 193 -16.74 27.76 -36.14
N ASN V 194 -16.72 28.34 -34.94
CA ASN V 194 -17.64 27.89 -33.89
C ASN V 194 -18.39 29.01 -33.17
N VAL V 195 -19.13 29.81 -33.93
CA VAL V 195 -19.91 30.90 -33.36
C VAL V 195 -21.22 30.33 -32.86
N ARG V 196 -21.61 30.72 -31.64
CA ARG V 196 -22.84 30.24 -31.02
C ARG V 196 -24.08 30.68 -31.78
N GLU V 197 -24.97 29.74 -32.10
CA GLU V 197 -26.21 30.09 -32.78
C GLU V 197 -27.04 30.95 -31.84
N GLU V 198 -27.83 31.86 -32.40
CA GLU V 198 -28.63 32.75 -31.57
C GLU V 198 -29.55 31.97 -30.64
N LYS V 199 -29.58 32.40 -29.39
CA LYS V 199 -30.43 31.76 -28.41
C LYS V 199 -31.89 31.77 -28.86
N GLN V 200 -32.65 30.83 -28.30
CA GLN V 200 -34.06 30.66 -28.62
C GLN V 200 -34.96 31.57 -27.80
N LYS V 201 -34.37 32.50 -27.06
CA LYS V 201 -35.19 33.36 -26.22
C LYS V 201 -34.28 34.26 -25.39
N SER V 202 -34.82 35.36 -24.87
CA SER V 202 -34.05 36.25 -24.03
C SER V 202 -34.52 36.00 -22.61
N TYR V 203 -33.58 35.84 -21.68
CA TYR V 203 -33.97 35.56 -20.31
C TYR V 203 -33.90 36.78 -19.42
N LYS V 204 -33.93 37.93 -20.06
CA LYS V 204 -33.91 39.22 -19.38
C LYS V 204 -35.08 39.21 -18.39
N PHE V 205 -34.81 39.50 -17.12
CA PHE V 205 -35.86 39.50 -16.09
C PHE V 205 -36.54 40.84 -15.89
N PRO V 206 -37.83 40.83 -15.49
CA PRO V 206 -38.55 42.10 -15.26
C PRO V 206 -37.96 42.70 -13.98
N ARG V 207 -37.60 43.98 -14.01
CA ARG V 207 -37.01 44.58 -12.83
C ARG V 207 -37.90 44.41 -11.62
N GLY V 208 -37.30 43.93 -10.53
CA GLY V 208 -38.04 43.70 -9.31
C GLY V 208 -38.10 42.22 -9.01
N THR V 209 -37.74 41.40 -10.00
CA THR V 209 -37.76 39.94 -9.87
C THR V 209 -36.94 39.46 -8.67
N THR V 210 -35.79 40.08 -8.46
CA THR V 210 -34.92 39.70 -7.36
C THR V 210 -35.21 40.48 -6.09
N ALA V 211 -35.51 39.74 -5.01
CA ALA V 211 -35.79 40.36 -3.72
C ALA V 211 -34.52 40.87 -3.06
N VAL V 212 -34.51 42.15 -2.71
CA VAL V 212 -33.36 42.75 -2.05
C VAL V 212 -33.67 42.91 -0.56
N LEU V 213 -32.63 43.00 0.27
CA LEU V 213 -32.81 43.14 1.71
C LEU V 213 -32.22 44.45 2.23
N LYS V 214 -31.16 44.91 1.59
CA LYS V 214 -30.50 46.13 2.01
C LYS V 214 -29.67 46.70 0.87
N GLU V 215 -29.63 48.02 0.78
CA GLU V 215 -28.91 48.69 -0.29
C GLU V 215 -27.96 49.74 0.31
N SER V 216 -27.01 50.22 -0.49
CA SER V 216 -26.08 51.25 -0.02
C SER V 216 -25.04 51.65 -1.06
N ILE V 217 -24.48 52.85 -0.88
CA ILE V 217 -23.48 53.36 -1.78
C ILE V 217 -22.09 52.92 -1.33
N VAL V 218 -21.20 52.69 -2.28
CA VAL V 218 -19.84 52.26 -1.97
C VAL V 218 -18.86 53.41 -2.21
N ASN V 219 -17.86 53.52 -1.32
CA ASN V 219 -16.86 54.58 -1.43
C ASN V 219 -15.57 54.10 -2.12
N ILE V 220 -15.24 54.72 -3.25
CA ILE V 220 -14.04 54.39 -3.99
C ILE V 220 -13.02 55.51 -3.91
N CYS V 221 -13.52 56.75 -3.83
CA CYS V 221 -12.66 57.92 -3.74
C CYS V 221 -12.02 57.94 -2.35
N ASP V 222 -10.86 58.58 -2.26
CA ASP V 222 -10.14 58.67 -1.00
C ASP V 222 -10.24 60.06 -0.34
N SER W 1 -10.27 17.15 2.58
CA SER W 1 -9.15 16.71 1.69
C SER W 1 -8.83 17.73 0.62
N ASP W 2 -9.88 18.23 -0.06
CA ASP W 2 -9.69 19.23 -1.09
C ASP W 2 -9.83 20.59 -0.43
N PRO W 3 -8.71 21.32 -0.26
CA PRO W 3 -8.71 22.63 0.39
C PRO W 3 -9.71 23.60 -0.22
N SER W 4 -10.11 23.35 -1.45
CA SER W 4 -11.08 24.22 -2.08
C SER W 4 -12.51 23.81 -1.79
N SER W 5 -12.71 22.78 -0.99
CA SER W 5 -14.04 22.31 -0.68
C SER W 5 -14.33 22.27 0.82
N ILE W 6 -13.43 22.82 1.61
CA ILE W 6 -13.63 22.81 3.05
C ILE W 6 -14.64 23.85 3.51
N ASN W 7 -14.43 25.08 3.03
CA ASN W 7 -15.23 26.24 3.39
C ASN W 7 -16.45 26.56 2.52
N GLY W 8 -16.35 26.30 1.22
CA GLY W 8 -17.44 26.59 0.30
C GLY W 8 -17.52 28.04 -0.12
N GLY W 9 -18.30 28.33 -1.15
CA GLY W 9 -18.43 29.71 -1.59
C GLY W 9 -18.36 29.93 -3.10
N ILE W 10 -18.95 31.04 -3.56
CA ILE W 10 -18.94 31.37 -4.98
C ILE W 10 -18.84 32.86 -5.21
N VAL W 11 -18.38 33.19 -6.42
CA VAL W 11 -18.21 34.57 -6.85
C VAL W 11 -18.49 34.57 -8.35
N VAL W 12 -19.22 35.58 -8.82
CA VAL W 12 -19.51 35.69 -10.26
C VAL W 12 -19.40 37.15 -10.66
N ALA W 13 -18.95 37.39 -11.89
CA ALA W 13 -18.80 38.74 -12.39
C ALA W 13 -19.26 38.80 -13.82
N MET W 14 -20.08 39.81 -14.12
CA MET W 14 -20.61 40.01 -15.47
C MET W 14 -20.36 41.44 -15.93
N THR W 15 -20.32 41.61 -17.24
CA THR W 15 -20.11 42.92 -17.84
C THR W 15 -21.42 43.38 -18.48
N GLY W 16 -21.68 44.68 -18.41
CA GLY W 16 -22.88 45.24 -19.00
C GLY W 16 -22.54 46.50 -19.78
N LYS W 17 -23.54 47.23 -20.23
CA LYS W 17 -23.31 48.46 -20.97
C LYS W 17 -22.72 49.51 -20.01
N ASP W 18 -21.45 49.87 -20.24
CA ASP W 18 -20.74 50.84 -19.42
C ASP W 18 -20.81 50.54 -17.91
N CYS W 19 -20.85 49.25 -17.57
CA CYS W 19 -20.92 48.84 -16.17
C CYS W 19 -20.44 47.40 -15.99
N VAL W 20 -20.17 47.02 -14.75
CA VAL W 20 -19.73 45.67 -14.43
C VAL W 20 -20.37 45.27 -13.10
N ALA W 21 -20.61 43.99 -12.94
CA ALA W 21 -21.20 43.49 -11.71
C ALA W 21 -20.37 42.33 -11.18
N ILE W 22 -20.28 42.23 -9.85
CA ILE W 22 -19.55 41.14 -9.24
C ILE W 22 -20.30 40.80 -7.96
N ALA W 23 -20.58 39.52 -7.75
CA ALA W 23 -21.31 39.11 -6.56
C ALA W 23 -20.76 37.84 -5.93
N CYS W 24 -21.13 37.61 -4.68
CA CYS W 24 -20.67 36.43 -3.94
C CYS W 24 -21.70 36.00 -2.91
N ASP W 25 -21.52 34.81 -2.36
CA ASP W 25 -22.42 34.32 -1.31
C ASP W 25 -21.78 34.73 0.02
N LEU W 26 -22.41 34.41 1.14
CA LEU W 26 -21.84 34.82 2.42
C LEU W 26 -21.47 33.67 3.32
N ARG W 27 -21.63 32.45 2.84
CA ARG W 27 -21.34 31.28 3.66
C ARG W 27 -19.87 30.99 3.87
N LEU W 28 -19.57 30.53 5.07
CA LEU W 28 -18.24 30.13 5.48
C LEU W 28 -18.54 28.97 6.40
N GLY W 29 -18.16 27.78 5.97
CA GLY W 29 -18.41 26.62 6.80
C GLY W 29 -17.18 25.76 6.97
N SER W 30 -17.36 24.64 7.65
CA SER W 30 -16.32 23.66 7.86
C SER W 30 -17.06 22.37 7.49
N GLN W 31 -16.97 22.02 6.21
CA GLN W 31 -17.67 20.84 5.69
C GLN W 31 -19.17 21.09 5.89
N SER W 32 -19.88 20.11 6.43
CA SER W 32 -21.32 20.27 6.62
C SER W 32 -21.70 21.36 7.62
N LEU W 33 -20.85 21.64 8.60
CA LEU W 33 -21.17 22.67 9.59
C LEU W 33 -21.06 24.09 9.06
N GLY W 34 -22.17 24.83 9.14
CA GLY W 34 -22.15 26.22 8.71
C GLY W 34 -21.62 26.99 9.90
N VAL W 35 -20.70 27.93 9.69
CA VAL W 35 -20.12 28.71 10.79
C VAL W 35 -20.48 30.20 10.80
N SER W 36 -20.24 30.88 9.68
CA SER W 36 -20.56 32.30 9.59
C SER W 36 -21.34 32.59 8.34
N ASN W 37 -22.29 33.51 8.43
CA ASN W 37 -23.11 33.89 7.29
C ASN W 37 -22.86 35.33 6.92
N LYS W 38 -21.68 35.82 7.28
CA LYS W 38 -21.32 37.20 6.99
C LYS W 38 -19.94 37.27 6.36
N PHE W 39 -19.49 36.13 5.83
CA PHE W 39 -18.17 36.03 5.23
C PHE W 39 -18.19 36.52 3.79
N GLU W 40 -18.00 37.81 3.59
CA GLU W 40 -18.01 38.34 2.24
C GLU W 40 -16.75 37.92 1.52
N LYS W 41 -16.83 37.81 0.20
CA LYS W 41 -15.69 37.37 -0.57
C LYS W 41 -15.25 38.39 -1.61
N ILE W 42 -15.85 39.58 -1.55
CA ILE W 42 -15.50 40.64 -2.48
C ILE W 42 -14.76 41.76 -1.76
N PHE W 43 -13.69 42.22 -2.38
CA PHE W 43 -12.90 43.30 -1.81
C PHE W 43 -12.64 44.30 -2.91
N HIS W 44 -12.09 45.45 -2.53
CA HIS W 44 -11.76 46.46 -3.51
C HIS W 44 -10.61 47.30 -3.01
N TYR W 45 -9.74 47.65 -3.95
CA TYR W 45 -8.57 48.47 -3.71
C TYR W 45 -8.83 49.58 -4.72
N GLY W 46 -9.23 50.75 -4.23
CA GLY W 46 -9.56 51.82 -5.13
C GLY W 46 -10.83 51.41 -5.87
N HIS W 47 -10.87 51.61 -7.18
CA HIS W 47 -12.04 51.24 -7.94
C HIS W 47 -11.93 49.84 -8.50
N VAL W 48 -10.84 49.13 -8.19
CA VAL W 48 -10.67 47.76 -8.69
C VAL W 48 -11.23 46.76 -7.67
N PHE W 49 -12.09 45.86 -8.15
CA PHE W 49 -12.69 44.86 -7.27
C PHE W 49 -12.13 43.45 -7.43
N LEU W 50 -12.03 42.75 -6.31
CA LEU W 50 -11.50 41.40 -6.28
C LEU W 50 -12.31 40.46 -5.42
N GLY W 51 -12.83 39.41 -6.04
CA GLY W 51 -13.58 38.41 -5.28
C GLY W 51 -12.71 37.17 -5.20
N ILE W 52 -12.68 36.51 -4.05
CA ILE W 52 -11.85 35.32 -3.92
C ILE W 52 -12.60 34.15 -3.26
N THR W 53 -12.61 33.00 -3.94
CA THR W 53 -13.24 31.79 -3.42
C THR W 53 -12.17 30.73 -3.11
N GLY W 54 -12.49 29.78 -2.24
CA GLY W 54 -11.51 28.76 -1.90
C GLY W 54 -11.34 28.63 -0.39
N LEU W 55 -10.12 28.38 0.03
CA LEU W 55 -9.81 28.23 1.44
C LEU W 55 -9.88 29.61 2.12
N ALA W 56 -10.78 29.75 3.10
CA ALA W 56 -10.99 31.03 3.80
C ALA W 56 -9.74 31.71 4.30
N THR W 57 -8.86 30.96 4.95
CA THR W 57 -7.63 31.52 5.47
C THR W 57 -6.81 32.17 4.35
N ASP W 58 -6.83 31.57 3.16
CA ASP W 58 -6.10 32.14 2.03
C ASP W 58 -6.82 33.34 1.45
N VAL W 59 -8.15 33.30 1.49
CA VAL W 59 -8.95 34.42 1.00
C VAL W 59 -8.59 35.64 1.82
N THR W 60 -8.53 35.45 3.13
CA THR W 60 -8.20 36.54 4.04
C THR W 60 -6.75 37.01 3.81
N THR W 61 -5.86 36.03 3.69
CA THR W 61 -4.45 36.33 3.46
C THR W 61 -4.23 37.09 2.15
N LEU W 62 -4.90 36.67 1.08
CA LEU W 62 -4.71 37.34 -0.20
C LEU W 62 -5.27 38.75 -0.22
N ASN W 63 -6.35 38.99 0.51
CA ASN W 63 -6.90 40.33 0.56
C ASN W 63 -5.87 41.23 1.23
N GLU W 64 -5.38 40.79 2.39
CA GLU W 64 -4.38 41.55 3.11
C GLU W 64 -3.16 41.76 2.24
N MET W 65 -2.73 40.73 1.53
CA MET W 65 -1.58 40.86 0.67
C MET W 65 -1.80 41.92 -0.41
N PHE W 66 -2.93 41.84 -1.12
CA PHE W 66 -3.21 42.81 -2.17
C PHE W 66 -3.45 44.22 -1.67
N ARG W 67 -3.98 44.34 -0.45
CA ARG W 67 -4.22 45.66 0.12
C ARG W 67 -2.84 46.28 0.25
N TYR W 68 -1.96 45.53 0.88
CA TYR W 68 -0.57 45.90 1.10
C TYR W 68 0.10 46.35 -0.22
N LYS W 69 0.15 45.45 -1.20
CA LYS W 69 0.76 45.77 -2.49
C LYS W 69 0.14 46.95 -3.23
N THR W 70 -1.18 47.04 -3.24
CA THR W 70 -1.82 48.17 -3.91
C THR W 70 -1.54 49.49 -3.19
N ASN W 71 -1.38 49.44 -1.86
CA ASN W 71 -1.10 50.66 -1.12
C ASN W 71 0.26 51.22 -1.54
N LEU W 72 1.27 50.34 -1.57
CA LEU W 72 2.61 50.73 -1.96
C LEU W 72 2.62 51.19 -3.39
N TYR W 73 1.91 50.48 -4.26
CA TYR W 73 1.86 50.85 -5.67
C TYR W 73 1.38 52.30 -5.83
N LYS W 74 0.33 52.64 -5.09
CA LYS W 74 -0.24 53.98 -5.15
C LYS W 74 0.73 55.06 -4.67
N LEU W 75 1.50 54.75 -3.63
CA LEU W 75 2.47 55.71 -3.08
C LEU W 75 3.60 55.98 -4.07
N LYS W 76 4.06 54.94 -4.77
CA LYS W 76 5.14 55.10 -5.73
C LYS W 76 4.64 55.64 -7.06
N GLU W 77 3.57 55.05 -7.56
CA GLU W 77 2.99 55.46 -8.84
C GLU W 77 2.27 56.78 -8.81
N GLU W 78 1.75 57.13 -7.63
CA GLU W 78 0.98 58.34 -7.41
C GLU W 78 -0.33 58.34 -8.21
N ARG W 79 -0.96 57.19 -8.25
CA ARG W 79 -2.23 56.98 -8.94
C ARG W 79 -2.75 55.63 -8.50
N ALA W 80 -4.05 55.40 -8.65
CA ALA W 80 -4.61 54.11 -8.26
C ALA W 80 -4.37 53.10 -9.37
N ILE W 81 -4.25 51.83 -8.99
CA ILE W 81 -3.99 50.78 -9.97
C ILE W 81 -5.26 50.46 -10.78
N GLU W 82 -5.07 50.13 -12.06
CA GLU W 82 -6.17 49.80 -12.96
C GLU W 82 -6.49 48.30 -12.99
N PRO W 83 -7.71 47.93 -13.42
CA PRO W 83 -8.10 46.52 -13.47
C PRO W 83 -7.10 45.64 -14.22
N GLU W 84 -6.79 46.04 -15.45
CA GLU W 84 -5.86 45.29 -16.29
C GLU W 84 -4.49 45.09 -15.64
N THR W 85 -4.02 46.12 -14.93
CA THR W 85 -2.72 46.07 -14.27
C THR W 85 -2.80 45.19 -13.03
N PHE W 86 -3.86 45.38 -12.26
CA PHE W 86 -4.05 44.61 -11.04
C PHE W 86 -4.11 43.12 -11.39
N THR W 87 -4.82 42.81 -12.47
CA THR W 87 -4.94 41.44 -12.92
C THR W 87 -3.55 40.85 -13.11
N GLN W 88 -2.63 41.65 -13.63
CA GLN W 88 -1.26 41.23 -13.85
C GLN W 88 -0.54 40.95 -12.53
N LEU W 89 -0.78 41.82 -11.55
CA LEU W 89 -0.18 41.68 -10.23
C LEU W 89 -0.71 40.43 -9.53
N VAL W 90 -1.97 40.08 -9.77
CA VAL W 90 -2.56 38.90 -9.15
C VAL W 90 -1.92 37.64 -9.75
N SER W 91 -1.81 37.60 -11.07
CA SER W 91 -1.23 36.47 -11.75
C SER W 91 0.21 36.23 -11.28
N SER W 92 1.02 37.29 -11.29
CA SER W 92 2.41 37.14 -10.89
C SER W 92 2.50 36.73 -9.41
N SER W 93 1.66 37.33 -8.57
CA SER W 93 1.67 37.01 -7.14
C SER W 93 1.31 35.55 -6.90
N LEU W 94 0.38 35.03 -7.67
CA LEU W 94 -0.04 33.64 -7.52
C LEU W 94 0.98 32.65 -8.03
N TYR W 95 1.51 32.87 -9.24
CA TYR W 95 2.47 31.95 -9.81
C TYR W 95 3.76 31.89 -9.00
N GLU W 96 3.93 32.88 -8.13
CA GLU W 96 5.10 32.93 -7.30
C GLU W 96 5.08 31.77 -6.29
N ARG W 97 3.88 31.28 -6.00
CA ARG W 97 3.70 30.16 -5.07
C ARG W 97 3.37 28.92 -5.88
N ARG W 98 3.93 28.85 -7.09
CA ARG W 98 3.65 27.73 -7.99
C ARG W 98 3.59 26.35 -7.36
N PHE W 99 4.60 26.00 -6.57
CA PHE W 99 4.64 24.67 -5.98
C PHE W 99 4.15 24.56 -4.55
N GLY W 100 3.40 25.55 -4.11
CA GLY W 100 2.84 25.56 -2.77
C GLY W 100 1.86 26.72 -2.84
N PRO W 101 0.89 26.64 -3.78
CA PRO W 101 -0.13 27.64 -4.03
C PRO W 101 -1.20 27.91 -2.98
N TYR W 102 -1.81 29.09 -3.09
CA TYR W 102 -2.90 29.46 -2.21
C TYR W 102 -4.06 28.75 -2.89
N PHE W 103 -4.96 28.16 -2.13
CA PHE W 103 -6.08 27.43 -2.72
C PHE W 103 -7.25 28.36 -2.94
N VAL W 104 -7.11 29.23 -3.92
CA VAL W 104 -8.13 30.22 -4.21
C VAL W 104 -8.48 30.35 -5.68
N GLY W 105 -9.60 31.02 -5.95
CA GLY W 105 -10.05 31.25 -7.30
C GLY W 105 -10.39 32.73 -7.39
N PRO W 106 -9.41 33.61 -7.65
CA PRO W 106 -9.65 35.04 -7.73
C PRO W 106 -10.43 35.47 -8.97
N VAL W 107 -11.18 36.56 -8.82
CA VAL W 107 -12.00 37.15 -9.88
C VAL W 107 -11.82 38.67 -9.81
N VAL W 108 -11.40 39.26 -10.91
CA VAL W 108 -11.20 40.71 -10.95
C VAL W 108 -12.29 41.39 -11.78
N ALA W 109 -12.82 42.47 -11.24
CA ALA W 109 -13.86 43.23 -11.91
C ALA W 109 -13.68 44.72 -11.63
N GLY W 110 -13.82 45.53 -12.70
CA GLY W 110 -13.69 46.97 -12.55
C GLY W 110 -13.79 47.69 -13.89
N ILE W 111 -13.77 49.02 -13.84
CA ILE W 111 -13.85 49.83 -15.06
C ILE W 111 -12.62 50.72 -15.14
N ASN W 112 -11.92 50.65 -16.26
CA ASN W 112 -10.72 51.45 -16.44
C ASN W 112 -11.07 52.93 -16.34
N SER W 113 -10.55 53.58 -15.31
CA SER W 113 -10.83 54.99 -15.08
C SER W 113 -10.35 55.92 -16.20
N LYS W 114 -9.49 55.42 -17.07
CA LYS W 114 -8.99 56.25 -18.16
C LYS W 114 -9.76 56.00 -19.46
N SER W 115 -10.16 54.75 -19.70
CA SER W 115 -10.88 54.41 -20.93
C SER W 115 -12.38 54.20 -20.72
N GLY W 116 -12.82 54.16 -19.47
CA GLY W 116 -14.23 53.95 -19.17
C GLY W 116 -14.73 52.55 -19.53
N LYS W 117 -13.84 51.77 -20.16
CA LYS W 117 -14.11 50.41 -20.61
C LYS W 117 -14.23 49.41 -19.44
N PRO W 118 -15.29 48.59 -19.43
CA PRO W 118 -15.51 47.58 -18.38
C PRO W 118 -14.47 46.44 -18.49
N PHE W 119 -14.10 45.85 -17.36
CA PHE W 119 -13.11 44.78 -17.34
C PHE W 119 -13.37 43.72 -16.27
N ILE W 120 -13.28 42.46 -16.68
CA ILE W 120 -13.44 41.33 -15.77
C ILE W 120 -12.45 40.22 -16.17
N ALA W 121 -11.98 39.47 -15.17
CA ALA W 121 -11.04 38.38 -15.41
C ALA W 121 -11.05 37.33 -14.29
N GLY W 122 -10.59 36.13 -14.62
CA GLY W 122 -10.54 35.04 -13.65
C GLY W 122 -9.18 34.37 -13.63
N PHE W 123 -8.85 33.66 -12.56
CA PHE W 123 -7.56 32.97 -12.46
C PHE W 123 -7.72 31.60 -11.82
N ASP W 124 -6.71 30.74 -11.99
CA ASP W 124 -6.74 29.45 -11.30
C ASP W 124 -5.78 29.64 -10.10
N LEU W 125 -5.61 28.63 -9.26
CA LEU W 125 -4.75 28.83 -8.09
C LEU W 125 -3.28 29.18 -8.37
N ILE W 126 -2.80 28.88 -9.58
CA ILE W 126 -1.41 29.22 -9.91
C ILE W 126 -1.29 30.41 -10.86
N GLY W 127 -2.34 31.23 -10.92
CA GLY W 127 -2.30 32.44 -11.72
C GLY W 127 -2.68 32.49 -13.19
N CYS W 128 -3.14 31.38 -13.77
CA CYS W 128 -3.51 31.43 -15.18
C CYS W 128 -4.67 32.41 -15.37
N ILE W 129 -4.38 33.50 -16.07
CA ILE W 129 -5.40 34.52 -16.33
C ILE W 129 -6.41 34.02 -17.36
N ASP W 130 -7.67 34.13 -16.96
CA ASP W 130 -8.82 33.72 -17.74
C ASP W 130 -9.57 35.02 -18.06
N GLU W 131 -9.52 35.45 -19.32
CA GLU W 131 -10.19 36.69 -19.68
C GLU W 131 -11.38 36.52 -20.61
N ALA W 132 -12.51 37.07 -20.18
CA ALA W 132 -13.75 37.00 -20.94
C ALA W 132 -14.41 38.37 -21.01
N LYS W 133 -15.19 38.59 -22.06
CA LYS W 133 -15.88 39.85 -22.25
C LYS W 133 -17.29 39.78 -21.66
N ASP W 134 -17.74 38.57 -21.32
CA ASP W 134 -19.08 38.37 -20.75
C ASP W 134 -19.16 38.10 -19.24
N PHE W 135 -18.66 36.94 -18.79
CA PHE W 135 -18.73 36.61 -17.37
C PHE W 135 -17.61 35.69 -16.90
N ILE W 136 -17.40 35.70 -15.58
CA ILE W 136 -16.38 34.88 -14.94
C ILE W 136 -16.99 34.25 -13.70
N VAL W 137 -16.74 32.95 -13.51
CA VAL W 137 -17.27 32.22 -12.37
C VAL W 137 -16.20 31.58 -11.50
N SER W 138 -16.53 31.28 -10.25
CA SER W 138 -15.57 30.69 -9.34
C SER W 138 -16.23 30.20 -8.06
N GLY W 139 -15.71 29.10 -7.51
CA GLY W 139 -16.27 28.56 -6.29
C GLY W 139 -16.68 27.11 -6.38
N THR W 140 -17.37 26.64 -5.35
CA THR W 140 -17.80 25.26 -5.30
C THR W 140 -19.05 25.01 -6.12
N ALA W 141 -19.62 26.07 -6.70
CA ALA W 141 -20.81 25.93 -7.51
C ALA W 141 -20.55 26.53 -8.88
N SER W 142 -19.31 26.46 -9.31
CA SER W 142 -18.87 26.98 -10.60
C SER W 142 -19.58 26.31 -11.78
N ASP W 143 -19.81 25.01 -11.67
CA ASP W 143 -20.52 24.27 -12.72
C ASP W 143 -21.91 24.88 -12.85
N GLN W 144 -22.55 25.14 -11.70
CA GLN W 144 -23.88 25.74 -11.71
C GLN W 144 -23.83 27.15 -12.27
N LEU W 145 -22.89 27.95 -11.80
CA LEU W 145 -22.74 29.32 -12.28
C LEU W 145 -22.49 29.37 -13.78
N PHE W 146 -21.71 28.41 -14.29
CA PHE W 146 -21.46 28.37 -15.72
C PHE W 146 -22.80 28.13 -16.39
N GLY W 147 -23.54 27.16 -15.83
CA GLY W 147 -24.83 26.80 -16.36
C GLY W 147 -25.73 28.00 -16.48
N MET W 148 -25.98 28.66 -15.36
CA MET W 148 -26.84 29.84 -15.33
C MET W 148 -26.36 30.92 -16.29
N CYS W 149 -25.11 31.31 -16.16
CA CYS W 149 -24.49 32.34 -16.99
C CYS W 149 -24.61 32.12 -18.49
N GLU W 150 -24.18 30.95 -18.94
CA GLU W 150 -24.22 30.61 -20.35
C GLU W 150 -25.65 30.70 -20.92
N SER W 151 -26.66 30.61 -20.06
CA SER W 151 -28.05 30.69 -20.51
C SER W 151 -28.65 32.08 -20.35
N LEU W 152 -28.65 32.61 -19.13
CA LEU W 152 -29.25 33.91 -18.84
C LEU W 152 -28.60 35.13 -19.49
N TYR W 153 -27.29 35.11 -19.64
CA TYR W 153 -26.53 36.23 -20.21
C TYR W 153 -26.80 36.65 -21.64
N GLU W 154 -26.74 37.96 -21.84
CA GLU W 154 -26.91 38.60 -23.14
C GLU W 154 -26.14 39.92 -22.99
N PRO W 155 -25.44 40.36 -24.05
CA PRO W 155 -24.64 41.59 -24.08
C PRO W 155 -25.34 42.89 -23.72
N ASN W 156 -24.51 43.92 -23.53
CA ASN W 156 -24.93 45.29 -23.20
C ASN W 156 -26.15 45.46 -22.32
N LEU W 157 -26.20 44.75 -21.21
CA LEU W 157 -27.33 44.90 -20.31
C LEU W 157 -27.19 46.22 -19.57
N GLU W 158 -28.31 46.75 -19.12
CA GLU W 158 -28.29 47.99 -18.37
C GLU W 158 -28.04 47.65 -16.92
N PRO W 159 -27.41 48.56 -16.16
CA PRO W 159 -27.12 48.34 -14.75
C PRO W 159 -28.25 47.67 -13.96
N GLU W 160 -29.45 48.22 -14.07
CA GLU W 160 -30.63 47.71 -13.35
C GLU W 160 -31.05 46.32 -13.84
N ASP W 161 -30.69 46.01 -15.08
CA ASP W 161 -30.99 44.71 -15.67
C ASP W 161 -29.87 43.72 -15.33
N LEU W 162 -28.62 44.14 -15.55
CA LEU W 162 -27.46 43.32 -15.24
C LEU W 162 -27.58 42.85 -13.80
N PHE W 163 -28.13 43.71 -12.96
CA PHE W 163 -28.31 43.35 -11.56
C PHE W 163 -29.20 42.12 -11.47
N GLU W 164 -30.36 42.18 -12.12
CA GLU W 164 -31.30 41.07 -12.11
C GLU W 164 -30.64 39.79 -12.55
N THR W 165 -30.01 39.83 -13.71
CA THR W 165 -29.34 38.67 -14.29
C THR W 165 -28.30 38.06 -13.38
N ILE W 166 -27.30 38.84 -12.97
CA ILE W 166 -26.26 38.33 -12.10
C ILE W 166 -26.84 37.76 -10.80
N SER W 167 -27.88 38.41 -10.27
CA SER W 167 -28.49 37.93 -9.03
C SER W 167 -29.19 36.58 -9.20
N GLN W 168 -29.79 36.36 -10.36
CA GLN W 168 -30.48 35.10 -10.61
C GLN W 168 -29.49 33.96 -10.85
N ALA W 169 -28.38 34.29 -11.51
CA ALA W 169 -27.35 33.30 -11.78
C ALA W 169 -26.77 32.87 -10.44
N LEU W 170 -26.32 33.84 -9.65
CA LEU W 170 -25.75 33.51 -8.35
C LEU W 170 -26.72 32.72 -7.49
N LEU W 171 -27.92 33.25 -7.33
CA LEU W 171 -28.96 32.63 -6.52
C LEU W 171 -29.33 31.18 -6.82
N ASN W 172 -29.65 30.88 -8.07
CA ASN W 172 -30.05 29.52 -8.41
C ASN W 172 -28.91 28.52 -8.38
N ALA W 173 -27.70 29.00 -8.67
CA ALA W 173 -26.52 28.15 -8.65
C ALA W 173 -26.24 27.79 -7.19
N ALA W 174 -26.27 28.79 -6.32
CA ALA W 174 -26.01 28.59 -4.91
C ALA W 174 -26.98 27.61 -4.28
N ASP W 175 -28.19 27.56 -4.83
CA ASP W 175 -29.20 26.67 -4.27
C ASP W 175 -29.05 25.21 -4.68
N ARG W 176 -28.14 24.94 -5.61
CA ARG W 176 -27.88 23.57 -6.05
C ARG W 176 -26.56 23.07 -5.47
N ASP W 177 -25.91 23.93 -4.68
CA ASP W 177 -24.64 23.60 -4.03
C ASP W 177 -24.84 23.64 -2.50
N ALA W 178 -24.48 22.55 -1.84
CA ALA W 178 -24.63 22.45 -0.39
C ALA W 178 -23.72 23.38 0.39
N LEU W 179 -22.56 23.68 -0.19
CA LEU W 179 -21.59 24.54 0.47
C LEU W 179 -21.70 26.03 0.19
N SER W 180 -22.58 26.42 -0.74
CA SER W 180 -22.76 27.83 -1.07
C SER W 180 -24.12 28.34 -0.56
N GLY W 181 -24.22 29.65 -0.40
CA GLY W 181 -25.48 30.23 0.04
C GLY W 181 -25.37 30.98 1.35
N TRP W 182 -26.43 30.96 2.14
CA TRP W 182 -26.47 31.64 3.44
C TRP W 182 -26.39 33.15 3.35
N GLY W 183 -26.79 33.69 2.21
CA GLY W 183 -26.73 35.14 2.04
C GLY W 183 -25.95 35.48 0.80
N ALA W 184 -26.19 36.66 0.25
CA ALA W 184 -25.48 37.07 -0.95
C ALA W 184 -25.47 38.58 -1.07
N VAL W 185 -24.43 39.10 -1.71
CA VAL W 185 -24.29 40.53 -1.89
C VAL W 185 -23.82 40.78 -3.33
N VAL W 186 -24.47 41.73 -4.01
CA VAL W 186 -24.13 42.07 -5.39
C VAL W 186 -23.58 43.49 -5.49
N TYR W 187 -22.61 43.67 -6.37
CA TYR W 187 -21.99 44.97 -6.58
C TYR W 187 -22.27 45.41 -8.00
N ILE W 188 -22.90 46.58 -8.14
CA ILE W 188 -23.18 47.17 -9.45
C ILE W 188 -22.16 48.31 -9.58
N ILE W 189 -21.33 48.25 -10.62
CA ILE W 189 -20.28 49.23 -10.80
C ILE W 189 -20.28 50.05 -12.10
N LYS W 190 -20.29 51.37 -11.91
CA LYS W 190 -20.27 52.31 -13.03
C LYS W 190 -19.12 53.30 -12.79
N LYS W 191 -18.67 53.94 -13.87
CA LYS W 191 -17.57 54.93 -13.84
C LYS W 191 -17.52 55.85 -12.62
N ASP W 192 -18.70 56.30 -12.21
CA ASP W 192 -18.85 57.22 -11.09
C ASP W 192 -19.32 56.61 -9.77
N GLU W 193 -20.26 55.67 -9.83
CA GLU W 193 -20.76 55.07 -8.61
C GLU W 193 -20.80 53.54 -8.59
N VAL W 194 -20.90 53.00 -7.38
CA VAL W 194 -20.96 51.57 -7.14
C VAL W 194 -22.00 51.31 -6.05
N VAL W 195 -23.05 50.57 -6.42
CA VAL W 195 -24.12 50.23 -5.49
C VAL W 195 -23.95 48.80 -5.00
N LYS W 196 -24.13 48.60 -3.70
CA LYS W 196 -24.00 47.28 -3.10
C LYS W 196 -25.31 46.83 -2.46
N ARG W 197 -25.90 45.76 -3.01
CA ARG W 197 -27.15 45.26 -2.47
C ARG W 197 -27.03 43.84 -1.90
N TYR W 198 -27.71 43.60 -0.78
CA TYR W 198 -27.73 42.27 -0.17
C TYR W 198 -29.01 41.57 -0.64
N LEU W 199 -28.88 40.35 -1.14
CA LEU W 199 -30.02 39.61 -1.64
C LEU W 199 -30.71 38.76 -0.55
N LYS W 200 -31.98 38.43 -0.80
CA LYS W 200 -32.75 37.59 0.11
C LYS W 200 -32.80 36.20 -0.49
N MET W 201 -32.25 35.23 0.22
CA MET W 201 -32.24 33.85 -0.28
C MET W 201 -32.52 32.83 0.80
N ARG W 202 -32.63 31.57 0.40
CA ARG W 202 -32.89 30.48 1.31
C ARG W 202 -31.81 30.45 2.37
N GLN W 203 -32.12 29.97 3.57
CA GLN W 203 -31.10 29.92 4.61
C GLN W 203 -30.76 28.48 5.03
N ASP W 204 -30.83 27.56 4.07
CA ASP W 204 -30.55 26.15 4.36
C ASP W 204 -29.41 25.54 3.55
N MET X 1 -13.31 16.02 20.89
CA MET X 1 -12.35 17.06 21.32
C MET X 1 -12.83 17.68 22.64
N ASP X 2 -12.12 18.73 23.08
CA ASP X 2 -12.45 19.45 24.31
C ASP X 2 -13.62 20.38 23.99
N ILE X 3 -14.14 21.09 25.01
CA ILE X 3 -15.25 22.01 24.79
C ILE X 3 -14.78 23.45 24.87
N ILE X 4 -15.03 24.19 23.81
CA ILE X 4 -14.65 25.59 23.72
C ILE X 4 -15.85 26.37 23.24
N LEU X 5 -16.51 27.05 24.18
CA LEU X 5 -17.70 27.85 23.87
C LEU X 5 -17.43 29.31 24.17
N GLY X 6 -18.14 30.16 23.45
CA GLY X 6 -17.99 31.58 23.66
C GLY X 6 -19.24 32.29 23.18
N ILE X 7 -19.77 33.14 24.05
CA ILE X 7 -20.95 33.90 23.69
C ILE X 7 -20.79 35.37 24.05
N ARG X 8 -21.12 36.23 23.09
CA ARG X 8 -21.04 37.66 23.29
C ARG X 8 -22.41 38.28 23.54
N VAL X 9 -22.58 38.81 24.75
CA VAL X 9 -23.84 39.43 25.13
C VAL X 9 -23.78 40.95 24.92
N GLN X 10 -24.63 41.66 25.64
CA GLN X 10 -24.73 43.12 25.57
C GLN X 10 -23.47 43.89 25.99
N ASP X 11 -22.94 43.58 27.16
CA ASP X 11 -21.77 44.31 27.64
C ASP X 11 -20.60 43.43 28.03
N SER X 12 -20.56 42.21 27.52
CA SER X 12 -19.45 41.32 27.84
C SER X 12 -19.36 40.11 26.93
N VAL X 13 -18.30 39.34 27.15
CA VAL X 13 -18.05 38.13 26.40
C VAL X 13 -17.85 37.07 27.47
N ILE X 14 -18.54 35.94 27.33
CA ILE X 14 -18.40 34.85 28.29
C ILE X 14 -17.75 33.67 27.58
N LEU X 15 -16.78 33.03 28.24
CA LEU X 15 -16.11 31.86 27.68
C LEU X 15 -16.25 30.65 28.58
N ALA X 16 -16.74 29.55 28.02
CA ALA X 16 -16.90 28.30 28.76
C ALA X 16 -15.95 27.28 28.13
N SER X 17 -15.15 26.62 28.98
CA SER X 17 -14.16 25.67 28.48
C SER X 17 -14.01 24.45 29.39
N SER X 18 -14.20 23.26 28.82
CA SER X 18 -14.12 22.00 29.58
C SER X 18 -12.88 21.88 30.47
N LYS X 19 -13.04 21.19 31.59
CA LYS X 19 -11.94 21.03 32.55
C LYS X 19 -11.19 19.72 32.44
N ALA X 20 -11.75 18.77 31.71
CA ALA X 20 -11.10 17.47 31.56
C ALA X 20 -9.85 17.50 30.68
N VAL X 21 -8.90 16.65 31.03
CA VAL X 21 -7.68 16.48 30.27
C VAL X 21 -7.50 14.98 30.28
N THR X 22 -7.85 14.37 29.16
CA THR X 22 -7.79 12.92 29.01
C THR X 22 -6.70 12.48 28.08
N ARG X 23 -5.92 11.49 28.51
CA ARG X 23 -4.85 10.94 27.69
C ARG X 23 -5.09 9.45 27.60
N GLY X 24 -5.59 9.04 26.44
CA GLY X 24 -5.86 7.64 26.19
C GLY X 24 -7.03 7.10 26.97
N ILE X 25 -6.71 6.21 27.89
CA ILE X 25 -7.70 5.55 28.71
C ILE X 25 -7.99 6.27 30.03
N SER X 26 -7.21 7.29 30.36
CA SER X 26 -7.43 7.98 31.63
C SER X 26 -7.69 9.47 31.57
N VAL X 27 -8.49 9.95 32.52
CA VAL X 27 -8.77 11.37 32.66
C VAL X 27 -7.74 11.85 33.68
N LEU X 28 -6.61 12.37 33.20
CA LEU X 28 -5.51 12.83 34.05
C LEU X 28 -5.83 14.02 34.95
N LYS X 29 -6.78 14.86 34.55
CA LYS X 29 -7.12 16.02 35.34
C LYS X 29 -8.54 16.46 35.07
N ASP X 30 -9.22 16.94 36.10
CA ASP X 30 -10.61 17.38 35.95
C ASP X 30 -10.82 18.80 36.46
N SER X 31 -9.77 19.61 36.35
CA SER X 31 -9.79 21.00 36.79
C SER X 31 -8.82 21.83 35.96
N ASP X 32 -8.83 21.61 34.65
CA ASP X 32 -7.93 22.31 33.75
C ASP X 32 -8.51 23.63 33.23
N ASP X 33 -7.69 24.67 33.27
CA ASP X 33 -8.10 25.99 32.78
C ASP X 33 -7.50 26.18 31.39
N LYS X 34 -8.30 25.93 30.35
CA LYS X 34 -7.85 26.06 28.96
C LYS X 34 -8.01 27.49 28.48
N THR X 35 -7.41 28.41 29.23
CA THR X 35 -7.50 29.82 28.92
C THR X 35 -6.23 30.59 29.29
N ARG X 36 -5.95 31.68 28.59
CA ARG X 36 -4.82 32.54 28.89
C ARG X 36 -5.28 33.98 28.74
N GLN X 37 -4.81 34.85 29.63
CA GLN X 37 -5.15 36.26 29.56
C GLN X 37 -4.05 36.97 28.78
N LEU X 38 -4.41 37.55 27.64
CA LEU X 38 -3.45 38.24 26.79
C LEU X 38 -3.18 39.66 27.25
N SER X 39 -4.19 40.26 27.86
CA SER X 39 -4.08 41.63 28.37
C SER X 39 -5.29 41.78 29.30
N PRO X 40 -5.29 42.83 30.15
CA PRO X 40 -6.40 43.06 31.09
C PRO X 40 -7.84 42.95 30.57
N HIS X 41 -8.05 43.25 29.29
CA HIS X 41 -9.39 43.16 28.71
C HIS X 41 -9.51 42.16 27.56
N THR X 42 -8.55 41.25 27.44
CA THR X 42 -8.59 40.24 26.40
C THR X 42 -8.25 38.84 26.90
N LEU X 43 -9.17 37.91 26.68
CA LEU X 43 -9.00 36.52 27.10
C LEU X 43 -9.04 35.55 25.92
N MET X 44 -8.21 34.51 25.96
CA MET X 44 -8.17 33.52 24.87
C MET X 44 -8.28 32.07 25.35
N SER X 45 -9.27 31.36 24.82
CA SER X 45 -9.48 29.95 25.15
C SER X 45 -8.94 29.16 23.96
N PHE X 46 -8.55 27.90 24.20
CA PHE X 46 -7.97 27.09 23.14
C PHE X 46 -8.13 25.57 23.33
N ALA X 47 -8.14 24.84 22.22
CA ALA X 47 -8.26 23.38 22.26
C ALA X 47 -7.60 22.78 21.02
N GLY X 48 -7.02 21.59 21.16
CA GLY X 48 -6.37 20.96 20.04
C GLY X 48 -5.30 19.96 20.41
N GLU X 49 -4.30 19.82 19.55
CA GLU X 49 -3.19 18.89 19.74
C GLU X 49 -2.46 19.10 21.06
N ALA X 50 -2.26 18.00 21.79
CA ALA X 50 -1.60 17.96 23.10
C ALA X 50 -0.59 19.05 23.46
N GLY X 51 0.61 18.99 22.87
CA GLY X 51 1.60 19.99 23.23
C GLY X 51 1.35 21.38 22.67
N ASP X 52 1.04 21.43 21.38
CA ASP X 52 0.81 22.69 20.67
C ASP X 52 -0.12 23.67 21.37
N THR X 53 -1.15 23.12 21.99
CA THR X 53 -2.16 23.91 22.69
C THR X 53 -1.62 24.98 23.66
N VAL X 54 -1.02 24.56 24.76
CA VAL X 54 -0.51 25.53 25.74
C VAL X 54 0.69 26.31 25.17
N GLN X 55 1.56 25.61 24.46
CA GLN X 55 2.72 26.26 23.86
C GLN X 55 2.33 27.48 23.04
N PHE X 56 1.39 27.32 22.13
CA PHE X 56 0.94 28.43 21.28
C PHE X 56 0.27 29.55 22.07
N ALA X 57 -0.58 29.18 23.02
CA ALA X 57 -1.30 30.14 23.84
C ALA X 57 -0.31 31.03 24.58
N GLU X 58 0.60 30.40 25.32
CA GLU X 58 1.64 31.12 26.08
C GLU X 58 2.56 31.96 25.20
N TYR X 59 2.78 31.48 23.98
CA TYR X 59 3.60 32.21 23.03
C TYR X 59 2.93 33.52 22.66
N ILE X 60 1.64 33.44 22.35
CA ILE X 60 0.87 34.63 21.98
C ILE X 60 0.80 35.57 23.19
N GLN X 61 0.55 35.01 24.37
CA GLN X 61 0.48 35.79 25.59
C GLN X 61 1.75 36.60 25.77
N ALA X 62 2.90 35.96 25.64
CA ALA X 62 4.17 36.64 25.80
C ALA X 62 4.28 37.84 24.85
N ASN X 63 3.95 37.63 23.58
CA ASN X 63 4.03 38.72 22.60
C ASN X 63 3.14 39.90 22.87
N ILE X 64 1.92 39.64 23.31
CA ILE X 64 1.02 40.77 23.56
C ILE X 64 1.42 41.52 24.83
N GLN X 65 2.00 40.81 25.79
CA GLN X 65 2.46 41.44 27.01
C GLN X 65 3.71 42.28 26.75
N LEU X 66 4.48 41.88 25.74
CA LEU X 66 5.68 42.60 25.36
C LEU X 66 5.24 43.88 24.68
N TYR X 67 4.23 43.77 23.82
CA TYR X 67 3.71 44.93 23.11
C TYR X 67 3.17 45.92 24.13
N SER X 68 2.43 45.44 25.12
CA SER X 68 1.87 46.30 26.14
C SER X 68 2.94 47.15 26.84
N ILE X 69 4.01 46.51 27.30
CA ILE X 69 5.07 47.24 27.96
C ILE X 69 5.78 48.25 27.04
N ARG X 70 6.15 47.80 25.85
CA ARG X 70 6.85 48.66 24.90
C ARG X 70 6.08 49.93 24.58
N GLU X 71 4.77 49.79 24.40
CA GLU X 71 3.88 50.88 24.02
C GLU X 71 3.06 51.48 25.16
N ASP X 72 3.12 50.86 26.32
CA ASP X 72 2.34 51.32 27.47
C ASP X 72 0.91 51.58 27.01
N TYR X 73 0.32 50.57 26.37
CA TYR X 73 -1.03 50.68 25.84
C TYR X 73 -1.52 49.26 25.63
N GLU X 74 -2.83 49.09 25.54
CA GLU X 74 -3.43 47.78 25.33
C GLU X 74 -4.07 47.71 23.94
N LEU X 75 -3.65 46.73 23.15
CA LEU X 75 -4.19 46.53 21.81
C LEU X 75 -5.66 46.20 21.88
N SER X 76 -6.39 46.59 20.86
CA SER X 76 -7.81 46.31 20.79
C SER X 76 -7.98 44.82 20.51
N PRO X 77 -9.13 44.23 20.92
CA PRO X 77 -9.36 42.80 20.68
C PRO X 77 -9.19 42.49 19.19
N GLN X 78 -9.62 43.41 18.34
CA GLN X 78 -9.50 43.24 16.89
C GLN X 78 -8.03 43.11 16.47
N ALA X 79 -7.19 44.02 16.97
CA ALA X 79 -5.77 44.00 16.63
C ALA X 79 -5.15 42.67 17.05
N VAL X 80 -5.50 42.24 18.26
CA VAL X 80 -4.99 40.99 18.81
C VAL X 80 -5.41 39.78 17.96
N SER X 81 -6.69 39.70 17.62
CA SER X 81 -7.17 38.57 16.83
C SER X 81 -6.51 38.53 15.45
N SER X 82 -6.14 39.70 14.92
CA SER X 82 -5.49 39.75 13.61
C SER X 82 -4.06 39.26 13.73
N PHE X 83 -3.45 39.54 14.87
CA PHE X 83 -2.09 39.09 15.11
C PHE X 83 -2.10 37.58 15.29
N VAL X 84 -3.09 37.10 16.03
CA VAL X 84 -3.24 35.67 16.30
C VAL X 84 -3.54 34.90 15.01
N ARG X 85 -4.35 35.46 14.14
CA ARG X 85 -4.66 34.77 12.88
C ARG X 85 -3.39 34.68 12.02
N GLN X 86 -2.70 35.79 11.86
CA GLN X 86 -1.49 35.83 11.07
C GLN X 86 -0.50 34.77 11.52
N GLU X 87 -0.43 34.55 12.82
CA GLU X 87 0.50 33.55 13.34
C GLU X 87 0.03 32.17 12.91
N LEU X 88 -1.24 31.87 13.08
CA LEU X 88 -1.74 30.57 12.69
C LEU X 88 -1.55 30.34 11.19
N ALA X 89 -1.88 31.35 10.38
CA ALA X 89 -1.75 31.24 8.93
C ALA X 89 -0.31 31.00 8.47
N LYS X 90 0.68 31.32 9.31
CA LYS X 90 2.10 31.10 8.99
C LYS X 90 2.37 29.63 9.22
N SER X 91 2.01 29.19 10.42
CA SER X 91 2.19 27.83 10.87
C SER X 91 1.57 26.79 9.94
N ILE X 92 0.43 27.16 9.35
CA ILE X 92 -0.27 26.22 8.48
C ILE X 92 0.56 25.70 7.31
N ARG X 93 1.51 26.49 6.84
CA ARG X 93 2.33 26.07 5.71
C ARG X 93 3.78 25.80 6.12
N SER X 94 4.01 25.64 7.41
CA SER X 94 5.35 25.38 7.93
C SER X 94 5.61 23.88 8.04
N ARG X 95 6.81 23.53 8.49
CA ARG X 95 7.21 22.13 8.63
C ARG X 95 6.29 21.37 9.57
N ARG X 96 6.07 21.93 10.76
CA ARG X 96 5.18 21.29 11.73
C ARG X 96 4.21 22.34 12.24
N PRO X 97 2.99 22.38 11.67
CA PRO X 97 1.96 23.34 12.07
C PRO X 97 1.39 23.15 13.47
N TYR X 98 1.00 24.28 14.09
CA TYR X 98 0.38 24.27 15.41
C TYR X 98 -1.05 23.79 15.13
N GLN X 99 -1.50 22.77 15.82
CA GLN X 99 -2.87 22.32 15.62
C GLN X 99 -3.67 22.82 16.81
N VAL X 100 -3.97 24.12 16.80
CA VAL X 100 -4.70 24.75 17.88
C VAL X 100 -5.85 25.60 17.36
N ASN X 101 -6.99 25.53 18.05
CA ASN X 101 -8.18 26.32 17.70
C ASN X 101 -8.41 27.23 18.89
N VAL X 102 -8.71 28.49 18.61
CA VAL X 102 -8.91 29.43 19.70
C VAL X 102 -10.13 30.31 19.56
N LEU X 103 -10.53 30.87 20.70
CA LEU X 103 -11.64 31.81 20.80
C LEU X 103 -11.06 33.03 21.53
N ILE X 104 -11.14 34.19 20.91
CA ILE X 104 -10.62 35.39 21.55
C ILE X 104 -11.79 36.27 21.94
N GLY X 105 -11.93 36.47 23.24
CA GLY X 105 -13.00 37.30 23.76
C GLY X 105 -12.39 38.47 24.50
N GLY X 106 -12.79 39.67 24.11
CA GLY X 106 -12.25 40.85 24.78
C GLY X 106 -13.23 42.00 24.74
N TYR X 107 -13.02 42.96 25.63
CA TYR X 107 -13.86 44.15 25.71
C TYR X 107 -13.04 45.33 25.21
N ASP X 108 -13.47 45.88 24.08
CA ASP X 108 -12.77 47.02 23.47
C ASP X 108 -13.14 48.28 24.25
N LYS X 109 -12.24 48.72 25.12
CA LYS X 109 -12.47 49.91 25.93
C LYS X 109 -12.57 51.20 25.12
N LYS X 110 -12.25 51.12 23.83
CA LYS X 110 -12.31 52.31 23.01
C LYS X 110 -13.70 52.48 22.41
N LYS X 111 -14.33 51.38 22.00
CA LYS X 111 -15.68 51.43 21.43
C LYS X 111 -16.69 51.04 22.51
N ASN X 112 -16.17 50.60 23.66
CA ASN X 112 -17.00 50.14 24.78
C ASN X 112 -17.98 49.07 24.33
N LYS X 113 -17.45 48.05 23.66
CA LYS X 113 -18.25 46.93 23.16
C LYS X 113 -17.51 45.60 23.26
N PRO X 114 -18.20 44.55 23.71
CA PRO X 114 -17.54 43.24 23.83
C PRO X 114 -17.38 42.65 22.43
N GLU X 115 -16.34 41.84 22.24
CA GLU X 115 -16.12 41.22 20.95
C GLU X 115 -15.65 39.76 21.09
N LEU X 116 -16.12 38.91 20.18
CA LEU X 116 -15.77 37.49 20.16
C LEU X 116 -15.24 37.07 18.79
N TYR X 117 -14.02 36.53 18.79
CA TYR X 117 -13.38 36.10 17.56
C TYR X 117 -13.12 34.62 17.59
N GLN X 118 -13.45 33.95 16.49
CA GLN X 118 -13.24 32.51 16.40
C GLN X 118 -12.18 32.25 15.33
N ILE X 119 -11.11 31.56 15.70
CA ILE X 119 -10.03 31.28 14.76
C ILE X 119 -9.59 29.83 14.86
N ASP X 120 -9.65 29.10 13.74
CA ASP X 120 -9.22 27.71 13.72
C ASP X 120 -7.76 27.64 13.35
N TYR X 121 -7.18 26.45 13.49
CA TYR X 121 -5.75 26.24 13.23
C TYR X 121 -5.22 26.63 11.85
N LEU X 122 -6.09 26.72 10.86
CA LEU X 122 -5.67 27.11 9.52
C LEU X 122 -5.46 28.62 9.42
N GLY X 123 -5.93 29.34 10.43
CA GLY X 123 -5.84 30.79 10.40
C GLY X 123 -7.15 31.36 9.89
N THR X 124 -8.23 30.59 10.04
CA THR X 124 -9.55 31.04 9.59
C THR X 124 -10.22 31.81 10.72
N LYS X 125 -10.30 33.13 10.57
CA LYS X 125 -10.93 33.98 11.59
C LYS X 125 -12.28 34.50 11.15
N VAL X 126 -13.15 34.71 12.14
CA VAL X 126 -14.47 35.24 11.88
C VAL X 126 -14.98 35.77 13.22
N GLU X 127 -15.70 36.89 13.18
CA GLU X 127 -16.23 37.49 14.40
C GLU X 127 -17.71 37.08 14.50
N LEU X 128 -18.13 36.66 15.68
CA LEU X 128 -19.50 36.18 15.84
C LEU X 128 -20.11 36.57 17.16
N PRO X 129 -21.43 36.37 17.29
CA PRO X 129 -22.21 36.66 18.50
C PRO X 129 -21.87 35.54 19.49
N TYR X 130 -21.62 34.36 18.92
CA TYR X 130 -21.24 33.18 19.68
C TYR X 130 -20.57 32.18 18.76
N GLY X 131 -19.68 31.38 19.33
CA GLY X 131 -18.97 30.38 18.56
C GLY X 131 -18.44 29.24 19.41
N ALA X 132 -17.94 28.21 18.74
CA ALA X 132 -17.40 27.03 19.39
C ALA X 132 -16.47 26.29 18.44
N HIS X 133 -15.61 25.45 18.98
CA HIS X 133 -14.71 24.68 18.15
C HIS X 133 -14.96 23.21 18.32
N GLY X 134 -14.68 22.45 17.25
CA GLY X 134 -14.87 21.03 17.32
C GLY X 134 -16.32 20.62 17.22
N TYR X 135 -16.63 19.48 17.82
CA TYR X 135 -17.99 18.95 17.81
C TYR X 135 -18.95 19.74 18.67
N SER X 136 -18.42 20.61 19.51
CA SER X 136 -19.26 21.41 20.39
C SER X 136 -20.34 22.14 19.60
N GLY X 137 -19.92 22.86 18.57
CA GLY X 137 -20.87 23.60 17.75
C GLY X 137 -22.05 22.79 17.27
N PHE X 138 -21.82 21.53 16.94
CA PHE X 138 -22.88 20.66 16.45
C PHE X 138 -24.12 20.56 17.34
N TYR X 139 -23.96 20.70 18.65
CA TYR X 139 -25.12 20.63 19.55
C TYR X 139 -25.53 22.00 20.04
N THR X 140 -24.57 22.89 20.20
CA THR X 140 -24.83 24.22 20.72
C THR X 140 -25.32 25.28 19.76
N PHE X 141 -24.87 25.28 18.51
CA PHE X 141 -25.31 26.31 17.58
C PHE X 141 -26.82 26.41 17.37
N SER X 142 -27.54 25.30 17.44
CA SER X 142 -28.98 25.34 17.25
C SER X 142 -29.65 25.97 18.47
N LEU X 143 -29.11 25.71 19.65
CA LEU X 143 -29.66 26.29 20.88
C LEU X 143 -29.46 27.79 20.93
N LEU X 144 -28.29 28.24 20.49
CA LEU X 144 -27.97 29.64 20.47
C LEU X 144 -28.70 30.35 19.35
N ASP X 145 -28.86 29.68 18.20
CA ASP X 145 -29.58 30.28 17.08
C ASP X 145 -30.99 30.58 17.53
N HIS X 146 -31.47 29.78 18.48
CA HIS X 146 -32.81 29.91 19.00
C HIS X 146 -32.95 30.96 20.11
N HIS X 147 -32.30 30.71 21.25
CA HIS X 147 -32.39 31.60 22.41
C HIS X 147 -31.48 32.83 22.47
N TYR X 148 -30.70 33.13 21.43
CA TYR X 148 -29.82 34.29 21.52
C TYR X 148 -30.39 35.63 21.05
N ARG X 149 -30.15 36.65 21.85
CA ARG X 149 -30.58 38.03 21.59
C ARG X 149 -29.39 38.96 21.88
N PRO X 150 -29.17 39.99 21.04
CA PRO X 150 -28.08 40.98 21.15
C PRO X 150 -28.09 41.88 22.38
N ASP X 151 -29.21 41.90 23.10
CA ASP X 151 -29.33 42.75 24.28
C ASP X 151 -29.28 41.97 25.59
N MET X 152 -29.02 40.66 25.50
CA MET X 152 -28.95 39.83 26.69
C MET X 152 -27.98 40.40 27.72
N THR X 153 -28.27 40.14 28.99
CA THR X 153 -27.41 40.61 30.07
C THR X 153 -26.37 39.53 30.34
N THR X 154 -25.39 39.83 31.20
CA THR X 154 -24.38 38.83 31.50
C THR X 154 -25.10 37.66 32.17
N GLU X 155 -26.12 38.01 32.94
CA GLU X 155 -26.91 37.01 33.65
C GLU X 155 -27.67 36.08 32.70
N GLU X 156 -28.31 36.65 31.67
CA GLU X 156 -29.05 35.82 30.71
C GLU X 156 -28.04 34.96 29.93
N GLY X 157 -26.89 35.56 29.61
CA GLY X 157 -25.86 34.86 28.89
C GLY X 157 -25.42 33.63 29.64
N LEU X 158 -25.26 33.73 30.95
CA LEU X 158 -24.84 32.59 31.76
C LEU X 158 -25.89 31.48 31.80
N ASP X 159 -27.17 31.86 31.72
CA ASP X 159 -28.25 30.88 31.74
C ASP X 159 -28.22 30.13 30.41
N LEU X 160 -28.08 30.92 29.34
CA LEU X 160 -28.03 30.39 27.98
C LEU X 160 -26.85 29.42 27.85
N LEU X 161 -25.74 29.72 28.53
CA LEU X 161 -24.58 28.83 28.50
C LEU X 161 -24.92 27.55 29.22
N LYS X 162 -25.50 27.70 30.41
CA LYS X 162 -25.89 26.57 31.22
C LYS X 162 -26.74 25.64 30.37
N LEU X 163 -27.61 26.24 29.55
CA LEU X 163 -28.48 25.44 28.69
C LEU X 163 -27.64 24.60 27.73
N CYS X 164 -26.66 25.25 27.11
CA CYS X 164 -25.77 24.59 26.18
C CYS X 164 -25.00 23.48 26.87
N VAL X 165 -24.41 23.79 28.02
CA VAL X 165 -23.64 22.80 28.77
C VAL X 165 -24.46 21.57 29.13
N GLN X 166 -25.73 21.76 29.48
CA GLN X 166 -26.59 20.63 29.83
C GLN X 166 -26.84 19.75 28.62
N GLU X 167 -27.06 20.38 27.47
CA GLU X 167 -27.30 19.65 26.23
C GLU X 167 -26.05 18.84 25.91
N LEU X 168 -24.89 19.46 26.10
CA LEU X 168 -23.64 18.78 25.83
C LEU X 168 -23.49 17.59 26.75
N GLU X 169 -23.90 17.76 28.01
CA GLU X 169 -23.80 16.69 28.99
C GLU X 169 -24.82 15.57 28.80
N LYS X 170 -25.79 15.78 27.91
CA LYS X 170 -26.78 14.74 27.66
C LYS X 170 -26.45 13.91 26.42
N ARG X 171 -26.10 14.58 25.31
CA ARG X 171 -25.84 13.91 24.05
C ARG X 171 -24.39 13.59 23.67
N MET X 172 -23.42 14.25 24.29
CA MET X 172 -22.03 13.97 23.95
C MET X 172 -21.43 12.75 24.63
N PRO X 173 -20.70 11.93 23.86
CA PRO X 173 -20.04 10.69 24.29
C PRO X 173 -19.05 10.87 25.44
N MET X 174 -18.29 11.95 25.37
CA MET X 174 -17.24 12.25 26.35
C MET X 174 -17.68 12.96 27.62
N ASP X 175 -17.08 12.55 28.73
CA ASP X 175 -17.36 13.20 30.01
C ASP X 175 -16.25 14.25 30.13
N PHE X 176 -16.56 15.49 29.78
CA PHE X 176 -15.57 16.56 29.82
C PHE X 176 -15.39 17.24 31.17
N LYS X 177 -15.94 16.63 32.22
CA LYS X 177 -15.83 17.14 33.58
C LYS X 177 -16.23 18.61 33.80
N GLY X 178 -17.38 19.01 33.23
CA GLY X 178 -17.84 20.38 33.40
C GLY X 178 -16.94 21.44 32.80
N VAL X 179 -17.32 22.71 32.98
CA VAL X 179 -16.55 23.81 32.43
C VAL X 179 -16.10 24.87 33.43
N ILE X 180 -15.28 25.80 32.93
CA ILE X 180 -14.79 26.93 33.70
C ILE X 180 -15.32 28.08 32.86
N VAL X 181 -16.05 28.98 33.51
CA VAL X 181 -16.62 30.13 32.83
C VAL X 181 -15.90 31.39 33.28
N LYS X 182 -15.64 32.29 32.34
CA LYS X 182 -14.98 33.55 32.65
C LYS X 182 -15.69 34.65 31.89
N ILE X 183 -15.77 35.82 32.51
CA ILE X 183 -16.44 36.97 31.91
C ILE X 183 -15.49 38.13 31.65
N VAL X 184 -15.55 38.65 30.44
CA VAL X 184 -14.70 39.77 30.04
C VAL X 184 -15.63 40.95 29.77
N ASP X 185 -15.40 42.07 30.46
CA ASP X 185 -16.20 43.28 30.28
C ASP X 185 -15.35 44.53 30.53
N LYS X 186 -16.02 45.69 30.60
CA LYS X 186 -15.35 46.96 30.83
C LYS X 186 -14.47 46.98 32.07
N ASP X 187 -14.63 45.98 32.93
CA ASP X 187 -13.85 45.91 34.16
C ASP X 187 -12.82 44.78 34.21
N GLY X 188 -12.43 44.30 33.04
CA GLY X 188 -11.45 43.23 32.98
C GLY X 188 -12.02 41.83 32.86
N ILE X 189 -11.24 40.87 33.33
CA ILE X 189 -11.63 39.47 33.27
C ILE X 189 -11.85 38.89 34.65
N ARG X 190 -13.00 38.26 34.86
CA ARG X 190 -13.31 37.63 36.15
C ARG X 190 -13.89 36.23 35.92
N GLN X 191 -13.68 35.34 36.90
CA GLN X 191 -14.16 33.96 36.79
C GLN X 191 -15.34 33.58 37.68
N VAL X 192 -16.33 32.93 37.09
CA VAL X 192 -17.54 32.49 37.80
C VAL X 192 -17.25 31.20 38.54
N ASP X 193 -16.59 31.29 39.70
CA ASP X 193 -16.24 30.10 40.48
C ASP X 193 -17.42 29.16 40.81
N ASP X 194 -18.64 29.62 40.60
CA ASP X 194 -19.82 28.80 40.90
C ASP X 194 -20.69 28.48 39.69
N PHE X 195 -20.24 27.55 38.85
CA PHE X 195 -21.03 27.17 37.69
C PHE X 195 -21.30 25.66 37.78
N GLN X 196 -20.63 25.02 38.75
CA GLN X 196 -20.77 23.59 38.99
C GLN X 196 -22.23 23.28 39.34
N ALA X 197 -23.00 24.34 39.53
CA ALA X 197 -24.43 24.26 39.86
C ALA X 197 -24.99 25.67 40.00
N GLN X 198 -25.07 26.38 38.87
CA GLN X 198 -25.57 27.76 38.85
C GLN X 198 -26.98 27.86 38.22
N THR Y 1 5.11 -1.14 33.37
CA THR Y 1 5.49 0.05 34.18
C THR Y 1 4.34 0.73 34.88
N THR Y 2 4.60 1.16 36.09
CA THR Y 2 3.61 1.88 36.86
C THR Y 2 4.40 2.85 37.73
N THR Y 3 3.97 4.10 37.73
CA THR Y 3 4.63 5.09 38.54
C THR Y 3 3.52 5.99 39.07
N LEU Y 4 3.61 6.35 40.35
CA LEU Y 4 2.61 7.25 40.91
C LEU Y 4 3.26 8.24 41.85
N ALA Y 5 2.61 9.39 41.99
CA ALA Y 5 3.07 10.45 42.87
C ALA Y 5 1.84 11.21 43.35
N PHE Y 6 1.78 11.49 44.65
CA PHE Y 6 0.66 12.25 45.18
C PHE Y 6 1.05 13.14 46.34
N ARG Y 7 0.31 14.23 46.48
CA ARG Y 7 0.49 15.24 47.52
C ARG Y 7 -0.39 14.91 48.72
N PHE Y 8 -0.03 15.46 49.88
CA PHE Y 8 -0.78 15.27 51.11
C PHE Y 8 -0.08 16.04 52.23
N GLN Y 9 -0.74 16.14 53.37
CA GLN Y 9 -0.20 16.85 54.52
C GLN Y 9 1.30 16.62 54.79
N GLY Y 10 1.75 15.37 54.71
CA GLY Y 10 3.15 15.07 54.99
C GLY Y 10 4.13 15.33 53.86
N GLY Y 11 3.65 15.92 52.77
CA GLY Y 11 4.50 16.21 51.63
C GLY Y 11 4.09 15.48 50.35
N ILE Y 12 4.98 14.60 49.87
CA ILE Y 12 4.72 13.84 48.66
C ILE Y 12 5.24 12.40 48.71
N ILE Y 13 4.43 11.49 48.17
CA ILE Y 13 4.83 10.10 48.08
C ILE Y 13 5.07 9.77 46.61
N VAL Y 14 6.15 9.05 46.35
CA VAL Y 14 6.48 8.67 45.01
C VAL Y 14 6.81 7.20 45.05
N ALA Y 15 6.07 6.42 44.27
CA ALA Y 15 6.28 4.98 44.22
C ALA Y 15 6.35 4.50 42.77
N VAL Y 16 7.25 3.56 42.51
CA VAL Y 16 7.41 3.03 41.16
C VAL Y 16 7.77 1.56 41.21
N ASP Y 17 7.55 0.85 40.10
CA ASP Y 17 7.91 -0.56 40.02
C ASP Y 17 9.30 -0.57 39.38
N SER Y 18 9.83 -1.75 39.07
CA SER Y 18 11.16 -1.78 38.48
C SER Y 18 11.32 -2.74 37.30
N ARG Y 19 10.26 -3.01 36.56
CA ARG Y 19 10.36 -3.92 35.42
C ARG Y 19 10.60 -3.21 34.09
N ALA Y 20 11.42 -3.84 33.26
CA ALA Y 20 11.74 -3.33 31.93
C ALA Y 20 11.43 -4.44 30.97
N THR Y 21 10.72 -4.12 29.89
CA THR Y 21 10.36 -5.11 28.90
C THR Y 21 10.76 -4.71 27.48
N ALA Y 22 10.93 -5.72 26.64
CA ALA Y 22 11.24 -5.55 25.24
C ALA Y 22 10.27 -6.55 24.65
N GLY Y 23 9.00 -6.14 24.58
CA GLY Y 23 7.96 -7.01 24.08
C GLY Y 23 7.44 -7.78 25.28
N ASN Y 24 7.45 -9.10 25.18
CA ASN Y 24 6.99 -9.95 26.28
C ASN Y 24 8.20 -10.40 27.07
N TRP Y 25 9.36 -9.97 26.59
CA TRP Y 25 10.61 -10.30 27.22
C TRP Y 25 10.87 -9.35 28.38
N VAL Y 26 10.97 -9.91 29.59
CA VAL Y 26 11.25 -9.12 30.76
C VAL Y 26 12.76 -8.87 30.67
N ALA Y 27 13.12 -7.62 30.40
CA ALA Y 27 14.51 -7.25 30.26
C ALA Y 27 15.20 -7.06 31.61
N SER Y 28 14.47 -6.54 32.58
CA SER Y 28 15.04 -6.31 33.90
C SER Y 28 13.95 -6.20 34.96
N GLN Y 29 14.31 -6.57 36.18
CA GLN Y 29 13.39 -6.51 37.31
C GLN Y 29 13.99 -5.54 38.31
N THR Y 30 15.16 -5.00 37.95
CA THR Y 30 15.91 -4.11 38.82
C THR Y 30 16.20 -2.73 38.28
N VAL Y 31 15.20 -2.09 37.68
CA VAL Y 31 15.39 -0.77 37.09
C VAL Y 31 15.01 0.37 38.00
N LYS Y 32 15.90 1.35 38.15
CA LYS Y 32 15.60 2.51 38.99
C LYS Y 32 14.74 3.43 38.15
N LYS Y 33 13.44 3.42 38.38
CA LYS Y 33 12.55 4.29 37.61
C LYS Y 33 12.35 5.63 38.26
N VAL Y 34 13.15 5.91 39.30
CA VAL Y 34 13.08 7.18 39.98
C VAL Y 34 14.46 7.84 39.88
N ILE Y 35 14.50 9.03 39.30
CA ILE Y 35 15.75 9.74 39.13
C ILE Y 35 15.86 10.81 40.20
N GLU Y 36 16.99 10.79 40.91
CA GLU Y 36 17.24 11.76 41.95
C GLU Y 36 17.93 12.92 41.24
N ILE Y 37 17.14 13.91 40.84
CA ILE Y 37 17.66 15.08 40.12
C ILE Y 37 18.61 15.85 41.05
N ASN Y 38 18.21 15.92 42.31
CA ASN Y 38 18.98 16.57 43.35
C ASN Y 38 18.21 16.33 44.64
N PRO Y 39 18.87 16.49 45.80
CA PRO Y 39 18.28 16.30 47.13
C PRO Y 39 16.83 16.76 47.35
N PHE Y 40 16.28 17.57 46.45
CA PHE Y 40 14.91 18.05 46.63
C PHE Y 40 14.01 17.81 45.42
N LEU Y 41 14.58 17.23 44.36
CA LEU Y 41 13.83 16.93 43.14
C LEU Y 41 13.90 15.48 42.71
N LEU Y 42 12.75 14.96 42.30
CA LEU Y 42 12.66 13.59 41.83
C LEU Y 42 11.96 13.55 40.48
N GLY Y 43 12.36 12.59 39.65
CA GLY Y 43 11.74 12.42 38.35
C GLY Y 43 11.39 10.96 38.19
N THR Y 44 10.22 10.66 37.63
CA THR Y 44 9.83 9.26 37.42
C THR Y 44 9.93 8.86 35.96
N MET Y 45 10.10 7.57 35.70
CA MET Y 45 10.24 7.09 34.33
C MET Y 45 9.11 6.21 33.82
N ALA Y 46 8.58 6.55 32.66
CA ALA Y 46 7.51 5.76 32.03
C ALA Y 46 7.68 5.94 30.52
N GLY Y 47 7.52 4.84 29.78
CA GLY Y 47 7.67 4.92 28.33
C GLY Y 47 9.04 4.38 27.94
N GLY Y 48 9.79 5.15 27.19
CA GLY Y 48 11.10 4.72 26.76
C GLY Y 48 12.14 4.84 27.87
N ALA Y 49 12.77 3.72 28.23
CA ALA Y 49 13.77 3.74 29.29
C ALA Y 49 14.88 4.73 28.94
N ALA Y 50 15.50 4.55 27.79
CA ALA Y 50 16.58 5.44 27.35
C ALA Y 50 16.17 6.91 27.42
N ASP Y 51 15.13 7.28 26.70
CA ASP Y 51 14.66 8.67 26.68
C ASP Y 51 14.48 9.25 28.07
N CYS Y 52 13.73 8.56 28.91
CA CYS Y 52 13.50 9.01 30.28
C CYS Y 52 14.78 9.16 31.09
N GLN Y 53 15.59 8.09 31.11
CA GLN Y 53 16.82 8.10 31.87
C GLN Y 53 17.78 9.19 31.38
N PHE Y 54 17.96 9.24 30.06
CA PHE Y 54 18.86 10.22 29.48
C PHE Y 54 18.44 11.66 29.75
N TRP Y 55 17.28 12.04 29.23
CA TRP Y 55 16.79 13.40 29.38
C TRP Y 55 16.57 13.86 30.81
N GLU Y 56 16.24 12.94 31.69
CA GLU Y 56 16.03 13.33 33.08
C GLU Y 56 17.37 13.53 33.75
N THR Y 57 18.36 12.73 33.36
CA THR Y 57 19.70 12.88 33.92
C THR Y 57 20.20 14.25 33.46
N TRP Y 58 19.92 14.55 32.21
CA TRP Y 58 20.31 15.83 31.61
C TRP Y 58 19.64 16.97 32.39
N LEU Y 59 18.38 16.76 32.75
CA LEU Y 59 17.61 17.74 33.51
C LEU Y 59 18.34 18.14 34.79
N GLY Y 60 18.99 17.17 35.43
CA GLY Y 60 19.72 17.46 36.65
C GLY Y 60 20.80 18.49 36.40
N SER Y 61 21.57 18.25 35.35
CA SER Y 61 22.65 19.16 34.99
C SER Y 61 22.10 20.55 34.76
N GLN Y 62 20.92 20.64 34.16
CA GLN Y 62 20.32 21.95 33.93
C GLN Y 62 19.92 22.60 35.25
N CYS Y 63 19.31 21.84 36.14
CA CYS Y 63 18.89 22.38 37.42
C CYS Y 63 20.09 22.88 38.23
N ARG Y 64 21.19 22.13 38.15
CA ARG Y 64 22.43 22.49 38.85
C ARG Y 64 22.99 23.83 38.32
N LEU Y 65 23.00 23.99 36.99
CA LEU Y 65 23.48 25.21 36.37
C LEU Y 65 22.61 26.38 36.82
N HIS Y 66 21.31 26.14 36.90
CA HIS Y 66 20.40 27.18 37.34
C HIS Y 66 20.86 27.70 38.69
N GLU Y 67 21.05 26.78 39.64
CA GLU Y 67 21.46 27.14 40.99
C GLU Y 67 22.82 27.84 41.07
N LEU Y 68 23.78 27.44 40.24
CA LEU Y 68 25.08 28.10 40.25
C LEU Y 68 24.88 29.53 39.74
N ARG Y 69 24.14 29.64 38.65
CA ARG Y 69 23.84 30.91 38.00
C ARG Y 69 23.05 31.87 38.88
N GLU Y 70 21.92 31.38 39.40
CA GLU Y 70 21.02 32.17 40.21
C GLU Y 70 21.23 32.15 41.71
N LYS Y 71 22.09 31.27 42.20
CA LYS Y 71 22.35 31.20 43.64
C LYS Y 71 21.03 31.04 44.40
N GLU Y 72 20.26 30.02 44.03
CA GLU Y 72 18.96 29.72 44.65
C GLU Y 72 18.39 28.45 44.02
N ARG Y 73 17.64 27.67 44.79
CA ARG Y 73 17.06 26.42 44.28
C ARG Y 73 16.05 26.62 43.16
N ILE Y 74 16.15 25.79 42.13
CA ILE Y 74 15.25 25.84 40.99
C ILE Y 74 13.84 25.48 41.47
N SER Y 75 12.82 26.13 40.94
CA SER Y 75 11.46 25.84 41.35
C SER Y 75 10.99 24.58 40.62
N VAL Y 76 10.09 23.81 41.25
CA VAL Y 76 9.59 22.61 40.62
C VAL Y 76 8.95 23.01 39.30
N ALA Y 77 8.23 24.12 39.31
CA ALA Y 77 7.57 24.61 38.11
C ALA Y 77 8.57 24.83 36.96
N ALA Y 78 9.65 25.54 37.24
CA ALA Y 78 10.66 25.83 36.23
C ALA Y 78 11.44 24.58 35.82
N ALA Y 79 11.79 23.75 36.80
CA ALA Y 79 12.54 22.53 36.52
C ALA Y 79 11.75 21.65 35.55
N SER Y 80 10.47 21.46 35.84
CA SER Y 80 9.62 20.64 34.99
C SER Y 80 9.46 21.27 33.62
N LYS Y 81 9.35 22.59 33.58
CA LYS Y 81 9.18 23.28 32.30
C LYS Y 81 10.41 23.21 31.43
N ILE Y 82 11.57 22.98 32.04
CA ILE Y 82 12.77 22.86 31.22
C ILE Y 82 12.66 21.55 30.45
N LEU Y 83 12.33 20.47 31.15
CA LEU Y 83 12.19 19.16 30.52
C LEU Y 83 11.10 19.22 29.47
N SER Y 84 10.02 19.90 29.80
CA SER Y 84 8.88 20.03 28.90
C SER Y 84 9.22 20.72 27.58
N ASN Y 85 9.90 21.87 27.66
CA ASN Y 85 10.27 22.62 26.46
C ASN Y 85 11.26 21.89 25.57
N LEU Y 86 12.15 21.10 26.18
CA LEU Y 86 13.16 20.35 25.43
C LEU Y 86 12.42 19.28 24.64
N VAL Y 87 11.63 18.53 25.37
CA VAL Y 87 10.83 17.45 24.83
C VAL Y 87 9.94 17.97 23.68
N TYR Y 88 9.41 19.18 23.83
CA TYR Y 88 8.56 19.77 22.81
C TYR Y 88 9.35 20.06 21.54
N GLN Y 89 10.61 20.41 21.71
CA GLN Y 89 11.48 20.70 20.57
C GLN Y 89 11.58 19.46 19.68
N TYR Y 90 11.52 18.28 20.29
CA TYR Y 90 11.60 17.01 19.60
C TYR Y 90 10.24 16.45 19.23
N LYS Y 91 9.18 17.23 19.43
CA LYS Y 91 7.84 16.72 19.14
C LYS Y 91 7.75 16.11 17.74
N GLY Y 92 7.37 14.84 17.71
CA GLY Y 92 7.22 14.13 16.46
C GLY Y 92 8.39 13.25 16.08
N ALA Y 93 9.56 13.50 16.65
CA ALA Y 93 10.75 12.69 16.32
C ALA Y 93 10.68 11.24 16.79
N GLY Y 94 9.82 10.93 17.76
CA GLY Y 94 9.73 9.57 18.23
C GLY Y 94 10.08 9.37 19.69
N LEU Y 95 10.36 10.46 20.42
CA LEU Y 95 10.68 10.34 21.84
C LEU Y 95 9.45 9.80 22.53
N SER Y 96 9.65 8.92 23.51
CA SER Y 96 8.54 8.33 24.22
C SER Y 96 8.78 8.40 25.72
N MET Y 97 8.09 9.33 26.38
CA MET Y 97 8.26 9.46 27.81
C MET Y 97 7.07 10.08 28.59
N GLY Y 98 6.69 9.39 29.66
CA GLY Y 98 5.62 9.82 30.54
C GLY Y 98 6.35 10.10 31.83
N THR Y 99 6.34 11.36 32.24
CA THR Y 99 7.11 11.72 33.41
C THR Y 99 6.46 12.58 34.51
N MET Y 100 6.95 12.40 35.72
CA MET Y 100 6.49 13.13 36.88
C MET Y 100 7.67 13.85 37.50
N ILE Y 101 7.56 15.18 37.65
CA ILE Y 101 8.62 15.97 38.27
C ILE Y 101 8.13 16.41 39.65
N CYS Y 102 8.75 15.83 40.68
CA CYS Y 102 8.38 16.06 42.06
C CYS Y 102 9.40 16.78 42.94
N GLY Y 103 8.92 17.84 43.61
CA GLY Y 103 9.78 18.62 44.48
C GLY Y 103 9.02 19.38 45.56
N TYR Y 104 9.77 19.96 46.49
CA TYR Y 104 9.18 20.72 47.59
C TYR Y 104 10.02 21.95 47.83
N THR Y 105 9.58 23.09 47.30
CA THR Y 105 10.32 24.32 47.52
C THR Y 105 9.54 25.19 48.47
N ARG Y 106 10.25 26.07 49.15
CA ARG Y 106 9.63 26.98 50.10
C ARG Y 106 8.57 27.80 49.37
N LYS Y 107 8.92 28.24 48.18
CA LYS Y 107 8.07 29.06 47.33
C LYS Y 107 6.76 28.41 46.92
N GLU Y 108 6.76 27.12 46.60
CA GLU Y 108 5.55 26.46 46.14
C GLU Y 108 4.97 25.38 47.04
N GLY Y 109 5.79 24.85 47.94
CA GLY Y 109 5.33 23.79 48.81
C GLY Y 109 5.40 22.50 48.01
N PRO Y 110 4.67 21.45 48.40
CA PRO Y 110 4.73 20.19 47.62
C PRO Y 110 4.17 20.43 46.23
N THR Y 111 4.92 20.03 45.21
CA THR Y 111 4.48 20.22 43.83
C THR Y 111 4.80 19.04 42.95
N ILE Y 112 3.83 18.63 42.12
CA ILE Y 112 4.00 17.53 41.18
C ILE Y 112 3.55 17.98 39.79
N TYR Y 113 4.42 17.74 38.81
CA TYR Y 113 4.15 18.08 37.43
C TYR Y 113 4.21 16.85 36.55
N TYR Y 114 3.17 16.67 35.73
CA TYR Y 114 3.13 15.56 34.79
C TYR Y 114 3.73 16.16 33.50
N VAL Y 115 4.72 15.47 32.93
CA VAL Y 115 5.36 15.95 31.70
C VAL Y 115 5.53 14.78 30.75
N ASP Y 116 4.88 14.81 29.58
CA ASP Y 116 5.02 13.72 28.60
C ASP Y 116 5.65 14.21 27.30
N SER Y 117 6.09 13.27 26.47
CA SER Y 117 6.74 13.62 25.22
C SER Y 117 5.85 14.22 24.14
N ASP Y 118 4.56 14.36 24.42
CA ASP Y 118 3.65 14.98 23.46
C ASP Y 118 3.80 16.47 23.68
N GLY Y 119 4.37 16.83 24.82
CA GLY Y 119 4.56 18.24 25.15
C GLY Y 119 3.61 18.70 26.23
N THR Y 120 2.83 17.77 26.78
CA THR Y 120 1.88 18.08 27.82
C THR Y 120 2.57 18.22 29.17
N ARG Y 121 2.18 19.27 29.90
CA ARG Y 121 2.70 19.59 31.22
C ARG Y 121 1.53 20.00 32.11
N LEU Y 122 1.29 19.25 33.17
CA LEU Y 122 0.18 19.53 34.09
C LEU Y 122 0.60 19.46 35.54
N LYS Y 123 0.09 20.40 36.34
CA LYS Y 123 0.37 20.40 37.78
C LYS Y 123 -0.82 19.67 38.40
N GLY Y 124 -0.57 18.82 39.39
CA GLY Y 124 -1.66 18.10 39.99
C GLY Y 124 -1.33 17.45 41.31
N ASP Y 125 -2.36 16.92 41.97
CA ASP Y 125 -2.21 16.26 43.26
C ASP Y 125 -1.89 14.77 43.16
N ILE Y 126 -2.66 14.05 42.34
CA ILE Y 126 -2.44 12.61 42.13
C ILE Y 126 -2.13 12.34 40.66
N PHE Y 127 -1.14 11.47 40.41
CA PHE Y 127 -0.76 11.10 39.05
C PHE Y 127 -0.21 9.68 38.98
N CYS Y 128 -0.70 8.93 38.00
CA CYS Y 128 -0.23 7.56 37.75
C CYS Y 128 0.10 7.47 36.26
N VAL Y 129 1.32 7.08 35.95
CA VAL Y 129 1.73 6.99 34.57
C VAL Y 129 2.37 5.65 34.30
N GLY Y 130 2.05 5.05 33.16
CA GLY Y 130 2.61 3.77 32.80
C GLY Y 130 1.54 2.81 32.31
N SER Y 131 1.95 1.63 31.86
CA SER Y 131 1.01 0.64 31.36
C SER Y 131 0.14 0.06 32.47
N GLY Y 132 0.48 0.39 33.72
CA GLY Y 132 -0.31 -0.10 34.84
C GLY Y 132 -1.03 1.01 35.57
N GLN Y 133 -0.97 2.21 35.03
CA GLN Y 133 -1.59 3.36 35.68
C GLN Y 133 -3.02 3.16 36.18
N THR Y 134 -3.86 2.54 35.35
CA THR Y 134 -5.26 2.33 35.71
C THR Y 134 -5.47 1.47 36.96
N PHE Y 135 -4.59 0.48 37.17
CA PHE Y 135 -4.69 -0.38 38.32
C PHE Y 135 -4.34 0.39 39.56
N ALA Y 136 -3.26 1.16 39.48
CA ALA Y 136 -2.80 1.98 40.58
C ALA Y 136 -3.86 3.00 41.00
N TYR Y 137 -4.55 3.60 40.04
CA TYR Y 137 -5.59 4.58 40.35
C TYR Y 137 -6.68 3.98 41.22
N GLY Y 138 -7.21 2.82 40.80
CA GLY Y 138 -8.26 2.16 41.57
C GLY Y 138 -7.97 2.11 43.05
N VAL Y 139 -6.78 1.65 43.41
CA VAL Y 139 -6.35 1.56 44.80
C VAL Y 139 -6.13 2.94 45.41
N LEU Y 140 -5.44 3.80 44.67
CA LEU Y 140 -5.13 5.15 45.13
C LEU Y 140 -6.39 6.00 45.31
N ASP Y 141 -7.18 6.14 44.26
CA ASP Y 141 -8.39 6.94 44.30
C ASP Y 141 -9.35 6.61 45.44
N SER Y 142 -9.62 5.34 45.68
CA SER Y 142 -10.56 4.95 46.74
C SER Y 142 -10.06 5.11 48.18
N ASN Y 143 -8.76 5.20 48.37
CA ASN Y 143 -8.19 5.34 49.71
C ASN Y 143 -7.46 6.64 49.97
N TYR Y 144 -7.54 7.59 49.04
CA TYR Y 144 -6.84 8.83 49.27
C TYR Y 144 -7.56 9.81 50.19
N LYS Y 145 -6.76 10.48 51.03
CA LYS Y 145 -7.20 11.47 51.99
C LYS Y 145 -6.01 12.41 52.16
N TRP Y 146 -6.24 13.72 52.20
CA TRP Y 146 -5.13 14.65 52.37
C TRP Y 146 -4.48 14.41 53.73
N ASP Y 147 -5.29 13.95 54.67
CA ASP Y 147 -4.84 13.68 56.03
C ASP Y 147 -4.44 12.23 56.17
N LEU Y 148 -3.30 11.88 55.60
CA LEU Y 148 -2.80 10.53 55.68
C LEU Y 148 -1.48 10.65 56.42
N SER Y 149 -1.25 9.75 57.37
CA SER Y 149 0.00 9.79 58.11
C SER Y 149 1.13 9.40 57.17
N VAL Y 150 2.26 10.06 57.29
CA VAL Y 150 3.41 9.75 56.44
C VAL Y 150 3.58 8.23 56.36
N GLU Y 151 3.15 7.55 57.42
CA GLU Y 151 3.26 6.09 57.50
C GLU Y 151 2.20 5.42 56.61
N ASP Y 152 0.98 5.97 56.63
CA ASP Y 152 -0.13 5.45 55.83
C ASP Y 152 -0.01 5.84 54.37
N ALA Y 153 0.50 7.04 54.12
CA ALA Y 153 0.69 7.51 52.75
C ALA Y 153 1.68 6.55 52.09
N LEU Y 154 2.82 6.36 52.74
CA LEU Y 154 3.86 5.46 52.24
C LEU Y 154 3.30 4.07 51.92
N TYR Y 155 2.42 3.56 52.77
CA TYR Y 155 1.86 2.25 52.53
C TYR Y 155 0.93 2.26 51.33
N LEU Y 156 0.03 3.24 51.28
CA LEU Y 156 -0.91 3.37 50.18
C LEU Y 156 -0.17 3.34 48.84
N GLY Y 157 0.86 4.15 48.72
CA GLY Y 157 1.62 4.19 47.50
C GLY Y 157 2.23 2.84 47.19
N LYS Y 158 2.83 2.19 48.19
CA LYS Y 158 3.45 0.90 48.00
C LYS Y 158 2.40 -0.14 47.57
N ARG Y 159 1.24 -0.08 48.20
CA ARG Y 159 0.16 -1.00 47.90
C ARG Y 159 -0.43 -0.77 46.51
N SER Y 160 -0.54 0.49 46.10
CA SER Y 160 -1.07 0.80 44.79
C SER Y 160 -0.18 0.22 43.68
N ILE Y 161 1.13 0.25 43.89
CA ILE Y 161 2.02 -0.30 42.89
C ILE Y 161 1.91 -1.83 42.92
N LEU Y 162 1.63 -2.40 44.09
CA LEU Y 162 1.48 -3.85 44.20
C LEU Y 162 0.31 -4.29 43.30
N ALA Y 163 -0.80 -3.55 43.42
CA ALA Y 163 -1.98 -3.85 42.62
C ALA Y 163 -1.59 -3.93 41.13
N ALA Y 164 -0.97 -2.88 40.64
CA ALA Y 164 -0.55 -2.80 39.25
C ALA Y 164 0.45 -3.86 38.84
N ALA Y 165 1.40 -4.19 39.71
CA ALA Y 165 2.40 -5.20 39.39
C ALA Y 165 1.77 -6.56 39.20
N HIS Y 166 0.64 -6.77 39.88
CA HIS Y 166 -0.08 -8.04 39.83
C HIS Y 166 -0.92 -8.21 38.57
N ARG Y 167 -1.67 -7.17 38.22
CA ARG Y 167 -2.52 -7.20 37.03
C ARG Y 167 -1.81 -6.88 35.71
N ASP Y 168 -0.95 -5.87 35.72
CA ASP Y 168 -0.21 -5.47 34.53
C ASP Y 168 1.00 -6.38 34.31
N ALA Y 169 0.99 -7.08 33.18
CA ALA Y 169 2.06 -8.00 32.84
C ALA Y 169 3.38 -7.25 32.65
N TYR Y 170 3.30 -5.98 32.29
CA TYR Y 170 4.52 -5.19 32.07
C TYR Y 170 5.09 -4.49 33.32
N SER Y 171 4.39 -4.62 34.45
CA SER Y 171 4.83 -4.04 35.71
C SER Y 171 5.20 -5.17 36.65
N GLY Y 172 6.18 -4.92 37.52
CA GLY Y 172 6.62 -5.94 38.46
C GLY Y 172 8.00 -5.71 39.02
N GLY Y 173 8.64 -6.80 39.45
CA GLY Y 173 9.98 -6.72 40.01
C GLY Y 173 9.96 -6.37 41.49
N SER Y 174 9.97 -5.08 41.79
CA SER Y 174 9.96 -4.61 43.17
C SER Y 174 9.45 -3.19 43.23
N VAL Y 175 9.14 -2.72 44.43
CA VAL Y 175 8.66 -1.36 44.61
C VAL Y 175 9.75 -0.47 45.25
N ASN Y 176 9.83 0.77 44.78
CA ASN Y 176 10.79 1.72 45.32
C ASN Y 176 9.95 2.90 45.80
N LEU Y 177 10.09 3.22 47.08
CA LEU Y 177 9.35 4.29 47.72
C LEU Y 177 10.20 5.51 48.04
N TYR Y 178 9.58 6.68 47.99
CA TYR Y 178 10.27 7.92 48.32
C TYR Y 178 9.31 8.84 49.01
N HIS Y 179 9.82 9.61 49.97
CA HIS Y 179 9.02 10.58 50.69
C HIS Y 179 9.67 11.93 50.43
N VAL Y 180 8.88 12.89 49.96
CA VAL Y 180 9.43 14.20 49.68
C VAL Y 180 8.95 15.23 50.70
N THR Y 181 9.92 15.75 51.46
CA THR Y 181 9.72 16.76 52.50
C THR Y 181 10.57 17.96 52.07
N GLU Y 182 10.25 19.15 52.55
CA GLU Y 182 11.00 20.35 52.14
C GLU Y 182 12.51 20.26 52.29
N ASP Y 183 12.96 19.49 53.28
CA ASP Y 183 14.40 19.34 53.52
C ASP Y 183 14.97 18.31 52.55
N GLY Y 184 14.18 17.93 51.56
CA GLY Y 184 14.62 16.96 50.57
C GLY Y 184 13.76 15.70 50.57
N TRP Y 185 14.13 14.75 49.71
CA TRP Y 185 13.39 13.50 49.63
C TRP Y 185 14.05 12.47 50.54
N ILE Y 186 13.31 11.43 50.90
CA ILE Y 186 13.84 10.38 51.76
C ILE Y 186 13.51 9.01 51.16
N TYR Y 187 14.53 8.25 50.76
CA TYR Y 187 14.32 6.93 50.17
C TYR Y 187 13.77 6.02 51.25
N HIS Y 188 12.75 5.25 50.90
CA HIS Y 188 12.15 4.34 51.84
C HIS Y 188 12.21 2.89 51.37
N GLY Y 189 13.35 2.54 50.78
CA GLY Y 189 13.59 1.17 50.36
C GLY Y 189 13.02 0.53 49.10
N ASN Y 190 13.53 -0.66 48.85
CA ASN Y 190 13.17 -1.50 47.73
C ASN Y 190 12.36 -2.66 48.31
N HIS Y 191 11.27 -3.03 47.64
CA HIS Y 191 10.45 -4.11 48.13
C HIS Y 191 10.04 -5.11 47.06
N ASP Y 192 10.75 -6.23 47.02
CA ASP Y 192 10.46 -7.30 46.06
C ASP Y 192 8.98 -7.65 46.11
N VAL Y 193 8.33 -7.61 44.96
CA VAL Y 193 6.91 -7.93 44.86
C VAL Y 193 6.71 -9.40 45.22
N GLY Y 194 7.68 -10.22 44.85
CA GLY Y 194 7.61 -11.64 45.13
C GLY Y 194 7.34 -11.93 46.59
N GLU Y 195 7.86 -11.09 47.47
CA GLU Y 195 7.65 -11.29 48.90
C GLU Y 195 6.56 -10.36 49.40
N LEU Y 196 6.59 -9.13 48.91
CA LEU Y 196 5.61 -8.13 49.32
C LEU Y 196 4.19 -8.57 49.06
N PHE Y 197 3.98 -9.35 47.99
CA PHE Y 197 2.66 -9.82 47.63
C PHE Y 197 2.10 -10.73 48.71
N TRP Y 198 2.76 -11.86 48.92
CA TRP Y 198 2.37 -12.82 49.92
C TRP Y 198 2.13 -12.17 51.28
N LYS Y 199 3.12 -11.40 51.75
CA LYS Y 199 3.03 -10.68 53.02
C LYS Y 199 1.72 -9.88 53.07
N VAL Y 200 1.53 -9.01 52.09
CA VAL Y 200 0.32 -8.20 52.03
C VAL Y 200 -0.93 -9.07 51.98
N LYS Y 201 -0.88 -10.16 51.22
CA LYS Y 201 -2.05 -11.02 51.10
C LYS Y 201 -2.52 -11.49 52.46
N GLU Y 202 -1.59 -12.10 53.20
CA GLU Y 202 -1.85 -12.64 54.52
C GLU Y 202 -2.26 -11.58 55.55
N GLU Y 203 -1.47 -10.51 55.65
CA GLU Y 203 -1.75 -9.44 56.60
C GLU Y 203 -2.94 -8.55 56.28
N GLU Y 204 -3.43 -8.60 55.05
CA GLU Y 204 -4.54 -7.75 54.63
C GLU Y 204 -5.80 -8.53 54.24
N GLY Y 205 -5.62 -9.79 53.86
CA GLY Y 205 -6.76 -10.63 53.48
C GLY Y 205 -7.18 -10.44 52.03
N SER Y 206 -6.49 -9.51 51.36
CA SER Y 206 -6.74 -9.17 49.97
C SER Y 206 -6.11 -10.21 49.04
N PHE Y 207 -6.28 -10.04 47.74
CA PHE Y 207 -5.75 -10.98 46.76
C PHE Y 207 -6.27 -12.34 47.14
N ASN Y 208 -7.46 -12.30 47.73
CA ASN Y 208 -8.19 -13.48 48.17
C ASN Y 208 -8.33 -14.46 47.01
N ASN Y 209 -8.50 -13.92 45.82
CA ASN Y 209 -8.62 -14.72 44.61
C ASN Y 209 -7.49 -15.74 44.50
N VAL Y 210 -6.25 -15.24 44.35
CA VAL Y 210 -5.05 -16.07 44.23
C VAL Y 210 -4.98 -17.22 45.26
N ILE Y 211 -4.34 -18.32 44.86
CA ILE Y 211 -4.18 -19.49 45.73
C ILE Y 211 -2.79 -19.44 46.38
N GLY Y 212 -2.75 -19.21 47.68
CA GLY Y 212 -1.47 -19.14 48.37
C GLY Y 212 -1.37 -19.98 49.62
N GLN Z 1 14.64 -1.98 -1.58
CA GLN Z 1 15.17 -0.74 -0.95
C GLN Z 1 16.31 -1.10 0.01
N PHE Z 2 17.32 -0.23 0.10
CA PHE Z 2 18.46 -0.49 0.97
C PHE Z 2 18.14 -0.51 2.46
N ASN Z 3 18.50 -1.61 3.12
CA ASN Z 3 18.33 -1.77 4.55
C ASN Z 3 19.72 -1.64 5.12
N PRO Z 4 19.97 -0.60 5.95
CA PRO Z 4 21.28 -0.38 6.55
C PRO Z 4 21.69 -1.35 7.65
N TYR Z 5 20.80 -2.25 8.04
CA TYR Z 5 21.12 -3.19 9.10
C TYR Z 5 21.19 -4.66 8.70
N GLY Z 6 21.84 -5.44 9.57
CA GLY Z 6 22.00 -6.86 9.40
C GLY Z 6 22.13 -7.48 10.78
N ASP Z 7 22.17 -8.82 10.85
CA ASP Z 7 22.30 -9.51 12.13
C ASP Z 7 23.39 -10.57 12.03
N ASN Z 8 24.49 -10.39 12.75
CA ASN Z 8 25.57 -11.35 12.70
C ASN Z 8 25.51 -12.41 13.79
N GLY Z 9 24.40 -12.43 14.52
CA GLY Z 9 24.19 -13.42 15.57
C GLY Z 9 25.11 -13.35 16.78
N GLY Z 10 25.61 -14.51 17.20
CA GLY Z 10 26.48 -14.58 18.35
C GLY Z 10 25.73 -14.33 19.65
N THR Z 11 26.43 -14.43 20.77
CA THR Z 11 25.82 -14.21 22.09
C THR Z 11 26.94 -13.84 23.05
N ILE Z 12 26.64 -12.99 24.02
CA ILE Z 12 27.65 -12.59 24.98
C ILE Z 12 27.12 -12.70 26.41
N LEU Z 13 28.01 -13.00 27.34
CA LEU Z 13 27.64 -13.20 28.72
C LEU Z 13 28.58 -12.48 29.68
N GLY Z 14 28.01 -11.85 30.70
CA GLY Z 14 28.82 -11.15 31.67
C GLY Z 14 28.41 -11.41 33.10
N ILE Z 15 29.37 -11.84 33.94
CA ILE Z 15 29.10 -12.11 35.35
C ILE Z 15 30.17 -11.44 36.21
N ALA Z 16 29.74 -10.76 37.26
CA ALA Z 16 30.65 -10.07 38.16
C ALA Z 16 30.87 -10.80 39.45
N GLY Z 17 32.14 -11.05 39.78
CA GLY Z 17 32.49 -11.73 41.02
C GLY Z 17 32.75 -10.68 42.10
N GLU Z 18 33.21 -11.09 43.27
CA GLU Z 18 33.46 -10.14 44.34
C GLU Z 18 34.68 -9.26 44.08
N ASP Z 19 35.71 -9.82 43.46
CA ASP Z 19 36.91 -9.06 43.18
C ASP Z 19 37.38 -9.28 41.76
N PHE Z 20 36.43 -9.67 40.89
CA PHE Z 20 36.73 -9.92 39.48
C PHE Z 20 35.41 -9.86 38.72
N ALA Z 21 35.53 -9.97 37.39
CA ALA Z 21 34.37 -9.93 36.53
C ALA Z 21 34.76 -10.59 35.22
N VAL Z 22 33.83 -11.31 34.62
CA VAL Z 22 34.07 -12.00 33.36
C VAL Z 22 33.13 -11.52 32.26
N LEU Z 23 33.61 -11.49 31.03
CA LEU Z 23 32.81 -11.08 29.88
C LEU Z 23 33.17 -12.01 28.73
N ALA Z 24 32.26 -12.94 28.41
CA ALA Z 24 32.50 -13.90 27.34
C ALA Z 24 31.54 -13.74 26.16
N GLY Z 25 31.87 -14.43 25.07
CA GLY Z 25 31.04 -14.38 23.88
C GLY Z 25 31.53 -15.40 22.88
N ASP Z 26 30.63 -16.11 22.21
CA ASP Z 26 31.07 -17.09 21.23
C ASP Z 26 31.89 -16.36 20.15
N THR Z 27 32.56 -17.13 19.30
CA THR Z 27 33.39 -16.52 18.26
C THR Z 27 32.82 -16.69 16.87
N ARG Z 28 31.59 -17.18 16.79
CA ARG Z 28 30.94 -17.40 15.51
C ARG Z 28 30.27 -16.11 15.02
N ASN Z 29 30.49 -15.79 13.75
CA ASN Z 29 29.90 -14.61 13.13
C ASN Z 29 29.16 -15.11 11.88
N ILE Z 30 27.88 -14.80 11.79
CA ILE Z 30 27.06 -15.27 10.68
C ILE Z 30 26.22 -14.24 9.91
N THR Z 31 25.56 -14.71 8.86
CA THR Z 31 24.67 -13.92 8.01
C THR Z 31 23.62 -14.90 7.46
N ASP Z 32 22.39 -14.76 7.94
CA ASP Z 32 21.31 -15.63 7.50
C ASP Z 32 21.65 -17.06 7.94
N TYR Z 33 21.73 -17.98 6.98
CA TYR Z 33 22.03 -19.37 7.28
C TYR Z 33 23.48 -19.77 7.01
N SER Z 34 24.32 -18.78 6.73
CA SER Z 34 25.74 -19.06 6.47
C SER Z 34 26.60 -18.61 7.63
N ILE Z 35 27.82 -19.15 7.67
CA ILE Z 35 28.78 -18.79 8.69
C ILE Z 35 29.84 -17.95 8.00
N ASN Z 36 30.16 -16.79 8.56
CA ASN Z 36 31.16 -15.93 7.96
C ASN Z 36 32.54 -16.22 8.52
N SER Z 37 32.58 -16.59 9.80
CA SER Z 37 33.82 -16.91 10.47
C SER Z 37 33.54 -17.68 11.75
N ARG Z 38 34.35 -18.73 11.99
CA ARG Z 38 34.22 -19.55 13.16
C ARG Z 38 35.05 -18.93 14.28
N TYR Z 39 35.85 -17.93 13.93
CA TYR Z 39 36.65 -17.22 14.93
C TYR Z 39 36.81 -15.73 14.63
N GLU Z 40 35.90 -14.92 15.17
CA GLU Z 40 35.94 -13.48 15.00
C GLU Z 40 35.66 -12.89 16.37
N PRO Z 41 36.72 -12.53 17.12
CA PRO Z 41 36.65 -11.96 18.47
C PRO Z 41 35.58 -10.90 18.58
N LYS Z 42 34.80 -10.99 19.66
CA LYS Z 42 33.68 -10.09 19.88
C LYS Z 42 33.73 -9.38 21.24
N VAL Z 43 34.68 -9.75 22.08
CA VAL Z 43 34.86 -9.12 23.39
C VAL Z 43 36.27 -8.52 23.38
N PHE Z 44 36.38 -7.25 23.77
CA PHE Z 44 37.66 -6.54 23.73
C PHE Z 44 38.17 -5.90 25.01
N ASP Z 45 39.48 -5.73 25.06
CA ASP Z 45 40.17 -5.10 26.18
C ASP Z 45 40.37 -3.67 25.66
N CYS Z 46 39.74 -2.69 26.31
CA CYS Z 46 39.84 -1.32 25.86
C CYS Z 46 40.79 -0.46 26.68
N GLY Z 47 41.48 -1.08 27.63
CA GLY Z 47 42.42 -0.35 28.46
C GLY Z 47 41.76 0.00 29.78
N ASP Z 48 42.55 0.53 30.71
CA ASP Z 48 42.05 0.92 32.02
C ASP Z 48 41.25 -0.18 32.71
N ASN Z 49 41.53 -1.43 32.35
CA ASN Z 49 40.86 -2.56 32.96
C ASN Z 49 39.36 -2.64 32.64
N ILE Z 50 39.02 -2.34 31.39
CA ILE Z 50 37.65 -2.39 30.93
C ILE Z 50 37.51 -3.29 29.72
N VAL Z 51 36.63 -4.28 29.82
CA VAL Z 51 36.36 -5.17 28.71
C VAL Z 51 34.96 -4.78 28.23
N MET Z 52 34.78 -4.83 26.92
CA MET Z 52 33.52 -4.44 26.31
C MET Z 52 33.10 -5.28 25.09
N SER Z 53 31.79 -5.47 24.95
CA SER Z 53 31.25 -6.18 23.81
C SER Z 53 29.91 -5.53 23.39
N ALA Z 54 29.78 -5.29 22.08
CA ALA Z 54 28.58 -4.68 21.50
C ALA Z 54 28.07 -5.68 20.46
N ASN Z 55 27.20 -6.58 20.89
CA ASN Z 55 26.67 -7.62 20.03
C ASN Z 55 25.39 -7.25 19.28
N GLY Z 56 25.24 -7.81 18.08
CA GLY Z 56 24.07 -7.57 17.26
C GLY Z 56 24.48 -7.40 15.80
N PHE Z 57 24.51 -6.15 15.35
CA PHE Z 57 24.93 -5.85 13.99
C PHE Z 57 26.41 -5.51 14.05
N ALA Z 58 27.24 -6.47 13.62
CA ALA Z 58 28.70 -6.33 13.65
C ALA Z 58 29.27 -4.98 13.27
N ALA Z 59 28.84 -4.44 12.12
CA ALA Z 59 29.34 -3.15 11.68
C ALA Z 59 29.08 -2.07 12.75
N ASP Z 60 27.93 -2.17 13.42
CA ASP Z 60 27.62 -1.20 14.45
C ASP Z 60 28.41 -1.48 15.70
N GLY Z 61 28.54 -2.76 16.06
CA GLY Z 61 29.30 -3.12 17.23
C GLY Z 61 30.73 -2.65 17.10
N ASP Z 62 31.32 -2.84 15.92
CA ASP Z 62 32.70 -2.43 15.68
C ASP Z 62 32.90 -0.92 15.82
N ALA Z 63 32.02 -0.16 15.18
CA ALA Z 63 32.11 1.29 15.22
C ALA Z 63 32.03 1.80 16.67
N LEU Z 64 31.15 1.20 17.47
CA LEU Z 64 31.00 1.64 18.85
C LEU Z 64 32.24 1.35 19.67
N VAL Z 65 32.71 0.10 19.61
CA VAL Z 65 33.91 -0.27 20.36
C VAL Z 65 35.02 0.70 19.96
N LYS Z 66 35.28 0.77 18.66
CA LYS Z 66 36.29 1.66 18.11
C LYS Z 66 36.18 3.06 18.70
N ARG Z 67 34.98 3.63 18.67
CA ARG Z 67 34.75 4.97 19.22
C ARG Z 67 35.03 5.04 20.72
N PHE Z 68 34.56 4.05 21.48
CA PHE Z 68 34.81 4.04 22.92
C PHE Z 68 36.30 3.92 23.24
N LYS Z 69 37.02 3.06 22.52
CA LYS Z 69 38.45 2.92 22.74
C LYS Z 69 39.08 4.28 22.53
N ASN Z 70 38.69 4.95 21.46
CA ASN Z 70 39.23 6.27 21.17
C ASN Z 70 38.82 7.24 22.26
N SER Z 71 37.72 6.93 22.92
CA SER Z 71 37.21 7.77 23.99
C SER Z 71 38.20 7.72 25.12
N VAL Z 72 38.57 6.50 25.52
CA VAL Z 72 39.54 6.26 26.60
C VAL Z 72 40.86 6.98 26.30
N LYS Z 73 41.32 6.86 25.06
CA LYS Z 73 42.55 7.48 24.62
C LYS Z 73 42.53 8.98 24.91
N TRP Z 74 41.47 9.65 24.48
CA TRP Z 74 41.37 11.10 24.73
C TRP Z 74 41.05 11.44 26.18
N TYR Z 75 40.51 10.49 26.92
CA TYR Z 75 40.23 10.76 28.32
C TYR Z 75 41.60 10.99 28.98
N HIS Z 76 42.57 10.15 28.61
CA HIS Z 76 43.91 10.27 29.17
C HIS Z 76 44.57 11.59 28.76
N PHE Z 77 44.52 11.90 27.46
CA PHE Z 77 45.09 13.13 26.95
C PHE Z 77 44.53 14.37 27.65
N ASP Z 78 43.21 14.43 27.79
CA ASP Z 78 42.54 15.58 28.39
C ASP Z 78 42.49 15.67 29.90
N HIS Z 79 42.72 14.56 30.59
CA HIS Z 79 42.65 14.62 32.05
C HIS Z 79 43.85 14.07 32.79
N ASN Z 80 45.04 14.30 32.24
CA ASN Z 80 46.26 13.87 32.90
C ASN Z 80 46.28 12.38 33.16
N ASP Z 81 46.27 11.60 32.09
CA ASP Z 81 46.30 10.14 32.20
C ASP Z 81 45.44 9.51 33.28
N LYS Z 82 44.47 10.23 33.82
CA LYS Z 82 43.61 9.66 34.85
C LYS Z 82 42.99 8.35 34.35
N LYS Z 83 42.75 7.41 35.27
CA LYS Z 83 42.17 6.14 34.90
C LYS Z 83 40.65 6.32 34.83
N LEU Z 84 40.06 5.79 33.77
CA LEU Z 84 38.62 5.88 33.56
C LEU Z 84 37.91 4.81 34.38
N SER Z 85 37.28 5.23 35.46
CA SER Z 85 36.56 4.29 36.31
C SER Z 85 35.49 3.66 35.44
N ILE Z 86 35.04 2.46 35.80
CA ILE Z 86 34.04 1.79 35.00
C ILE Z 86 32.67 2.46 34.98
N ASN Z 87 32.32 3.17 36.05
CA ASN Z 87 31.04 3.86 36.09
C ASN Z 87 31.09 5.05 35.15
N SER Z 88 32.29 5.60 34.96
CA SER Z 88 32.46 6.73 34.08
C SER Z 88 32.39 6.25 32.63
N ALA Z 89 32.96 5.09 32.37
CA ALA Z 89 32.94 4.50 31.03
C ALA Z 89 31.49 4.20 30.64
N ALA Z 90 30.71 3.74 31.62
CA ALA Z 90 29.32 3.43 31.40
C ALA Z 90 28.54 4.67 30.98
N ARG Z 91 28.68 5.76 31.75
CA ARG Z 91 27.97 6.99 31.40
C ARG Z 91 28.40 7.52 30.04
N ASN Z 92 29.67 7.34 29.71
CA ASN Z 92 30.20 7.81 28.44
C ASN Z 92 29.57 7.01 27.30
N ILE Z 93 29.50 5.70 27.48
CA ILE Z 93 28.91 4.85 26.46
C ILE Z 93 27.45 5.23 26.24
N GLN Z 94 26.76 5.65 27.31
CA GLN Z 94 25.37 6.04 27.17
C GLN Z 94 25.25 7.20 26.18
N HIS Z 95 26.16 8.16 26.27
CA HIS Z 95 26.13 9.29 25.38
C HIS Z 95 26.52 8.89 23.97
N LEU Z 96 27.41 7.92 23.85
CA LEU Z 96 27.82 7.44 22.54
C LEU Z 96 26.61 6.81 21.86
N LEU Z 97 25.85 6.05 22.64
CA LEU Z 97 24.67 5.37 22.12
C LEU Z 97 23.52 6.33 21.86
N TYR Z 98 23.17 7.13 22.84
CA TYR Z 98 22.06 8.07 22.67
C TYR Z 98 22.36 9.08 21.56
N GLY Z 99 23.64 9.28 21.28
CA GLY Z 99 24.02 10.21 20.23
C GLY Z 99 23.37 9.82 18.92
N LYS Z 100 23.10 8.52 18.75
CA LYS Z 100 22.46 7.98 17.55
C LYS Z 100 21.04 7.48 17.87
N ARG Z 101 20.33 8.24 18.71
CA ARG Z 101 18.99 7.90 19.14
C ARG Z 101 18.02 7.74 17.99
N PHE Z 102 18.30 8.42 16.88
CA PHE Z 102 17.42 8.35 15.73
C PHE Z 102 17.99 7.59 14.53
N PHE Z 103 18.99 6.76 14.80
CA PHE Z 103 19.64 5.91 13.81
C PHE Z 103 20.55 5.07 14.70
N PRO Z 104 19.93 4.32 15.63
CA PRO Z 104 20.60 3.47 16.60
C PRO Z 104 21.67 2.53 16.11
N TYR Z 105 22.59 2.21 17.01
CA TYR Z 105 23.61 1.23 16.73
C TYR Z 105 22.79 -0.01 17.09
N TYR Z 106 22.66 -0.94 16.16
CA TYR Z 106 21.86 -2.12 16.41
C TYR Z 106 22.65 -3.15 17.24
N VAL Z 107 22.95 -2.79 18.47
CA VAL Z 107 23.67 -3.68 19.36
C VAL Z 107 23.24 -3.60 20.82
N HIS Z 108 23.40 -4.72 21.50
CA HIS Z 108 23.13 -4.83 22.93
C HIS Z 108 24.59 -4.84 23.38
N THR Z 109 25.02 -3.82 24.12
CA THR Z 109 26.39 -3.78 24.56
C THR Z 109 26.56 -4.05 26.06
N ILE Z 110 27.64 -4.76 26.39
CA ILE Z 110 27.96 -5.10 27.78
C ILE Z 110 29.43 -4.79 28.05
N ILE Z 111 29.74 -4.32 29.25
CA ILE Z 111 31.12 -4.03 29.65
C ILE Z 111 31.35 -4.53 31.07
N ALA Z 112 32.57 -4.96 31.36
CA ALA Z 112 32.92 -5.48 32.68
C ALA Z 112 34.27 -4.99 33.19
N GLY Z 113 34.42 -5.02 34.51
CA GLY Z 113 35.66 -4.58 35.14
C GLY Z 113 35.51 -4.53 36.65
N LEU Z 114 36.27 -3.65 37.30
CA LEU Z 114 36.20 -3.52 38.75
C LEU Z 114 35.80 -2.10 39.08
N ASP Z 115 34.90 -1.93 40.04
CA ASP Z 115 34.50 -0.58 40.40
C ASP Z 115 35.62 0.04 41.23
N GLU Z 116 35.33 1.17 41.86
CA GLU Z 116 36.34 1.87 42.63
C GLU Z 116 36.61 1.34 44.05
N ASP Z 117 35.93 0.27 44.42
CA ASP Z 117 36.13 -0.36 45.73
C ASP Z 117 36.77 -1.69 45.48
N GLY Z 118 37.16 -1.93 44.23
CA GLY Z 118 37.80 -3.18 43.86
C GLY Z 118 36.85 -4.30 43.47
N LYS Z 119 35.58 -4.18 43.83
CA LYS Z 119 34.57 -5.20 43.51
C LYS Z 119 34.32 -5.38 42.00
N GLY Z 120 33.84 -6.57 41.63
CA GLY Z 120 33.55 -6.86 40.24
C GLY Z 120 32.32 -6.10 39.79
N ALA Z 121 32.33 -5.65 38.54
CA ALA Z 121 31.20 -4.87 38.02
C ALA Z 121 30.83 -5.18 36.56
N VAL Z 122 29.53 -5.20 36.31
CA VAL Z 122 29.01 -5.44 34.97
C VAL Z 122 27.95 -4.40 34.68
N TYR Z 123 28.05 -3.82 33.49
CA TYR Z 123 27.10 -2.81 33.02
C TYR Z 123 26.58 -3.23 31.65
N SER Z 124 25.26 -3.24 31.48
CA SER Z 124 24.67 -3.62 30.20
C SER Z 124 23.88 -2.44 29.64
N PHE Z 125 23.91 -2.30 28.31
CA PHE Z 125 23.23 -1.19 27.66
C PHE Z 125 22.09 -1.51 26.69
N ASP Z 126 21.26 -0.50 26.49
CA ASP Z 126 20.12 -0.51 25.60
C ASP Z 126 20.69 -0.25 24.21
N PRO Z 127 19.92 -0.52 23.15
CA PRO Z 127 20.57 -0.20 21.87
C PRO Z 127 20.68 1.33 21.77
N VAL Z 128 19.86 2.04 22.54
CA VAL Z 128 19.91 3.50 22.51
C VAL Z 128 20.39 4.17 23.80
N GLY Z 129 21.19 3.46 24.59
CA GLY Z 129 21.74 4.08 25.77
C GLY Z 129 21.18 3.88 27.18
N SER Z 130 20.12 3.12 27.35
CA SER Z 130 19.63 2.91 28.71
C SER Z 130 20.64 1.98 29.36
N TYR Z 131 20.99 2.23 30.62
CA TYR Z 131 21.96 1.36 31.27
C TYR Z 131 21.74 1.17 32.76
N GLU Z 132 22.15 0.00 33.25
CA GLU Z 132 21.98 -0.40 34.64
C GLU Z 132 23.21 -1.23 35.01
N ARG Z 133 23.57 -1.24 36.29
CA ARG Z 133 24.68 -2.09 36.71
C ARG Z 133 23.99 -3.33 37.26
N GLU Z 134 24.51 -4.49 36.92
CA GLU Z 134 23.91 -5.74 37.35
C GLU Z 134 24.97 -6.75 37.75
N GLN Z 135 24.53 -7.82 38.42
CA GLN Z 135 25.44 -8.86 38.85
C GLN Z 135 25.86 -9.69 37.65
N CYS Z 136 24.93 -9.85 36.71
CA CYS Z 136 25.21 -10.64 35.51
C CYS Z 136 24.20 -10.27 34.42
N ARG Z 137 24.57 -10.53 33.16
CA ARG Z 137 23.71 -10.23 32.04
C ARG Z 137 24.14 -10.97 30.77
N ALA Z 138 23.16 -11.57 30.09
CA ALA Z 138 23.44 -12.25 28.84
C ALA Z 138 22.83 -11.36 27.77
N GLY Z 139 23.50 -11.27 26.62
CA GLY Z 139 23.01 -10.44 25.54
C GLY Z 139 23.19 -11.13 24.20
N GLY Z 140 22.38 -10.74 23.23
CA GLY Z 140 22.51 -11.35 21.91
C GLY Z 140 21.50 -12.45 21.60
N ALA Z 141 21.78 -13.17 20.52
CA ALA Z 141 20.93 -14.24 20.02
C ALA Z 141 20.30 -15.19 21.05
N ALA Z 142 21.12 -15.79 21.89
CA ALA Z 142 20.62 -16.75 22.87
C ALA Z 142 20.37 -16.18 24.26
N ALA Z 143 20.37 -14.86 24.37
CA ALA Z 143 20.14 -14.19 25.65
C ALA Z 143 18.91 -14.69 26.39
N SER Z 144 17.84 -14.98 25.65
CA SER Z 144 16.60 -15.45 26.27
C SER Z 144 16.77 -16.87 26.82
N LEU Z 145 17.77 -17.59 26.32
CA LEU Z 145 18.03 -18.93 26.81
C LEU Z 145 18.89 -18.86 28.06
N ILE Z 146 19.93 -18.01 28.03
CA ILE Z 146 20.86 -17.85 29.16
C ILE Z 146 20.32 -17.13 30.40
N MET Z 147 19.86 -15.88 30.25
CA MET Z 147 19.37 -15.11 31.40
C MET Z 147 18.56 -15.89 32.45
N PRO Z 148 17.61 -16.75 32.03
CA PRO Z 148 16.84 -17.49 33.03
C PRO Z 148 17.77 -18.32 33.91
N PHE Z 149 18.70 -19.01 33.25
CA PHE Z 149 19.68 -19.85 33.92
C PHE Z 149 20.50 -19.04 34.90
N LEU Z 150 20.96 -17.87 34.47
CA LEU Z 150 21.76 -16.98 35.28
C LEU Z 150 21.04 -16.42 36.51
N ASP Z 151 19.73 -16.20 36.41
CA ASP Z 151 18.98 -15.66 37.55
C ASP Z 151 18.92 -16.73 38.62
N ASN Z 152 18.81 -17.97 38.17
CA ASN Z 152 18.73 -19.10 39.06
C ASN Z 152 20.08 -19.44 39.70
N GLN Z 153 21.11 -19.61 38.86
CA GLN Z 153 22.43 -19.99 39.33
C GLN Z 153 23.35 -18.88 39.84
N VAL Z 154 23.04 -17.62 39.57
CA VAL Z 154 23.90 -16.55 40.06
C VAL Z 154 23.23 -15.74 41.17
N ASN Z 155 21.93 -15.51 41.06
CA ASN Z 155 21.21 -14.75 42.08
C ASN Z 155 20.25 -15.63 42.86
N PHE Z 156 20.43 -16.94 42.71
CA PHE Z 156 19.64 -17.97 43.38
C PHE Z 156 18.14 -17.67 43.46
N LYS Z 157 17.56 -17.32 42.30
CA LYS Z 157 16.15 -17.01 42.25
C LYS Z 157 15.31 -18.28 42.31
N ASN Z 158 14.15 -18.19 42.97
CA ASN Z 158 13.25 -19.33 43.11
C ASN Z 158 13.81 -20.50 43.89
N GLN Z 159 14.95 -20.28 44.54
CA GLN Z 159 15.56 -21.32 45.36
C GLN Z 159 15.35 -21.00 46.83
N TYR Z 160 15.03 -22.01 47.61
CA TYR Z 160 14.80 -21.82 49.03
C TYR Z 160 15.62 -22.76 49.89
N GLU Z 161 15.50 -22.56 51.20
CA GLU Z 161 16.20 -23.41 52.16
C GLU Z 161 15.39 -24.67 52.36
N PRO Z 162 15.95 -25.84 51.99
CA PRO Z 162 15.19 -27.06 52.17
C PRO Z 162 14.55 -27.11 53.56
N GLY Z 163 13.36 -27.67 53.65
CA GLY Z 163 12.69 -27.76 54.94
C GLY Z 163 12.21 -26.48 55.58
N THR Z 164 12.49 -25.32 54.99
CA THR Z 164 12.02 -24.07 55.59
C THR Z 164 10.61 -23.71 55.14
N ASN Z 165 10.01 -24.61 54.36
CA ASN Z 165 8.65 -24.40 53.84
C ASN Z 165 8.64 -23.16 52.96
N GLY Z 166 9.66 -23.02 52.12
CA GLY Z 166 9.73 -21.86 51.25
C GLY Z 166 9.54 -20.54 51.97
N LYS Z 167 10.10 -20.43 53.17
CA LYS Z 167 10.00 -19.21 53.97
C LYS Z 167 11.35 -18.52 54.10
N VAL Z 168 12.41 -19.24 53.78
CA VAL Z 168 13.76 -18.67 53.85
C VAL Z 168 14.40 -18.85 52.48
N LYS Z 169 14.74 -17.73 51.86
CA LYS Z 169 15.37 -17.75 50.54
C LYS Z 169 16.80 -18.22 50.68
N LYS Z 170 17.31 -18.89 49.66
CA LYS Z 170 18.69 -19.33 49.70
C LYS Z 170 19.51 -18.06 49.82
N PRO Z 171 20.49 -18.03 50.75
CA PRO Z 171 21.33 -16.86 50.95
C PRO Z 171 22.10 -16.52 49.67
N LEU Z 172 22.58 -15.28 49.57
CA LEU Z 172 23.31 -14.82 48.40
C LEU Z 172 24.82 -15.03 48.39
N LYS Z 173 25.29 -16.16 48.92
CA LYS Z 173 26.72 -16.46 48.95
C LYS Z 173 27.31 -16.05 47.60
N TYR Z 174 28.61 -15.76 47.54
CA TYR Z 174 29.12 -15.40 46.24
C TYR Z 174 30.05 -16.34 45.51
N LEU Z 175 29.98 -16.27 44.19
CA LEU Z 175 30.73 -17.14 43.31
C LEU Z 175 32.19 -16.81 43.09
N SER Z 176 32.96 -17.88 42.97
CA SER Z 176 34.40 -17.80 42.74
C SER Z 176 34.63 -17.79 41.24
N VAL Z 177 35.80 -17.32 40.82
CA VAL Z 177 36.10 -17.27 39.40
C VAL Z 177 35.97 -18.66 38.75
N GLU Z 178 36.18 -19.70 39.54
CA GLU Z 178 36.10 -21.07 39.02
C GLU Z 178 34.66 -21.51 38.83
N GLU Z 179 33.82 -21.21 39.83
CA GLU Z 179 32.41 -21.59 39.76
C GLU Z 179 31.71 -20.76 38.66
N VAL Z 180 32.23 -19.56 38.43
CA VAL Z 180 31.68 -18.68 37.41
C VAL Z 180 32.02 -19.26 36.04
N ILE Z 181 33.28 -19.58 35.80
CA ILE Z 181 33.65 -20.13 34.51
C ILE Z 181 32.93 -21.45 34.18
N LYS Z 182 32.41 -22.12 35.20
CA LYS Z 182 31.68 -23.37 34.97
C LYS Z 182 30.32 -22.99 34.42
N LEU Z 183 29.69 -21.99 35.06
CA LEU Z 183 28.39 -21.52 34.62
C LEU Z 183 28.50 -21.01 33.18
N VAL Z 184 29.50 -20.17 32.93
CA VAL Z 184 29.73 -19.61 31.61
C VAL Z 184 29.78 -20.71 30.54
N ARG Z 185 30.66 -21.68 30.72
CA ARG Z 185 30.81 -22.75 29.73
C ARG Z 185 29.56 -23.58 29.53
N ASP Z 186 28.80 -23.80 30.59
CA ASP Z 186 27.57 -24.58 30.47
C ASP Z 186 26.55 -23.76 29.71
N SER Z 187 26.44 -22.49 30.08
CA SER Z 187 25.50 -21.60 29.42
C SER Z 187 25.74 -21.62 27.91
N PHE Z 188 27.01 -21.59 27.52
CA PHE Z 188 27.33 -21.59 26.10
C PHE Z 188 27.18 -22.92 25.38
N THR Z 189 27.36 -24.03 26.08
CA THR Z 189 27.19 -25.32 25.41
C THR Z 189 25.69 -25.56 25.29
N SER Z 190 24.93 -25.04 26.25
CA SER Z 190 23.47 -25.17 26.24
C SER Z 190 22.92 -24.32 25.12
N ALA Z 191 23.40 -23.10 25.02
CA ALA Z 191 22.93 -22.22 23.97
C ALA Z 191 23.31 -22.77 22.61
N THR Z 192 24.48 -23.39 22.50
CA THR Z 192 24.93 -23.96 21.23
C THR Z 192 24.07 -25.15 20.79
N GLU Z 193 23.48 -25.83 21.76
CA GLU Z 193 22.63 -26.98 21.49
C GLU Z 193 21.32 -26.59 20.83
N ARG Z 194 20.69 -25.53 21.33
CA ARG Z 194 19.40 -25.06 20.82
C ARG Z 194 19.36 -23.86 19.88
N HIS Z 195 20.42 -23.07 19.81
CA HIS Z 195 20.40 -21.91 18.93
C HIS Z 195 21.37 -22.11 17.79
N ILE Z 196 20.87 -21.97 16.57
CA ILE Z 196 21.71 -22.20 15.40
C ILE Z 196 22.71 -21.08 15.11
N GLN Z 197 22.60 -19.95 15.81
CA GLN Z 197 23.53 -18.84 15.57
C GLN Z 197 24.64 -18.82 16.61
N VAL Z 198 24.73 -19.87 17.40
CA VAL Z 198 25.74 -19.96 18.44
C VAL Z 198 26.56 -21.23 18.36
N GLY Z 199 27.88 -21.07 18.36
CA GLY Z 199 28.77 -22.22 18.28
C GLY Z 199 30.21 -21.89 17.91
N ASP Z 200 30.95 -22.88 17.39
CA ASP Z 200 32.34 -22.73 16.98
C ASP Z 200 33.38 -22.55 18.09
N GLY Z 201 33.19 -21.55 18.92
CA GLY Z 201 34.12 -21.31 20.02
C GLY Z 201 33.65 -20.31 21.05
N LEU Z 202 34.17 -20.43 22.26
CA LEU Z 202 33.82 -19.55 23.37
C LEU Z 202 35.09 -18.87 23.89
N GLU Z 203 35.10 -17.54 23.90
CA GLU Z 203 36.26 -16.81 24.37
C GLU Z 203 35.87 -15.96 25.58
N ILE Z 204 36.57 -16.17 26.69
CA ILE Z 204 36.29 -15.45 27.92
C ILE Z 204 37.42 -14.50 28.28
N LEU Z 205 37.06 -13.31 28.75
CA LEU Z 205 38.05 -12.33 29.20
C LEU Z 205 37.76 -12.14 30.67
N ILE Z 206 38.78 -12.32 31.51
CA ILE Z 206 38.62 -12.18 32.94
C ILE Z 206 39.37 -10.96 33.46
N VAL Z 207 38.68 -10.18 34.28
CA VAL Z 207 39.26 -8.97 34.82
C VAL Z 207 39.47 -9.05 36.32
N THR Z 208 40.68 -8.71 36.75
CA THR Z 208 41.06 -8.70 38.16
C THR Z 208 41.98 -7.50 38.35
N LYS Z 209 42.32 -7.21 39.61
CA LYS Z 209 43.20 -6.10 39.91
C LYS Z 209 44.60 -6.32 39.35
N ASP Z 210 44.76 -7.34 38.51
CA ASP Z 210 46.07 -7.63 37.92
C ASP Z 210 46.00 -7.52 36.42
N GLY Z 211 44.81 -7.21 35.92
CA GLY Z 211 44.64 -7.07 34.48
C GLY Z 211 43.58 -7.93 33.84
N VAL Z 212 43.82 -8.25 32.57
CA VAL Z 212 42.90 -9.02 31.76
C VAL Z 212 43.49 -10.34 31.22
N ARG Z 213 42.92 -11.47 31.64
CA ARG Z 213 43.36 -12.78 31.16
C ARG Z 213 42.30 -13.34 30.20
N LYS Z 214 42.72 -14.22 29.29
CA LYS Z 214 41.81 -14.83 28.32
C LYS Z 214 41.89 -16.36 28.26
N GLU Z 215 40.73 -17.01 28.23
CA GLU Z 215 40.63 -18.46 28.14
C GLU Z 215 39.76 -18.75 26.91
N PHE Z 216 40.06 -19.81 26.17
CA PHE Z 216 39.27 -20.16 24.98
C PHE Z 216 38.85 -21.63 24.99
N TYR Z 217 37.65 -21.90 24.51
CA TYR Z 217 37.13 -23.26 24.45
C TYR Z 217 36.38 -23.51 23.17
N GLU Z 218 36.46 -24.74 22.68
CA GLU Z 218 35.76 -25.14 21.48
C GLU Z 218 34.27 -25.30 21.78
N LEU Z 219 33.44 -25.12 20.75
CA LEU Z 219 32.00 -25.31 20.85
C LEU Z 219 31.63 -26.09 19.59
N LYS Z 220 30.50 -26.79 19.60
CA LYS Z 220 30.10 -27.56 18.42
C LYS Z 220 30.00 -26.69 17.17
N ARG Z 221 30.55 -27.20 16.06
CA ARG Z 221 30.57 -26.46 14.80
C ARG Z 221 29.45 -26.72 13.80
N ASP Z 222 28.32 -27.26 14.25
CA ASP Z 222 27.20 -27.51 13.34
C ASP Z 222 26.21 -26.33 13.25
N THR AA 1 20.55 5.65 -1.33
CA THR AA 1 20.08 4.28 -1.65
C THR AA 1 20.02 4.11 -3.14
N GLN AA 2 20.37 2.93 -3.62
CA GLN AA 2 20.38 2.67 -5.03
C GLN AA 2 20.01 1.22 -5.29
N GLN AA 3 20.47 0.70 -6.40
CA GLN AA 3 20.24 -0.66 -6.81
C GLN AA 3 21.31 -0.95 -7.84
N PRO AA 4 21.96 -2.11 -7.73
CA PRO AA 4 23.03 -2.54 -8.64
C PRO AA 4 22.57 -2.74 -10.07
N ILE AA 5 23.38 -2.33 -11.04
CA ILE AA 5 23.03 -2.53 -12.44
C ILE AA 5 23.99 -3.54 -13.07
N VAL AA 6 25.19 -3.13 -13.47
CA VAL AA 6 26.12 -4.09 -14.04
C VAL AA 6 26.80 -4.76 -12.84
N THR AA 7 26.69 -6.09 -12.72
CA THR AA 7 27.26 -6.80 -11.57
C THR AA 7 28.26 -7.92 -11.81
N GLY AA 8 29.06 -8.17 -10.78
CA GLY AA 8 30.06 -9.22 -10.83
C GLY AA 8 29.69 -10.18 -9.72
N THR AA 9 29.75 -11.48 -10.02
CA THR AA 9 29.41 -12.50 -9.05
C THR AA 9 30.56 -12.83 -8.09
N SER AA 10 30.50 -14.02 -7.50
CA SER AA 10 31.47 -14.53 -6.52
C SER AA 10 32.94 -14.13 -6.58
N VAL AA 11 33.55 -14.07 -5.41
CA VAL AA 11 34.97 -13.79 -5.24
C VAL AA 11 35.39 -14.78 -4.14
N ILE AA 12 36.11 -15.83 -4.53
CA ILE AA 12 36.55 -16.81 -3.55
C ILE AA 12 38.03 -16.63 -3.21
N SER AA 13 38.42 -17.07 -2.02
CA SER AA 13 39.79 -16.92 -1.57
C SER AA 13 40.06 -17.72 -0.32
N MET AA 14 41.32 -18.08 -0.12
CA MET AA 14 41.75 -18.84 1.06
C MET AA 14 43.23 -18.54 1.29
N LYS AA 15 43.71 -18.88 2.47
CA LYS AA 15 45.10 -18.66 2.79
C LYS AA 15 45.85 -19.98 3.03
N TYR AA 16 47.03 -20.15 2.43
CA TYR AA 16 47.82 -21.36 2.65
C TYR AA 16 49.04 -21.03 3.53
N ASP AA 17 49.97 -21.97 3.67
CA ASP AA 17 51.15 -21.76 4.52
C ASP AA 17 52.03 -20.54 4.23
N ASN AA 18 52.24 -20.20 2.97
CA ASN AA 18 53.12 -19.08 2.63
C ASN AA 18 52.43 -17.80 2.17
N GLY AA 19 51.16 -17.88 1.83
CA GLY AA 19 50.47 -16.69 1.37
C GLY AA 19 48.97 -16.83 1.32
N VAL AA 20 48.39 -16.31 0.24
CA VAL AA 20 46.95 -16.34 0.06
C VAL AA 20 46.62 -16.38 -1.43
N ILE AA 21 45.45 -16.93 -1.76
CA ILE AA 21 45.02 -17.00 -3.15
C ILE AA 21 43.61 -16.41 -3.23
N ILE AA 22 43.34 -15.74 -4.35
CA ILE AA 22 42.04 -15.12 -4.55
C ILE AA 22 41.72 -15.19 -6.04
N ALA AA 23 40.46 -15.49 -6.38
CA ALA AA 23 40.06 -15.58 -7.77
C ALA AA 23 38.67 -14.99 -8.00
N ALA AA 24 38.35 -14.73 -9.27
CA ALA AA 24 37.06 -14.18 -9.66
C ALA AA 24 36.91 -14.23 -11.18
N ASP AA 25 35.74 -14.66 -11.67
CA ASP AA 25 35.54 -14.71 -13.11
C ASP AA 25 35.47 -13.31 -13.71
N ASN AA 26 35.65 -13.22 -15.02
CA ASN AA 26 35.66 -11.93 -15.70
C ASN AA 26 34.33 -11.52 -16.29
N LEU AA 27 33.25 -11.81 -15.60
CA LEU AA 27 31.92 -11.47 -16.11
C LEU AA 27 31.30 -10.21 -15.49
N GLY AA 28 30.65 -9.44 -16.34
CA GLY AA 28 29.96 -8.23 -15.92
C GLY AA 28 28.53 -8.47 -16.37
N SER AA 29 27.68 -8.89 -15.44
CA SER AA 29 26.28 -9.18 -15.74
C SER AA 29 25.39 -7.96 -15.69
N TYR AA 30 24.27 -8.06 -16.38
CA TYR AA 30 23.29 -6.98 -16.44
C TYR AA 30 21.96 -7.71 -16.34
N GLY AA 31 21.59 -8.09 -15.12
CA GLY AA 31 20.38 -8.85 -14.93
C GLY AA 31 20.72 -10.25 -15.36
N SER AA 32 19.87 -10.86 -16.18
CA SER AA 32 20.15 -12.20 -16.65
C SER AA 32 20.96 -12.16 -17.96
N LEU AA 33 21.37 -10.97 -18.38
CA LEU AA 33 22.17 -10.80 -19.58
C LEU AA 33 23.64 -10.82 -19.21
N LEU AA 34 24.35 -11.85 -19.70
CA LEU AA 34 25.78 -11.99 -19.44
C LEU AA 34 26.44 -11.05 -20.45
N ARG AA 35 26.36 -9.75 -20.14
CA ARG AA 35 26.83 -8.67 -21.00
C ARG AA 35 28.31 -8.40 -21.27
N PHE AA 36 29.16 -8.39 -20.24
CA PHE AA 36 30.57 -8.09 -20.45
C PHE AA 36 31.52 -9.20 -20.04
N ASN AA 37 32.42 -9.59 -20.93
CA ASN AA 37 33.35 -10.67 -20.62
C ASN AA 37 34.81 -10.36 -20.38
N GLY AA 38 35.22 -9.12 -20.60
CA GLY AA 38 36.62 -8.81 -20.37
C GLY AA 38 36.75 -7.98 -19.11
N VAL AA 39 35.95 -8.32 -18.10
CA VAL AA 39 35.95 -7.56 -16.84
C VAL AA 39 36.86 -8.11 -15.76
N GLU AA 40 37.92 -7.37 -15.46
CA GLU AA 40 38.86 -7.80 -14.42
C GLU AA 40 38.33 -7.32 -13.07
N ARG AA 41 38.06 -8.27 -12.18
CA ARG AA 41 37.54 -7.94 -10.89
C ARG AA 41 38.54 -8.15 -9.76
N LEU AA 42 39.80 -8.38 -10.14
CA LEU AA 42 40.87 -8.55 -9.15
C LEU AA 42 41.76 -7.33 -9.32
N ILE AA 43 41.93 -6.57 -8.24
CA ILE AA 43 42.73 -5.35 -8.28
C ILE AA 43 43.96 -5.38 -7.40
N PRO AA 44 45.14 -5.42 -8.02
CA PRO AA 44 46.40 -5.44 -7.26
C PRO AA 44 46.78 -4.03 -6.80
N VAL AA 45 47.19 -3.91 -5.55
CA VAL AA 45 47.61 -2.63 -5.03
C VAL AA 45 49.04 -2.83 -4.54
N GLY AA 46 49.99 -2.27 -5.28
CA GLY AA 46 51.37 -2.48 -4.92
C GLY AA 46 51.67 -3.90 -5.40
N ASP AA 47 52.39 -4.67 -4.59
CA ASP AA 47 52.74 -6.03 -4.97
C ASP AA 47 52.67 -6.97 -3.78
N ASN AA 48 51.80 -6.65 -2.83
CA ASN AA 48 51.61 -7.49 -1.66
C ASN AA 48 50.12 -7.55 -1.34
N THR AA 49 49.31 -6.94 -2.20
CA THR AA 49 47.87 -6.92 -2.00
C THR AA 49 47.06 -7.02 -3.30
N VAL AA 50 45.97 -7.78 -3.23
CA VAL AA 50 45.04 -7.92 -4.34
C VAL AA 50 43.64 -7.77 -3.73
N VAL AA 51 42.82 -6.90 -4.32
CA VAL AA 51 41.47 -6.65 -3.84
C VAL AA 51 40.48 -7.23 -4.82
N GLY AA 52 39.70 -8.20 -4.36
CA GLY AA 52 38.68 -8.82 -5.20
C GLY AA 52 37.35 -8.15 -4.89
N ILE AA 53 36.64 -7.71 -5.92
CA ILE AA 53 35.37 -7.03 -5.74
C ILE AA 53 34.21 -7.66 -6.50
N SER AA 54 33.04 -7.71 -5.86
CA SER AA 54 31.84 -8.24 -6.50
C SER AA 54 30.69 -7.26 -6.23
N GLY AA 55 29.70 -7.26 -7.11
CA GLY AA 55 28.60 -6.34 -6.93
C GLY AA 55 28.53 -5.36 -8.08
N ASP AA 56 28.09 -4.14 -7.80
CA ASP AA 56 27.96 -3.11 -8.82
C ASP AA 56 29.32 -2.77 -9.44
N ILE AA 57 29.42 -2.98 -10.75
CA ILE AA 57 30.67 -2.72 -11.47
C ILE AA 57 31.05 -1.24 -11.47
N SER AA 58 30.09 -0.34 -11.65
CA SER AA 58 30.42 1.09 -11.65
C SER AA 58 31.03 1.46 -10.29
N ASP AA 59 30.47 0.90 -9.21
CA ASP AA 59 30.99 1.17 -7.88
C ASP AA 59 32.36 0.53 -7.72
N MET AA 60 32.56 -0.63 -8.36
CA MET AA 60 33.87 -1.28 -8.28
C MET AA 60 34.92 -0.39 -8.94
N GLN AA 61 34.57 0.18 -10.10
CA GLN AA 61 35.48 1.05 -10.82
C GLN AA 61 35.77 2.29 -10.00
N HIS AA 62 34.82 2.72 -9.17
CA HIS AA 62 35.04 3.89 -8.32
C HIS AA 62 36.08 3.53 -7.26
N ILE AA 63 35.91 2.36 -6.66
CA ILE AA 63 36.82 1.87 -5.63
C ILE AA 63 38.21 1.68 -6.22
N GLU AA 64 38.22 1.33 -7.50
CA GLU AA 64 39.46 1.11 -8.25
C GLU AA 64 40.23 2.43 -8.37
N ARG AA 65 39.49 3.50 -8.65
CA ARG AA 65 40.06 4.83 -8.80
C ARG AA 65 40.50 5.36 -7.43
N LEU AA 66 39.89 4.85 -6.36
CA LEU AA 66 40.26 5.29 -5.01
C LEU AA 66 41.57 4.63 -4.65
N LEU AA 67 41.74 3.41 -5.12
CA LEU AA 67 42.94 2.66 -4.83
C LEU AA 67 44.15 3.24 -5.52
N LYS AA 68 44.01 3.62 -6.78
CA LYS AA 68 45.14 4.19 -7.51
C LYS AA 68 45.57 5.46 -6.82
N ASP AA 69 44.64 6.14 -6.17
CA ASP AA 69 44.96 7.36 -5.46
C ASP AA 69 45.69 7.08 -4.18
N LEU AA 70 45.20 6.11 -3.42
CA LEU AA 70 45.86 5.77 -2.19
C LEU AA 70 47.33 5.50 -2.48
N VAL AA 71 47.60 4.94 -3.65
CA VAL AA 71 48.97 4.65 -4.08
C VAL AA 71 49.73 5.95 -4.36
N THR AA 72 49.21 6.74 -5.30
CA THR AA 72 49.80 8.03 -5.68
C THR AA 72 50.09 8.88 -4.45
N GLU AA 73 49.08 8.97 -3.59
CA GLU AA 73 49.16 9.77 -2.37
C GLU AA 73 50.21 9.25 -1.38
N ASN AA 74 50.34 7.93 -1.28
CA ASN AA 74 51.31 7.33 -0.37
C ASN AA 74 52.72 7.65 -0.83
N ALA AA 75 52.91 7.67 -2.16
CA ALA AA 75 54.22 7.96 -2.73
C ALA AA 75 54.68 9.38 -2.42
N TYR AA 76 53.74 10.29 -2.15
CA TYR AA 76 54.07 11.69 -1.86
C TYR AA 76 54.94 11.92 -0.62
N ASP AA 77 56.00 12.72 -0.79
CA ASP AA 77 56.91 13.07 0.30
C ASP AA 77 57.25 11.84 1.14
N ASN AA 78 57.30 10.69 0.48
CA ASN AA 78 57.61 9.41 1.13
C ASN AA 78 58.76 8.72 0.42
N PRO AA 79 60.00 9.02 0.85
CA PRO AA 79 61.20 8.42 0.24
C PRO AA 79 61.29 6.90 0.42
N LEU AA 80 60.55 6.37 1.39
CA LEU AA 80 60.52 4.93 1.66
C LEU AA 80 59.23 4.31 1.13
N ALA AA 81 58.67 4.89 0.07
CA ALA AA 81 57.42 4.40 -0.50
C ALA AA 81 57.51 2.97 -1.04
N ASP AA 82 58.66 2.59 -1.56
CA ASP AA 82 58.82 1.24 -2.09
C ASP AA 82 59.49 0.32 -1.07
N ALA AA 83 59.46 0.72 0.19
CA ALA AA 83 60.07 -0.08 1.25
C ALA AA 83 59.23 -0.10 2.53
N GLU AA 84 59.84 0.26 3.66
CA GLU AA 84 59.16 0.27 4.95
C GLU AA 84 57.84 1.04 4.96
N GLU AA 85 57.73 2.07 4.14
CA GLU AA 85 56.51 2.86 4.10
C GLU AA 85 55.62 2.65 2.89
N ALA AA 86 55.54 1.39 2.44
CA ALA AA 86 54.69 1.05 1.31
C ALA AA 86 53.34 0.64 1.89
N LEU AA 87 52.32 0.65 1.06
CA LEU AA 87 50.99 0.31 1.50
C LEU AA 87 50.92 -1.15 1.94
N GLU AA 88 50.42 -1.36 3.16
CA GLU AA 88 50.24 -2.68 3.74
C GLU AA 88 48.82 -3.14 3.40
N PRO AA 89 48.60 -4.46 3.25
CA PRO AA 89 47.25 -4.89 2.93
C PRO AA 89 46.26 -4.45 4.02
N SER AA 90 46.71 -4.47 5.27
CA SER AA 90 45.83 -4.07 6.35
C SER AA 90 45.43 -2.60 6.22
N TYR AA 91 46.35 -1.75 5.74
CA TYR AA 91 46.03 -0.33 5.56
C TYR AA 91 44.96 -0.22 4.49
N ILE AA 92 45.19 -0.87 3.36
CA ILE AA 92 44.26 -0.83 2.26
C ILE AA 92 42.89 -1.28 2.71
N PHE AA 93 42.85 -2.22 3.64
CA PHE AA 93 41.58 -2.73 4.11
C PHE AA 93 40.89 -1.75 5.06
N GLU AA 94 41.57 -1.36 6.13
CA GLU AA 94 41.00 -0.45 7.10
C GLU AA 94 40.40 0.79 6.42
N TYR AA 95 41.08 1.25 5.37
CA TYR AA 95 40.63 2.40 4.61
C TYR AA 95 39.31 2.05 3.92
N LEU AA 96 39.34 1.03 3.04
CA LEU AA 96 38.13 0.60 2.33
C LEU AA 96 36.98 0.34 3.31
N ALA AA 97 37.28 -0.39 4.38
CA ALA AA 97 36.28 -0.70 5.39
C ALA AA 97 35.64 0.61 5.87
N THR AA 98 36.50 1.56 6.23
CA THR AA 98 36.02 2.85 6.71
C THR AA 98 35.04 3.46 5.71
N VAL AA 99 35.46 3.53 4.45
CA VAL AA 99 34.64 4.09 3.40
C VAL AA 99 33.29 3.37 3.32
N MET AA 100 33.33 2.03 3.27
CA MET AA 100 32.11 1.24 3.16
C MET AA 100 31.10 1.57 4.25
N TYR AA 101 31.54 1.65 5.51
CA TYR AA 101 30.63 1.95 6.61
C TYR AA 101 30.06 3.37 6.57
N GLN AA 102 30.89 4.36 6.23
CA GLN AA 102 30.40 5.72 6.16
C GLN AA 102 29.35 5.84 5.08
N ARG AA 103 29.61 5.18 3.95
CA ARG AA 103 28.68 5.20 2.82
C ARG AA 103 27.34 4.53 3.18
N ARG AA 104 27.36 3.44 3.93
CA ARG AA 104 26.08 2.82 4.32
C ARG AA 104 25.46 3.70 5.38
N SER AA 105 26.30 4.40 6.13
CA SER AA 105 25.79 5.26 7.18
C SER AA 105 25.14 6.53 6.63
N LYS AA 106 25.49 6.89 5.39
CA LYS AA 106 24.90 8.05 4.75
C LYS AA 106 23.73 7.55 3.89
N MET AA 107 23.39 6.28 4.07
CA MET AA 107 22.31 5.66 3.31
C MET AA 107 22.52 5.73 1.79
N ASN AA 108 23.78 5.68 1.37
CA ASN AA 108 24.14 5.71 -0.05
C ASN AA 108 25.33 4.74 -0.18
N PRO AA 109 25.05 3.43 -0.09
CA PRO AA 109 26.09 2.41 -0.18
C PRO AA 109 26.77 2.20 -1.51
N LEU AA 110 27.95 1.58 -1.43
CA LEU AA 110 28.74 1.17 -2.58
C LEU AA 110 28.32 -0.29 -2.61
N TRP AA 111 27.47 -0.63 -3.57
CA TRP AA 111 26.90 -1.98 -3.67
C TRP AA 111 27.88 -3.12 -3.99
N ASN AA 112 28.82 -3.36 -3.07
CA ASN AA 112 29.82 -4.39 -3.29
C ASN AA 112 30.09 -5.29 -2.10
N ALA AA 113 30.85 -6.33 -2.39
CA ALA AA 113 31.33 -7.32 -1.43
C ALA AA 113 32.81 -7.32 -1.82
N ILE AA 114 33.67 -6.97 -0.88
CA ILE AA 114 35.09 -6.87 -1.15
C ILE AA 114 35.95 -7.79 -0.28
N ILE AA 115 36.93 -8.44 -0.90
CA ILE AA 115 37.84 -9.29 -0.13
C ILE AA 115 39.23 -8.73 -0.41
N VAL AA 116 39.96 -8.38 0.64
CA VAL AA 116 41.31 -7.86 0.51
C VAL AA 116 42.26 -8.98 0.91
N ALA AA 117 43.02 -9.48 -0.06
CA ALA AA 117 43.97 -10.57 0.20
C ALA AA 117 45.39 -10.07 0.04
N GLY AA 118 46.28 -10.51 0.92
CA GLY AA 118 47.67 -10.12 0.80
C GLY AA 118 48.59 -10.64 1.89
N VAL AA 119 49.84 -10.18 1.85
CA VAL AA 119 50.81 -10.58 2.85
C VAL AA 119 51.40 -9.33 3.52
N GLN AA 120 51.35 -9.29 4.85
CA GLN AA 120 51.89 -8.16 5.60
C GLN AA 120 53.41 -8.15 5.43
N SER AA 121 54.05 -7.06 5.87
CA SER AA 121 55.50 -6.93 5.74
C SER AA 121 56.26 -7.96 6.60
N ASN AA 122 55.66 -8.33 7.73
CA ASN AA 122 56.27 -9.30 8.63
C ASN AA 122 55.98 -10.76 8.21
N GLY AA 123 55.49 -10.94 6.99
CA GLY AA 123 55.23 -12.28 6.47
C GLY AA 123 53.84 -12.84 6.65
N ASP AA 124 53.10 -12.32 7.63
CA ASP AA 124 51.73 -12.76 7.93
C ASP AA 124 50.78 -12.63 6.76
N GLN AA 125 49.91 -13.63 6.60
CA GLN AA 125 48.91 -13.63 5.55
C GLN AA 125 47.72 -12.78 6.03
N PHE AA 126 47.20 -11.95 5.14
CA PHE AA 126 46.07 -11.09 5.46
C PHE AA 126 44.88 -11.44 4.56
N LEU AA 127 43.75 -11.74 5.20
CA LEU AA 127 42.56 -12.06 4.45
C LEU AA 127 41.32 -11.56 5.19
N ARG AA 128 40.74 -10.45 4.74
CA ARG AA 128 39.56 -9.91 5.41
C ARG AA 128 38.48 -9.47 4.41
N TYR AA 129 37.24 -9.52 4.88
CA TYR AA 129 36.06 -9.18 4.08
C TYR AA 129 35.31 -7.94 4.58
N VAL AA 130 34.75 -7.18 3.64
CA VAL AA 130 33.97 -6.01 3.97
C VAL AA 130 32.94 -5.86 2.85
N ASN AA 131 31.72 -5.45 3.20
CA ASN AA 131 30.67 -5.29 2.21
C ASN AA 131 29.90 -3.98 2.35
N LEU AA 132 28.87 -3.82 1.52
CA LEU AA 132 28.05 -2.62 1.49
C LEU AA 132 27.47 -2.19 2.82
N LEU AA 133 27.33 -3.10 3.78
CA LEU AA 133 26.79 -2.73 5.09
C LEU AA 133 27.91 -2.24 6.00
N GLY AA 134 29.13 -2.57 5.63
CA GLY AA 134 30.27 -2.15 6.44
C GLY AA 134 30.69 -3.26 7.39
N VAL AA 135 30.00 -4.40 7.29
CA VAL AA 135 30.29 -5.57 8.10
C VAL AA 135 31.64 -6.17 7.66
N THR AA 136 32.47 -6.53 8.63
CA THR AA 136 33.78 -7.10 8.35
C THR AA 136 34.10 -8.34 9.17
N TYR AA 137 34.88 -9.23 8.58
CA TYR AA 137 35.30 -10.45 9.24
C TYR AA 137 36.42 -11.16 8.49
N SER AA 138 37.12 -12.03 9.21
CA SER AA 138 38.19 -12.83 8.64
C SER AA 138 38.03 -14.31 9.00
N SER AA 139 38.54 -15.17 8.13
CA SER AA 139 38.46 -16.59 8.33
C SER AA 139 39.50 -17.19 7.38
N PRO AA 140 39.97 -18.41 7.68
CA PRO AA 140 40.97 -19.09 6.84
C PRO AA 140 40.57 -19.05 5.37
N THR AA 141 39.25 -19.07 5.11
CA THR AA 141 38.72 -18.99 3.75
C THR AA 141 37.61 -17.93 3.73
N LEU AA 142 37.42 -17.28 2.59
CA LEU AA 142 36.40 -16.24 2.46
C LEU AA 142 35.90 -16.15 1.04
N ALA AA 143 34.58 -16.09 0.89
CA ALA AA 143 33.96 -15.99 -0.42
C ALA AA 143 32.72 -15.08 -0.34
N THR AA 144 32.36 -14.48 -1.46
CA THR AA 144 31.21 -13.60 -1.53
C THR AA 144 30.17 -14.23 -2.42
N GLY AA 145 28.90 -13.89 -2.20
CA GLY AA 145 27.81 -14.41 -3.00
C GLY AA 145 27.71 -15.93 -2.99
N PHE AA 146 27.48 -16.53 -4.16
CA PHE AA 146 27.35 -17.97 -4.29
C PHE AA 146 28.57 -18.73 -3.80
N GLY AA 147 29.74 -18.09 -3.85
CA GLY AA 147 30.95 -18.74 -3.38
C GLY AA 147 30.86 -18.97 -1.89
N ALA AA 148 30.14 -18.10 -1.20
CA ALA AA 148 30.00 -18.22 0.24
C ALA AA 148 29.20 -19.46 0.59
N HIS AA 149 28.42 -19.93 -0.37
CA HIS AA 149 27.59 -21.10 -0.16
C HIS AA 149 28.17 -22.38 -0.73
N MET AA 150 28.88 -22.28 -1.84
CA MET AA 150 29.46 -23.45 -2.48
C MET AA 150 30.97 -23.59 -2.33
N ALA AA 151 31.70 -22.49 -2.50
CA ALA AA 151 33.14 -22.54 -2.38
C ALA AA 151 33.60 -22.74 -0.94
N ASN AA 152 33.07 -21.96 0.00
CA ASN AA 152 33.48 -22.13 1.39
C ASN AA 152 33.44 -23.56 1.91
N PRO AA 153 32.32 -24.28 1.70
CA PRO AA 153 32.27 -25.67 2.19
C PRO AA 153 33.41 -26.54 1.64
N LEU AA 154 33.74 -26.35 0.36
CA LEU AA 154 34.81 -27.09 -0.27
C LEU AA 154 36.18 -26.68 0.26
N LEU AA 155 36.40 -25.37 0.34
CA LEU AA 155 37.69 -24.86 0.80
C LEU AA 155 37.93 -25.16 2.27
N ARG AA 156 36.87 -25.27 3.04
CA ARG AA 156 37.00 -25.54 4.46
C ARG AA 156 37.38 -27.00 4.70
N LYS AA 157 37.23 -27.82 3.67
CA LYS AA 157 37.60 -29.23 3.79
C LYS AA 157 39.12 -29.34 3.70
N VAL AA 158 39.78 -28.24 3.37
CA VAL AA 158 41.23 -28.18 3.26
C VAL AA 158 41.82 -27.38 4.43
N VAL AA 159 41.14 -26.30 4.80
CA VAL AA 159 41.59 -25.47 5.91
C VAL AA 159 40.38 -25.21 6.80
N ASP AA 160 40.01 -26.22 7.57
CA ASP AA 160 38.88 -26.14 8.48
C ASP AA 160 39.18 -25.12 9.57
N ARG AA 161 40.37 -25.19 10.15
CA ARG AA 161 40.74 -24.22 11.18
C ARG AA 161 42.14 -23.66 10.98
N GLU AA 162 42.53 -22.76 11.87
CA GLU AA 162 43.83 -22.08 11.82
C GLU AA 162 45.03 -23.01 11.63
N SER AA 163 45.11 -24.06 12.45
CA SER AA 163 46.21 -25.00 12.42
C SER AA 163 46.43 -25.70 11.08
N ASP AA 164 45.42 -25.68 10.22
CA ASP AA 164 45.54 -26.33 8.93
C ASP AA 164 46.26 -25.43 7.92
N ILE AA 165 46.41 -24.16 8.29
CA ILE AA 165 47.05 -23.18 7.39
C ILE AA 165 48.46 -23.54 7.00
N PRO AA 166 49.34 -23.77 8.00
CA PRO AA 166 50.71 -24.12 7.67
C PRO AA 166 50.85 -25.47 6.95
N LYS AA 167 49.86 -26.34 7.15
CA LYS AA 167 49.88 -27.65 6.52
C LYS AA 167 49.48 -27.62 5.05
N THR AA 168 49.05 -26.46 4.58
CA THR AA 168 48.58 -26.34 3.20
C THR AA 168 49.61 -25.72 2.27
N THR AA 169 49.79 -26.33 1.10
CA THR AA 169 50.76 -25.82 0.13
C THR AA 169 50.06 -25.09 -1.01
N VAL AA 170 50.82 -24.30 -1.76
CA VAL AA 170 50.27 -23.55 -2.88
C VAL AA 170 49.55 -24.44 -3.91
N GLN AA 171 50.03 -25.66 -4.11
CA GLN AA 171 49.41 -26.55 -5.09
C GLN AA 171 48.09 -27.04 -4.56
N VAL AA 172 48.12 -27.55 -3.34
CA VAL AA 172 46.91 -28.05 -2.69
C VAL AA 172 45.86 -26.94 -2.73
N ALA AA 173 46.25 -25.76 -2.26
CA ALA AA 173 45.37 -24.59 -2.21
C ALA AA 173 44.88 -24.11 -3.57
N GLU AA 174 45.79 -23.91 -4.53
CA GLU AA 174 45.38 -23.44 -5.85
C GLU AA 174 44.46 -24.43 -6.52
N GLU AA 175 44.61 -25.69 -6.16
CA GLU AA 175 43.78 -26.73 -6.75
C GLU AA 175 42.33 -26.58 -6.26
N ALA AA 176 42.17 -26.45 -4.94
CA ALA AA 176 40.87 -26.28 -4.32
C ALA AA 176 40.15 -25.10 -4.94
N ILE AA 177 40.85 -23.98 -5.06
CA ILE AA 177 40.27 -22.78 -5.64
C ILE AA 177 39.86 -22.96 -7.09
N VAL AA 178 40.68 -23.66 -7.87
CA VAL AA 178 40.35 -23.88 -9.27
C VAL AA 178 39.14 -24.80 -9.38
N ASN AA 179 39.04 -25.77 -8.47
CA ASN AA 179 37.91 -26.68 -8.49
C ASN AA 179 36.63 -25.89 -8.14
N ALA AA 180 36.72 -25.09 -7.08
CA ALA AA 180 35.58 -24.30 -6.67
C ALA AA 180 35.10 -23.47 -7.86
N MET AA 181 36.01 -22.85 -8.60
CA MET AA 181 35.59 -22.05 -9.74
C MET AA 181 34.76 -22.87 -10.71
N ARG AA 182 35.08 -24.16 -10.82
CA ARG AA 182 34.34 -25.04 -11.73
C ARG AA 182 32.95 -25.29 -11.15
N VAL AA 183 32.89 -25.73 -9.90
CA VAL AA 183 31.61 -25.98 -9.23
C VAL AA 183 30.69 -24.76 -9.41
N LEU AA 184 31.23 -23.57 -9.21
CA LEU AA 184 30.44 -22.36 -9.36
C LEU AA 184 29.96 -22.17 -10.80
N TYR AA 185 30.76 -22.58 -11.77
CA TYR AA 185 30.34 -22.44 -13.16
C TYR AA 185 29.16 -23.36 -13.40
N TYR AA 186 29.13 -24.50 -12.71
CA TYR AA 186 28.03 -25.45 -12.85
C TYR AA 186 26.71 -24.89 -12.29
N ARG AA 187 26.76 -24.41 -11.04
CA ARG AA 187 25.54 -23.94 -10.38
C ARG AA 187 25.19 -22.46 -10.28
N ASP AA 188 26.07 -21.57 -10.72
CA ASP AA 188 25.76 -20.13 -10.67
C ASP AA 188 25.37 -19.62 -12.05
N ALA AA 189 24.10 -19.28 -12.22
CA ALA AA 189 23.59 -18.83 -13.51
C ALA AA 189 24.10 -17.44 -13.91
N ARG AA 190 24.99 -16.87 -13.09
CA ARG AA 190 25.55 -15.56 -13.38
C ARG AA 190 27.08 -15.64 -13.42
N SER AA 191 27.60 -16.81 -13.79
CA SER AA 191 29.05 -16.99 -13.84
C SER AA 191 29.60 -17.14 -15.24
N SER AA 192 30.92 -17.05 -15.31
CA SER AA 192 31.65 -17.16 -16.56
C SER AA 192 32.67 -18.28 -16.43
N ARG AA 193 33.06 -18.85 -17.56
CA ARG AA 193 34.03 -19.93 -17.58
C ARG AA 193 35.46 -19.39 -17.49
N ASN AA 194 35.62 -18.12 -17.86
CA ASN AA 194 36.92 -17.47 -17.80
C ASN AA 194 37.07 -16.67 -16.51
N PHE AA 195 38.25 -16.75 -15.91
CA PHE AA 195 38.51 -16.05 -14.68
C PHE AA 195 39.96 -15.69 -14.49
N SER AA 196 40.23 -15.01 -13.38
CA SER AA 196 41.58 -14.59 -13.04
C SER AA 196 41.92 -15.13 -11.66
N LEU AA 197 43.16 -15.56 -11.47
CA LEU AA 197 43.58 -16.06 -10.17
C LEU AA 197 44.89 -15.39 -9.78
N ALA AA 198 45.00 -14.98 -8.52
CA ALA AA 198 46.20 -14.33 -8.04
C ALA AA 198 46.72 -14.96 -6.77
N ILE AA 199 48.04 -15.10 -6.69
CA ILE AA 199 48.68 -15.67 -5.52
C ILE AA 199 49.60 -14.61 -4.94
N ILE AA 200 49.57 -14.46 -3.62
CA ILE AA 200 50.42 -13.50 -2.95
C ILE AA 200 51.22 -14.36 -1.98
N ASP AA 201 52.46 -14.64 -2.34
CA ASP AA 201 53.33 -15.49 -1.54
C ASP AA 201 54.41 -14.64 -0.87
N LYS AA 202 54.64 -14.88 0.41
CA LYS AA 202 55.65 -14.11 1.14
C LYS AA 202 57.06 -14.34 0.59
N ASN AA 203 57.21 -15.26 -0.35
CA ASN AA 203 58.52 -15.54 -0.94
C ASN AA 203 58.56 -15.26 -2.44
N THR AA 204 57.67 -15.87 -3.20
CA THR AA 204 57.63 -15.67 -4.65
C THR AA 204 56.99 -14.34 -5.05
N GLY AA 205 56.43 -13.63 -4.06
CA GLY AA 205 55.79 -12.34 -4.33
C GLY AA 205 54.37 -12.43 -4.84
N LEU AA 206 54.04 -11.62 -5.84
CA LEU AA 206 52.70 -11.61 -6.41
C LEU AA 206 52.64 -12.17 -7.82
N THR AA 207 51.81 -13.20 -8.01
CA THR AA 207 51.64 -13.83 -9.32
C THR AA 207 50.18 -13.62 -9.74
N PHE AA 208 49.98 -12.96 -10.87
CA PHE AA 208 48.64 -12.67 -11.35
C PHE AA 208 48.38 -13.40 -12.66
N LYS AA 209 47.53 -14.42 -12.59
CA LYS AA 209 47.20 -15.23 -13.76
C LYS AA 209 45.91 -14.76 -14.40
N LYS AA 210 45.95 -14.54 -15.71
CA LYS AA 210 44.78 -14.09 -16.44
C LYS AA 210 44.29 -15.12 -17.45
N ASN AA 211 43.05 -14.95 -17.90
CA ASN AA 211 42.42 -15.81 -18.89
C ASN AA 211 42.38 -17.30 -18.62
N LEU AA 212 42.30 -17.69 -17.35
CA LEU AA 212 42.22 -19.10 -17.01
C LEU AA 212 40.84 -19.62 -17.50
N GLN AA 213 40.67 -20.92 -17.56
CA GLN AA 213 39.40 -21.51 -18.00
C GLN AA 213 39.03 -22.76 -17.24
N VAL AA 214 37.75 -22.90 -16.93
CA VAL AA 214 37.30 -24.09 -16.23
C VAL AA 214 37.48 -25.24 -17.22
N GLU AA 215 38.25 -26.24 -16.81
CA GLU AA 215 38.53 -27.40 -17.65
C GLU AA 215 38.15 -28.65 -16.87
N ASN AA 216 38.17 -29.80 -17.57
CA ASN AA 216 37.83 -31.08 -16.96
C ASN AA 216 36.45 -31.11 -16.32
N MET AA 217 35.43 -30.77 -17.11
CA MET AA 217 34.06 -30.78 -16.63
C MET AA 217 33.43 -32.11 -16.98
N LYS AA 218 32.48 -32.53 -16.15
CA LYS AA 218 31.77 -33.77 -16.37
C LYS AA 218 30.38 -33.44 -16.91
N TRP AA 219 30.15 -33.80 -18.17
CA TRP AA 219 28.87 -33.54 -18.83
C TRP AA 219 28.37 -34.76 -19.57
N ASP AA 220 29.16 -35.83 -19.60
CA ASP AA 220 28.78 -37.03 -20.34
C ASP AA 220 27.47 -37.68 -19.89
N PHE AA 221 27.28 -37.84 -18.59
CA PHE AA 221 26.08 -38.48 -18.06
C PHE AA 221 24.79 -37.82 -18.56
N ALA AA 222 24.89 -36.60 -19.05
CA ALA AA 222 23.73 -35.89 -19.56
C ALA AA 222 22.97 -36.70 -20.60
N LYS AA 223 23.71 -37.47 -21.41
CA LYS AA 223 23.09 -38.27 -22.46
C LYS AA 223 22.15 -39.33 -21.90
N ASP AA 224 22.43 -39.78 -20.68
CA ASP AA 224 21.59 -40.80 -20.07
C ASP AA 224 20.27 -40.27 -19.47
N ILE AA 225 20.19 -38.96 -19.25
CA ILE AA 225 19.01 -38.34 -18.66
C ILE AA 225 17.99 -38.01 -19.73
N LYS AA 226 16.82 -38.59 -19.62
CA LYS AA 226 15.80 -38.26 -20.57
C LYS AA 226 14.47 -38.19 -19.83
N GLY AA 227 13.66 -37.24 -20.24
CA GLY AA 227 12.37 -37.02 -19.63
C GLY AA 227 12.54 -36.38 -18.26
N TYR AA 228 11.54 -36.54 -17.40
CA TYR AA 228 11.59 -35.98 -16.05
C TYR AA 228 10.83 -36.87 -15.06
N GLY AA 229 10.75 -38.16 -15.40
CA GLY AA 229 10.05 -39.11 -14.55
C GLY AA 229 9.75 -40.45 -15.21
N THR AA 230 8.75 -40.47 -16.08
CA THR AA 230 8.33 -41.71 -16.74
C THR AA 230 8.75 -41.88 -18.21
N GLN AA 231 9.19 -40.79 -18.85
CA GLN AA 231 9.59 -40.84 -20.25
C GLN AA 231 10.82 -41.72 -20.50
N LYS AA 232 10.68 -42.72 -21.37
CA LYS AA 232 11.77 -43.66 -21.66
C LYS AA 232 12.73 -43.32 -22.81
N ILE AA 233 12.30 -42.47 -23.74
CA ILE AA 233 13.17 -42.12 -24.87
C ILE AA 233 13.56 -40.64 -24.90
N THR BA 1 14.66 1.76 -29.36
CA THR BA 1 15.87 2.50 -29.83
C THR BA 1 17.01 1.54 -30.10
N SER BA 2 17.62 1.69 -31.26
CA SER BA 2 18.74 0.84 -31.62
C SER BA 2 19.96 1.67 -32.00
N ILE BA 3 21.00 1.58 -31.16
CA ILE BA 3 22.22 2.32 -31.39
C ILE BA 3 23.44 1.41 -31.26
N MET BA 4 24.42 1.60 -32.14
CA MET BA 4 25.64 0.82 -32.10
C MET BA 4 26.83 1.60 -32.67
N ALA BA 5 28.03 1.19 -32.25
CA ALA BA 5 29.27 1.81 -32.72
C ALA BA 5 30.29 0.70 -32.99
N VAL BA 6 30.91 0.74 -34.16
CA VAL BA 6 31.87 -0.27 -34.56
C VAL BA 6 33.20 0.32 -35.02
N THR BA 7 34.30 -0.21 -34.49
CA THR BA 7 35.62 0.25 -34.89
C THR BA 7 36.00 -0.59 -36.09
N PHE BA 8 36.84 -0.04 -36.96
CA PHE BA 8 37.29 -0.79 -38.12
C PHE BA 8 38.64 -0.28 -38.61
N LYS BA 9 39.15 -0.91 -39.66
CA LYS BA 9 40.45 -0.57 -40.23
C LYS BA 9 40.78 0.93 -40.28
N ASP BA 10 39.90 1.72 -40.87
CA ASP BA 10 40.14 3.16 -41.01
C ASP BA 10 39.71 4.07 -39.86
N GLY BA 11 38.92 3.55 -38.93
CA GLY BA 11 38.47 4.39 -37.82
C GLY BA 11 37.31 3.84 -37.01
N VAL BA 12 36.14 4.46 -37.14
CA VAL BA 12 34.97 4.01 -36.40
C VAL BA 12 33.67 4.52 -37.03
N ILE BA 13 32.60 3.72 -36.93
CA ILE BA 13 31.31 4.12 -37.48
C ILE BA 13 30.19 4.00 -36.43
N LEU BA 14 29.35 5.04 -36.33
CA LEU BA 14 28.23 5.04 -35.39
C LEU BA 14 26.93 4.90 -36.18
N GLY BA 15 25.94 4.24 -35.58
CA GLY BA 15 24.67 4.07 -36.25
C GLY BA 15 23.48 4.08 -35.29
N ALA BA 16 22.30 4.37 -35.82
CA ALA BA 16 21.08 4.42 -35.00
C ALA BA 16 19.82 4.44 -35.84
N ASP BA 17 18.68 4.18 -35.20
CA ASP BA 17 17.38 4.23 -35.88
C ASP BA 17 16.95 5.67 -35.60
N SER BA 18 15.80 6.09 -36.12
CA SER BA 18 15.39 7.47 -35.88
C SER BA 18 14.04 7.61 -35.19
N ARG BA 19 13.74 6.68 -34.30
CA ARG BA 19 12.45 6.69 -33.61
C ARG BA 19 12.46 7.03 -32.12
N THR BA 20 11.67 8.03 -31.74
CA THR BA 20 11.52 8.39 -30.33
C THR BA 20 10.04 8.15 -30.05
N THR BA 21 9.74 7.62 -28.87
CA THR BA 21 8.36 7.32 -28.51
C THR BA 21 7.97 7.74 -27.11
N THR BA 22 6.66 7.79 -26.89
CA THR BA 22 6.06 8.07 -25.58
C THR BA 22 5.01 6.96 -25.57
N GLY BA 23 5.37 5.81 -25.01
CA GLY BA 23 4.47 4.68 -24.99
C GLY BA 23 4.56 4.07 -26.37
N ALA BA 24 3.41 3.82 -26.99
CA ALA BA 24 3.41 3.21 -28.33
C ALA BA 24 3.30 4.27 -29.43
N TYR BA 25 3.29 5.55 -29.06
CA TYR BA 25 3.18 6.62 -30.05
C TYR BA 25 4.57 7.10 -30.48
N ILE BA 26 4.75 7.30 -31.79
CA ILE BA 26 6.02 7.76 -32.32
C ILE BA 26 6.03 9.28 -32.37
N ALA BA 27 6.68 9.92 -31.40
CA ALA BA 27 6.75 11.38 -31.32
C ALA BA 27 7.68 11.98 -32.36
N ASN BA 28 8.63 11.18 -32.82
CA ASN BA 28 9.57 11.62 -33.82
C ASN BA 28 10.02 10.37 -34.58
N ARG BA 29 9.89 10.41 -35.90
CA ARG BA 29 10.29 9.27 -36.72
C ARG BA 29 11.57 9.54 -37.52
N VAL BA 30 12.11 10.75 -37.38
CA VAL BA 30 13.33 11.15 -38.09
C VAL BA 30 14.42 11.67 -37.15
N THR BA 31 14.33 11.26 -35.89
CA THR BA 31 15.28 11.64 -34.85
C THR BA 31 16.76 11.39 -35.19
N ASP BA 32 17.64 12.22 -34.63
CA ASP BA 32 19.06 12.06 -34.85
C ASP BA 32 19.70 11.72 -33.50
N LYS BA 33 19.84 10.42 -33.26
CA LYS BA 33 20.39 9.90 -32.04
C LYS BA 33 21.92 9.92 -32.04
N LEU BA 34 22.49 10.34 -33.16
CA LEU BA 34 23.95 10.44 -33.28
C LEU BA 34 24.32 11.90 -33.02
N THR BA 35 24.89 12.16 -31.85
CA THR BA 35 25.24 13.53 -31.46
C THR BA 35 26.74 13.82 -31.39
N ARG BA 36 27.12 15.00 -31.85
CA ARG BA 36 28.50 15.46 -31.86
C ARG BA 36 28.89 16.18 -30.58
N VAL BA 37 29.98 15.75 -29.95
CA VAL BA 37 30.45 16.39 -28.72
C VAL BA 37 31.79 17.10 -29.02
N HIS BA 38 32.40 16.72 -30.14
CA HIS BA 38 33.65 17.32 -30.64
C HIS BA 38 33.81 16.90 -32.10
N ASP BA 39 34.66 17.61 -32.83
CA ASP BA 39 34.87 17.32 -34.24
C ASP BA 39 34.88 15.84 -34.57
N LYS BA 40 35.70 15.07 -33.88
CA LYS BA 40 35.73 13.66 -34.16
C LYS BA 40 35.39 12.73 -33.00
N ILE BA 41 34.64 13.24 -32.02
CA ILE BA 41 34.18 12.41 -30.91
C ILE BA 41 32.67 12.56 -30.98
N TRP BA 42 31.97 11.45 -31.20
CA TRP BA 42 30.52 11.47 -31.26
C TRP BA 42 29.93 10.46 -30.26
N CYS BA 43 28.62 10.49 -30.06
CA CYS BA 43 27.99 9.55 -29.14
C CYS BA 43 26.64 9.06 -29.65
N CYS BA 44 26.20 7.93 -29.10
CA CYS BA 44 24.91 7.36 -29.45
C CYS BA 44 24.07 7.46 -28.18
N ARG BA 45 22.85 7.99 -28.31
CA ARG BA 45 21.98 8.17 -27.17
C ARG BA 45 20.80 7.20 -27.10
N SER BA 46 20.55 6.69 -25.90
CA SER BA 46 19.43 5.79 -25.63
C SER BA 46 18.94 6.09 -24.21
N GLY BA 47 17.66 5.80 -23.97
CA GLY BA 47 17.07 6.08 -22.67
C GLY BA 47 16.23 7.32 -22.79
N SER BA 48 16.23 8.15 -21.76
CA SER BA 48 15.46 9.40 -21.78
C SER BA 48 16.05 10.42 -22.74
N ALA BA 49 15.23 10.91 -23.69
CA ALA BA 49 15.72 11.90 -24.64
C ALA BA 49 16.17 13.12 -23.88
N ALA BA 50 15.31 13.60 -22.99
CA ALA BA 50 15.63 14.77 -22.19
C ALA BA 50 16.98 14.63 -21.48
N ASP BA 51 17.17 13.51 -20.79
CA ASP BA 51 18.41 13.30 -20.08
C ASP BA 51 19.64 13.18 -20.97
N THR BA 52 19.59 12.32 -21.96
CA THR BA 52 20.77 12.15 -22.81
C THR BA 52 21.18 13.46 -23.48
N GLN BA 53 20.19 14.29 -23.84
CA GLN BA 53 20.47 15.58 -24.47
C GLN BA 53 21.17 16.49 -23.47
N ALA BA 54 20.57 16.66 -22.31
CA ALA BA 54 21.13 17.50 -21.25
C ALA BA 54 22.57 17.07 -20.97
N ILE BA 55 22.77 15.76 -20.95
CA ILE BA 55 24.10 15.19 -20.71
C ILE BA 55 25.07 15.49 -21.84
N ALA BA 56 24.65 15.23 -23.08
CA ALA BA 56 25.50 15.48 -24.23
C ALA BA 56 25.87 16.95 -24.31
N ASP BA 57 24.91 17.83 -24.02
CA ASP BA 57 25.15 19.27 -24.05
C ASP BA 57 26.24 19.67 -23.07
N ILE BA 58 26.18 19.14 -21.87
CA ILE BA 58 27.20 19.44 -20.87
C ILE BA 58 28.56 18.90 -21.35
N VAL BA 59 28.58 17.67 -21.84
CA VAL BA 59 29.83 17.09 -22.32
C VAL BA 59 30.46 17.94 -23.42
N GLN BA 60 29.63 18.42 -24.35
CA GLN BA 60 30.12 19.24 -25.44
C GLN BA 60 30.76 20.50 -24.88
N TYR BA 61 30.08 21.10 -23.91
CA TYR BA 61 30.56 22.30 -23.25
C TYR BA 61 31.92 21.99 -22.60
N HIS BA 62 32.01 20.88 -21.88
CA HIS BA 62 33.25 20.50 -21.22
C HIS BA 62 34.40 20.26 -22.17
N LEU BA 63 34.13 19.60 -23.28
CA LEU BA 63 35.20 19.35 -24.23
C LEU BA 63 35.65 20.64 -24.91
N GLU BA 64 34.71 21.55 -25.17
CA GLU BA 64 35.07 22.81 -25.80
C GLU BA 64 36.02 23.61 -24.90
N LEU BA 65 35.78 23.60 -23.58
CA LEU BA 65 36.64 24.33 -22.65
C LEU BA 65 37.97 23.61 -22.48
N TYR BA 66 37.94 22.28 -22.62
CA TYR BA 66 39.16 21.47 -22.51
C TYR BA 66 40.06 21.82 -23.68
N THR BA 67 39.45 21.94 -24.86
CA THR BA 67 40.16 22.26 -26.08
C THR BA 67 40.77 23.65 -26.04
N SER BA 68 40.03 24.62 -25.49
CA SER BA 68 40.52 26.01 -25.39
C SER BA 68 41.80 26.08 -24.58
N GLN BA 69 41.96 25.14 -23.67
CA GLN BA 69 43.14 25.15 -22.82
C GLN BA 69 44.18 24.11 -23.15
N TYR BA 70 43.75 22.89 -23.45
CA TYR BA 70 44.71 21.83 -23.69
C TYR BA 70 44.67 21.16 -25.06
N GLY BA 71 44.00 21.78 -26.02
CA GLY BA 71 43.93 21.18 -27.35
C GLY BA 71 42.95 20.02 -27.43
N THR BA 72 42.95 19.33 -28.56
CA THR BA 72 42.05 18.20 -28.79
C THR BA 72 42.08 17.14 -27.70
N PRO BA 73 40.91 16.79 -27.15
CA PRO BA 73 40.79 15.78 -26.09
C PRO BA 73 40.76 14.37 -26.68
N SER BA 74 41.18 13.39 -25.89
CA SER BA 74 41.19 12.01 -26.36
C SER BA 74 39.78 11.45 -26.30
N THR BA 75 39.53 10.39 -27.07
CA THR BA 75 38.21 9.80 -27.08
C THR BA 75 37.96 9.25 -25.67
N GLU BA 76 39.02 8.76 -25.04
CA GLU BA 76 38.92 8.21 -23.70
C GLU BA 76 38.49 9.27 -22.70
N THR BA 77 38.99 10.49 -22.87
CA THR BA 77 38.65 11.59 -21.97
C THR BA 77 37.17 11.91 -22.08
N ALA BA 78 36.68 12.02 -23.30
CA ALA BA 78 35.26 12.32 -23.50
C ALA BA 78 34.40 11.31 -22.75
N ALA BA 79 34.73 10.02 -22.90
CA ALA BA 79 33.99 8.97 -22.23
C ALA BA 79 34.03 9.15 -20.72
N SER BA 80 35.18 9.59 -20.22
CA SER BA 80 35.37 9.84 -18.80
C SER BA 80 34.44 10.95 -18.29
N VAL BA 81 34.16 11.93 -19.15
CA VAL BA 81 33.28 13.02 -18.75
C VAL BA 81 31.83 12.53 -18.70
N PHE BA 82 31.45 11.70 -19.67
CA PHE BA 82 30.10 11.13 -19.73
C PHE BA 82 29.89 10.29 -18.46
N LYS BA 83 30.91 9.50 -18.12
CA LYS BA 83 30.89 8.65 -16.95
C LYS BA 83 30.71 9.46 -15.67
N GLU BA 84 31.49 10.52 -15.54
CA GLU BA 84 31.43 11.38 -14.38
C GLU BA 84 30.01 11.89 -14.15
N LEU BA 85 29.34 12.26 -15.24
CA LEU BA 85 27.97 12.76 -15.16
C LEU BA 85 27.00 11.63 -14.88
N CYS BA 86 27.08 10.56 -15.66
CA CYS BA 86 26.19 9.43 -15.52
C CYS BA 86 26.27 8.72 -14.18
N TYR BA 87 27.49 8.48 -13.70
CA TYR BA 87 27.71 7.79 -12.43
C TYR BA 87 27.27 8.60 -11.23
N GLU BA 88 27.78 9.82 -11.14
CA GLU BA 88 27.48 10.71 -10.04
C GLU BA 88 26.01 11.10 -9.94
N ASN BA 89 25.26 10.95 -11.03
CA ASN BA 89 23.84 11.31 -11.05
C ASN BA 89 22.97 10.13 -11.47
N LYS BA 90 23.46 8.92 -11.21
CA LYS BA 90 22.76 7.68 -11.56
C LYS BA 90 21.33 7.58 -11.05
N ASP BA 91 21.08 8.14 -9.87
CA ASP BA 91 19.76 8.12 -9.26
C ASP BA 91 18.71 8.93 -10.02
N ASN BA 92 19.15 9.95 -10.75
CA ASN BA 92 18.23 10.81 -11.50
C ASN BA 92 18.41 10.77 -13.00
N LEU BA 93 19.01 9.71 -13.51
CA LEU BA 93 19.21 9.61 -14.94
C LEU BA 93 18.92 8.25 -15.53
N THR BA 94 18.40 8.28 -16.75
CA THR BA 94 18.11 7.07 -17.50
C THR BA 94 18.79 7.33 -18.84
N ALA BA 95 20.10 7.12 -18.86
CA ALA BA 95 20.88 7.33 -20.07
C ALA BA 95 21.82 6.16 -20.36
N GLY BA 96 21.73 5.66 -21.58
CA GLY BA 96 22.60 4.59 -22.03
C GLY BA 96 23.37 5.25 -23.17
N ILE BA 97 24.66 5.51 -22.98
CA ILE BA 97 25.40 6.20 -24.01
C ILE BA 97 26.62 5.47 -24.59
N ILE BA 98 26.76 5.52 -25.91
CA ILE BA 98 27.90 4.92 -26.59
C ILE BA 98 28.78 6.09 -27.04
N VAL BA 99 30.07 6.05 -26.67
CA VAL BA 99 31.00 7.11 -27.06
C VAL BA 99 31.99 6.55 -28.09
N ALA BA 100 32.13 7.22 -29.21
CA ALA BA 100 33.05 6.77 -30.27
C ALA BA 100 33.74 7.96 -30.94
N GLY BA 101 35.06 7.87 -31.09
CA GLY BA 101 35.78 8.96 -31.72
C GLY BA 101 37.02 8.53 -32.46
N TYR BA 102 37.46 9.38 -33.39
CA TYR BA 102 38.64 9.08 -34.18
C TYR BA 102 39.82 9.96 -33.80
N ASP BA 103 40.87 9.29 -33.37
CA ASP BA 103 42.11 9.90 -32.96
C ASP BA 103 43.15 9.43 -33.97
N ASP BA 104 44.16 10.25 -34.25
CA ASP BA 104 45.16 9.86 -35.22
C ASP BA 104 46.09 8.80 -34.65
N LYS BA 105 46.36 8.92 -33.34
CA LYS BA 105 47.24 8.01 -32.62
C LYS BA 105 46.54 6.67 -32.32
N ASN BA 106 45.27 6.73 -31.93
CA ASN BA 106 44.51 5.53 -31.56
C ASN BA 106 43.54 5.03 -32.62
N LYS BA 107 43.52 5.68 -33.78
CA LYS BA 107 42.60 5.29 -34.84
C LYS BA 107 41.16 5.50 -34.33
N GLY BA 108 40.37 4.43 -34.23
CA GLY BA 108 39.00 4.57 -33.75
C GLY BA 108 38.75 3.83 -32.45
N GLU BA 109 37.98 4.43 -31.55
CA GLU BA 109 37.68 3.79 -30.26
C GLU BA 109 36.21 3.85 -29.90
N VAL BA 110 35.78 2.87 -29.12
CA VAL BA 110 34.40 2.78 -28.66
C VAL BA 110 34.29 2.47 -27.16
N TYR BA 111 33.56 3.31 -26.43
CA TYR BA 111 33.34 3.11 -25.01
C TYR BA 111 31.82 3.10 -24.81
N THR BA 112 31.34 2.16 -24.03
CA THR BA 112 29.90 2.06 -23.77
C THR BA 112 29.67 2.38 -22.29
N ILE BA 113 28.70 3.25 -22.04
CA ILE BA 113 28.35 3.63 -20.68
C ILE BA 113 26.90 3.24 -20.45
N PRO BA 114 26.70 2.11 -19.74
CA PRO BA 114 25.35 1.62 -19.43
C PRO BA 114 24.72 2.40 -18.29
N LEU BA 115 23.54 1.98 -17.85
CA LEU BA 115 22.82 2.66 -16.80
C LEU BA 115 23.60 2.98 -15.52
N GLY BA 116 24.26 2.01 -14.93
CA GLY BA 116 24.97 2.35 -13.71
C GLY BA 116 25.98 3.51 -13.76
N GLY BA 117 26.62 3.69 -14.91
CA GLY BA 117 27.61 4.74 -15.03
C GLY BA 117 28.98 4.11 -15.20
N SER BA 118 29.03 2.78 -15.32
CA SER BA 118 30.30 2.07 -15.49
C SER BA 118 30.78 2.32 -16.91
N VAL BA 119 32.09 2.16 -17.14
CA VAL BA 119 32.60 2.39 -18.50
C VAL BA 119 33.26 1.12 -19.04
N HIS BA 120 32.99 0.80 -20.31
CA HIS BA 120 33.56 -0.40 -20.92
C HIS BA 120 34.06 -0.08 -22.33
N LYS BA 121 35.36 -0.27 -22.56
CA LYS BA 121 35.95 -0.02 -23.89
C LYS BA 121 35.85 -1.30 -24.71
N LEU BA 122 35.33 -1.19 -25.92
CA LEU BA 122 35.14 -2.38 -26.75
C LEU BA 122 35.43 -2.16 -28.23
N PRO BA 123 35.60 -3.27 -28.98
CA PRO BA 123 35.88 -3.28 -30.42
C PRO BA 123 34.65 -2.69 -31.11
N TYR BA 124 33.50 -2.95 -30.50
CA TYR BA 124 32.21 -2.45 -30.98
C TYR BA 124 31.19 -2.63 -29.84
N ALA BA 125 30.16 -1.81 -29.83
CA ALA BA 125 29.15 -1.90 -28.80
C ALA BA 125 27.78 -1.61 -29.37
N ILE BA 126 26.79 -2.28 -28.80
CA ILE BA 126 25.40 -2.12 -29.19
C ILE BA 126 24.62 -1.79 -27.93
N ALA BA 127 23.52 -1.07 -28.10
CA ALA BA 127 22.68 -0.68 -26.97
C ALA BA 127 21.30 -0.24 -27.43
N GLY BA 128 20.40 -0.06 -26.47
CA GLY BA 128 19.04 0.33 -26.75
C GLY BA 128 18.17 -0.92 -26.71
N SER BA 129 16.87 -0.73 -26.52
CA SER BA 129 15.95 -1.86 -26.45
C SER BA 129 16.08 -2.83 -27.63
N GLY BA 130 16.36 -2.29 -28.82
CA GLY BA 130 16.48 -3.15 -30.00
C GLY BA 130 17.74 -4.00 -30.03
N SER BA 131 18.75 -3.61 -29.26
CA SER BA 131 20.00 -4.34 -29.25
C SER BA 131 19.87 -5.80 -28.80
N THR BA 132 18.95 -6.06 -27.87
CA THR BA 132 18.78 -7.41 -27.36
C THR BA 132 18.55 -8.43 -28.46
N PHE BA 133 17.87 -8.00 -29.52
CA PHE BA 133 17.55 -8.90 -30.62
C PHE BA 133 18.68 -9.22 -31.56
N ILE BA 134 19.78 -8.47 -31.48
CA ILE BA 134 20.90 -8.73 -32.37
C ILE BA 134 22.20 -9.11 -31.68
N TYR BA 135 22.12 -9.44 -30.39
CA TYR BA 135 23.33 -9.86 -29.69
C TYR BA 135 23.90 -11.04 -30.43
N GLY BA 136 23.07 -12.03 -30.73
CA GLY BA 136 23.53 -13.19 -31.46
C GLY BA 136 24.11 -12.84 -32.81
N TYR BA 137 23.32 -12.17 -33.65
CA TYR BA 137 23.76 -11.79 -34.98
C TYR BA 137 25.10 -11.05 -34.96
N CYS BA 138 25.20 -10.03 -34.12
CA CYS BA 138 26.41 -9.23 -34.02
C CYS BA 138 27.63 -9.99 -33.56
N ASP BA 139 27.46 -10.89 -32.60
CA ASP BA 139 28.58 -11.70 -32.12
C ASP BA 139 29.03 -12.68 -33.21
N LYS BA 140 28.11 -13.07 -34.08
CA LYS BA 140 28.45 -14.01 -35.14
C LYS BA 140 29.08 -13.38 -36.38
N ASN BA 141 28.82 -12.11 -36.65
CA ASN BA 141 29.38 -11.48 -37.84
C ASN BA 141 30.51 -10.47 -37.64
N PHE BA 142 30.66 -9.94 -36.43
CA PHE BA 142 31.72 -8.95 -36.23
C PHE BA 142 33.13 -9.52 -36.37
N ARG BA 143 33.94 -8.82 -37.14
CA ARG BA 143 35.33 -9.14 -37.39
C ARG BA 143 36.08 -7.85 -37.14
N GLU BA 144 37.32 -7.95 -36.65
CA GLU BA 144 38.11 -6.76 -36.42
C GLU BA 144 38.80 -6.29 -37.70
N ASN BA 145 38.92 -4.98 -37.85
CA ASN BA 145 39.57 -4.38 -39.02
C ASN BA 145 38.85 -4.56 -40.33
N MET BA 146 37.52 -4.44 -40.30
CA MET BA 146 36.72 -4.55 -41.50
C MET BA 146 36.93 -3.30 -42.34
N SER BA 147 36.55 -3.36 -43.61
CA SER BA 147 36.69 -2.22 -44.50
C SER BA 147 35.51 -1.30 -44.26
N LYS BA 148 35.60 -0.07 -44.75
CA LYS BA 148 34.49 0.86 -44.57
C LYS BA 148 33.20 0.27 -45.13
N GLU BA 149 33.26 -0.36 -46.29
CA GLU BA 149 32.04 -0.93 -46.87
C GLU BA 149 31.51 -2.12 -46.06
N GLU BA 150 32.41 -2.95 -45.57
CA GLU BA 150 32.01 -4.10 -44.77
C GLU BA 150 31.33 -3.61 -43.49
N THR BA 151 31.96 -2.62 -42.85
CA THR BA 151 31.44 -2.05 -41.61
C THR BA 151 30.05 -1.44 -41.79
N VAL BA 152 29.86 -0.68 -42.86
CA VAL BA 152 28.55 -0.07 -43.12
C VAL BA 152 27.50 -1.16 -43.32
N ASP BA 153 27.92 -2.31 -43.88
CA ASP BA 153 27.01 -3.43 -44.12
C ASP BA 153 26.66 -4.10 -42.80
N PHE BA 154 27.68 -4.37 -41.99
CA PHE BA 154 27.51 -4.99 -40.70
C PHE BA 154 26.52 -4.19 -39.85
N ILE BA 155 26.66 -2.87 -39.84
CA ILE BA 155 25.78 -2.00 -39.09
C ILE BA 155 24.38 -1.95 -39.73
N LYS BA 156 24.34 -1.84 -41.05
CA LYS BA 156 23.06 -1.77 -41.74
C LYS BA 156 22.20 -3.03 -41.57
N HIS BA 157 22.83 -4.20 -41.57
CA HIS BA 157 22.07 -5.43 -41.42
C HIS BA 157 21.64 -5.63 -39.96
N SER BA 158 22.50 -5.26 -39.03
CA SER BA 158 22.24 -5.38 -37.61
C SER BA 158 21.09 -4.48 -37.17
N LEU BA 159 21.12 -3.24 -37.63
CA LEU BA 159 20.08 -2.31 -37.25
C LEU BA 159 18.76 -2.63 -37.93
N SER BA 160 18.81 -3.18 -39.13
CA SER BA 160 17.56 -3.50 -39.80
C SER BA 160 16.87 -4.61 -39.03
N GLN BA 161 17.65 -5.47 -38.37
CA GLN BA 161 17.08 -6.57 -37.61
C GLN BA 161 16.51 -6.03 -36.32
N ALA BA 162 17.25 -5.14 -35.68
CA ALA BA 162 16.83 -4.53 -34.44
C ALA BA 162 15.48 -3.82 -34.70
N ILE BA 163 15.44 -2.99 -35.75
CA ILE BA 163 14.24 -2.25 -36.14
C ILE BA 163 13.06 -3.18 -36.43
N LYS BA 164 13.36 -4.32 -37.03
CA LYS BA 164 12.35 -5.32 -37.40
C LYS BA 164 11.59 -5.88 -36.21
N TRP BA 165 12.36 -6.31 -35.21
CA TRP BA 165 11.81 -6.91 -34.02
C TRP BA 165 11.35 -5.97 -32.91
N ASP BA 166 12.09 -4.88 -32.71
CA ASP BA 166 11.78 -3.91 -31.66
C ASP BA 166 10.85 -2.80 -32.13
N GLY BA 167 9.71 -2.67 -31.44
CA GLY BA 167 8.74 -1.65 -31.78
C GLY BA 167 9.23 -0.26 -31.42
N SER BA 168 10.20 -0.18 -30.53
CA SER BA 168 10.73 1.11 -30.11
C SER BA 168 11.76 1.65 -31.10
N SER BA 169 12.06 0.85 -32.12
CA SER BA 169 13.03 1.22 -33.14
C SER BA 169 12.35 1.34 -34.50
N GLY BA 170 12.92 2.17 -35.38
CA GLY BA 170 12.35 2.32 -36.71
C GLY BA 170 12.78 3.59 -37.41
N GLY BA 171 12.11 3.86 -38.54
CA GLY BA 171 12.42 5.04 -39.32
C GLY BA 171 13.60 4.80 -40.25
N VAL BA 172 14.53 5.75 -40.29
CA VAL BA 172 15.69 5.62 -41.15
C VAL BA 172 16.90 5.17 -40.34
N ILE BA 173 17.87 4.55 -40.99
CA ILE BA 173 19.09 4.17 -40.27
C ILE BA 173 20.08 5.28 -40.51
N ARG BA 174 20.65 5.84 -39.44
CA ARG BA 174 21.65 6.90 -39.57
C ARG BA 174 23.03 6.42 -39.18
N MET BA 175 24.03 6.86 -39.92
CA MET BA 175 25.41 6.48 -39.62
C MET BA 175 26.27 7.72 -39.68
N VAL BA 176 27.41 7.67 -39.02
CA VAL BA 176 28.38 8.77 -39.00
C VAL BA 176 29.75 8.08 -39.07
N VAL BA 177 30.50 8.38 -40.13
CA VAL BA 177 31.81 7.77 -40.32
C VAL BA 177 32.94 8.69 -39.85
N LEU BA 178 33.72 8.19 -38.89
CA LEU BA 178 34.83 8.95 -38.32
C LEU BA 178 36.19 8.32 -38.67
N THR BA 179 36.95 9.04 -39.50
CA THR BA 179 38.28 8.61 -39.96
C THR BA 179 39.18 9.84 -40.14
N ALA BA 180 40.41 9.59 -40.57
CA ALA BA 180 41.36 10.69 -40.79
C ALA BA 180 40.84 11.55 -41.92
N ALA BA 181 40.12 10.92 -42.83
CA ALA BA 181 39.54 11.61 -43.98
C ALA BA 181 38.61 12.76 -43.54
N GLY BA 182 37.94 12.57 -42.42
CA GLY BA 182 37.03 13.59 -41.92
C GLY BA 182 35.78 12.99 -41.32
N VAL BA 183 34.63 13.60 -41.60
CA VAL BA 183 33.39 13.13 -41.04
C VAL BA 183 32.31 12.97 -42.11
N GLU BA 184 31.80 11.76 -42.26
CA GLU BA 184 30.78 11.46 -43.25
C GLU BA 184 29.45 10.97 -42.66
N ARG BA 185 28.35 11.53 -43.19
CA ARG BA 185 26.99 11.19 -42.78
C ARG BA 185 26.34 10.23 -43.76
N LEU BA 186 25.70 9.18 -43.26
CA LEU BA 186 25.04 8.23 -44.15
C LEU BA 186 23.61 7.99 -43.70
N ILE BA 187 22.71 7.85 -44.67
CA ILE BA 187 21.31 7.60 -44.37
C ILE BA 187 20.82 6.44 -45.23
N PHE BA 188 19.95 5.62 -44.67
CA PHE BA 188 19.39 4.47 -45.36
C PHE BA 188 17.91 4.41 -45.05
N TYR BA 189 17.11 4.39 -46.10
CA TYR BA 189 15.66 4.38 -45.97
C TYR BA 189 15.02 3.00 -45.84
N PRO BA 190 13.79 2.95 -45.29
CA PRO BA 190 13.05 1.70 -45.11
C PRO BA 190 13.07 0.79 -46.33
N ASP BA 191 12.63 1.34 -47.47
CA ASP BA 191 12.57 0.57 -48.71
C ASP BA 191 13.85 -0.15 -49.09
N GLU BA 192 14.96 0.22 -48.47
CA GLU BA 192 16.21 -0.47 -48.76
C GLU BA 192 16.53 -1.52 -47.70
N TYR BA 193 16.69 -1.09 -46.45
CA TYR BA 193 17.05 -2.00 -45.36
C TYR BA 193 15.98 -2.99 -44.90
N GLU BA 194 14.71 -2.77 -45.27
CA GLU BA 194 13.66 -3.70 -44.87
C GLU BA 194 13.69 -4.97 -45.71
N GLN BA 195 14.41 -4.94 -46.83
CA GLN BA 195 14.48 -6.10 -47.70
C GLN BA 195 15.81 -6.86 -47.65
N LEU BA 196 16.67 -6.48 -46.72
CA LEU BA 196 17.95 -7.15 -46.56
C LEU BA 196 17.71 -8.53 -45.95
N THR CA 2 7.12 -25.69 12.21
CA THR CA 2 8.58 -26.08 12.33
C THR CA 2 9.13 -26.47 10.94
N THR DA 2 -27.24 8.58 -4.57
CA THR DA 2 -27.48 9.79 -3.77
C THR DA 2 -27.73 9.45 -2.26
N THR EA 2 10.65 -23.43 -9.30
CA THR EA 2 11.87 -23.49 -10.17
C THR EA 2 11.46 -23.22 -11.66
N THR FA 2 -5.71 24.89 -14.50
CA THR FA 2 -6.40 24.84 -15.84
C THR FA 2 -5.42 24.32 -16.93
N THR GA 2 14.57 -1.01 24.99
CA THR GA 2 13.67 -1.56 26.03
C THR GA 2 12.66 -0.48 26.54
N THR HA 2 9.40 11.53 -23.06
CA THR HA 2 9.53 10.78 -24.35
C THR HA 2 10.86 9.98 -24.36
#